data_8GQ5
#
_entry.id   8GQ5
#
_cell.length_a   1.00
_cell.length_b   1.00
_cell.length_c   1.00
_cell.angle_alpha   90.00
_cell.angle_beta   90.00
_cell.angle_gamma   90.00
#
_symmetry.space_group_name_H-M   'P 1'
#
loop_
_entity.id
_entity.type
_entity.pdbx_description
1 polymer 'NAD(+) hydrolase SARM1'
2 polymer 'Nanobody C6'
#
loop_
_entity_poly.entity_id
_entity_poly.type
_entity_poly.pdbx_seq_one_letter_code
_entity_poly.pdbx_strand_id
1 'polypeptide(L)'
;MVLTLLLSAYKLCRFFAMSGPRPGAERLAVPGPDGGGGTGPWWAAGGRGPREVSPGAGTEVQDALERALPELQQALSALK
QAGGARAVGAGLAEVFQLVEEAWLLPAVGREVAQGLCDAIRLDGGLDLLLRLLQAPELETRVQAARLLEQILVAENRDRV
ARIGLGVILNLAKEREPVELARSVAGILEHMFKHSEETCQRLVAAGGLDAVLYWCRRTDPALLRHCALALGNCALHGGQA
VQRRMVEKRAAEWLFPLAFSKEDELLRLHACLAVAVLATNKEVEREVERSGTLALVEPLVASLDPGRFARCLVDASDTSQ
GRGPDDLQRLVPLLDSNRLEAQCIGAFYLCAEAAIKSLQGKTKVFSDIGAIQSLKRLVSYSTNGTKSALAKRALRLLGEE
VPRPILPSVPSWKEAEVQTWLQQIGFSKYCESFREQQVDGDLLLRLTEEELQTDLGMKSGITRKRFFRELTELKTFANYS
TCDRSNLADWLGSLDPRFRQYTYGLVSCGLDRSLLHRVSEQQLLEDCGIHLGVHRARILTAAREMLHSPLPCTGGKPSGD
TPDVFISYRRNSGSQLASLLKVHLQLHGFSVFIDVEKLEAGKFEDKLIQSVMGARNFVLVLSPGALDKCMQDHDCKDWVH
KEIVTALSCGKNIVPIIDGFEWPEPQVLPEDMQAVLTFNGIKWSHEYQEATIEKIIRFLQGRSSRDSSAGSDTSLEGAAP
MGPT
;
A,B,C,D,E,F,G,H,I,J,K,L,M,N,O,P
2 'polypeptide(L)'
;MAVQLVESGGGLVQPGGSLRLSCAASVSISRIYVMAWYRQAPGKQREVVAVIRYDGTTNYPDSVKGRFTISRDNAKNTVY
LQMNSLKPEDTAVYYCNANVETWGQGTQVTVSSHHHHHH
;
a,b,c,d,e,f,g,h,i,j,k,l,m,n,o,p
#
# COMPACT_ATOMS: atom_id res chain seq x y z
N PRO A 324 -33.79 83.99 17.69
CA PRO A 324 -35.22 83.76 17.95
C PRO A 324 -35.76 82.54 17.20
N ASP A 325 -36.97 82.67 16.66
CA ASP A 325 -37.61 81.60 15.91
C ASP A 325 -37.08 81.48 14.50
N ASP A 326 -36.47 82.54 13.97
CA ASP A 326 -35.85 82.50 12.65
C ASP A 326 -34.64 81.58 12.67
N LEU A 327 -33.92 81.56 13.78
CA LEU A 327 -32.74 80.73 13.94
C LEU A 327 -33.09 79.25 13.91
N GLN A 328 -34.29 78.90 14.36
CA GLN A 328 -34.74 77.50 14.34
C GLN A 328 -34.83 76.95 12.92
N ARG A 329 -35.11 77.79 11.92
CA ARG A 329 -35.09 77.28 10.56
C ARG A 329 -33.69 76.87 10.11
N LEU A 330 -32.63 77.47 10.66
CA LEU A 330 -31.27 77.11 10.29
C LEU A 330 -30.72 75.96 11.11
N VAL A 331 -31.53 75.33 11.95
CA VAL A 331 -31.10 74.26 12.84
C VAL A 331 -31.07 72.89 12.17
N PRO A 332 -32.04 72.48 11.33
CA PRO A 332 -31.86 71.19 10.67
C PRO A 332 -31.13 71.25 9.34
N LEU A 333 -30.97 72.43 8.72
CA LEU A 333 -30.32 72.52 7.41
C LEU A 333 -28.94 71.87 7.39
N LEU A 334 -28.24 71.89 8.53
CA LEU A 334 -26.91 71.31 8.66
C LEU A 334 -26.90 69.81 8.37
N ASP A 335 -28.05 69.14 8.51
CA ASP A 335 -28.14 67.70 8.24
C ASP A 335 -28.14 67.36 6.75
N SER A 336 -27.91 68.35 5.88
CA SER A 336 -27.99 68.16 4.45
C SER A 336 -26.88 67.23 3.95
N ASN A 337 -27.14 66.60 2.80
CA ASN A 337 -26.18 65.68 2.21
C ASN A 337 -25.08 66.43 1.48
N ARG A 338 -25.41 67.55 0.82
CA ARG A 338 -24.44 68.28 0.03
C ARG A 338 -23.58 69.18 0.91
N LEU A 339 -22.45 69.60 0.36
CA LEU A 339 -21.47 70.35 1.13
C LEU A 339 -21.82 71.83 1.24
N GLU A 340 -22.28 72.45 0.15
CA GLU A 340 -22.46 73.90 0.10
C GLU A 340 -23.50 74.38 1.10
N ALA A 341 -24.57 73.62 1.29
CA ALA A 341 -25.58 73.98 2.28
C ALA A 341 -24.99 74.03 3.68
N GLN A 342 -24.21 73.00 4.04
CA GLN A 342 -23.55 72.96 5.33
C GLN A 342 -22.58 74.12 5.49
N CYS A 343 -21.81 74.41 4.43
CA CYS A 343 -20.84 75.50 4.48
C CYS A 343 -21.50 76.85 4.71
N ILE A 344 -22.59 77.14 3.99
CA ILE A 344 -23.19 78.46 4.14
C ILE A 344 -23.92 78.56 5.48
N GLY A 345 -24.51 77.45 5.95
CA GLY A 345 -25.17 77.50 7.24
C GLY A 345 -24.17 77.79 8.35
N ALA A 346 -23.00 77.16 8.26
CA ALA A 346 -21.98 77.37 9.27
C ALA A 346 -21.44 78.79 9.19
N PHE A 347 -21.23 79.31 7.98
CA PHE A 347 -20.77 80.68 7.82
C PHE A 347 -21.75 81.66 8.46
N TYR A 348 -23.05 81.52 8.18
CA TYR A 348 -24.05 82.40 8.78
C TYR A 348 -24.04 82.32 10.31
N LEU A 349 -24.21 81.12 10.87
CA LEU A 349 -24.28 80.99 12.32
C LEU A 349 -23.03 81.51 13.00
N CYS A 350 -21.85 81.16 12.46
CA CYS A 350 -20.61 81.65 13.06
C CYS A 350 -20.50 83.17 12.97
N ALA A 351 -20.94 83.75 11.84
CA ALA A 351 -20.87 85.20 11.67
C ALA A 351 -21.78 85.93 12.64
N GLU A 352 -23.01 85.45 12.83
CA GLU A 352 -23.86 86.13 13.80
C GLU A 352 -23.46 85.81 15.22
N ALA A 353 -22.77 84.68 15.45
CA ALA A 353 -22.21 84.45 16.78
C ALA A 353 -21.13 85.47 17.08
N ALA A 354 -20.25 85.72 16.11
CA ALA A 354 -19.23 86.76 16.26
C ALA A 354 -19.84 88.13 16.45
N ILE A 355 -21.00 88.39 15.81
CA ILE A 355 -21.69 89.67 16.01
C ILE A 355 -22.28 89.78 17.41
N LYS A 356 -22.99 88.75 17.87
CA LYS A 356 -23.69 88.74 19.15
C LYS A 356 -22.77 88.41 20.32
N SER A 357 -21.50 88.17 20.07
CA SER A 357 -20.56 87.76 21.10
C SER A 357 -20.10 88.90 22.00
N LEU A 358 -19.89 90.10 21.45
CA LEU A 358 -19.37 91.18 22.29
C LEU A 358 -20.42 91.70 23.25
N GLN A 359 -21.69 91.77 22.85
CA GLN A 359 -22.74 92.14 23.79
C GLN A 359 -22.94 91.04 24.84
N GLY A 360 -23.85 91.29 25.76
CA GLY A 360 -24.15 90.33 26.79
C GLY A 360 -25.01 89.18 26.31
N LYS A 361 -25.75 89.36 25.22
CA LYS A 361 -26.67 88.29 24.86
C LYS A 361 -25.97 87.17 24.07
N THR A 362 -25.60 86.15 24.83
CA THR A 362 -25.08 84.88 24.35
C THR A 362 -26.01 83.72 24.72
N LYS A 363 -27.08 84.01 25.45
CA LYS A 363 -28.00 83.02 25.99
C LYS A 363 -28.99 82.52 24.95
N VAL A 364 -29.11 83.22 23.82
CA VAL A 364 -29.93 82.73 22.73
C VAL A 364 -29.40 81.40 22.20
N PHE A 365 -28.08 81.25 22.07
CA PHE A 365 -27.52 79.97 21.65
C PHE A 365 -27.82 78.86 22.66
N SER A 366 -27.95 79.21 23.94
CA SER A 366 -28.32 78.21 24.94
C SER A 366 -29.73 77.71 24.72
N ASP A 367 -30.73 78.60 24.83
CA ASP A 367 -32.10 78.11 24.85
C ASP A 367 -32.63 77.69 23.48
N ILE A 368 -31.94 78.01 22.37
CA ILE A 368 -32.36 77.48 21.08
C ILE A 368 -31.75 76.12 20.77
N GLY A 369 -30.78 75.68 21.55
CA GLY A 369 -30.21 74.34 21.38
C GLY A 369 -29.34 74.15 20.16
N ALA A 370 -28.80 75.22 19.57
CA ALA A 370 -27.89 75.05 18.45
C ALA A 370 -26.52 74.55 18.91
N ILE A 371 -26.15 74.87 20.15
CA ILE A 371 -24.86 74.47 20.72
C ILE A 371 -24.76 72.95 20.75
N GLN A 372 -25.89 72.24 20.92
CA GLN A 372 -25.84 70.78 20.97
C GLN A 372 -25.44 70.21 19.62
N SER A 373 -26.00 70.76 18.53
CA SER A 373 -25.65 70.29 17.19
C SER A 373 -24.22 70.66 16.85
N LEU A 374 -23.77 71.84 17.28
CA LEU A 374 -22.37 72.22 17.05
C LEU A 374 -21.41 71.31 17.82
N LYS A 375 -21.68 71.05 19.10
CA LYS A 375 -20.86 70.11 19.86
C LYS A 375 -20.94 68.69 19.29
N ARG A 376 -22.02 68.38 18.57
CA ARG A 376 -22.13 67.10 17.88
C ARG A 376 -21.16 67.05 16.71
N LEU A 377 -21.31 67.96 15.75
CA LEU A 377 -20.71 67.79 14.43
C LEU A 377 -19.22 68.07 14.37
N VAL A 378 -18.60 68.63 15.42
CA VAL A 378 -17.19 68.98 15.34
C VAL A 378 -16.31 67.74 15.38
N SER A 379 -16.70 66.71 16.13
CA SER A 379 -15.95 65.48 16.18
C SER A 379 -16.36 64.57 15.03
N TYR A 380 -15.39 63.81 14.53
CA TYR A 380 -15.54 62.94 13.36
C TYR A 380 -16.06 63.73 12.15
N SER A 381 -15.26 64.69 11.72
CA SER A 381 -15.59 65.47 10.54
C SER A 381 -14.30 65.77 9.79
N THR A 382 -14.27 65.40 8.51
CA THR A 382 -13.12 65.66 7.66
C THR A 382 -13.59 66.69 6.63
N ASN A 383 -13.60 67.95 7.05
CA ASN A 383 -14.06 69.05 6.21
C ASN A 383 -13.45 70.29 6.84
N GLY A 384 -12.42 70.84 6.21
CA GLY A 384 -11.66 71.92 6.83
C GLY A 384 -12.46 73.19 7.05
N THR A 385 -13.29 73.57 6.07
CA THR A 385 -14.08 74.79 6.20
C THR A 385 -15.13 74.69 7.31
N LYS A 386 -16.02 73.69 7.26
CA LYS A 386 -17.12 73.64 8.22
C LYS A 386 -16.59 73.39 9.64
N SER A 387 -15.62 72.48 9.79
CA SER A 387 -15.09 72.20 11.11
C SER A 387 -14.33 73.41 11.66
N ALA A 388 -13.57 74.10 10.80
CA ALA A 388 -12.88 75.31 11.24
C ALA A 388 -13.87 76.37 11.68
N LEU A 389 -14.98 76.51 10.94
CA LEU A 389 -15.99 77.51 11.29
C LEU A 389 -16.70 77.13 12.59
N ALA A 390 -16.98 75.85 12.77
CA ALA A 390 -17.61 75.39 14.01
C ALA A 390 -16.68 75.62 15.19
N LYS A 391 -15.38 75.39 15.00
CA LYS A 391 -14.42 75.63 16.08
C LYS A 391 -14.35 77.11 16.42
N ARG A 392 -14.34 77.96 15.39
CA ARG A 392 -14.30 79.40 15.64
C ARG A 392 -15.58 79.84 16.35
N ALA A 393 -16.73 79.28 15.98
CA ALA A 393 -17.98 79.61 16.66
C ALA A 393 -17.95 79.19 18.12
N LEU A 394 -17.50 77.97 18.40
CA LEU A 394 -17.48 77.50 19.79
C LEU A 394 -16.50 78.30 20.64
N ARG A 395 -15.28 78.50 20.13
CA ARG A 395 -14.29 79.26 20.87
C ARG A 395 -14.65 80.73 21.04
N LEU A 396 -15.53 81.29 20.20
CA LEU A 396 -16.03 82.62 20.50
C LEU A 396 -17.02 82.62 21.66
N LEU A 397 -17.80 81.56 21.84
CA LEU A 397 -18.73 81.56 22.97
C LEU A 397 -18.09 81.12 24.27
N GLY A 398 -16.76 80.99 24.32
CA GLY A 398 -16.07 80.58 25.53
C GLY A 398 -16.19 79.13 25.90
N GLU A 399 -16.70 78.28 25.01
CA GLU A 399 -16.79 76.85 25.31
C GLU A 399 -15.50 76.15 24.90
N GLU A 400 -15.48 74.84 25.11
CA GLU A 400 -14.35 73.99 24.78
C GLU A 400 -14.76 73.02 23.69
N VAL A 401 -13.88 72.82 22.72
CA VAL A 401 -14.22 71.90 21.62
C VAL A 401 -14.08 70.46 22.10
N PRO A 402 -15.00 69.58 21.75
CA PRO A 402 -14.83 68.16 22.05
C PRO A 402 -13.78 67.53 21.16
N ARG A 403 -13.35 66.36 21.59
CA ARG A 403 -12.41 65.55 20.83
C ARG A 403 -12.90 64.12 20.89
N PRO A 404 -12.67 63.34 19.85
CA PRO A 404 -13.14 61.95 19.85
C PRO A 404 -12.47 61.12 20.94
N ILE A 405 -13.11 60.01 21.26
CA ILE A 405 -12.60 59.08 22.25
C ILE A 405 -12.31 57.79 21.52
N LEU A 406 -11.14 57.63 21.12
CA LEU A 406 -10.68 56.56 20.27
C LEU A 406 -10.06 55.43 21.09
N PRO A 407 -10.10 54.20 20.59
CA PRO A 407 -9.50 53.09 21.31
C PRO A 407 -8.00 53.19 21.34
N SER A 408 -7.41 52.85 22.49
CA SER A 408 -5.96 52.78 22.59
C SER A 408 -5.53 51.37 22.19
N VAL A 409 -5.61 51.12 20.89
CA VAL A 409 -5.28 49.81 20.34
C VAL A 409 -3.87 49.33 20.68
N PRO A 410 -2.79 50.11 20.48
CA PRO A 410 -1.46 49.50 20.63
C PRO A 410 -1.07 49.17 22.05
N SER A 411 -1.92 49.42 23.03
CA SER A 411 -1.73 48.89 24.38
C SER A 411 -3.00 48.15 24.71
N TRP A 412 -3.09 46.92 24.22
CA TRP A 412 -4.22 46.03 24.48
C TRP A 412 -3.67 44.71 24.99
N LYS A 413 -4.56 43.86 25.46
CA LYS A 413 -4.14 42.52 25.83
C LYS A 413 -5.01 41.53 25.10
N GLU A 414 -4.93 40.25 25.45
CA GLU A 414 -5.66 39.24 24.71
C GLU A 414 -7.16 39.33 24.93
N ALA A 415 -7.59 39.84 26.08
CA ALA A 415 -9.01 39.92 26.36
C ALA A 415 -9.68 40.92 25.44
N GLU A 416 -9.05 42.06 25.22
CA GLU A 416 -9.64 43.08 24.35
C GLU A 416 -9.61 42.63 22.91
N VAL A 417 -8.56 41.92 22.51
CA VAL A 417 -8.50 41.38 21.15
C VAL A 417 -9.64 40.41 20.94
N GLN A 418 -9.92 39.55 21.92
CA GLN A 418 -10.98 38.59 21.72
C GLN A 418 -12.35 39.23 21.72
N THR A 419 -12.58 40.22 22.57
CA THR A 419 -13.88 40.89 22.48
C THR A 419 -14.01 41.69 21.19
N TRP A 420 -12.91 42.18 20.63
CA TRP A 420 -12.99 42.83 19.33
C TRP A 420 -13.38 41.84 18.26
N LEU A 421 -12.86 40.62 18.35
CA LEU A 421 -13.22 39.59 17.39
C LEU A 421 -14.67 39.19 17.55
N GLN A 422 -15.21 39.25 18.77
CA GLN A 422 -16.65 39.06 18.93
C GLN A 422 -17.41 40.17 18.26
N GLN A 423 -16.90 41.39 18.35
CA GLN A 423 -17.62 42.54 17.86
C GLN A 423 -17.70 42.56 16.34
N ILE A 424 -16.58 42.30 15.66
CA ILE A 424 -16.62 42.40 14.21
C ILE A 424 -17.30 41.22 13.54
N GLY A 425 -17.54 40.14 14.26
CA GLY A 425 -18.19 38.99 13.67
C GLY A 425 -17.29 37.85 13.31
N PHE A 426 -16.00 37.94 13.57
CA PHE A 426 -15.11 36.83 13.31
C PHE A 426 -14.95 35.95 14.53
N SER A 427 -16.07 35.59 15.16
CA SER A 427 -16.02 34.88 16.43
C SER A 427 -15.57 33.44 16.30
N LYS A 428 -15.44 32.92 15.08
CA LYS A 428 -15.08 31.52 14.90
C LYS A 428 -13.58 31.33 14.94
N TYR A 429 -12.83 32.43 15.02
CA TYR A 429 -11.38 32.37 15.08
C TYR A 429 -10.84 32.75 16.45
N CYS A 430 -11.70 33.00 17.43
CA CYS A 430 -11.26 33.44 18.75
C CYS A 430 -10.40 32.40 19.45
N GLU A 431 -10.52 31.13 19.08
CA GLU A 431 -9.68 30.10 19.68
C GLU A 431 -8.24 30.26 19.23
N SER A 432 -8.02 30.37 17.92
CA SER A 432 -6.67 30.45 17.39
C SER A 432 -5.95 31.69 17.87
N PHE A 433 -6.64 32.84 17.86
CA PHE A 433 -6.06 34.07 18.35
C PHE A 433 -5.77 34.03 19.85
N ARG A 434 -6.33 33.06 20.58
CA ARG A 434 -5.99 32.87 21.99
C ARG A 434 -4.80 31.97 22.17
N GLU A 435 -4.62 30.99 21.30
CA GLU A 435 -3.54 30.03 21.47
C GLU A 435 -2.20 30.69 21.16
N GLN A 436 -2.16 31.53 20.15
CA GLN A 436 -0.95 32.25 19.77
C GLN A 436 -0.71 33.48 20.62
N GLN A 437 -1.67 33.84 21.49
CA GLN A 437 -1.58 34.98 22.38
C GLN A 437 -1.38 36.29 21.62
N VAL A 438 -2.22 36.51 20.61
CA VAL A 438 -2.13 37.74 19.83
C VAL A 438 -2.68 38.89 20.65
N ASP A 439 -1.91 39.96 20.76
CA ASP A 439 -2.34 41.15 21.47
C ASP A 439 -2.24 42.34 20.52
N GLY A 440 -2.42 43.54 21.07
CA GLY A 440 -2.61 44.71 20.23
C GLY A 440 -1.41 45.07 19.37
N ASP A 441 -0.21 44.98 19.94
CA ASP A 441 0.99 45.23 19.16
C ASP A 441 1.18 44.18 18.09
N LEU A 442 0.85 42.93 18.38
CA LEU A 442 0.95 41.90 17.38
C LEU A 442 -0.22 41.95 16.41
N LEU A 443 -1.36 42.45 16.86
CA LEU A 443 -2.50 42.60 15.98
C LEU A 443 -2.23 43.64 14.90
N LEU A 444 -1.62 44.75 15.28
CA LEU A 444 -1.43 45.82 14.32
C LEU A 444 -0.32 45.54 13.31
N ARG A 445 0.38 44.42 13.43
CA ARG A 445 1.48 44.10 12.54
C ARG A 445 1.26 42.76 11.85
N LEU A 446 0.01 42.38 11.63
CA LEU A 446 -0.28 41.12 10.98
C LEU A 446 -0.12 41.24 9.48
N THR A 447 0.38 40.18 8.87
CA THR A 447 0.48 40.07 7.42
C THR A 447 -0.36 38.88 6.98
N GLU A 448 -0.34 38.60 5.68
CA GLU A 448 -1.13 37.51 5.15
C GLU A 448 -0.55 36.14 5.44
N GLU A 449 0.76 36.05 5.65
CA GLU A 449 1.36 34.75 5.92
C GLU A 449 1.00 34.27 7.31
N GLU A 450 0.96 35.17 8.30
CA GLU A 450 0.53 34.78 9.63
C GLU A 450 -0.94 34.41 9.66
N LEU A 451 -1.75 35.08 8.85
CA LEU A 451 -3.16 34.74 8.79
C LEU A 451 -3.36 33.38 8.15
N GLN A 452 -2.72 33.16 7.01
CA GLN A 452 -2.99 31.98 6.23
C GLN A 452 -2.39 30.73 6.85
N THR A 453 -1.12 30.82 7.28
CA THR A 453 -0.41 29.62 7.69
C THR A 453 -0.87 29.12 9.05
N ASP A 454 -0.77 29.97 10.08
CA ASP A 454 -0.95 29.51 11.44
C ASP A 454 -2.21 30.00 12.14
N LEU A 455 -2.84 31.05 11.66
CA LEU A 455 -4.12 31.42 12.24
C LEU A 455 -5.29 30.75 11.54
N GLY A 456 -5.08 30.15 10.38
CA GLY A 456 -6.07 29.28 9.78
C GLY A 456 -7.02 29.91 8.78
N MET A 457 -6.88 31.19 8.47
CA MET A 457 -7.76 31.81 7.48
C MET A 457 -7.27 31.39 6.11
N LYS A 458 -7.82 30.31 5.59
CA LYS A 458 -7.34 29.77 4.33
C LYS A 458 -7.84 30.56 3.13
N SER A 459 -9.13 30.86 3.09
CA SER A 459 -9.74 31.44 1.90
C SER A 459 -9.43 32.92 1.79
N GLY A 460 -9.04 33.35 0.58
CA GLY A 460 -8.66 34.72 0.36
C GLY A 460 -9.78 35.72 0.58
N ILE A 461 -11.02 35.28 0.40
CA ILE A 461 -12.17 36.14 0.67
C ILE A 461 -12.25 36.47 2.15
N THR A 462 -12.02 35.49 3.01
CA THR A 462 -12.10 35.73 4.44
C THR A 462 -10.98 36.64 4.90
N ARG A 463 -9.78 36.47 4.35
CA ARG A 463 -8.69 37.37 4.68
C ARG A 463 -8.96 38.77 4.18
N LYS A 464 -9.63 38.89 3.04
CA LYS A 464 -9.97 40.21 2.53
C LYS A 464 -10.98 40.91 3.43
N ARG A 465 -11.96 40.17 3.93
CA ARG A 465 -12.91 40.75 4.88
C ARG A 465 -12.23 41.14 6.18
N PHE A 466 -11.32 40.29 6.67
CA PHE A 466 -10.60 40.61 7.89
C PHE A 466 -9.78 41.87 7.74
N PHE A 467 -9.11 42.01 6.62
CA PHE A 467 -8.28 43.19 6.42
C PHE A 467 -9.12 44.43 6.23
N ARG A 468 -10.32 44.30 5.65
CA ARG A 468 -11.24 45.42 5.60
C ARG A 468 -11.57 45.92 7.00
N GLU A 469 -11.85 44.99 7.91
CA GLU A 469 -12.21 45.39 9.27
C GLU A 469 -11.00 45.96 10.00
N LEU A 470 -9.84 45.37 9.79
CA LEU A 470 -8.62 45.84 10.44
C LEU A 470 -8.28 47.25 10.00
N THR A 471 -8.32 47.51 8.69
CA THR A 471 -8.01 48.85 8.23
C THR A 471 -9.10 49.83 8.60
N GLU A 472 -10.29 49.37 8.94
CA GLU A 472 -11.26 50.31 9.50
C GLU A 472 -10.90 50.65 10.94
N LEU A 473 -10.40 49.66 11.69
CA LEU A 473 -9.98 49.92 13.05
C LEU A 473 -8.75 50.81 13.12
N LYS A 474 -7.80 50.60 12.23
CA LYS A 474 -6.51 51.28 12.30
C LYS A 474 -6.64 52.77 12.04
N THR A 475 -7.61 53.18 11.26
CA THR A 475 -7.80 54.61 11.03
C THR A 475 -8.45 55.31 12.20
N PHE A 476 -9.02 54.56 13.12
CA PHE A 476 -9.72 55.15 14.26
C PHE A 476 -9.11 54.69 15.57
N ALA A 477 -7.80 54.66 15.67
CA ALA A 477 -7.13 54.27 16.89
C ALA A 477 -6.51 55.48 17.55
N ASN A 478 -5.94 55.27 18.72
CA ASN A 478 -5.34 56.34 19.51
C ASN A 478 -3.87 56.01 19.72
N TYR A 479 -3.00 56.67 18.96
CA TYR A 479 -1.58 56.38 18.95
C TYR A 479 -0.79 57.28 19.87
N SER A 480 -1.46 57.97 20.80
CA SER A 480 -0.79 59.01 21.58
C SER A 480 0.27 58.45 22.50
N THR A 481 0.12 57.21 22.95
CA THR A 481 1.10 56.65 23.87
C THR A 481 2.39 56.25 23.18
N CYS A 482 2.47 56.29 21.86
CA CYS A 482 3.67 55.87 21.15
C CYS A 482 4.14 56.83 20.08
N ASP A 483 3.36 57.86 19.74
CA ASP A 483 3.68 58.78 18.67
C ASP A 483 4.04 60.13 19.26
N ARG A 484 5.33 60.45 19.27
CA ARG A 484 5.77 61.70 19.88
C ARG A 484 5.60 62.87 18.93
N SER A 485 6.08 62.73 17.70
CA SER A 485 6.12 63.82 16.74
C SER A 485 4.77 64.14 16.12
N ASN A 486 3.69 63.53 16.61
CA ASN A 486 2.33 63.72 16.10
C ASN A 486 2.25 63.43 14.60
N LEU A 487 2.67 62.23 14.24
CA LEU A 487 2.68 61.84 12.83
C LEU A 487 1.28 61.58 12.32
N ALA A 488 0.37 61.17 13.20
CA ALA A 488 -0.97 60.79 12.79
C ALA A 488 -1.72 61.96 12.17
N ASP A 489 -1.62 63.14 12.77
CA ASP A 489 -2.28 64.30 12.18
C ASP A 489 -1.64 64.69 10.86
N TRP A 490 -0.33 64.52 10.72
CA TRP A 490 0.31 64.84 9.46
C TRP A 490 -0.17 63.92 8.36
N LEU A 491 -0.39 62.65 8.69
CA LEU A 491 -0.92 61.74 7.69
C LEU A 491 -2.40 61.99 7.42
N GLY A 492 -3.14 62.40 8.44
CA GLY A 492 -4.56 62.63 8.24
C GLY A 492 -4.84 63.89 7.46
N SER A 493 -3.93 64.87 7.53
CA SER A 493 -4.12 66.09 6.76
C SER A 493 -4.02 65.85 5.27
N LEU A 494 -3.21 64.88 4.85
CA LEU A 494 -3.17 64.51 3.43
C LEU A 494 -4.49 63.88 3.00
N ASP A 495 -4.88 62.81 3.64
CA ASP A 495 -6.03 62.02 3.27
C ASP A 495 -6.42 61.24 4.51
N PRO A 496 -7.70 61.23 4.90
CA PRO A 496 -8.11 60.44 6.06
C PRO A 496 -7.85 58.95 5.92
N ARG A 497 -7.76 58.43 4.70
CA ARG A 497 -7.46 57.03 4.53
C ARG A 497 -6.02 56.68 4.87
N PHE A 498 -5.16 57.68 5.06
CA PHE A 498 -3.74 57.44 5.19
C PHE A 498 -3.33 57.22 6.64
N ARG A 499 -4.19 57.58 7.58
CA ARG A 499 -3.86 57.49 8.99
C ARG A 499 -3.56 56.06 9.41
N GLN A 500 -4.14 55.09 8.70
CA GLN A 500 -3.90 53.69 8.97
C GLN A 500 -2.44 53.30 8.87
N TYR A 501 -1.60 54.08 8.21
CA TYR A 501 -0.22 53.66 8.09
C TYR A 501 0.65 54.09 9.25
N THR A 502 0.12 54.87 10.20
CA THR A 502 1.01 55.56 11.14
C THR A 502 1.81 54.60 12.00
N TYR A 503 1.24 53.45 12.36
CA TYR A 503 1.98 52.57 13.25
C TYR A 503 3.13 51.92 12.53
N GLY A 504 2.97 51.66 11.23
CA GLY A 504 4.10 51.15 10.48
C GLY A 504 5.22 52.15 10.33
N LEU A 505 4.92 53.43 10.45
CA LEU A 505 6.00 54.40 10.41
C LEU A 505 6.65 54.59 11.76
N VAL A 506 5.98 54.26 12.86
CA VAL A 506 6.58 54.59 14.15
C VAL A 506 7.38 53.42 14.67
N SER A 507 6.82 52.21 14.61
CA SER A 507 7.54 51.02 15.04
C SER A 507 8.83 50.83 14.25
N CYS A 508 8.85 51.22 12.97
CA CYS A 508 10.09 51.15 12.23
C CYS A 508 11.06 52.25 12.63
N GLY A 509 10.57 53.33 13.25
CA GLY A 509 11.48 54.31 13.81
C GLY A 509 11.32 55.74 13.37
N LEU A 510 10.57 55.97 12.29
CA LEU A 510 10.48 57.29 11.68
C LEU A 510 9.78 58.28 12.59
N ASP A 511 9.84 59.55 12.21
CA ASP A 511 9.13 60.64 12.87
C ASP A 511 9.06 61.80 11.88
N ARG A 512 8.42 62.88 12.31
CA ARG A 512 8.15 63.98 11.40
C ARG A 512 9.42 64.70 10.97
N SER A 513 10.46 64.69 11.80
CA SER A 513 11.66 65.43 11.45
C SER A 513 12.49 64.71 10.39
N LEU A 514 12.74 63.43 10.61
CA LEU A 514 13.62 62.67 9.73
C LEU A 514 12.86 61.90 8.67
N LEU A 515 11.61 62.27 8.42
CA LEU A 515 10.83 61.59 7.40
C LEU A 515 11.29 61.96 6.01
N HIS A 516 11.83 63.15 5.84
CA HIS A 516 12.01 63.77 4.53
C HIS A 516 13.10 63.14 3.69
N ARG A 517 13.72 62.05 4.12
CA ARG A 517 14.78 61.44 3.32
C ARG A 517 14.64 59.93 3.31
N VAL A 518 13.43 59.45 3.15
CA VAL A 518 13.18 58.03 3.04
C VAL A 518 12.96 57.73 1.56
N SER A 519 13.28 56.51 1.15
CA SER A 519 13.10 56.11 -0.23
C SER A 519 11.83 55.27 -0.35
N GLU A 520 11.39 55.09 -1.59
CA GLU A 520 10.21 54.28 -1.84
C GLU A 520 10.46 52.83 -1.46
N GLN A 521 11.64 52.32 -1.79
CA GLN A 521 11.95 50.93 -1.50
C GLN A 521 12.03 50.68 0.00
N GLN A 522 12.23 51.73 0.80
CA GLN A 522 12.13 51.57 2.24
C GLN A 522 10.69 51.61 2.70
N LEU A 523 9.85 52.39 2.02
CA LEU A 523 8.43 52.42 2.35
C LEU A 523 7.72 51.12 1.98
N LEU A 524 8.26 50.34 1.06
CA LEU A 524 7.49 49.18 0.62
C LEU A 524 7.54 48.05 1.63
N GLU A 525 8.72 47.62 2.07
CA GLU A 525 8.76 46.46 2.95
C GLU A 525 8.94 46.80 4.42
N ASP A 526 9.45 47.99 4.76
CA ASP A 526 9.56 48.29 6.19
C ASP A 526 8.26 48.84 6.75
N CYS A 527 7.71 49.87 6.12
CA CYS A 527 6.48 50.45 6.61
C CYS A 527 5.24 49.71 6.15
N GLY A 528 5.40 48.69 5.31
CA GLY A 528 4.28 47.86 4.93
C GLY A 528 3.23 48.54 4.08
N ILE A 529 3.60 49.54 3.29
CA ILE A 529 2.66 50.19 2.39
C ILE A 529 2.69 49.43 1.07
N HIS A 530 1.52 49.00 0.61
CA HIS A 530 1.46 48.14 -0.56
C HIS A 530 0.99 48.86 -1.81
N LEU A 531 0.01 49.74 -1.71
CA LEU A 531 -0.47 50.44 -2.89
C LEU A 531 0.56 51.45 -3.37
N GLY A 532 0.92 51.35 -4.65
CA GLY A 532 1.88 52.27 -5.22
C GLY A 532 1.43 53.71 -5.19
N VAL A 533 0.12 53.94 -5.32
CA VAL A 533 -0.40 55.30 -5.33
C VAL A 533 -0.18 55.97 -4.00
N HIS A 534 -0.37 55.23 -2.91
CA HIS A 534 -0.20 55.80 -1.59
C HIS A 534 1.28 56.08 -1.31
N ARG A 535 2.15 55.18 -1.75
CA ARG A 535 3.58 55.42 -1.65
C ARG A 535 3.99 56.68 -2.38
N ALA A 536 3.47 56.86 -3.59
CA ALA A 536 3.85 58.03 -4.38
C ALA A 536 3.35 59.32 -3.76
N ARG A 537 2.11 59.32 -3.26
CA ARG A 537 1.56 60.53 -2.67
C ARG A 537 2.28 60.88 -1.38
N ILE A 538 2.64 59.86 -0.59
CA ILE A 538 3.36 60.10 0.65
C ILE A 538 4.76 60.61 0.36
N LEU A 539 5.41 60.05 -0.66
CA LEU A 539 6.75 60.48 -1.01
C LEU A 539 6.77 61.92 -1.47
N THR A 540 5.85 62.31 -2.35
CA THR A 540 5.85 63.68 -2.82
C THR A 540 5.49 64.65 -1.72
N ALA A 541 4.56 64.28 -0.84
CA ALA A 541 4.16 65.21 0.21
C ALA A 541 5.23 65.33 1.28
N ALA A 542 6.02 64.28 1.49
CA ALA A 542 7.09 64.37 2.47
C ALA A 542 8.25 65.14 1.89
N ARG A 543 8.57 64.87 0.64
CA ARG A 543 9.76 65.41 0.01
C ARG A 543 9.57 66.89 -0.27
N GLU A 544 8.31 67.32 -0.41
CA GLU A 544 8.02 68.74 -0.52
C GLU A 544 8.33 69.48 0.77
N MET A 545 8.08 68.85 1.91
CA MET A 545 8.47 69.43 3.20
C MET A 545 9.92 68.99 3.43
N LEU A 546 10.83 69.65 2.71
CA LEU A 546 12.19 69.13 2.58
C LEU A 546 13.06 69.46 3.80
N HIS A 547 13.31 70.74 4.03
CA HIS A 547 14.24 71.19 5.05
C HIS A 547 13.63 72.29 5.88
N SER A 548 12.42 72.04 6.36
CA SER A 548 11.69 73.03 7.16
C SER A 548 12.44 73.51 8.41
N PRO A 549 13.11 72.65 9.21
CA PRO A 549 13.87 73.31 10.28
C PRO A 549 15.20 73.85 9.79
N MET B 1 -11.15 60.76 33.13
CA MET B 1 -11.12 60.44 31.71
C MET B 1 -11.80 59.11 31.48
N ALA B 2 -11.53 58.14 32.35
CA ALA B 2 -12.15 56.83 32.23
C ALA B 2 -13.65 56.93 32.35
N VAL B 3 -14.35 56.59 31.27
CA VAL B 3 -15.80 56.69 31.26
C VAL B 3 -16.40 55.60 32.12
N GLN B 4 -17.46 55.95 32.85
CA GLN B 4 -18.20 55.01 33.66
C GLN B 4 -19.54 54.76 33.01
N LEU B 5 -19.93 53.49 32.94
CA LEU B 5 -21.21 53.11 32.39
C LEU B 5 -22.07 52.49 33.48
N VAL B 6 -23.35 52.80 33.47
CA VAL B 6 -24.30 52.24 34.42
C VAL B 6 -25.53 51.76 33.64
N GLU B 7 -25.98 50.56 33.95
CA GLU B 7 -27.12 49.98 33.27
C GLU B 7 -28.38 50.14 34.11
N SER B 8 -29.51 49.86 33.49
CA SER B 8 -30.80 49.89 34.15
C SER B 8 -31.80 49.11 33.30
N GLY B 9 -32.81 48.57 33.99
CA GLY B 9 -33.77 47.68 33.38
C GLY B 9 -33.70 46.30 34.05
N GLY B 10 -33.75 45.27 33.22
CA GLY B 10 -33.55 43.92 33.71
C GLY B 10 -34.75 43.37 34.44
N GLY B 11 -34.50 42.37 35.27
CA GLY B 11 -35.57 41.73 36.02
C GLY B 11 -36.09 40.50 35.31
N LEU B 12 -37.42 40.39 35.25
CA LEU B 12 -38.03 39.18 34.74
C LEU B 12 -39.33 39.51 34.03
N VAL B 13 -39.63 38.72 33.01
CA VAL B 13 -40.86 38.83 32.23
C VAL B 13 -41.31 37.42 31.84
N GLN B 14 -42.41 37.35 31.12
CA GLN B 14 -42.98 36.12 30.62
C GLN B 14 -42.51 35.86 29.20
N PRO B 15 -42.51 34.60 28.76
CA PRO B 15 -42.16 34.30 27.37
C PRO B 15 -43.12 34.99 26.42
N GLY B 16 -42.55 35.77 25.51
CA GLY B 16 -43.35 36.67 24.71
C GLY B 16 -43.54 37.95 25.50
N GLY B 17 -43.15 39.09 24.92
CA GLY B 17 -43.23 40.33 25.66
C GLY B 17 -41.97 41.14 25.50
N SER B 18 -42.06 42.45 25.68
CA SER B 18 -40.97 43.37 25.40
C SER B 18 -40.35 43.89 26.68
N LEU B 19 -39.17 44.49 26.52
CA LEU B 19 -38.44 45.12 27.62
C LEU B 19 -37.47 46.12 27.00
N ARG B 20 -37.06 47.09 27.78
CA ARG B 20 -36.09 48.07 27.32
C ARG B 20 -35.01 48.28 28.37
N LEU B 21 -33.76 48.17 27.96
CA LEU B 21 -32.62 48.36 28.82
C LEU B 21 -31.95 49.69 28.48
N SER B 22 -31.40 50.34 29.48
CA SER B 22 -30.77 51.63 29.29
C SER B 22 -29.35 51.58 29.83
N CYS B 23 -28.46 52.32 29.18
CA CYS B 23 -27.07 52.41 29.61
C CYS B 23 -26.62 53.85 29.52
N ALA B 24 -26.23 54.42 30.65
CA ALA B 24 -25.86 55.83 30.75
C ALA B 24 -24.38 55.97 31.03
N ALA B 25 -23.76 56.94 30.39
CA ALA B 25 -22.32 57.16 30.44
C ALA B 25 -22.00 58.45 31.18
N SER B 26 -20.70 58.70 31.34
CA SER B 26 -20.24 59.86 32.08
C SER B 26 -19.97 61.06 31.20
N VAL B 27 -19.84 60.86 29.89
CA VAL B 27 -19.54 61.90 28.94
C VAL B 27 -20.59 61.88 27.86
N SER B 28 -20.41 62.72 26.85
CA SER B 28 -21.31 62.69 25.70
C SER B 28 -21.10 61.40 24.93
N ILE B 29 -22.19 60.72 24.60
CA ILE B 29 -22.08 59.50 23.82
C ILE B 29 -21.56 59.81 22.43
N SER B 30 -21.90 60.99 21.90
CA SER B 30 -21.55 61.34 20.52
C SER B 30 -20.05 61.47 20.30
N ARG B 31 -19.23 61.37 21.34
CA ARG B 31 -17.79 61.36 21.18
C ARG B 31 -17.24 59.94 21.06
N ILE B 32 -17.96 58.96 21.56
CA ILE B 32 -17.48 57.59 21.61
C ILE B 32 -17.59 56.97 20.23
N TYR B 33 -16.58 56.22 19.84
CA TYR B 33 -16.55 55.64 18.50
C TYR B 33 -17.62 54.55 18.34
N VAL B 34 -17.51 53.48 19.11
CA VAL B 34 -18.51 52.42 19.06
C VAL B 34 -19.04 52.14 20.45
N MET B 35 -20.30 51.73 20.52
CA MET B 35 -20.88 51.20 21.75
C MET B 35 -21.62 49.93 21.43
N ALA B 36 -21.76 49.06 22.42
CA ALA B 36 -22.25 47.72 22.12
C ALA B 36 -22.89 47.12 23.37
N TRP B 37 -23.75 46.15 23.13
CA TRP B 37 -24.40 45.40 24.19
C TRP B 37 -23.93 43.95 24.10
N TYR B 38 -23.68 43.33 25.24
CA TYR B 38 -23.16 41.98 25.28
C TYR B 38 -24.01 41.15 26.20
N ARG B 39 -23.97 39.83 26.00
CA ARG B 39 -24.88 38.91 26.66
C ARG B 39 -24.09 37.70 27.10
N GLN B 40 -24.14 37.37 28.38
CA GLN B 40 -23.46 36.18 28.89
C GLN B 40 -24.47 35.32 29.63
N ALA B 41 -24.72 34.14 29.09
CA ALA B 41 -25.58 33.14 29.67
C ALA B 41 -24.80 32.32 30.67
N PRO B 42 -25.45 31.82 31.71
CA PRO B 42 -24.75 30.97 32.68
C PRO B 42 -24.28 29.68 32.04
N GLY B 43 -23.00 29.38 32.22
CA GLY B 43 -22.40 28.20 31.65
C GLY B 43 -21.79 28.37 30.28
N LYS B 44 -21.78 29.58 29.73
CA LYS B 44 -21.14 29.83 28.45
C LYS B 44 -20.38 31.15 28.53
N GLN B 45 -19.77 31.54 27.42
CA GLN B 45 -18.98 32.75 27.32
C GLN B 45 -19.82 33.87 26.74
N ARG B 46 -19.24 35.07 26.75
CA ARG B 46 -19.96 36.25 26.29
C ARG B 46 -20.19 36.18 24.78
N GLU B 47 -21.10 37.03 24.32
CA GLU B 47 -21.32 37.22 22.90
C GLU B 47 -21.96 38.57 22.68
N VAL B 48 -21.90 39.03 21.49
CA VAL B 48 -22.42 40.34 21.13
C VAL B 48 -23.89 40.21 20.77
N VAL B 49 -24.67 41.26 21.01
CA VAL B 49 -26.05 41.30 20.53
C VAL B 49 -26.37 42.54 19.73
N ALA B 50 -25.65 43.65 19.88
CA ALA B 50 -25.87 44.83 19.06
C ALA B 50 -24.67 45.76 19.18
N VAL B 51 -24.35 46.44 18.09
CA VAL B 51 -23.31 47.47 18.10
C VAL B 51 -23.87 48.70 17.38
N ILE B 52 -23.23 49.84 17.64
CA ILE B 52 -23.62 51.08 16.99
C ILE B 52 -22.43 52.03 16.99
N ARG B 53 -22.19 52.68 15.85
CA ARG B 53 -21.02 53.52 15.69
C ARG B 53 -21.40 54.99 15.88
N TYR B 54 -20.42 55.87 15.64
CA TYR B 54 -20.65 57.30 15.82
C TYR B 54 -21.63 57.83 14.79
N ASP B 55 -21.69 57.24 13.60
CA ASP B 55 -22.59 57.68 12.56
C ASP B 55 -23.92 56.95 12.59
N GLY B 56 -24.14 56.11 13.60
CA GLY B 56 -25.42 55.43 13.72
C GLY B 56 -25.68 54.35 12.69
N THR B 57 -24.69 53.52 12.40
CA THR B 57 -24.91 52.32 11.61
C THR B 57 -24.77 51.12 12.53
N THR B 58 -25.75 50.24 12.51
CA THR B 58 -25.87 49.18 13.48
C THR B 58 -25.78 47.81 12.82
N ASN B 59 -25.17 46.87 13.53
CA ASN B 59 -25.07 45.50 13.07
C ASN B 59 -25.63 44.58 14.14
N TYR B 60 -26.39 43.59 13.70
CA TYR B 60 -26.94 42.62 14.62
C TYR B 60 -26.52 41.22 14.18
N PRO B 61 -26.36 40.30 15.12
CA PRO B 61 -26.15 38.91 14.74
C PRO B 61 -27.42 38.34 14.13
N ASP B 62 -27.26 37.24 13.41
CA ASP B 62 -28.40 36.60 12.75
C ASP B 62 -29.39 36.03 13.75
N SER B 63 -28.94 35.72 14.96
CA SER B 63 -29.81 35.09 15.95
C SER B 63 -30.96 35.99 16.37
N VAL B 64 -30.73 37.29 16.43
CA VAL B 64 -31.69 38.19 17.04
C VAL B 64 -32.13 39.29 16.08
N LYS B 65 -31.93 39.10 14.79
CA LYS B 65 -32.36 40.08 13.81
C LYS B 65 -33.88 40.17 13.78
N GLY B 66 -34.38 41.41 13.76
CA GLY B 66 -35.80 41.64 13.77
C GLY B 66 -36.42 41.71 15.14
N ARG B 67 -35.77 41.17 16.16
CA ARG B 67 -36.33 41.14 17.50
C ARG B 67 -35.75 42.19 18.43
N PHE B 68 -34.53 42.67 18.17
CA PHE B 68 -33.90 43.67 19.01
C PHE B 68 -33.69 44.95 18.22
N THR B 69 -33.40 46.04 18.94
CA THR B 69 -33.16 47.33 18.31
C THR B 69 -32.39 48.24 19.26
N ILE B 70 -31.26 48.76 18.79
CA ILE B 70 -30.39 49.60 19.59
C ILE B 70 -30.45 51.04 19.09
N SER B 71 -30.49 51.99 20.00
CA SER B 71 -30.49 53.38 19.57
C SER B 71 -29.78 54.30 20.55
N ARG B 72 -29.20 55.36 20.03
CA ARG B 72 -28.59 56.43 20.80
C ARG B 72 -29.65 57.44 21.16
N ASP B 73 -29.54 58.04 22.34
CA ASP B 73 -30.38 59.18 22.68
C ASP B 73 -29.47 60.33 23.01
N ASN B 74 -29.54 61.40 22.23
CA ASN B 74 -28.63 62.52 22.39
C ASN B 74 -29.09 63.54 23.42
N ALA B 75 -30.34 63.46 23.88
CA ALA B 75 -30.82 64.40 24.89
C ALA B 75 -30.09 64.19 26.21
N LYS B 76 -30.16 62.98 26.74
CA LYS B 76 -29.35 62.57 27.87
C LYS B 76 -28.51 61.40 27.41
N ASN B 77 -27.26 61.36 27.85
CA ASN B 77 -26.30 60.40 27.31
C ASN B 77 -26.71 59.00 27.74
N THR B 78 -27.39 58.30 26.83
CA THR B 78 -27.96 57.00 27.15
C THR B 78 -28.21 56.24 25.86
N VAL B 79 -27.75 55.00 25.82
CA VAL B 79 -28.02 54.09 24.71
C VAL B 79 -29.06 53.08 25.17
N TYR B 80 -30.07 52.86 24.34
CA TYR B 80 -31.19 51.98 24.65
C TYR B 80 -31.12 50.71 23.83
N LEU B 81 -31.56 49.62 24.44
CA LEU B 81 -31.79 48.36 23.75
C LEU B 81 -33.24 47.96 23.97
N GLN B 82 -33.93 47.63 22.87
CA GLN B 82 -35.34 47.28 22.89
C GLN B 82 -35.48 45.83 22.45
N MET B 83 -36.10 45.02 23.31
CA MET B 83 -36.23 43.59 23.14
C MET B 83 -37.70 43.28 22.99
N ASN B 84 -38.12 42.94 21.77
CA ASN B 84 -39.56 42.91 21.48
C ASN B 84 -40.19 41.55 21.69
N SER B 85 -39.73 40.54 20.98
CA SER B 85 -40.30 39.20 21.08
C SER B 85 -39.29 38.29 21.75
N LEU B 86 -39.62 37.83 22.95
CA LEU B 86 -38.64 37.12 23.76
C LEU B 86 -38.89 35.63 23.72
N LYS B 87 -37.80 34.88 23.85
CA LYS B 87 -37.77 33.44 23.86
C LYS B 87 -37.37 32.98 25.26
N PRO B 88 -37.48 31.68 25.56
CA PRO B 88 -37.00 31.22 26.86
C PRO B 88 -35.49 31.22 26.98
N GLU B 89 -34.76 31.04 25.88
CA GLU B 89 -33.31 30.99 25.96
C GLU B 89 -32.66 32.36 26.02
N ASP B 90 -33.45 33.43 25.96
CA ASP B 90 -32.88 34.78 26.02
C ASP B 90 -32.83 35.29 27.45
N THR B 91 -32.26 34.49 28.34
CA THR B 91 -32.12 34.84 29.74
C THR B 91 -30.65 34.76 30.12
N ALA B 92 -30.10 35.87 30.61
CA ALA B 92 -28.66 35.97 30.81
C ALA B 92 -28.38 37.25 31.57
N VAL B 93 -27.09 37.52 31.80
CA VAL B 93 -26.68 38.82 32.30
C VAL B 93 -26.23 39.65 31.10
N TYR B 94 -26.65 40.90 31.07
CA TYR B 94 -26.36 41.78 29.95
C TYR B 94 -25.41 42.87 30.40
N TYR B 95 -24.47 43.23 29.52
CA TYR B 95 -23.48 44.25 29.81
C TYR B 95 -23.46 45.32 28.74
N CYS B 96 -23.12 46.52 29.17
CA CYS B 96 -22.92 47.66 28.29
C CYS B 96 -21.43 47.85 28.06
N ASN B 97 -21.06 48.19 26.83
CA ASN B 97 -19.65 48.27 26.47
C ASN B 97 -19.40 49.55 25.71
N ALA B 98 -18.42 50.32 26.18
CA ALA B 98 -17.86 51.46 25.45
C ALA B 98 -16.82 50.89 24.50
N ASN B 99 -15.88 51.72 24.05
CA ASN B 99 -15.09 51.52 22.82
C ASN B 99 -14.67 50.09 22.58
N VAL B 100 -13.74 49.56 23.37
CA VAL B 100 -13.65 48.11 23.55
C VAL B 100 -13.43 47.82 25.03
N GLU B 101 -12.47 48.53 25.61
CA GLU B 101 -11.91 48.19 26.92
C GLU B 101 -12.94 48.25 28.03
N THR B 102 -13.61 49.39 28.18
CA THR B 102 -14.41 49.62 29.36
C THR B 102 -15.71 48.83 29.32
N TRP B 103 -16.06 48.23 30.45
CA TRP B 103 -17.26 47.44 30.62
C TRP B 103 -18.20 48.11 31.61
N GLY B 104 -19.41 47.59 31.68
CA GLY B 104 -20.33 47.89 32.74
C GLY B 104 -20.29 46.83 33.81
N GLN B 105 -21.34 46.77 34.61
CA GLN B 105 -21.42 45.75 35.64
C GLN B 105 -22.48 44.69 35.37
N GLY B 106 -23.45 44.96 34.50
CA GLY B 106 -24.38 43.94 34.08
C GLY B 106 -25.71 44.03 34.82
N THR B 107 -26.73 43.43 34.19
CA THR B 107 -28.08 43.36 34.73
C THR B 107 -28.65 42.00 34.35
N GLN B 108 -29.30 41.35 35.29
CA GLN B 108 -29.82 40.00 35.07
C GLN B 108 -31.18 40.11 34.40
N VAL B 109 -31.44 39.21 33.45
CA VAL B 109 -32.71 39.20 32.72
C VAL B 109 -33.18 37.76 32.61
N THR B 110 -34.43 37.52 33.03
CA THR B 110 -35.00 36.18 33.06
C THR B 110 -36.42 36.17 32.49
N VAL B 111 -36.78 35.03 31.90
CA VAL B 111 -38.04 34.86 31.19
C VAL B 111 -38.74 33.58 31.66
N SER B 112 -39.85 33.73 32.38
CA SER B 112 -40.68 32.62 32.86
C SER B 112 -41.98 33.20 33.40
N SER B 113 -42.76 32.34 34.04
CA SER B 113 -44.01 32.75 34.71
C SER B 113 -43.79 33.82 35.77
N PRO C 324 13.84 75.08 52.15
CA PRO C 324 12.83 74.99 53.20
C PRO C 324 11.58 74.24 52.75
N ASP C 325 10.42 74.74 53.16
CA ASP C 325 9.14 74.14 52.80
C ASP C 325 8.72 74.51 51.38
N ASP C 326 9.26 75.59 50.83
CA ASP C 326 8.98 75.97 49.45
C ASP C 326 9.57 74.94 48.49
N LEU C 327 10.72 74.38 48.85
CA LEU C 327 11.40 73.38 48.03
C LEU C 327 10.60 72.10 47.93
N GLN C 328 9.83 71.78 48.97
CA GLN C 328 8.97 70.60 48.95
C GLN C 328 7.92 70.64 47.84
N ARG C 329 7.46 71.83 47.45
CA ARG C 329 6.53 71.88 46.32
C ARG C 329 7.19 71.47 45.01
N LEU C 330 8.51 71.66 44.87
CA LEU C 330 9.19 71.27 43.64
C LEU C 330 9.66 69.82 43.66
N VAL C 331 9.30 69.05 44.68
CA VAL C 331 9.73 67.67 44.83
C VAL C 331 8.89 66.67 44.04
N PRO C 332 7.55 66.76 43.95
CA PRO C 332 6.87 65.81 43.08
C PRO C 332 6.70 66.27 41.64
N LEU C 333 6.89 67.56 41.33
CA LEU C 333 6.68 68.05 39.96
C LEU C 333 7.48 67.25 38.93
N LEU C 334 8.65 66.72 39.32
CA LEU C 334 9.51 65.95 38.45
C LEU C 334 8.83 64.70 37.91
N ASP C 335 7.81 64.20 38.61
CA ASP C 335 7.07 63.01 38.18
C ASP C 335 6.13 63.27 37.01
N SER C 336 6.17 64.48 36.43
CA SER C 336 5.24 64.86 35.38
C SER C 336 5.47 64.05 34.11
N ASN C 337 4.41 63.94 33.30
CA ASN C 337 4.48 63.20 32.05
C ASN C 337 5.17 63.99 30.96
N ARG C 338 4.96 65.30 30.92
CA ARG C 338 5.50 66.13 29.87
C ARG C 338 6.96 66.50 30.16
N LEU C 339 7.66 66.92 29.10
CA LEU C 339 9.09 67.16 29.20
C LEU C 339 9.41 68.51 29.81
N GLU C 340 8.68 69.57 29.42
CA GLU C 340 9.04 70.94 29.80
C GLU C 340 8.98 71.15 31.31
N ALA C 341 8.00 70.54 31.99
CA ALA C 341 7.92 70.64 33.44
C ALA C 341 9.16 70.06 34.11
N GLN C 342 9.58 68.88 33.65
CA GLN C 342 10.78 68.24 34.17
C GLN C 342 12.01 69.09 33.90
N CYS C 343 12.11 69.64 32.70
CA CYS C 343 13.25 70.48 32.32
C CYS C 343 13.37 71.71 33.21
N ILE C 344 12.25 72.42 33.43
CA ILE C 344 12.35 73.65 34.20
C ILE C 344 12.58 73.34 35.67
N GLY C 345 12.00 72.24 36.18
CA GLY C 345 12.24 71.88 37.56
C GLY C 345 13.70 71.58 37.79
N ALA C 346 14.31 70.85 36.85
CA ALA C 346 15.72 70.52 36.98
C ALA C 346 16.58 71.76 36.87
N PHE C 347 16.25 72.66 35.95
CA PHE C 347 17.00 73.92 35.82
C PHE C 347 16.98 74.70 37.12
N TYR C 348 15.79 74.87 37.72
CA TYR C 348 15.68 75.59 39.00
C TYR C 348 16.50 74.94 40.09
N LEU C 349 16.25 73.65 40.37
CA LEU C 349 16.96 72.99 41.46
C LEU C 349 18.46 73.01 41.26
N CYS C 350 18.93 72.73 40.04
CA CYS C 350 20.37 72.76 39.79
C CYS C 350 20.95 74.16 39.96
N ALA C 351 20.20 75.19 39.53
CA ALA C 351 20.67 76.57 39.66
C ALA C 351 20.78 77.00 41.12
N GLU C 352 19.78 76.67 41.94
CA GLU C 352 19.92 77.04 43.34
C GLU C 352 20.91 76.14 44.06
N ALA C 353 21.15 74.92 43.57
CA ALA C 353 22.22 74.12 44.14
C ALA C 353 23.56 74.79 43.88
N ALA C 354 23.77 75.25 42.64
CA ALA C 354 25.00 75.99 42.32
C ALA C 354 25.13 77.26 43.13
N ILE C 355 24.01 77.91 43.46
CA ILE C 355 24.05 79.10 44.30
C ILE C 355 24.42 78.76 45.75
N LYS C 356 23.77 77.75 46.32
CA LYS C 356 23.95 77.35 47.72
C LYS C 356 25.17 76.46 47.93
N SER C 357 25.90 76.15 46.87
CA SER C 357 27.03 75.23 46.95
C SER C 357 28.29 75.86 47.55
N LEU C 358 28.57 77.14 47.27
CA LEU C 358 29.81 77.72 47.77
C LEU C 358 29.73 77.99 49.27
N GLN C 359 28.58 78.40 49.80
CA GLN C 359 28.44 78.53 51.24
C GLN C 359 28.49 77.16 51.92
N GLY C 360 28.40 77.17 53.24
CA GLY C 360 28.41 75.93 53.98
C GLY C 360 27.08 75.21 53.95
N LYS C 361 25.98 75.90 53.65
CA LYS C 361 24.71 75.19 53.76
C LYS C 361 24.41 74.38 52.50
N THR C 362 24.73 73.09 52.62
CA THR C 362 24.41 72.05 51.66
C THR C 362 23.50 70.99 52.29
N LYS C 363 23.22 71.13 53.58
CA LYS C 363 22.47 70.16 54.36
C LYS C 363 20.97 70.24 54.13
N VAL C 364 20.50 71.33 53.51
CA VAL C 364 19.10 71.43 53.13
C VAL C 364 18.72 70.33 52.13
N PHE C 365 19.60 70.06 51.16
CA PHE C 365 19.33 68.96 50.23
C PHE C 365 19.27 67.61 50.93
N SER C 366 20.00 67.46 52.03
CA SER C 366 19.94 66.22 52.80
C SER C 366 18.57 66.06 53.45
N ASP C 367 18.20 66.98 54.35
CA ASP C 367 17.00 66.73 55.14
C ASP C 367 15.69 66.95 54.38
N ILE C 368 15.72 67.56 53.19
CA ILE C 368 14.49 67.63 52.39
C ILE C 368 14.29 66.42 51.50
N GLY C 369 15.30 65.57 51.35
CA GLY C 369 15.15 64.35 50.58
C GLY C 369 15.07 64.50 49.08
N ALA C 370 15.52 65.63 48.53
CA ALA C 370 15.52 65.76 47.08
C ALA C 370 16.64 64.93 46.44
N ILE C 371 17.73 64.69 47.18
CA ILE C 371 18.86 63.91 46.69
C ILE C 371 18.42 62.50 46.34
N GLN C 372 17.41 61.95 47.04
CA GLN C 372 16.96 60.60 46.75
C GLN C 372 16.30 60.54 45.38
N SER C 373 15.46 61.54 45.05
CA SER C 373 14.83 61.57 43.74
C SER C 373 15.84 61.83 42.63
N LEU C 374 16.84 62.68 42.91
CA LEU C 374 17.90 62.90 41.92
C LEU C 374 18.72 61.63 41.69
N LYS C 375 19.13 60.94 42.75
CA LYS C 375 19.85 59.67 42.60
C LYS C 375 18.97 58.62 41.94
N ARG C 376 17.65 58.76 42.03
CA ARG C 376 16.73 57.88 41.32
C ARG C 376 16.79 58.14 39.82
N LEU C 377 16.46 59.36 39.40
CA LEU C 377 16.12 59.62 38.01
C LEU C 377 17.32 59.68 37.06
N VAL C 378 18.55 59.68 37.56
CA VAL C 378 19.70 59.83 36.67
C VAL C 378 19.94 58.55 35.87
N SER C 379 19.69 57.39 36.48
CA SER C 379 19.86 56.13 35.78
C SER C 379 18.58 55.81 35.00
N TYR C 380 18.77 55.16 33.85
CA TYR C 380 17.69 54.84 32.90
C TYR C 380 16.92 56.09 32.51
N SER C 381 17.62 57.02 31.87
CA SER C 381 16.99 58.23 31.37
C SER C 381 17.66 58.60 30.06
N THR C 382 16.84 58.74 29.01
CA THR C 382 17.32 59.14 27.70
C THR C 382 16.76 60.54 27.45
N ASN C 383 17.44 61.54 28.02
CA ASN C 383 17.02 62.92 27.91
C ASN C 383 18.27 63.73 28.26
N GLY C 384 18.89 64.32 27.24
CA GLY C 384 20.19 64.95 27.44
C GLY C 384 20.16 66.13 28.38
N THR C 385 19.13 66.98 28.26
CA THR C 385 19.05 68.16 29.11
C THR C 385 18.82 67.81 30.59
N LYS C 386 17.77 67.04 30.92
CA LYS C 386 17.47 66.80 32.32
C LYS C 386 18.56 65.94 32.98
N SER C 387 19.05 64.91 32.28
CA SER C 387 20.09 64.08 32.86
C SER C 387 21.38 64.85 33.02
N ALA C 388 21.73 65.71 32.05
CA ALA C 388 22.93 66.52 32.18
C ALA C 388 22.80 67.48 33.36
N LEU C 389 21.60 68.05 33.56
CA LEU C 389 21.39 68.98 34.66
C LEU C 389 21.45 68.24 36.00
N ALA C 390 20.89 67.03 36.05
CA ALA C 390 20.93 66.24 37.28
C ALA C 390 22.36 65.86 37.61
N LYS C 391 23.16 65.53 36.58
CA LYS C 391 24.55 65.19 36.81
C LYS C 391 25.32 66.40 37.31
N ARG C 392 25.07 67.58 36.72
CA ARG C 392 25.74 68.78 37.19
C ARG C 392 25.34 69.11 38.62
N ALA C 393 24.07 68.91 38.96
CA ALA C 393 23.62 69.13 40.33
C ALA C 393 24.30 68.19 41.32
N LEU C 394 24.37 66.90 40.99
CA LEU C 394 24.98 65.93 41.89
C LEU C 394 26.47 66.20 42.06
N ARG C 395 27.18 66.39 40.95
CA ARG C 395 28.60 66.65 41.01
C ARG C 395 28.95 67.98 41.67
N LEU C 396 28.02 68.94 41.72
CA LEU C 396 28.28 70.12 42.54
C LEU C 396 28.18 69.82 44.04
N LEU C 397 27.33 68.89 44.46
CA LEU C 397 27.24 68.61 45.88
C LEU C 397 28.30 67.61 46.35
N GLY C 398 29.27 67.28 45.50
CA GLY C 398 30.31 66.34 45.86
C GLY C 398 29.91 64.88 45.92
N GLU C 399 28.73 64.53 45.41
CA GLU C 399 28.33 63.14 45.40
C GLU C 399 28.83 62.45 44.12
N GLU C 400 28.49 61.16 44.00
CA GLU C 400 28.85 60.36 42.85
C GLU C 400 27.59 59.95 42.10
N VAL C 401 27.64 60.01 40.79
CA VAL C 401 26.46 59.64 40.01
C VAL C 401 26.32 58.13 39.98
N PRO C 402 25.11 57.60 40.12
CA PRO C 402 24.92 56.16 39.95
C PRO C 402 24.98 55.77 38.48
N ARG C 403 25.13 54.48 38.27
CA ARG C 403 25.12 53.89 36.96
C ARG C 403 24.28 52.63 37.02
N PRO C 404 23.60 52.28 35.93
CA PRO C 404 22.75 51.09 35.96
C PRO C 404 23.55 49.83 36.16
N ILE C 405 22.87 48.78 36.58
CA ILE C 405 23.47 47.48 36.79
C ILE C 405 22.81 46.54 35.80
N LEU C 406 23.41 46.36 34.71
CA LEU C 406 22.91 45.65 33.57
C LEU C 406 23.43 44.22 33.54
N PRO C 407 22.69 43.30 32.95
CA PRO C 407 23.15 41.92 32.88
C PRO C 407 24.33 41.77 31.96
N SER C 408 25.28 40.94 32.36
CA SER C 408 26.41 40.61 31.48
C SER C 408 26.01 39.42 30.62
N VAL C 409 25.14 39.71 29.67
CA VAL C 409 24.62 38.67 28.78
C VAL C 409 25.69 37.89 28.02
N PRO C 410 26.66 38.51 27.34
CA PRO C 410 27.54 37.71 26.47
C PRO C 410 28.50 36.80 27.21
N SER C 411 28.49 36.78 28.53
CA SER C 411 29.20 35.76 29.29
C SER C 411 28.16 35.13 30.20
N TRP C 412 27.38 34.22 29.64
CA TRP C 412 26.37 33.47 30.37
C TRP C 412 26.59 32.00 30.12
N LYS C 413 25.88 31.17 30.87
CA LYS C 413 25.93 29.75 30.60
C LYS C 413 24.51 29.26 30.41
N GLU C 414 24.31 27.95 30.36
CA GLU C 414 22.99 27.42 30.07
C GLU C 414 22.01 27.64 31.21
N ALA C 415 22.51 27.72 32.45
CA ALA C 415 21.63 27.90 33.59
C ALA C 415 20.97 29.27 33.55
N GLU C 416 21.73 30.30 33.20
CA GLU C 416 21.17 31.63 33.15
C GLU C 416 20.23 31.78 31.97
N VAL C 417 20.55 31.13 30.86
CA VAL C 417 19.64 31.15 29.71
C VAL C 417 18.32 30.52 30.09
N GLN C 418 18.35 29.39 30.80
CA GLN C 418 17.10 28.75 31.15
C GLN C 418 16.30 29.54 32.15
N THR C 419 16.95 30.15 33.14
CA THR C 419 16.16 30.99 34.04
C THR C 419 15.64 32.24 33.34
N TRP C 420 16.33 32.73 32.30
CA TRP C 420 15.78 33.84 31.54
C TRP C 420 14.53 33.41 30.79
N LEU C 421 14.55 32.18 30.28
CA LEU C 421 13.37 31.66 29.59
C LEU C 421 12.21 31.45 30.56
N GLN C 422 12.52 31.11 31.81
CA GLN C 422 11.46 31.08 32.82
C GLN C 422 10.90 32.48 33.03
N GLN C 423 11.78 33.48 33.03
CA GLN C 423 11.36 34.83 33.37
C GLN C 423 10.47 35.44 32.29
N ILE C 424 10.84 35.30 31.02
CA ILE C 424 10.05 35.95 29.99
C ILE C 424 8.75 35.23 29.69
N GLY C 425 8.58 34.00 30.16
CA GLY C 425 7.36 33.29 29.90
C GLY C 425 7.42 32.24 28.83
N PHE C 426 8.58 32.04 28.22
CA PHE C 426 8.70 30.98 27.21
C PHE C 426 9.20 29.69 27.84
N SER C 427 8.57 29.28 28.94
CA SER C 427 9.06 28.15 29.71
C SER C 427 8.82 26.83 29.01
N LYS C 428 8.05 26.79 27.93
CA LYS C 428 7.72 25.53 27.28
C LYS C 428 8.81 25.12 26.31
N TYR C 429 9.81 25.98 26.12
CA TYR C 429 10.91 25.68 25.22
C TYR C 429 12.21 25.44 25.95
N CYS C 430 12.19 25.41 27.28
CA CYS C 430 13.41 25.23 28.07
C CYS C 430 14.08 23.90 27.82
N GLU C 431 13.33 22.90 27.36
CA GLU C 431 13.92 21.62 27.05
C GLU C 431 14.83 21.70 25.83
N SER C 432 14.30 22.27 24.73
CA SER C 432 15.06 22.35 23.50
C SER C 432 16.31 23.19 23.65
N PHE C 433 16.18 24.35 24.32
CA PHE C 433 17.34 25.19 24.57
C PHE C 433 18.36 24.54 25.47
N ARG C 434 18.01 23.46 26.18
CA ARG C 434 18.97 22.70 26.95
C ARG C 434 19.65 21.62 26.15
N GLU C 435 18.95 21.04 25.19
CA GLU C 435 19.52 19.94 24.42
C GLU C 435 20.59 20.45 23.48
N GLN C 436 20.35 21.62 22.87
CA GLN C 436 21.30 22.22 21.96
C GLN C 436 22.40 22.99 22.69
N GLN C 437 22.28 23.13 24.02
CA GLN C 437 23.26 23.83 24.86
C GLN C 437 23.45 25.28 24.43
N VAL C 438 22.35 25.99 24.27
CA VAL C 438 22.40 27.39 23.90
C VAL C 438 22.86 28.20 25.09
N ASP C 439 23.89 29.02 24.89
CA ASP C 439 24.39 29.91 25.94
C ASP C 439 24.35 31.33 25.42
N GLY C 440 24.95 32.25 26.19
CA GLY C 440 24.75 33.67 25.94
C GLY C 440 25.30 34.13 24.59
N ASP C 441 26.48 33.66 24.23
CA ASP C 441 27.05 34.01 22.94
C ASP C 441 26.22 33.44 21.80
N LEU C 442 25.70 32.24 21.98
CA LEU C 442 24.85 31.67 20.95
C LEU C 442 23.45 32.25 21.01
N LEU C 443 23.03 32.71 22.17
CA LEU C 443 21.72 33.35 22.28
C LEU C 443 21.70 34.67 21.53
N LEU C 444 22.76 35.45 21.65
CA LEU C 444 22.74 36.77 21.02
C LEU C 444 22.93 36.73 19.52
N ARG C 445 23.12 35.56 18.93
CA ARG C 445 23.35 35.44 17.50
C ARG C 445 22.32 34.52 16.85
N LEU C 446 21.13 34.44 17.42
CA LEU C 446 20.10 33.59 16.86
C LEU C 446 19.43 34.24 15.67
N THR C 447 19.08 33.44 14.68
CA THR C 447 18.32 33.87 13.53
C THR C 447 17.02 33.09 13.50
N GLU C 448 16.23 33.32 12.46
CA GLU C 448 14.94 32.66 12.37
C GLU C 448 15.06 31.21 11.91
N GLU C 449 16.13 30.85 11.21
CA GLU C 449 16.27 29.48 10.77
C GLU C 449 16.59 28.55 11.92
N GLU C 450 17.42 29.01 12.86
CA GLU C 450 17.70 28.19 14.04
C GLU C 450 16.49 28.08 14.93
N LEU C 451 15.66 29.12 14.98
CA LEU C 451 14.46 29.04 15.78
C LEU C 451 13.46 28.08 15.15
N GLN C 452 13.23 28.22 13.85
CA GLN C 452 12.16 27.48 13.21
C GLN C 452 12.53 26.01 13.03
N THR C 453 13.74 25.74 12.55
CA THR C 453 14.08 24.38 12.15
C THR C 453 14.32 23.48 13.35
N ASP C 454 15.27 23.84 14.21
CA ASP C 454 15.72 22.92 15.24
C ASP C 454 15.33 23.29 16.66
N LEU C 455 14.97 24.53 16.93
CA LEU C 455 14.46 24.84 18.26
C LEU C 455 12.95 24.66 18.36
N GLY C 456 12.25 24.53 17.24
CA GLY C 456 10.87 24.12 17.25
C GLY C 456 9.83 25.21 17.26
N MET C 457 10.22 26.48 17.20
CA MET C 457 9.22 27.55 17.15
C MET C 457 8.68 27.62 15.74
N LYS C 458 7.58 26.92 15.49
CA LYS C 458 7.06 26.83 14.13
C LYS C 458 6.30 28.09 13.73
N SER C 459 5.42 28.57 14.60
CA SER C 459 4.50 29.65 14.23
C SER C 459 5.20 30.99 14.25
N GLY C 460 4.98 31.78 13.19
CA GLY C 460 5.63 33.08 13.08
C GLY C 460 5.26 34.06 14.16
N ILE C 461 4.07 33.92 14.73
CA ILE C 461 3.67 34.77 15.85
C ILE C 461 4.54 34.51 17.05
N THR C 462 4.85 33.25 17.34
CA THR C 462 5.65 32.94 18.51
C THR C 462 7.08 33.42 18.32
N ARG C 463 7.62 33.29 17.10
CA ARG C 463 8.95 33.82 16.84
C ARG C 463 8.95 35.34 16.93
N LYS C 464 7.87 35.99 16.53
CA LYS C 464 7.80 37.44 16.65
C LYS C 464 7.79 37.88 18.10
N ARG C 465 7.06 37.15 18.96
CA ARG C 465 7.08 37.46 20.38
C ARG C 465 8.45 37.23 20.98
N PHE C 466 9.11 36.13 20.59
CA PHE C 466 10.44 35.84 21.10
C PHE C 466 11.42 36.92 20.72
N PHE C 467 11.36 37.39 19.48
CA PHE C 467 12.29 38.41 19.06
C PHE C 467 11.99 39.74 19.71
N ARG C 468 10.72 40.01 20.02
CA ARG C 468 10.40 41.20 20.80
C ARG C 468 11.10 41.17 22.14
N GLU C 469 11.07 40.01 22.81
CA GLU C 469 11.69 39.90 24.13
C GLU C 469 13.21 39.97 24.02
N LEU C 470 13.76 39.33 22.99
CA LEU C 470 15.19 39.33 22.79
C LEU C 470 15.71 40.74 22.54
N THR C 471 15.05 41.48 21.65
CA THR C 471 15.51 42.84 21.39
C THR C 471 15.24 43.75 22.56
N GLU C 472 14.37 43.37 23.48
CA GLU C 472 14.29 44.17 24.69
C GLU C 472 15.48 43.87 25.61
N LEU C 473 15.92 42.61 25.63
CA LEU C 473 17.08 42.25 26.42
C LEU C 473 18.36 42.86 25.88
N LYS C 474 18.50 42.87 24.55
CA LYS C 474 19.76 43.26 23.93
C LYS C 474 20.05 44.75 24.12
N THR C 475 19.02 45.57 24.25
CA THR C 475 19.27 46.98 24.50
C THR C 475 19.67 47.26 25.93
N PHE C 476 19.50 46.32 26.82
CA PHE C 476 19.79 46.51 28.22
C PHE C 476 20.81 45.51 28.72
N ALA C 477 21.86 45.26 27.94
CA ALA C 477 22.89 44.32 28.34
C ALA C 477 24.16 45.08 28.67
N ASN C 478 25.16 44.36 29.13
CA ASN C 478 26.43 44.95 29.55
C ASN C 478 27.54 44.35 28.68
N TYR C 479 28.00 45.11 27.70
CA TYR C 479 28.97 44.63 26.73
C TYR C 479 30.39 44.99 27.09
N SER C 480 30.64 45.36 28.34
CA SER C 480 31.95 45.92 28.70
C SER C 480 33.07 44.89 28.59
N THR C 481 32.76 43.61 28.76
CA THR C 481 33.81 42.61 28.70
C THR C 481 34.26 42.30 27.27
N CYS C 482 33.59 42.84 26.26
CA CYS C 482 33.96 42.55 24.88
C CYS C 482 34.06 43.77 23.98
N ASP C 483 33.65 44.94 24.45
CA ASP C 483 33.62 46.15 23.63
C ASP C 483 34.70 47.11 24.12
N ARG C 484 35.79 47.20 23.37
CA ARG C 484 36.91 48.04 23.78
C ARG C 484 36.66 49.50 23.44
N SER C 485 36.28 49.77 22.20
CA SER C 485 36.17 51.12 21.69
C SER C 485 34.93 51.85 22.16
N ASN C 486 34.17 51.26 23.09
CA ASN C 486 32.94 51.85 23.63
C ASN C 486 31.95 52.16 22.51
N LEU C 487 31.64 51.15 21.72
CA LEU C 487 30.73 51.33 20.60
C LEU C 487 29.29 51.50 21.06
N ALA C 488 28.95 50.92 22.21
CA ALA C 488 27.58 50.93 22.69
C ALA C 488 27.08 52.34 22.96
N ASP C 489 27.92 53.18 23.57
CA ASP C 489 27.51 54.55 23.80
C ASP C 489 27.39 55.33 22.50
N TRP C 490 28.24 55.03 21.52
CA TRP C 490 28.14 55.71 20.24
C TRP C 490 26.84 55.36 19.55
N LEU C 491 26.40 54.11 19.67
CA LEU C 491 25.13 53.74 19.08
C LEU C 491 23.96 54.28 19.88
N GLY C 492 24.10 54.38 21.20
CA GLY C 492 23.01 54.88 22.02
C GLY C 492 22.82 56.37 21.87
N SER C 493 23.88 57.11 21.54
CA SER C 493 23.75 58.54 21.34
C SER C 493 22.90 58.87 20.13
N LEU C 494 22.94 58.03 19.10
CA LEU C 494 22.06 58.23 17.96
C LEU C 494 20.60 58.03 18.35
N ASP C 495 20.29 56.85 18.85
CA ASP C 495 18.94 56.45 19.16
C ASP C 495 19.05 55.32 20.17
N PRO C 496 18.29 55.36 21.26
CA PRO C 496 18.35 54.24 22.23
C PRO C 496 17.95 52.91 21.65
N ARG C 497 17.15 52.89 20.59
CA ARG C 497 16.78 51.62 19.97
C ARG C 497 17.93 50.96 19.24
N PHE C 498 19.04 51.67 19.02
CA PHE C 498 20.09 51.19 18.16
C PHE C 498 21.12 50.38 18.92
N ARG C 499 21.12 50.47 20.25
CA ARG C 499 22.12 49.80 21.06
C ARG C 499 22.07 48.30 20.89
N GLN C 500 20.90 47.77 20.53
CA GLN C 500 20.73 46.35 20.27
C GLN C 500 21.63 45.81 19.19
N TYR C 501 22.18 46.66 18.33
CA TYR C 501 23.01 46.12 17.27
C TYR C 501 24.45 45.94 17.66
N THR C 502 24.86 46.36 18.85
CA THR C 502 26.29 46.50 19.13
C THR C 502 27.03 45.17 19.05
N TYR C 503 26.40 44.08 19.45
CA TYR C 503 27.14 42.83 19.45
C TYR C 503 27.37 42.33 18.03
N GLY C 504 26.44 42.62 17.12
CA GLY C 504 26.69 42.27 15.74
C GLY C 504 27.80 43.07 15.12
N LEU C 505 28.10 44.24 15.67
CA LEU C 505 29.23 44.98 15.14
C LEU C 505 30.54 44.53 15.76
N VAL C 506 30.53 43.92 16.94
CA VAL C 506 31.80 43.63 17.57
C VAL C 506 32.28 42.24 17.21
N SER C 507 31.40 41.25 17.28
CA SER C 507 31.76 39.90 16.88
C SER C 507 32.21 39.83 15.43
N CYS C 508 31.67 40.67 14.56
CA CYS C 508 32.16 40.72 13.19
C CYS C 508 33.50 41.42 13.10
N GLY C 509 33.87 42.23 14.09
CA GLY C 509 35.21 42.78 14.11
C GLY C 509 35.34 44.27 14.19
N LEU C 510 34.27 45.01 13.92
CA LEU C 510 34.34 46.46 13.80
C LEU C 510 34.67 47.12 15.13
N ASP C 511 34.94 48.42 15.07
CA ASP C 511 35.17 49.26 16.23
C ASP C 511 34.98 50.70 15.78
N ARG C 512 35.12 51.62 16.74
CA ARG C 512 34.80 53.02 16.47
C ARG C 512 35.77 53.65 15.49
N SER C 513 37.01 53.17 15.43
CA SER C 513 38.00 53.80 14.55
C SER C 513 37.77 53.42 13.10
N LEU C 514 37.62 52.13 12.82
CA LEU C 514 37.53 51.63 11.46
C LEU C 514 36.09 51.46 11.00
N LEU C 515 35.15 52.08 11.70
CA LEU C 515 33.75 51.96 11.31
C LEU C 515 33.45 52.77 10.05
N HIS C 516 34.19 53.84 9.82
CA HIS C 516 33.82 54.88 8.87
C HIS C 516 33.95 54.46 7.42
N ARG C 517 34.28 53.22 7.11
CA ARG C 517 34.41 52.80 5.72
C ARG C 517 33.77 51.45 5.50
N VAL C 518 32.59 51.26 6.05
CA VAL C 518 31.84 50.05 5.84
C VAL C 518 30.75 50.38 4.82
N SER C 519 30.33 49.37 4.06
CA SER C 519 29.28 49.55 3.08
C SER C 519 27.97 49.03 3.63
N GLU C 520 26.88 49.41 2.96
CA GLU C 520 25.56 48.94 3.36
C GLU C 520 25.44 47.43 3.19
N GLN C 521 25.97 46.92 2.09
CA GLN C 521 25.87 45.49 1.82
C GLN C 521 26.68 44.68 2.82
N GLN C 522 27.63 45.30 3.50
CA GLN C 522 28.30 44.62 4.59
C GLN C 522 27.49 44.69 5.86
N LEU C 523 26.75 45.79 6.07
CA LEU C 523 25.87 45.90 7.22
C LEU C 523 24.69 44.97 7.14
N LEU C 524 24.31 44.52 5.94
CA LEU C 524 23.07 43.75 5.88
C LEU C 524 23.26 42.33 6.37
N GLU C 525 24.25 41.59 5.84
CA GLU C 525 24.35 40.20 6.23
C GLU C 525 25.42 39.91 7.27
N ASP C 526 26.41 40.78 7.44
CA ASP C 526 27.39 40.50 8.48
C ASP C 526 26.92 40.97 9.85
N CYS C 527 26.53 42.24 9.95
CA CYS C 527 26.09 42.77 11.22
C CYS C 527 24.63 42.44 11.52
N GLY C 528 23.92 41.81 10.59
CA GLY C 528 22.56 41.37 10.85
C GLY C 528 21.55 42.47 11.04
N ILE C 529 21.75 43.63 10.43
CA ILE C 529 20.78 44.71 10.48
C ILE C 529 19.80 44.51 9.34
N HIS C 530 18.52 44.48 9.66
CA HIS C 530 17.50 44.16 8.66
C HIS C 530 16.71 45.36 8.19
N LEU C 531 16.35 46.27 9.07
CA LEU C 531 15.58 47.43 8.65
C LEU C 531 16.45 48.37 7.85
N GLY C 532 15.97 48.73 6.65
CA GLY C 532 16.71 49.64 5.80
C GLY C 532 16.90 51.01 6.40
N VAL C 533 15.93 51.46 7.20
CA VAL C 533 16.00 52.78 7.80
C VAL C 533 17.15 52.84 8.78
N HIS C 534 17.35 51.79 9.56
CA HIS C 534 18.41 51.78 10.55
C HIS C 534 19.78 51.70 9.87
N ARG C 535 19.88 50.92 8.79
CA ARG C 535 21.10 50.88 7.99
C ARG C 535 21.44 52.26 7.46
N ALA C 536 20.44 52.96 6.93
CA ALA C 536 20.71 54.27 6.34
C ALA C 536 21.13 55.28 7.39
N ARG C 537 20.47 55.28 8.55
CA ARG C 537 20.82 56.24 9.59
C ARG C 537 22.20 55.95 10.15
N ILE C 538 22.55 54.67 10.29
CA ILE C 538 23.86 54.31 10.81
C ILE C 538 24.93 54.68 9.79
N LEU C 539 24.66 54.45 8.51
CA LEU C 539 25.63 54.78 7.48
C LEU C 539 25.91 56.27 7.42
N THR C 540 24.85 57.09 7.44
CA THR C 540 25.08 58.53 7.37
C THR C 540 25.78 59.05 8.62
N ALA C 541 25.42 58.51 9.79
CA ALA C 541 26.03 59.01 11.01
C ALA C 541 27.47 58.56 11.15
N ALA C 542 27.81 57.41 10.58
CA ALA C 542 29.19 56.95 10.64
C ALA C 542 30.02 57.70 9.62
N ARG C 543 29.47 57.88 8.42
CA ARG C 543 30.21 58.44 7.31
C ARG C 543 30.43 59.93 7.54
N GLU C 544 29.56 60.56 8.33
CA GLU C 544 29.79 61.94 8.73
C GLU C 544 31.00 62.07 9.63
N MET C 545 31.23 61.10 10.52
CA MET C 545 32.45 61.07 11.33
C MET C 545 33.50 60.37 10.47
N LEU C 546 34.01 61.12 9.49
CA LEU C 546 34.79 60.50 8.42
C LEU C 546 36.22 60.20 8.83
N HIS C 547 37.00 61.23 9.11
CA HIS C 547 38.44 61.11 9.34
C HIS C 547 38.83 61.89 10.58
N SER C 548 38.09 61.66 11.67
CA SER C 548 38.34 62.37 12.92
C SER C 548 39.76 62.20 13.47
N PRO C 549 40.41 61.02 13.45
CA PRO C 549 41.80 61.09 13.89
C PRO C 549 42.73 61.59 12.79
N MET D 1 31.12 44.66 44.08
CA MET D 1 30.25 44.89 42.94
C MET D 1 29.13 43.87 42.93
N ALA D 2 29.49 42.61 43.21
CA ALA D 2 28.49 41.55 43.24
C ALA D 2 27.46 41.81 44.32
N VAL D 3 26.22 42.02 43.91
CA VAL D 3 25.14 42.32 44.84
C VAL D 3 24.80 41.08 45.65
N GLN D 4 24.53 41.29 46.93
CA GLN D 4 24.09 40.22 47.82
C GLN D 4 22.63 40.43 48.15
N LEU D 5 21.86 39.36 48.09
CA LEU D 5 20.44 39.40 48.42
C LEU D 5 20.20 38.55 49.65
N VAL D 6 19.33 39.03 50.54
CA VAL D 6 18.94 38.29 51.74
C VAL D 6 17.43 38.31 51.84
N GLU D 7 16.84 37.16 52.11
CA GLU D 7 15.40 37.05 52.22
C GLU D 7 14.98 37.08 53.69
N SER D 8 13.67 37.23 53.90
CA SER D 8 13.08 37.18 55.22
C SER D 8 11.59 36.94 55.07
N GLY D 9 11.02 36.33 56.12
CA GLY D 9 9.64 35.87 56.11
C GLY D 9 9.57 34.37 56.26
N GLY D 10 8.72 33.75 55.48
CA GLY D 10 8.69 32.30 55.44
C GLY D 10 7.98 31.69 56.63
N GLY D 11 8.28 30.42 56.89
CA GLY D 11 7.68 29.71 58.00
C GLY D 11 6.46 28.93 57.57
N LEU D 12 5.39 29.04 58.34
CA LEU D 12 4.21 28.23 58.11
C LEU D 12 2.96 28.98 58.48
N VAL D 13 1.88 28.68 57.77
CA VAL D 13 0.56 29.25 57.98
C VAL D 13 -0.48 28.19 57.71
N GLN D 14 -1.74 28.56 57.86
CA GLN D 14 -2.88 27.69 57.61
C GLN D 14 -3.40 27.93 56.21
N PRO D 15 -4.09 26.95 55.63
CA PRO D 15 -4.71 27.15 54.31
C PRO D 15 -5.72 28.28 54.36
N GLY D 16 -5.53 29.25 53.49
CA GLY D 16 -6.25 30.50 53.59
C GLY D 16 -5.51 31.40 54.55
N GLY D 17 -5.14 32.59 54.12
CA GLY D 17 -4.36 33.47 54.96
C GLY D 17 -3.21 34.08 54.20
N SER D 18 -2.73 35.22 54.67
CA SER D 18 -1.74 36.01 53.95
C SER D 18 -0.37 35.92 54.60
N LEU D 19 0.64 36.35 53.84
CA LEU D 19 2.01 36.41 54.32
C LEU D 19 2.74 37.41 53.44
N ARG D 20 3.85 37.95 53.96
CA ARG D 20 4.66 38.87 53.20
C ARG D 20 6.13 38.50 53.32
N LEU D 21 6.80 38.38 52.19
CA LEU D 21 8.22 38.07 52.13
C LEU D 21 8.98 39.31 51.72
N SER D 22 10.18 39.45 52.25
CA SER D 22 11.01 40.62 51.97
C SER D 22 12.36 40.16 51.45
N CYS D 23 12.93 40.95 50.54
CA CYS D 23 14.24 40.66 49.99
C CYS D 23 15.04 41.96 49.92
N ALA D 24 16.16 41.99 50.64
CA ALA D 24 16.98 43.19 50.75
C ALA D 24 18.31 42.99 50.04
N ALA D 25 18.76 44.03 49.35
CA ALA D 25 19.94 44.01 48.52
C ALA D 25 21.06 44.86 49.13
N SER D 26 22.20 44.83 48.47
CA SER D 26 23.38 45.55 48.95
C SER D 26 23.51 46.94 48.37
N VAL D 27 22.80 47.23 47.28
CA VAL D 27 22.87 48.51 46.60
C VAL D 27 21.46 49.05 46.46
N SER D 28 21.33 50.17 45.78
CA SER D 28 20.02 50.71 45.50
C SER D 28 19.28 49.79 44.53
N ILE D 29 18.04 49.45 44.85
CA ILE D 29 17.26 48.61 43.95
C ILE D 29 16.98 49.35 42.65
N SER D 30 16.84 50.67 42.71
CA SER D 30 16.47 51.47 41.55
C SER D 30 17.52 51.46 40.45
N ARG D 31 18.68 50.84 40.67
CA ARG D 31 19.67 50.68 39.62
C ARG D 31 19.53 49.36 38.90
N ILE D 32 18.91 48.38 39.52
CA ILE D 32 18.83 47.04 38.97
C ILE D 32 17.75 47.02 37.90
N TYR D 33 18.03 46.32 36.80
CA TYR D 33 17.10 46.30 35.68
C TYR D 33 15.85 45.53 36.03
N VAL D 34 15.97 44.23 36.32
CA VAL D 34 14.81 43.42 36.69
C VAL D 34 15.10 42.72 38.01
N MET D 35 14.04 42.50 38.78
CA MET D 35 14.11 41.64 39.95
C MET D 35 12.92 40.70 39.93
N ALA D 36 13.07 39.55 40.58
CA ALA D 36 12.07 38.52 40.40
C ALA D 36 12.07 37.59 41.60
N TRP D 37 10.94 36.91 41.79
CA TRP D 37 10.78 35.91 42.83
C TRP D 37 10.58 34.57 42.16
N TYR D 38 11.18 33.53 42.71
CA TYR D 38 11.12 32.20 42.13
C TYR D 38 10.70 31.21 43.21
N ARG D 39 10.17 30.09 42.76
CA ARG D 39 9.53 29.12 43.65
C ARG D 39 9.94 27.73 43.21
N GLN D 40 10.51 26.95 44.13
CA GLN D 40 10.87 25.58 43.82
C GLN D 40 10.23 24.65 44.84
N ALA D 41 9.33 23.82 44.36
CA ALA D 41 8.65 22.81 45.14
C ALA D 41 9.51 21.57 45.21
N PRO D 42 9.43 20.80 46.30
CA PRO D 42 10.20 19.56 46.39
C PRO D 42 9.74 18.56 45.34
N GLY D 43 10.70 18.03 44.60
CA GLY D 43 10.41 17.08 43.56
C GLY D 43 10.17 17.66 42.18
N LYS D 44 10.31 18.97 42.02
CA LYS D 44 10.16 19.61 40.71
C LYS D 44 11.24 20.67 40.55
N GLN D 45 11.21 21.35 39.41
CA GLN D 45 12.17 22.38 39.08
C GLN D 45 11.62 23.75 39.42
N ARG D 46 12.48 24.76 39.30
CA ARG D 46 12.09 26.11 39.66
C ARG D 46 11.06 26.66 38.68
N GLU D 47 10.41 27.75 39.09
CA GLU D 47 9.52 28.49 38.22
C GLU D 47 9.39 29.89 38.77
N VAL D 48 8.92 30.76 37.93
CA VAL D 48 8.80 32.17 38.26
C VAL D 48 7.45 32.40 38.92
N VAL D 49 7.36 33.38 39.81
CA VAL D 49 6.08 33.79 40.35
C VAL D 49 5.81 35.28 40.21
N ALA D 50 6.82 36.14 40.10
CA ALA D 50 6.61 37.56 39.86
C ALA D 50 7.91 38.19 39.38
N VAL D 51 7.79 39.17 38.50
CA VAL D 51 8.93 39.96 38.05
C VAL D 51 8.55 41.44 38.13
N ILE D 52 9.57 42.29 38.14
CA ILE D 52 9.35 43.73 38.16
C ILE D 52 10.58 44.43 37.59
N ARG D 53 10.35 45.40 36.72
CA ARG D 53 11.43 46.08 36.04
C ARG D 53 11.76 47.39 36.72
N TYR D 54 12.68 48.15 36.10
CA TYR D 54 13.10 49.43 36.67
C TYR D 54 11.98 50.44 36.65
N ASP D 55 11.08 50.36 35.68
CA ASP D 55 9.98 51.29 35.58
C ASP D 55 8.73 50.79 36.30
N GLY D 56 8.83 49.69 37.03
CA GLY D 56 7.70 49.20 37.79
C GLY D 56 6.55 48.64 36.98
N THR D 57 6.83 47.86 35.96
CA THR D 57 5.81 47.09 35.27
C THR D 57 6.02 45.62 35.62
N THR D 58 4.95 44.97 36.05
CA THR D 58 5.04 43.64 36.62
C THR D 58 4.26 42.63 35.80
N ASN D 59 4.77 41.41 35.74
CA ASN D 59 4.13 40.31 35.06
C ASN D 59 3.97 39.16 36.02
N TYR D 60 2.82 38.53 35.98
CA TYR D 60 2.56 37.37 36.81
C TYR D 60 2.15 36.20 35.94
N PRO D 61 2.47 34.97 36.34
CA PRO D 61 1.93 33.82 35.63
C PRO D 61 0.44 33.72 35.89
N ASP D 62 -0.23 32.95 35.03
CA ASP D 62 -1.68 32.80 35.15
C ASP D 62 -2.07 32.03 36.40
N SER D 63 -1.17 31.22 36.95
CA SER D 63 -1.49 30.39 38.10
C SER D 63 -1.81 31.23 39.34
N VAL D 64 -1.15 32.36 39.50
CA VAL D 64 -1.22 33.10 40.75
C VAL D 64 -1.70 34.53 40.55
N LYS D 65 -2.33 34.81 39.43
CA LYS D 65 -2.86 36.14 39.18
C LYS D 65 -3.98 36.46 40.15
N GLY D 66 -3.94 37.67 40.71
CA GLY D 66 -4.92 38.09 41.68
C GLY D 66 -4.60 37.71 43.11
N ARG D 67 -3.73 36.73 43.32
CA ARG D 67 -3.43 36.29 44.67
C ARG D 67 -2.10 36.80 45.19
N PHE D 68 -1.16 37.18 44.33
CA PHE D 68 0.13 37.68 44.75
C PHE D 68 0.31 39.12 44.29
N THR D 69 1.30 39.79 44.87
CA THR D 69 1.58 41.17 44.49
C THR D 69 3.01 41.54 44.89
N ILE D 70 3.78 42.03 43.93
CA ILE D 70 5.19 42.37 44.13
C ILE D 70 5.36 43.89 44.08
N SER D 71 6.17 44.43 44.99
CA SER D 71 6.42 45.86 44.95
C SER D 71 7.82 46.22 45.42
N ARG D 72 8.33 47.31 44.87
CA ARG D 72 9.60 47.88 45.27
C ARG D 72 9.36 48.84 46.42
N ASP D 73 10.30 48.92 47.34
CA ASP D 73 10.26 49.97 48.36
C ASP D 73 11.54 50.76 48.27
N ASN D 74 11.42 52.04 47.96
CA ASN D 74 12.59 52.86 47.72
C ASN D 74 13.17 53.48 48.98
N ALA D 75 12.46 53.41 50.10
CA ALA D 75 12.99 53.95 51.35
C ALA D 75 14.20 53.15 51.81
N LYS D 76 14.03 51.86 52.00
CA LYS D 76 15.12 50.94 52.24
C LYS D 76 15.08 49.92 51.11
N ASN D 77 16.26 49.54 50.63
CA ASN D 77 16.35 48.72 49.42
C ASN D 77 15.77 47.35 49.71
N THR D 78 14.51 47.15 49.34
CA THR D 78 13.81 45.92 49.67
C THR D 78 12.63 45.75 48.73
N VAL D 79 12.53 44.57 48.14
CA VAL D 79 11.39 44.20 47.32
C VAL D 79 10.52 43.24 48.11
N TYR D 80 9.21 43.51 48.11
CA TYR D 80 8.23 42.76 48.87
C TYR D 80 7.37 41.89 47.96
N LEU D 81 7.00 40.73 48.47
CA LEU D 81 6.01 39.86 47.86
C LEU D 81 4.89 39.63 48.86
N GLN D 82 3.65 39.83 48.42
CA GLN D 82 2.47 39.73 49.27
C GLN D 82 1.62 38.58 48.74
N MET D 83 1.35 37.62 49.61
CA MET D 83 0.66 36.38 49.27
C MET D 83 -0.66 36.37 50.05
N ASN D 84 -1.76 36.57 49.35
CA ASN D 84 -3.01 36.87 50.04
C ASN D 84 -3.84 35.63 50.33
N SER D 85 -4.25 34.91 49.31
CA SER D 85 -5.10 33.74 49.47
C SER D 85 -4.28 32.51 49.12
N LEU D 86 -4.01 31.69 50.12
CA LEU D 86 -3.08 30.59 49.96
C LEU D 86 -3.81 29.27 49.79
N LYS D 87 -3.20 28.38 49.03
CA LYS D 87 -3.65 27.05 48.73
C LYS D 87 -2.75 26.05 49.41
N PRO D 88 -3.12 24.76 49.43
CA PRO D 88 -2.18 23.77 50.00
C PRO D 88 -0.98 23.52 49.12
N GLU D 89 -1.11 23.66 47.80
CA GLU D 89 0.01 23.37 46.91
C GLU D 89 1.02 24.52 46.82
N ASP D 90 0.77 25.63 47.50
CA ASP D 90 1.69 26.75 47.45
C ASP D 90 2.71 26.67 48.58
N THR D 91 3.35 25.52 48.71
CA THR D 91 4.37 25.29 49.73
C THR D 91 5.65 24.86 49.06
N ALA D 92 6.72 25.60 49.29
CA ALA D 92 7.96 25.41 48.54
C ALA D 92 9.05 26.26 49.18
N VAL D 93 10.23 26.23 48.58
CA VAL D 93 11.27 27.18 48.94
C VAL D 93 11.24 28.31 47.94
N TYR D 94 11.35 29.53 48.44
CA TYR D 94 11.25 30.71 47.61
C TYR D 94 12.59 31.42 47.55
N TYR D 95 12.94 31.94 46.38
CA TYR D 95 14.20 32.61 46.16
C TYR D 95 14.00 33.99 45.57
N CYS D 96 14.91 34.88 45.91
CA CYS D 96 14.97 36.22 45.38
C CYS D 96 16.03 36.26 44.29
N ASN D 97 15.75 36.99 43.21
CA ASN D 97 16.63 36.99 42.06
C ASN D 97 16.85 38.42 41.59
N ALA D 98 18.12 38.80 41.47
CA ALA D 98 18.54 40.03 40.81
C ALA D 98 18.59 39.73 39.32
N ASN D 99 19.34 40.52 38.54
CA ASN D 99 19.17 40.69 37.10
C ASN D 99 18.86 39.40 36.35
N VAL D 100 19.81 38.49 36.24
CA VAL D 100 19.48 37.08 36.02
C VAL D 100 20.36 36.22 36.91
N GLU D 101 21.66 36.52 36.86
CA GLU D 101 22.68 35.63 37.40
C GLU D 101 22.54 35.41 38.90
N THR D 102 22.52 36.48 39.67
CA THR D 102 22.66 36.37 41.11
C THR D 102 21.39 35.86 41.75
N TRP D 103 21.55 34.93 42.68
CA TRP D 103 20.46 34.32 43.42
C TRP D 103 20.54 34.69 44.89
N GLY D 104 19.47 34.36 45.61
CA GLY D 104 19.48 34.37 47.04
C GLY D 104 19.74 32.98 47.59
N GLN D 105 19.37 32.78 48.85
CA GLN D 105 19.52 31.48 49.46
C GLN D 105 18.21 30.76 49.71
N GLY D 106 17.10 31.48 49.76
CA GLY D 106 15.80 30.84 49.83
C GLY D 106 15.23 30.83 51.24
N THR D 107 13.91 30.68 51.31
CA THR D 107 13.16 30.60 52.57
C THR D 107 12.05 29.59 52.37
N GLN D 108 11.85 28.73 53.35
CA GLN D 108 10.86 27.66 53.25
C GLN D 108 9.51 28.20 53.65
N VAL D 109 8.47 27.79 52.94
CA VAL D 109 7.11 28.23 53.20
C VAL D 109 6.18 27.03 53.14
N THR D 110 5.39 26.83 54.19
CA THR D 110 4.51 25.67 54.31
C THR D 110 3.12 26.08 54.78
N VAL D 111 2.13 25.32 54.35
CA VAL D 111 0.72 25.62 54.61
C VAL D 111 0.00 24.37 55.14
N SER D 112 -0.36 24.40 56.42
CA SER D 112 -1.12 23.32 57.07
C SER D 112 -1.60 23.83 58.43
N SER D 113 -2.14 22.92 59.24
CA SER D 113 -2.55 23.21 60.61
C SER D 113 -1.42 23.76 61.47
N PRO E 324 65.23 47.07 45.44
CA PRO E 324 65.01 46.74 46.85
C PRO E 324 63.55 46.42 47.16
N ASP E 325 63.07 46.89 48.31
CA ASP E 325 61.69 46.67 48.72
C ASP E 325 60.72 47.59 48.01
N ASP E 326 61.20 48.71 47.47
CA ASP E 326 60.36 49.61 46.70
C ASP E 326 59.92 48.94 45.41
N LEU E 327 60.80 48.13 44.82
CA LEU E 327 60.52 47.43 43.58
C LEU E 327 59.42 46.40 43.75
N GLN E 328 59.28 45.84 44.95
CA GLN E 328 58.22 44.88 45.23
C GLN E 328 56.83 45.49 45.09
N ARG E 329 56.68 46.79 45.33
CA ARG E 329 55.37 47.40 45.08
C ARG E 329 55.01 47.42 43.61
N LEU E 330 55.99 47.45 42.70
CA LEU E 330 55.70 47.46 41.27
C LEU E 330 55.57 46.06 40.69
N VAL E 331 55.58 45.03 41.53
CA VAL E 331 55.52 43.64 41.08
C VAL E 331 54.10 43.14 40.81
N PRO E 332 53.07 43.45 41.62
CA PRO E 332 51.73 43.01 41.21
C PRO E 332 50.97 44.00 40.34
N LEU E 333 51.39 45.27 40.24
CA LEU E 333 50.65 46.25 39.46
C LEU E 333 50.42 45.81 38.02
N LEU E 334 51.33 45.00 37.47
CA LEU E 334 51.24 44.51 36.11
C LEU E 334 49.99 43.65 35.89
N ASP E 335 49.43 43.08 36.96
CA ASP E 335 48.22 42.27 36.85
C ASP E 335 46.96 43.08 36.63
N SER E 336 47.08 44.39 36.42
CA SER E 336 45.93 45.28 36.30
C SER E 336 45.12 44.98 35.04
N ASN E 337 43.84 45.33 35.09
CA ASN E 337 42.95 45.11 33.97
C ASN E 337 43.15 46.15 32.87
N ARG E 338 43.41 47.40 33.25
CA ARG E 338 43.54 48.47 32.29
C ARG E 338 44.93 48.49 31.65
N LEU E 339 45.02 49.18 30.51
CA LEU E 339 46.24 49.14 29.73
C LEU E 339 47.30 50.10 30.26
N GLU E 340 46.89 51.32 30.66
CA GLU E 340 47.85 52.38 30.98
C GLU E 340 48.71 52.02 32.18
N ALA E 341 48.12 51.35 33.19
CA ALA E 341 48.90 50.90 34.35
C ALA E 341 50.01 49.94 33.93
N GLN E 342 49.66 48.97 33.09
CA GLN E 342 50.64 48.01 32.58
C GLN E 342 51.73 48.72 31.78
N CYS E 343 51.33 49.67 30.94
CA CYS E 343 52.28 50.40 30.10
C CYS E 343 53.28 51.18 30.94
N ILE E 344 52.79 51.91 31.96
CA ILE E 344 53.72 52.74 32.72
C ILE E 344 54.59 51.87 33.61
N GLY E 345 54.06 50.75 34.12
CA GLY E 345 54.87 49.87 34.94
C GLY E 345 56.01 49.29 34.13
N ALA E 346 55.70 48.89 32.88
CA ALA E 346 56.73 48.33 32.02
C ALA E 346 57.75 49.38 31.64
N PHE E 347 57.30 50.61 31.35
CA PHE E 347 58.24 51.69 31.03
C PHE E 347 59.21 51.92 32.19
N TYR E 348 58.69 52.03 33.42
CA TYR E 348 59.57 52.23 34.59
C TYR E 348 60.57 51.10 34.74
N LEU E 349 60.08 49.85 34.85
CA LEU E 349 61.00 48.72 35.08
C LEU E 349 62.04 48.62 33.98
N CYS E 350 61.63 48.74 32.71
CA CYS E 350 62.58 48.65 31.63
C CYS E 350 63.59 49.79 31.67
N ALA E 351 63.16 51.00 32.04
CA ALA E 351 64.06 52.14 32.11
C ALA E 351 65.10 51.97 33.22
N GLU E 352 64.67 51.51 34.39
CA GLU E 352 65.68 51.30 35.43
C GLU E 352 66.53 50.07 35.16
N ALA E 353 66.01 49.10 34.39
CA ALA E 353 66.86 48.00 33.97
C ALA E 353 67.96 48.51 33.07
N ALA E 354 67.61 49.36 32.10
CA ALA E 354 68.61 49.98 31.24
C ALA E 354 69.61 50.83 32.03
N ILE E 355 69.15 51.45 33.11
CA ILE E 355 70.07 52.22 33.96
C ILE E 355 71.02 51.31 34.73
N LYS E 356 70.50 50.26 35.36
CA LYS E 356 71.27 49.35 36.21
C LYS E 356 72.00 48.28 35.41
N SER E 357 71.86 48.30 34.09
CA SER E 357 72.45 47.26 33.25
C SER E 357 73.95 47.43 33.02
N LEU E 358 74.45 48.66 32.89
CA LEU E 358 75.86 48.82 32.60
C LEU E 358 76.73 48.51 33.82
N GLN E 359 76.28 48.86 35.03
CA GLN E 359 77.02 48.46 36.23
C GLN E 359 76.95 46.94 36.42
N GLY E 360 77.62 46.46 37.45
CA GLY E 360 77.60 45.06 37.76
C GLY E 360 76.32 44.59 38.42
N LYS E 361 75.57 45.50 39.04
CA LYS E 361 74.42 44.99 39.79
C LYS E 361 73.21 44.77 38.86
N THR E 362 73.08 43.50 38.48
CA THR E 362 71.95 42.95 37.76
C THR E 362 71.24 41.88 38.59
N LYS E 363 71.77 41.57 39.77
CA LYS E 363 71.30 40.48 40.62
C LYS E 363 70.06 40.87 41.41
N VAL E 364 69.74 42.17 41.48
CA VAL E 364 68.50 42.61 42.10
C VAL E 364 67.29 42.03 41.37
N PHE E 365 67.32 42.01 40.03
CA PHE E 365 66.23 41.40 39.28
C PHE E 365 66.10 39.91 39.57
N SER E 366 67.21 39.25 39.88
CA SER E 366 67.15 37.84 40.25
C SER E 366 66.41 37.64 41.56
N ASP E 367 66.95 38.20 42.66
CA ASP E 367 66.39 37.86 43.97
C ASP E 367 65.05 38.53 44.26
N ILE E 368 64.63 39.53 43.49
CA ILE E 368 63.28 40.08 43.69
C ILE E 368 62.22 39.34 42.90
N GLY E 369 62.61 38.46 41.98
CA GLY E 369 61.66 37.65 41.24
C GLY E 369 60.81 38.37 40.21
N ALA E 370 61.25 39.55 39.74
CA ALA E 370 60.50 40.21 38.68
C ALA E 370 60.70 39.53 37.33
N ILE E 371 61.85 38.87 37.15
CA ILE E 371 62.17 38.18 35.91
C ILE E 371 61.15 37.08 35.64
N GLN E 372 60.59 36.47 36.68
CA GLN E 372 59.61 35.40 36.47
C GLN E 372 58.33 35.96 35.85
N SER E 373 57.87 37.12 36.34
CA SER E 373 56.67 37.74 35.78
C SER E 373 56.92 38.23 34.36
N LEU E 374 58.13 38.76 34.11
CA LEU E 374 58.47 39.18 32.75
C LEU E 374 58.52 37.99 31.79
N LYS E 375 59.18 36.90 32.18
CA LYS E 375 59.19 35.70 31.35
C LYS E 375 57.80 35.10 31.20
N ARG E 376 56.90 35.39 32.15
CA ARG E 376 55.51 34.98 32.02
C ARG E 376 54.82 35.77 30.91
N LEU E 377 54.76 37.09 31.05
CA LEU E 377 53.83 37.90 30.28
C LEU E 377 54.24 38.15 28.83
N VAL E 378 55.45 37.78 28.43
CA VAL E 378 55.88 38.09 27.06
C VAL E 378 55.18 37.17 26.05
N SER E 379 54.93 35.93 26.42
CA SER E 379 54.22 35.01 25.53
C SER E 379 52.72 35.19 25.70
N TYR E 380 51.99 35.01 24.59
CA TYR E 380 50.55 35.22 24.50
C TYR E 380 50.18 36.64 24.95
N SER E 381 50.69 37.62 24.23
CA SER E 381 50.35 39.00 24.50
C SER E 381 50.25 39.74 23.18
N THR E 382 49.12 40.38 22.94
CA THR E 382 48.89 41.18 21.75
C THR E 382 48.81 42.63 22.20
N ASN E 383 49.99 43.22 22.40
CA ASN E 383 50.10 44.59 22.87
C ASN E 383 51.51 45.03 22.49
N GLY E 384 51.63 45.86 21.46
CA GLY E 384 52.94 46.17 20.92
C GLY E 384 53.85 46.91 21.88
N THR E 385 53.29 47.88 22.63
CA THR E 385 54.10 48.65 23.56
C THR E 385 54.64 47.80 24.72
N LYS E 386 53.74 47.13 25.48
CA LYS E 386 54.20 46.42 26.67
C LYS E 386 55.09 45.24 26.30
N SER E 387 54.73 44.49 25.26
CA SER E 387 55.55 43.34 24.84
C SER E 387 56.89 43.81 24.31
N ALA E 388 56.91 44.91 23.54
CA ALA E 388 58.18 45.43 23.04
C ALA E 388 59.06 45.89 24.21
N LEU E 389 58.46 46.50 25.22
CA LEU E 389 59.22 46.96 26.37
C LEU E 389 59.75 45.78 27.18
N ALA E 390 58.94 44.75 27.33
CA ALA E 390 59.36 43.55 28.05
C ALA E 390 60.51 42.87 27.30
N LYS E 391 60.43 42.84 25.98
CA LYS E 391 61.50 42.25 25.18
C LYS E 391 62.78 43.04 25.33
N ARG E 392 62.67 44.38 25.29
CA ARG E 392 63.85 45.21 25.46
C ARG E 392 64.45 45.03 26.85
N ALA E 393 63.60 44.89 27.87
CA ALA E 393 64.10 44.66 29.22
C ALA E 393 64.83 43.33 29.33
N LEU E 394 64.25 42.26 28.77
CA LEU E 394 64.88 40.95 28.86
C LEU E 394 66.19 40.90 28.10
N ARG E 395 66.19 41.40 26.86
CA ARG E 395 67.40 41.41 26.04
C ARG E 395 68.48 42.32 26.60
N LEU E 396 68.13 43.31 27.43
CA LEU E 396 69.19 44.05 28.11
C LEU E 396 69.83 43.23 29.23
N LEU E 397 69.09 42.34 29.90
CA LEU E 397 69.72 41.57 30.95
C LEU E 397 70.43 40.32 30.42
N GLY E 398 70.59 40.19 29.10
CA GLY E 398 71.26 39.05 28.53
C GLY E 398 70.47 37.76 28.52
N GLU E 399 69.18 37.79 28.82
CA GLU E 399 68.39 36.57 28.78
C GLU E 399 67.82 36.35 27.37
N GLU E 400 67.05 35.28 27.23
CA GLU E 400 66.42 34.92 25.97
C GLU E 400 64.91 35.01 26.14
N VAL E 401 64.24 35.55 25.13
CA VAL E 401 62.78 35.68 25.22
C VAL E 401 62.14 34.33 24.99
N PRO E 402 61.11 33.96 25.73
CA PRO E 402 60.37 32.74 25.44
C PRO E 402 59.48 32.92 24.23
N ARG E 403 59.02 31.80 23.72
CA ARG E 403 58.10 31.76 22.61
C ARG E 403 57.05 30.70 22.94
N PRO E 404 55.81 30.88 22.49
CA PRO E 404 54.77 29.91 22.80
C PRO E 404 55.05 28.56 22.18
N ILE E 405 54.40 27.55 22.72
CA ILE E 405 54.53 26.18 22.22
C ILE E 405 53.16 25.80 21.70
N LEU E 406 52.96 25.96 20.48
CA LEU E 406 51.69 25.80 19.80
C LEU E 406 51.58 24.44 19.15
N PRO E 407 50.38 23.92 19.00
CA PRO E 407 50.21 22.62 18.37
C PRO E 407 50.54 22.66 16.90
N SER E 408 51.19 21.61 16.42
CA SER E 408 51.45 21.47 15.00
C SER E 408 50.27 20.76 14.36
N VAL E 409 49.18 21.51 14.25
CA VAL E 409 47.93 20.98 13.71
C VAL E 409 48.07 20.39 12.31
N PRO E 410 48.64 21.08 11.31
CA PRO E 410 48.55 20.54 9.94
C PRO E 410 49.37 19.29 9.69
N SER E 411 50.08 18.78 10.68
CA SER E 411 50.69 17.45 10.58
C SER E 411 50.18 16.69 11.80
N TRP E 412 48.96 16.17 11.69
CA TRP E 412 48.34 15.37 12.72
C TRP E 412 47.86 14.08 12.09
N LYS E 413 47.44 13.15 12.92
CA LYS E 413 46.84 11.93 12.41
C LYS E 413 45.50 11.76 13.07
N GLU E 414 44.86 10.60 12.88
CA GLU E 414 43.51 10.42 13.39
C GLU E 414 43.47 10.34 14.91
N ALA E 415 44.56 9.87 15.53
CA ALA E 415 44.57 9.74 16.98
C ALA E 415 44.53 11.10 17.64
N GLU E 416 45.27 12.07 17.12
CA GLU E 416 45.27 13.39 17.71
C GLU E 416 43.97 14.11 17.46
N VAL E 417 43.38 13.88 16.29
CA VAL E 417 42.06 14.46 16.01
C VAL E 417 41.04 13.94 17.00
N GLN E 418 41.08 12.63 17.28
CA GLN E 418 40.09 12.09 18.20
C GLN E 418 40.31 12.56 19.63
N THR E 419 41.57 12.66 20.07
CA THR E 419 41.75 13.20 21.42
C THR E 419 41.39 14.68 21.49
N TRP E 420 41.52 15.42 20.38
CA TRP E 420 41.07 16.79 20.39
C TRP E 420 39.56 16.86 20.52
N LEU E 421 38.86 15.93 19.88
CA LEU E 421 37.41 15.89 20.01
C LEU E 421 37.00 15.50 21.41
N GLN E 422 37.79 14.67 22.10
CA GLN E 422 37.54 14.43 23.50
C GLN E 422 37.72 15.70 24.30
N GLN E 423 38.72 16.49 23.96
CA GLN E 423 39.07 17.66 24.75
C GLN E 423 38.01 18.75 24.63
N ILE E 424 37.54 19.04 23.43
CA ILE E 424 36.60 20.14 23.29
C ILE E 424 35.19 19.79 23.75
N GLY E 425 34.90 18.51 23.95
CA GLY E 425 33.58 18.12 24.39
C GLY E 425 32.68 17.56 23.33
N PHE E 426 33.15 17.44 22.09
CA PHE E 426 32.33 16.83 21.05
C PHE E 426 32.59 15.34 20.95
N SER E 427 32.58 14.65 22.08
CA SER E 427 32.98 13.25 22.10
C SER E 427 31.95 12.33 21.46
N LYS E 428 30.77 12.83 21.14
CA LYS E 428 29.72 11.97 20.61
C LYS E 428 29.87 11.81 19.11
N TYR E 429 30.82 12.51 18.51
CA TYR E 429 31.07 12.42 17.08
C TYR E 429 32.37 11.73 16.76
N CYS E 430 33.07 11.20 17.75
CA CYS E 430 34.37 10.58 17.53
C CYS E 430 34.28 9.34 16.65
N GLU E 431 33.11 8.71 16.57
CA GLU E 431 32.96 7.56 15.70
C GLU E 431 32.99 7.97 14.24
N SER E 432 32.20 8.98 13.87
CA SER E 432 32.11 9.42 12.49
C SER E 432 33.44 9.95 11.98
N PHE E 433 34.11 10.76 12.79
CA PHE E 433 35.41 11.27 12.42
C PHE E 433 36.47 10.19 12.31
N ARG E 434 36.21 8.99 12.84
CA ARG E 434 37.11 7.86 12.65
C ARG E 434 36.81 7.08 11.39
N GLU E 435 35.54 7.02 11.00
CA GLU E 435 35.18 6.22 9.84
C GLU E 435 35.65 6.89 8.57
N GLN E 436 35.53 8.20 8.51
CA GLN E 436 35.98 8.96 7.35
C GLN E 436 37.47 9.24 7.36
N GLN E 437 38.15 8.87 8.44
CA GLN E 437 39.60 9.05 8.60
C GLN E 437 40.01 10.52 8.45
N VAL E 438 39.33 11.39 9.18
CA VAL E 438 39.66 12.81 9.15
C VAL E 438 40.95 13.03 9.92
N ASP E 439 41.90 13.71 9.29
CA ASP E 439 43.16 14.05 9.94
C ASP E 439 43.34 15.56 9.88
N GLY E 440 44.53 16.02 10.25
CA GLY E 440 44.75 17.44 10.47
C GLY E 440 44.58 18.30 9.23
N ASP E 441 45.12 17.83 8.11
CA ASP E 441 44.96 18.55 6.85
C ASP E 441 43.51 18.57 6.41
N LEU E 442 42.78 17.49 6.64
CA LEU E 442 41.38 17.47 6.29
C LEU E 442 40.55 18.19 7.33
N LEU E 443 41.02 18.23 8.57
CA LEU E 443 40.32 18.97 9.60
C LEU E 443 40.34 20.46 9.34
N LEU E 444 41.48 20.98 8.90
CA LEU E 444 41.59 22.41 8.73
C LEU E 444 40.88 22.92 7.48
N ARG E 445 40.31 22.04 6.67
CA ARG E 445 39.64 22.44 5.45
C ARG E 445 38.19 21.99 5.42
N LEU E 446 37.57 21.88 6.58
CA LEU E 446 36.18 21.46 6.66
C LEU E 446 35.24 22.60 6.32
N THR E 447 34.16 22.29 5.63
CA THR E 447 33.09 23.23 5.34
C THR E 447 31.82 22.71 5.99
N GLU E 448 30.72 23.43 5.77
CA GLU E 448 29.46 23.04 6.38
C GLU E 448 28.80 21.87 5.66
N GLU E 449 29.11 21.65 4.40
CA GLU E 449 28.50 20.54 3.69
C GLU E 449 29.06 19.22 4.16
N GLU E 450 30.37 19.15 4.42
CA GLU E 450 30.94 17.93 4.95
C GLU E 450 30.46 17.67 6.36
N LEU E 451 30.23 18.72 7.14
CA LEU E 451 29.72 18.52 8.49
C LEU E 451 28.30 18.02 8.45
N GLN E 452 27.45 18.66 7.65
CA GLN E 452 26.03 18.38 7.70
C GLN E 452 25.70 17.06 7.03
N THR E 453 26.26 16.82 5.85
CA THR E 453 25.82 15.67 5.05
C THR E 453 26.35 14.36 5.62
N ASP E 454 27.67 14.23 5.74
CA ASP E 454 28.27 12.94 6.02
C ASP E 454 28.88 12.79 7.40
N LEU E 455 29.18 13.89 8.09
CA LEU E 455 29.63 13.74 9.47
C LEU E 455 28.49 13.76 10.47
N GLY E 456 27.30 14.16 10.04
CA GLY E 456 26.10 13.98 10.84
C GLY E 456 25.69 15.13 11.73
N MET E 457 26.40 16.26 11.71
CA MET E 457 25.99 17.40 12.52
C MET E 457 24.83 18.09 11.83
N LYS E 458 23.61 17.68 12.20
CA LYS E 458 22.44 18.19 11.50
C LYS E 458 22.08 19.61 11.94
N SER E 459 22.05 19.85 13.24
CA SER E 459 21.53 21.10 13.76
C SER E 459 22.53 22.23 13.61
N GLY E 460 22.05 23.38 13.14
CA GLY E 460 22.93 24.51 12.90
C GLY E 460 23.60 25.05 14.15
N ILE E 461 22.95 24.89 15.30
CA ILE E 461 23.55 25.30 16.56
C ILE E 461 24.79 24.48 16.85
N THR E 462 24.74 23.18 16.61
CA THR E 462 25.89 22.34 16.90
C THR E 462 27.04 22.65 15.96
N ARG E 463 26.73 22.92 14.68
CA ARG E 463 27.78 23.30 13.75
C ARG E 463 28.37 24.65 14.12
N LYS E 464 27.54 25.56 14.65
CA LYS E 464 28.06 26.85 15.08
C LYS E 464 29.00 26.70 16.26
N ARG E 465 28.67 25.82 17.21
CA ARG E 465 29.58 25.57 18.33
C ARG E 465 30.88 24.93 17.86
N PHE E 466 30.77 23.98 16.93
CA PHE E 466 31.96 23.32 16.39
C PHE E 466 32.87 24.33 15.72
N PHE E 467 32.30 25.22 14.93
CA PHE E 467 33.13 26.19 14.23
C PHE E 467 33.72 27.20 15.17
N ARG E 468 33.03 27.51 16.27
CA ARG E 468 33.62 28.34 17.30
C ARG E 468 34.88 27.72 17.85
N GLU E 469 34.82 26.41 18.13
CA GLU E 469 35.99 25.72 18.70
C GLU E 469 37.10 25.60 17.67
N LEU E 470 36.73 25.33 16.42
CA LEU E 470 37.71 25.19 15.36
C LEU E 470 38.45 26.51 15.13
N THR E 471 37.72 27.61 15.04
CA THR E 471 38.39 28.89 14.84
C THR E 471 39.16 29.33 16.07
N GLU E 472 38.86 28.76 17.23
CA GLU E 472 39.76 29.04 18.35
C GLU E 472 41.05 28.25 18.22
N LEU E 473 40.96 27.03 17.69
CA LEU E 473 42.16 26.23 17.48
C LEU E 473 43.04 26.81 16.38
N LYS E 474 42.42 27.29 15.30
CA LYS E 474 43.17 27.71 14.13
C LYS E 474 44.00 28.95 14.39
N THR E 475 43.59 29.80 15.31
CA THR E 475 44.39 30.96 15.63
C THR E 475 45.59 30.63 16.49
N PHE E 476 45.62 29.46 17.08
CA PHE E 476 46.69 29.06 17.97
C PHE E 476 47.39 27.81 17.48
N ALA E 477 47.65 27.72 16.19
CA ALA E 477 48.34 26.57 15.64
C ALA E 477 49.75 26.95 15.24
N ASN E 478 50.52 25.96 14.80
CA ASN E 478 51.92 26.17 14.42
C ASN E 478 52.07 25.79 12.96
N TYR E 479 52.15 26.78 12.09
CA TYR E 479 52.18 26.57 10.65
C TYR E 479 53.58 26.56 10.09
N SER E 480 54.59 26.39 10.93
CA SER E 480 55.97 26.56 10.49
C SER E 480 56.40 25.51 9.49
N THR E 481 55.83 24.32 9.55
CA THR E 481 56.23 23.27 8.63
C THR E 481 55.69 23.47 7.22
N CYS E 482 54.81 24.44 7.00
CA CYS E 482 54.23 24.63 5.68
C CYS E 482 54.23 26.08 5.20
N ASP E 483 54.59 27.03 6.05
CA ASP E 483 54.54 28.45 5.71
C ASP E 483 55.96 28.97 5.58
N ARG E 484 56.40 29.19 4.34
CA ARG E 484 57.76 29.64 4.12
C ARG E 484 57.90 31.14 4.31
N SER E 485 57.02 31.91 3.68
CA SER E 485 57.11 33.36 3.66
C SER E 485 56.69 34.03 4.95
N ASN E 486 56.42 33.25 6.00
CA ASN E 486 55.99 33.76 7.30
C ASN E 486 54.72 34.61 7.17
N LEU E 487 53.70 34.02 6.56
CA LEU E 487 52.45 34.74 6.34
C LEU E 487 51.68 34.94 7.62
N ALA E 488 51.86 34.02 8.59
CA ALA E 488 51.08 34.05 9.82
C ALA E 488 51.34 35.31 10.62
N ASP E 489 52.60 35.73 10.72
CA ASP E 489 52.90 36.96 11.44
C ASP E 489 52.36 38.18 10.70
N TRP E 490 52.37 38.14 9.36
CA TRP E 490 51.81 39.27 8.61
C TRP E 490 50.33 39.40 8.86
N LEU E 491 49.63 38.28 8.97
CA LEU E 491 48.21 38.33 9.26
C LEU E 491 47.95 38.71 10.70
N GLY E 492 48.81 38.27 11.62
CA GLY E 492 48.62 38.59 13.02
C GLY E 492 48.90 40.04 13.34
N SER E 493 49.78 40.68 12.57
CA SER E 493 50.07 42.08 12.81
C SER E 493 48.88 42.96 12.50
N LEU E 494 48.04 42.57 11.55
CA LEU E 494 46.81 43.32 11.29
C LEU E 494 45.85 43.19 12.46
N ASP E 495 45.48 41.98 12.79
CA ASP E 495 44.49 41.69 13.81
C ASP E 495 44.73 40.26 14.24
N PRO E 496 44.78 39.98 15.55
CA PRO E 496 44.97 38.60 16.00
C PRO E 496 43.88 37.66 15.56
N ARG E 497 42.68 38.15 15.26
CA ARG E 497 41.62 37.28 14.78
C ARG E 497 41.87 36.78 13.37
N PHE E 498 42.83 37.36 12.66
CA PHE E 498 43.00 37.08 11.24
C PHE E 498 43.91 35.91 10.98
N ARG E 499 44.67 35.49 11.99
CA ARG E 499 45.65 34.43 11.84
C ARG E 499 44.99 33.13 11.42
N GLN E 500 43.73 32.95 11.79
CA GLN E 500 42.97 31.76 11.42
C GLN E 500 42.87 31.55 9.92
N TYR E 501 43.10 32.56 9.11
CA TYR E 501 42.96 32.35 7.69
C TYR E 501 44.20 31.84 7.02
N THR E 502 45.32 31.71 7.74
CA THR E 502 46.61 31.52 7.07
C THR E 502 46.67 30.24 6.27
N TYR E 503 46.02 29.17 6.73
CA TYR E 503 46.15 27.92 6.01
C TYR E 503 45.38 27.96 4.71
N GLY E 504 44.27 28.70 4.68
CA GLY E 504 43.58 28.87 3.42
C GLY E 504 44.37 29.67 2.42
N LEU E 505 45.30 30.50 2.88
CA LEU E 505 46.12 31.20 1.92
C LEU E 505 47.30 30.37 1.47
N VAL E 506 47.72 29.37 2.22
CA VAL E 506 48.94 28.68 1.82
C VAL E 506 48.63 27.48 0.96
N SER E 507 47.65 26.67 1.37
CA SER E 507 47.23 25.53 0.57
C SER E 507 46.76 25.95 -0.82
N CYS E 508 46.15 27.13 -0.95
CA CYS E 508 45.80 27.60 -2.27
C CYS E 508 47.01 28.09 -3.05
N GLY E 509 48.10 28.42 -2.37
CA GLY E 509 49.33 28.71 -3.10
C GLY E 509 49.99 30.04 -2.82
N LEU E 510 49.28 30.96 -2.18
CA LEU E 510 49.77 32.32 -2.01
C LEU E 510 50.98 32.38 -1.09
N ASP E 511 51.61 33.55 -1.06
CA ASP E 511 52.72 33.85 -0.16
C ASP E 511 52.82 35.36 -0.06
N ARG E 512 53.77 35.83 0.74
CA ARG E 512 53.87 37.26 1.02
C ARG E 512 54.27 38.06 -0.19
N SER E 513 55.02 37.46 -1.11
CA SER E 513 55.50 38.22 -2.26
C SER E 513 54.40 38.46 -3.29
N LEU E 514 53.69 37.40 -3.67
CA LEU E 514 52.70 37.48 -4.72
C LEU E 514 51.30 37.70 -4.20
N LEU E 515 51.18 38.15 -2.94
CA LEU E 515 49.86 38.39 -2.37
C LEU E 515 49.23 39.63 -2.95
N HIS E 516 50.04 40.59 -3.38
CA HIS E 516 49.59 41.95 -3.63
C HIS E 516 48.74 42.10 -4.88
N ARG E 517 48.38 41.02 -5.57
CA ARG E 517 47.58 41.15 -6.78
C ARG E 517 46.50 40.10 -6.82
N VAL E 518 45.84 39.88 -5.69
CA VAL E 518 44.73 38.96 -5.62
C VAL E 518 43.46 39.79 -5.63
N SER E 519 42.38 39.23 -6.14
CA SER E 519 41.11 39.92 -6.16
C SER E 519 40.23 39.43 -5.03
N GLU E 520 39.16 40.17 -4.77
CA GLU E 520 38.22 39.78 -3.72
C GLU E 520 37.51 38.49 -4.08
N GLN E 521 37.13 38.35 -5.35
CA GLN E 521 36.41 37.17 -5.78
C GLN E 521 37.30 35.94 -5.71
N GLN E 522 38.61 36.10 -5.69
CA GLN E 522 39.48 34.97 -5.43
C GLN E 522 39.59 34.68 -3.95
N LEU E 523 39.52 35.72 -3.11
CA LEU E 523 39.53 35.51 -1.67
C LEU E 523 38.26 34.86 -1.17
N LEU E 524 37.16 34.96 -1.91
CA LEU E 524 35.92 34.45 -1.34
C LEU E 524 35.83 32.94 -1.39
N GLU E 525 36.04 32.33 -2.55
CA GLU E 525 35.85 30.88 -2.61
C GLU E 525 37.14 30.08 -2.57
N ASP E 526 38.28 30.67 -2.90
CA ASP E 526 39.50 29.87 -2.80
C ASP E 526 40.06 29.86 -1.39
N CYS E 527 40.26 31.04 -0.80
CA CYS E 527 40.80 31.11 0.53
C CYS E 527 39.75 30.91 1.61
N GLY E 528 38.48 30.78 1.25
CA GLY E 528 37.45 30.49 2.21
C GLY E 528 37.16 31.57 3.22
N ILE E 529 37.38 32.82 2.87
CA ILE E 529 37.05 33.93 3.75
C ILE E 529 35.61 34.33 3.49
N HIS E 530 34.79 34.36 4.53
CA HIS E 530 33.37 34.58 4.36
C HIS E 530 32.91 35.98 4.75
N LEU E 531 33.43 36.54 5.83
CA LEU E 531 33.03 37.86 6.24
C LEU E 531 33.58 38.91 5.28
N GLY E 532 32.68 39.76 4.77
CA GLY E 532 33.08 40.79 3.85
C GLY E 532 34.03 41.80 4.47
N VAL E 533 33.89 42.04 5.76
CA VAL E 533 34.73 43.03 6.44
C VAL E 533 36.18 42.55 6.46
N HIS E 534 36.38 41.26 6.70
CA HIS E 534 37.73 40.72 6.75
C HIS E 534 38.37 40.71 5.37
N ARG E 535 37.57 40.39 4.34
CA ARG E 535 38.05 40.48 2.97
C ARG E 535 38.49 41.88 2.63
N ALA E 536 37.70 42.88 3.01
CA ALA E 536 38.02 44.25 2.67
C ALA E 536 39.27 44.72 3.39
N ARG E 537 39.40 44.38 4.68
CA ARG E 537 40.57 44.82 5.43
C ARG E 537 41.83 44.14 4.91
N ILE E 538 41.73 42.87 4.54
CA ILE E 538 42.88 42.15 4.01
C ILE E 538 43.27 42.71 2.65
N LEU E 539 42.28 43.03 1.82
CA LEU E 539 42.56 43.58 0.50
C LEU E 539 43.25 44.92 0.59
N THR E 540 42.75 45.82 1.45
CA THR E 540 43.39 47.13 1.54
C THR E 540 44.78 47.03 2.14
N ALA E 541 44.97 46.16 3.13
CA ALA E 541 46.28 46.06 3.75
C ALA E 541 47.29 45.38 2.85
N ALA E 542 46.83 44.50 1.97
CA ALA E 542 47.75 43.86 1.05
C ALA E 542 48.08 44.81 -0.09
N ARG E 543 47.07 45.50 -0.58
CA ARG E 543 47.22 46.33 -1.77
C ARG E 543 48.03 47.56 -1.44
N GLU E 544 48.02 47.97 -0.17
CA GLU E 544 48.88 49.06 0.26
C GLU E 544 50.35 48.66 0.20
N MET E 545 50.67 47.41 0.52
CA MET E 545 52.03 46.90 0.34
C MET E 545 52.13 46.42 -1.10
N LEU E 546 52.24 47.39 -2.01
CA LEU E 546 52.01 47.12 -3.43
C LEU E 546 53.23 46.48 -4.10
N HIS E 547 54.33 47.22 -4.17
CA HIS E 547 55.50 46.81 -4.93
C HIS E 547 56.76 47.01 -4.09
N SER E 548 56.71 46.49 -2.86
CA SER E 548 57.84 46.63 -1.94
C SER E 548 59.17 46.07 -2.46
N PRO E 549 59.23 44.91 -3.13
CA PRO E 549 60.57 44.60 -3.67
C PRO E 549 60.83 45.32 -4.99
N MET F 1 63.41 19.74 22.14
CA MET F 1 62.20 20.52 21.90
C MET F 1 61.00 19.74 22.39
N ALA F 2 60.98 18.44 22.12
CA ALA F 2 59.88 17.59 22.56
C ALA F 2 59.79 17.59 24.08
N VAL F 3 58.67 18.11 24.59
CA VAL F 3 58.49 18.20 26.03
C VAL F 3 58.24 16.81 26.61
N GLN F 4 58.82 16.55 27.78
CA GLN F 4 58.61 15.30 28.48
C GLN F 4 57.76 15.58 29.71
N LEU F 5 56.76 14.74 29.94
CA LEU F 5 55.89 14.86 31.09
C LEU F 5 56.09 13.65 31.99
N VAL F 6 56.09 13.88 33.30
CA VAL F 6 56.19 12.82 34.28
C VAL F 6 55.12 13.02 35.33
N GLU F 7 54.42 11.95 35.68
CA GLU F 7 53.35 12.02 36.65
C GLU F 7 53.85 11.55 38.01
N SER F 8 53.02 11.80 39.03
CA SER F 8 53.30 11.35 40.39
C SER F 8 52.01 11.39 41.17
N GLY F 9 51.93 10.53 42.19
CA GLY F 9 50.72 10.32 42.96
C GLY F 9 50.24 8.88 42.82
N GLY F 10 48.93 8.74 42.65
CA GLY F 10 48.39 7.43 42.34
C GLY F 10 48.31 6.53 43.56
N GLY F 11 48.24 5.24 43.29
CA GLY F 11 48.14 4.25 44.35
C GLY F 11 46.70 3.88 44.65
N LEU F 12 46.36 3.85 45.93
CA LEU F 12 45.05 3.35 46.34
C LEU F 12 44.58 4.09 47.57
N VAL F 13 43.26 4.25 47.66
CA VAL F 13 42.59 4.88 48.78
C VAL F 13 41.26 4.15 49.03
N GLN F 14 40.53 4.61 50.02
CA GLN F 14 39.23 4.09 50.38
C GLN F 14 38.14 4.91 49.72
N PRO F 15 36.95 4.33 49.52
CA PRO F 15 35.83 5.10 48.97
C PRO F 15 35.48 6.26 49.89
N GLY F 16 35.49 7.46 49.32
CA GLY F 16 35.43 8.67 50.12
C GLY F 16 36.83 9.01 50.53
N GLY F 17 37.28 10.22 50.22
CA GLY F 17 38.65 10.59 50.52
C GLY F 17 39.32 11.27 49.35
N SER F 18 40.34 12.07 49.63
CA SER F 18 40.96 12.92 48.63
C SER F 18 42.33 12.38 48.22
N LEU F 19 42.82 12.92 47.11
CA LEU F 19 44.14 12.59 46.59
C LEU F 19 44.57 13.73 45.68
N ARG F 20 45.87 13.87 45.47
CA ARG F 20 46.39 14.88 44.57
C ARG F 20 47.44 14.28 43.67
N LEU F 21 47.28 14.50 42.36
CA LEU F 21 48.21 14.02 41.37
C LEU F 21 49.00 15.21 40.82
N SER F 22 50.26 14.96 40.48
CA SER F 22 51.12 16.02 39.98
C SER F 22 51.70 15.60 38.63
N CYS F 23 51.91 16.57 37.77
CA CYS F 23 52.50 16.33 36.47
C CYS F 23 53.52 17.41 36.17
N ALA F 24 54.77 17.01 35.98
CA ALA F 24 55.87 17.95 35.80
C ALA F 24 56.42 17.84 34.38
N ALA F 25 56.75 18.99 33.81
CA ALA F 25 57.17 19.11 32.42
C ALA F 25 58.64 19.49 32.35
N SER F 26 59.14 19.55 31.12
CA SER F 26 60.55 19.85 30.87
C SER F 26 60.81 21.33 30.65
N VAL F 27 59.77 22.10 30.34
CA VAL F 27 59.89 23.51 30.05
C VAL F 27 58.94 24.26 30.97
N SER F 28 58.85 25.58 30.76
CA SER F 28 57.89 26.37 31.51
C SER F 28 56.48 25.99 31.06
N ILE F 29 55.60 25.74 32.02
CA ILE F 29 54.22 25.43 31.68
C ILE F 29 53.55 26.64 31.04
N SER F 30 53.93 27.85 31.45
CA SER F 30 53.29 29.06 30.98
C SER F 30 53.46 29.32 29.49
N ARG F 31 54.25 28.50 28.80
CA ARG F 31 54.38 28.60 27.35
C ARG F 31 53.40 27.69 26.63
N ILE F 32 52.94 26.64 27.29
CA ILE F 32 52.11 25.64 26.65
C ILE F 32 50.69 26.18 26.54
N TYR F 33 50.06 25.92 25.39
CA TYR F 33 48.72 26.45 25.15
C TYR F 33 47.69 25.80 26.05
N VAL F 34 47.50 24.49 25.92
CA VAL F 34 46.56 23.77 26.77
C VAL F 34 47.25 22.60 27.43
N MET F 35 46.79 22.26 28.62
CA MET F 35 47.20 21.03 29.28
C MET F 35 45.95 20.34 29.83
N ALA F 36 46.03 19.03 29.98
CA ALA F 36 44.81 18.29 30.28
C ALA F 36 45.15 16.99 30.99
N TRP F 37 44.16 16.47 31.70
CA TRP F 37 44.27 15.18 32.37
C TRP F 37 43.28 14.23 31.73
N TYR F 38 43.68 12.98 31.55
CA TYR F 38 42.85 12.00 30.88
C TYR F 38 42.78 10.75 31.74
N ARG F 39 41.73 9.97 31.52
CA ARG F 39 41.41 8.85 32.39
C ARG F 39 41.00 7.68 31.51
N GLN F 40 41.66 6.54 31.68
CA GLN F 40 41.28 5.34 30.94
C GLN F 40 41.04 4.21 31.91
N ALA F 41 39.80 3.76 31.96
CA ALA F 41 39.38 2.64 32.76
C ALA F 41 39.63 1.35 32.01
N PRO F 42 39.90 0.25 32.72
CA PRO F 42 40.11 -1.03 32.04
C PRO F 42 38.83 -1.49 31.36
N GLY F 43 38.96 -1.83 30.08
CA GLY F 43 37.83 -2.26 29.29
C GLY F 43 37.10 -1.19 28.55
N LYS F 44 37.56 0.06 28.60
CA LYS F 44 36.95 1.15 27.85
C LYS F 44 38.05 2.03 27.27
N GLN F 45 37.63 3.08 26.58
CA GLN F 45 38.55 4.01 25.93
C GLN F 45 38.79 5.22 26.81
N ARG F 46 39.72 6.06 26.39
CA ARG F 46 40.10 7.22 27.17
C ARG F 46 38.97 8.23 27.21
N GLU F 47 39.08 9.17 28.16
CA GLU F 47 38.18 10.30 28.23
C GLU F 47 38.87 11.41 29.00
N VAL F 48 38.37 12.59 28.86
CA VAL F 48 38.95 13.76 29.48
C VAL F 48 38.36 13.93 30.86
N VAL F 49 39.13 14.50 31.78
CA VAL F 49 38.59 14.86 33.09
C VAL F 49 38.84 16.31 33.46
N ALA F 50 39.84 16.99 32.91
CA ALA F 50 40.05 18.42 33.15
C ALA F 50 40.98 18.97 32.09
N VAL F 51 40.75 20.24 31.72
CA VAL F 51 41.64 20.96 30.82
C VAL F 51 41.90 22.33 31.42
N ILE F 52 42.98 22.96 30.96
CA ILE F 52 43.33 24.30 31.41
C ILE F 52 44.19 24.97 30.35
N ARG F 53 43.88 26.23 30.04
CA ARG F 53 44.56 26.94 28.98
C ARG F 53 45.64 27.85 29.55
N TYR F 54 46.25 28.63 28.66
CA TYR F 54 47.33 29.53 29.07
C TYR F 54 46.82 30.63 29.98
N ASP F 55 45.57 31.04 29.81
CA ASP F 55 45.00 32.10 30.64
C ASP F 55 44.29 31.55 31.86
N GLY F 56 44.38 30.26 32.12
CA GLY F 56 43.78 29.69 33.30
C GLY F 56 42.26 29.64 33.32
N THR F 57 41.64 29.27 32.21
CA THR F 57 40.22 28.98 32.19
C THR F 57 40.05 27.47 32.03
N THR F 58 39.26 26.87 32.90
CA THR F 58 39.19 25.42 32.99
C THR F 58 37.79 24.93 32.67
N ASN F 59 37.72 23.75 32.05
CA ASN F 59 36.47 23.11 31.72
C ASN F 59 36.48 21.70 32.31
N TYR F 60 35.36 21.32 32.89
CA TYR F 60 35.23 19.98 33.42
C TYR F 60 34.02 19.30 32.80
N PRO F 61 34.06 17.98 32.64
CA PRO F 61 32.86 17.27 32.23
C PRO F 61 31.83 17.30 33.34
N ASP F 62 30.59 17.02 32.97
CA ASP F 62 29.51 17.04 33.95
C ASP F 62 29.62 15.93 34.98
N SER F 63 30.34 14.85 34.65
CA SER F 63 30.44 13.70 35.55
C SER F 63 31.17 14.05 36.82
N VAL F 64 32.17 14.93 36.76
CA VAL F 64 33.06 15.13 37.89
C VAL F 64 33.08 16.60 38.33
N LYS F 65 32.07 17.37 37.96
CA LYS F 65 32.01 18.76 38.38
C LYS F 65 31.80 18.84 39.89
N GLY F 66 32.56 19.74 40.52
CA GLY F 66 32.50 19.90 41.95
C GLY F 66 33.39 18.97 42.74
N ARG F 67 33.84 17.87 42.14
CA ARG F 67 34.65 16.91 42.86
C ARG F 67 36.13 16.99 42.51
N PHE F 68 36.49 17.52 41.34
CA PHE F 68 37.88 17.63 40.94
C PHE F 68 38.26 19.09 40.78
N THR F 69 39.57 19.35 40.71
CA THR F 69 40.05 20.71 40.54
C THR F 69 41.48 20.68 40.00
N ILE F 70 41.71 21.39 38.89
CA ILE F 70 43.00 21.41 38.22
C ILE F 70 43.64 22.80 38.38
N SER F 71 44.93 22.83 38.65
CA SER F 71 45.60 24.12 38.76
C SER F 71 47.04 24.06 38.29
N ARG F 72 47.51 25.20 37.77
CA ARG F 72 48.89 25.39 37.38
C ARG F 72 49.67 25.87 38.60
N ASP F 73 50.93 25.46 38.69
CA ASP F 73 51.82 26.03 39.69
C ASP F 73 53.01 26.61 38.96
N ASN F 74 53.21 27.91 39.07
CA ASN F 74 54.25 28.59 38.32
C ASN F 74 55.59 28.58 39.01
N ALA F 75 55.65 28.20 40.29
CA ALA F 75 56.93 28.16 40.99
C ALA F 75 57.83 27.09 40.39
N LYS F 76 57.34 25.85 40.39
CA LYS F 76 57.98 24.75 39.68
C LYS F 76 56.98 24.24 38.67
N ASN F 77 57.47 23.92 37.47
CA ASN F 77 56.59 23.61 36.35
C ASN F 77 55.84 22.32 36.65
N THR F 78 54.60 22.47 37.13
CA THR F 78 53.83 21.33 37.58
C THR F 78 52.35 21.70 37.59
N VAL F 79 51.54 20.85 36.98
CA VAL F 79 50.09 20.98 37.01
C VAL F 79 49.54 19.94 37.97
N TYR F 80 48.64 20.38 38.85
CA TYR F 80 48.05 19.55 39.89
C TYR F 80 46.61 19.22 39.57
N LEU F 81 46.20 18.01 39.96
CA LEU F 81 44.81 17.60 39.96
C LEU F 81 44.43 17.18 41.37
N GLN F 82 43.32 17.70 41.87
CA GLN F 82 42.86 17.46 43.22
C GLN F 82 41.53 16.73 43.14
N MET F 83 41.46 15.56 43.76
CA MET F 83 40.32 14.66 43.70
C MET F 83 39.75 14.55 45.11
N ASN F 84 38.60 15.16 45.34
CA ASN F 84 38.14 15.36 46.71
C ASN F 84 37.24 14.24 47.21
N SER F 85 36.11 14.02 46.55
CA SER F 85 35.15 13.01 46.96
C SER F 85 35.16 11.90 45.94
N LEU F 86 35.62 10.73 46.35
CA LEU F 86 35.85 9.64 45.41
C LEU F 86 34.74 8.61 45.48
N LYS F 87 34.49 8.00 44.33
CA LYS F 87 33.51 6.96 44.12
C LYS F 87 34.22 5.65 43.85
N PRO F 88 33.51 4.52 43.85
CA PRO F 88 34.18 3.27 43.47
C PRO F 88 34.52 3.20 41.99
N GLU F 89 33.74 3.82 41.12
CA GLU F 89 34.01 3.75 39.70
C GLU F 89 35.11 4.67 39.22
N ASP F 90 35.68 5.48 40.12
CA ASP F 90 36.76 6.39 39.72
C ASP F 90 38.12 5.74 39.90
N THR F 91 38.27 4.54 39.35
CA THR F 91 39.53 3.80 39.41
C THR F 91 39.97 3.47 38.01
N ALA F 92 41.18 3.90 37.65
CA ALA F 92 41.63 3.84 36.26
C ALA F 92 43.10 4.22 36.22
N VAL F 93 43.66 4.24 35.02
CA VAL F 93 44.98 4.81 34.81
C VAL F 93 44.79 6.24 34.33
N TYR F 94 45.58 7.15 34.89
CA TYR F 94 45.45 8.56 34.57
C TYR F 94 46.69 9.02 33.81
N TYR F 95 46.47 9.89 32.82
CA TYR F 95 47.55 10.39 31.99
C TYR F 95 47.55 11.92 31.97
N CYS F 96 48.74 12.47 31.83
CA CYS F 96 48.96 13.89 31.66
C CYS F 96 49.17 14.19 30.18
N ASN F 97 48.62 15.28 29.71
CA ASN F 97 48.66 15.61 28.29
C ASN F 97 49.05 17.05 28.09
N ALA F 98 50.08 17.27 27.28
CA ALA F 98 50.45 18.58 26.78
C ALA F 98 49.57 18.85 25.57
N ASN F 99 49.99 19.77 24.68
CA ASN F 99 49.12 20.47 23.74
C ASN F 99 48.02 19.63 23.13
N VAL F 100 48.36 18.70 22.25
CA VAL F 100 47.49 17.55 22.01
C VAL F 100 48.36 16.30 21.94
N GLU F 101 49.43 16.39 21.13
CA GLU F 101 50.18 15.23 20.70
C GLU F 101 50.83 14.49 21.86
N THR F 102 51.61 15.19 22.66
CA THR F 102 52.47 14.51 23.62
C THR F 102 51.69 13.99 24.81
N TRP F 103 52.00 12.77 25.21
CA TRP F 103 51.37 12.09 26.32
C TRP F 103 52.37 11.86 27.44
N GLY F 104 51.85 11.45 28.58
CA GLY F 104 52.66 10.91 29.66
C GLY F 104 52.66 9.41 29.61
N GLN F 105 53.01 8.80 30.74
CA GLN F 105 53.01 7.34 30.83
C GLN F 105 51.90 6.79 31.71
N GLY F 106 51.33 7.60 32.60
CA GLY F 106 50.17 7.17 33.35
C GLY F 106 50.52 6.72 34.75
N THR F 107 49.51 6.74 35.61
CA THR F 107 49.60 6.31 37.01
C THR F 107 48.30 5.62 37.37
N GLN F 108 48.39 4.48 38.05
CA GLN F 108 47.22 3.69 38.37
C GLN F 108 46.60 4.24 39.65
N VAL F 109 45.27 4.28 39.70
CA VAL F 109 44.54 4.79 40.85
C VAL F 109 43.38 3.84 41.14
N THR F 110 43.30 3.38 42.40
CA THR F 110 42.29 2.41 42.80
C THR F 110 41.65 2.81 44.13
N VAL F 111 40.39 2.42 44.28
CA VAL F 111 39.58 2.80 45.43
C VAL F 111 38.89 1.56 46.03
N SER F 112 39.32 1.16 47.21
CA SER F 112 38.74 0.04 47.96
C SER F 112 39.31 0.06 49.38
N SER F 113 39.02 -1.00 50.14
CA SER F 113 39.57 -1.17 51.48
C SER F 113 41.09 -1.17 51.52
N PRO G 324 90.83 16.58 2.02
CA PRO G 324 91.32 15.77 3.14
C PRO G 324 90.27 15.56 4.23
N ASP G 325 90.70 15.64 5.48
CA ASP G 325 89.80 15.47 6.62
C ASP G 325 88.98 16.72 6.90
N ASP G 326 89.44 17.87 6.44
CA ASP G 326 88.68 19.11 6.58
C ASP G 326 87.41 19.05 5.75
N LEU G 327 87.48 18.41 4.59
CA LEU G 327 86.34 18.28 3.69
C LEU G 327 85.24 17.43 4.31
N GLN G 328 85.60 16.47 5.17
CA GLN G 328 84.62 15.64 5.85
C GLN G 328 83.70 16.45 6.75
N ARG G 329 84.16 17.57 7.31
CA ARG G 329 83.24 18.41 8.08
C ARG G 329 82.16 19.04 7.21
N LEU G 330 82.42 19.27 5.92
CA LEU G 330 81.42 19.85 5.04
C LEU G 330 80.51 18.81 4.40
N VAL G 331 80.62 17.55 4.80
CA VAL G 331 79.85 16.46 4.22
C VAL G 331 78.45 16.31 4.81
N PRO G 332 78.23 16.43 6.14
CA PRO G 332 76.83 16.37 6.59
C PRO G 332 76.11 17.70 6.63
N LEU G 333 76.82 18.85 6.56
CA LEU G 333 76.17 20.15 6.65
C LEU G 333 75.03 20.31 5.63
N LEU G 334 75.15 19.66 4.48
CA LEU G 334 74.15 19.73 3.41
C LEU G 334 72.80 19.21 3.87
N ASP G 335 72.75 18.35 4.89
CA ASP G 335 71.50 17.82 5.41
C ASP G 335 70.70 18.83 6.22
N SER G 336 71.13 20.09 6.26
CA SER G 336 70.49 21.10 7.08
C SER G 336 69.08 21.43 6.60
N ASN G 337 68.26 21.91 7.52
CA ASN G 337 66.89 22.26 7.20
C ASN G 337 66.79 23.60 6.48
N ARG G 338 67.64 24.55 6.85
CA ARG G 338 67.56 25.89 6.28
C ARG G 338 68.28 25.94 4.93
N LEU G 339 67.96 26.98 4.16
CA LEU G 339 68.45 27.09 2.80
C LEU G 339 69.87 27.62 2.73
N GLU G 340 70.20 28.64 3.53
CA GLU G 340 71.47 29.35 3.40
C GLU G 340 72.66 28.44 3.67
N ALA G 341 72.54 27.54 4.64
CA ALA G 341 73.61 26.58 4.92
C ALA G 341 73.90 25.70 3.71
N GLN G 342 72.84 25.17 3.10
CA GLN G 342 72.97 24.35 1.90
C GLN G 342 73.60 25.14 0.76
N CYS G 343 73.15 26.39 0.58
CA CYS G 343 73.67 27.24 -0.48
C CYS G 343 75.16 27.51 -0.33
N ILE G 344 75.61 27.86 0.89
CA ILE G 344 77.02 28.19 1.03
C ILE G 344 77.87 26.93 0.96
N GLY G 345 77.36 25.79 1.45
CA GLY G 345 78.13 24.56 1.36
C GLY G 345 78.34 24.18 -0.09
N ALA G 346 77.28 24.33 -0.91
CA ALA G 346 77.40 24.00 -2.31
C ALA G 346 78.33 24.96 -3.02
N PHE G 347 78.25 26.26 -2.70
CA PHE G 347 79.16 27.23 -3.31
C PHE G 347 80.61 26.88 -3.01
N TYR G 348 80.94 26.57 -1.74
CA TYR G 348 82.30 26.19 -1.39
C TYR G 348 82.77 24.96 -2.14
N LEU G 349 82.03 23.84 -2.02
CA LEU G 349 82.46 22.60 -2.66
C LEU G 349 82.61 22.76 -4.16
N CYS G 350 81.64 23.42 -4.82
CA CYS G 350 81.74 23.61 -6.25
C CYS G 350 82.93 24.50 -6.63
N ALA G 351 83.22 25.51 -5.81
CA ALA G 351 84.34 26.42 -6.09
C ALA G 351 85.68 25.70 -5.96
N GLU G 352 85.84 24.88 -4.91
CA GLU G 352 87.11 24.16 -4.83
C GLU G 352 87.17 23.02 -5.83
N ALA G 353 86.02 22.50 -6.27
CA ALA G 353 86.06 21.53 -7.36
C ALA G 353 86.58 22.18 -8.62
N ALA G 354 86.07 23.37 -8.94
CA ALA G 354 86.57 24.12 -10.09
C ALA G 354 88.05 24.45 -9.96
N ILE G 355 88.51 24.69 -8.72
CA ILE G 355 89.94 24.94 -8.51
C ILE G 355 90.78 23.69 -8.74
N LYS G 356 90.37 22.56 -8.16
CA LYS G 356 91.11 21.30 -8.21
C LYS G 356 90.86 20.52 -9.49
N SER G 357 90.03 21.04 -10.38
CA SER G 357 89.65 20.33 -11.60
C SER G 357 90.73 20.36 -12.67
N LEU G 358 91.47 21.46 -12.83
CA LEU G 358 92.44 21.53 -13.91
C LEU G 358 93.65 20.66 -13.62
N GLN G 359 94.10 20.58 -12.36
CA GLN G 359 95.18 19.66 -12.03
C GLN G 359 94.72 18.21 -12.15
N GLY G 360 95.62 17.28 -11.90
CA GLY G 360 95.30 15.89 -11.97
C GLY G 360 94.53 15.40 -10.76
N LYS G 361 94.61 16.10 -9.63
CA LYS G 361 93.97 15.52 -8.44
C LYS G 361 92.47 15.83 -8.42
N THR G 362 91.73 14.83 -8.88
CA THR G 362 90.27 14.75 -8.82
C THR G 362 89.82 13.57 -7.98
N LYS G 363 90.77 12.76 -7.51
CA LYS G 363 90.51 11.52 -6.80
C LYS G 363 90.13 11.75 -5.33
N VAL G 364 90.38 12.95 -4.82
CA VAL G 364 89.93 13.29 -3.47
C VAL G 364 88.40 13.21 -3.37
N PHE G 365 87.69 13.70 -4.40
CA PHE G 365 86.23 13.57 -4.38
C PHE G 365 85.78 12.12 -4.40
N SER G 366 86.57 11.24 -5.01
CA SER G 366 86.24 9.81 -4.99
C SER G 366 86.34 9.24 -3.58
N ASP G 367 87.53 9.27 -2.99
CA ASP G 367 87.71 8.54 -1.74
C ASP G 367 87.09 9.22 -0.53
N ILE G 368 86.69 10.50 -0.63
CA ILE G 368 85.96 11.11 0.50
C ILE G 368 84.46 10.89 0.42
N GLY G 369 83.95 10.38 -0.70
CA GLY G 369 82.55 10.04 -0.80
C GLY G 369 81.59 11.21 -0.89
N ALA G 370 82.05 12.40 -1.27
CA ALA G 370 81.14 13.52 -1.44
C ALA G 370 80.31 13.37 -2.71
N ILE G 371 80.86 12.68 -3.72
CA ILE G 371 80.18 12.47 -4.99
C ILE G 371 78.88 11.71 -4.78
N GLN G 372 78.81 10.83 -3.77
CA GLN G 372 77.59 10.08 -3.53
C GLN G 372 76.47 11.00 -3.06
N SER G 373 76.79 11.94 -2.16
CA SER G 373 75.78 12.89 -1.70
C SER G 373 75.36 13.85 -2.81
N LEU G 374 76.32 14.25 -3.64
CA LEU G 374 75.98 15.10 -4.79
C LEU G 374 75.08 14.37 -5.78
N LYS G 375 75.41 13.12 -6.14
CA LYS G 375 74.55 12.34 -7.02
C LYS G 375 73.21 12.05 -6.37
N ARG G 376 73.14 12.08 -5.04
CA ARG G 376 71.87 11.95 -4.33
C ARG G 376 71.01 13.19 -4.54
N LEU G 377 71.49 14.36 -4.13
CA LEU G 377 70.64 15.53 -3.95
C LEU G 377 70.24 16.24 -5.23
N VAL G 378 70.81 15.87 -6.39
CA VAL G 378 70.49 16.61 -7.60
C VAL G 378 69.09 16.25 -8.11
N SER G 379 68.67 15.02 -7.93
CA SER G 379 67.33 14.61 -8.34
C SER G 379 66.34 14.93 -7.22
N TYR G 380 65.12 15.27 -7.63
CA TYR G 380 64.05 15.72 -6.73
C TYR G 380 64.49 16.88 -5.86
N SER G 381 64.83 17.99 -6.52
CA SER G 381 65.20 19.20 -5.81
C SER G 381 64.64 20.39 -6.59
N THR G 382 63.88 21.22 -5.90
CA THR G 382 63.32 22.43 -6.49
C THR G 382 64.01 23.60 -5.80
N ASN G 383 65.22 23.90 -6.27
CA ASN G 383 66.03 24.97 -5.70
C ASN G 383 67.05 25.30 -6.78
N GLY G 384 66.86 26.44 -7.45
CA GLY G 384 67.66 26.74 -8.62
C GLY G 384 69.14 26.92 -8.32
N THR G 385 69.45 27.61 -7.22
CA THR G 385 70.86 27.85 -6.89
C THR G 385 71.59 26.56 -6.53
N LYS G 386 71.11 25.79 -5.54
CA LYS G 386 71.87 24.63 -5.10
C LYS G 386 71.94 23.55 -6.18
N SER G 387 70.82 23.31 -6.88
CA SER G 387 70.83 22.31 -7.94
C SER G 387 71.72 22.74 -9.10
N ALA G 388 71.68 24.04 -9.46
CA ALA G 388 72.56 24.53 -10.51
C ALA G 388 74.02 24.38 -10.13
N LEU G 389 74.34 24.65 -8.85
CA LEU G 389 75.71 24.52 -8.39
C LEU G 389 76.15 23.06 -8.36
N ALA G 390 75.26 22.17 -7.95
CA ALA G 390 75.57 20.75 -7.94
C ALA G 390 75.79 20.24 -9.36
N LYS G 391 74.99 20.72 -10.31
CA LYS G 391 75.17 20.33 -11.70
C LYS G 391 76.49 20.83 -12.24
N ARG G 392 76.84 22.08 -11.92
CA ARG G 392 78.12 22.62 -12.37
C ARG G 392 79.27 21.83 -11.75
N ALA G 393 79.15 21.45 -10.48
CA ALA G 393 80.19 20.65 -9.84
C ALA G 393 80.35 19.29 -10.50
N LEU G 394 79.24 18.61 -10.77
CA LEU G 394 79.31 17.28 -11.38
C LEU G 394 79.87 17.35 -12.79
N ARG G 395 79.35 18.26 -13.61
CA ARG G 395 79.83 18.41 -14.97
C ARG G 395 81.28 18.89 -15.06
N LEU G 396 81.81 19.53 -14.01
CA LEU G 396 83.24 19.79 -14.02
C LEU G 396 84.07 18.53 -13.78
N LEU G 397 83.56 17.57 -12.99
CA LEU G 397 84.36 16.36 -12.76
C LEU G 397 84.17 15.33 -13.87
N GLY G 398 83.52 15.69 -14.98
CA GLY G 398 83.32 14.77 -16.07
C GLY G 398 82.27 13.70 -15.85
N GLU G 399 81.47 13.80 -14.79
CA GLU G 399 80.42 12.82 -14.58
C GLU G 399 79.15 13.22 -15.31
N GLU G 400 78.11 12.40 -15.16
CA GLU G 400 76.81 12.63 -15.77
C GLU G 400 75.79 12.87 -14.66
N VAL G 401 74.91 13.84 -14.87
CA VAL G 401 73.91 14.13 -13.85
C VAL G 401 72.81 13.08 -13.90
N PRO G 402 72.32 12.59 -12.78
CA PRO G 402 71.17 11.70 -12.78
C PRO G 402 69.89 12.45 -13.08
N ARG G 403 68.88 11.67 -13.40
CA ARG G 403 67.55 12.19 -13.64
C ARG G 403 66.58 11.24 -12.97
N PRO G 404 65.44 11.75 -12.47
CA PRO G 404 64.48 10.90 -11.78
C PRO G 404 63.89 9.85 -12.71
N ILE G 405 63.34 8.81 -12.11
CA ILE G 405 62.71 7.74 -12.84
C ILE G 405 61.24 7.77 -12.44
N LEU G 406 60.47 8.41 -13.19
CA LEU G 406 59.09 8.70 -12.93
C LEU G 406 58.17 7.71 -13.63
N PRO G 407 56.98 7.46 -13.07
CA PRO G 407 56.06 6.53 -13.71
C PRO G 407 55.52 7.08 -15.02
N SER G 408 55.39 6.21 -16.00
CA SER G 408 54.76 6.59 -17.26
C SER G 408 53.26 6.34 -17.13
N VAL G 409 52.63 7.23 -16.35
CA VAL G 409 51.20 7.12 -16.09
C VAL G 409 50.33 7.08 -17.34
N PRO G 410 50.45 8.01 -18.31
CA PRO G 410 49.45 8.05 -19.38
C PRO G 410 49.51 6.89 -20.34
N SER G 411 50.41 5.94 -20.17
CA SER G 411 50.36 4.68 -20.89
C SER G 411 50.38 3.59 -19.83
N TRP G 412 49.22 3.33 -19.25
CA TRP G 412 49.04 2.29 -18.25
C TRP G 412 47.89 1.42 -18.69
N LYS G 413 47.70 0.32 -18.00
CA LYS G 413 46.54 -0.51 -18.25
C LYS G 413 45.81 -0.73 -16.94
N GLU G 414 44.84 -1.63 -16.93
CA GLU G 414 44.03 -1.80 -15.72
C GLU G 414 44.81 -2.44 -14.59
N ALA G 415 45.82 -3.26 -14.92
CA ALA G 415 46.58 -3.93 -13.87
C ALA G 415 47.38 -2.92 -13.06
N GLU G 416 47.99 -1.95 -13.72
CA GLU G 416 48.78 -0.96 -13.01
C GLU G 416 47.88 -0.03 -12.21
N VAL G 417 46.71 0.29 -12.76
CA VAL G 417 45.77 1.11 -12.02
C VAL G 417 45.35 0.40 -10.74
N GLN G 418 45.09 -0.90 -10.82
CA GLN G 418 44.66 -1.61 -9.63
C GLN G 418 45.77 -1.75 -8.61
N THR G 419 47.00 -2.00 -9.04
CA THR G 419 48.07 -2.04 -8.05
C THR G 419 48.34 -0.66 -7.46
N TRP G 420 48.08 0.41 -8.21
CA TRP G 420 48.22 1.74 -7.64
C TRP G 420 47.17 1.96 -6.56
N LEU G 421 45.97 1.45 -6.79
CA LEU G 421 44.92 1.56 -5.79
C LEU G 421 45.25 0.74 -4.56
N GLN G 422 45.94 -0.38 -4.73
CA GLN G 422 46.44 -1.11 -3.57
C GLN G 422 47.46 -0.27 -2.82
N GLN G 423 48.30 0.44 -3.55
CA GLN G 423 49.40 1.17 -2.94
C GLN G 423 48.91 2.35 -2.12
N ILE G 424 47.99 3.14 -2.67
CA ILE G 424 47.58 4.34 -1.94
C ILE G 424 46.64 4.04 -0.79
N GLY G 425 46.08 2.83 -0.71
CA GLY G 425 45.20 2.50 0.37
C GLY G 425 43.73 2.52 0.03
N PHE G 426 43.36 2.80 -1.21
CA PHE G 426 41.96 2.75 -1.59
C PHE G 426 41.59 1.40 -2.15
N SER G 427 41.96 0.33 -1.43
CA SER G 427 41.80 -1.02 -1.97
C SER G 427 40.35 -1.47 -1.99
N LYS G 428 39.43 -0.73 -1.37
CA LYS G 428 38.06 -1.16 -1.29
C LYS G 428 37.28 -0.78 -2.54
N TYR G 429 37.92 -0.03 -3.43
CA TYR G 429 37.29 0.40 -4.66
C TYR G 429 37.87 -0.31 -5.88
N CYS G 430 38.78 -1.27 -5.69
CA CYS G 430 39.42 -1.94 -6.82
C CYS G 430 38.44 -2.71 -7.67
N GLU G 431 37.29 -3.10 -7.12
CA GLU G 431 36.30 -3.79 -7.91
C GLU G 431 35.66 -2.87 -8.93
N SER G 432 35.20 -1.70 -8.49
CA SER G 432 34.51 -0.77 -9.38
C SER G 432 35.43 -0.29 -10.48
N PHE G 433 36.68 0.06 -10.14
CA PHE G 433 37.64 0.49 -11.13
C PHE G 433 38.00 -0.62 -12.11
N ARG G 434 37.69 -1.87 -11.80
CA ARG G 434 37.87 -2.96 -12.75
C ARG G 434 36.68 -3.15 -13.66
N GLU G 435 35.49 -2.89 -13.16
CA GLU G 435 34.29 -3.14 -13.96
C GLU G 435 34.17 -2.11 -15.06
N GLN G 436 34.50 -0.87 -14.77
CA GLN G 436 34.47 0.21 -15.73
C GLN G 436 35.70 0.24 -16.63
N GLN G 437 36.71 -0.60 -16.33
CA GLN G 437 37.94 -0.70 -17.10
C GLN G 437 38.68 0.64 -17.16
N VAL G 438 38.86 1.26 -16.00
CA VAL G 438 39.59 2.52 -15.94
C VAL G 438 41.07 2.27 -16.14
N ASP G 439 41.68 2.97 -17.07
CA ASP G 439 43.11 2.87 -17.32
C ASP G 439 43.73 4.26 -17.16
N GLY G 440 45.01 4.37 -17.54
CA GLY G 440 45.78 5.55 -17.21
C GLY G 440 45.26 6.82 -17.85
N ASP G 441 44.88 6.74 -19.12
CA ASP G 441 44.33 7.90 -19.81
C ASP G 441 43.00 8.30 -19.21
N LEU G 442 42.20 7.32 -18.81
CA LEU G 442 40.93 7.63 -18.18
C LEU G 442 41.11 8.01 -16.73
N LEU G 443 42.17 7.51 -16.10
CA LEU G 443 42.46 7.90 -14.73
C LEU G 443 42.85 9.37 -14.63
N LEU G 444 43.65 9.84 -15.57
CA LEU G 444 44.13 11.21 -15.46
C LEU G 444 43.09 12.24 -15.84
N ARG G 445 41.90 11.82 -16.26
CA ARG G 445 40.85 12.75 -16.67
C ARG G 445 39.58 12.55 -15.86
N LEU G 446 39.72 12.09 -14.62
CA LEU G 446 38.55 11.88 -13.78
C LEU G 446 38.05 13.18 -13.20
N THR G 447 36.74 13.30 -13.08
CA THR G 447 36.09 14.42 -12.43
C THR G 447 35.29 13.89 -11.25
N GLU G 448 34.59 14.79 -10.57
CA GLU G 448 33.83 14.38 -9.40
C GLU G 448 32.54 13.67 -9.75
N GLU G 449 31.99 13.91 -10.94
CA GLU G 449 30.75 13.24 -11.31
C GLU G 449 30.98 11.77 -11.59
N GLU G 450 32.10 11.43 -12.24
CA GLU G 450 32.41 10.04 -12.46
C GLU G 450 32.73 9.33 -11.16
N LEU G 451 33.35 10.03 -10.21
CA LEU G 451 33.64 9.41 -8.93
C LEU G 451 32.36 9.17 -8.16
N GLN G 452 31.50 10.17 -8.09
CA GLN G 452 30.35 10.10 -7.21
C GLN G 452 29.27 9.19 -7.77
N THR G 453 28.96 9.33 -9.06
CA THR G 453 27.80 8.65 -9.61
C THR G 453 28.06 7.16 -9.81
N ASP G 454 29.08 6.81 -10.58
CA ASP G 454 29.26 5.43 -11.01
C ASP G 454 30.43 4.70 -10.40
N LEU G 455 31.41 5.39 -9.85
CA LEU G 455 32.46 4.67 -9.15
C LEU G 455 32.15 4.48 -7.68
N GLY G 456 31.15 5.17 -7.15
CA GLY G 456 30.61 4.88 -5.84
C GLY G 456 31.19 5.66 -4.67
N MET G 457 32.10 6.59 -4.90
CA MET G 457 32.64 7.39 -3.80
C MET G 457 31.61 8.43 -3.43
N LYS G 458 30.75 8.11 -2.48
CA LYS G 458 29.65 9.00 -2.14
C LYS G 458 30.10 10.17 -1.29
N SER G 459 30.88 9.91 -0.25
CA SER G 459 31.20 10.93 0.73
C SER G 459 32.27 11.88 0.22
N GLY G 460 32.04 13.19 0.40
CA GLY G 460 32.97 14.19 -0.09
C GLY G 460 34.34 14.12 0.53
N ILE G 461 34.43 13.61 1.76
CA ILE G 461 35.73 13.44 2.40
C ILE G 461 36.56 12.41 1.66
N THR G 462 35.93 11.31 1.24
CA THR G 462 36.67 10.27 0.55
C THR G 462 37.14 10.75 -0.81
N ARG G 463 36.28 11.51 -1.51
CA ARG G 463 36.71 12.07 -2.78
C ARG G 463 37.82 13.09 -2.60
N LYS G 464 37.80 13.83 -1.50
CA LYS G 464 38.87 14.77 -1.24
C LYS G 464 40.19 14.07 -0.98
N ARG G 465 40.15 12.95 -0.25
CA ARG G 465 41.37 12.16 -0.05
C ARG G 465 41.87 11.57 -1.35
N PHE G 466 40.96 11.07 -2.18
CA PHE G 466 41.35 10.50 -3.46
C PHE G 466 42.01 11.54 -4.34
N PHE G 467 41.46 12.75 -4.37
CA PHE G 467 42.02 13.77 -5.22
C PHE G 467 43.36 14.26 -4.68
N ARG G 468 43.53 14.23 -3.35
CA ARG G 468 44.84 14.52 -2.79
C ARG G 468 45.89 13.56 -3.32
N GLU G 469 45.54 12.27 -3.34
CA GLU G 469 46.50 11.26 -3.81
C GLU G 469 46.74 11.39 -5.31
N LEU G 470 45.68 11.66 -6.06
CA LEU G 470 45.79 11.80 -7.50
C LEU G 470 46.67 12.97 -7.85
N THR G 471 46.46 14.12 -7.22
CA THR G 471 47.30 15.28 -7.54
C THR G 471 48.70 15.11 -7.01
N GLU G 472 48.92 14.19 -6.09
CA GLU G 472 50.32 13.90 -5.76
C GLU G 472 50.95 13.05 -6.84
N LEU G 473 50.18 12.14 -7.43
CA LEU G 473 50.70 11.32 -8.52
C LEU G 473 50.96 12.14 -9.78
N LYS G 474 50.06 13.07 -10.08
CA LYS G 474 50.13 13.80 -11.35
C LYS G 474 51.34 14.70 -11.42
N THR G 475 51.82 15.20 -10.29
CA THR G 475 53.01 16.04 -10.33
C THR G 475 54.28 15.23 -10.51
N PHE G 476 54.22 13.93 -10.34
CA PHE G 476 55.40 13.08 -10.43
C PHE G 476 55.22 12.03 -11.50
N ALA G 477 54.68 12.39 -12.65
CA ALA G 477 54.49 11.45 -13.74
C ALA G 477 55.49 11.75 -14.85
N ASN G 478 55.48 10.91 -15.88
CA ASN G 478 56.40 11.03 -16.99
C ASN G 478 55.59 11.21 -18.27
N TYR G 479 55.51 12.44 -18.76
CA TYR G 479 54.67 12.79 -19.88
C TYR G 479 55.43 12.79 -21.20
N SER G 480 56.60 12.17 -21.24
CA SER G 480 57.47 12.31 -22.41
C SER G 480 56.88 11.66 -23.65
N THR G 481 56.06 10.62 -23.48
CA THR G 481 55.50 9.96 -24.65
C THR G 481 54.38 10.74 -25.31
N CYS G 482 53.93 11.84 -24.72
CA CYS G 482 52.83 12.60 -25.29
C CYS G 482 53.06 14.10 -25.34
N ASP G 483 54.13 14.61 -24.75
CA ASP G 483 54.38 16.03 -24.67
C ASP G 483 55.58 16.37 -25.55
N ARG G 484 55.31 16.97 -26.70
CA ARG G 484 56.38 17.27 -27.64
C ARG G 484 57.10 18.55 -27.28
N SER G 485 56.36 19.62 -27.02
CA SER G 485 56.92 20.94 -26.81
C SER G 485 57.52 21.13 -25.43
N ASN G 486 57.64 20.06 -24.64
CA ASN G 486 58.19 20.10 -23.28
C ASN G 486 57.46 21.10 -22.42
N LEU G 487 56.15 20.94 -22.33
CA LEU G 487 55.33 21.86 -21.56
C LEU G 487 55.50 21.65 -20.07
N ALA G 488 55.86 20.43 -19.66
CA ALA G 488 55.95 20.10 -18.24
C ALA G 488 57.03 20.92 -17.55
N ASP G 489 58.18 21.08 -18.18
CA ASP G 489 59.23 21.90 -17.59
C ASP G 489 58.83 23.37 -17.54
N TRP G 490 58.09 23.84 -18.54
CA TRP G 490 57.65 25.23 -18.52
C TRP G 490 56.69 25.47 -17.37
N LEU G 491 55.83 24.49 -17.08
CA LEU G 491 54.93 24.64 -15.94
C LEU G 491 55.67 24.47 -14.62
N GLY G 492 56.68 23.61 -14.59
CA GLY G 492 57.40 23.39 -13.35
C GLY G 492 58.30 24.56 -12.98
N SER G 493 58.77 25.31 -13.98
CA SER G 493 59.59 26.47 -13.70
C SER G 493 58.83 27.55 -12.98
N LEU G 494 57.53 27.69 -13.25
CA LEU G 494 56.71 28.63 -12.50
C LEU G 494 56.59 28.21 -11.05
N ASP G 495 56.07 27.02 -10.82
CA ASP G 495 55.77 26.52 -9.50
C ASP G 495 55.71 25.01 -9.62
N PRO G 496 56.37 24.26 -8.74
CA PRO G 496 56.29 22.80 -8.82
C PRO G 496 54.88 22.25 -8.65
N ARG G 497 53.98 22.99 -8.02
CA ARG G 497 52.60 22.52 -7.87
C ARG G 497 51.85 22.57 -9.18
N PHE G 498 52.39 23.22 -10.20
CA PHE G 498 51.64 23.48 -11.42
C PHE G 498 51.79 22.38 -12.44
N ARG G 499 52.78 21.51 -12.26
CA ARG G 499 53.07 20.45 -13.22
C ARG G 499 51.89 19.51 -13.39
N GLN G 500 51.07 19.38 -12.35
CA GLN G 500 49.88 18.55 -12.38
C GLN G 500 48.91 18.94 -13.48
N TYR G 501 48.99 20.14 -14.02
CA TYR G 501 48.01 20.49 -15.04
C TYR G 501 48.43 20.10 -16.44
N THR G 502 49.63 19.56 -16.63
CA THR G 502 50.16 19.46 -17.98
C THR G 502 49.33 18.58 -18.89
N TYR G 503 48.72 17.52 -18.36
CA TYR G 503 47.99 16.62 -19.23
C TYR G 503 46.72 17.26 -19.70
N GLY G 504 46.11 18.11 -18.87
CA GLY G 504 44.95 18.83 -19.33
C GLY G 504 45.26 19.83 -20.41
N LEU G 505 46.51 20.28 -20.49
CA LEU G 505 46.86 21.18 -21.57
C LEU G 505 47.21 20.42 -22.83
N VAL G 506 47.60 19.16 -22.75
CA VAL G 506 48.08 18.51 -23.95
C VAL G 506 46.95 17.78 -24.66
N SER G 507 46.14 17.03 -23.90
CA SER G 507 44.99 16.34 -24.47
C SER G 507 44.02 17.31 -25.12
N CYS G 508 43.89 18.52 -24.58
CA CYS G 508 43.05 19.52 -25.24
C CYS G 508 43.72 20.08 -26.48
N GLY G 509 45.03 19.96 -26.61
CA GLY G 509 45.68 20.33 -27.86
C GLY G 509 46.79 21.35 -27.79
N LEU G 510 46.91 22.05 -26.68
CA LEU G 510 47.85 23.17 -26.58
C LEU G 510 49.29 22.71 -26.66
N ASP G 511 50.19 23.67 -26.78
CA ASP G 511 51.63 23.46 -26.75
C ASP G 511 52.28 24.79 -26.43
N ARG G 512 53.61 24.77 -26.33
CA ARG G 512 54.34 25.95 -25.89
C ARG G 512 54.25 27.10 -26.88
N SER G 513 54.10 26.79 -28.17
CA SER G 513 54.09 27.86 -29.17
C SER G 513 52.78 28.61 -29.19
N LEU G 514 51.67 27.89 -29.24
CA LEU G 514 50.35 28.50 -29.38
C LEU G 514 49.66 28.70 -28.05
N LEU G 515 50.41 28.65 -26.95
CA LEU G 515 49.81 28.84 -25.65
C LEU G 515 49.43 30.29 -25.41
N HIS G 516 50.14 31.22 -26.03
CA HIS G 516 50.13 32.62 -25.65
C HIS G 516 48.85 33.35 -26.02
N ARG G 517 47.82 32.68 -26.53
CA ARG G 517 46.60 33.36 -26.90
C ARG G 517 45.39 32.57 -26.46
N VAL G 518 45.44 32.03 -25.25
CA VAL G 518 44.31 31.32 -24.69
C VAL G 518 43.64 32.26 -23.70
N SER G 519 42.34 32.09 -23.52
CA SER G 519 41.59 32.91 -22.59
C SER G 519 41.38 32.16 -21.29
N GLU G 520 40.97 32.89 -20.26
CA GLU G 520 40.69 32.27 -18.96
C GLU G 520 39.51 31.32 -19.07
N GLN G 521 38.47 31.74 -19.79
CA GLN G 521 37.28 30.92 -19.90
C GLN G 521 37.56 29.63 -20.66
N GLN G 522 38.64 29.59 -21.44
CA GLN G 522 39.04 28.34 -22.05
C GLN G 522 39.84 27.50 -21.07
N LEU G 523 40.62 28.13 -20.20
CA LEU G 523 41.34 27.41 -19.17
C LEU G 523 40.43 26.80 -18.12
N LEU G 524 39.22 27.33 -17.95
CA LEU G 524 38.43 26.83 -16.84
C LEU G 524 37.81 25.47 -17.15
N GLU G 525 37.11 25.31 -18.27
CA GLU G 525 36.43 24.04 -18.50
C GLU G 525 37.16 23.11 -19.46
N ASP G 526 38.05 23.61 -20.30
CA ASP G 526 38.76 22.68 -21.17
C ASP G 526 39.96 22.06 -20.48
N CYS G 527 40.84 22.88 -19.92
CA CYS G 527 42.01 22.36 -19.25
C CYS G 527 41.74 21.92 -17.83
N GLY G 528 40.53 22.13 -17.32
CA GLY G 528 40.17 21.64 -16.00
C GLY G 528 40.88 22.28 -14.85
N ILE G 529 41.29 23.54 -14.99
CA ILE G 529 41.91 24.27 -13.88
C ILE G 529 40.79 24.94 -13.09
N HIS G 530 40.76 24.68 -11.78
CA HIS G 530 39.66 25.16 -10.96
C HIS G 530 40.01 26.35 -10.09
N LEU G 531 41.20 26.37 -9.50
CA LEU G 531 41.58 27.49 -8.66
C LEU G 531 41.82 28.74 -9.51
N GLY G 532 41.15 29.82 -9.14
CA GLY G 532 41.30 31.07 -9.86
C GLY G 532 42.71 31.62 -9.80
N VAL G 533 43.41 31.37 -8.69
CA VAL G 533 44.75 31.90 -8.52
C VAL G 533 45.70 31.25 -9.52
N HIS G 534 45.54 29.95 -9.74
CA HIS G 534 46.42 29.26 -10.67
C HIS G 534 46.13 29.68 -12.10
N ARG G 535 44.85 29.88 -12.43
CA ARG G 535 44.48 30.41 -13.74
C ARG G 535 45.13 31.76 -13.97
N ALA G 536 45.07 32.64 -12.97
CA ALA G 536 45.60 33.98 -13.15
C ALA G 536 47.11 33.96 -13.31
N ARG G 537 47.80 33.15 -12.50
CA ARG G 537 49.25 33.10 -12.60
C ARG G 537 49.69 32.50 -13.92
N ILE G 538 48.98 31.49 -14.40
CA ILE G 538 49.31 30.87 -15.67
C ILE G 538 49.05 31.84 -16.81
N LEU G 539 47.95 32.58 -16.74
CA LEU G 539 47.63 33.55 -17.78
C LEU G 539 48.67 34.64 -17.87
N THR G 540 49.06 35.21 -16.74
CA THR G 540 50.05 36.28 -16.79
C THR G 540 51.41 35.77 -17.25
N ALA G 541 51.79 34.57 -16.82
CA ALA G 541 53.11 34.06 -17.20
C ALA G 541 53.14 33.63 -18.66
N ALA G 542 52.01 33.22 -19.21
CA ALA G 542 51.97 32.86 -20.62
C ALA G 542 51.93 34.11 -21.47
N ARG G 543 51.12 35.08 -21.06
CA ARG G 543 50.86 36.26 -21.85
C ARG G 543 52.09 37.16 -21.87
N GLU G 544 52.92 37.05 -20.83
CA GLU G 544 54.20 37.75 -20.82
C GLU G 544 55.14 37.20 -21.89
N MET G 545 55.13 35.90 -22.11
CA MET G 545 55.89 35.30 -23.21
C MET G 545 55.00 35.40 -24.45
N LEU G 546 54.92 36.62 -24.99
CA LEU G 546 53.87 36.93 -25.96
C LEU G 546 54.21 36.43 -27.36
N HIS G 547 55.26 36.98 -27.96
CA HIS G 547 55.59 36.72 -29.36
C HIS G 547 57.07 36.41 -29.49
N SER G 548 57.54 35.48 -28.65
CA SER G 548 58.95 35.10 -28.65
C SER G 548 59.47 34.59 -30.00
N PRO G 549 58.75 33.78 -30.79
CA PRO G 549 59.37 33.51 -32.09
C PRO G 549 59.09 34.63 -33.09
N MET H 1 66.96 0.52 -20.06
CA MET H 1 66.19 1.50 -19.31
C MET H 1 65.28 0.77 -18.33
N ALA H 2 64.66 -0.31 -18.78
CA ALA H 2 63.78 -1.09 -17.92
C ALA H 2 64.55 -1.66 -16.75
N VAL H 3 64.20 -1.21 -15.55
CA VAL H 3 64.88 -1.65 -14.35
C VAL H 3 64.53 -3.10 -14.04
N GLN H 4 65.52 -3.86 -13.61
CA GLN H 4 65.33 -5.24 -13.20
C GLN H 4 65.47 -5.32 -11.69
N LEU H 5 64.55 -6.03 -11.05
CA LEU H 5 64.58 -6.24 -9.61
C LEU H 5 64.80 -7.71 -9.32
N VAL H 6 65.61 -7.98 -8.30
CA VAL H 6 65.86 -9.35 -7.86
C VAL H 6 65.72 -9.40 -6.35
N GLU H 7 65.01 -10.41 -5.88
CA GLU H 7 64.77 -10.56 -4.44
C GLU H 7 65.74 -11.58 -3.85
N SER H 8 65.77 -11.61 -2.52
CA SER H 8 66.58 -12.58 -1.79
C SER H 8 66.05 -12.65 -0.36
N GLY H 9 66.26 -13.82 0.25
CA GLY H 9 65.71 -14.11 1.56
C GLY H 9 64.76 -15.30 1.47
N GLY H 10 63.64 -15.18 2.15
CA GLY H 10 62.60 -16.18 2.02
C GLY H 10 62.90 -17.45 2.79
N GLY H 11 62.24 -18.52 2.37
CA GLY H 11 62.42 -19.81 3.01
C GLY H 11 61.37 -20.05 4.08
N LEU H 12 61.82 -20.52 5.24
CA LEU H 12 60.89 -20.93 6.28
C LEU H 12 61.47 -20.65 7.65
N VAL H 13 60.58 -20.35 8.60
CA VAL H 13 60.93 -20.10 9.98
C VAL H 13 59.82 -20.65 10.87
N GLN H 14 59.97 -20.50 12.16
CA GLN H 14 59.01 -20.93 13.16
C GLN H 14 58.10 -19.77 13.54
N PRO H 15 56.90 -20.06 14.03
CA PRO H 15 56.03 -18.98 14.51
C PRO H 15 56.68 -18.21 15.65
N GLY H 16 56.78 -16.90 15.46
CA GLY H 16 57.61 -16.09 16.33
C GLY H 16 59.02 -16.14 15.81
N GLY H 17 59.61 -14.99 15.54
CA GLY H 17 60.94 -14.96 14.96
C GLY H 17 61.03 -13.99 13.80
N SER H 18 62.23 -13.51 13.51
CA SER H 18 62.43 -12.45 12.54
C SER H 18 63.05 -12.99 11.26
N LEU H 19 63.00 -12.15 10.23
CA LEU H 19 63.58 -12.45 8.92
C LEU H 19 63.79 -11.12 8.22
N ARG H 20 64.70 -11.10 7.25
CA ARG H 20 64.95 -9.91 6.47
C ARG H 20 65.03 -10.27 4.99
N LEU H 21 64.25 -9.56 4.18
CA LEU H 21 64.24 -9.76 2.74
C LEU H 21 64.94 -8.58 2.07
N SER H 22 65.61 -8.86 0.97
CA SER H 22 66.35 -7.84 0.25
C SER H 22 65.89 -7.81 -1.19
N CYS H 23 65.90 -6.61 -1.77
CA CYS H 23 65.53 -6.42 -3.17
C CYS H 23 66.52 -5.47 -3.82
N ALA H 24 67.22 -5.95 -4.83
CA ALA H 24 68.27 -5.19 -5.50
C ALA H 24 67.85 -4.82 -6.91
N ALA H 25 68.19 -3.61 -7.32
CA ALA H 25 67.77 -3.04 -8.58
C ALA H 25 68.97 -2.87 -9.51
N SER H 26 68.69 -2.43 -10.73
CA SER H 26 69.72 -2.27 -11.75
C SER H 26 70.30 -0.86 -11.79
N VAL H 27 69.62 0.11 -11.19
CA VAL H 27 70.05 1.49 -11.20
C VAL H 27 70.10 1.97 -9.75
N SER H 28 70.38 3.26 -9.58
CA SER H 28 70.34 3.84 -8.25
C SER H 28 68.91 3.88 -7.76
N ILE H 29 68.70 3.41 -6.53
CA ILE H 29 67.35 3.46 -5.96
C ILE H 29 66.92 4.90 -5.76
N SER H 30 67.86 5.79 -5.46
CA SER H 30 67.54 7.17 -5.14
C SER H 30 66.94 7.94 -6.31
N ARG H 31 66.85 7.35 -7.49
CA ARG H 31 66.18 7.97 -8.63
C ARG H 31 64.73 7.55 -8.71
N ILE H 32 64.38 6.41 -8.14
CA ILE H 32 63.05 5.86 -8.28
C ILE H 32 62.10 6.60 -7.34
N TYR H 33 60.89 6.88 -7.83
CA TYR H 33 59.93 7.66 -7.05
C TYR H 33 59.44 6.87 -5.85
N VAL H 34 58.77 5.76 -6.09
CA VAL H 34 58.28 4.91 -5.00
C VAL H 34 58.74 3.49 -5.21
N MET H 35 58.95 2.80 -4.09
CA MET H 35 59.19 1.36 -4.12
C MET H 35 58.31 0.71 -3.05
N ALA H 36 57.99 -0.56 -3.25
CA ALA H 36 56.99 -1.17 -2.40
C ALA H 36 57.18 -2.68 -2.36
N TRP H 37 56.65 -3.28 -1.31
CA TRP H 37 56.66 -4.72 -1.14
C TRP H 37 55.22 -5.20 -1.17
N TYR H 38 54.98 -6.33 -1.82
CA TYR H 38 53.64 -6.86 -1.98
C TYR H 38 53.63 -8.31 -1.55
N ARG H 39 52.45 -8.80 -1.20
CA ARG H 39 52.29 -10.10 -0.58
C ARG H 39 51.09 -10.78 -1.19
N GLN H 40 51.27 -11.98 -1.73
CA GLN H 40 50.16 -12.74 -2.27
C GLN H 40 50.12 -14.10 -1.63
N ALA H 41 49.07 -14.35 -0.89
CA ALA H 41 48.79 -15.61 -0.24
C ALA H 41 48.11 -16.56 -1.24
N PRO H 42 48.32 -17.86 -1.10
CA PRO H 42 47.65 -18.81 -2.00
C PRO H 42 46.15 -18.78 -1.78
N GLY H 43 45.41 -18.63 -2.87
CA GLY H 43 43.98 -18.57 -2.82
C GLY H 43 43.38 -17.19 -2.68
N LYS H 44 44.21 -16.14 -2.69
CA LYS H 44 43.71 -14.76 -2.63
C LYS H 44 44.52 -13.91 -3.59
N GLN H 45 44.20 -12.62 -3.62
CA GLN H 45 44.84 -11.66 -4.50
C GLN H 45 45.94 -10.93 -3.74
N ARG H 46 46.70 -10.13 -4.49
CA ARG H 46 47.83 -9.43 -3.91
C ARG H 46 47.36 -8.35 -2.95
N GLU H 47 48.30 -7.87 -2.14
CA GLU H 47 48.06 -6.72 -1.29
C GLU H 47 49.40 -6.10 -0.93
N VAL H 48 49.34 -4.90 -0.47
CA VAL H 48 50.54 -4.14 -0.14
C VAL H 48 50.93 -4.44 1.29
N VAL H 49 52.23 -4.37 1.59
CA VAL H 49 52.68 -4.45 2.98
C VAL H 49 53.58 -3.30 3.39
N ALA H 50 54.27 -2.62 2.47
CA ALA H 50 55.05 -1.45 2.81
C ALA H 50 55.36 -0.66 1.54
N VAL H 51 55.42 0.66 1.67
CA VAL H 51 55.84 1.53 0.58
C VAL H 51 56.86 2.52 1.14
N ILE H 52 57.63 3.11 0.23
CA ILE H 52 58.62 4.12 0.61
C ILE H 52 58.90 5.01 -0.59
N ARG H 53 58.94 6.31 -0.37
CA ARG H 53 59.11 7.27 -1.44
C ARG H 53 60.56 7.72 -1.54
N TYR H 54 60.81 8.69 -2.43
CA TYR H 54 62.15 9.19 -2.63
C TYR H 54 62.67 9.93 -1.41
N ASP H 55 61.79 10.55 -0.65
CA ASP H 55 62.18 11.29 0.54
C ASP H 55 62.14 10.43 1.79
N GLY H 56 61.89 9.15 1.66
CA GLY H 56 61.90 8.26 2.81
C GLY H 56 60.76 8.44 3.79
N THR H 57 59.53 8.60 3.29
CA THR H 57 58.35 8.55 4.13
C THR H 57 57.61 7.27 3.80
N THR H 58 57.28 6.50 4.84
CA THR H 58 56.77 5.15 4.66
C THR H 58 55.37 5.03 5.22
N ASN H 59 54.56 4.19 4.57
CA ASN H 59 53.21 3.91 5.01
C ASN H 59 53.05 2.41 5.14
N TYR H 60 52.39 1.99 6.20
CA TYR H 60 52.12 0.60 6.42
C TYR H 60 50.64 0.37 6.59
N PRO H 61 50.11 -0.77 6.18
CA PRO H 61 48.73 -1.09 6.50
C PRO H 61 48.59 -1.33 7.99
N ASP H 62 47.34 -1.26 8.47
CA ASP H 62 47.08 -1.45 9.88
C ASP H 62 47.36 -2.88 10.34
N SER H 63 47.32 -3.84 9.42
CA SER H 63 47.50 -5.24 9.78
C SER H 63 48.89 -5.52 10.33
N VAL H 64 49.91 -4.84 9.83
CA VAL H 64 51.29 -5.20 10.13
C VAL H 64 52.06 -4.04 10.74
N LYS H 65 51.36 -3.05 11.27
CA LYS H 65 52.04 -1.93 11.91
C LYS H 65 52.75 -2.39 13.17
N GLY H 66 53.99 -1.93 13.33
CA GLY H 66 54.80 -2.31 14.46
C GLY H 66 55.58 -3.59 14.27
N ARG H 67 55.20 -4.43 13.33
CA ARG H 67 55.87 -5.70 13.14
C ARG H 67 56.82 -5.71 11.95
N PHE H 68 56.63 -4.83 10.97
CA PHE H 68 57.49 -4.78 9.79
C PHE H 68 58.19 -3.44 9.73
N THR H 69 59.23 -3.38 8.90
CA THR H 69 59.98 -2.13 8.73
C THR H 69 60.75 -2.16 7.41
N ILE H 70 60.55 -1.14 6.59
CA ILE H 70 61.16 -1.05 5.26
C ILE H 70 62.20 0.06 5.26
N SER H 71 63.34 -0.21 4.63
CA SER H 71 64.35 0.83 4.54
C SER H 71 65.17 0.76 3.26
N ARG H 72 65.62 1.91 2.80
CA ARG H 72 66.51 2.04 1.66
C ARG H 72 67.94 1.90 2.16
N ASP H 73 68.80 1.31 1.35
CA ASP H 73 70.23 1.32 1.63
C ASP H 73 70.93 1.95 0.43
N ASN H 74 71.58 3.08 0.66
CA ASN H 74 72.18 3.82 -0.42
C ASN H 74 73.59 3.36 -0.77
N ALA H 75 74.21 2.52 0.05
CA ALA H 75 75.54 2.03 -0.26
C ALA H 75 75.51 1.14 -1.50
N LYS H 76 74.72 0.08 -1.44
CA LYS H 76 74.41 -0.74 -2.59
C LYS H 76 72.92 -0.67 -2.81
N ASN H 77 72.50 -0.60 -4.07
CA ASN H 77 71.11 -0.32 -4.40
C ASN H 77 70.26 -1.50 -3.95
N THR H 78 69.64 -1.37 -2.78
CA THR H 78 68.91 -2.47 -2.18
C THR H 78 67.94 -1.93 -1.14
N VAL H 79 66.69 -2.35 -1.25
CA VAL H 79 65.67 -2.02 -0.27
C VAL H 79 65.42 -3.26 0.59
N TYR H 80 65.37 -3.06 1.89
CA TYR H 80 65.24 -4.13 2.87
C TYR H 80 63.85 -4.10 3.51
N LEU H 81 63.33 -5.28 3.80
CA LEU H 81 62.14 -5.45 4.62
C LEU H 81 62.50 -6.32 5.81
N GLN H 82 62.13 -5.86 7.00
CA GLN H 82 62.44 -6.53 8.25
C GLN H 82 61.14 -6.97 8.90
N MET H 83 61.03 -8.27 9.17
CA MET H 83 59.82 -8.91 9.66
C MET H 83 60.14 -9.46 11.04
N ASN H 84 59.61 -8.81 12.08
CA ASN H 84 60.11 -9.08 13.43
C ASN H 84 59.31 -10.17 14.15
N SER H 85 58.02 -9.94 14.35
CA SER H 85 57.17 -10.88 15.07
C SER H 85 56.21 -11.52 14.08
N LEU H 86 56.38 -12.81 13.85
CA LEU H 86 55.66 -13.48 12.78
C LEU H 86 54.49 -14.28 13.33
N LYS H 87 53.45 -14.38 12.52
CA LYS H 87 52.23 -15.11 12.80
C LYS H 87 52.15 -16.31 11.87
N PRO H 88 51.21 -17.23 12.09
CA PRO H 88 51.07 -18.33 11.13
C PRO H 88 50.48 -17.90 9.80
N GLU H 89 49.63 -16.86 9.78
CA GLU H 89 49.00 -16.45 8.54
C GLU H 89 49.90 -15.57 7.68
N ASP H 90 51.11 -15.26 8.13
CA ASP H 90 52.01 -14.44 7.34
C ASP H 90 52.91 -15.30 6.46
N THR H 91 52.30 -16.20 5.71
CA THR H 91 53.02 -17.10 4.80
C THR H 91 52.45 -16.93 3.41
N ALA H 92 53.32 -16.57 2.46
CA ALA H 92 52.86 -16.17 1.14
C ALA H 92 54.08 -16.03 0.24
N VAL H 93 53.83 -15.64 -1.00
CA VAL H 93 54.91 -15.23 -1.89
C VAL H 93 55.00 -13.71 -1.84
N TYR H 94 56.22 -13.20 -1.75
CA TYR H 94 56.45 -11.77 -1.62
C TYR H 94 57.12 -11.24 -2.88
N TYR H 95 56.71 -10.05 -3.30
CA TYR H 95 57.24 -9.43 -4.50
C TYR H 95 57.75 -8.04 -4.20
N CYS H 96 58.77 -7.65 -4.96
CA CYS H 96 59.34 -6.31 -4.94
C CYS H 96 58.78 -5.52 -6.10
N ASN H 97 58.49 -4.25 -5.88
CA ASN H 97 57.84 -3.44 -6.88
C ASN H 97 58.54 -2.09 -6.99
N ALA H 98 58.92 -1.74 -8.21
CA ALA H 98 59.39 -0.40 -8.55
C ALA H 98 58.15 0.42 -8.83
N ASN H 99 58.29 1.54 -9.57
CA ASN H 99 57.36 2.67 -9.55
C ASN H 99 55.89 2.29 -9.49
N VAL H 100 55.33 1.72 -10.53
CA VAL H 100 54.15 0.89 -10.39
C VAL H 100 54.31 -0.35 -11.26
N GLU H 101 54.70 -0.12 -12.51
CA GLU H 101 54.62 -1.14 -13.55
C GLU H 101 55.50 -2.34 -13.27
N THR H 102 56.78 -2.12 -13.03
CA THR H 102 57.72 -3.23 -13.01
C THR H 102 57.60 -4.03 -11.73
N TRP H 103 57.64 -5.35 -11.89
CA TRP H 103 57.55 -6.30 -10.80
C TRP H 103 58.84 -7.08 -10.66
N GLY H 104 58.94 -7.81 -9.56
CA GLY H 104 59.96 -8.83 -9.39
C GLY H 104 59.42 -10.19 -9.75
N GLN H 105 60.09 -11.23 -9.25
CA GLN H 105 59.63 -12.58 -9.47
C GLN H 105 59.09 -13.26 -8.23
N GLY H 106 59.44 -12.78 -7.05
CA GLY H 106 58.83 -13.27 -5.83
C GLY H 106 59.72 -14.28 -5.11
N THR H 107 59.45 -14.43 -3.81
CA THR H 107 60.14 -15.37 -2.94
C THR H 107 59.12 -15.94 -1.97
N GLN H 108 59.18 -17.25 -1.76
CA GLN H 108 58.19 -17.92 -0.92
C GLN H 108 58.63 -17.81 0.53
N VAL H 109 57.67 -17.60 1.42
CA VAL H 109 57.93 -17.47 2.85
C VAL H 109 56.90 -18.27 3.62
N THR H 110 57.38 -19.16 4.50
CA THR H 110 56.51 -20.05 5.25
C THR H 110 56.90 -20.09 6.72
N VAL H 111 55.90 -20.32 7.57
CA VAL H 111 56.05 -20.29 9.02
C VAL H 111 55.44 -21.54 9.65
N SER H 112 56.29 -22.43 10.17
CA SER H 112 55.87 -23.65 10.87
C SER H 112 57.10 -24.25 11.55
N SER H 113 56.94 -25.46 12.08
CA SER H 113 58.03 -26.21 12.69
C SER H 113 59.20 -26.44 11.74
N PRO I 324 75.47 1.41 -53.03
CA PRO I 324 76.19 0.18 -52.69
C PRO I 324 75.92 -0.26 -51.26
N ASP I 325 76.97 -0.75 -50.58
CA ASP I 325 76.87 -1.20 -49.21
C ASP I 325 76.84 -0.05 -48.21
N ASP I 326 77.33 1.12 -48.61
CA ASP I 326 77.27 2.31 -47.77
C ASP I 326 75.83 2.75 -47.58
N LEU I 327 75.01 2.59 -48.62
CA LEU I 327 73.60 2.96 -48.57
C LEU I 327 72.82 2.11 -47.59
N GLN I 328 73.24 0.87 -47.38
CA GLN I 328 72.59 -0.01 -46.41
C GLN I 328 72.68 0.52 -45.00
N ARG I 329 73.73 1.27 -44.65
CA ARG I 329 73.75 1.87 -43.31
C ARG I 329 72.67 2.93 -43.14
N LEU I 330 72.23 3.58 -44.21
CA LEU I 330 71.18 4.61 -44.10
C LEU I 330 69.78 4.02 -44.21
N VAL I 331 69.66 2.70 -44.24
CA VAL I 331 68.37 2.03 -44.41
C VAL I 331 67.59 1.86 -43.10
N PRO I 332 68.20 1.50 -41.95
CA PRO I 332 67.37 1.48 -40.73
C PRO I 332 67.32 2.79 -39.98
N LEU I 333 68.21 3.76 -40.24
CA LEU I 333 68.22 5.01 -39.49
C LEU I 333 66.85 5.71 -39.48
N LEU I 334 66.07 5.53 -40.55
CA LEU I 334 64.76 6.14 -40.69
C LEU I 334 63.80 5.68 -39.59
N ASP I 335 64.05 4.53 -38.97
CA ASP I 335 63.20 4.02 -37.90
C ASP I 335 63.40 4.75 -36.58
N SER I 336 64.18 5.82 -36.57
CA SER I 336 64.51 6.53 -35.34
C SER I 336 63.29 7.21 -34.73
N ASN I 337 63.35 7.42 -33.42
CA ASN I 337 62.25 8.06 -32.71
C ASN I 337 62.24 9.56 -32.90
N ARG I 338 63.42 10.18 -32.97
CA ARG I 338 63.52 11.62 -33.07
C ARG I 338 63.32 12.09 -34.51
N LEU I 339 63.01 13.38 -34.66
CA LEU I 339 62.66 13.91 -35.97
C LEU I 339 63.88 14.22 -36.82
N GLU I 340 64.93 14.81 -36.22
CA GLU I 340 66.06 15.33 -37.00
C GLU I 340 66.79 14.23 -37.75
N ALA I 341 66.92 13.04 -37.13
CA ALA I 341 67.56 11.92 -37.81
C ALA I 341 66.80 11.52 -39.06
N GLN I 342 65.48 11.42 -38.94
CA GLN I 342 64.62 11.11 -40.09
C GLN I 342 64.73 12.18 -41.17
N CYS I 343 64.73 13.45 -40.76
CA CYS I 343 64.83 14.55 -41.71
C CYS I 343 66.13 14.53 -42.50
N ILE I 344 67.26 14.32 -41.81
CA ILE I 344 68.53 14.36 -42.53
C ILE I 344 68.69 13.12 -43.39
N GLY I 345 68.18 11.97 -42.93
CA GLY I 345 68.29 10.77 -43.75
C GLY I 345 67.51 10.93 -45.04
N ALA I 346 66.31 11.53 -44.94
CA ALA I 346 65.49 11.75 -46.11
C ALA I 346 66.13 12.76 -47.05
N PHE I 347 66.71 13.83 -46.49
CA PHE I 347 67.39 14.82 -47.31
C PHE I 347 68.53 14.18 -48.10
N TYR I 348 69.38 13.39 -47.43
CA TYR I 348 70.48 12.70 -48.12
C TYR I 348 69.98 11.79 -49.23
N LEU I 349 69.10 10.83 -48.90
CA LEU I 349 68.64 9.88 -49.90
C LEU I 349 67.97 10.57 -51.08
N CYS I 350 67.11 11.56 -50.81
CA CYS I 350 66.45 12.27 -51.89
C CYS I 350 67.44 13.04 -52.75
N ALA I 351 68.47 13.63 -52.11
CA ALA I 351 69.46 14.40 -52.85
C ALA I 351 70.30 13.50 -53.77
N GLU I 352 70.73 12.33 -53.27
CA GLU I 352 71.48 11.47 -54.16
C GLU I 352 70.58 10.78 -55.17
N ALA I 353 69.29 10.64 -54.87
CA ALA I 353 68.37 10.16 -55.90
C ALA I 353 68.29 11.15 -57.04
N ALA I 354 68.14 12.45 -56.70
CA ALA I 354 68.13 13.49 -57.71
C ALA I 354 69.44 13.54 -58.49
N ILE I 355 70.56 13.21 -57.84
CA ILE I 355 71.85 13.17 -58.54
C ILE I 355 71.91 11.99 -59.50
N LYS I 356 71.54 10.79 -59.04
CA LYS I 356 71.63 9.55 -59.81
C LYS I 356 70.46 9.35 -60.76
N SER I 357 69.52 10.29 -60.78
CA SER I 357 68.31 10.16 -61.59
C SER I 357 68.54 10.43 -63.07
N LEU I 358 69.38 11.40 -63.43
CA LEU I 358 69.54 11.73 -64.84
C LEU I 358 70.32 10.65 -65.58
N GLN I 359 71.33 10.04 -64.95
CA GLN I 359 72.01 8.91 -65.59
C GLN I 359 71.09 7.70 -65.68
N GLY I 360 71.59 6.63 -66.27
CA GLY I 360 70.82 5.43 -66.39
C GLY I 360 70.74 4.63 -65.11
N LYS I 361 71.67 4.83 -64.18
CA LYS I 361 71.65 3.94 -63.01
C LYS I 361 70.64 4.43 -61.97
N THR I 362 69.47 3.80 -62.04
CA THR I 362 68.39 3.91 -61.08
C THR I 362 68.11 2.57 -60.41
N LYS I 363 68.80 1.52 -60.83
CA LYS I 363 68.56 0.15 -60.39
C LYS I 363 69.18 -0.14 -59.03
N VAL I 364 70.07 0.74 -58.56
CA VAL I 364 70.60 0.60 -57.20
C VAL I 364 69.48 0.71 -56.17
N PHE I 365 68.53 1.65 -56.37
CA PHE I 365 67.39 1.74 -55.45
C PHE I 365 66.54 0.47 -55.47
N SER I 366 66.49 -0.22 -56.61
CA SER I 366 65.76 -1.48 -56.69
C SER I 366 66.42 -2.54 -55.82
N ASP I 367 67.66 -2.91 -56.14
CA ASP I 367 68.23 -4.09 -55.48
C ASP I 367 68.68 -3.83 -54.04
N ILE I 368 68.76 -2.57 -53.59
CA ILE I 368 69.06 -2.32 -52.18
C ILE I 368 67.80 -2.29 -51.32
N GLY I 369 66.62 -2.27 -51.92
CA GLY I 369 65.38 -2.32 -51.17
C GLY I 369 65.01 -1.09 -50.37
N ALA I 370 65.57 0.07 -50.72
CA ALA I 370 65.17 1.29 -50.02
C ALA I 370 63.78 1.76 -50.47
N ILE I 371 63.40 1.43 -51.70
CA ILE I 371 62.11 1.81 -52.26
C ILE I 371 60.98 1.22 -51.42
N GLN I 372 61.19 0.05 -50.81
CA GLN I 372 60.14 -0.56 -50.01
C GLN I 372 59.87 0.27 -48.75
N SER I 373 60.93 0.74 -48.09
CA SER I 373 60.76 1.58 -46.91
C SER I 373 60.16 2.93 -47.26
N LEU I 374 60.55 3.48 -48.41
CA LEU I 374 59.97 4.74 -48.87
C LEU I 374 58.47 4.57 -49.17
N LYS I 375 58.10 3.53 -49.91
CA LYS I 375 56.69 3.25 -50.17
C LYS I 375 55.93 2.94 -48.90
N ARG I 376 56.64 2.48 -47.86
CA ARG I 376 56.02 2.27 -46.55
C ARG I 376 55.68 3.61 -45.90
N LEU I 377 56.69 4.45 -45.67
CA LEU I 377 56.54 5.56 -44.75
C LEU I 377 55.78 6.76 -45.29
N VAL I 378 55.45 6.79 -46.58
CA VAL I 378 54.78 7.97 -47.14
C VAL I 378 53.32 8.03 -46.68
N SER I 379 52.66 6.88 -46.53
CA SER I 379 51.28 6.86 -46.06
C SER I 379 51.26 6.87 -44.54
N TYR I 380 50.24 7.52 -43.98
CA TYR I 380 50.08 7.74 -42.54
C TYR I 380 51.32 8.41 -41.95
N SER I 381 51.58 9.62 -42.42
CA SER I 381 52.68 10.42 -41.89
C SER I 381 52.24 11.87 -41.86
N THR I 382 52.33 12.48 -40.69
CA THR I 382 52.00 13.89 -40.52
C THR I 382 53.31 14.60 -40.20
N ASN I 383 54.07 14.88 -41.26
CA ASN I 383 55.37 15.52 -41.14
C ASN I 383 55.64 16.10 -42.53
N GLY I 384 55.52 17.42 -42.66
CA GLY I 384 55.58 18.02 -43.99
C GLY I 384 56.93 17.88 -44.67
N THR I 385 58.02 18.03 -43.92
CA THR I 385 59.35 17.93 -44.51
C THR I 385 59.66 16.51 -44.99
N LYS I 386 59.58 15.50 -44.12
CA LYS I 386 59.99 14.15 -44.51
C LYS I 386 59.07 13.58 -45.57
N SER I 387 57.75 13.78 -45.43
CA SER I 387 56.82 13.26 -46.42
C SER I 387 56.99 13.97 -47.76
N ALA I 388 57.22 15.29 -47.73
CA ALA I 388 57.46 16.01 -48.98
C ALA I 388 58.73 15.52 -49.65
N LEU I 389 59.77 15.24 -48.86
CA LEU I 389 61.03 14.76 -49.42
C LEU I 389 60.86 13.35 -49.98
N ALA I 390 60.11 12.51 -49.29
CA ALA I 390 59.86 11.15 -49.78
C ALA I 390 59.06 11.20 -51.07
N LYS I 391 58.10 12.12 -51.16
CA LYS I 391 57.31 12.24 -52.39
C LYS I 391 58.19 12.73 -53.54
N ARG I 392 59.07 13.69 -53.27
CA ARG I 392 59.98 14.18 -54.31
C ARG I 392 60.92 13.06 -54.75
N ALA I 393 61.39 12.25 -53.81
CA ALA I 393 62.26 11.12 -54.16
C ALA I 393 61.53 10.11 -55.03
N LEU I 394 60.31 9.75 -54.66
CA LEU I 394 59.57 8.75 -55.43
C LEU I 394 59.22 9.27 -56.82
N ARG I 395 58.70 10.48 -56.90
CA ARG I 395 58.35 11.06 -58.19
C ARG I 395 59.56 11.33 -59.09
N LEU I 396 60.77 11.44 -58.52
CA LEU I 396 61.94 11.48 -59.39
C LEU I 396 62.26 10.12 -59.99
N LEU I 397 61.99 9.02 -59.29
CA LEU I 397 62.29 7.72 -59.88
C LEU I 397 61.18 7.22 -60.79
N GLY I 398 60.19 8.06 -61.11
CA GLY I 398 59.10 7.66 -61.99
C GLY I 398 58.07 6.74 -61.38
N GLU I 399 58.08 6.55 -60.07
CA GLU I 399 57.07 5.72 -59.43
C GLU I 399 55.84 6.55 -59.07
N GLU I 400 54.87 5.89 -58.47
CA GLU I 400 53.62 6.51 -58.04
C GLU I 400 53.55 6.46 -56.52
N VAL I 401 53.09 7.55 -55.91
CA VAL I 401 53.01 7.58 -54.45
C VAL I 401 51.79 6.78 -54.00
N PRO I 402 51.89 5.99 -52.95
CA PRO I 402 50.71 5.33 -52.41
C PRO I 402 49.83 6.31 -51.66
N ARG I 403 48.61 5.87 -51.40
CA ARG I 403 47.66 6.62 -50.62
C ARG I 403 46.97 5.64 -49.69
N PRO I 404 46.57 6.08 -48.50
CA PRO I 404 45.93 5.17 -47.56
C PRO I 404 44.60 4.65 -48.08
N ILE I 405 44.16 3.55 -47.50
CA ILE I 405 42.90 2.93 -47.85
C ILE I 405 42.03 3.02 -46.60
N LEU I 406 41.25 4.00 -46.54
CA LEU I 406 40.45 4.36 -45.39
C LEU I 406 39.03 3.85 -45.53
N PRO I 407 38.36 3.58 -44.41
CA PRO I 407 36.98 3.11 -44.49
C PRO I 407 36.04 4.18 -44.99
N SER I 408 35.09 3.77 -45.82
CA SER I 408 34.04 4.68 -46.27
C SER I 408 32.90 4.62 -45.26
N VAL I 409 33.17 5.22 -44.11
CA VAL I 409 32.20 5.23 -43.01
C VAL I 409 30.83 5.80 -43.38
N PRO I 410 30.70 6.99 -43.99
CA PRO I 410 29.37 7.57 -44.13
C PRO I 410 28.47 6.86 -45.11
N SER I 411 28.92 5.80 -45.76
CA SER I 411 28.04 4.93 -46.53
C SER I 411 28.27 3.54 -45.99
N TRP I 412 27.63 3.24 -44.86
CA TRP I 412 27.69 1.95 -44.22
C TRP I 412 26.27 1.47 -43.99
N LYS I 413 26.14 0.23 -43.59
CA LYS I 413 24.82 -0.28 -43.20
C LYS I 413 24.94 -0.87 -41.82
N GLU I 414 23.89 -1.56 -41.36
CA GLU I 414 23.89 -2.05 -39.99
C GLU I 414 24.89 -3.17 -39.78
N ALA I 415 25.18 -3.94 -40.84
CA ALA I 415 26.11 -5.06 -40.69
C ALA I 415 27.51 -4.56 -40.39
N GLU I 416 27.94 -3.50 -41.07
CA GLU I 416 29.28 -2.98 -40.84
C GLU I 416 29.37 -2.30 -39.49
N VAL I 417 28.29 -1.64 -39.08
CA VAL I 417 28.28 -1.04 -37.75
C VAL I 417 28.43 -2.11 -36.69
N GLN I 418 27.74 -3.23 -36.86
CA GLN I 418 27.82 -4.26 -35.84
C GLN I 418 29.18 -4.93 -35.82
N THR I 419 29.78 -5.18 -36.98
CA THR I 419 31.12 -5.74 -36.95
C THR I 419 32.14 -4.73 -36.40
N TRP I 420 31.90 -3.44 -36.57
CA TRP I 420 32.78 -2.45 -35.96
C TRP I 420 32.67 -2.52 -34.45
N LEU I 421 31.46 -2.73 -33.95
CA LEU I 421 31.26 -2.84 -32.52
C LEU I 421 31.91 -4.12 -31.98
N GLN I 422 31.94 -5.18 -32.79
CA GLN I 422 32.72 -6.35 -32.39
C GLN I 422 34.19 -6.01 -32.32
N GLN I 423 34.66 -5.20 -33.26
CA GLN I 423 36.09 -4.92 -33.36
C GLN I 423 36.59 -4.08 -32.20
N ILE I 424 35.87 -3.02 -31.84
CA ILE I 424 36.37 -2.15 -30.79
C ILE I 424 36.20 -2.72 -29.40
N GLY I 425 35.41 -3.77 -29.23
CA GLY I 425 35.22 -4.36 -27.94
C GLY I 425 33.94 -4.01 -27.25
N PHE I 426 33.07 -3.23 -27.87
CA PHE I 426 31.78 -2.92 -27.26
C PHE I 426 30.71 -3.91 -27.72
N SER I 427 31.03 -5.20 -27.65
CA SER I 427 30.14 -6.20 -28.21
C SER I 427 28.87 -6.41 -27.39
N LYS I 428 28.79 -5.83 -26.20
CA LYS I 428 27.65 -6.07 -25.35
C LYS I 428 26.50 -5.13 -25.70
N TYR I 429 26.74 -4.20 -26.62
CA TYR I 429 25.72 -3.26 -27.04
C TYR I 429 25.23 -3.52 -28.45
N CYS I 430 25.69 -4.59 -29.09
CA CYS I 430 25.32 -4.88 -30.47
C CYS I 430 23.84 -5.13 -30.64
N GLU I 431 23.15 -5.53 -29.57
CA GLU I 431 21.70 -5.73 -29.66
C GLU I 431 20.98 -4.41 -29.82
N SER I 432 21.29 -3.44 -28.96
CA SER I 432 20.59 -2.15 -28.99
C SER I 432 20.85 -1.42 -30.29
N PHE I 433 22.09 -1.40 -30.75
CA PHE I 433 22.41 -0.78 -32.03
C PHE I 433 21.75 -1.47 -33.21
N ARG I 434 21.26 -2.69 -33.04
CA ARG I 434 20.49 -3.36 -34.08
C ARG I 434 19.02 -3.02 -34.04
N GLU I 435 18.48 -2.80 -32.84
CA GLU I 435 17.05 -2.55 -32.72
C GLU I 435 16.71 -1.18 -33.25
N GLN I 436 17.57 -0.19 -32.99
CA GLN I 436 17.37 1.16 -33.47
C GLN I 436 17.81 1.34 -34.91
N GLN I 437 18.44 0.33 -35.49
CA GLN I 437 18.92 0.35 -36.88
C GLN I 437 19.90 1.49 -37.13
N VAL I 438 20.90 1.60 -36.26
CA VAL I 438 21.92 2.62 -36.41
C VAL I 438 22.84 2.25 -37.56
N ASP I 439 23.03 3.16 -38.49
CA ASP I 439 23.93 2.96 -39.61
C ASP I 439 24.97 4.08 -39.61
N GLY I 440 25.76 4.14 -40.68
CA GLY I 440 26.94 4.99 -40.70
C GLY I 440 26.63 6.48 -40.57
N ASP I 441 25.61 6.93 -41.29
CA ASP I 441 25.22 8.33 -41.20
C ASP I 441 24.67 8.65 -39.82
N LEU I 442 23.95 7.72 -39.22
CA LEU I 442 23.46 7.96 -37.87
C LEU I 442 24.53 7.72 -36.85
N LEU I 443 25.51 6.88 -37.16
CA LEU I 443 26.63 6.67 -36.25
C LEU I 443 27.48 7.92 -36.13
N LEU I 444 27.73 8.60 -37.23
CA LEU I 444 28.62 9.75 -37.19
C LEU I 444 27.98 10.97 -36.58
N ARG I 445 26.71 10.92 -36.22
CA ARG I 445 26.02 12.07 -35.65
C ARG I 445 25.43 11.76 -34.29
N LEU I 446 26.07 10.86 -33.55
CA LEU I 446 25.58 10.52 -32.23
C LEU I 446 25.99 11.56 -31.20
N THR I 447 25.10 11.82 -30.26
CA THR I 447 25.37 12.69 -29.13
C THR I 447 25.23 11.87 -27.85
N GLU I 448 25.40 12.53 -26.71
CA GLU I 448 25.33 11.81 -25.44
C GLU I 448 23.91 11.49 -25.03
N GLU I 449 22.92 12.23 -25.51
CA GLU I 449 21.55 11.93 -25.12
C GLU I 449 21.05 10.66 -25.79
N GLU I 450 21.42 10.44 -27.04
CA GLU I 450 21.05 9.20 -27.70
C GLU I 450 21.76 8.01 -27.09
N LEU I 451 23.00 8.21 -26.64
CA LEU I 451 23.72 7.13 -26.00
C LEU I 451 23.10 6.79 -24.66
N GLN I 452 22.85 7.81 -23.85
CA GLN I 452 22.44 7.57 -22.47
C GLN I 452 21.00 7.11 -22.39
N THR I 453 20.09 7.76 -23.12
CA THR I 453 18.66 7.51 -22.92
C THR I 453 18.25 6.19 -23.54
N ASP I 454 18.47 6.02 -24.84
CA ASP I 454 17.87 4.89 -25.55
C ASP I 454 18.84 3.82 -26.01
N LEU I 455 20.13 4.11 -26.09
CA LEU I 455 21.07 3.04 -26.39
C LEU I 455 21.58 2.35 -25.12
N GLY I 456 21.35 2.93 -23.95
CA GLY I 456 21.59 2.23 -22.71
C GLY I 456 22.94 2.42 -22.06
N MET I 457 23.83 3.24 -22.61
CA MET I 457 25.11 3.47 -21.97
C MET I 457 24.90 4.44 -20.83
N LYS I 458 24.67 3.91 -19.63
CA LYS I 458 24.34 4.75 -18.50
C LYS I 458 25.57 5.45 -17.92
N SER I 459 26.64 4.70 -17.71
CA SER I 459 27.78 5.21 -16.98
C SER I 459 28.63 6.12 -17.85
N GLY I 460 29.02 7.28 -17.30
CA GLY I 460 29.80 8.25 -18.05
C GLY I 460 31.15 7.75 -18.48
N ILE I 461 31.73 6.82 -17.73
CA ILE I 461 33.00 6.23 -18.12
C ILE I 461 32.86 5.44 -19.41
N THR I 462 31.78 4.69 -19.55
CA THR I 462 31.59 3.90 -20.75
C THR I 462 31.34 4.79 -21.95
N ARG I 463 30.58 5.87 -21.77
CA ARG I 463 30.38 6.80 -22.86
C ARG I 463 31.68 7.49 -23.23
N LYS I 464 32.53 7.76 -22.26
CA LYS I 464 33.82 8.38 -22.55
C LYS I 464 34.71 7.45 -23.36
N ARG I 465 34.70 6.15 -23.01
CA ARG I 465 35.45 5.18 -23.81
C ARG I 465 34.91 5.07 -25.22
N PHE I 466 33.58 5.05 -25.35
CA PHE I 466 32.97 4.96 -26.67
C PHE I 466 33.34 6.15 -27.52
N PHE I 467 33.31 7.34 -26.94
CA PHE I 467 33.63 8.52 -27.73
C PHE I 467 35.10 8.57 -28.07
N ARG I 468 35.96 8.03 -27.22
CA ARG I 468 37.37 7.89 -27.57
C ARG I 468 37.53 7.06 -28.84
N GLU I 469 36.81 5.94 -28.90
CA GLU I 469 36.93 5.05 -30.06
C GLU I 469 36.32 5.70 -31.29
N LEU I 470 35.19 6.38 -31.11
CA LEU I 470 34.52 7.03 -32.23
C LEU I 470 35.39 8.12 -32.81
N THR I 471 35.99 8.97 -31.97
CA THR I 471 36.84 10.03 -32.50
C THR I 471 38.14 9.47 -33.06
N GLU I 472 38.50 8.24 -32.70
CA GLU I 472 39.63 7.66 -33.41
C GLU I 472 39.21 7.19 -34.79
N LEU I 473 37.99 6.69 -34.92
CA LEU I 473 37.49 6.29 -36.22
C LEU I 473 37.27 7.48 -37.15
N LYS I 474 36.75 8.57 -36.62
CA LYS I 474 36.35 9.70 -37.44
C LYS I 474 37.53 10.39 -38.08
N THR I 475 38.70 10.35 -37.46
CA THR I 475 39.86 10.95 -38.07
C THR I 475 40.44 10.11 -39.18
N PHE I 476 40.03 8.87 -39.29
CA PHE I 476 40.58 7.95 -40.29
C PHE I 476 39.49 7.41 -41.18
N ALA I 477 38.57 8.26 -41.61
CA ALA I 477 37.50 7.83 -42.49
C ALA I 477 37.72 8.38 -43.89
N ASN I 478 36.87 8.00 -44.82
CA ASN I 478 36.98 8.42 -46.21
C ASN I 478 35.72 9.17 -46.59
N TYR I 479 35.82 10.49 -46.65
CA TYR I 479 34.67 11.35 -46.87
C TYR I 479 34.51 11.74 -48.33
N SER I 480 35.16 11.03 -49.25
CA SER I 480 35.21 11.47 -50.63
C SER I 480 33.85 11.43 -51.30
N THR I 481 32.97 10.54 -50.87
CA THR I 481 31.67 10.45 -51.52
C THR I 481 30.73 11.57 -51.13
N CYS I 482 31.09 12.43 -50.18
CA CYS I 482 30.21 13.48 -49.73
C CYS I 482 30.87 14.85 -49.61
N ASP I 483 32.19 14.93 -49.75
CA ASP I 483 32.92 16.18 -49.56
C ASP I 483 33.45 16.65 -50.91
N ARG I 484 32.81 17.67 -51.47
CA ARG I 484 33.21 18.15 -52.80
C ARG I 484 34.40 19.08 -52.71
N SER I 485 34.34 20.06 -51.83
CA SER I 485 35.35 21.12 -51.76
C SER I 485 36.64 20.68 -51.09
N ASN I 486 36.79 19.39 -50.79
CA ASN I 486 37.97 18.83 -50.15
C ASN I 486 38.26 19.52 -48.81
N LEU I 487 37.25 19.52 -47.96
CA LEU I 487 37.39 20.19 -46.67
C LEU I 487 38.28 19.42 -45.72
N ALA I 488 38.35 18.10 -45.89
CA ALA I 488 39.10 17.25 -44.98
C ALA I 488 40.57 17.58 -44.98
N ASP I 489 41.15 17.81 -46.17
CA ASP I 489 42.56 18.18 -46.22
C ASP I 489 42.79 19.55 -45.62
N TRP I 490 41.84 20.47 -45.79
CA TRP I 490 42.00 21.80 -45.21
C TRP I 490 42.00 21.72 -43.69
N LEU I 491 41.18 20.84 -43.13
CA LEU I 491 41.18 20.67 -41.69
C LEU I 491 42.41 19.91 -41.21
N GLY I 492 42.89 18.97 -42.01
CA GLY I 492 44.06 18.21 -41.60
C GLY I 492 45.34 19.00 -41.67
N SER I 493 45.39 20.00 -42.55
CA SER I 493 46.58 20.83 -42.64
C SER I 493 46.77 21.68 -41.39
N LEU I 494 45.69 22.08 -40.73
CA LEU I 494 45.82 22.77 -39.46
C LEU I 494 46.39 21.86 -38.39
N ASP I 495 45.71 20.77 -38.13
CA ASP I 495 46.04 19.84 -37.07
C ASP I 495 45.41 18.52 -37.43
N PRO I 496 46.13 17.40 -37.35
CA PRO I 496 45.52 16.11 -37.65
C PRO I 496 44.37 15.74 -36.75
N ARG I 497 44.30 16.30 -35.55
CA ARG I 497 43.18 16.02 -34.66
C ARG I 497 41.89 16.66 -35.14
N PHE I 498 41.95 17.57 -36.10
CA PHE I 498 40.79 18.37 -36.47
C PHE I 498 39.97 17.73 -37.54
N ARG I 499 40.52 16.73 -38.22
CA ARG I 499 39.83 16.08 -39.34
C ARG I 499 38.53 15.45 -38.90
N GLN I 500 38.44 15.05 -37.63
CA GLN I 500 37.23 14.48 -37.07
C GLN I 500 36.02 15.38 -37.19
N TYR I 501 36.20 16.67 -37.38
CA TYR I 501 35.02 17.52 -37.43
C TYR I 501 34.41 17.63 -38.81
N THR I 502 35.03 17.04 -39.84
CA THR I 502 34.65 17.38 -41.21
C THR I 502 33.20 17.03 -41.52
N TYR I 503 32.68 15.95 -40.96
CA TYR I 503 31.33 15.57 -41.33
C TYR I 503 30.32 16.52 -40.73
N GLY I 504 30.61 17.06 -39.54
CA GLY I 504 29.74 18.06 -38.99
C GLY I 504 29.72 19.34 -39.79
N LEU I 505 30.78 19.61 -40.55
CA LEU I 505 30.75 20.78 -41.39
C LEU I 505 30.05 20.52 -42.71
N VAL I 506 29.95 19.28 -43.15
CA VAL I 506 29.42 19.07 -44.49
C VAL I 506 27.92 18.82 -44.44
N SER I 507 27.47 17.97 -43.51
CA SER I 507 26.06 17.71 -43.34
C SER I 507 25.29 18.99 -42.99
N CYS I 508 25.92 19.91 -42.27
CA CYS I 508 25.26 21.19 -42.02
C CYS I 508 25.26 22.08 -43.25
N GLY I 509 26.14 21.84 -44.21
CA GLY I 509 26.06 22.55 -45.46
C GLY I 509 27.29 23.30 -45.92
N LEU I 510 28.26 23.50 -45.03
CA LEU I 510 29.40 24.35 -45.33
C LEU I 510 30.28 23.75 -46.40
N ASP I 511 31.23 24.56 -46.86
CA ASP I 511 32.26 24.14 -47.81
C ASP I 511 33.39 25.15 -47.72
N ARG I 512 34.44 24.91 -48.50
CA ARG I 512 35.65 25.72 -48.39
C ARG I 512 35.43 27.16 -48.83
N SER I 513 34.49 27.38 -49.76
CA SER I 513 34.31 28.73 -50.27
C SER I 513 33.56 29.61 -49.28
N LEU I 514 32.44 29.13 -48.76
CA LEU I 514 31.59 29.94 -47.90
C LEU I 514 31.87 29.71 -46.43
N LEU I 515 33.03 29.14 -46.10
CA LEU I 515 33.37 28.91 -44.71
C LEU I 515 33.72 30.20 -44.01
N HIS I 516 34.23 31.19 -44.73
CA HIS I 516 34.92 32.33 -44.15
C HIS I 516 34.00 33.32 -43.45
N ARG I 517 32.71 33.04 -43.32
CA ARG I 517 31.82 33.97 -42.65
C ARG I 517 30.87 33.25 -41.72
N VAL I 518 31.40 32.31 -40.97
CA VAL I 518 30.61 31.61 -39.98
C VAL I 518 30.98 32.19 -38.62
N SER I 519 30.04 32.14 -37.70
CA SER I 519 30.28 32.66 -36.36
C SER I 519 30.58 31.50 -35.41
N GLU I 520 31.10 31.85 -34.24
CA GLU I 520 31.40 30.82 -33.23
C GLU I 520 30.12 30.17 -32.74
N GLN I 521 29.08 30.96 -32.53
CA GLN I 521 27.84 30.42 -32.02
C GLN I 521 27.17 29.50 -33.03
N GLN I 522 27.53 29.60 -34.31
CA GLN I 522 27.07 28.62 -35.27
C GLN I 522 27.93 27.37 -35.23
N LEU I 523 29.22 27.51 -34.95
CA LEU I 523 30.09 26.35 -34.80
C LEU I 523 29.77 25.53 -33.57
N LEU I 524 29.13 26.12 -32.56
CA LEU I 524 28.98 25.36 -31.33
C LEU I 524 27.87 24.32 -31.45
N GLU I 525 26.66 24.71 -31.86
CA GLU I 525 25.59 23.73 -31.85
C GLU I 525 25.28 23.13 -33.22
N ASP I 526 25.65 23.78 -34.31
CA ASP I 526 25.38 23.16 -35.60
C ASP I 526 26.45 22.16 -35.98
N CYS I 527 27.71 22.57 -35.96
CA CYS I 527 28.80 21.69 -36.33
C CYS I 527 29.23 20.77 -35.19
N GLY I 528 28.67 20.95 -34.00
CA GLY I 528 28.96 20.05 -32.89
C GLY I 528 30.36 20.10 -32.36
N ILE I 529 31.03 21.24 -32.46
CA ILE I 529 32.36 21.41 -31.89
C ILE I 529 32.20 21.88 -30.45
N HIS I 530 32.81 21.16 -29.52
CA HIS I 530 32.60 21.44 -28.11
C HIS I 530 33.76 22.15 -27.45
N LEU I 531 35.00 21.78 -27.78
CA LEU I 531 36.14 22.44 -27.16
C LEU I 531 36.29 23.85 -27.68
N GLY I 532 36.35 24.81 -26.76
CA GLY I 532 36.51 26.20 -27.14
C GLY I 532 37.80 26.48 -27.88
N VAL I 533 38.85 25.74 -27.55
CA VAL I 533 40.15 25.96 -28.18
C VAL I 533 40.08 25.61 -29.65
N HIS I 534 39.38 24.53 -29.99
CA HIS I 534 39.28 24.12 -31.38
C HIS I 534 38.42 25.09 -32.16
N ARG I 535 37.35 25.58 -31.55
CA ARG I 535 36.51 26.61 -32.17
C ARG I 535 37.34 27.85 -32.48
N ALA I 536 38.16 28.28 -31.53
CA ALA I 536 38.93 29.50 -31.72
C ALA I 536 39.98 29.32 -32.81
N ARG I 537 40.66 28.17 -32.82
CA ARG I 537 41.69 27.96 -33.83
C ARG I 537 41.08 27.85 -35.21
N ILE I 538 39.92 27.21 -35.32
CA ILE I 538 39.25 27.08 -36.60
C ILE I 538 38.75 28.43 -37.09
N LEU I 539 38.22 29.23 -36.16
CA LEU I 539 37.73 30.56 -36.53
C LEU I 539 38.84 31.45 -37.04
N THR I 540 39.98 31.48 -36.34
CA THR I 540 41.07 32.34 -36.79
C THR I 540 41.66 31.85 -38.11
N ALA I 541 41.77 30.54 -38.29
CA ALA I 541 42.37 30.03 -39.51
C ALA I 541 41.44 30.19 -40.69
N ALA I 542 40.12 30.18 -40.46
CA ALA I 542 39.19 30.38 -41.55
C ALA I 542 39.12 31.85 -41.90
N ARG I 543 39.08 32.70 -40.87
CA ARG I 543 38.85 34.11 -41.06
C ARG I 543 40.08 34.77 -41.67
N GLU I 544 41.25 34.16 -41.46
CA GLU I 544 42.46 34.62 -42.12
C GLU I 544 42.38 34.39 -43.63
N MET I 545 41.79 33.29 -44.06
CA MET I 545 41.56 33.04 -45.48
C MET I 545 40.23 33.72 -45.80
N LEU I 546 40.28 35.06 -45.90
CA LEU I 546 39.07 35.86 -45.89
C LEU I 546 38.36 35.88 -47.25
N HIS I 547 39.01 36.46 -48.25
CA HIS I 547 38.41 36.70 -49.54
C HIS I 547 39.34 36.25 -50.66
N SER I 548 39.84 35.02 -50.53
CA SER I 548 40.77 34.48 -51.50
C SER I 548 40.24 34.45 -52.95
N PRO I 549 38.97 34.10 -53.24
CA PRO I 549 38.61 34.26 -54.64
C PRO I 549 38.25 35.70 -54.98
N MET J 1 39.99 -1.57 -57.50
CA MET J 1 40.15 -0.86 -56.24
C MET J 1 39.75 -1.76 -55.10
N ALA J 2 38.65 -2.49 -55.27
CA ALA J 2 38.17 -3.40 -54.23
C ALA J 2 39.20 -4.47 -53.96
N VAL J 3 39.75 -4.46 -52.74
CA VAL J 3 40.78 -5.42 -52.38
C VAL J 3 40.16 -6.81 -52.24
N GLN J 4 40.90 -7.82 -52.69
CA GLN J 4 40.50 -9.21 -52.56
C GLN J 4 41.40 -9.87 -51.53
N LEU J 5 40.80 -10.64 -50.63
CA LEU J 5 41.54 -11.37 -49.62
C LEU J 5 41.36 -12.86 -49.85
N VAL J 6 42.43 -13.62 -49.67
CA VAL J 6 42.40 -15.06 -49.79
C VAL J 6 43.08 -15.67 -48.57
N GLU J 7 42.46 -16.67 -47.98
CA GLU J 7 43.01 -17.31 -46.80
C GLU J 7 43.72 -18.60 -47.18
N SER J 8 44.45 -19.15 -46.21
CA SER J 8 45.13 -20.42 -46.38
C SER J 8 45.48 -20.95 -45.01
N GLY J 9 45.58 -22.28 -44.92
CA GLY J 9 45.77 -22.98 -43.66
C GLY J 9 44.59 -23.89 -43.38
N GLY J 10 44.14 -23.88 -42.13
CA GLY J 10 42.93 -24.59 -41.79
C GLY J 10 43.14 -26.09 -41.68
N GLY J 11 42.04 -26.82 -41.79
CA GLY J 11 42.08 -28.26 -41.69
C GLY J 11 41.78 -28.74 -40.29
N LEU J 12 42.60 -29.67 -39.80
CA LEU J 12 42.31 -30.31 -38.52
C LEU J 12 43.60 -30.66 -37.81
N VAL J 13 43.54 -30.62 -36.49
CA VAL J 13 44.65 -30.96 -35.61
C VAL J 13 44.09 -31.65 -34.37
N GLN J 14 44.97 -32.02 -33.48
CA GLN J 14 44.64 -32.65 -32.21
C GLN J 14 44.55 -31.61 -31.12
N PRO J 15 43.80 -31.88 -30.04
CA PRO J 15 43.77 -30.95 -28.91
C PRO J 15 45.15 -30.77 -28.31
N GLY J 16 45.59 -29.53 -28.24
CA GLY J 16 46.97 -29.24 -27.93
C GLY J 16 47.75 -29.28 -29.23
N GLY J 17 48.44 -28.20 -29.56
CA GLY J 17 49.15 -28.16 -30.82
C GLY J 17 48.92 -26.85 -31.53
N SER J 18 49.84 -26.47 -32.40
CA SER J 18 49.84 -25.16 -33.04
C SER J 18 49.42 -25.25 -34.49
N LEU J 19 49.11 -24.08 -35.06
CA LEU J 19 48.75 -23.95 -36.46
C LEU J 19 48.98 -22.50 -36.84
N ARG J 20 49.15 -22.25 -38.13
CA ARG J 20 49.32 -20.89 -38.63
C ARG J 20 48.46 -20.67 -39.85
N LEU J 21 47.67 -19.60 -39.83
CA LEU J 21 46.81 -19.23 -40.93
C LEU J 21 47.37 -18.00 -41.61
N SER J 22 47.18 -17.93 -42.92
CA SER J 22 47.72 -16.84 -43.71
C SER J 22 46.59 -16.18 -44.48
N CYS J 23 46.70 -14.88 -44.68
CA CYS J 23 45.72 -14.12 -45.44
C CYS J 23 46.45 -13.15 -46.36
N ALA J 24 46.26 -13.30 -47.66
CA ALA J 24 46.96 -12.51 -48.66
C ALA J 24 45.99 -11.58 -49.37
N ALA J 25 46.45 -10.36 -49.63
CA ALA J 25 45.64 -9.30 -50.19
C ALA J 25 46.11 -8.96 -51.60
N SER J 26 45.38 -8.06 -52.24
CA SER J 26 45.66 -7.67 -53.61
C SER J 26 46.57 -6.46 -53.72
N VAL J 27 46.72 -5.69 -52.63
CA VAL J 27 47.52 -4.49 -52.62
C VAL J 27 48.52 -4.61 -51.47
N SER J 28 49.27 -3.54 -51.25
CA SER J 28 50.17 -3.50 -50.11
C SER J 28 49.35 -3.45 -48.82
N ILE J 29 49.70 -4.32 -47.86
CA ILE J 29 49.01 -4.29 -46.58
C ILE J 29 49.28 -2.99 -45.86
N SER J 30 50.47 -2.42 -46.04
CA SER J 30 50.89 -1.24 -45.30
C SER J 30 50.05 -0.01 -45.63
N ARG J 31 49.14 -0.09 -46.60
CA ARG J 31 48.22 1.00 -46.88
C ARG J 31 46.91 0.86 -46.13
N ILE J 32 46.56 -0.34 -45.72
CA ILE J 32 45.28 -0.61 -45.09
C ILE J 32 45.33 -0.15 -43.64
N TYR J 33 44.24 0.47 -43.19
CA TYR J 33 44.22 1.02 -41.84
C TYR J 33 44.21 -0.08 -40.80
N VAL J 34 43.17 -0.92 -40.78
CA VAL J 34 43.10 -2.03 -39.84
C VAL J 34 42.87 -3.31 -40.59
N MET J 35 43.38 -4.41 -40.04
CA MET J 35 43.06 -5.75 -40.51
C MET J 35 42.75 -6.61 -39.31
N ALA J 36 41.95 -7.65 -39.52
CA ALA J 36 41.44 -8.39 -38.38
C ALA J 36 41.09 -9.81 -38.79
N TRP J 37 41.05 -10.69 -37.79
CA TRP J 37 40.65 -12.06 -37.98
C TRP J 37 39.37 -12.29 -37.19
N TYR J 38 38.43 -13.04 -37.77
CA TYR J 38 37.15 -13.27 -37.15
C TYR J 38 36.88 -14.76 -37.14
N ARG J 39 35.99 -15.17 -36.23
CA ARG J 39 35.76 -16.57 -35.95
C ARG J 39 34.27 -16.79 -35.78
N GLN J 40 33.70 -17.71 -36.56
CA GLN J 40 32.29 -18.03 -36.43
C GLN J 40 32.14 -19.52 -36.21
N ALA J 41 31.65 -19.88 -35.04
CA ALA J 41 31.36 -21.24 -34.65
C ALA J 41 29.98 -21.63 -35.17
N PRO J 42 29.76 -22.91 -35.47
CA PRO J 42 28.44 -23.33 -35.92
C PRO J 42 27.41 -23.18 -34.80
N GLY J 43 26.30 -22.51 -35.13
CA GLY J 43 25.25 -22.27 -34.16
C GLY J 43 25.36 -20.98 -33.40
N LYS J 44 26.35 -20.14 -33.69
CA LYS J 44 26.48 -18.84 -33.05
C LYS J 44 26.87 -17.80 -34.09
N GLN J 45 27.05 -16.57 -33.63
CA GLN J 45 27.39 -15.45 -34.50
C GLN J 45 28.90 -15.22 -34.48
N ARG J 46 29.34 -14.31 -35.35
CA ARG J 46 30.76 -14.05 -35.47
C ARG J 46 31.31 -13.36 -34.23
N GLU J 47 32.64 -13.37 -34.12
CA GLU J 47 33.32 -12.61 -33.09
C GLU J 47 34.74 -12.38 -33.54
N VAL J 48 35.37 -11.45 -32.91
CA VAL J 48 36.72 -11.04 -33.25
C VAL J 48 37.70 -11.91 -32.49
N VAL J 49 38.88 -12.15 -33.07
CA VAL J 49 39.95 -12.81 -32.34
C VAL J 49 41.26 -12.05 -32.35
N ALA J 50 41.51 -11.17 -33.33
CA ALA J 50 42.71 -10.35 -33.33
C ALA J 50 42.52 -9.20 -34.30
N VAL J 51 43.09 -8.04 -33.96
CA VAL J 51 43.13 -6.90 -34.86
C VAL J 51 44.54 -6.35 -34.88
N ILE J 52 44.85 -5.57 -35.91
CA ILE J 52 46.16 -4.94 -36.04
C ILE J 52 46.03 -3.71 -36.93
N ARG J 53 46.63 -2.61 -36.51
CA ARG J 53 46.51 -1.35 -37.21
C ARG J 53 47.72 -1.10 -38.10
N TYR J 54 47.75 0.08 -38.71
CA TYR J 54 48.84 0.43 -39.62
C TYR J 54 50.16 0.56 -38.87
N ASP J 55 50.11 0.97 -37.61
CA ASP J 55 51.33 1.13 -36.82
C ASP J 55 51.68 -0.12 -36.03
N GLY J 56 50.97 -1.22 -36.25
CA GLY J 56 51.29 -2.45 -35.59
C GLY J 56 51.01 -2.50 -34.11
N THR J 57 49.87 -1.98 -33.67
CA THR J 57 49.41 -2.19 -32.31
C THR J 57 48.22 -3.13 -32.35
N THR J 58 48.27 -4.17 -31.54
CA THR J 58 47.32 -5.26 -31.63
C THR J 58 46.51 -5.39 -30.34
N ASN J 59 45.25 -5.78 -30.50
CA ASN J 59 44.35 -6.02 -29.39
C ASN J 59 43.79 -7.42 -29.50
N TYR J 60 43.73 -8.12 -28.38
CA TYR J 60 43.16 -9.44 -28.35
C TYR J 60 42.03 -9.48 -27.33
N PRO J 61 41.02 -10.30 -27.54
CA PRO J 61 40.02 -10.51 -26.50
C PRO J 61 40.64 -11.29 -25.35
N ASP J 62 39.98 -11.23 -24.20
CA ASP J 62 40.48 -11.90 -23.01
C ASP J 62 40.46 -13.41 -23.15
N SER J 63 39.59 -13.94 -24.02
CA SER J 63 39.44 -15.39 -24.16
C SER J 63 40.70 -16.05 -24.67
N VAL J 64 41.44 -15.38 -25.56
CA VAL J 64 42.53 -16.02 -26.27
C VAL J 64 43.86 -15.31 -26.06
N LYS J 65 43.97 -14.50 -25.01
CA LYS J 65 45.21 -13.81 -24.72
C LYS J 65 46.29 -14.81 -24.34
N GLY J 66 47.47 -14.63 -24.89
CA GLY J 66 48.58 -15.52 -24.64
C GLY J 66 48.63 -16.73 -25.55
N ARG J 67 47.53 -17.09 -26.19
CA ARG J 67 47.51 -18.28 -27.03
C ARG J 67 47.57 -17.97 -28.52
N PHE J 68 47.18 -16.77 -28.94
CA PHE J 68 47.22 -16.39 -30.35
C PHE J 68 48.19 -15.24 -30.55
N THR J 69 48.55 -15.02 -31.82
CA THR J 69 49.46 -13.93 -32.16
C THR J 69 49.32 -13.56 -33.63
N ILE J 70 49.07 -12.28 -33.91
CA ILE J 70 48.84 -11.79 -35.25
C ILE J 70 50.03 -10.92 -35.69
N SER J 71 50.46 -11.09 -36.93
CA SER J 71 51.55 -10.25 -37.41
C SER J 71 51.43 -9.95 -38.90
N ARG J 72 51.94 -8.79 -39.27
CA ARG J 72 52.04 -8.37 -40.66
C ARG J 72 53.35 -8.89 -41.23
N ASP J 73 53.35 -9.24 -42.50
CA ASP J 73 54.60 -9.54 -43.19
C ASP J 73 54.70 -8.62 -44.39
N ASN J 74 55.72 -7.77 -44.39
CA ASN J 74 55.84 -6.75 -45.42
C ASN J 74 56.56 -7.24 -46.67
N ALA J 75 57.19 -8.41 -46.62
CA ALA J 75 57.87 -8.93 -47.81
C ALA J 75 56.85 -9.27 -48.89
N LYS J 76 55.92 -10.15 -48.57
CA LYS J 76 54.77 -10.42 -49.42
C LYS J 76 53.53 -10.07 -48.62
N ASN J 77 52.55 -9.46 -49.29
CA ASN J 77 51.41 -8.88 -48.59
C ASN J 77 50.59 -10.00 -47.97
N THR J 78 50.81 -10.24 -46.68
CA THR J 78 50.20 -11.37 -46.00
C THR J 78 50.21 -11.12 -44.51
N VAL J 79 49.06 -11.30 -43.88
CA VAL J 79 48.92 -11.23 -42.43
C VAL J 79 48.78 -12.65 -41.90
N TYR J 80 49.53 -12.96 -40.86
CA TYR J 80 49.58 -14.28 -40.26
C TYR J 80 48.89 -14.30 -38.91
N LEU J 81 48.24 -15.41 -38.61
CA LEU J 81 47.72 -15.71 -37.29
C LEU J 81 48.34 -17.01 -36.81
N GLN J 82 48.87 -16.99 -35.59
CA GLN J 82 49.56 -18.12 -34.99
C GLN J 82 48.77 -18.58 -33.78
N MET J 83 48.37 -19.85 -33.79
CA MET J 83 47.51 -20.45 -32.78
C MET J 83 48.31 -21.52 -32.07
N ASN J 84 48.70 -21.26 -30.83
CA ASN J 84 49.72 -22.08 -30.19
C ASN J 84 49.13 -23.23 -29.37
N SER J 85 48.33 -22.92 -28.37
CA SER J 85 47.75 -23.93 -27.50
C SER J 85 46.26 -24.00 -27.77
N LEU J 86 45.81 -25.11 -28.32
CA LEU J 86 44.44 -25.22 -28.80
C LEU J 86 43.57 -26.00 -27.82
N LYS J 87 42.32 -25.63 -27.79
CA LYS J 87 41.28 -26.22 -26.97
C LYS J 87 40.30 -26.95 -27.88
N PRO J 88 39.39 -27.75 -27.31
CA PRO J 88 38.38 -28.36 -28.18
C PRO J 88 37.35 -27.39 -28.70
N GLU J 89 37.05 -26.32 -27.96
CA GLU J 89 36.03 -25.37 -28.39
C GLU J 89 36.55 -24.37 -29.42
N ASP J 90 37.82 -24.43 -29.79
CA ASP J 90 38.37 -23.51 -30.78
C ASP J 90 38.27 -24.09 -32.18
N THR J 91 37.08 -24.54 -32.54
CA THR J 91 36.83 -25.12 -33.86
C THR J 91 35.69 -24.35 -34.51
N ALA J 92 35.96 -23.79 -35.68
CA ALA J 92 35.02 -22.86 -36.31
C ALA J 92 35.51 -22.56 -37.72
N VAL J 93 34.78 -21.69 -38.40
CA VAL J 93 35.26 -21.14 -39.66
C VAL J 93 35.88 -19.78 -39.36
N TYR J 94 37.04 -19.53 -39.95
CA TYR J 94 37.78 -18.31 -39.70
C TYR J 94 37.78 -17.44 -40.95
N TYR J 95 37.66 -16.13 -40.75
CA TYR J 95 37.63 -15.19 -41.85
C TYR J 95 38.66 -14.09 -41.66
N CYS J 96 39.16 -13.60 -42.77
CA CYS J 96 40.06 -12.47 -42.85
C CYS J 96 39.27 -11.23 -43.20
N ASN J 97 39.62 -10.10 -42.57
CA ASN J 97 38.86 -8.88 -42.74
C ASN J 97 39.79 -7.71 -42.98
N ALA J 98 39.55 -6.98 -44.05
CA ALA J 98 40.17 -5.70 -44.32
C ALA J 98 39.36 -4.66 -43.57
N ASN J 99 39.45 -3.38 -43.97
CA ASN J 99 39.14 -2.21 -43.14
C ASN J 99 37.93 -2.39 -42.24
N VAL J 100 36.74 -2.42 -42.79
CA VAL J 100 35.62 -3.07 -42.12
C VAL J 100 34.85 -3.90 -43.13
N GLU J 101 34.53 -3.27 -44.25
CA GLU J 101 33.55 -3.79 -45.20
C GLU J 101 33.96 -5.12 -45.79
N THR J 102 35.14 -5.19 -46.39
CA THR J 102 35.49 -6.35 -47.19
C THR J 102 35.83 -7.55 -46.34
N TRP J 103 35.31 -8.70 -46.76
CA TRP J 103 35.51 -9.97 -46.08
C TRP J 103 36.30 -10.92 -46.96
N GLY J 104 36.72 -12.02 -46.37
CA GLY J 104 37.23 -13.15 -47.09
C GLY J 104 36.15 -14.20 -47.29
N GLN J 105 36.59 -15.42 -47.57
CA GLN J 105 35.63 -16.51 -47.73
C GLN J 105 35.67 -17.53 -46.62
N GLY J 106 36.75 -17.59 -45.85
CA GLY J 106 36.78 -18.42 -44.66
C GLY J 106 37.51 -19.73 -44.89
N THR J 107 37.95 -20.32 -43.78
CA THR J 107 38.64 -21.62 -43.76
C THR J 107 38.18 -22.36 -42.52
N GLN J 108 37.89 -23.65 -42.68
CA GLN J 108 37.35 -24.44 -41.57
C GLN J 108 38.52 -24.95 -40.74
N VAL J 109 38.35 -24.95 -39.42
CA VAL J 109 39.38 -25.42 -38.50
C VAL J 109 38.74 -26.29 -37.44
N THR J 110 39.27 -27.50 -37.27
CA THR J 110 38.70 -28.49 -36.35
C THR J 110 39.80 -29.14 -35.52
N VAL J 111 39.42 -29.53 -34.30
CA VAL J 111 40.34 -30.07 -33.30
C VAL J 111 39.78 -31.37 -32.71
N SER J 112 40.41 -32.49 -33.05
CA SER J 112 40.04 -33.81 -32.52
C SER J 112 41.15 -34.80 -32.90
N SER J 113 40.89 -36.09 -32.67
CA SER J 113 41.80 -37.16 -33.06
C SER J 113 42.10 -37.17 -34.55
N PRO K 324 28.17 10.24 -87.27
CA PRO K 324 28.47 8.88 -87.73
C PRO K 324 28.90 7.96 -86.58
N ASP K 325 29.90 7.13 -86.85
CA ASP K 325 30.44 6.19 -85.85
C ASP K 325 31.36 6.88 -84.87
N ASP K 326 31.92 8.03 -85.24
CA ASP K 326 32.76 8.80 -84.34
C ASP K 326 31.93 9.35 -83.18
N LEU K 327 30.68 9.72 -83.46
CA LEU K 327 29.78 10.25 -82.46
C LEU K 327 29.44 9.22 -81.40
N GLN K 328 29.43 7.95 -81.77
CA GLN K 328 29.17 6.87 -80.82
C GLN K 328 30.20 6.80 -79.70
N ARG K 329 31.46 7.21 -79.96
CA ARG K 329 32.43 7.25 -78.87
C ARG K 329 32.08 8.31 -77.83
N LEU K 330 31.38 9.38 -78.21
CA LEU K 330 31.02 10.42 -77.26
C LEU K 330 29.69 10.15 -76.56
N VAL K 331 29.11 8.97 -76.77
CA VAL K 331 27.81 8.61 -76.21
C VAL K 331 27.89 8.08 -74.78
N PRO K 332 28.86 7.22 -74.38
CA PRO K 332 28.90 6.87 -72.96
C PRO K 332 29.75 7.79 -72.09
N LEU K 333 30.61 8.64 -72.67
CA LEU K 333 31.48 9.50 -71.85
C LEU K 333 30.69 10.34 -70.84
N LEU K 334 29.45 10.70 -71.17
CA LEU K 334 28.59 11.50 -70.31
C LEU K 334 28.32 10.81 -68.97
N ASP K 335 28.44 9.48 -68.91
CA ASP K 335 28.22 8.74 -67.67
C ASP K 335 29.36 8.88 -66.67
N SER K 336 30.33 9.74 -66.95
CA SER K 336 31.51 9.88 -66.10
C SER K 336 31.16 10.45 -64.73
N ASN K 337 32.01 10.14 -63.75
CA ASN K 337 31.81 10.61 -62.39
C ASN K 337 32.22 12.07 -62.23
N ARG K 338 33.29 12.49 -62.91
CA ARG K 338 33.81 13.83 -62.76
C ARG K 338 33.02 14.82 -63.61
N LEU K 339 33.16 16.10 -63.26
CA LEU K 339 32.36 17.14 -63.89
C LEU K 339 32.91 17.56 -65.25
N GLU K 340 34.24 17.71 -65.35
CA GLU K 340 34.85 18.31 -66.54
C GLU K 340 34.60 17.48 -67.79
N ALA K 341 34.63 16.15 -67.66
CA ALA K 341 34.34 15.28 -68.80
C ALA K 341 32.93 15.50 -69.32
N GLN K 342 31.95 15.57 -68.41
CA GLN K 342 30.57 15.83 -68.78
C GLN K 342 30.43 17.20 -69.43
N CYS K 343 31.11 18.22 -68.87
CA CYS K 343 31.04 19.57 -69.41
C CYS K 343 31.57 19.64 -70.83
N ILE K 344 32.73 19.03 -71.09
CA ILE K 344 33.31 19.16 -72.42
C ILE K 344 32.52 18.32 -73.42
N GLY K 345 31.98 17.17 -72.99
CA GLY K 345 31.19 16.37 -73.90
C GLY K 345 29.94 17.12 -74.32
N ALA K 346 29.31 17.80 -73.36
CA ALA K 346 28.11 18.56 -73.67
C ALA K 346 28.44 19.74 -74.57
N PHE K 347 29.56 20.43 -74.30
CA PHE K 347 29.96 21.54 -75.15
C PHE K 347 30.15 21.09 -76.60
N TYR K 348 30.88 19.97 -76.80
CA TYR K 348 31.09 19.45 -78.15
C TYR K 348 29.77 19.11 -78.84
N LEU K 349 28.97 18.24 -78.23
CA LEU K 349 27.73 17.82 -78.88
C LEU K 349 26.82 19.00 -79.18
N CYS K 350 26.66 19.92 -78.23
CA CYS K 350 25.80 21.07 -78.46
C CYS K 350 26.36 21.95 -79.57
N ALA K 351 27.69 22.10 -79.65
CA ALA K 351 28.30 22.93 -80.68
C ALA K 351 28.11 22.34 -82.07
N GLU K 352 28.31 21.02 -82.21
CA GLU K 352 28.07 20.45 -83.53
C GLU K 352 26.59 20.34 -83.84
N ALA K 353 25.73 20.29 -82.82
CA ALA K 353 24.30 20.37 -83.09
C ALA K 353 23.95 21.73 -83.68
N ALA K 354 24.49 22.80 -83.07
CA ALA K 354 24.28 24.14 -83.61
C ALA K 354 24.85 24.28 -85.02
N ILE K 355 25.95 23.57 -85.31
CA ILE K 355 26.52 23.60 -86.67
C ILE K 355 25.61 22.87 -87.66
N LYS K 356 25.17 21.67 -87.32
CA LYS K 356 24.38 20.81 -88.20
C LYS K 356 22.90 21.16 -88.19
N SER K 357 22.50 22.16 -87.42
CA SER K 357 21.10 22.52 -87.28
C SER K 357 20.54 23.29 -88.47
N LEU K 358 21.33 24.19 -89.07
CA LEU K 358 20.77 25.00 -90.15
C LEU K 358 20.58 24.18 -91.43
N GLN K 359 21.47 23.24 -91.72
CA GLN K 359 21.24 22.35 -92.86
C GLN K 359 20.06 21.41 -92.58
N GLY K 360 19.74 20.57 -93.55
CA GLY K 360 18.66 19.63 -93.40
C GLY K 360 19.05 18.43 -92.56
N LYS K 361 20.34 18.12 -92.43
CA LYS K 361 20.64 16.89 -91.73
C LYS K 361 20.64 17.09 -90.21
N THR K 362 19.49 16.71 -89.64
CA THR K 362 19.25 16.61 -88.21
C THR K 362 18.93 15.17 -87.80
N LYS K 363 18.86 14.28 -88.78
CA LYS K 363 18.44 12.89 -88.58
C LYS K 363 19.56 12.02 -88.01
N VAL K 364 20.80 12.51 -88.05
CA VAL K 364 21.90 11.80 -87.41
C VAL K 364 21.66 11.68 -85.91
N PHE K 365 21.17 12.74 -85.26
CA PHE K 365 20.85 12.64 -83.83
C PHE K 365 19.75 11.63 -83.57
N SER K 366 18.85 11.43 -84.52
CA SER K 366 17.81 10.42 -84.35
C SER K 366 18.41 9.02 -84.35
N ASP K 367 19.03 8.61 -85.46
CA ASP K 367 19.43 7.21 -85.57
C ASP K 367 20.65 6.84 -84.74
N ILE K 368 21.41 7.81 -84.21
CA ILE K 368 22.49 7.46 -83.29
C ILE K 368 22.03 7.35 -81.84
N GLY K 369 20.81 7.78 -81.53
CA GLY K 369 20.28 7.62 -80.19
C GLY K 369 20.88 8.51 -79.12
N ALA K 370 21.52 9.61 -79.49
CA ALA K 370 22.02 10.53 -78.48
C ALA K 370 20.90 11.33 -77.82
N ILE K 371 19.81 11.55 -78.56
CA ILE K 371 18.66 12.30 -78.07
C ILE K 371 18.07 11.62 -76.85
N GLN K 372 18.14 10.29 -76.77
CA GLN K 372 17.58 9.57 -75.61
C GLN K 372 18.37 9.90 -74.35
N SER K 373 19.70 9.93 -74.45
CA SER K 373 20.52 10.27 -73.29
C SER K 373 20.35 11.72 -72.90
N LEU K 374 20.21 12.61 -73.89
CA LEU K 374 19.95 14.01 -73.59
C LEU K 374 18.59 14.21 -72.91
N LYS K 375 17.53 13.58 -73.43
CA LYS K 375 16.23 13.64 -72.77
C LYS K 375 16.26 12.98 -71.40
N ARG K 376 17.20 12.07 -71.17
CA ARG K 376 17.39 11.48 -69.85
C ARG K 376 17.96 12.51 -68.89
N LEU K 377 19.15 13.04 -69.19
CA LEU K 377 19.95 13.72 -68.19
C LEU K 377 19.48 15.14 -67.85
N VAL K 378 18.53 15.70 -68.59
CA VAL K 378 18.13 17.08 -68.34
C VAL K 378 17.31 17.19 -67.06
N SER K 379 16.49 16.19 -66.76
CA SER K 379 15.71 16.18 -65.54
C SER K 379 16.53 15.62 -64.39
N TYR K 380 16.30 16.16 -63.19
CA TYR K 380 17.06 15.84 -61.98
C TYR K 380 18.55 16.05 -62.19
N SER K 381 18.91 17.29 -62.47
CA SER K 381 20.32 17.65 -62.61
C SER K 381 20.51 19.04 -62.02
N THR K 382 21.45 19.15 -61.08
CA THR K 382 21.79 20.42 -60.46
C THR K 382 23.20 20.76 -60.92
N ASN K 383 23.28 21.30 -62.14
CA ASN K 383 24.56 21.65 -62.75
C ASN K 383 24.20 22.65 -63.84
N GLY K 384 24.49 23.93 -63.59
CA GLY K 384 24.02 24.98 -64.49
C GLY K 384 24.60 24.89 -65.89
N THR K 385 25.90 24.59 -66.00
CA THR K 385 26.54 24.53 -67.31
C THR K 385 26.01 23.36 -68.15
N LYS K 386 26.07 22.12 -67.64
CA LYS K 386 25.70 20.97 -68.48
C LYS K 386 24.20 20.99 -68.79
N SER K 387 23.36 21.31 -67.80
CA SER K 387 21.93 21.35 -68.05
C SER K 387 21.57 22.48 -69.01
N ALA K 388 22.21 23.65 -68.87
CA ALA K 388 21.97 24.74 -69.80
C ALA K 388 22.37 24.35 -71.21
N LEU K 389 23.50 23.65 -71.35
CA LEU K 389 23.97 23.23 -72.66
C LEU K 389 23.04 22.18 -73.26
N ALA K 390 22.56 21.25 -72.43
CA ALA K 390 21.62 20.24 -72.91
C ALA K 390 20.32 20.89 -73.34
N LYS K 391 19.86 21.90 -72.62
CA LYS K 391 18.64 22.60 -73.00
C LYS K 391 18.83 23.34 -74.31
N ARG K 392 19.98 23.99 -74.48
CA ARG K 392 20.25 24.69 -75.73
C ARG K 392 20.33 23.70 -76.88
N ALA K 393 20.92 22.53 -76.65
CA ALA K 393 20.99 21.51 -77.70
C ALA K 393 19.60 21.02 -78.09
N LEU K 394 18.76 20.72 -77.10
CA LEU K 394 17.41 20.22 -77.40
C LEU K 394 16.57 21.26 -78.11
N ARG K 395 16.56 22.49 -77.59
CA ARG K 395 15.79 23.56 -78.21
C ARG K 395 16.30 23.95 -79.58
N LEU K 396 17.56 23.67 -79.92
CA LEU K 396 17.98 23.86 -81.31
C LEU K 396 17.41 22.79 -82.23
N LEU K 397 17.20 21.56 -81.75
CA LEU K 397 16.64 20.55 -82.65
C LEU K 397 15.12 20.60 -82.72
N GLY K 398 14.50 21.63 -82.16
CA GLY K 398 13.06 21.76 -82.19
C GLY K 398 12.29 20.85 -81.26
N GLU K 399 12.96 20.17 -80.33
CA GLU K 399 12.26 19.32 -79.39
C GLU K 399 11.82 20.13 -78.16
N GLU K 400 11.18 19.44 -77.23
CA GLU K 400 10.71 20.04 -75.99
C GLU K 400 11.47 19.43 -74.82
N VAL K 401 11.85 20.26 -73.86
CA VAL K 401 12.61 19.75 -72.72
C VAL K 401 11.65 19.04 -71.77
N PRO K 402 12.03 17.89 -71.22
CA PRO K 402 11.20 17.26 -70.18
C PRO K 402 11.32 18.01 -68.87
N ARG K 403 10.38 17.69 -67.99
CA ARG K 403 10.35 18.23 -66.65
C ARG K 403 10.01 17.08 -65.72
N PRO K 404 10.52 17.10 -64.50
CA PRO K 404 10.24 16.00 -63.57
C PRO K 404 8.77 15.92 -63.21
N ILE K 405 8.38 14.76 -62.72
CA ILE K 405 7.01 14.52 -62.29
C ILE K 405 7.07 14.26 -60.79
N LEU K 406 6.87 15.24 -60.05
CA LEU K 406 7.03 15.27 -58.62
C LEU K 406 5.70 15.06 -57.92
N PRO K 407 5.72 14.49 -56.71
CA PRO K 407 4.47 14.29 -55.98
C PRO K 407 3.86 15.60 -55.54
N SER K 408 2.53 15.68 -55.63
CA SER K 408 1.82 16.83 -55.11
C SER K 408 1.49 16.57 -53.64
N VAL K 409 2.54 16.64 -52.84
CA VAL K 409 2.42 16.38 -51.40
C VAL K 409 1.38 17.25 -50.69
N PRO K 410 1.37 18.59 -50.81
CA PRO K 410 0.49 19.37 -49.95
C PRO K 410 -0.99 19.23 -50.25
N SER K 411 -1.38 18.44 -51.24
CA SER K 411 -2.77 18.06 -51.42
C SER K 411 -2.78 16.54 -51.44
N TRP K 412 -2.76 15.95 -50.25
CA TRP K 412 -2.81 14.51 -50.08
C TRP K 412 -3.91 14.20 -49.10
N LYS K 413 -4.23 12.93 -48.96
CA LYS K 413 -5.18 12.52 -47.94
C LYS K 413 -4.54 11.44 -47.10
N GLU K 414 -5.31 10.79 -46.23
CA GLU K 414 -4.72 9.83 -45.31
C GLU K 414 -4.26 8.57 -46.03
N ALA K 415 -4.89 8.22 -47.15
CA ALA K 415 -4.50 7.02 -47.86
C ALA K 415 -3.10 7.14 -48.44
N GLU K 416 -2.78 8.30 -49.01
CA GLU K 416 -1.47 8.50 -49.59
C GLU K 416 -0.42 8.60 -48.51
N VAL K 417 -0.76 9.21 -47.38
CA VAL K 417 0.18 9.26 -46.26
C VAL K 417 0.50 7.85 -45.79
N GLN K 418 -0.51 6.99 -45.69
CA GLN K 418 -0.23 5.65 -45.20
C GLN K 418 0.56 4.84 -46.20
N THR K 419 0.28 4.95 -47.48
CA THR K 419 1.12 4.23 -48.43
C THR K 419 2.54 4.79 -48.48
N TRP K 420 2.71 6.08 -48.18
CA TRP K 420 4.07 6.61 -48.10
C TRP K 420 4.80 6.01 -46.91
N LEU K 421 4.09 5.81 -45.81
CA LEU K 421 4.70 5.18 -44.65
C LEU K 421 5.02 3.73 -44.92
N GLN K 422 4.23 3.05 -45.76
CA GLN K 422 4.63 1.72 -46.20
C GLN K 422 5.91 1.78 -47.01
N GLN K 423 6.02 2.80 -47.85
CA GLN K 423 7.14 2.88 -48.77
C GLN K 423 8.46 3.15 -48.07
N ILE K 424 8.48 4.09 -47.13
CA ILE K 424 9.76 4.41 -46.49
C ILE K 424 10.19 3.38 -45.46
N GLY K 425 9.32 2.48 -45.05
CA GLY K 425 9.69 1.49 -44.09
C GLY K 425 9.22 1.74 -42.68
N PHE K 426 8.50 2.81 -42.43
CA PHE K 426 7.97 3.06 -41.09
C PHE K 426 6.57 2.49 -40.95
N SER K 427 6.39 1.24 -41.37
CA SER K 427 5.05 0.66 -41.42
C SER K 427 4.49 0.35 -40.05
N LYS K 428 5.27 0.45 -38.99
CA LYS K 428 4.81 0.07 -37.66
C LYS K 428 4.08 1.23 -37.00
N TYR K 429 4.08 2.39 -37.65
CA TYR K 429 3.40 3.57 -37.13
C TYR K 429 2.16 3.92 -37.91
N CYS K 430 1.78 3.12 -38.90
CA CYS K 430 0.64 3.44 -39.75
C CYS K 430 -0.67 3.49 -38.97
N GLU K 431 -0.74 2.83 -37.82
CA GLU K 431 -1.94 2.90 -37.01
C GLU K 431 -2.12 4.27 -36.39
N SER K 432 -1.07 4.78 -35.75
CA SER K 432 -1.15 6.07 -35.07
C SER K 432 -1.43 7.20 -36.05
N PHE K 433 -0.74 7.20 -37.19
CA PHE K 433 -0.98 8.21 -38.21
C PHE K 433 -2.38 8.12 -38.81
N ARG K 434 -3.09 7.01 -38.61
CA ARG K 434 -4.48 6.91 -39.03
C ARG K 434 -5.44 7.42 -37.99
N GLU K 435 -5.10 7.25 -36.72
CA GLU K 435 -6.03 7.64 -35.66
C GLU K 435 -6.10 9.15 -35.55
N GLN K 436 -4.97 9.82 -35.71
CA GLN K 436 -4.92 11.27 -35.66
C GLN K 436 -5.30 11.92 -36.97
N GLN K 437 -5.52 11.12 -38.01
CA GLN K 437 -5.91 11.59 -39.35
C GLN K 437 -4.91 12.58 -39.93
N VAL K 438 -3.63 12.19 -39.90
CA VAL K 438 -2.59 13.04 -40.46
C VAL K 438 -2.67 12.99 -41.98
N ASP K 439 -2.72 14.16 -42.61
CA ASP K 439 -2.72 14.25 -44.05
C ASP K 439 -1.55 15.12 -44.49
N GLY K 440 -1.54 15.47 -45.78
CA GLY K 440 -0.34 16.08 -46.36
C GLY K 440 0.00 17.43 -45.78
N ASP K 441 -1.00 18.28 -45.57
CA ASP K 441 -0.76 19.57 -44.97
C ASP K 441 -0.29 19.43 -43.53
N LEU K 442 -0.82 18.46 -42.82
CA LEU K 442 -0.37 18.24 -41.45
C LEU K 442 0.94 17.47 -41.42
N LEU K 443 1.20 16.68 -42.46
CA LEU K 443 2.47 15.98 -42.53
C LEU K 443 3.62 16.95 -42.73
N LEU K 444 3.44 17.95 -43.59
CA LEU K 444 4.53 18.84 -43.88
C LEU K 444 4.83 19.84 -42.78
N ARG K 445 4.05 19.84 -41.70
CA ARG K 445 4.23 20.78 -40.61
C ARG K 445 4.45 20.07 -39.28
N LEU K 446 5.02 18.87 -39.32
CA LEU K 446 5.26 18.13 -38.10
C LEU K 446 6.50 18.65 -37.39
N THR K 447 6.45 18.65 -36.07
CA THR K 447 7.58 18.98 -35.22
C THR K 447 7.90 17.76 -34.36
N GLU K 448 8.89 17.92 -33.49
CA GLU K 448 9.29 16.81 -32.65
C GLU K 448 8.34 16.56 -31.49
N GLU K 449 7.58 17.56 -31.07
CA GLU K 449 6.66 17.35 -29.96
C GLU K 449 5.48 16.51 -30.40
N GLU K 450 4.97 16.73 -31.62
CA GLU K 450 3.89 15.90 -32.10
C GLU K 450 4.36 14.47 -32.36
N LEU K 451 5.60 14.31 -32.77
CA LEU K 451 6.11 12.97 -32.98
C LEU K 451 6.27 12.25 -31.65
N GLN K 452 6.89 12.91 -30.68
CA GLN K 452 7.26 12.24 -29.45
C GLN K 452 6.05 11.99 -28.56
N THR K 453 5.20 13.00 -28.39
CA THR K 453 4.15 12.91 -27.39
C THR K 453 3.02 11.99 -27.84
N ASP K 454 2.41 12.30 -28.98
CA ASP K 454 1.17 11.62 -29.35
C ASP K 454 1.28 10.67 -30.52
N LEU K 455 2.30 10.77 -31.36
CA LEU K 455 2.47 9.77 -32.39
C LEU K 455 3.31 8.59 -31.93
N GLY K 456 4.00 8.70 -30.80
CA GLY K 456 4.62 7.57 -30.16
C GLY K 456 6.07 7.29 -30.50
N MET K 457 6.71 8.12 -31.32
CA MET K 457 8.13 7.90 -31.62
C MET K 457 8.94 8.39 -30.44
N LYS K 458 9.23 7.48 -29.51
CA LYS K 458 9.91 7.88 -28.30
C LYS K 458 11.40 8.10 -28.51
N SER K 459 12.07 7.18 -29.18
CA SER K 459 13.52 7.21 -29.27
C SER K 459 13.99 8.24 -30.28
N GLY K 460 15.00 9.03 -29.88
CA GLY K 460 15.50 10.09 -30.73
C GLY K 460 16.12 9.60 -32.03
N ILE K 461 16.64 8.38 -32.03
CA ILE K 461 17.18 7.80 -33.25
C ILE K 461 16.08 7.59 -34.27
N THR K 462 14.92 7.11 -33.83
CA THR K 462 13.84 6.86 -34.76
C THR K 462 13.29 8.17 -35.32
N ARG K 463 13.20 9.20 -34.48
CA ARG K 463 12.77 10.50 -34.98
C ARG K 463 13.79 11.08 -35.93
N LYS K 464 15.07 10.82 -35.70
CA LYS K 464 16.09 11.31 -36.61
C LYS K 464 15.99 10.62 -37.97
N ARG K 465 15.72 9.31 -37.98
CA ARG K 465 15.51 8.62 -39.24
C ARG K 465 14.27 9.12 -39.96
N PHE K 466 13.19 9.35 -39.21
CA PHE K 466 11.96 9.86 -39.81
C PHE K 466 12.19 11.22 -40.45
N PHE K 467 12.91 12.10 -39.77
CA PHE K 467 13.13 13.41 -40.31
C PHE K 467 14.06 13.37 -41.50
N ARG K 468 15.00 12.43 -41.53
CA ARG K 468 15.81 12.23 -42.71
C ARG K 468 14.95 11.91 -43.92
N GLU K 469 13.97 11.02 -43.74
CA GLU K 469 13.11 10.64 -44.84
C GLU K 469 12.19 11.78 -45.25
N LEU K 470 11.68 12.51 -44.26
CA LEU K 470 10.79 13.62 -44.53
C LEU K 470 11.49 14.71 -45.30
N THR K 471 12.71 15.08 -44.88
CA THR K 471 13.43 16.12 -45.60
C THR K 471 13.90 15.63 -46.95
N GLU K 472 13.95 14.31 -47.17
CA GLU K 472 14.20 13.88 -48.54
C GLU K 472 12.96 14.04 -49.39
N LEU K 473 11.79 13.81 -48.80
CA LEU K 473 10.55 14.01 -49.53
C LEU K 473 10.29 15.47 -49.84
N LYS K 474 10.57 16.35 -48.89
CA LYS K 474 10.20 17.75 -49.02
C LYS K 474 10.99 18.46 -50.12
N THR K 475 12.19 18.00 -50.40
CA THR K 475 12.95 18.62 -51.48
C THR K 475 12.48 18.18 -52.84
N PHE K 476 11.67 17.13 -52.92
CA PHE K 476 11.21 16.60 -54.18
C PHE K 476 9.70 16.60 -54.26
N ALA K 477 9.06 17.68 -53.83
CA ALA K 477 7.61 17.78 -53.87
C ALA K 477 7.22 18.78 -54.95
N ASN K 478 5.92 18.91 -55.17
CA ASN K 478 5.38 19.79 -56.19
C ASN K 478 4.48 20.81 -55.51
N TYR K 479 4.99 22.03 -55.36
CA TYR K 479 4.30 23.08 -54.62
C TYR K 479 3.50 24.00 -55.51
N SER K 480 3.24 23.60 -56.75
CA SER K 480 2.67 24.52 -57.72
C SER K 480 1.24 24.94 -57.36
N THR K 481 0.51 24.09 -56.66
CA THR K 481 -0.86 24.45 -56.32
C THR K 481 -0.96 25.47 -55.20
N CYS K 482 0.14 25.82 -54.56
CA CYS K 482 0.10 26.77 -53.45
C CYS K 482 1.14 27.86 -53.51
N ASP K 483 2.09 27.80 -54.42
CA ASP K 483 3.18 28.76 -54.51
C ASP K 483 3.00 29.62 -55.75
N ARG K 484 2.57 30.86 -55.56
CA ARG K 484 2.29 31.73 -56.69
C ARG K 484 3.57 32.37 -57.21
N SER K 485 4.36 32.95 -56.32
CA SER K 485 5.53 33.73 -56.69
C SER K 485 6.72 32.89 -57.11
N ASN K 486 6.54 31.58 -57.25
CA ASN K 486 7.60 30.65 -57.64
C ASN K 486 8.79 30.74 -56.70
N LEU K 487 8.52 30.56 -55.41
CA LEU K 487 9.56 30.67 -54.40
C LEU K 487 10.50 29.48 -54.44
N ALA K 488 9.99 28.32 -54.87
CA ALA K 488 10.76 27.09 -54.84
C ALA K 488 11.99 27.17 -55.72
N ASP K 489 11.85 27.74 -56.92
CA ASP K 489 13.01 27.89 -57.78
C ASP K 489 14.00 28.89 -57.22
N TRP K 490 13.51 29.93 -56.54
CA TRP K 490 14.41 30.90 -55.95
C TRP K 490 15.23 30.26 -54.84
N LEU K 491 14.61 29.37 -54.08
CA LEU K 491 15.36 28.67 -53.04
C LEU K 491 16.28 27.62 -53.63
N GLY K 492 15.87 26.98 -54.72
CA GLY K 492 16.70 25.95 -55.32
C GLY K 492 17.91 26.52 -56.02
N SER K 493 17.82 27.75 -56.51
CA SER K 493 18.97 28.37 -57.17
C SER K 493 20.09 28.64 -56.20
N LEU K 494 19.78 28.92 -54.93
CA LEU K 494 20.83 29.06 -53.93
C LEU K 494 21.53 27.73 -53.69
N ASP K 495 20.78 26.74 -53.29
CA ASP K 495 21.30 25.44 -52.89
C ASP K 495 20.15 24.46 -53.01
N PRO K 496 20.35 23.31 -53.66
CA PRO K 496 19.26 22.32 -53.75
C PRO K 496 18.76 21.82 -52.41
N ARG K 497 19.58 21.89 -51.37
CA ARG K 497 19.13 21.47 -50.05
C ARG K 497 18.12 22.43 -49.44
N PHE K 498 17.94 23.61 -50.01
CA PHE K 498 17.16 24.66 -49.39
C PHE K 498 15.70 24.60 -49.78
N ARG K 499 15.38 23.85 -50.85
CA ARG K 499 14.02 23.78 -51.36
C ARG K 499 13.07 23.24 -50.33
N GLN K 500 13.57 22.41 -49.41
CA GLN K 500 12.76 21.86 -48.34
C GLN K 500 12.10 22.90 -47.47
N TYR K 501 12.58 24.13 -47.47
CA TYR K 501 11.96 25.10 -46.59
C TYR K 501 10.78 25.81 -47.20
N THR K 502 10.47 25.56 -48.47
CA THR K 502 9.53 26.45 -49.18
C THR K 502 8.15 26.46 -48.55
N TYR K 503 7.69 25.34 -48.02
CA TYR K 503 6.33 25.34 -47.51
C TYR K 503 6.24 26.11 -46.22
N GLY K 504 7.31 26.13 -45.43
CA GLY K 504 7.31 26.96 -44.25
C GLY K 504 7.30 28.43 -44.58
N LEU K 505 7.77 28.81 -45.76
CA LEU K 505 7.68 30.21 -46.13
C LEU K 505 6.34 30.56 -46.72
N VAL K 506 5.58 29.61 -47.24
CA VAL K 506 4.36 30.01 -47.93
C VAL K 506 3.18 29.98 -46.97
N SER K 507 3.05 28.92 -46.18
CA SER K 507 1.98 28.84 -45.19
C SER K 507 2.06 29.98 -44.20
N CYS K 508 3.25 30.46 -43.87
CA CYS K 508 3.34 31.63 -43.00
C CYS K 508 2.98 32.90 -43.74
N GLY K 509 3.03 32.91 -45.07
CA GLY K 509 2.52 34.05 -45.79
C GLY K 509 3.45 34.73 -46.77
N LEU K 510 4.75 34.44 -46.68
CA LEU K 510 5.75 35.16 -47.46
C LEU K 510 5.61 34.88 -48.95
N ASP K 511 6.35 35.65 -49.74
CA ASP K 511 6.45 35.47 -51.18
C ASP K 511 7.71 36.20 -51.63
N ARG K 512 7.99 36.12 -52.94
CA ARG K 512 9.24 36.63 -53.46
C ARG K 512 9.33 38.15 -53.36
N SER K 513 8.20 38.84 -53.39
CA SER K 513 8.24 40.29 -53.39
C SER K 513 8.54 40.84 -52.00
N LEU K 514 7.81 40.36 -51.00
CA LEU K 514 7.93 40.90 -49.65
C LEU K 514 8.88 40.11 -48.78
N LEU K 515 9.73 39.29 -49.40
CA LEU K 515 10.68 38.50 -48.63
C LEU K 515 11.79 39.37 -48.07
N HIS K 516 12.13 40.46 -48.73
CA HIS K 516 13.36 41.18 -48.51
C HIS K 516 13.40 41.96 -47.21
N ARG K 517 12.41 41.84 -46.34
CA ARG K 517 12.43 42.59 -45.09
C ARG K 517 11.98 41.71 -43.94
N VAL K 518 12.46 40.48 -43.90
CA VAL K 518 12.17 39.59 -42.81
C VAL K 518 13.40 39.56 -41.92
N SER K 519 13.20 39.31 -40.64
CA SER K 519 14.30 39.23 -39.70
C SER K 519 14.64 37.78 -39.42
N GLU K 520 15.80 37.57 -38.81
CA GLU K 520 16.23 36.22 -38.46
C GLU K 520 15.31 35.62 -37.42
N GLN K 521 14.92 36.42 -36.43
CA GLN K 521 14.07 35.92 -35.37
C GLN K 521 12.69 35.56 -35.89
N GLN K 522 12.30 36.08 -37.04
CA GLN K 522 11.06 35.61 -37.66
C GLN K 522 11.29 34.33 -38.42
N LEU K 523 12.47 34.16 -39.02
CA LEU K 523 12.80 32.91 -39.69
C LEU K 523 12.96 31.75 -38.75
N LEU K 524 13.24 32.00 -37.46
CA LEU K 524 13.53 30.86 -36.61
C LEU K 524 12.27 30.12 -36.19
N GLU K 525 11.26 30.81 -35.65
CA GLU K 525 10.11 30.07 -35.16
C GLU K 525 8.91 30.09 -36.10
N ASP K 526 8.82 31.04 -37.01
CA ASP K 526 7.68 31.00 -37.92
C ASP K 526 7.94 30.07 -39.09
N CYS K 527 9.04 30.25 -39.81
CA CYS K 527 9.34 29.41 -40.95
C CYS K 527 9.98 28.09 -40.56
N GLY K 528 10.28 27.88 -39.28
CA GLY K 528 10.79 26.61 -38.83
C GLY K 528 12.17 26.24 -39.32
N ILE K 529 13.01 27.22 -39.59
CA ILE K 529 14.40 26.96 -39.99
C ILE K 529 15.23 26.87 -38.72
N HIS K 530 15.95 25.77 -38.57
CA HIS K 530 16.68 25.52 -37.33
C HIS K 530 18.17 25.75 -37.44
N LEU K 531 18.79 25.35 -38.54
CA LEU K 531 20.23 25.55 -38.69
C LEU K 531 20.55 27.03 -38.88
N GLY K 532 21.44 27.54 -38.04
CA GLY K 532 21.84 28.93 -38.14
C GLY K 532 22.50 29.27 -39.46
N VAL K 533 23.22 28.31 -40.04
CA VAL K 533 23.92 28.56 -41.29
C VAL K 533 22.94 28.82 -42.41
N HIS K 534 21.85 28.04 -42.43
CA HIS K 534 20.85 28.22 -43.49
C HIS K 534 20.10 29.52 -43.32
N ARG K 535 19.81 29.90 -42.07
CA ARG K 535 19.20 31.20 -41.81
C ARG K 535 20.08 32.32 -42.31
N ALA K 536 21.39 32.23 -42.03
CA ALA K 536 22.29 33.30 -42.42
C ALA K 536 22.42 33.40 -43.94
N ARG K 537 22.52 32.26 -44.62
CA ARG K 537 22.66 32.29 -46.06
C ARG K 537 21.39 32.80 -46.72
N ILE K 538 20.23 32.43 -46.19
CA ILE K 538 18.96 32.89 -46.74
C ILE K 538 18.81 34.38 -46.50
N LEU K 539 19.20 34.86 -45.32
CA LEU K 539 19.09 36.27 -45.01
C LEU K 539 19.96 37.11 -45.93
N THR K 540 21.21 36.71 -46.12
CA THR K 540 22.09 37.51 -46.97
C THR K 540 21.63 37.47 -48.42
N ALA K 541 21.16 36.32 -48.89
CA ALA K 541 20.75 36.23 -50.29
C ALA K 541 19.44 36.95 -50.54
N ALA K 542 18.59 37.05 -49.54
CA ALA K 542 17.34 37.79 -49.71
C ALA K 542 17.61 39.27 -49.62
N ARG K 543 18.45 39.66 -48.67
CA ARG K 543 18.67 41.06 -48.37
C ARG K 543 19.49 41.70 -49.48
N GLU K 544 20.27 40.90 -50.19
CA GLU K 544 20.98 41.40 -51.36
C GLU K 544 20.01 41.77 -52.48
N MET K 545 18.94 41.00 -52.65
CA MET K 545 17.89 41.35 -53.59
C MET K 545 16.94 42.30 -52.85
N LEU K 546 17.40 43.53 -52.69
CA LEU K 546 16.77 44.45 -51.73
C LEU K 546 15.50 45.08 -52.29
N HIS K 547 15.64 45.89 -53.34
CA HIS K 547 14.54 46.69 -53.86
C HIS K 547 14.47 46.56 -55.37
N SER K 548 14.48 45.31 -55.84
CA SER K 548 14.45 45.05 -57.28
C SER K 548 13.25 45.65 -58.01
N PRO K 549 12.01 45.62 -57.48
CA PRO K 549 11.01 46.35 -58.27
C PRO K 549 11.05 47.86 -58.00
N MET L 1 -2.23 14.51 -68.48
CA MET L 1 -1.15 14.66 -67.50
C MET L 1 -1.13 13.45 -66.58
N ALA L 2 -2.31 13.01 -66.16
CA ALA L 2 -2.41 11.85 -65.27
C ALA L 2 -1.85 10.62 -65.95
N VAL L 3 -0.77 10.09 -65.40
CA VAL L 3 -0.11 8.93 -65.98
C VAL L 3 -0.97 7.69 -65.78
N GLN L 4 -1.02 6.84 -66.79
CA GLN L 4 -1.73 5.57 -66.72
C GLN L 4 -0.71 4.45 -66.67
N LEU L 5 -0.92 3.50 -65.78
CA LEU L 5 -0.05 2.34 -65.66
C LEU L 5 -0.83 1.09 -66.02
N VAL L 6 -0.18 0.18 -66.73
CA VAL L 6 -0.77 -1.11 -67.10
C VAL L 6 0.22 -2.21 -66.76
N GLU L 7 -0.28 -3.27 -66.13
CA GLU L 7 0.58 -4.38 -65.74
C GLU L 7 0.46 -5.50 -66.74
N SER L 8 1.36 -6.47 -66.61
CA SER L 8 1.34 -7.68 -67.43
C SER L 8 2.19 -8.73 -66.75
N GLY L 9 1.85 -9.99 -67.01
CA GLY L 9 2.45 -11.12 -66.35
C GLY L 9 1.40 -11.91 -65.57
N GLY L 10 1.76 -12.31 -64.36
CA GLY L 10 0.79 -12.92 -63.48
C GLY L 10 0.49 -14.36 -63.84
N GLY L 11 -0.65 -14.83 -63.37
CA GLY L 11 -1.07 -16.19 -63.62
C GLY L 11 -0.68 -17.11 -62.49
N LEU L 12 -0.11 -18.26 -62.84
CA LEU L 12 0.16 -19.28 -61.85
C LEU L 12 1.41 -20.05 -62.22
N VAL L 13 2.12 -20.50 -61.19
CA VAL L 13 3.32 -21.31 -61.32
C VAL L 13 3.35 -22.33 -60.19
N GLN L 14 4.39 -23.14 -60.16
CA GLN L 14 4.62 -24.14 -59.14
C GLN L 14 5.53 -23.59 -58.06
N PRO L 15 5.46 -24.14 -56.85
CA PRO L 15 6.39 -23.70 -55.79
C PRO L 15 7.83 -23.97 -56.19
N GLY L 16 8.64 -22.91 -56.15
CA GLY L 16 9.94 -22.95 -56.75
C GLY L 16 9.79 -22.62 -58.22
N GLY L 17 10.51 -21.61 -58.69
CA GLY L 17 10.36 -21.19 -60.06
C GLY L 17 10.25 -19.68 -60.17
N SER L 18 10.59 -19.14 -61.34
CA SER L 18 10.69 -17.71 -61.54
C SER L 18 9.53 -17.18 -62.37
N LEU L 19 9.38 -15.85 -62.34
CA LEU L 19 8.37 -15.15 -63.12
C LEU L 19 8.84 -13.71 -63.25
N ARG L 20 8.34 -13.02 -64.27
CA ARG L 20 8.66 -11.61 -64.46
C ARG L 20 7.40 -10.84 -64.76
N LEU L 21 7.18 -9.75 -64.02
CA LEU L 21 6.05 -8.88 -64.20
C LEU L 21 6.52 -7.58 -64.83
N SER L 22 5.67 -6.99 -65.66
CA SER L 22 6.02 -5.76 -66.36
C SER L 22 4.96 -4.71 -66.08
N CYS L 23 5.39 -3.46 -66.02
CA CYS L 23 4.48 -2.35 -65.81
C CYS L 23 4.86 -1.21 -66.74
N ALA L 24 3.94 -0.83 -67.62
CA ALA L 24 4.20 0.17 -68.64
C ALA L 24 3.39 1.43 -68.37
N ALA L 25 4.01 2.58 -68.58
CA ALA L 25 3.45 3.88 -68.27
C ALA L 25 3.14 4.65 -69.55
N SER L 26 2.54 5.82 -69.37
CA SER L 26 2.12 6.66 -70.48
C SER L 26 3.18 7.67 -70.89
N VAL L 27 4.15 7.94 -70.04
CA VAL L 27 5.18 8.93 -70.28
C VAL L 27 6.53 8.25 -70.09
N SER L 28 7.59 9.03 -70.19
CA SER L 28 8.92 8.51 -69.90
C SER L 28 9.03 8.19 -68.42
N ILE L 29 9.53 6.99 -68.11
CA ILE L 29 9.72 6.62 -66.72
C ILE L 29 10.79 7.50 -66.09
N SER L 30 11.78 7.93 -66.86
CA SER L 30 12.90 8.68 -66.33
C SER L 30 12.52 10.04 -65.80
N ARG L 31 11.27 10.46 -65.94
CA ARG L 31 10.79 11.70 -65.34
C ARG L 31 10.18 11.46 -63.97
N ILE L 32 9.72 10.25 -63.70
CA ILE L 32 9.01 9.96 -62.47
C ILE L 32 10.01 9.83 -61.33
N TYR L 33 9.65 10.38 -60.17
CA TYR L 33 10.57 10.37 -59.04
C TYR L 33 10.77 8.97 -58.49
N VAL L 34 9.71 8.34 -57.99
CA VAL L 34 9.80 6.99 -57.48
C VAL L 34 8.75 6.12 -58.15
N MET L 35 9.07 4.84 -58.31
CA MET L 35 8.10 3.84 -58.71
C MET L 35 8.24 2.63 -57.80
N ALA L 36 7.16 1.87 -57.67
CA ALA L 36 7.15 0.84 -56.65
C ALA L 36 6.16 -0.25 -57.02
N TRP L 37 6.39 -1.43 -56.45
CA TRP L 37 5.50 -2.57 -56.61
C TRP L 37 4.89 -2.89 -55.26
N TYR L 38 3.62 -3.22 -55.25
CA TYR L 38 2.90 -3.49 -54.01
C TYR L 38 2.18 -4.81 -54.13
N ARG L 39 1.88 -5.40 -52.98
CA ARG L 39 1.38 -6.77 -52.91
C ARG L 39 0.27 -6.81 -51.88
N GLN L 40 -0.91 -7.28 -52.28
CA GLN L 40 -2.02 -7.43 -51.35
C GLN L 40 -2.53 -8.86 -51.41
N ALA L 41 -2.36 -9.56 -50.30
CA ALA L 41 -2.84 -10.90 -50.11
C ALA L 41 -4.31 -10.87 -49.69
N PRO L 42 -5.08 -11.89 -50.04
CA PRO L 42 -6.47 -11.94 -49.61
C PRO L 42 -6.58 -12.07 -48.09
N GLY L 43 -7.36 -11.19 -47.49
CA GLY L 43 -7.54 -11.18 -46.06
C GLY L 43 -6.58 -10.29 -45.29
N LYS L 44 -5.71 -9.55 -45.96
CA LYS L 44 -4.81 -8.62 -45.30
C LYS L 44 -4.74 -7.34 -46.10
N GLN L 45 -3.92 -6.41 -45.64
CA GLN L 45 -3.76 -5.11 -46.26
C GLN L 45 -2.53 -5.12 -47.16
N ARG L 46 -2.36 -4.02 -47.91
CA ARG L 46 -1.27 -3.93 -48.85
C ARG L 46 0.07 -3.85 -48.14
N GLU L 47 1.13 -4.08 -48.90
CA GLU L 47 2.49 -3.87 -48.41
C GLU L 47 3.40 -3.68 -49.61
N VAL L 48 4.55 -3.16 -49.35
CA VAL L 48 5.51 -2.85 -50.39
C VAL L 48 6.38 -4.08 -50.63
N VAL L 49 6.86 -4.24 -51.85
CA VAL L 49 7.85 -5.28 -52.14
C VAL L 49 9.09 -4.75 -52.83
N ALA L 50 9.05 -3.62 -53.52
CA ALA L 50 10.24 -3.03 -54.12
C ALA L 50 9.95 -1.58 -54.49
N VAL L 51 10.98 -0.73 -54.36
CA VAL L 51 10.90 0.65 -54.81
C VAL L 51 12.15 0.96 -55.62
N ILE L 52 12.07 2.02 -56.42
CA ILE L 52 13.21 2.46 -57.22
C ILE L 52 13.04 3.94 -57.54
N ARG L 53 14.11 4.70 -57.39
CA ARG L 53 14.06 6.14 -57.56
C ARG L 53 14.56 6.52 -58.94
N TYR L 54 14.66 7.83 -59.18
CA TYR L 54 15.10 8.34 -60.47
C TYR L 54 16.56 8.00 -60.73
N ASP L 55 17.37 7.89 -59.69
CA ASP L 55 18.78 7.58 -59.84
C ASP L 55 19.05 6.10 -59.74
N GLY L 56 18.01 5.28 -59.68
CA GLY L 56 18.20 3.83 -59.65
C GLY L 56 18.80 3.28 -58.39
N THR L 57 18.35 3.74 -57.22
CA THR L 57 18.69 3.11 -55.96
C THR L 57 17.45 2.43 -55.43
N THR L 58 17.58 1.16 -55.07
CA THR L 58 16.43 0.33 -54.76
C THR L 58 16.48 -0.15 -53.32
N ASN L 59 15.31 -0.27 -52.71
CA ASN L 59 15.17 -0.79 -51.37
C ASN L 59 14.19 -1.94 -51.37
N TYR L 60 14.53 -2.99 -50.65
CA TYR L 60 13.66 -4.13 -50.53
C TYR L 60 13.36 -4.40 -49.07
N PRO L 61 12.19 -4.93 -48.74
CA PRO L 61 11.95 -5.38 -47.38
C PRO L 61 12.79 -6.61 -47.09
N ASP L 62 12.95 -6.89 -45.80
CA ASP L 62 13.76 -8.03 -45.38
C ASP L 62 13.13 -9.36 -45.78
N SER L 63 11.82 -9.39 -45.98
CA SER L 63 11.13 -10.64 -46.29
C SER L 63 11.57 -11.23 -47.62
N VAL L 64 11.87 -10.39 -48.60
CA VAL L 64 12.07 -10.86 -49.96
C VAL L 64 13.44 -10.47 -50.50
N LYS L 65 14.37 -10.14 -49.62
CA LYS L 65 15.72 -9.79 -50.07
C LYS L 65 16.40 -11.01 -50.68
N GLY L 66 17.06 -10.80 -51.81
CA GLY L 66 17.72 -11.87 -52.51
C GLY L 66 16.84 -12.64 -53.47
N ARG L 67 15.53 -12.57 -53.31
CA ARG L 67 14.63 -13.34 -54.16
C ARG L 67 13.95 -12.50 -55.24
N PHE L 68 13.85 -11.19 -55.06
CA PHE L 68 13.22 -10.33 -56.05
C PHE L 68 14.23 -9.33 -56.59
N THR L 69 13.88 -8.70 -57.71
CA THR L 69 14.76 -7.71 -58.31
C THR L 69 13.96 -6.79 -59.23
N ILE L 70 14.07 -5.48 -59.01
CA ILE L 70 13.31 -4.49 -59.77
C ILE L 70 14.27 -3.70 -60.67
N SER L 71 13.85 -3.44 -61.90
CA SER L 71 14.69 -2.65 -62.77
C SER L 71 13.88 -1.79 -63.74
N ARG L 72 14.45 -0.66 -64.10
CA ARG L 72 13.91 0.24 -65.11
C ARG L 72 14.40 -0.21 -66.47
N ASP L 73 13.58 -0.05 -67.49
CA ASP L 73 14.03 -0.24 -68.85
C ASP L 73 13.76 1.04 -69.62
N ASN L 74 14.82 1.67 -70.10
CA ASN L 74 14.69 2.97 -70.73
C ASN L 74 14.37 2.89 -72.21
N ALA L 75 14.48 1.71 -72.82
CA ALA L 75 14.15 1.59 -74.24
C ALA L 75 12.66 1.83 -74.47
N LYS L 76 11.82 1.04 -73.81
CA LYS L 76 10.40 1.27 -73.76
C LYS L 76 10.02 1.47 -72.31
N ASN L 77 9.13 2.42 -72.06
CA ASN L 77 8.84 2.83 -70.69
C ASN L 77 8.19 1.69 -69.94
N THR L 78 8.99 0.96 -69.17
CA THR L 78 8.51 -0.25 -68.51
C THR L 78 9.44 -0.58 -67.36
N VAL L 79 8.85 -0.81 -66.20
CA VAL L 79 9.58 -1.28 -65.02
C VAL L 79 9.27 -2.76 -64.83
N TYR L 80 10.31 -3.54 -64.60
CA TYR L 80 10.22 -4.98 -64.47
C TYR L 80 10.44 -5.40 -63.02
N LEU L 81 9.74 -6.46 -62.62
CA LEU L 81 9.97 -7.15 -61.37
C LEU L 81 10.27 -8.61 -61.68
N GLN L 82 11.35 -9.13 -61.11
CA GLN L 82 11.81 -10.48 -61.34
C GLN L 82 11.73 -11.24 -60.04
N MET L 83 10.99 -12.36 -60.05
CA MET L 83 10.69 -13.15 -58.88
C MET L 83 11.31 -14.52 -59.09
N ASN L 84 12.40 -14.80 -58.36
CA ASN L 84 13.23 -15.94 -58.71
C ASN L 84 12.85 -17.22 -57.97
N SER L 85 12.91 -17.20 -56.64
CA SER L 85 12.60 -18.37 -55.84
C SER L 85 11.30 -18.12 -55.10
N LEU L 86 10.28 -18.87 -55.45
CA LEU L 86 8.93 -18.59 -54.95
C LEU L 86 8.55 -19.55 -53.84
N LYS L 87 7.74 -19.05 -52.93
CA LYS L 87 7.21 -19.76 -51.79
C LYS L 87 5.72 -19.95 -51.98
N PRO L 88 5.06 -20.76 -51.15
CA PRO L 88 3.60 -20.85 -51.26
C PRO L 88 2.88 -19.61 -50.79
N GLU L 89 3.43 -18.88 -49.83
CA GLU L 89 2.75 -17.70 -49.32
C GLU L 89 2.91 -16.47 -50.19
N ASP L 90 3.66 -16.57 -51.29
CA ASP L 90 3.83 -15.43 -52.18
C ASP L 90 2.78 -15.42 -53.28
N THR L 91 1.53 -15.53 -52.89
CA THR L 91 0.40 -15.52 -53.82
C THR L 91 -0.56 -14.42 -53.42
N ALA L 92 -0.82 -13.50 -54.34
CA ALA L 92 -1.55 -12.28 -54.01
C ALA L 92 -1.86 -11.54 -55.30
N VAL L 93 -2.50 -10.39 -55.17
CA VAL L 93 -2.64 -9.47 -56.30
C VAL L 93 -1.53 -8.44 -56.18
N TYR L 94 -0.90 -8.14 -57.31
CA TYR L 94 0.22 -7.22 -57.35
C TYR L 94 -0.16 -5.96 -58.09
N TYR L 95 0.30 -4.81 -57.59
CA TYR L 95 -0.01 -3.53 -58.19
C TYR L 95 1.26 -2.75 -58.49
N CYS L 96 1.18 -1.94 -59.53
CA CYS L 96 2.23 -1.01 -59.92
C CYS L 96 1.86 0.37 -59.42
N ASN L 97 2.85 1.11 -58.95
CA ASN L 97 2.60 2.40 -58.33
C ASN L 97 3.58 3.43 -58.86
N ALA L 98 3.05 4.54 -59.35
CA ALA L 98 3.82 5.72 -59.69
C ALA L 98 3.98 6.51 -58.40
N ASN L 99 4.26 7.82 -58.49
CA ASN L 99 4.90 8.61 -57.44
C ASN L 99 4.42 8.29 -56.03
N VAL L 100 3.20 8.63 -55.67
CA VAL L 100 2.51 7.93 -54.59
C VAL L 100 1.08 7.67 -55.02
N GLU L 101 0.43 8.73 -55.53
CA GLU L 101 -1.02 8.74 -55.72
C GLU L 101 -1.50 7.68 -56.69
N THR L 102 -0.96 7.68 -57.90
CA THR L 102 -1.55 6.87 -58.96
C THR L 102 -1.24 5.40 -58.79
N TRP L 103 -2.26 4.58 -59.00
CA TRP L 103 -2.17 3.14 -58.90
C TRP L 103 -2.38 2.48 -60.25
N GLY L 104 -2.11 1.19 -60.30
CA GLY L 104 -2.52 0.35 -61.40
C GLY L 104 -3.80 -0.36 -61.09
N GLN L 105 -4.06 -1.45 -61.82
CA GLN L 105 -5.24 -2.25 -61.56
C GLN L 105 -4.95 -3.61 -60.96
N GLY L 106 -3.73 -4.10 -61.09
CA GLY L 106 -3.32 -5.31 -60.41
C GLY L 106 -3.36 -6.53 -61.31
N THR L 107 -2.61 -7.55 -60.90
CA THR L 107 -2.53 -8.84 -61.59
C THR L 107 -2.44 -9.93 -60.53
N GLN L 108 -3.19 -11.00 -60.72
CA GLN L 108 -3.25 -12.07 -59.73
C GLN L 108 -2.09 -13.01 -59.97
N VAL L 109 -1.48 -13.49 -58.89
CA VAL L 109 -0.36 -14.41 -58.95
C VAL L 109 -0.55 -15.51 -57.93
N THR L 110 -0.47 -16.77 -58.40
CA THR L 110 -0.73 -17.93 -57.56
C THR L 110 0.34 -19.00 -57.76
N VAL L 111 0.59 -19.76 -56.71
CA VAL L 111 1.66 -20.77 -56.68
C VAL L 111 1.11 -22.10 -56.15
N SER L 112 1.01 -23.09 -57.03
CA SER L 112 0.57 -24.44 -56.68
C SER L 112 0.85 -25.35 -57.87
N SER L 113 0.35 -26.59 -57.80
CA SER L 113 0.45 -27.55 -58.90
C SER L 113 -0.17 -27.04 -60.20
N PRO M 324 -23.48 38.31 -80.65
CA PRO M 324 -23.97 37.19 -81.46
C PRO M 324 -23.32 35.85 -81.09
N ASP M 325 -23.01 35.05 -82.10
CA ASP M 325 -22.38 33.75 -81.88
C ASP M 325 -20.89 33.87 -81.61
N ASP M 326 -20.27 34.98 -82.00
CA ASP M 326 -18.87 35.22 -81.71
C ASP M 326 -18.67 35.41 -80.21
N LEU M 327 -19.65 36.03 -79.54
CA LEU M 327 -19.58 36.27 -78.10
C LEU M 327 -19.61 34.96 -77.32
N GLN M 328 -20.28 33.94 -77.86
CA GLN M 328 -20.31 32.64 -77.20
C GLN M 328 -18.93 32.01 -77.05
N ARG M 329 -17.99 32.30 -77.95
CA ARG M 329 -16.64 31.78 -77.76
C ARG M 329 -15.95 32.41 -76.55
N LEU M 330 -16.33 33.63 -76.16
CA LEU M 330 -15.72 34.28 -75.00
C LEU M 330 -16.43 33.94 -73.70
N VAL M 331 -17.39 33.03 -73.73
CA VAL M 331 -18.19 32.67 -72.56
C VAL M 331 -17.52 31.63 -71.66
N PRO M 332 -16.87 30.58 -72.16
CA PRO M 332 -16.17 29.70 -71.20
C PRO M 332 -14.73 30.09 -70.91
N LEU M 333 -14.10 30.96 -71.71
CA LEU M 333 -12.70 31.32 -71.48
C LEU M 333 -12.44 31.81 -70.06
N LEU M 334 -13.43 32.44 -69.43
CA LEU M 334 -13.33 32.97 -68.08
C LEU M 334 -13.03 31.88 -67.06
N ASP M 335 -13.37 30.62 -67.36
CA ASP M 335 -13.11 29.50 -66.46
C ASP M 335 -11.64 29.08 -66.42
N SER M 336 -10.76 29.85 -67.06
CA SER M 336 -9.36 29.48 -67.16
C SER M 336 -8.67 29.53 -65.80
N ASN M 337 -7.58 28.75 -65.68
CA ASN M 337 -6.82 28.70 -64.44
C ASN M 337 -5.91 29.91 -64.28
N ARG M 338 -5.34 30.39 -65.38
CA ARG M 338 -4.39 31.49 -65.32
C ARG M 338 -5.12 32.83 -65.24
N LEU M 339 -4.37 33.85 -64.81
CA LEU M 339 -4.97 35.16 -64.55
C LEU M 339 -5.16 35.97 -65.82
N GLU M 340 -4.15 35.97 -66.71
CA GLU M 340 -4.14 36.88 -67.86
C GLU M 340 -5.32 36.63 -68.80
N ALA M 341 -5.68 35.36 -69.00
CA ALA M 341 -6.84 35.03 -69.83
C ALA M 341 -8.12 35.64 -69.27
N GLN M 342 -8.31 35.49 -67.97
CA GLN M 342 -9.48 36.07 -67.30
C GLN M 342 -9.47 37.59 -67.42
N CYS M 343 -8.30 38.20 -67.22
CA CYS M 343 -8.18 39.66 -67.29
C CYS M 343 -8.54 40.19 -68.68
N ILE M 344 -8.01 39.56 -69.74
CA ILE M 344 -8.27 40.10 -71.07
C ILE M 344 -9.71 39.82 -71.47
N GLY M 345 -10.27 38.68 -71.06
CA GLY M 345 -11.67 38.41 -71.38
C GLY M 345 -12.57 39.43 -70.75
N ALA M 346 -12.28 39.79 -69.49
CA ALA M 346 -13.11 40.77 -68.80
C ALA M 346 -12.95 42.14 -69.43
N PHE M 347 -11.71 42.51 -69.81
CA PHE M 347 -11.49 43.80 -70.46
C PHE M 347 -12.29 43.89 -71.75
N TYR M 348 -12.24 42.85 -72.60
CA TYR M 348 -13.01 42.86 -73.84
C TYR M 348 -14.51 43.00 -73.59
N LEU M 349 -15.09 42.07 -72.80
CA LEU M 349 -16.53 42.12 -72.57
C LEU M 349 -16.97 43.44 -71.97
N CYS M 350 -16.25 43.94 -70.97
CA CYS M 350 -16.62 45.21 -70.36
C CYS M 350 -16.52 46.36 -71.36
N ALA M 351 -15.49 46.33 -72.22
CA ALA M 351 -15.32 47.40 -73.21
C ALA M 351 -16.43 47.40 -74.25
N GLU M 352 -16.82 46.23 -74.75
CA GLU M 352 -17.93 46.24 -75.70
C GLU M 352 -19.26 46.47 -75.00
N ALA M 353 -19.37 46.16 -73.71
CA ALA M 353 -20.58 46.54 -72.98
C ALA M 353 -20.69 48.05 -72.92
N ALA M 354 -19.57 48.73 -72.58
CA ALA M 354 -19.55 50.18 -72.58
C ALA M 354 -19.86 50.77 -73.96
N ILE M 355 -19.44 50.08 -75.02
CA ILE M 355 -19.74 50.53 -76.38
C ILE M 355 -21.23 50.37 -76.69
N LYS M 356 -21.80 49.20 -76.41
CA LYS M 356 -23.18 48.86 -76.73
C LYS M 356 -24.18 49.39 -75.72
N SER M 357 -23.70 50.07 -74.68
CA SER M 357 -24.56 50.55 -73.60
C SER M 357 -25.37 51.79 -73.96
N LEU M 358 -24.80 52.72 -74.74
CA LEU M 358 -25.53 53.95 -75.02
C LEU M 358 -26.67 53.71 -76.00
N GLN M 359 -26.49 52.83 -76.99
CA GLN M 359 -27.60 52.48 -77.86
C GLN M 359 -28.66 51.69 -77.11
N GLY M 360 -29.74 51.35 -77.80
CA GLY M 360 -30.79 50.58 -77.19
C GLY M 360 -30.46 49.11 -77.05
N LYS M 361 -29.51 48.59 -77.85
CA LYS M 361 -29.32 47.15 -77.78
C LYS M 361 -28.42 46.75 -76.61
N THR M 362 -29.10 46.36 -75.53
CA THR M 362 -28.53 45.76 -74.34
C THR M 362 -29.04 44.34 -74.13
N LYS M 363 -29.95 43.89 -75.00
CA LYS M 363 -30.64 42.61 -74.87
C LYS M 363 -29.78 41.45 -75.34
N VAL M 364 -28.69 41.73 -76.06
CA VAL M 364 -27.76 40.68 -76.44
C VAL M 364 -27.14 40.04 -75.20
N PHE M 365 -26.79 40.83 -74.18
CA PHE M 365 -26.28 40.25 -72.94
C PHE M 365 -27.31 39.38 -72.25
N SER M 366 -28.59 39.68 -72.42
CA SER M 366 -29.64 38.85 -71.85
C SER M 366 -29.68 37.48 -72.52
N ASP M 367 -29.95 37.44 -73.83
CA ASP M 367 -30.20 36.14 -74.45
C ASP M 367 -28.95 35.31 -74.69
N ILE M 368 -27.74 35.89 -74.57
CA ILE M 368 -26.53 35.07 -74.66
C ILE M 368 -26.12 34.48 -73.32
N GLY M 369 -26.72 34.93 -72.22
CA GLY M 369 -26.44 34.36 -70.92
C GLY M 369 -25.09 34.67 -70.32
N ALA M 370 -24.42 35.73 -70.78
CA ALA M 370 -23.16 36.12 -70.16
C ALA M 370 -23.37 36.76 -68.79
N ILE M 371 -24.53 37.40 -68.60
CA ILE M 371 -24.87 38.06 -67.34
C ILE M 371 -24.87 37.05 -66.19
N GLN M 372 -25.23 35.79 -66.46
CA GLN M 372 -25.27 34.79 -65.40
C GLN M 372 -23.86 34.50 -64.90
N SER M 373 -22.90 34.38 -65.81
CA SER M 373 -21.51 34.13 -65.40
C SER M 373 -20.92 35.34 -64.70
N LEU M 374 -21.27 36.54 -65.16
CA LEU M 374 -20.82 37.76 -64.48
C LEU M 374 -21.39 37.86 -63.08
N LYS M 375 -22.70 37.63 -62.91
CA LYS M 375 -23.31 37.63 -61.58
C LYS M 375 -22.75 36.50 -60.72
N ARG M 376 -22.24 35.45 -61.34
CA ARG M 376 -21.56 34.37 -60.61
C ARG M 376 -20.24 34.86 -60.04
N LEU M 377 -19.33 35.30 -60.91
CA LEU M 377 -17.92 35.44 -60.53
C LEU M 377 -17.60 36.67 -59.69
N VAL M 378 -18.54 37.61 -59.52
CA VAL M 378 -18.22 38.83 -58.79
C VAL M 378 -18.10 38.55 -57.29
N SER M 379 -18.90 37.64 -56.76
CA SER M 379 -18.81 37.29 -55.35
C SER M 379 -17.75 36.23 -55.14
N TYR M 380 -17.08 36.29 -54.00
CA TYR M 380 -15.95 35.43 -53.64
C TYR M 380 -14.86 35.49 -54.71
N SER M 381 -14.30 36.67 -54.88
CA SER M 381 -13.20 36.87 -55.81
C SER M 381 -12.24 37.88 -55.22
N THR M 382 -10.97 37.49 -55.09
CA THR M 382 -9.93 38.37 -54.58
C THR M 382 -9.00 38.65 -55.75
N ASN M 383 -9.42 39.59 -56.59
CA ASN M 383 -8.67 39.96 -57.79
C ASN M 383 -9.21 41.34 -58.16
N GLY M 384 -8.39 42.38 -57.90
CA GLY M 384 -8.89 43.74 -58.05
C GLY M 384 -9.25 44.11 -59.48
N THR M 385 -8.43 43.69 -60.44
CA THR M 385 -8.70 44.04 -61.83
C THR M 385 -9.97 43.37 -62.36
N LYS M 386 -10.07 42.03 -62.29
CA LYS M 386 -11.22 41.35 -62.91
C LYS M 386 -12.52 41.71 -62.19
N SER M 387 -12.49 41.75 -60.85
CA SER M 387 -13.70 42.08 -60.11
C SER M 387 -14.11 43.52 -60.36
N ALA M 388 -13.14 44.44 -60.42
CA ALA M 388 -13.46 45.83 -60.73
C ALA M 388 -14.07 45.95 -62.11
N LEU M 389 -13.54 45.20 -63.07
CA LEU M 389 -14.06 45.25 -64.44
C LEU M 389 -15.46 44.66 -64.51
N ALA M 390 -15.69 43.56 -63.78
CA ALA M 390 -17.00 42.95 -63.75
C ALA M 390 -18.02 43.89 -63.10
N LYS M 391 -17.60 44.60 -62.06
CA LYS M 391 -18.50 45.56 -61.42
C LYS M 391 -18.82 46.71 -62.36
N ARG M 392 -17.81 47.20 -63.08
CA ARG M 392 -18.06 48.28 -64.04
C ARG M 392 -18.98 47.80 -65.15
N ALA M 393 -18.81 46.56 -65.60
CA ALA M 393 -19.69 46.01 -66.64
C ALA M 393 -21.13 45.90 -66.15
N LEU M 394 -21.32 45.38 -64.93
CA LEU M 394 -22.68 45.23 -64.41
C LEU M 394 -23.36 46.57 -64.18
N ARG M 395 -22.65 47.50 -63.53
CA ARG M 395 -23.21 48.82 -63.27
C ARG M 395 -23.44 49.63 -64.54
N LEU M 396 -22.77 49.32 -65.64
CA LEU M 396 -23.15 49.95 -66.90
C LEU M 396 -24.47 49.41 -67.44
N LEU M 397 -24.79 48.14 -67.22
CA LEU M 397 -26.05 47.63 -67.74
C LEU M 397 -27.23 47.91 -66.80
N GLY M 398 -27.03 48.74 -65.78
CA GLY M 398 -28.10 49.07 -64.86
C GLY M 398 -28.48 48.00 -63.88
N GLU M 399 -27.69 46.93 -63.75
CA GLU M 399 -28.00 45.90 -62.78
C GLU M 399 -27.38 46.24 -61.43
N GLU M 400 -27.57 45.34 -60.46
CA GLU M 400 -27.04 45.48 -59.12
C GLU M 400 -26.03 44.38 -58.87
N VAL M 401 -24.93 44.72 -58.23
CA VAL M 401 -23.90 43.71 -57.96
C VAL M 401 -24.34 42.84 -56.80
N PRO M 402 -24.15 41.53 -56.86
CA PRO M 402 -24.41 40.68 -55.71
C PRO M 402 -23.35 40.85 -54.64
N ARG M 403 -23.69 40.36 -53.46
CA ARG M 403 -22.77 40.34 -52.34
C ARG M 403 -22.92 38.99 -51.67
N PRO M 404 -21.85 38.47 -51.08
CA PRO M 404 -21.92 37.15 -50.44
C PRO M 404 -22.87 37.16 -49.26
N ILE M 405 -23.30 35.96 -48.88
CA ILE M 405 -24.19 35.78 -47.75
C ILE M 405 -23.40 34.96 -46.73
N LEU M 406 -22.80 35.61 -45.85
CA LEU M 406 -21.88 35.06 -44.88
C LEU M 406 -22.57 34.80 -43.55
N PRO M 407 -22.08 33.83 -42.78
CA PRO M 407 -22.70 33.54 -41.49
C PRO M 407 -22.46 34.66 -40.50
N SER M 408 -23.48 34.95 -39.71
CA SER M 408 -23.34 35.91 -38.62
C SER M 408 -22.87 35.17 -37.39
N VAL M 409 -21.59 34.77 -37.44
CA VAL M 409 -20.99 34.01 -36.35
C VAL M 409 -21.07 34.68 -34.98
N PRO M 410 -20.68 35.95 -34.80
CA PRO M 410 -20.60 36.47 -33.43
C PRO M 410 -21.94 36.66 -32.73
N SER M 411 -23.06 36.37 -33.38
CA SER M 411 -24.34 36.29 -32.71
C SER M 411 -24.89 34.91 -33.02
N TRP M 412 -24.42 33.92 -32.29
CA TRP M 412 -24.86 32.54 -32.43
C TRP M 412 -25.26 32.05 -31.05
N LYS M 413 -25.87 30.87 -31.02
CA LYS M 413 -26.17 30.25 -29.74
C LYS M 413 -25.59 28.86 -29.76
N GLU M 414 -25.93 28.05 -28.76
CA GLU M 414 -25.31 26.73 -28.65
C GLU M 414 -25.79 25.78 -29.73
N ALA M 415 -27.01 25.99 -30.24
CA ALA M 415 -27.52 25.10 -31.27
C ALA M 415 -26.74 25.23 -32.56
N GLU M 416 -26.41 26.46 -32.94
CA GLU M 416 -25.67 26.67 -34.17
C GLU M 416 -24.24 26.20 -34.02
N VAL M 417 -23.66 26.38 -32.83
CA VAL M 417 -22.31 25.87 -32.59
C VAL M 417 -22.29 24.35 -32.74
N GLN M 418 -23.30 23.68 -32.20
CA GLN M 418 -23.29 22.22 -32.29
C GLN M 418 -23.53 21.74 -33.71
N THR M 419 -24.41 22.39 -34.46
CA THR M 419 -24.55 21.95 -35.85
C THR M 419 -23.31 22.29 -36.66
N TRP M 420 -22.56 23.32 -36.29
CA TRP M 420 -21.30 23.59 -36.98
C TRP M 420 -20.31 22.48 -36.70
N LEU M 421 -20.31 21.98 -35.47
CA LEU M 421 -19.42 20.88 -35.12
C LEU M 421 -19.83 19.61 -35.84
N GLN M 422 -21.12 19.43 -36.09
CA GLN M 422 -21.53 18.31 -36.95
C GLN M 422 -20.99 18.50 -38.35
N GLN M 423 -21.02 19.74 -38.84
CA GLN M 423 -20.65 20.00 -40.22
C GLN M 423 -19.17 19.79 -40.48
N ILE M 424 -18.31 20.28 -39.60
CA ILE M 424 -16.88 20.16 -39.87
C ILE M 424 -16.34 18.77 -39.60
N GLY M 425 -17.08 17.92 -38.93
CA GLY M 425 -16.62 16.58 -38.66
C GLY M 425 -16.09 16.34 -37.26
N PHE M 426 -16.14 17.34 -36.39
CA PHE M 426 -15.71 17.13 -35.01
C PHE M 426 -16.89 16.75 -34.14
N SER M 427 -17.69 15.80 -34.58
CA SER M 427 -18.93 15.48 -33.89
C SER M 427 -18.71 14.75 -32.58
N LYS M 428 -17.50 14.33 -32.28
CA LYS M 428 -17.25 13.55 -31.07
C LYS M 428 -17.03 14.47 -29.87
N TYR M 429 -16.99 15.77 -30.11
CA TYR M 429 -16.79 16.74 -29.05
C TYR M 429 -18.04 17.55 -28.76
N CYS M 430 -19.16 17.24 -29.42
CA CYS M 430 -20.39 18.01 -29.25
C CYS M 430 -20.92 17.95 -27.84
N GLU M 431 -20.58 16.92 -27.07
CA GLU M 431 -21.01 16.85 -25.69
C GLU M 431 -20.32 17.90 -24.83
N SER M 432 -19.00 17.98 -24.92
CA SER M 432 -18.24 18.91 -24.11
C SER M 432 -18.60 20.35 -24.42
N PHE M 433 -18.71 20.68 -25.70
CA PHE M 433 -19.11 22.02 -26.10
C PHE M 433 -20.52 22.36 -25.67
N ARG M 434 -21.33 21.38 -25.30
CA ARG M 434 -22.66 21.64 -24.75
C ARG M 434 -22.63 21.86 -23.25
N GLU M 435 -21.73 21.17 -22.55
CA GLU M 435 -21.71 21.26 -21.11
C GLU M 435 -21.19 22.61 -20.66
N GLN M 436 -20.18 23.12 -21.36
CA GLN M 436 -19.61 24.42 -21.06
C GLN M 436 -20.41 25.56 -21.66
N GLN M 437 -21.42 25.26 -22.46
CA GLN M 437 -22.29 26.25 -23.10
C GLN M 437 -21.52 27.22 -23.97
N VAL M 438 -20.66 26.69 -24.83
CA VAL M 438 -19.89 27.52 -25.74
C VAL M 438 -20.80 28.07 -26.82
N ASP M 439 -20.79 29.37 -27.01
CA ASP M 439 -21.56 30.02 -28.07
C ASP M 439 -20.61 30.80 -28.96
N GLY M 440 -21.19 31.62 -29.85
CA GLY M 440 -20.40 32.21 -30.92
C GLY M 440 -19.35 33.18 -30.43
N ASP M 441 -19.70 34.02 -29.46
CA ASP M 441 -18.72 34.95 -28.89
C ASP M 441 -17.62 34.21 -28.16
N LEU M 442 -17.98 33.12 -27.48
CA LEU M 442 -16.95 32.33 -26.81
C LEU M 442 -16.21 31.45 -27.78
N LEU M 443 -16.85 31.06 -28.87
CA LEU M 443 -16.17 30.27 -29.89
C LEU M 443 -15.08 31.08 -30.57
N LEU M 444 -15.34 32.34 -30.87
CA LEU M 444 -14.37 33.11 -31.62
C LEU M 444 -13.19 33.56 -30.76
N ARG M 445 -13.18 33.27 -29.48
CA ARG M 445 -12.11 33.69 -28.58
C ARG M 445 -11.46 32.50 -27.89
N LEU M 446 -11.46 31.33 -28.53
CA LEU M 446 -10.87 30.16 -27.93
C LEU M 446 -9.36 30.19 -28.10
N THR M 447 -8.67 29.70 -27.08
CA THR M 447 -7.23 29.52 -27.10
C THR M 447 -6.93 28.03 -26.92
N GLU M 448 -5.65 27.70 -26.87
CA GLU M 448 -5.26 26.31 -26.73
C GLU M 448 -5.43 25.77 -25.32
N GLU M 449 -5.42 26.65 -24.32
CA GLU M 449 -5.58 26.17 -22.95
C GLU M 449 -7.01 25.73 -22.69
N GLU M 450 -7.98 26.46 -23.23
CA GLU M 450 -9.36 26.05 -23.08
C GLU M 450 -9.65 24.78 -23.85
N LEU M 451 -8.99 24.60 -25.00
CA LEU M 451 -9.18 23.37 -25.75
C LEU M 451 -8.58 22.19 -25.02
N GLN M 452 -7.34 22.35 -24.56
CA GLN M 452 -6.62 21.21 -24.02
C GLN M 452 -7.12 20.83 -22.63
N THR M 453 -7.32 21.81 -21.76
CA THR M 453 -7.60 21.48 -20.37
C THR M 453 -9.02 20.98 -20.16
N ASP M 454 -10.01 21.78 -20.56
CA ASP M 454 -11.39 21.49 -20.19
C ASP M 454 -12.29 21.04 -21.33
N LEU M 455 -11.93 21.31 -22.57
CA LEU M 455 -12.73 20.75 -23.65
C LEU M 455 -12.25 19.38 -24.09
N GLY M 456 -11.06 18.95 -23.67
CA GLY M 456 -10.64 17.59 -23.83
C GLY M 456 -9.82 17.26 -25.06
N MET M 457 -9.50 18.23 -25.91
CA MET M 457 -8.68 17.94 -27.08
C MET M 457 -7.23 17.83 -26.62
N LYS M 458 -6.81 16.60 -26.31
CA LYS M 458 -5.49 16.40 -25.76
C LYS M 458 -4.40 16.49 -26.81
N SER M 459 -4.59 15.80 -27.93
CA SER M 459 -3.52 15.65 -28.92
C SER M 459 -3.36 16.91 -29.76
N GLY M 460 -2.11 17.34 -29.93
CA GLY M 460 -1.83 18.55 -30.67
C GLY M 460 -2.25 18.51 -32.11
N ILE M 461 -2.28 17.32 -32.70
CA ILE M 461 -2.75 17.17 -34.08
C ILE M 461 -4.22 17.53 -34.18
N THR M 462 -5.03 17.08 -33.21
CA THR M 462 -6.45 17.37 -33.26
C THR M 462 -6.71 18.85 -33.06
N ARG M 463 -5.96 19.48 -32.17
CA ARG M 463 -6.11 20.92 -31.99
C ARG M 463 -5.67 21.67 -33.23
N LYS M 464 -4.65 21.17 -33.92
CA LYS M 464 -4.22 21.81 -35.15
C LYS M 464 -5.28 21.72 -36.24
N ARG M 465 -5.95 20.57 -36.34
CA ARG M 465 -7.05 20.44 -37.29
C ARG M 465 -8.21 21.35 -36.93
N PHE M 466 -8.53 21.42 -35.64
CA PHE M 466 -9.61 22.30 -35.20
C PHE M 466 -9.33 23.74 -35.53
N PHE M 467 -8.10 24.17 -35.30
CA PHE M 467 -7.78 25.57 -35.57
C PHE M 467 -7.73 25.85 -37.06
N ARG M 468 -7.37 24.85 -37.87
CA ARG M 468 -7.48 25.00 -39.31
C ARG M 468 -8.92 25.30 -39.72
N GLU M 469 -9.86 24.55 -39.14
CA GLU M 469 -11.27 24.74 -39.49
C GLU M 469 -11.78 26.08 -38.97
N LEU M 470 -11.37 26.44 -37.75
CA LEU M 470 -11.81 27.69 -37.16
C LEU M 470 -11.32 28.88 -37.97
N THR M 471 -10.04 28.88 -38.34
CA THR M 471 -9.53 29.99 -39.12
C THR M 471 -10.09 29.99 -40.54
N GLU M 472 -10.64 28.87 -41.00
CA GLU M 472 -11.34 28.94 -42.26
C GLU M 472 -12.71 29.60 -42.07
N LEU M 473 -13.35 29.33 -40.93
CA LEU M 473 -14.63 29.97 -40.64
C LEU M 473 -14.49 31.46 -40.40
N LYS M 474 -13.44 31.87 -39.69
CA LYS M 474 -13.29 33.25 -39.27
C LYS M 474 -13.07 34.19 -40.43
N THR M 475 -12.47 33.71 -41.50
CA THR M 475 -12.27 34.58 -42.66
C THR M 475 -13.54 34.76 -43.46
N PHE M 476 -14.56 33.95 -43.23
CA PHE M 476 -15.80 34.01 -43.98
C PHE M 476 -16.99 34.26 -43.07
N ALA M 477 -16.85 35.16 -42.12
CA ALA M 477 -17.93 35.48 -41.21
C ALA M 477 -18.49 36.85 -41.55
N ASN M 478 -19.54 37.24 -40.85
CA ASN M 478 -20.21 38.52 -41.08
C ASN M 478 -20.16 39.32 -39.80
N TYR M 479 -19.26 40.30 -39.74
CA TYR M 479 -19.01 41.08 -38.54
C TYR M 479 -19.79 42.38 -38.51
N SER M 480 -20.81 42.52 -39.34
CA SER M 480 -21.47 43.81 -39.51
C SER M 480 -22.19 44.26 -38.25
N THR M 481 -22.67 43.33 -37.43
CA THR M 481 -23.39 43.71 -36.23
C THR M 481 -22.48 44.24 -35.13
N CYS M 482 -21.17 44.16 -35.28
CA CYS M 482 -20.27 44.62 -34.23
C CYS M 482 -19.13 45.49 -34.71
N ASP M 483 -18.95 45.65 -36.01
CA ASP M 483 -17.83 46.39 -36.58
C ASP M 483 -18.36 47.68 -37.20
N ARG M 484 -18.14 48.79 -36.52
CA ARG M 484 -18.67 50.06 -37.00
C ARG M 484 -17.77 50.67 -38.07
N SER M 485 -16.47 50.74 -37.79
CA SER M 485 -15.53 51.44 -38.65
C SER M 485 -15.16 50.66 -39.90
N ASN M 486 -15.82 49.54 -40.17
CA ASN M 486 -15.55 48.68 -41.32
C ASN M 486 -14.10 48.24 -41.36
N LEU M 487 -13.65 47.63 -40.27
CA LEU M 487 -12.27 47.19 -40.17
C LEU M 487 -12.00 45.97 -41.02
N ALA M 488 -13.03 45.16 -41.27
CA ALA M 488 -12.85 43.91 -41.99
C ALA M 488 -12.38 44.15 -43.41
N ASP M 489 -12.96 45.14 -44.10
CA ASP M 489 -12.50 45.44 -45.44
C ASP M 489 -11.10 46.00 -45.45
N TRP M 490 -10.72 46.77 -44.43
CA TRP M 490 -9.37 47.30 -44.36
C TRP M 490 -8.36 46.17 -44.19
N LEU M 491 -8.72 45.15 -43.41
CA LEU M 491 -7.82 44.02 -43.27
C LEU M 491 -7.82 43.14 -44.51
N GLY M 492 -8.95 43.04 -45.18
CA GLY M 492 -9.01 42.21 -46.37
C GLY M 492 -8.29 42.81 -47.56
N SER M 493 -8.21 44.14 -47.60
CA SER M 493 -7.48 44.79 -48.68
C SER M 493 -6.00 44.51 -48.64
N LEU M 494 -5.44 44.33 -47.44
CA LEU M 494 -4.04 43.93 -47.33
C LEU M 494 -3.84 42.52 -47.87
N ASP M 495 -4.53 41.57 -47.29
CA ASP M 495 -4.37 40.16 -47.61
C ASP M 495 -5.65 39.48 -47.18
N PRO M 496 -6.25 38.63 -48.02
CA PRO M 496 -7.47 37.93 -47.60
C PRO M 496 -7.27 37.03 -46.40
N ARG M 497 -6.06 36.58 -46.12
CA ARG M 497 -5.82 35.76 -44.94
C ARG M 497 -5.92 36.55 -43.65
N PHE M 498 -5.95 37.87 -43.72
CA PHE M 498 -5.85 38.71 -42.54
C PHE M 498 -7.19 39.01 -41.91
N ARG M 499 -8.27 38.77 -42.66
CA ARG M 499 -9.60 39.11 -42.18
C ARG M 499 -9.95 38.35 -40.92
N GLN M 500 -9.35 37.18 -40.73
CA GLN M 500 -9.56 36.38 -39.54
C GLN M 500 -9.22 37.10 -38.25
N TYR M 501 -8.42 38.16 -38.31
CA TYR M 501 -8.07 38.80 -37.06
C TYR M 501 -9.06 39.85 -36.61
N THR M 502 -10.08 40.14 -37.40
CA THR M 502 -10.87 41.35 -37.14
C THR M 502 -11.57 41.34 -35.80
N TYR M 503 -12.02 40.17 -35.34
CA TYR M 503 -12.76 40.17 -34.09
C TYR M 503 -11.85 40.41 -32.92
N GLY M 504 -10.59 39.96 -33.01
CA GLY M 504 -9.66 40.28 -31.96
C GLY M 504 -9.33 41.75 -31.89
N LEU M 505 -9.50 42.47 -33.00
CA LEU M 505 -9.28 43.90 -32.92
C LEU M 505 -10.50 44.64 -32.43
N VAL M 506 -11.69 44.08 -32.53
CA VAL M 506 -12.85 44.87 -32.18
C VAL M 506 -13.24 44.66 -30.73
N SER M 507 -13.26 43.40 -30.28
CA SER M 507 -13.55 43.11 -28.89
C SER M 507 -12.55 43.77 -27.94
N CYS M 508 -11.30 43.91 -28.38
CA CYS M 508 -10.34 44.64 -27.55
C CYS M 508 -10.58 46.14 -27.59
N GLY M 509 -11.28 46.64 -28.60
CA GLY M 509 -11.67 48.03 -28.58
C GLY M 509 -11.26 48.88 -29.76
N LEU M 510 -10.33 48.41 -30.58
CA LEU M 510 -9.77 49.21 -31.65
C LEU M 510 -10.79 49.54 -32.72
N ASP M 511 -10.40 50.44 -33.62
CA ASP M 511 -11.18 50.81 -34.79
C ASP M 511 -10.23 51.46 -35.78
N ARG M 512 -10.76 51.84 -36.93
CA ARG M 512 -9.92 52.33 -38.02
C ARG M 512 -9.28 53.66 -37.69
N SER M 513 -9.91 54.48 -36.85
CA SER M 513 -9.37 55.80 -36.57
C SER M 513 -8.19 55.73 -35.61
N LEU M 514 -8.35 55.02 -34.50
CA LEU M 514 -7.33 54.98 -33.47
C LEU M 514 -6.40 53.78 -33.59
N LEU M 515 -6.38 53.15 -34.76
CA LEU M 515 -5.51 52.01 -34.96
C LEU M 515 -4.05 52.42 -35.08
N HIS M 516 -3.79 53.63 -35.55
CA HIS M 516 -2.48 54.04 -36.03
C HIS M 516 -1.46 54.24 -34.93
N ARG M 517 -1.77 53.95 -33.67
CA ARG M 517 -0.81 54.14 -32.61
C ARG M 517 -0.81 52.97 -31.65
N VAL M 518 -0.86 51.78 -32.18
CA VAL M 518 -0.79 50.58 -31.37
C VAL M 518 0.63 50.03 -31.51
N SER M 519 1.10 49.35 -30.47
CA SER M 519 2.43 48.77 -30.50
C SER M 519 2.33 47.28 -30.81
N GLU M 520 3.47 46.70 -31.15
CA GLU M 520 3.52 45.28 -31.44
C GLU M 520 3.19 44.46 -30.20
N GLN M 521 3.72 44.87 -29.06
CA GLN M 521 3.49 44.13 -27.82
C GLN M 521 2.04 44.19 -27.40
N GLN M 522 1.27 45.16 -27.90
CA GLN M 522 -0.15 45.15 -27.67
C GLN M 522 -0.85 44.23 -28.65
N LEU M 523 -0.34 44.13 -29.88
CA LEU M 523 -0.90 43.21 -30.85
C LEU M 523 -0.66 41.76 -30.48
N LEU M 524 0.34 41.47 -29.68
CA LEU M 524 0.64 40.06 -29.46
C LEU M 524 -0.33 39.40 -28.50
N GLU M 525 -0.56 39.96 -27.31
CA GLU M 525 -1.42 39.27 -26.36
C GLU M 525 -2.83 39.81 -26.29
N ASP M 526 -3.09 41.05 -26.71
CA ASP M 526 -4.47 41.51 -26.67
C ASP M 526 -5.25 41.07 -27.89
N CYS M 527 -4.73 41.35 -29.09
CA CYS M 527 -5.44 40.98 -30.30
C CYS M 527 -5.19 39.53 -30.70
N GLY M 528 -4.34 38.81 -29.98
CA GLY M 528 -4.14 37.40 -30.24
C GLY M 528 -3.49 37.05 -31.55
N ILE M 529 -2.66 37.94 -32.10
CA ILE M 529 -1.94 37.65 -33.32
C ILE M 529 -0.63 36.97 -32.93
N HIS M 530 -0.38 35.80 -33.51
CA HIS M 530 0.77 35.00 -33.10
C HIS M 530 1.92 35.04 -34.10
N LEU M 531 1.65 35.00 -35.39
CA LEU M 531 2.72 35.03 -36.37
C LEU M 531 3.36 36.41 -36.41
N GLY M 532 4.69 36.43 -36.25
CA GLY M 532 5.41 37.68 -36.29
C GLY M 532 5.31 38.40 -37.61
N VAL M 533 5.19 37.65 -38.71
CA VAL M 533 5.12 38.24 -40.03
C VAL M 533 3.83 39.04 -40.18
N HIS M 534 2.74 38.50 -39.66
CA HIS M 534 1.47 39.20 -39.77
C HIS M 534 1.44 40.44 -38.90
N ARG M 535 2.04 40.35 -37.71
CA ARG M 535 2.18 41.53 -36.85
C ARG M 535 2.96 42.62 -37.56
N ALA M 536 4.07 42.25 -38.20
CA ALA M 536 4.91 43.24 -38.85
C ALA M 536 4.19 43.88 -40.03
N ARG M 537 3.50 43.08 -40.84
CA ARG M 537 2.81 43.64 -41.99
C ARG M 537 1.67 44.54 -41.57
N ILE M 538 0.95 44.16 -40.50
CA ILE M 538 -0.14 44.98 -40.01
C ILE M 538 0.38 46.27 -39.43
N LEU M 539 1.50 46.20 -38.70
CA LEU M 539 2.08 47.39 -38.10
C LEU M 539 2.52 48.38 -39.16
N THR M 540 3.23 47.91 -40.19
CA THR M 540 3.69 48.84 -41.22
C THR M 540 2.53 49.42 -42.01
N ALA M 541 1.51 48.61 -42.29
CA ALA M 541 0.41 49.11 -43.10
C ALA M 541 -0.47 50.06 -42.30
N ALA M 542 -0.54 49.89 -40.98
CA ALA M 542 -1.31 50.81 -40.16
C ALA M 542 -0.54 52.09 -39.96
N ARG M 543 0.75 51.97 -39.70
CA ARG M 543 1.57 53.11 -39.33
C ARG M 543 1.80 53.99 -40.55
N GLU M 544 1.72 53.42 -41.74
CA GLU M 544 1.78 54.21 -42.96
C GLU M 544 0.56 55.11 -43.09
N MET M 545 -0.62 54.63 -42.69
CA MET M 545 -1.81 55.47 -42.65
C MET M 545 -1.78 56.17 -41.30
N LEU M 546 -0.92 57.19 -41.21
CA LEU M 546 -0.56 57.75 -39.91
C LEU M 546 -1.60 58.73 -39.39
N HIS M 547 -1.80 59.83 -40.08
CA HIS M 547 -2.64 60.93 -39.60
C HIS M 547 -3.57 61.39 -40.70
N SER M 548 -4.26 60.43 -41.32
CA SER M 548 -5.16 60.73 -42.42
C SER M 548 -6.27 61.72 -42.08
N PRO M 549 -6.94 61.68 -40.90
CA PRO M 549 -7.86 62.79 -40.70
C PRO M 549 -7.16 64.05 -40.21
N MET N 1 -34.64 39.38 -46.44
CA MET N 1 -33.23 39.00 -46.37
C MET N 1 -33.12 37.55 -45.95
N ALA N 2 -33.94 37.15 -44.97
CA ALA N 2 -33.93 35.77 -44.49
C ALA N 2 -34.31 34.82 -45.61
N VAL N 3 -33.36 33.97 -46.00
CA VAL N 3 -33.59 33.04 -47.10
C VAL N 3 -34.56 31.95 -46.65
N GLN N 4 -35.45 31.56 -47.55
CA GLN N 4 -36.39 30.47 -47.30
C GLN N 4 -35.97 29.29 -48.15
N LEU N 5 -35.96 28.11 -47.55
CA LEU N 5 -35.65 26.88 -48.26
C LEU N 5 -36.87 25.98 -48.28
N VAL N 6 -37.09 25.32 -49.42
CA VAL N 6 -38.18 24.38 -49.58
C VAL N 6 -37.62 23.10 -50.19
N GLU N 7 -38.02 21.96 -49.63
CA GLU N 7 -37.54 20.68 -50.11
C GLU N 7 -38.57 20.04 -51.02
N SER N 8 -38.15 18.97 -51.69
CA SER N 8 -39.03 18.19 -52.54
C SER N 8 -38.37 16.84 -52.79
N GLY N 9 -39.22 15.84 -53.04
CA GLY N 9 -38.79 14.46 -53.16
C GLY N 9 -39.42 13.61 -52.07
N GLY N 10 -38.63 12.73 -51.49
CA GLY N 10 -39.09 11.98 -50.34
C GLY N 10 -40.01 10.84 -50.72
N GLY N 11 -40.78 10.40 -49.74
CA GLY N 11 -41.71 9.31 -49.95
C GLY N 11 -41.11 7.98 -49.54
N LEU N 12 -41.27 6.98 -50.41
CA LEU N 12 -40.87 5.63 -50.05
C LEU N 12 -40.39 4.88 -51.29
N VAL N 13 -39.44 3.99 -51.06
CA VAL N 13 -38.88 3.12 -52.10
C VAL N 13 -38.59 1.76 -51.48
N GLN N 14 -38.06 0.87 -52.29
CA GLN N 14 -37.67 -0.47 -51.89
C GLN N 14 -36.20 -0.50 -51.54
N PRO N 15 -35.76 -1.46 -50.72
CA PRO N 15 -34.33 -1.60 -50.44
C PRO N 15 -33.55 -1.89 -51.70
N GLY N 16 -32.56 -1.05 -51.96
CA GLY N 16 -31.90 -1.05 -53.26
C GLY N 16 -32.71 -0.17 -54.18
N GLY N 17 -32.08 0.84 -54.77
CA GLY N 17 -32.81 1.76 -55.62
C GLY N 17 -32.44 3.20 -55.32
N SER N 18 -32.63 4.08 -56.28
CA SER N 18 -32.16 5.46 -56.19
C SER N 18 -33.31 6.41 -55.96
N LEU N 19 -32.96 7.63 -55.57
CA LEU N 19 -33.90 8.72 -55.36
C LEU N 19 -33.13 10.02 -55.45
N ARG N 20 -33.83 11.11 -55.75
CA ARG N 20 -33.21 12.42 -55.81
C ARG N 20 -34.07 13.43 -55.06
N LEU N 21 -33.44 14.17 -54.15
CA LEU N 21 -34.10 15.21 -53.39
C LEU N 21 -33.63 16.56 -53.88
N SER N 22 -34.53 17.53 -53.83
CA SER N 22 -34.23 18.87 -54.32
C SER N 22 -34.52 19.87 -53.23
N CYS N 23 -33.73 20.94 -53.19
CA CYS N 23 -33.91 22.01 -52.22
C CYS N 23 -33.75 23.34 -52.92
N ALA N 24 -34.80 24.15 -52.91
CA ALA N 24 -34.82 25.41 -53.63
C ALA N 24 -34.85 26.58 -52.64
N ALA N 25 -34.10 27.62 -52.96
CA ALA N 25 -33.90 28.77 -52.11
C ALA N 25 -34.58 30.00 -52.69
N SER N 26 -34.53 31.10 -51.94
CA SER N 26 -35.17 32.34 -52.33
C SER N 26 -34.25 33.27 -53.09
N VAL N 27 -32.94 33.06 -53.01
CA VAL N 27 -31.95 33.90 -53.65
C VAL N 27 -31.06 33.02 -54.50
N SER N 28 -30.03 33.63 -55.09
CA SER N 28 -29.05 32.85 -55.83
C SER N 28 -28.26 31.98 -54.88
N ILE N 29 -28.13 30.70 -55.21
CA ILE N 29 -27.34 29.80 -54.37
C ILE N 29 -25.88 30.22 -54.40
N SER N 30 -25.42 30.76 -55.52
CA SER N 30 -24.00 31.09 -55.69
C SER N 30 -23.52 32.19 -54.76
N ARG N 31 -24.41 32.80 -53.98
CA ARG N 31 -24.01 33.77 -52.97
C ARG N 31 -23.80 33.14 -51.62
N ILE N 32 -24.41 31.99 -51.37
CA ILE N 32 -24.38 31.35 -50.07
C ILE N 32 -23.03 30.66 -49.89
N TYR N 33 -22.47 30.78 -48.68
CA TYR N 33 -21.15 30.22 -48.42
C TYR N 33 -21.19 28.70 -48.43
N VAL N 34 -21.94 28.09 -47.52
CA VAL N 34 -22.06 26.64 -47.48
C VAL N 34 -23.52 26.25 -47.49
N MET N 35 -23.80 25.09 -48.07
CA MET N 35 -25.11 24.47 -47.97
C MET N 35 -24.92 23.00 -47.63
N ALA N 36 -25.93 22.41 -47.00
CA ALA N 36 -25.73 21.08 -46.46
C ALA N 36 -27.06 20.36 -46.33
N TRP N 37 -26.97 19.03 -46.29
CA TRP N 37 -28.13 18.18 -46.08
C TRP N 37 -27.95 17.47 -44.76
N TYR N 38 -29.04 17.34 -44.01
CA TYR N 38 -28.99 16.73 -42.69
C TYR N 38 -30.06 15.66 -42.60
N ARG N 39 -29.85 14.73 -41.67
CA ARG N 39 -30.66 13.53 -41.58
C ARG N 39 -30.96 13.26 -40.13
N GLN N 40 -32.23 13.14 -39.77
CA GLN N 40 -32.61 12.81 -38.41
C GLN N 40 -33.52 11.60 -38.42
N ALA N 41 -33.03 10.52 -37.84
CA ALA N 41 -33.76 9.28 -37.68
C ALA N 41 -34.61 9.36 -36.43
N PRO N 42 -35.75 8.67 -36.41
CA PRO N 42 -36.59 8.67 -35.21
C PRO N 42 -35.88 7.99 -34.05
N GLY N 43 -35.83 8.69 -32.91
CA GLY N 43 -35.18 8.18 -31.74
C GLY N 43 -33.72 8.56 -31.59
N LYS N 44 -33.17 9.37 -32.49
CA LYS N 44 -31.80 9.83 -32.38
C LYS N 44 -31.75 11.31 -32.76
N GLN N 45 -30.54 11.86 -32.73
CA GLN N 45 -30.32 13.27 -33.03
C GLN N 45 -29.88 13.43 -34.49
N ARG N 46 -29.79 14.68 -34.92
CA ARG N 46 -29.46 14.96 -36.31
C ARG N 46 -28.01 14.58 -36.60
N GLU N 47 -27.71 14.51 -37.89
CA GLU N 47 -26.35 14.32 -38.35
C GLU N 47 -26.25 14.81 -39.78
N VAL N 48 -25.05 15.04 -40.20
CA VAL N 48 -24.78 15.57 -41.53
C VAL N 48 -24.68 14.41 -42.51
N VAL N 49 -25.05 14.67 -43.77
CA VAL N 49 -24.82 13.68 -44.82
C VAL N 49 -24.08 14.24 -46.02
N ALA N 50 -24.12 15.55 -46.27
CA ALA N 50 -23.33 16.14 -47.35
C ALA N 50 -23.24 17.64 -47.14
N VAL N 51 -22.10 18.23 -47.52
CA VAL N 51 -21.93 19.68 -47.51
C VAL N 51 -21.32 20.08 -48.84
N ILE N 52 -21.46 21.37 -49.17
CA ILE N 52 -20.89 21.91 -50.39
C ILE N 52 -20.68 23.40 -50.22
N ARG N 53 -19.52 23.90 -50.63
CA ARG N 53 -19.16 25.29 -50.43
C ARG N 53 -19.40 26.10 -51.70
N TYR N 54 -19.01 27.37 -51.66
CA TYR N 54 -19.22 28.26 -52.80
C TYR N 54 -18.38 27.83 -54.00
N ASP N 55 -17.22 27.23 -53.75
CA ASP N 55 -16.34 26.80 -54.82
C ASP N 55 -16.59 25.36 -55.23
N GLY N 56 -17.63 24.73 -54.69
CA GLY N 56 -17.97 23.38 -55.09
C GLY N 56 -17.01 22.31 -54.65
N THR N 57 -16.54 22.35 -53.41
CA THR N 57 -15.81 21.25 -52.82
C THR N 57 -16.69 20.61 -51.78
N THR N 58 -16.83 19.29 -51.84
CA THR N 58 -17.82 18.57 -51.06
C THR N 58 -17.16 17.58 -50.13
N ASN N 59 -17.76 17.41 -48.96
CA ASN N 59 -17.30 16.45 -47.97
C ASN N 59 -18.44 15.54 -47.60
N TYR N 60 -18.15 14.25 -47.49
CA TYR N 60 -19.14 13.29 -47.08
C TYR N 60 -18.64 12.53 -45.87
N PRO N 61 -19.54 12.09 -44.99
CA PRO N 61 -19.12 11.20 -43.92
C PRO N 61 -18.75 9.85 -44.49
N ASP N 62 -18.01 9.08 -43.69
CA ASP N 62 -17.57 7.77 -44.13
C ASP N 62 -18.72 6.79 -44.30
N SER N 63 -19.83 7.02 -43.62
CA SER N 63 -20.96 6.09 -43.67
C SER N 63 -21.57 6.00 -45.06
N VAL N 64 -21.60 7.09 -45.81
CA VAL N 64 -22.35 7.15 -47.05
C VAL N 64 -21.48 7.51 -48.23
N LYS N 65 -20.17 7.35 -48.12
CA LYS N 65 -19.28 7.64 -49.22
C LYS N 65 -19.52 6.66 -50.36
N GLY N 66 -19.57 7.18 -51.58
CA GLY N 66 -19.82 6.38 -52.75
C GLY N 66 -21.28 6.16 -53.06
N ARG N 67 -22.18 6.36 -52.09
CA ARG N 67 -23.59 6.10 -52.31
C ARG N 67 -24.40 7.37 -52.52
N PHE N 68 -23.94 8.51 -52.04
CA PHE N 68 -24.66 9.77 -52.19
C PHE N 68 -23.84 10.74 -53.03
N THR N 69 -24.51 11.79 -53.50
CA THR N 69 -23.83 12.81 -54.31
C THR N 69 -24.63 14.11 -54.29
N ILE N 70 -23.98 15.20 -53.93
CA ILE N 70 -24.62 16.50 -53.80
C ILE N 70 -24.12 17.43 -54.91
N SER N 71 -25.03 18.19 -55.50
CA SER N 71 -24.60 19.13 -56.53
C SER N 71 -25.46 20.38 -56.55
N ARG N 72 -24.83 21.49 -56.96
CA ARG N 72 -25.49 22.76 -57.17
C ARG N 72 -26.01 22.79 -58.59
N ASP N 73 -27.16 23.44 -58.78
CA ASP N 73 -27.63 23.72 -60.13
C ASP N 73 -27.81 25.22 -60.26
N ASN N 74 -27.06 25.83 -61.16
CA ASN N 74 -27.06 27.28 -61.27
C ASN N 74 -28.14 27.81 -62.19
N ALA N 75 -28.81 26.94 -62.96
CA ALA N 75 -29.88 27.41 -63.82
C ALA N 75 -31.05 27.93 -63.00
N LYS N 76 -31.60 27.08 -62.14
CA LYS N 76 -32.58 27.48 -61.15
C LYS N 76 -31.98 27.17 -59.79
N ASN N 77 -32.19 28.06 -58.83
CA ASN N 77 -31.51 27.97 -57.54
C ASN N 77 -31.99 26.73 -56.82
N THR N 78 -31.22 25.65 -56.91
CA THR N 78 -31.62 24.37 -56.36
C THR N 78 -30.41 23.50 -56.16
N VAL N 79 -30.28 22.93 -54.97
CA VAL N 79 -29.25 21.96 -54.66
C VAL N 79 -29.88 20.58 -54.62
N TYR N 80 -29.23 19.62 -55.28
CA TYR N 80 -29.73 18.27 -55.43
C TYR N 80 -28.91 17.30 -54.59
N LEU N 81 -29.59 16.30 -54.06
CA LEU N 81 -28.96 15.15 -53.42
C LEU N 81 -29.42 13.89 -54.14
N GLN N 82 -28.46 13.05 -54.50
CA GLN N 82 -28.72 11.83 -55.26
C GLN N 82 -28.31 10.64 -54.39
N MET N 83 -29.27 9.75 -54.17
CA MET N 83 -29.13 8.61 -53.27
C MET N 83 -29.23 7.35 -54.11
N ASN N 84 -28.11 6.67 -54.32
CA ASN N 84 -28.06 5.63 -55.34
C ASN N 84 -28.39 4.24 -54.80
N SER N 85 -27.60 3.76 -53.86
CA SER N 85 -27.80 2.42 -53.32
C SER N 85 -28.29 2.56 -51.89
N LEU N 86 -29.52 2.15 -51.65
CA LEU N 86 -30.16 2.40 -50.38
C LEU N 86 -30.18 1.15 -49.50
N LYS N 87 -30.11 1.39 -48.21
CA LYS N 87 -30.13 0.39 -47.16
C LYS N 87 -31.43 0.50 -46.40
N PRO N 88 -31.74 -0.47 -45.53
CA PRO N 88 -32.95 -0.30 -44.71
C PRO N 88 -32.81 0.75 -43.63
N GLU N 89 -31.60 0.99 -43.12
CA GLU N 89 -31.43 1.97 -42.05
C GLU N 89 -31.37 3.40 -42.57
N ASP N 90 -31.44 3.62 -43.87
CA ASP N 90 -31.41 4.98 -44.41
C ASP N 90 -32.81 5.55 -44.55
N THR N 91 -33.58 5.48 -43.48
CA THR N 91 -34.94 6.00 -43.46
C THR N 91 -35.06 7.00 -42.32
N ALA N 92 -35.45 8.23 -42.65
CA ALA N 92 -35.41 9.32 -41.68
C ALA N 92 -36.10 10.52 -42.30
N VAL N 93 -36.11 11.62 -41.55
CA VAL N 93 -36.52 12.90 -42.11
C VAL N 93 -35.27 13.65 -42.52
N TYR N 94 -35.31 14.26 -43.69
CA TYR N 94 -34.16 14.95 -44.24
C TYR N 94 -34.43 16.44 -44.28
N TYR N 95 -33.40 17.24 -43.98
CA TYR N 95 -33.52 18.68 -43.96
C TYR N 95 -32.45 19.33 -44.82
N CYS N 96 -32.81 20.47 -45.38
CA CYS N 96 -31.92 21.32 -46.14
C CYS N 96 -31.43 22.45 -45.25
N ASN N 97 -30.16 22.80 -45.37
CA ASN N 97 -29.57 23.79 -44.48
C ASN N 97 -28.76 24.79 -45.30
N ALA N 98 -29.06 26.07 -45.09
CA ALA N 98 -28.24 27.17 -45.58
C ALA N 98 -27.14 27.38 -44.56
N ASN N 99 -26.51 28.57 -44.54
CA ASN N 99 -25.18 28.80 -44.00
C ASN N 99 -24.87 28.05 -42.72
N VAL N 100 -25.49 28.40 -41.59
CA VAL N 100 -25.66 27.46 -40.51
C VAL N 100 -27.08 27.58 -39.96
N GLU N 101 -27.48 28.83 -39.71
CA GLU N 101 -28.66 29.12 -38.92
C GLU N 101 -29.94 28.58 -39.55
N THR N 102 -30.21 28.96 -40.80
CA THR N 102 -31.51 28.71 -41.38
C THR N 102 -31.69 27.26 -41.76
N TRP N 103 -32.86 26.72 -41.45
CA TRP N 103 -33.24 25.35 -41.72
C TRP N 103 -34.37 25.30 -42.72
N GLY N 104 -34.65 24.10 -43.20
CA GLY N 104 -35.85 23.81 -43.95
C GLY N 104 -36.90 23.21 -43.03
N GLN N 105 -37.87 22.54 -43.64
CA GLN N 105 -38.91 21.87 -42.86
C GLN N 105 -38.82 20.36 -42.88
N GLY N 106 -38.13 19.78 -43.86
CA GLY N 106 -37.88 18.36 -43.86
C GLY N 106 -38.83 17.59 -44.77
N THR N 107 -38.38 16.39 -45.15
CA THR N 107 -39.14 15.46 -45.97
C THR N 107 -38.87 14.06 -45.48
N GLN N 108 -39.91 13.26 -45.36
CA GLN N 108 -39.79 11.91 -44.81
C GLN N 108 -39.36 10.97 -45.93
N VAL N 109 -38.47 10.04 -45.60
CA VAL N 109 -37.96 9.06 -46.56
C VAL N 109 -37.94 7.70 -45.90
N THR N 110 -38.57 6.71 -46.57
CA THR N 110 -38.70 5.37 -46.02
C THR N 110 -38.38 4.32 -47.08
N VAL N 111 -37.86 3.19 -46.61
CA VAL N 111 -37.39 2.10 -47.47
C VAL N 111 -37.97 0.76 -47.01
N SER N 112 -38.87 0.20 -47.80
CA SER N 112 -39.49 -1.11 -47.55
C SER N 112 -40.25 -1.53 -48.80
N SER N 113 -41.02 -2.61 -48.69
CA SER N 113 -41.88 -3.09 -49.75
C SER N 113 -42.89 -2.04 -50.22
N PRO O 324 -49.27 68.70 -36.79
CA PRO O 324 -50.49 68.05 -37.30
C PRO O 324 -50.24 66.61 -37.72
N ASP O 325 -50.85 66.19 -38.83
CA ASP O 325 -50.69 64.84 -39.34
C ASP O 325 -49.37 64.64 -40.06
N ASP O 326 -48.74 65.72 -40.52
CA ASP O 326 -47.43 65.64 -41.15
C ASP O 326 -46.39 65.22 -40.13
N LEU O 327 -46.54 65.66 -38.89
CA LEU O 327 -45.61 65.34 -37.81
C LEU O 327 -45.64 63.86 -37.49
N GLN O 328 -46.79 63.20 -37.67
CA GLN O 328 -46.90 61.78 -37.43
C GLN O 328 -45.99 60.95 -38.34
N ARG O 329 -45.69 61.42 -39.55
CA ARG O 329 -44.74 60.69 -40.37
C ARG O 329 -43.32 60.72 -39.79
N LEU O 330 -42.96 61.74 -39.00
CA LEU O 330 -41.63 61.81 -38.41
C LEU O 330 -41.56 61.11 -37.05
N VAL O 331 -42.62 60.42 -36.65
CA VAL O 331 -42.70 59.76 -35.35
C VAL O 331 -42.04 58.38 -35.33
N PRO O 332 -42.19 57.50 -36.34
CA PRO O 332 -41.43 56.25 -36.26
C PRO O 332 -40.05 56.30 -36.88
N LEU O 333 -39.72 57.31 -37.69
CA LEU O 333 -38.40 57.36 -38.34
C LEU O 333 -37.25 57.24 -37.36
N LEU O 334 -37.44 57.71 -36.12
CA LEU O 334 -36.42 57.68 -35.08
C LEU O 334 -36.00 56.25 -34.74
N ASP O 335 -36.87 55.25 -35.01
CA ASP O 335 -36.55 53.86 -34.74
C ASP O 335 -35.56 53.26 -35.73
N SER O 336 -34.99 54.07 -36.62
CA SER O 336 -34.10 53.59 -37.67
C SER O 336 -32.81 53.02 -37.09
N ASN O 337 -32.19 52.12 -37.86
CA ASN O 337 -30.94 51.50 -37.43
C ASN O 337 -29.75 52.43 -37.65
N ARG O 338 -29.76 53.20 -38.73
CA ARG O 338 -28.63 54.05 -39.06
C ARG O 338 -28.68 55.35 -38.27
N LEU O 339 -27.53 56.01 -38.21
CA LEU O 339 -27.38 57.19 -37.36
C LEU O 339 -27.95 58.45 -38.01
N GLU O 340 -27.70 58.64 -39.32
CA GLU O 340 -28.02 59.90 -39.98
C GLU O 340 -29.51 60.19 -39.98
N ALA O 341 -30.33 59.16 -40.15
CA ALA O 341 -31.78 59.33 -40.10
C ALA O 341 -32.23 59.86 -38.75
N GLN O 342 -31.70 59.25 -37.68
CA GLN O 342 -32.01 59.70 -36.33
C GLN O 342 -31.55 61.12 -36.09
N CYS O 343 -30.34 61.45 -36.57
CA CYS O 343 -29.80 62.79 -36.41
C CYS O 343 -30.66 63.85 -37.08
N ILE O 344 -31.06 63.60 -38.33
CA ILE O 344 -31.82 64.63 -39.05
C ILE O 344 -33.23 64.73 -38.48
N GLY O 345 -33.81 63.61 -38.04
CA GLY O 345 -35.14 63.67 -37.46
C GLY O 345 -35.12 64.50 -36.20
N ALA O 346 -34.09 64.31 -35.38
CA ALA O 346 -33.98 65.06 -34.14
C ALA O 346 -33.73 66.54 -34.42
N PHE O 347 -32.88 66.84 -35.41
CA PHE O 347 -32.64 68.24 -35.77
C PHE O 347 -33.93 68.92 -36.19
N TYR O 348 -34.73 68.28 -37.06
CA TYR O 348 -36.00 68.86 -37.49
C TYR O 348 -36.94 69.10 -36.31
N LEU O 349 -37.26 68.03 -35.55
CA LEU O 349 -38.21 68.19 -34.45
C LEU O 349 -37.75 69.23 -33.45
N CYS O 350 -36.48 69.22 -33.07
CA CYS O 350 -35.99 70.21 -32.12
C CYS O 350 -36.07 71.61 -32.69
N ALA O 351 -35.79 71.78 -33.98
CA ALA O 351 -35.83 73.10 -34.61
C ALA O 351 -37.25 73.65 -34.65
N GLU O 352 -38.23 72.81 -35.02
CA GLU O 352 -39.59 73.34 -35.01
C GLU O 352 -40.14 73.47 -33.60
N ALA O 353 -39.59 72.71 -32.64
CA ALA O 353 -39.98 72.95 -31.26
C ALA O 353 -39.50 74.33 -30.82
N ALA O 354 -38.25 74.66 -31.14
CA ALA O 354 -37.73 75.99 -30.84
C ALA O 354 -38.53 77.09 -31.55
N ILE O 355 -39.03 76.80 -32.75
CA ILE O 355 -39.87 77.78 -33.46
C ILE O 355 -41.23 77.95 -32.77
N LYS O 356 -41.90 76.85 -32.44
CA LYS O 356 -43.24 76.85 -31.87
C LYS O 356 -43.24 77.09 -30.37
N SER O 357 -42.07 77.26 -29.76
CA SER O 357 -41.96 77.40 -28.32
C SER O 357 -42.35 78.79 -27.82
N LEU O 358 -42.03 79.86 -28.55
CA LEU O 358 -42.32 81.19 -28.04
C LEU O 358 -43.81 81.49 -28.08
N GLN O 359 -44.52 81.04 -29.13
CA GLN O 359 -45.97 81.21 -29.12
C GLN O 359 -46.63 80.34 -28.05
N GLY O 360 -47.94 80.44 -27.95
CA GLY O 360 -48.67 79.64 -26.99
C GLY O 360 -48.85 78.20 -27.41
N LYS O 361 -48.74 77.89 -28.70
CA LYS O 361 -49.07 76.52 -29.08
C LYS O 361 -47.86 75.60 -28.87
N THR O 362 -47.91 74.92 -27.72
CA THR O 362 -47.02 73.84 -27.33
C THR O 362 -47.78 72.54 -27.14
N LYS O 363 -49.10 72.58 -27.29
CA LYS O 363 -49.98 71.45 -27.02
C LYS O 363 -50.00 70.44 -28.16
N VAL O 364 -49.49 70.83 -29.33
CA VAL O 364 -49.35 69.88 -30.43
C VAL O 364 -48.42 68.73 -30.04
N PHE O 365 -47.31 69.03 -29.35
CA PHE O 365 -46.42 67.96 -28.88
C PHE O 365 -47.12 67.04 -27.89
N SER O 366 -48.08 67.56 -27.13
CA SER O 366 -48.84 66.73 -26.21
C SER O 366 -49.71 65.73 -26.97
N ASP O 367 -50.66 66.22 -27.77
CA ASP O 367 -51.64 65.31 -28.34
C ASP O 367 -51.12 64.46 -29.50
N ILE O 368 -49.94 64.79 -30.06
CA ILE O 368 -49.36 63.90 -31.07
C ILE O 368 -48.50 62.80 -30.46
N GLY O 369 -48.18 62.88 -29.17
CA GLY O 369 -47.44 61.82 -28.51
C GLY O 369 -45.98 61.70 -28.86
N ALA O 370 -45.36 62.76 -29.40
CA ALA O 370 -43.93 62.69 -29.67
C ALA O 370 -43.11 62.80 -28.39
N ILE O 371 -43.67 63.48 -27.38
CA ILE O 371 -42.99 63.65 -26.09
C ILE O 371 -42.70 62.29 -25.45
N GLN O 372 -43.55 61.29 -25.68
CA GLN O 372 -43.33 59.99 -25.08
C GLN O 372 -42.09 59.32 -25.67
N SER O 373 -41.91 59.43 -26.99
CA SER O 373 -40.72 58.86 -27.62
C SER O 373 -39.47 59.62 -27.23
N LEU O 374 -39.58 60.94 -27.10
CA LEU O 374 -38.44 61.74 -26.63
C LEU O 374 -38.05 61.38 -25.20
N LYS O 375 -39.04 61.29 -24.29
CA LYS O 375 -38.75 60.87 -22.92
C LYS O 375 -38.24 59.43 -22.87
N ARG O 376 -38.56 58.63 -23.88
CA ARG O 376 -38.00 57.28 -23.99
C ARG O 376 -36.52 57.33 -24.32
N LEU O 377 -36.17 57.93 -25.46
CA LEU O 377 -34.84 57.73 -26.04
C LEU O 377 -33.71 58.49 -25.38
N VAL O 378 -34.01 59.41 -24.45
CA VAL O 378 -32.94 60.21 -23.87
C VAL O 378 -32.10 59.38 -22.89
N SER O 379 -32.72 58.46 -22.17
CA SER O 379 -32.00 57.59 -21.25
C SER O 379 -31.44 56.39 -22.01
N TYR O 380 -30.28 55.93 -21.57
CA TYR O 380 -29.52 54.85 -22.22
C TYR O 380 -29.27 55.15 -23.68
N SER O 381 -28.53 56.24 -23.93
CA SER O 381 -28.15 56.60 -25.27
C SER O 381 -26.74 57.17 -25.24
N THR O 382 -25.85 56.60 -26.04
CA THR O 382 -24.48 57.07 -26.14
C THR O 382 -24.33 57.64 -27.55
N ASN O 383 -24.79 58.87 -27.70
CA ASN O 383 -24.78 59.56 -28.99
C ASN O 383 -24.90 61.04 -28.64
N GLY O 384 -23.80 61.77 -28.75
CA GLY O 384 -23.79 63.14 -28.26
C GLY O 384 -24.72 64.07 -29.00
N THR O 385 -24.79 63.95 -30.33
CA THR O 385 -25.65 64.82 -31.11
C THR O 385 -27.13 64.58 -30.84
N LYS O 386 -27.64 63.34 -30.99
CA LYS O 386 -29.07 63.11 -30.86
C LYS O 386 -29.53 63.34 -29.42
N SER O 387 -28.75 62.86 -28.44
CA SER O 387 -29.14 63.07 -27.05
C SER O 387 -29.10 64.54 -26.67
N ALA O 388 -28.08 65.27 -27.15
CA ALA O 388 -28.02 66.70 -26.88
C ALA O 388 -29.20 67.42 -27.49
N LEU O 389 -29.60 67.02 -28.70
CA LEU O 389 -30.74 67.65 -29.37
C LEU O 389 -32.04 67.32 -28.64
N ALA O 390 -32.18 66.08 -28.19
CA ALA O 390 -33.37 65.69 -27.45
C ALA O 390 -33.45 66.45 -26.13
N LYS O 391 -32.31 66.65 -25.47
CA LYS O 391 -32.30 67.42 -24.23
C LYS O 391 -32.67 68.86 -24.48
N ARG O 392 -32.14 69.45 -25.56
CA ARG O 392 -32.49 70.83 -25.89
C ARG O 392 -33.98 70.93 -26.21
N ALA O 393 -34.53 69.95 -26.93
CA ALA O 393 -35.96 69.96 -27.23
C ALA O 393 -36.80 69.87 -25.97
N LEU O 394 -36.46 68.96 -25.05
CA LEU O 394 -37.25 68.80 -23.83
C LEU O 394 -37.16 70.04 -22.95
N ARG O 395 -35.95 70.55 -22.72
CA ARG O 395 -35.77 71.74 -21.91
C ARG O 395 -36.38 72.99 -22.52
N LEU O 396 -36.59 73.03 -23.84
CA LEU O 396 -37.37 74.13 -24.39
C LEU O 396 -38.85 74.03 -24.06
N LEU O 397 -39.40 72.82 -23.96
CA LEU O 397 -40.82 72.73 -23.63
C LEU O 397 -41.09 72.80 -22.13
N GLY O 398 -40.10 73.14 -21.33
CA GLY O 398 -40.27 73.25 -19.89
C GLY O 398 -40.38 71.94 -19.15
N GLU O 399 -40.08 70.81 -19.78
CA GLU O 399 -40.13 69.54 -19.08
C GLU O 399 -38.78 69.25 -18.41
N GLU O 400 -38.71 68.09 -17.76
CA GLU O 400 -37.51 67.65 -17.07
C GLU O 400 -36.98 66.40 -17.76
N VAL O 401 -35.67 66.32 -17.93
CA VAL O 401 -35.09 65.16 -18.60
C VAL O 401 -35.08 63.97 -17.63
N PRO O 402 -35.42 62.78 -18.09
CA PRO O 402 -35.27 61.60 -17.23
C PRO O 402 -33.82 61.21 -17.08
N ARG O 403 -33.58 60.37 -16.10
CA ARG O 403 -32.27 59.79 -15.85
C ARG O 403 -32.47 58.33 -15.54
N PRO O 404 -31.51 57.48 -15.91
CA PRO O 404 -31.66 56.05 -15.66
C PRO O 404 -31.72 55.73 -14.18
N ILE O 405 -32.24 54.56 -13.87
CA ILE O 405 -32.34 54.08 -12.51
C ILE O 405 -31.46 52.85 -12.42
N LEU O 406 -30.29 53.02 -12.02
CA LEU O 406 -29.24 52.03 -12.01
C LEU O 406 -29.12 51.38 -10.64
N PRO O 407 -28.66 50.13 -10.59
CA PRO O 407 -28.50 49.47 -9.30
C PRO O 407 -27.38 50.08 -8.49
N SER O 408 -27.62 50.20 -7.18
CA SER O 408 -26.57 50.65 -6.26
C SER O 408 -25.78 49.43 -5.82
N VAL O 409 -24.98 48.92 -6.75
CA VAL O 409 -24.18 47.73 -6.49
C VAL O 409 -23.25 47.84 -5.28
N PRO O 410 -22.42 48.88 -5.12
CA PRO O 410 -21.41 48.82 -4.06
C PRO O 410 -21.97 48.93 -2.65
N SER O 411 -23.28 49.05 -2.48
CA SER O 411 -23.90 48.90 -1.17
C SER O 411 -24.98 47.83 -1.35
N TRP O 412 -24.55 46.58 -1.31
CA TRP O 412 -25.43 45.44 -1.41
C TRP O 412 -25.13 44.52 -0.24
N LYS O 413 -25.98 43.52 -0.07
CA LYS O 413 -25.70 42.52 0.93
C LYS O 413 -25.75 41.15 0.26
N GLU O 414 -25.72 40.08 1.05
CA GLU O 414 -25.64 38.75 0.46
C GLU O 414 -26.95 38.36 -0.24
N ALA O 415 -28.08 38.90 0.21
CA ALA O 415 -29.34 38.55 -0.41
C ALA O 415 -29.43 39.04 -1.84
N GLU O 416 -28.97 40.27 -2.07
CA GLU O 416 -29.02 40.83 -3.41
C GLU O 416 -28.01 40.14 -4.31
N VAL O 417 -26.85 39.77 -3.77
CA VAL O 417 -25.88 39.03 -4.55
C VAL O 417 -26.46 37.70 -4.99
N GLN O 418 -27.16 37.02 -4.09
CA GLN O 418 -27.70 35.72 -4.46
C GLN O 418 -28.84 35.84 -5.46
N THR O 419 -29.70 36.84 -5.32
CA THR O 419 -30.73 36.99 -6.35
C THR O 419 -30.13 37.42 -7.68
N TRP O 420 -29.00 38.14 -7.67
CA TRP O 420 -28.34 38.46 -8.93
C TRP O 420 -27.81 37.20 -9.58
N LEU O 421 -27.30 36.29 -8.78
CA LEU O 421 -26.81 35.03 -9.32
C LEU O 421 -27.95 34.18 -9.85
N GLN O 422 -29.14 34.28 -9.25
CA GLN O 422 -30.30 33.64 -9.85
C GLN O 422 -30.62 34.28 -11.19
N GLN O 423 -30.49 35.59 -11.29
CA GLN O 423 -30.89 36.30 -12.49
C GLN O 423 -29.99 36.00 -13.67
N ILE O 424 -28.67 36.01 -13.46
CA ILE O 424 -27.79 35.79 -14.61
C ILE O 424 -27.71 34.35 -15.05
N GLY O 425 -28.18 33.42 -14.25
CA GLY O 425 -28.14 32.03 -14.62
C GLY O 425 -27.05 31.22 -13.98
N PHE O 426 -26.26 31.80 -13.09
CA PHE O 426 -25.24 31.03 -12.39
C PHE O 426 -25.77 30.52 -11.06
N SER O 427 -26.95 29.92 -11.08
CA SER O 427 -27.61 29.54 -9.84
C SER O 427 -26.96 28.35 -9.16
N LYS O 428 -26.02 27.67 -9.81
CA LYS O 428 -25.43 26.48 -9.23
C LYS O 428 -24.28 26.84 -8.30
N TYR O 429 -23.94 28.11 -8.23
CA TYR O 429 -22.87 28.58 -7.37
C TYR O 429 -23.37 29.38 -6.18
N CYS O 430 -24.69 29.50 -6.02
CA CYS O 430 -25.26 30.31 -4.96
C CYS O 430 -24.89 29.80 -3.58
N GLU O 431 -24.56 28.53 -3.45
CA GLU O 431 -24.14 27.99 -2.16
C GLU O 431 -22.79 28.54 -1.75
N SER O 432 -21.81 28.46 -2.65
CA SER O 432 -20.45 28.90 -2.33
C SER O 432 -20.41 30.38 -2.03
N PHE O 433 -21.09 31.19 -2.84
CA PHE O 433 -21.15 32.62 -2.60
C PHE O 433 -21.87 32.97 -1.30
N ARG O 434 -22.62 32.05 -0.72
CA ARG O 434 -23.22 32.25 0.58
C ARG O 434 -22.29 31.88 1.72
N GLU O 435 -21.46 30.87 1.52
CA GLU O 435 -20.60 30.40 2.60
C GLU O 435 -19.50 31.40 2.87
N GLN O 436 -18.95 31.99 1.82
CA GLN O 436 -17.91 32.98 1.95
C GLN O 436 -18.45 34.37 2.25
N GLN O 437 -19.77 34.54 2.24
CA GLN O 437 -20.45 35.80 2.54
C GLN O 437 -20.00 36.92 1.60
N VAL O 438 -20.02 36.63 0.30
CA VAL O 438 -19.66 37.63 -0.69
C VAL O 438 -20.77 38.67 -0.80
N ASP O 439 -20.41 39.93 -0.67
CA ASP O 439 -21.36 41.02 -0.82
C ASP O 439 -20.87 41.95 -1.92
N GLY O 440 -21.53 43.10 -2.05
CA GLY O 440 -21.32 43.96 -3.22
C GLY O 440 -19.92 44.51 -3.33
N ASP O 441 -19.35 44.96 -2.21
CA ASP O 441 -17.99 45.46 -2.22
C ASP O 441 -17.01 44.34 -2.54
N LEU O 442 -17.26 43.15 -2.04
CA LEU O 442 -16.38 42.03 -2.36
C LEU O 442 -16.66 41.49 -3.73
N LEU O 443 -17.90 41.64 -4.22
CA LEU O 443 -18.22 41.21 -5.57
C LEU O 443 -17.49 42.04 -6.60
N LEU O 444 -17.44 43.34 -6.40
CA LEU O 444 -16.85 44.20 -7.41
C LEU O 444 -15.33 44.14 -7.44
N ARG O 445 -14.70 43.38 -6.55
CA ARG O 445 -13.25 43.27 -6.49
C ARG O 445 -12.78 41.84 -6.64
N LEU O 446 -13.54 41.02 -7.35
CA LEU O 446 -13.15 39.64 -7.54
C LEU O 446 -12.10 39.50 -8.62
N THR O 447 -11.17 38.58 -8.41
CA THR O 447 -10.16 38.22 -9.39
C THR O 447 -10.34 36.76 -9.75
N GLU O 448 -9.46 36.26 -10.60
CA GLU O 448 -9.57 34.87 -11.04
C GLU O 448 -9.09 33.88 -10.00
N GLU O 449 -8.23 34.30 -9.08
CA GLU O 449 -7.75 33.37 -8.06
C GLU O 449 -8.84 33.07 -7.05
N GLU O 450 -9.62 34.08 -6.67
CA GLU O 450 -10.72 33.83 -5.76
C GLU O 450 -11.80 32.99 -6.42
N LEU O 451 -12.01 33.17 -7.72
CA LEU O 451 -13.00 32.36 -8.42
C LEU O 451 -12.53 30.92 -8.51
N GLN O 452 -11.29 30.71 -8.92
CA GLN O 452 -10.83 29.37 -9.23
C GLN O 452 -10.58 28.56 -7.96
N THR O 453 -9.90 29.16 -6.98
CA THR O 453 -9.44 28.38 -5.84
C THR O 453 -10.58 28.04 -4.88
N ASP O 454 -11.28 29.05 -4.37
CA ASP O 454 -12.21 28.83 -3.28
C ASP O 454 -13.67 28.99 -3.64
N LEU O 455 -14.02 29.64 -4.73
CA LEU O 455 -15.41 29.66 -5.13
C LEU O 455 -15.76 28.50 -6.06
N GLY O 456 -14.77 27.79 -6.60
CA GLY O 456 -15.01 26.54 -7.27
C GLY O 456 -15.19 26.59 -8.76
N MET O 457 -15.08 27.75 -9.40
CA MET O 457 -15.22 27.82 -10.85
C MET O 457 -13.90 27.33 -11.46
N LYS O 458 -13.84 26.05 -11.75
CA LYS O 458 -12.59 25.47 -12.23
C LYS O 458 -12.34 25.79 -13.69
N SER O 459 -13.34 25.62 -14.54
CA SER O 459 -13.13 25.70 -15.98
C SER O 459 -13.04 27.14 -16.44
N GLY O 460 -12.05 27.43 -17.28
CA GLY O 460 -11.83 28.79 -17.76
C GLY O 460 -12.97 29.35 -18.57
N ILE O 461 -13.73 28.48 -19.23
CA ILE O 461 -14.89 28.93 -19.98
C ILE O 461 -15.95 29.50 -19.04
N THR O 462 -16.16 28.84 -17.90
CA THR O 462 -17.17 29.32 -16.97
C THR O 462 -16.76 30.63 -16.35
N ARG O 463 -15.47 30.77 -16.03
CA ARG O 463 -14.99 32.05 -15.51
C ARG O 463 -15.09 33.14 -16.55
N LYS O 464 -14.88 32.80 -17.82
CA LYS O 464 -15.01 33.79 -18.87
C LYS O 464 -16.46 34.26 -19.01
N ARG O 465 -17.41 33.33 -18.91
CA ARG O 465 -18.82 33.73 -18.93
C ARG O 465 -19.19 34.58 -17.73
N PHE O 466 -18.68 34.21 -16.55
CA PHE O 466 -18.96 34.99 -15.35
C PHE O 466 -18.43 36.40 -15.48
N PHE O 467 -17.22 36.55 -16.01
CA PHE O 467 -16.65 37.88 -16.12
C PHE O 467 -17.36 38.68 -17.19
N ARG O 468 -17.87 38.03 -18.23
CA ARG O 468 -18.71 38.73 -19.20
C ARG O 468 -19.92 39.36 -18.51
N GLU O 469 -20.57 38.58 -17.65
CA GLU O 469 -21.76 39.09 -16.96
C GLU O 469 -21.40 40.18 -15.97
N LEU O 470 -20.29 39.99 -15.26
CA LEU O 470 -19.85 40.98 -14.27
C LEU O 470 -19.52 42.30 -14.94
N THR O 471 -18.77 42.26 -16.04
CA THR O 471 -18.44 43.51 -16.70
C THR O 471 -19.65 44.12 -17.39
N GLU O 472 -20.70 43.34 -17.62
CA GLU O 472 -21.93 43.98 -18.08
C GLU O 472 -22.62 44.70 -16.94
N LEU O 473 -22.56 44.12 -15.74
CA LEU O 473 -23.14 44.76 -14.58
C LEU O 473 -22.39 46.02 -14.18
N LYS O 474 -21.06 45.98 -14.24
CA LYS O 474 -20.25 47.06 -13.72
C LYS O 474 -20.40 48.33 -14.54
N THR O 475 -20.71 48.23 -15.82
CA THR O 475 -20.92 49.43 -16.61
C THR O 475 -22.25 50.07 -16.36
N PHE O 476 -23.16 49.37 -15.70
CA PHE O 476 -24.49 49.88 -15.46
C PHE O 476 -24.81 49.94 -13.98
N ALA O 477 -23.87 50.38 -13.16
CA ALA O 477 -24.07 50.49 -11.73
C ALA O 477 -24.20 51.95 -11.34
N ASN O 478 -24.48 52.18 -10.07
CA ASN O 478 -24.68 53.53 -9.55
C ASN O 478 -23.65 53.77 -8.46
N TYR O 479 -22.61 54.54 -8.79
CA TYR O 479 -21.48 54.75 -7.91
C TYR O 479 -21.60 56.04 -7.11
N SER O 480 -22.79 56.62 -7.04
CA SER O 480 -22.94 57.96 -6.48
C SER O 480 -22.64 58.00 -4.99
N THR O 481 -22.85 56.89 -4.28
CA THR O 481 -22.59 56.90 -2.85
C THR O 481 -21.12 56.83 -2.50
N CYS O 482 -20.24 56.65 -3.46
CA CYS O 482 -18.82 56.53 -3.18
C CYS O 482 -17.93 57.36 -4.08
N ASP O 483 -18.46 57.97 -5.13
CA ASP O 483 -17.67 58.72 -6.10
C ASP O 483 -17.98 60.20 -5.96
N ARG O 484 -17.05 60.94 -5.35
CA ARG O 484 -17.28 62.36 -5.11
C ARG O 484 -16.99 63.20 -6.35
N SER O 485 -15.83 62.97 -6.96
CA SER O 485 -15.35 63.80 -8.06
C SER O 485 -16.03 63.51 -9.38
N ASN O 486 -17.07 62.67 -9.38
CA ASN O 486 -17.80 62.29 -10.59
C ASN O 486 -16.88 61.68 -11.64
N LEU O 487 -16.15 60.66 -11.24
CA LEU O 487 -15.20 60.04 -12.14
C LEU O 487 -15.88 59.21 -13.20
N ALA O 488 -17.07 58.70 -12.90
CA ALA O 488 -17.77 57.80 -13.81
C ALA O 488 -18.13 58.49 -15.11
N ASP O 489 -18.60 59.73 -15.04
CA ASP O 489 -18.91 60.45 -16.27
C ASP O 489 -17.65 60.76 -17.06
N TRP O 490 -16.54 61.04 -16.38
CA TRP O 490 -15.30 61.30 -17.08
C TRP O 490 -14.83 60.07 -17.83
N LEU O 491 -15.01 58.90 -17.24
CA LEU O 491 -14.64 57.68 -17.95
C LEU O 491 -15.63 57.35 -19.04
N GLY O 492 -16.90 57.67 -18.85
CA GLY O 492 -17.89 57.35 -19.86
C GLY O 492 -17.80 58.26 -21.07
N SER O 493 -17.30 59.48 -20.88
CA SER O 493 -17.14 60.39 -22.01
C SER O 493 -16.09 59.91 -22.98
N LEU O 494 -15.06 59.21 -22.49
CA LEU O 494 -14.08 58.61 -23.39
C LEU O 494 -14.71 57.50 -24.21
N ASP O 495 -15.25 56.51 -23.54
CA ASP O 495 -15.78 55.32 -24.18
C ASP O 495 -16.74 54.69 -23.17
N PRO O 496 -17.95 54.32 -23.58
CA PRO O 496 -18.88 53.69 -22.65
C PRO O 496 -18.37 52.39 -22.06
N ARG O 497 -17.45 51.70 -22.73
CA ARG O 497 -16.90 50.48 -22.18
C ARG O 497 -15.98 50.73 -21.00
N PHE O 498 -15.59 51.97 -20.75
CA PHE O 498 -14.56 52.27 -19.78
C PHE O 498 -15.13 52.51 -18.40
N ARG O 499 -16.44 52.71 -18.30
CA ARG O 499 -17.07 53.03 -17.03
C ARG O 499 -16.89 51.90 -16.03
N GLN O 500 -16.73 50.67 -16.51
CA GLN O 500 -16.51 49.52 -15.67
C GLN O 500 -15.28 49.64 -14.79
N TYR O 501 -14.35 50.52 -15.11
CA TYR O 501 -13.16 50.59 -14.28
C TYR O 501 -13.30 51.52 -13.10
N THR O 502 -14.41 52.24 -12.96
CA THR O 502 -14.44 53.36 -12.03
C THR O 502 -14.23 52.93 -10.58
N TYR O 503 -14.72 51.75 -10.20
CA TYR O 503 -14.59 51.38 -8.81
C TYR O 503 -13.15 51.03 -8.47
N GLY O 504 -12.42 50.49 -9.43
CA GLY O 504 -11.01 50.26 -9.19
C GLY O 504 -10.22 51.52 -9.04
N LEU O 505 -10.71 52.63 -9.59
CA LEU O 505 -10.02 53.88 -9.39
C LEU O 505 -10.41 54.54 -8.09
N VAL O 506 -11.56 54.22 -7.51
CA VAL O 506 -11.97 54.98 -6.35
C VAL O 506 -11.52 54.29 -5.07
N SER O 507 -11.73 52.97 -4.98
CA SER O 507 -11.28 52.22 -3.83
C SER O 507 -9.77 52.33 -3.63
N CYS O 508 -9.01 52.45 -4.73
CA CYS O 508 -7.57 52.67 -4.57
C CYS O 508 -7.27 54.09 -4.14
N GLY O 509 -8.18 55.03 -4.34
CA GLY O 509 -7.99 56.35 -3.79
C GLY O 509 -8.05 57.52 -4.75
N LEU O 510 -7.97 57.26 -6.04
CA LEU O 510 -7.85 58.33 -7.03
C LEU O 510 -9.11 59.18 -7.09
N ASP O 511 -9.01 60.28 -7.82
CA ASP O 511 -10.13 61.17 -8.11
C ASP O 511 -9.73 62.01 -9.31
N ARG O 512 -10.65 62.87 -9.75
CA ARG O 512 -10.46 63.61 -10.99
C ARG O 512 -9.32 64.62 -10.88
N SER O 513 -9.06 65.14 -9.69
CA SER O 513 -8.04 66.16 -9.55
C SER O 513 -6.63 65.57 -9.61
N LEU O 514 -6.38 64.53 -8.84
CA LEU O 514 -5.04 63.96 -8.73
C LEU O 514 -4.83 62.79 -9.66
N LEU O 515 -5.68 62.65 -10.68
CA LEU O 515 -5.53 61.56 -11.62
C LEU O 515 -4.35 61.77 -12.55
N HIS O 516 -4.00 63.02 -12.81
CA HIS O 516 -3.14 63.39 -13.92
C HIS O 516 -1.68 63.02 -13.71
N ARG O 517 -1.32 62.32 -12.65
CA ARG O 517 0.08 61.98 -12.43
C ARG O 517 0.21 60.55 -11.97
N VAL O 518 -0.54 59.65 -12.59
CA VAL O 518 -0.44 58.24 -12.29
C VAL O 518 0.37 57.60 -13.40
N SER O 519 1.05 56.52 -13.08
CA SER O 519 1.85 55.81 -14.06
C SER O 519 1.10 54.59 -14.55
N GLU O 520 1.58 54.02 -15.65
CA GLU O 520 0.96 52.81 -16.19
C GLU O 520 1.12 51.64 -15.24
N GLN O 521 2.30 51.51 -14.63
CA GLN O 521 2.56 50.40 -13.74
C GLN O 521 1.71 50.51 -12.48
N GLN O 522 1.19 51.69 -12.16
CA GLN O 522 0.23 51.79 -11.07
C GLN O 522 -1.15 51.42 -11.54
N LEU O 523 -1.49 51.72 -12.80
CA LEU O 523 -2.77 51.31 -13.36
C LEU O 523 -2.88 49.81 -13.54
N LEU O 524 -1.77 49.09 -13.65
CA LEU O 524 -1.90 47.68 -13.97
C LEU O 524 -2.33 46.86 -12.77
N GLU O 525 -1.65 46.96 -11.63
CA GLU O 525 -2.01 46.08 -10.52
C GLU O 525 -2.86 46.75 -9.45
N ASP O 526 -2.86 48.07 -9.34
CA ASP O 526 -3.72 48.67 -8.34
C ASP O 526 -5.14 48.84 -8.83
N CYS O 527 -5.32 49.47 -9.98
CA CYS O 527 -6.65 49.68 -10.52
C CYS O 527 -7.20 48.47 -11.27
N GLY O 528 -6.39 47.43 -11.43
CA GLY O 528 -6.87 46.20 -12.04
C GLY O 528 -7.23 46.29 -13.50
N ILE O 529 -6.61 47.19 -14.24
CA ILE O 529 -6.83 47.29 -15.68
C ILE O 529 -5.87 46.34 -16.38
N HIS O 530 -6.39 45.45 -17.20
CA HIS O 530 -5.57 44.41 -17.80
C HIS O 530 -5.25 44.66 -19.26
N LEU O 531 -6.19 45.14 -20.05
CA LEU O 531 -5.91 45.39 -21.46
C LEU O 531 -4.98 46.58 -21.61
N GLY O 532 -3.88 46.36 -22.34
CA GLY O 532 -2.91 47.43 -22.57
C GLY O 532 -3.49 48.60 -23.33
N VAL O 533 -4.44 48.33 -24.22
CA VAL O 533 -5.03 49.38 -25.03
C VAL O 533 -5.81 50.35 -24.16
N HIS O 534 -6.54 49.81 -23.17
CA HIS O 534 -7.33 50.67 -22.30
C HIS O 534 -6.44 51.48 -21.38
N ARG O 535 -5.35 50.87 -20.90
CA ARG O 535 -4.36 51.61 -20.12
C ARG O 535 -3.79 52.76 -20.91
N ALA O 536 -3.44 52.51 -22.17
CA ALA O 536 -2.82 53.56 -22.98
C ALA O 536 -3.79 54.69 -23.27
N ARG O 537 -5.05 54.35 -23.58
CA ARG O 537 -6.02 55.39 -23.88
C ARG O 537 -6.34 56.22 -22.65
N ILE O 538 -6.42 55.57 -21.49
CA ILE O 538 -6.70 56.27 -20.26
C ILE O 538 -5.53 57.17 -19.89
N LEU O 539 -4.31 56.68 -20.08
CA LEU O 539 -3.12 57.47 -19.76
C LEU O 539 -3.04 58.71 -20.62
N THR O 540 -3.24 58.57 -21.92
CA THR O 540 -3.14 59.74 -22.79
C THR O 540 -4.26 60.73 -22.52
N ALA O 541 -5.47 60.24 -22.24
CA ALA O 541 -6.58 61.15 -22.02
C ALA O 541 -6.47 61.84 -20.68
N ALA O 542 -5.84 61.20 -19.70
CA ALA O 542 -5.66 61.84 -18.40
C ALA O 542 -4.52 62.84 -18.48
N ARG O 543 -3.44 62.44 -19.13
CA ARG O 543 -2.23 63.24 -19.16
C ARG O 543 -2.43 64.47 -20.01
N GLU O 544 -3.34 64.40 -20.97
CA GLU O 544 -3.71 65.58 -21.74
C GLU O 544 -4.40 66.62 -20.86
N MET O 545 -5.23 66.19 -19.92
CA MET O 545 -5.82 67.10 -18.95
C MET O 545 -4.81 67.25 -17.83
N LEU O 546 -3.76 68.02 -18.10
CA LEU O 546 -2.58 67.99 -17.25
C LEU O 546 -2.73 68.83 -15.99
N HIS O 547 -2.89 70.14 -16.15
CA HIS O 547 -2.87 71.07 -15.03
C HIS O 547 -4.04 72.04 -15.15
N SER O 548 -5.23 71.48 -15.37
CA SER O 548 -6.43 72.31 -15.54
C SER O 548 -6.73 73.24 -14.37
N PRO O 549 -6.59 72.84 -13.09
CA PRO O 549 -6.79 73.91 -12.11
C PRO O 549 -5.56 74.78 -11.94
N MET P 1 -38.25 58.56 -4.40
CA MET P 1 -37.27 57.98 -5.32
C MET P 1 -37.45 56.48 -5.37
N ALA P 2 -37.66 55.87 -4.21
CA ALA P 2 -37.87 54.43 -4.14
C ALA P 2 -39.11 54.03 -4.93
N VAL P 3 -38.90 53.26 -5.98
CA VAL P 3 -40.00 52.84 -6.83
C VAL P 3 -40.86 51.82 -6.12
N GLN P 4 -42.17 51.93 -6.29
CA GLN P 4 -43.11 50.98 -5.74
C GLN P 4 -43.69 50.14 -6.86
N LEU P 5 -43.75 48.84 -6.67
CA LEU P 5 -44.32 47.92 -7.64
C LEU P 5 -45.58 47.29 -7.07
N VAL P 6 -46.60 47.14 -7.90
CA VAL P 6 -47.84 46.49 -7.52
C VAL P 6 -48.20 45.47 -8.58
N GLU P 7 -48.57 44.27 -8.15
CA GLU P 7 -48.92 43.21 -9.07
C GLU P 7 -50.43 43.10 -9.21
N SER P 8 -50.85 42.32 -10.20
CA SER P 8 -52.26 42.04 -10.42
C SER P 8 -52.37 40.81 -11.30
N GLY P 9 -53.49 40.11 -11.15
CA GLY P 9 -53.71 38.82 -11.79
C GLY P 9 -53.88 37.73 -10.75
N GLY P 10 -53.25 36.59 -11.01
CA GLY P 10 -53.22 35.54 -10.02
C GLY P 10 -54.53 34.77 -9.94
N GLY P 11 -54.71 34.11 -8.81
CA GLY P 11 -55.91 33.32 -8.59
C GLY P 11 -55.69 31.87 -8.95
N LEU P 12 -56.63 31.29 -9.68
CA LEU P 12 -56.60 29.87 -9.95
C LEU P 12 -57.18 29.58 -11.32
N VAL P 13 -56.65 28.53 -11.95
CA VAL P 13 -57.09 28.04 -13.24
C VAL P 13 -56.99 26.53 -13.26
N GLN P 14 -57.36 25.93 -14.38
CA GLN P 14 -57.30 24.50 -14.59
C GLN P 14 -56.00 24.13 -15.29
N PRO P 15 -55.54 22.89 -15.15
CA PRO P 15 -54.36 22.45 -15.88
C PRO P 15 -54.57 22.55 -17.37
N GLY P 16 -53.67 23.27 -18.03
CA GLY P 16 -53.90 23.67 -19.41
C GLY P 16 -54.72 24.93 -19.40
N GLY P 17 -54.23 25.98 -20.05
CA GLY P 17 -54.93 27.25 -20.01
C GLY P 17 -53.98 28.39 -19.73
N SER P 18 -54.36 29.59 -20.15
CA SER P 18 -53.48 30.75 -20.10
C SER P 18 -53.90 31.71 -19.00
N LEU P 19 -52.99 32.63 -18.69
CA LEU P 19 -53.22 33.69 -17.71
C LEU P 19 -52.23 34.80 -18.01
N ARG P 20 -52.56 36.01 -17.56
CA ARG P 20 -51.66 37.14 -17.73
C ARG P 20 -51.55 37.92 -16.44
N LEU P 21 -50.32 38.17 -16.01
CA LEU P 21 -50.03 38.92 -14.81
C LEU P 21 -49.48 40.28 -15.19
N SER P 22 -49.81 41.28 -14.39
CA SER P 22 -49.39 42.64 -14.67
C SER P 22 -48.65 43.19 -13.47
N CYS P 23 -47.66 44.05 -13.74
CA CYS P 23 -46.90 44.70 -12.68
C CYS P 23 -46.70 46.15 -13.04
N ALA P 24 -47.21 47.04 -12.19
CA ALA P 24 -47.19 48.47 -12.45
C ALA P 24 -46.26 49.17 -11.47
N ALA P 25 -45.52 50.15 -11.98
CA ALA P 25 -44.49 50.85 -11.22
C ALA P 25 -44.91 52.29 -10.98
N SER P 26 -44.07 53.01 -10.24
CA SER P 26 -44.34 54.39 -9.86
C SER P 26 -43.75 55.40 -10.83
N VAL P 27 -42.80 54.97 -11.65
CA VAL P 27 -42.11 55.84 -12.58
C VAL P 27 -42.21 55.23 -13.96
N SER P 28 -41.55 55.86 -14.93
CA SER P 28 -41.49 55.28 -16.26
C SER P 28 -40.66 54.02 -16.24
N ILE P 29 -41.19 52.94 -16.82
CA ILE P 29 -40.43 51.70 -16.89
C ILE P 29 -39.20 51.88 -17.75
N SER P 30 -39.28 52.73 -18.78
CA SER P 30 -38.20 52.89 -19.74
C SER P 30 -36.94 53.49 -19.13
N ARG P 31 -36.96 53.88 -17.86
CA ARG P 31 -35.77 54.34 -17.17
C ARG P 31 -35.07 53.21 -16.43
N ILE P 32 -35.80 52.16 -16.09
CA ILE P 32 -35.26 51.09 -15.27
C ILE P 32 -34.39 50.20 -16.13
N TYR P 33 -33.26 49.77 -15.57
CA TYR P 33 -32.30 48.97 -16.34
C TYR P 33 -32.86 47.58 -16.63
N VAL P 34 -33.13 46.80 -15.60
CA VAL P 34 -33.70 45.47 -15.79
C VAL P 34 -34.95 45.32 -14.95
N MET P 35 -35.88 44.52 -15.43
CA MET P 35 -37.02 44.10 -14.64
C MET P 35 -37.20 42.60 -14.81
N ALA P 36 -37.81 41.97 -13.81
CA ALA P 36 -37.81 40.52 -13.81
C ALA P 36 -39.00 40.00 -13.02
N TRP P 37 -39.38 38.76 -13.31
CA TRP P 37 -40.43 38.06 -12.58
C TRP P 37 -39.80 36.89 -11.86
N TYR P 38 -40.26 36.65 -10.64
CA TYR P 38 -39.69 35.59 -9.81
C TYR P 38 -40.81 34.72 -9.28
N ARG P 39 -40.47 33.50 -8.91
CA ARG P 39 -41.45 32.48 -8.57
C ARG P 39 -40.96 31.73 -7.36
N GLN P 40 -41.76 31.68 -6.30
CA GLN P 40 -41.41 30.93 -5.12
C GLN P 40 -42.51 29.94 -4.79
N ALA P 41 -42.20 28.68 -4.89
CA ALA P 41 -43.07 27.58 -4.56
C ALA P 41 -43.01 27.31 -3.07
N PRO P 42 -44.10 26.83 -2.47
CA PRO P 42 -44.06 26.50 -1.04
C PRO P 42 -43.11 25.35 -0.77
N GLY P 43 -42.21 25.55 0.18
CA GLY P 43 -41.24 24.56 0.53
C GLY P 43 -39.92 24.63 -0.21
N LYS P 44 -39.73 25.63 -1.06
CA LYS P 44 -38.47 25.83 -1.76
C LYS P 44 -38.12 27.32 -1.78
N GLN P 45 -37.01 27.64 -2.41
CA GLN P 45 -36.52 29.00 -2.50
C GLN P 45 -36.95 29.63 -3.81
N ARG P 46 -36.68 30.93 -3.95
CA ARG P 46 -37.10 31.65 -5.13
C ARG P 46 -36.31 31.21 -6.35
N GLU P 47 -36.82 31.58 -7.51
CA GLU P 47 -36.11 31.38 -8.77
C GLU P 47 -36.66 32.35 -9.79
N VAL P 48 -35.93 32.54 -10.82
CA VAL P 48 -36.27 33.49 -11.86
C VAL P 48 -37.14 32.79 -12.90
N VAL P 49 -38.02 33.54 -13.54
CA VAL P 49 -38.78 33.00 -14.67
C VAL P 49 -38.69 33.85 -15.92
N ALA P 50 -38.40 35.15 -15.83
CA ALA P 50 -38.20 35.98 -17.01
C ALA P 50 -37.50 37.27 -16.60
N VAL P 51 -36.66 37.78 -17.49
CA VAL P 51 -36.02 39.08 -17.30
C VAL P 51 -36.16 39.87 -18.60
N ILE P 52 -36.00 41.18 -18.49
CA ILE P 52 -36.06 42.05 -19.66
C ILE P 52 -35.29 43.34 -19.35
N ARG P 53 -34.48 43.77 -20.30
CA ARG P 53 -33.61 44.92 -20.10
C ARG P 53 -34.22 46.16 -20.73
N TYR P 54 -33.46 47.26 -20.69
CA TYR P 54 -33.94 48.52 -21.22
C TYR P 54 -34.12 48.47 -22.73
N ASP P 55 -33.32 47.65 -23.41
CA ASP P 55 -33.40 47.53 -24.86
C ASP P 55 -34.32 46.41 -25.29
N GLY P 56 -35.01 45.78 -24.35
CA GLY P 56 -35.96 44.74 -24.71
C GLY P 56 -35.36 43.44 -25.22
N THR P 57 -34.30 42.96 -24.58
CA THR P 57 -33.79 41.62 -24.83
C THR P 57 -34.10 40.77 -23.62
N THR P 58 -34.71 39.61 -23.85
CA THR P 58 -35.26 38.81 -22.78
C THR P 58 -34.58 37.46 -22.72
N ASN P 59 -34.45 36.95 -21.50
CA ASN P 59 -33.88 35.62 -21.26
C ASN P 59 -34.85 34.81 -20.43
N TYR P 60 -35.01 33.55 -20.80
CA TYR P 60 -35.88 32.67 -20.07
C TYR P 60 -35.08 31.45 -19.63
N PRO P 61 -35.42 30.85 -18.49
CA PRO P 61 -34.82 29.57 -18.15
C PRO P 61 -35.32 28.49 -19.08
N ASP P 62 -34.58 27.38 -19.12
CA ASP P 62 -34.94 26.28 -19.99
C ASP P 62 -36.25 25.61 -19.59
N SER P 63 -36.63 25.72 -18.32
CA SER P 63 -37.83 25.05 -17.82
C SER P 63 -39.10 25.57 -18.49
N VAL P 64 -39.15 26.86 -18.80
CA VAL P 64 -40.40 27.49 -19.22
C VAL P 64 -40.27 28.14 -20.60
N LYS P 65 -39.26 27.75 -21.37
CA LYS P 65 -39.11 28.32 -22.71
C LYS P 65 -40.27 27.87 -23.60
N GLY P 66 -40.81 28.82 -24.36
CA GLY P 66 -41.92 28.55 -25.23
C GLY P 66 -43.27 28.68 -24.57
N ARG P 67 -43.34 28.62 -23.25
CA ARG P 67 -44.62 28.67 -22.57
C ARG P 67 -44.92 30.03 -21.93
N PHE P 68 -43.90 30.83 -21.65
CA PHE P 68 -44.10 32.14 -21.05
C PHE P 68 -43.62 33.22 -22.00
N THR P 69 -44.02 34.46 -21.71
CA THR P 69 -43.60 35.59 -22.53
C THR P 69 -43.75 36.89 -21.75
N ILE P 70 -42.67 37.67 -21.67
CA ILE P 70 -42.65 38.91 -20.90
C ILE P 70 -42.56 40.09 -21.85
N SER P 71 -43.32 41.14 -21.56
CA SER P 71 -43.25 42.32 -22.40
C SER P 71 -43.46 43.61 -21.62
N ARG P 72 -42.83 44.68 -22.10
CA ARG P 72 -43.01 46.02 -21.57
C ARG P 72 -44.19 46.66 -22.29
N ASP P 73 -44.94 47.49 -21.57
CA ASP P 73 -45.95 48.32 -22.22
C ASP P 73 -45.64 49.76 -21.89
N ASN P 74 -45.36 50.55 -22.91
CA ASN P 74 -44.93 51.92 -22.70
C ASN P 74 -46.07 52.90 -22.59
N ALA P 75 -47.30 52.50 -22.91
CA ALA P 75 -48.44 53.40 -22.78
C ALA P 75 -48.68 53.73 -21.31
N LYS P 76 -48.91 52.71 -20.50
CA LYS P 76 -48.96 52.84 -19.06
C LYS P 76 -47.87 51.97 -18.49
N ASN P 77 -47.18 52.45 -17.46
CA ASN P 77 -45.98 51.80 -16.96
C ASN P 77 -46.36 50.46 -16.36
N THR P 78 -46.20 49.40 -17.14
CA THR P 78 -46.66 48.08 -16.73
C THR P 78 -45.92 47.03 -17.55
N VAL P 79 -45.36 46.04 -16.85
CA VAL P 79 -44.73 44.90 -17.48
C VAL P 79 -45.68 43.70 -17.33
N TYR P 80 -45.89 42.98 -18.43
CA TYR P 80 -46.80 41.86 -18.48
C TYR P 80 -46.05 40.55 -18.59
N LEU P 81 -46.62 39.52 -17.96
CA LEU P 81 -46.18 38.14 -18.12
C LEU P 81 -47.36 37.32 -18.62
N GLN P 82 -47.13 36.55 -19.68
CA GLN P 82 -48.16 35.76 -20.32
C GLN P 82 -47.79 34.29 -20.17
N MET P 83 -48.68 33.52 -19.58
CA MET P 83 -48.47 32.12 -19.23
C MET P 83 -49.46 31.29 -20.05
N ASN P 84 -48.96 30.59 -21.05
CA ASN P 84 -49.85 30.02 -22.05
C ASN P 84 -50.28 28.59 -21.73
N SER P 85 -49.33 27.67 -21.63
CA SER P 85 -49.63 26.27 -21.37
C SER P 85 -49.16 25.93 -19.97
N LEU P 86 -50.11 25.64 -19.08
CA LEU P 86 -49.79 25.50 -17.68
C LEU P 86 -49.74 24.03 -17.27
N LYS P 87 -48.89 23.75 -16.31
CA LYS P 87 -48.67 22.45 -15.72
C LYS P 87 -49.19 22.45 -14.29
N PRO P 88 -49.29 21.29 -13.65
CA PRO P 88 -49.68 21.30 -12.24
C PRO P 88 -48.62 21.85 -11.31
N GLU P 89 -47.34 21.71 -11.65
CA GLU P 89 -46.28 22.18 -10.78
C GLU P 89 -46.02 23.67 -10.90
N ASP P 90 -46.72 24.37 -11.78
CA ASP P 90 -46.52 25.81 -11.92
C ASP P 90 -47.47 26.58 -11.03
N THR P 91 -47.48 26.23 -9.74
CA THR P 91 -48.32 26.89 -8.76
C THR P 91 -47.44 27.41 -7.63
N ALA P 92 -47.50 28.71 -7.39
CA ALA P 92 -46.55 29.34 -6.48
C ALA P 92 -47.00 30.78 -6.24
N VAL P 93 -46.21 31.51 -5.46
CA VAL P 93 -46.39 32.95 -5.35
C VAL P 93 -45.40 33.60 -6.30
N TYR P 94 -45.88 34.61 -7.03
CA TYR P 94 -45.07 35.28 -8.03
C TYR P 94 -44.79 36.70 -7.59
N TYR P 95 -43.56 37.17 -7.86
CA TYR P 95 -43.15 38.50 -7.47
C TYR P 95 -42.60 39.26 -8.66
N CYS P 96 -42.78 40.57 -8.61
CA CYS P 96 -42.24 41.51 -9.58
C CYS P 96 -40.99 42.14 -9.00
N ASN P 97 -39.97 42.33 -9.82
CA ASN P 97 -38.69 42.81 -9.35
C ASN P 97 -38.19 43.92 -10.26
N ALA P 98 -37.85 45.06 -9.65
CA ALA P 98 -37.13 46.14 -10.32
C ALA P 98 -35.67 45.79 -10.23
N ASN P 99 -34.77 46.78 -10.36
CA ASN P 99 -33.37 46.60 -10.76
C ASN P 99 -32.69 45.38 -10.16
N VAL P 100 -32.41 45.38 -8.87
CA VAL P 100 -32.26 44.13 -8.14
C VAL P 100 -32.98 44.25 -6.81
N GLU P 101 -32.73 45.35 -6.12
CA GLU P 101 -33.08 45.50 -4.71
C GLU P 101 -34.59 45.43 -4.48
N THR P 102 -35.35 46.26 -5.16
CA THR P 102 -36.75 46.44 -4.80
C THR P 102 -37.59 45.28 -5.26
N TRP P 103 -38.49 44.84 -4.39
CA TRP P 103 -39.39 43.73 -4.63
C TRP P 103 -40.83 44.24 -4.67
N GLY P 104 -41.72 43.34 -5.09
CA GLY P 104 -43.14 43.53 -4.93
C GLY P 104 -43.63 42.80 -3.70
N GLN P 105 -44.94 42.53 -3.67
CA GLN P 105 -45.51 41.79 -2.57
C GLN P 105 -45.98 40.40 -2.95
N GLY P 106 -46.21 40.14 -4.23
CA GLY P 106 -46.51 38.80 -4.68
C GLY P 106 -47.99 38.57 -4.90
N THR P 107 -48.28 37.55 -5.71
CA THR P 107 -49.64 37.11 -6.03
C THR P 107 -49.63 35.60 -6.12
N GLN P 108 -50.64 34.97 -5.53
CA GLN P 108 -50.70 33.52 -5.47
C GLN P 108 -51.32 33.01 -6.76
N VAL P 109 -50.79 31.91 -7.28
CA VAL P 109 -51.28 31.30 -8.52
C VAL P 109 -51.37 29.79 -8.32
N THR P 110 -52.54 29.23 -8.61
CA THR P 110 -52.81 27.81 -8.40
C THR P 110 -53.51 27.20 -9.60
N VAL P 111 -53.25 25.91 -9.80
CA VAL P 111 -53.74 25.17 -10.96
C VAL P 111 -54.38 23.86 -10.53
N SER P 112 -55.71 23.77 -10.65
CA SER P 112 -56.48 22.56 -10.34
C SER P 112 -57.89 22.75 -10.87
N SER P 113 -58.79 21.83 -10.51
CA SER P 113 -60.20 21.91 -10.85
C SER P 113 -60.87 23.19 -10.35
N PRO Q 324 -57.50 -1.97 72.17
CA PRO Q 324 -57.12 -0.79 72.96
C PRO Q 324 -55.66 -0.41 72.80
N ASP Q 325 -55.02 -0.01 73.91
CA ASP Q 325 -53.62 0.37 73.91
C ASP Q 325 -52.69 -0.84 73.88
N ASP Q 326 -53.18 -2.00 74.29
CA ASP Q 326 -52.40 -3.23 74.23
C ASP Q 326 -52.15 -3.62 72.78
N LEU Q 327 -53.13 -3.37 71.91
CA LEU Q 327 -53.02 -3.69 70.49
C LEU Q 327 -51.94 -2.87 69.81
N GLN Q 328 -51.70 -1.64 70.30
CA GLN Q 328 -50.65 -0.80 69.75
C GLN Q 328 -49.27 -1.40 69.89
N ARG Q 329 -49.02 -2.22 70.93
CA ARG Q 329 -47.73 -2.89 71.00
C ARG Q 329 -47.53 -3.92 69.88
N LEU Q 330 -48.61 -4.50 69.35
CA LEU Q 330 -48.49 -5.46 68.27
C LEU Q 330 -48.49 -4.82 66.89
N VAL Q 331 -48.44 -3.50 66.83
CA VAL Q 331 -48.49 -2.76 65.56
C VAL Q 331 -47.14 -2.64 64.87
N PRO Q 332 -46.01 -2.37 65.56
CA PRO Q 332 -44.75 -2.38 64.80
C PRO Q 332 -44.05 -3.73 64.74
N LEU Q 333 -44.42 -4.71 65.57
CA LEU Q 333 -43.74 -6.00 65.56
C LEU Q 333 -43.69 -6.64 64.18
N LEU Q 334 -44.69 -6.38 63.34
CA LEU Q 334 -44.78 -6.92 61.99
C LEU Q 334 -43.61 -6.49 61.12
N ASP Q 335 -42.95 -5.36 61.45
CA ASP Q 335 -41.80 -4.89 60.70
C ASP Q 335 -40.53 -5.69 60.94
N SER Q 336 -40.62 -6.80 61.67
CA SER Q 336 -39.45 -7.59 62.04
C SER Q 336 -38.81 -8.24 60.82
N ASN Q 337 -37.51 -8.54 60.96
CA ASN Q 337 -36.77 -9.17 59.87
C ASN Q 337 -37.04 -10.66 59.79
N ARG Q 338 -37.22 -11.32 60.93
CA ARG Q 338 -37.40 -12.76 60.95
C ARG Q 338 -38.85 -13.13 60.65
N LEU Q 339 -39.05 -14.39 60.28
CA LEU Q 339 -40.36 -14.84 59.82
C LEU Q 339 -41.30 -15.15 60.98
N GLU Q 340 -40.80 -15.82 62.04
CA GLU Q 340 -41.65 -16.34 63.09
C GLU Q 340 -42.40 -15.23 63.83
N ALA Q 341 -41.73 -14.09 64.06
CA ALA Q 341 -42.39 -12.96 64.69
C ALA Q 341 -43.57 -12.46 63.88
N GLN Q 342 -43.37 -12.32 62.57
CA GLN Q 342 -44.44 -11.90 61.68
C GLN Q 342 -45.57 -12.92 61.67
N CYS Q 343 -45.23 -14.20 61.64
CA CYS Q 343 -46.24 -15.26 61.62
C CYS Q 343 -47.10 -15.24 62.88
N ILE Q 344 -46.48 -15.12 64.06
CA ILE Q 344 -47.28 -15.18 65.28
C ILE Q 344 -48.07 -13.90 65.45
N GLY Q 345 -47.53 -12.76 65.02
CA GLY Q 345 -48.29 -11.52 65.13
C GLY Q 345 -49.53 -11.58 64.27
N ALA Q 346 -49.39 -12.13 63.06
CA ALA Q 346 -50.53 -12.24 62.16
C ALA Q 346 -51.54 -13.23 62.71
N PHE Q 347 -51.08 -14.35 63.25
CA PHE Q 347 -52.00 -15.34 63.84
C PHE Q 347 -52.82 -14.70 64.97
N TYR Q 348 -52.15 -13.97 65.88
CA TYR Q 348 -52.89 -13.30 66.97
C TYR Q 348 -53.91 -12.31 66.44
N LEU Q 349 -53.47 -11.33 65.64
CA LEU Q 349 -54.40 -10.30 65.16
C LEU Q 349 -55.57 -10.91 64.39
N CYS Q 350 -55.29 -11.87 63.50
CA CYS Q 350 -56.37 -12.49 62.75
C CYS Q 350 -57.33 -13.26 63.66
N ALA Q 351 -56.79 -13.92 64.69
CA ALA Q 351 -57.63 -14.69 65.61
C ALA Q 351 -58.54 -13.78 66.43
N GLU Q 352 -58.01 -12.66 66.94
CA GLU Q 352 -58.90 -11.78 67.68
C GLU Q 352 -59.81 -11.00 66.75
N ALA Q 353 -59.43 -10.82 65.48
CA ALA Q 353 -60.38 -10.24 64.53
C ALA Q 353 -61.56 -11.18 64.33
N ALA Q 354 -61.27 -12.48 64.15
CA ALA Q 354 -62.34 -13.47 64.04
C ALA Q 354 -63.20 -13.52 65.29
N ILE Q 355 -62.60 -13.28 66.46
CA ILE Q 355 -63.37 -13.25 67.70
C ILE Q 355 -64.27 -12.02 67.77
N LYS Q 356 -63.73 -10.84 67.48
CA LYS Q 356 -64.44 -9.56 67.58
C LYS Q 356 -65.30 -9.26 66.37
N SER Q 357 -65.31 -10.16 65.38
CA SER Q 357 -66.04 -9.92 64.14
C SER Q 357 -67.54 -10.14 64.26
N LEU Q 358 -68.00 -11.12 65.05
CA LEU Q 358 -69.43 -11.37 65.10
C LEU Q 358 -70.17 -10.28 65.88
N GLN Q 359 -69.57 -9.76 66.96
CA GLN Q 359 -70.18 -8.63 67.65
C GLN Q 359 -70.15 -7.38 66.78
N GLY Q 360 -70.73 -6.29 67.29
CA GLY Q 360 -70.73 -5.05 66.57
C GLY Q 360 -69.41 -4.32 66.61
N LYS Q 361 -68.54 -4.62 67.58
CA LYS Q 361 -67.34 -3.80 67.66
C LYS Q 361 -66.26 -4.29 66.70
N THR Q 362 -66.24 -3.62 65.55
CA THR Q 362 -65.21 -3.73 64.52
C THR Q 362 -64.46 -2.42 64.34
N LYS Q 363 -64.87 -1.38 65.06
CA LYS Q 363 -64.34 -0.03 64.90
C LYS Q 363 -63.01 0.16 65.61
N VAL Q 364 -62.64 -0.77 66.49
CA VAL Q 364 -61.31 -0.73 67.10
C VAL Q 364 -60.22 -0.85 66.03
N PHE Q 365 -60.40 -1.73 65.04
CA PHE Q 365 -59.43 -1.82 63.96
C PHE Q 365 -59.34 -0.54 63.16
N SER Q 366 -60.42 0.22 63.08
CA SER Q 366 -60.40 1.51 62.40
C SER Q 366 -59.51 2.50 63.15
N ASP Q 367 -59.89 2.85 64.39
CA ASP Q 367 -59.21 3.95 65.05
C ASP Q 367 -57.81 3.59 65.58
N ILE Q 368 -57.43 2.30 65.62
CA ILE Q 368 -56.06 1.97 65.99
C ILE Q 368 -55.12 1.94 64.78
N GLY Q 369 -55.66 2.00 63.57
CA GLY Q 369 -54.82 2.08 62.38
C GLY Q 369 -54.08 0.81 62.01
N ALA Q 370 -54.51 -0.36 62.49
CA ALA Q 370 -53.86 -1.60 62.08
C ALA Q 370 -54.24 -1.97 60.65
N ILE Q 371 -55.44 -1.56 60.21
CA ILE Q 371 -55.93 -1.86 58.87
C ILE Q 371 -54.99 -1.27 57.81
N GLN Q 372 -54.34 -0.14 58.11
CA GLN Q 372 -53.44 0.47 57.13
C GLN Q 372 -52.22 -0.41 56.91
N SER Q 373 -51.66 -0.98 57.99
CA SER Q 373 -50.50 -1.86 57.85
C SER Q 373 -50.89 -3.16 57.17
N LEU Q 374 -52.10 -3.67 57.46
CA LEU Q 374 -52.57 -4.88 56.79
C LEU Q 374 -52.78 -4.63 55.30
N LYS Q 375 -53.44 -3.53 54.93
CA LYS Q 375 -53.60 -3.19 53.52
C LYS Q 375 -52.26 -2.91 52.85
N ARG Q 376 -51.25 -2.53 53.64
CA ARG Q 376 -49.90 -2.38 53.11
C ARG Q 376 -49.30 -3.74 52.75
N LEU Q 377 -49.18 -4.63 53.73
CA LEU Q 377 -48.30 -5.79 53.59
C LEU Q 377 -48.86 -6.91 52.73
N VAL Q 378 -50.12 -6.86 52.33
CA VAL Q 378 -50.70 -7.97 51.58
C VAL Q 378 -50.16 -8.00 50.16
N SER Q 379 -49.92 -6.84 49.55
CA SER Q 379 -49.36 -6.79 48.21
C SER Q 379 -47.84 -6.88 48.28
N TYR Q 380 -47.26 -7.51 47.26
CA TYR Q 380 -45.83 -7.79 47.17
C TYR Q 380 -45.34 -8.55 48.41
N SER Q 381 -45.89 -9.75 48.59
CA SER Q 381 -45.47 -10.62 49.68
C SER Q 381 -45.49 -12.05 49.19
N THR Q 382 -44.36 -12.74 49.31
CA THR Q 382 -44.24 -14.14 48.93
C THR Q 382 -44.04 -14.91 50.22
N ASN Q 383 -45.16 -15.16 50.90
CA ASN Q 383 -45.15 -15.87 52.18
C ASN Q 383 -46.59 -16.37 52.35
N GLY Q 384 -46.78 -17.68 52.16
CA GLY Q 384 -48.13 -18.21 52.12
C GLY Q 384 -48.89 -18.08 53.43
N THR Q 385 -48.21 -18.33 54.55
CA THR Q 385 -48.88 -18.25 55.85
C THR Q 385 -49.30 -16.82 56.19
N LYS Q 386 -48.37 -15.85 56.20
CA LYS Q 386 -48.72 -14.50 56.66
C LYS Q 386 -49.70 -13.84 55.70
N SER Q 387 -49.48 -13.99 54.39
CA SER Q 387 -50.39 -13.38 53.42
C SER Q 387 -51.77 -14.02 53.49
N ALA Q 388 -51.82 -15.35 53.66
CA ALA Q 388 -53.11 -16.02 53.79
C ALA Q 388 -53.85 -15.54 55.04
N LEU Q 389 -53.10 -15.35 56.13
CA LEU Q 389 -53.72 -14.89 57.38
C LEU Q 389 -54.19 -13.45 57.25
N ALA Q 390 -53.40 -12.60 56.57
CA ALA Q 390 -53.81 -11.23 56.35
C ALA Q 390 -55.05 -11.17 55.48
N LYS Q 391 -55.13 -12.03 54.47
CA LYS Q 391 -56.31 -12.07 53.61
C LYS Q 391 -57.53 -12.52 54.39
N ARG Q 392 -57.37 -13.53 55.25
CA ARG Q 392 -58.49 -14.00 56.06
C ARG Q 392 -58.93 -12.90 57.02
N ALA Q 393 -57.97 -12.16 57.59
CA ALA Q 393 -58.32 -11.06 58.49
C ALA Q 393 -59.09 -9.96 57.76
N LEU Q 394 -58.63 -9.57 56.58
CA LEU Q 394 -59.30 -8.50 55.84
C LEU Q 394 -60.69 -8.92 55.39
N ARG Q 395 -60.81 -10.12 54.81
CA ARG Q 395 -62.10 -10.61 54.37
C ARG Q 395 -63.07 -10.88 55.50
N LEU Q 396 -62.59 -11.08 56.73
CA LEU Q 396 -63.53 -11.11 57.85
C LEU Q 396 -64.08 -9.72 58.19
N LEU Q 397 -63.30 -8.66 58.01
CA LEU Q 397 -63.84 -7.35 58.33
C LEU Q 397 -64.66 -6.75 57.20
N GLY Q 398 -64.96 -7.53 56.16
CA GLY Q 398 -65.75 -7.04 55.05
C GLY Q 398 -65.03 -6.11 54.10
N GLU Q 399 -63.71 -5.99 54.19
CA GLU Q 399 -62.98 -5.16 53.26
C GLU Q 399 -62.58 -5.96 52.01
N GLU Q 400 -61.89 -5.29 51.10
CA GLU Q 400 -61.42 -5.89 49.85
C GLU Q 400 -59.90 -5.91 49.87
N VAL Q 401 -59.32 -7.01 49.41
CA VAL Q 401 -57.86 -7.11 49.41
C VAL Q 401 -57.31 -6.29 48.25
N PRO Q 402 -56.23 -5.56 48.45
CA PRO Q 402 -55.57 -4.89 47.33
C PRO Q 402 -54.82 -5.87 46.46
N ARG Q 403 -54.48 -5.39 45.27
CA ARG Q 403 -53.67 -6.15 44.34
C ARG Q 403 -52.66 -5.19 43.75
N PRO Q 404 -51.46 -5.68 43.40
CA PRO Q 404 -50.44 -4.80 42.85
C PRO Q 404 -50.86 -4.19 41.54
N ILE Q 405 -50.18 -3.11 41.17
CA ILE Q 405 -50.43 -2.42 39.92
C ILE Q 405 -49.14 -2.54 39.12
N LEU Q 406 -49.07 -3.49 38.31
CA LEU Q 406 -47.91 -3.88 37.56
C LEU Q 406 -47.93 -3.30 36.16
N PRO Q 407 -46.76 -3.07 35.56
CA PRO Q 407 -46.73 -2.53 34.20
C PRO Q 407 -47.23 -3.53 33.19
N SER Q 408 -47.98 -3.04 32.21
CA SER Q 408 -48.42 -3.88 31.10
C SER Q 408 -47.33 -3.83 30.03
N VAL Q 409 -46.23 -4.50 30.33
CA VAL Q 409 -45.07 -4.53 29.42
C VAL Q 409 -45.40 -5.02 28.02
N PRO Q 410 -46.06 -6.18 27.80
CA PRO Q 410 -46.15 -6.69 26.44
C PRO Q 410 -47.04 -5.90 25.51
N SER Q 411 -47.66 -4.82 25.97
CA SER Q 411 -48.32 -3.86 25.09
C SER Q 411 -47.72 -2.52 25.41
N TRP Q 412 -46.55 -2.25 24.85
CA TRP Q 412 -45.85 -1.00 25.00
C TRP Q 412 -45.50 -0.48 23.62
N LYS Q 413 -45.02 0.74 23.57
CA LYS Q 413 -44.54 1.27 22.31
C LYS Q 413 -43.13 1.79 22.52
N GLU Q 414 -42.57 2.49 21.54
CA GLU Q 414 -41.18 2.91 21.64
C GLU Q 414 -40.98 3.99 22.70
N ALA Q 415 -42.00 4.79 22.96
CA ALA Q 415 -41.86 5.85 23.95
C ALA Q 415 -41.67 5.29 25.34
N GLU Q 416 -42.44 4.25 25.68
CA GLU Q 416 -42.32 3.67 27.01
C GLU Q 416 -41.01 2.91 27.14
N VAL Q 417 -40.57 2.27 26.07
CA VAL Q 417 -39.27 1.59 26.10
C VAL Q 417 -38.16 2.60 26.36
N GLN Q 418 -38.24 3.76 25.71
CA GLN Q 418 -37.17 4.73 25.90
C GLN Q 418 -37.20 5.34 27.29
N THR Q 419 -38.39 5.62 27.83
CA THR Q 419 -38.40 6.13 29.20
C THR Q 419 -37.98 5.06 30.20
N TRP Q 420 -38.19 3.78 29.89
CA TRP Q 420 -37.68 2.73 30.76
C TRP Q 420 -36.17 2.71 30.74
N LEU Q 421 -35.59 2.94 29.57
CA LEU Q 421 -34.14 3.00 29.47
C LEU Q 421 -33.58 4.20 30.19
N GLN Q 422 -34.33 5.31 30.23
CA GLN Q 422 -33.92 6.43 31.08
C GLN Q 422 -33.96 6.02 32.54
N GLN Q 423 -34.96 5.24 32.92
CA GLN Q 423 -35.16 4.91 34.32
C GLN Q 423 -34.08 3.99 34.85
N ILE Q 424 -33.74 2.94 34.11
CA ILE Q 424 -32.77 1.99 34.64
C ILE Q 424 -31.34 2.49 34.56
N GLY Q 425 -31.08 3.56 33.83
CA GLY Q 425 -29.74 4.09 33.74
C GLY Q 425 -28.99 3.75 32.49
N PHE Q 426 -29.60 3.05 31.55
CA PHE Q 426 -28.94 2.76 30.29
C PHE Q 426 -29.27 3.81 29.24
N SER Q 427 -29.15 5.08 29.61
CA SER Q 427 -29.61 6.16 28.75
C SER Q 427 -28.70 6.37 27.54
N LYS Q 428 -27.54 5.73 27.49
CA LYS Q 428 -26.61 5.97 26.42
C LYS Q 428 -26.94 5.10 25.21
N TYR Q 429 -27.92 4.21 25.35
CA TYR Q 429 -28.32 3.34 24.28
C TYR Q 429 -29.69 3.69 23.72
N CYS Q 430 -30.30 4.78 24.19
CA CYS Q 430 -31.64 5.16 23.74
C CYS Q 430 -31.70 5.47 22.27
N GLU Q 431 -30.57 5.84 21.66
CA GLU Q 431 -30.57 6.11 20.23
C GLU Q 431 -30.75 4.83 19.43
N SER Q 432 -29.96 3.80 19.75
CA SER Q 432 -30.02 2.55 19.00
C SER Q 432 -31.37 1.88 19.14
N PHE Q 433 -31.91 1.84 20.36
CA PHE Q 433 -33.23 1.27 20.58
C PHE Q 433 -34.33 2.05 19.89
N ARG Q 434 -34.06 3.28 19.46
CA ARG Q 434 -35.03 4.04 18.66
C ARG Q 434 -34.91 3.76 17.18
N GLU Q 435 -33.69 3.49 16.70
CA GLU Q 435 -33.50 3.30 15.27
C GLU Q 435 -34.08 1.97 14.83
N GLN Q 436 -33.92 0.94 15.65
CA GLN Q 436 -34.45 -0.37 15.36
C GLN Q 436 -35.92 -0.50 15.72
N GLN Q 437 -36.50 0.52 16.36
CA GLN Q 437 -37.91 0.56 16.76
C GLN Q 437 -38.28 -0.60 17.68
N VAL Q 438 -37.47 -0.80 18.72
CA VAL Q 438 -37.74 -1.86 19.68
C VAL Q 438 -38.92 -1.46 20.54
N ASP Q 439 -39.91 -2.34 20.63
CA ASP Q 439 -41.07 -2.11 21.48
C ASP Q 439 -41.19 -3.27 22.46
N GLY Q 440 -42.31 -3.30 23.18
CA GLY Q 440 -42.44 -4.21 24.33
C GLY Q 440 -42.38 -5.67 23.95
N ASP Q 441 -43.06 -6.05 22.88
CA ASP Q 441 -43.01 -7.43 22.43
C ASP Q 441 -41.62 -7.80 21.95
N LEU Q 442 -40.93 -6.88 21.31
CA LEU Q 442 -39.58 -7.16 20.88
C LEU Q 442 -38.60 -7.03 22.03
N LEU Q 443 -38.92 -6.22 23.03
CA LEU Q 443 -38.07 -6.11 24.21
C LEU Q 443 -38.07 -7.40 25.00
N LEU Q 444 -39.22 -8.02 25.16
CA LEU Q 444 -39.29 -9.20 26.00
C LEU Q 444 -38.72 -10.44 25.34
N ARG Q 445 -38.27 -10.36 24.10
CA ARG Q 445 -37.73 -11.50 23.38
C ARG Q 445 -36.31 -11.24 22.90
N LEU Q 446 -35.57 -10.41 23.61
CA LEU Q 446 -34.20 -10.11 23.22
C LEU Q 446 -33.26 -11.23 23.63
N THR Q 447 -32.28 -11.50 22.79
CA THR Q 447 -31.20 -12.44 23.08
C THR Q 447 -29.89 -11.69 23.07
N GLU Q 448 -28.80 -12.41 23.27
CA GLU Q 448 -27.49 -11.77 23.31
C GLU Q 448 -26.97 -11.41 21.93
N GLU Q 449 -27.43 -12.08 20.88
CA GLU Q 449 -26.95 -11.75 19.55
C GLU Q 449 -27.51 -10.43 19.07
N GLU Q 450 -28.78 -10.15 19.37
CA GLU Q 450 -29.34 -8.86 19.02
C GLU Q 450 -28.72 -7.74 19.82
N LEU Q 451 -28.36 -8.01 21.07
CA LEU Q 451 -27.71 -6.99 21.87
C LEU Q 451 -26.31 -6.71 21.35
N GLN Q 452 -25.54 -7.76 21.09
CA GLN Q 452 -24.14 -7.58 20.78
C GLN Q 452 -23.95 -7.06 19.37
N THR Q 453 -24.65 -7.64 18.39
CA THR Q 453 -24.35 -7.34 17.00
C THR Q 453 -24.87 -5.97 16.60
N ASP Q 454 -26.18 -5.73 16.75
CA ASP Q 454 -26.78 -4.55 16.17
C ASP Q 454 -27.24 -3.50 17.16
N LEU Q 455 -27.42 -3.83 18.42
CA LEU Q 455 -27.72 -2.78 19.39
C LEU Q 455 -26.46 -2.20 20.01
N GLY Q 456 -25.31 -2.82 19.83
CA GLY Q 456 -24.04 -2.21 20.16
C GLY Q 456 -23.48 -2.49 21.53
N MET Q 457 -24.14 -3.30 22.35
CA MET Q 457 -23.59 -3.63 23.67
C MET Q 457 -22.49 -4.65 23.48
N LYS Q 458 -21.26 -4.17 23.34
CA LYS Q 458 -20.15 -5.06 23.04
C LYS Q 458 -19.68 -5.83 24.26
N SER Q 459 -19.49 -5.14 25.39
CA SER Q 459 -18.86 -5.75 26.54
C SER Q 459 -19.83 -6.65 27.30
N GLY Q 460 -19.35 -7.84 27.66
CA GLY Q 460 -20.20 -8.81 28.34
C GLY Q 460 -20.70 -8.34 29.70
N ILE Q 461 -19.94 -7.48 30.36
CA ILE Q 461 -20.37 -6.92 31.63
C ILE Q 461 -21.60 -6.06 31.45
N THR Q 462 -21.63 -5.26 30.40
CA THR Q 462 -22.78 -4.39 30.18
C THR Q 462 -24.02 -5.20 29.82
N ARG Q 463 -23.84 -6.25 29.02
CA ARG Q 463 -24.96 -7.12 28.72
C ARG Q 463 -25.45 -7.84 29.96
N LYS Q 464 -24.54 -8.21 30.85
CA LYS Q 464 -24.95 -8.86 32.09
C LYS Q 464 -25.75 -7.91 32.97
N ARG Q 465 -25.35 -6.64 33.04
CA ARG Q 465 -26.13 -5.67 33.79
C ARG Q 465 -27.50 -5.46 33.17
N PHE Q 466 -27.54 -5.37 31.84
CA PHE Q 466 -28.81 -5.18 31.15
C PHE Q 466 -29.76 -6.34 31.42
N PHE Q 467 -29.24 -7.56 31.38
CA PHE Q 467 -30.10 -8.70 31.60
C PHE Q 467 -30.54 -8.80 33.03
N ARG Q 468 -29.71 -8.34 33.98
CA ARG Q 468 -30.14 -8.23 35.36
C ARG Q 468 -31.36 -7.35 35.49
N GLU Q 469 -31.32 -6.20 34.81
CA GLU Q 469 -32.44 -5.25 34.90
C GLU Q 469 -33.68 -5.81 34.19
N LEU Q 470 -33.46 -6.45 33.05
CA LEU Q 470 -34.56 -7.02 32.29
C LEU Q 470 -35.27 -8.11 33.08
N THR Q 471 -34.50 -9.02 33.68
CA THR Q 471 -35.14 -10.07 34.45
C THR Q 471 -35.73 -9.56 35.74
N GLU Q 472 -35.34 -8.36 36.18
CA GLU Q 472 -36.08 -7.79 37.29
C GLU Q 472 -37.41 -7.22 36.81
N LEU Q 473 -37.44 -6.68 35.60
CA LEU Q 473 -38.69 -6.17 35.05
C LEU Q 473 -39.66 -7.30 34.73
N LYS Q 474 -39.15 -8.40 34.18
CA LYS Q 474 -40.01 -9.46 33.69
C LYS Q 474 -40.76 -10.17 34.80
N THR Q 475 -40.20 -10.21 36.00
CA THR Q 475 -40.91 -10.83 37.10
C THR Q 475 -42.01 -9.95 37.66
N PHE Q 476 -42.03 -8.68 37.30
CA PHE Q 476 -43.01 -7.74 37.81
C PHE Q 476 -43.81 -7.11 36.70
N ALA Q 477 -44.23 -7.89 35.72
CA ALA Q 477 -45.02 -7.37 34.62
C ALA Q 477 -46.45 -7.86 34.75
N ASN Q 478 -47.31 -7.39 33.85
CA ASN Q 478 -48.72 -7.74 33.87
C ASN Q 478 -49.06 -8.41 32.55
N TYR Q 479 -49.20 -9.73 32.59
CA TYR Q 479 -49.40 -10.53 31.39
C TYR Q 479 -50.86 -10.84 31.12
N SER Q 480 -51.78 -10.10 31.76
CA SER Q 480 -53.19 -10.47 31.70
C SER Q 480 -53.76 -10.34 30.31
N THR Q 481 -53.24 -9.43 29.50
CA THR Q 481 -53.80 -9.26 28.17
C THR Q 481 -53.41 -10.36 27.19
N CYS Q 482 -52.53 -11.27 27.59
CA CYS Q 482 -52.09 -12.32 26.68
C CYS Q 482 -52.08 -13.71 27.29
N ASP Q 483 -52.30 -13.85 28.58
CA ASP Q 483 -52.22 -15.13 29.28
C ASP Q 483 -53.62 -15.55 29.70
N ARG Q 484 -54.20 -16.51 28.98
CA ARG Q 484 -55.56 -16.93 29.28
C ARG Q 484 -55.60 -17.91 30.44
N SER Q 485 -54.76 -18.94 30.38
CA SER Q 485 -54.81 -20.04 31.34
C SER Q 485 -54.20 -19.68 32.69
N ASN Q 486 -53.85 -18.42 32.92
CA ASN Q 486 -53.25 -17.95 34.16
C ASN Q 486 -51.98 -18.72 34.49
N LEU Q 487 -51.06 -18.74 33.54
CA LEU Q 487 -49.81 -19.48 33.71
C LEU Q 487 -48.89 -18.79 34.69
N ALA Q 488 -48.99 -17.46 34.81
CA ALA Q 488 -48.08 -16.69 35.65
C ALA Q 488 -48.20 -17.09 37.11
N ASP Q 489 -49.41 -17.28 37.60
CA ASP Q 489 -49.57 -17.70 38.98
C ASP Q 489 -49.06 -19.12 39.19
N TRP Q 490 -49.22 -19.99 38.20
CA TRP Q 490 -48.72 -21.35 38.33
C TRP Q 490 -47.21 -21.35 38.42
N LEU Q 491 -46.55 -20.47 37.67
CA LEU Q 491 -45.10 -20.39 37.77
C LEU Q 491 -44.67 -19.70 39.05
N GLY Q 492 -45.44 -18.74 39.53
CA GLY Q 492 -45.07 -18.05 40.74
C GLY Q 492 -45.26 -18.89 41.99
N SER Q 493 -46.19 -19.84 41.95
CA SER Q 493 -46.39 -20.72 43.10
C SER Q 493 -45.20 -21.63 43.33
N LEU Q 494 -44.50 -22.02 42.26
CA LEU Q 494 -43.27 -22.79 42.43
C LEU Q 494 -42.20 -21.96 43.10
N ASP Q 495 -41.85 -20.85 42.49
CA ASP Q 495 -40.75 -20.01 42.93
C ASP Q 495 -41.00 -18.64 42.33
N PRO Q 496 -40.91 -17.56 43.11
CA PRO Q 496 -41.11 -16.23 42.54
C PRO Q 496 -40.12 -15.87 41.46
N ARG Q 497 -38.94 -16.49 41.44
CA ARG Q 497 -37.98 -16.21 40.38
C ARG Q 497 -38.41 -16.76 39.04
N PHE Q 498 -39.42 -17.62 39.01
CA PHE Q 498 -39.76 -18.36 37.80
C PHE Q 498 -40.75 -17.62 36.93
N ARG Q 499 -41.41 -16.60 37.49
CA ARG Q 499 -42.44 -15.87 36.76
C ARG Q 499 -41.90 -15.21 35.52
N GLN Q 500 -40.60 -14.88 35.52
CA GLN Q 500 -39.95 -14.29 34.37
C GLN Q 500 -40.03 -15.14 33.12
N TYR Q 501 -40.30 -16.43 33.23
CA TYR Q 501 -40.34 -17.22 32.02
C TYR Q 501 -41.67 -17.23 31.33
N THR Q 502 -42.70 -16.60 31.90
CA THR Q 502 -44.06 -16.86 31.43
C THR Q 502 -44.27 -16.43 29.99
N TYR Q 503 -43.63 -15.35 29.54
CA TYR Q 503 -43.88 -14.90 28.20
C TYR Q 503 -43.27 -15.84 27.18
N GLY Q 504 -42.14 -16.46 27.52
CA GLY Q 504 -41.59 -17.44 26.63
C GLY Q 504 -42.45 -18.68 26.51
N LEU Q 505 -43.29 -18.95 27.51
CA LEU Q 505 -44.19 -20.07 27.37
C LEU Q 505 -45.44 -19.71 26.62
N VAL Q 506 -45.82 -18.44 26.54
CA VAL Q 506 -47.11 -18.14 25.95
C VAL Q 506 -46.94 -17.83 24.46
N SER Q 507 -45.95 -17.01 24.12
CA SER Q 507 -45.68 -16.71 22.71
C SER Q 507 -45.36 -17.97 21.92
N CYS Q 508 -44.72 -18.96 22.55
CA CYS Q 508 -44.49 -20.22 21.85
C CYS Q 508 -45.77 -21.04 21.74
N GLY Q 509 -46.77 -20.78 22.58
CA GLY Q 509 -48.05 -21.43 22.38
C GLY Q 509 -48.61 -22.20 23.55
N LEU Q 510 -47.80 -22.49 24.55
CA LEU Q 510 -48.20 -23.38 25.64
C LEU Q 510 -49.30 -22.75 26.49
N ASP Q 511 -49.87 -23.56 27.37
CA ASP Q 511 -50.85 -23.13 28.35
C ASP Q 511 -50.88 -24.20 29.45
N ARG Q 512 -51.71 -23.96 30.46
CA ARG Q 512 -51.72 -24.82 31.63
C ARG Q 512 -52.22 -26.22 31.33
N SER Q 513 -53.09 -26.36 30.33
CA SER Q 513 -53.67 -27.67 30.05
C SER Q 513 -52.69 -28.57 29.32
N LEU Q 514 -52.07 -28.08 28.26
CA LEU Q 514 -51.21 -28.88 27.42
C LEU Q 514 -49.74 -28.75 27.80
N LEU Q 515 -49.45 -28.26 29.00
CA LEU Q 515 -48.08 -28.11 29.43
C LEU Q 515 -47.45 -29.46 29.77
N HIS Q 516 -48.27 -30.41 30.19
CA HIS Q 516 -47.79 -31.62 30.85
C HIS Q 516 -47.08 -32.60 29.94
N ARG Q 517 -46.85 -32.27 28.67
CA ARG Q 517 -46.19 -33.22 27.78
C ARG Q 517 -45.17 -32.50 26.93
N VAL Q 518 -44.41 -31.62 27.53
CA VAL Q 518 -43.33 -30.94 26.84
C VAL Q 518 -42.04 -31.62 27.26
N SER Q 519 -41.05 -31.59 26.38
CA SER Q 519 -39.76 -32.17 26.67
C SER Q 519 -38.77 -31.09 27.08
N GLU Q 520 -37.65 -31.51 27.65
CA GLU Q 520 -36.62 -30.57 28.04
C GLU Q 520 -36.02 -29.88 26.84
N GLN Q 521 -35.78 -30.64 25.78
CA GLN Q 521 -35.17 -30.09 24.58
C GLN Q 521 -36.09 -29.08 23.91
N GLN Q 522 -37.39 -29.13 24.19
CA GLN Q 522 -38.27 -28.08 23.72
C GLN Q 522 -38.22 -26.87 24.63
N LEU Q 523 -38.02 -27.08 25.93
CA LEU Q 523 -37.87 -25.97 26.85
C LEU Q 523 -36.58 -25.21 26.65
N LEU Q 524 -35.56 -25.81 26.04
CA LEU Q 524 -34.29 -25.12 25.98
C LEU Q 524 -34.28 -24.03 24.92
N GLU Q 525 -34.64 -24.34 23.69
CA GLU Q 525 -34.52 -23.32 22.65
C GLU Q 525 -35.83 -22.64 22.29
N ASP Q 526 -36.97 -23.24 22.57
CA ASP Q 526 -38.21 -22.54 22.26
C ASP Q 526 -38.61 -21.56 23.35
N CYS Q 527 -38.69 -22.03 24.59
CA CYS Q 527 -39.07 -21.17 25.68
C CYS Q 527 -37.91 -20.35 26.23
N GLY Q 528 -36.70 -20.55 25.72
CA GLY Q 528 -35.57 -19.73 26.12
C GLY Q 528 -35.12 -19.88 27.55
N ILE Q 529 -35.32 -21.03 28.16
CA ILE Q 529 -34.85 -21.29 29.51
C ILE Q 529 -33.43 -21.82 29.41
N HIS Q 530 -32.50 -21.18 30.10
CA HIS Q 530 -31.09 -21.53 29.96
C HIS Q 530 -30.54 -22.32 31.13
N LEU Q 531 -30.92 -21.98 32.37
CA LEU Q 531 -30.41 -22.72 33.51
C LEU Q 531 -31.01 -24.12 33.56
N GLY Q 532 -30.15 -25.12 33.64
CA GLY Q 532 -30.61 -26.50 33.71
C GLY Q 532 -31.44 -26.78 34.94
N VAL Q 533 -31.14 -26.12 36.04
CA VAL Q 533 -31.85 -26.35 37.28
C VAL Q 533 -33.30 -25.92 37.14
N HIS Q 534 -33.53 -24.79 36.48
CA HIS Q 534 -34.89 -24.30 36.33
C HIS Q 534 -35.68 -25.18 35.38
N ARG Q 535 -35.02 -25.67 34.31
CA ARG Q 535 -35.65 -26.64 33.41
C ARG Q 535 -36.07 -27.88 34.16
N ALA Q 536 -35.19 -28.40 35.01
CA ALA Q 536 -35.49 -29.63 35.72
C ALA Q 536 -36.63 -29.44 36.70
N ARG Q 537 -36.63 -28.33 37.44
CA ARG Q 537 -37.69 -28.10 38.41
C ARG Q 537 -39.03 -27.89 37.72
N ILE Q 538 -39.02 -27.19 36.59
CA ILE Q 538 -40.25 -26.96 35.85
C ILE Q 538 -40.77 -28.26 35.27
N LEU Q 539 -39.87 -29.11 34.76
CA LEU Q 539 -40.27 -30.38 34.19
C LEU Q 539 -40.89 -31.29 35.23
N THR Q 540 -40.27 -31.41 36.40
CA THR Q 540 -40.82 -32.28 37.41
C THR Q 540 -42.14 -31.75 37.95
N ALA Q 541 -42.26 -30.44 38.11
CA ALA Q 541 -43.49 -29.88 38.66
C ALA Q 541 -44.62 -29.94 37.65
N ALA Q 542 -44.31 -29.89 36.36
CA ALA Q 542 -45.35 -30.00 35.36
C ALA Q 542 -45.78 -31.44 35.20
N ARG Q 543 -44.80 -32.34 35.18
CA ARG Q 543 -45.04 -33.73 34.89
C ARG Q 543 -45.75 -34.40 36.04
N GLU Q 544 -45.58 -33.85 37.25
CA GLU Q 544 -46.35 -34.33 38.39
C GLU Q 544 -47.83 -34.01 38.24
N MET Q 545 -48.16 -32.86 37.68
CA MET Q 545 -49.55 -32.53 37.37
C MET Q 545 -49.83 -33.14 36.00
N LEU Q 546 -50.00 -34.46 35.99
CA LEU Q 546 -49.96 -35.21 34.73
C LEU Q 546 -51.27 -35.14 33.96
N HIS Q 547 -52.33 -35.68 34.53
CA HIS Q 547 -53.61 -35.83 33.83
C HIS Q 547 -54.74 -35.36 34.71
N SER Q 548 -54.58 -34.16 35.27
CA SER Q 548 -55.59 -33.60 36.16
C SER Q 548 -56.99 -33.47 35.56
N PRO Q 549 -57.17 -33.05 34.29
CA PRO Q 549 -58.57 -33.12 33.84
C PRO Q 549 -58.96 -34.53 33.40
N MET R 1 -59.63 2.65 36.62
CA MET R 1 -58.43 1.85 36.83
C MET R 1 -57.21 2.71 36.55
N ALA R 2 -57.27 3.50 35.47
CA ALA R 2 -56.17 4.37 35.12
C ALA R 2 -55.90 5.38 36.23
N VAL R 3 -54.73 5.28 36.83
CA VAL R 3 -54.37 6.16 37.93
C VAL R 3 -54.12 7.56 37.41
N GLN R 4 -54.56 8.55 38.17
CA GLN R 4 -54.32 9.95 37.85
C GLN R 4 -53.32 10.51 38.85
N LEU R 5 -52.35 11.24 38.35
CA LEU R 5 -51.35 11.88 39.19
C LEU R 5 -51.48 13.39 39.07
N VAL R 6 -51.33 14.08 40.20
CA VAL R 6 -51.37 15.53 40.24
C VAL R 6 -50.17 16.03 41.03
N GLU R 7 -49.49 17.03 40.49
CA GLU R 7 -48.31 17.57 41.14
C GLU R 7 -48.67 18.85 41.90
N SER R 8 -47.72 19.29 42.72
CA SER R 8 -47.85 20.54 43.45
C SER R 8 -46.48 20.97 43.92
N GLY R 9 -46.33 22.29 44.10
CA GLY R 9 -45.04 22.90 44.40
C GLY R 9 -44.64 23.85 43.29
N GLY R 10 -43.38 23.79 42.92
CA GLY R 10 -42.92 24.55 41.77
C GLY R 10 -42.74 26.02 42.06
N GLY R 11 -42.75 26.81 40.99
CA GLY R 11 -42.58 28.25 41.12
C GLY R 11 -41.14 28.66 40.94
N LEU R 12 -40.65 29.52 41.83
CA LEU R 12 -39.32 30.09 41.65
C LEU R 12 -38.68 30.34 43.00
N VAL R 13 -37.35 30.21 43.02
CA VAL R 13 -36.53 30.45 44.20
C VAL R 13 -35.22 31.10 43.74
N GLN R 14 -34.36 31.37 44.70
CA GLN R 14 -33.05 31.95 44.47
C GLN R 14 -32.00 30.85 44.39
N PRO R 15 -30.87 31.10 43.73
CA PRO R 15 -29.79 30.11 43.71
C PRO R 15 -29.29 29.83 45.11
N GLY R 16 -29.31 28.56 45.49
CA GLY R 16 -29.11 28.17 46.86
C GLY R 16 -30.45 28.26 47.56
N GLY R 17 -30.87 27.17 48.19
CA GLY R 17 -32.18 27.15 48.80
C GLY R 17 -32.95 25.89 48.46
N SER R 18 -33.90 25.52 49.31
CA SER R 18 -34.60 24.26 49.20
C SER R 18 -36.02 24.45 48.70
N LEU R 19 -36.62 23.33 48.29
CA LEU R 19 -38.00 23.30 47.84
C LEU R 19 -38.47 21.86 47.96
N ARG R 20 -39.79 21.68 48.05
CA ARG R 20 -40.37 20.34 48.12
C ARG R 20 -41.54 20.24 47.17
N LEU R 21 -41.52 19.22 46.32
CA LEU R 21 -42.59 18.95 45.38
C LEU R 21 -43.37 17.74 45.84
N SER R 22 -44.67 17.75 45.57
CA SER R 22 -45.55 16.68 46.00
C SER R 22 -46.29 16.13 44.79
N CYS R 23 -46.56 14.83 44.82
CA CYS R 23 -47.30 14.17 43.75
C CYS R 23 -48.30 13.22 44.37
N ALA R 24 -49.58 13.45 44.11
CA ALA R 24 -50.65 12.68 44.71
C ALA R 24 -51.37 11.85 43.66
N ALA R 25 -51.71 10.62 44.02
CA ALA R 25 -52.29 9.63 43.13
C ALA R 25 -53.73 9.36 43.49
N SER R 26 -54.38 8.53 42.67
CA SER R 26 -55.78 8.20 42.86
C SER R 26 -56.00 6.96 43.69
N VAL R 27 -54.99 6.13 43.86
CA VAL R 27 -55.07 4.89 44.59
C VAL R 27 -53.99 4.88 45.66
N SER R 28 -53.87 3.76 46.36
CA SER R 28 -52.79 3.63 47.32
C SER R 28 -51.46 3.54 46.58
N ILE R 29 -50.49 4.33 47.03
CA ILE R 29 -49.17 4.27 46.41
C ILE R 29 -48.54 2.91 46.67
N SER R 30 -48.82 2.29 47.80
CA SER R 30 -48.18 1.05 48.19
C SER R 30 -48.52 -0.12 47.28
N ARG R 31 -49.41 0.07 46.30
CA ARG R 31 -49.70 -0.95 45.32
C ARG R 31 -48.85 -0.79 44.06
N ILE R 32 -48.37 0.41 43.82
CA ILE R 32 -47.65 0.70 42.59
C ILE R 32 -46.23 0.16 42.69
N TYR R 33 -45.74 -0.43 41.60
CA TYR R 33 -44.43 -1.06 41.62
C TYR R 33 -43.33 -0.01 41.73
N VAL R 34 -43.21 0.87 40.76
CA VAL R 34 -42.21 1.94 40.81
C VAL R 34 -42.87 3.27 40.59
N MET R 35 -42.29 4.30 41.20
CA MET R 35 -42.66 5.67 40.92
C MET R 35 -41.40 6.49 40.73
N ALA R 36 -41.51 7.58 39.98
CA ALA R 36 -40.30 8.28 39.58
C ALA R 36 -40.61 9.73 39.29
N TRP R 37 -39.58 10.56 39.35
CA TRP R 37 -39.66 11.97 39.01
C TRP R 37 -38.78 12.21 37.80
N TYR R 38 -39.26 13.04 36.88
CA TYR R 38 -38.55 13.30 35.64
C TYR R 38 -38.44 14.80 35.45
N ARG R 39 -37.46 15.19 34.65
CA ARG R 39 -37.08 16.59 34.52
C ARG R 39 -36.82 16.87 33.05
N GLN R 40 -37.50 17.86 32.49
CA GLN R 40 -37.27 18.26 31.11
C GLN R 40 -36.97 19.74 31.06
N ALA R 41 -35.75 20.05 30.65
CA ALA R 41 -35.27 21.40 30.46
C ALA R 41 -35.68 21.89 29.08
N PRO R 42 -35.90 23.19 28.92
CA PRO R 42 -36.24 23.72 27.58
C PRO R 42 -35.07 23.54 26.62
N GLY R 43 -35.37 22.96 25.47
CA GLY R 43 -34.36 22.72 24.47
C GLY R 43 -33.67 21.38 24.54
N LYS R 44 -34.06 20.51 25.46
CA LYS R 44 -33.50 19.17 25.55
C LYS R 44 -34.62 18.18 25.83
N GLN R 45 -34.25 16.91 25.97
CA GLN R 45 -35.19 15.83 26.20
C GLN R 45 -35.28 15.52 27.68
N ARG R 46 -36.22 14.64 28.03
CA ARG R 46 -36.45 14.31 29.43
C ARG R 46 -35.28 13.53 30.00
N GLU R 47 -35.25 13.46 31.32
CA GLU R 47 -34.30 12.61 32.03
C GLU R 47 -34.85 12.32 33.41
N VAL R 48 -34.31 11.32 34.02
CA VAL R 48 -34.77 10.87 35.32
C VAL R 48 -34.01 11.65 36.40
N VAL R 49 -34.65 11.85 37.55
CA VAL R 49 -33.95 12.42 38.69
C VAL R 49 -34.09 11.60 39.96
N ALA R 50 -35.12 10.76 40.10
CA ALA R 50 -35.24 9.87 41.25
C ALA R 50 -36.26 8.80 40.95
N VAL R 51 -36.02 7.59 41.47
CA VAL R 51 -36.98 6.49 41.38
C VAL R 51 -37.11 5.88 42.76
N ILE R 52 -38.20 5.15 42.96
CA ILE R 52 -38.45 4.46 44.22
C ILE R 52 -39.39 3.29 43.98
N ARG R 53 -39.07 2.14 44.55
CA ARG R 53 -39.83 0.92 44.31
C ARG R 53 -40.80 0.67 45.44
N TYR R 54 -41.48 -0.47 45.38
CA TYR R 54 -42.46 -0.83 46.40
C TYR R 54 -41.81 -1.07 47.74
N ASP R 55 -40.57 -1.54 47.75
CA ASP R 55 -39.87 -1.82 48.99
C ASP R 55 -39.04 -0.64 49.46
N GLY R 56 -39.16 0.50 48.80
CA GLY R 56 -38.45 1.69 49.24
C GLY R 56 -36.95 1.66 49.05
N THR R 57 -36.47 1.19 47.91
CA THR R 57 -35.07 1.33 47.54
C THR R 57 -34.99 2.34 46.40
N THR R 58 -34.13 3.32 46.56
CA THR R 58 -34.10 4.47 45.66
C THR R 58 -32.77 4.57 44.93
N ASN R 59 -32.83 5.04 43.70
CA ASN R 59 -31.65 5.25 42.89
C ASN R 59 -31.65 6.68 42.39
N TYR R 60 -30.49 7.31 42.43
CA TYR R 60 -30.35 8.66 41.93
C TYR R 60 -29.26 8.71 40.88
N PRO R 61 -29.37 9.59 39.91
CA PRO R 61 -28.26 9.79 38.99
C PRO R 61 -27.11 10.47 39.71
N ASP R 62 -25.93 10.37 39.12
CA ASP R 62 -24.74 10.96 39.73
C ASP R 62 -24.79 12.47 39.77
N SER R 63 -25.57 13.09 38.89
CA SER R 63 -25.63 14.55 38.81
C SER R 63 -26.19 15.17 40.08
N VAL R 64 -27.15 14.52 40.73
CA VAL R 64 -27.89 15.15 41.80
C VAL R 64 -27.80 14.34 43.09
N LYS R 65 -26.80 13.48 43.22
CA LYS R 65 -26.63 12.71 44.44
C LYS R 65 -26.26 13.63 45.59
N GLY R 66 -26.90 13.42 46.73
CA GLY R 66 -26.67 14.24 47.90
C GLY R 66 -27.51 15.49 47.97
N ARG R 67 -28.06 15.95 46.85
CA ARG R 67 -28.83 17.18 46.84
C ARG R 67 -30.34 16.95 46.80
N PHE R 68 -30.80 15.80 46.32
CA PHE R 68 -32.22 15.51 46.26
C PHE R 68 -32.55 14.32 47.16
N THR R 69 -33.85 14.15 47.42
CA THR R 69 -34.30 13.03 48.25
C THR R 69 -35.77 12.75 48.00
N ILE R 70 -36.10 11.51 47.66
CA ILE R 70 -37.46 11.10 47.33
C ILE R 70 -38.00 10.20 48.44
N SER R 71 -39.27 10.41 48.81
CA SER R 71 -39.86 9.55 49.81
C SER R 71 -41.35 9.34 49.59
N ARG R 72 -41.82 8.17 50.01
CA ARG R 72 -43.24 7.83 50.01
C ARG R 72 -43.85 8.31 51.31
N ASP R 73 -45.11 8.74 51.26
CA ASP R 73 -45.85 9.01 52.48
C ASP R 73 -47.10 8.15 52.46
N ASN R 74 -47.21 7.25 53.42
CA ASN R 74 -48.29 6.30 53.42
C ASN R 74 -49.56 6.81 54.10
N ALA R 75 -49.48 7.95 54.80
CA ALA R 75 -50.68 8.51 55.44
C ALA R 75 -51.68 8.96 54.38
N LYS R 76 -51.26 9.86 53.51
CA LYS R 76 -52.02 10.24 52.33
C LYS R 76 -51.16 9.90 51.13
N ASN R 77 -51.80 9.39 50.08
CA ASN R 77 -51.06 8.83 48.95
C ASN R 77 -50.34 9.95 48.23
N THR R 78 -49.05 10.12 48.54
CA THR R 78 -48.27 11.23 48.03
C THR R 78 -46.80 10.89 48.12
N VAL R 79 -46.10 11.09 47.01
CA VAL R 79 -44.66 10.95 46.96
C VAL R 79 -44.04 12.34 46.92
N TYR R 80 -43.02 12.55 47.75
CA TYR R 80 -42.37 13.84 47.91
C TYR R 80 -40.97 13.81 47.30
N LEU R 81 -40.58 14.94 46.73
CA LEU R 81 -39.21 15.18 46.31
C LEU R 81 -38.70 16.42 47.03
N GLN R 82 -37.51 16.31 47.62
CA GLN R 82 -36.91 17.37 48.41
C GLN R 82 -35.62 17.80 47.72
N MET R 83 -35.54 19.09 47.40
CA MET R 83 -34.46 19.66 46.62
C MET R 83 -33.74 20.65 47.53
N ASN R 84 -32.53 20.30 47.98
CA ASN R 84 -31.92 21.03 49.07
C ASN R 84 -31.01 22.16 48.59
N SER R 85 -29.97 21.83 47.84
CA SER R 85 -29.02 22.83 47.37
C SER R 85 -29.18 22.98 45.88
N LEU R 86 -29.64 24.15 45.46
CA LEU R 86 -30.04 24.35 44.07
C LEU R 86 -28.97 25.12 43.31
N LYS R 87 -28.88 24.82 42.03
CA LYS R 87 -27.96 25.41 41.07
C LYS R 87 -28.77 26.24 40.09
N PRO R 88 -28.10 27.06 39.25
CA PRO R 88 -28.88 27.77 38.23
C PRO R 88 -29.38 26.88 37.13
N GLU R 89 -28.68 25.78 36.81
CA GLU R 89 -29.11 24.92 35.72
C GLU R 89 -30.21 23.96 36.11
N ASP R 90 -30.65 23.96 37.37
CA ASP R 90 -31.72 23.08 37.80
C ASP R 90 -33.08 23.74 37.66
N THR R 91 -33.35 24.27 36.47
CA THR R 91 -34.62 24.94 36.18
C THR R 91 -35.24 24.27 34.97
N ALA R 92 -36.45 23.76 35.13
CA ALA R 92 -37.06 22.92 34.11
C ALA R 92 -38.51 22.68 34.49
N VAL R 93 -39.20 21.89 33.68
CA VAL R 93 -40.51 21.38 34.06
C VAL R 93 -40.33 19.98 34.62
N TYR R 94 -41.00 19.70 35.72
CA TYR R 94 -40.86 18.43 36.40
C TYR R 94 -42.15 17.64 36.29
N TYR R 95 -42.02 16.33 36.11
CA TYR R 95 -43.16 15.44 35.95
C TYR R 95 -43.09 14.29 36.94
N CYS R 96 -44.27 13.84 37.34
CA CYS R 96 -44.45 12.67 38.18
C CYS R 96 -44.81 11.49 37.30
N ASN R 97 -44.27 10.32 37.62
CA ASN R 97 -44.46 9.15 36.77
C ASN R 97 -44.82 7.96 37.63
N ALA R 98 -45.92 7.29 37.28
CA ALA R 98 -46.29 6.00 37.82
C ALA R 98 -45.55 4.96 37.01
N ASN R 99 -46.02 3.70 36.99
CA ASN R 99 -45.24 2.52 36.67
C ASN R 99 -44.26 2.70 35.53
N VAL R 100 -44.72 2.82 34.30
CA VAL R 100 -43.94 3.50 33.27
C VAL R 100 -44.87 4.42 32.48
N GLU R 101 -46.01 3.86 32.07
CA GLU R 101 -46.87 4.48 31.06
C GLU R 101 -47.40 5.83 31.51
N THR R 102 -48.06 5.88 32.65
CA THR R 102 -48.83 7.06 33.01
C THR R 102 -47.93 8.19 33.47
N TRP R 103 -48.25 9.39 33.00
CA TRP R 103 -47.52 10.61 33.30
C TRP R 103 -48.41 11.56 34.09
N GLY R 104 -47.78 12.60 34.61
CA GLY R 104 -48.46 13.75 35.14
C GLY R 104 -48.55 14.85 34.12
N GLN R 105 -48.78 16.07 34.60
CA GLN R 105 -48.83 17.21 33.69
C GLN R 105 -47.67 18.16 33.86
N GLY R 106 -46.96 18.12 34.98
CA GLY R 106 -45.74 18.88 35.13
C GLY R 106 -45.94 20.17 35.91
N THR R 107 -44.84 20.67 36.45
CA THR R 107 -44.79 21.92 37.21
C THR R 107 -43.48 22.62 36.87
N GLN R 108 -43.55 23.91 36.63
CA GLN R 108 -42.38 24.68 36.22
C GLN R 108 -41.59 25.08 37.45
N VAL R 109 -40.26 25.02 37.36
CA VAL R 109 -39.39 25.37 38.47
C VAL R 109 -38.24 26.21 37.94
N THR R 110 -38.04 27.39 38.54
CA THR R 110 -37.03 28.34 38.09
C THR R 110 -36.23 28.89 39.26
N VAL R 111 -34.97 29.22 38.98
CA VAL R 111 -34.01 29.67 39.98
C VAL R 111 -33.32 30.95 39.53
N SER R 112 -33.62 32.06 40.20
CA SER R 112 -33.01 33.37 39.95
C SER R 112 -33.41 34.31 41.07
N SER R 113 -33.09 35.59 40.91
CA SER R 113 -33.48 36.64 41.84
C SER R 113 -34.99 36.72 42.06
N PRO S 324 -4.65 -20.53 89.97
CA PRO S 324 -3.53 -19.80 90.57
C PRO S 324 -2.37 -19.60 89.60
N ASP S 325 -1.15 -19.75 90.11
CA ASP S 325 0.06 -19.60 89.30
C ASP S 325 0.34 -20.84 88.46
N ASP S 326 -0.21 -21.98 88.83
CA ASP S 326 -0.07 -23.19 88.04
C ASP S 326 -0.81 -23.06 86.73
N LEU S 327 -1.95 -22.35 86.74
CA LEU S 327 -2.75 -22.13 85.54
C LEU S 327 -2.02 -21.29 84.52
N GLN S 328 -1.15 -20.39 84.98
CA GLN S 328 -0.35 -19.56 84.08
C GLN S 328 0.57 -20.37 83.18
N ARG S 329 1.04 -21.54 83.64
CA ARG S 329 1.84 -22.37 82.75
C ARG S 329 1.01 -22.92 81.59
N LEU S 330 -0.30 -23.09 81.75
CA LEU S 330 -1.13 -23.61 80.67
C LEU S 330 -1.66 -22.50 79.75
N VAL S 331 -1.21 -21.27 79.95
CA VAL S 331 -1.68 -20.11 79.18
C VAL S 331 -0.98 -19.95 77.84
N PRO S 332 0.34 -20.12 77.69
CA PRO S 332 0.89 -20.03 76.33
C PRO S 332 0.92 -21.35 75.57
N LEU S 333 0.75 -22.50 76.22
CA LEU S 333 0.82 -23.79 75.52
C LEU S 333 -0.12 -23.86 74.32
N LEU S 334 -1.26 -23.16 74.39
CA LEU S 334 -2.24 -23.14 73.32
C LEU S 334 -1.67 -22.59 72.02
N ASP S 335 -0.61 -21.79 72.07
CA ASP S 335 0.02 -21.24 70.89
C ASP S 335 0.84 -22.25 70.10
N SER S 336 0.79 -23.53 70.48
CA SER S 336 1.60 -24.56 69.86
C SER S 336 1.21 -24.80 68.41
N ASN S 337 2.16 -25.30 67.64
CA ASN S 337 1.92 -25.59 66.23
C ASN S 337 1.15 -26.88 66.03
N ARG S 338 1.42 -27.88 66.86
CA ARG S 338 0.80 -29.18 66.70
C ARG S 338 -0.60 -29.20 67.32
N LEU S 339 -1.39 -30.19 66.90
CA LEU S 339 -2.79 -30.25 67.29
C LEU S 339 -2.99 -30.82 68.69
N GLU S 340 -2.26 -31.89 69.03
CA GLU S 340 -2.52 -32.64 70.26
C GLU S 340 -2.29 -31.80 71.50
N ALA S 341 -1.27 -30.93 71.48
CA ALA S 341 -1.02 -30.03 72.61
C ALA S 341 -2.20 -29.10 72.85
N GLN S 342 -2.72 -28.51 71.76
CA GLN S 342 -3.87 -27.64 71.85
C GLN S 342 -5.10 -28.39 72.37
N CYS S 343 -5.30 -29.62 71.87
CA CYS S 343 -6.44 -30.43 72.27
C CYS S 343 -6.41 -30.75 73.76
N ILE S 344 -5.24 -31.18 74.27
CA ILE S 344 -5.20 -31.57 75.68
C ILE S 344 -5.28 -30.34 76.57
N GLY S 345 -4.69 -29.22 76.15
CA GLY S 345 -4.79 -28.01 76.95
C GLY S 345 -6.23 -27.56 77.07
N ALA S 346 -6.98 -27.63 75.96
CA ALA S 346 -8.37 -27.23 75.98
C ALA S 346 -9.19 -28.19 76.84
N PHE S 347 -8.92 -29.51 76.73
CA PHE S 347 -9.64 -30.48 77.55
C PHE S 347 -9.42 -30.18 79.04
N TYR S 348 -8.17 -29.96 79.46
CA TYR S 348 -7.90 -29.64 80.86
C TYR S 348 -8.62 -28.40 81.32
N LEU S 349 -8.39 -27.26 80.63
CA LEU S 349 -9.01 -26.01 81.07
C LEU S 349 -10.53 -26.10 81.11
N CYS S 350 -11.14 -26.70 80.08
CA CYS S 350 -12.59 -26.81 80.06
C CYS S 350 -13.08 -27.72 81.19
N ALA S 351 -12.34 -28.79 81.49
CA ALA S 351 -12.73 -29.71 82.55
C ALA S 351 -12.66 -29.05 83.93
N GLU S 352 -11.60 -28.30 84.20
CA GLU S 352 -11.57 -27.63 85.50
C GLU S 352 -12.51 -26.44 85.53
N ALA S 353 -12.84 -25.85 84.38
CA ALA S 353 -13.88 -24.84 84.37
C ALA S 353 -15.22 -25.45 84.78
N ALA S 354 -15.55 -26.61 84.21
CA ALA S 354 -16.77 -27.32 84.59
C ALA S 354 -16.75 -27.71 86.07
N ILE S 355 -15.57 -28.01 86.61
CA ILE S 355 -15.47 -28.33 88.04
C ILE S 355 -15.70 -27.10 88.91
N LYS S 356 -15.03 -25.99 88.59
CA LYS S 356 -15.07 -24.76 89.37
C LYS S 356 -16.29 -23.90 89.06
N SER S 357 -17.16 -24.35 88.16
CA SER S 357 -18.31 -23.57 87.72
C SER S 357 -19.46 -23.58 88.72
N LEU S 358 -19.72 -24.71 89.40
CA LEU S 358 -20.86 -24.75 90.29
C LEU S 358 -20.62 -23.94 91.57
N GLN S 359 -19.39 -23.94 92.09
CA GLN S 359 -19.09 -23.07 93.23
C GLN S 359 -19.12 -21.61 92.82
N GLY S 360 -18.89 -20.73 93.78
CA GLY S 360 -18.87 -19.32 93.50
C GLY S 360 -17.59 -18.86 92.84
N LYS S 361 -16.49 -19.61 92.96
CA LYS S 361 -15.25 -19.07 92.44
C LYS S 361 -15.13 -19.33 90.92
N THR S 362 -15.49 -18.28 90.19
CA THR S 362 -15.32 -18.16 88.75
C THR S 362 -14.41 -16.99 88.40
N LYS S 363 -13.97 -16.25 89.41
CA LYS S 363 -13.18 -15.03 89.25
C LYS S 363 -11.71 -15.32 88.96
N VAL S 364 -11.26 -16.55 89.20
CA VAL S 364 -9.91 -16.94 88.82
C VAL S 364 -9.71 -16.82 87.32
N PHE S 365 -10.69 -17.23 86.52
CA PHE S 365 -10.57 -17.05 85.06
C PHE S 365 -10.49 -15.58 84.67
N SER S 366 -11.10 -14.70 85.45
CA SER S 366 -11.01 -13.28 85.19
C SER S 366 -9.58 -12.77 85.40
N ASP S 367 -9.07 -12.86 86.63
CA ASP S 367 -7.81 -12.20 86.93
C ASP S 367 -6.59 -12.93 86.36
N ILE S 368 -6.71 -14.18 85.90
CA ILE S 368 -5.58 -14.82 85.23
C ILE S 368 -5.53 -14.53 83.74
N GLY S 369 -6.59 -13.96 83.17
CA GLY S 369 -6.58 -13.57 81.78
C GLY S 369 -6.66 -14.69 80.77
N ALA S 370 -7.12 -15.88 81.16
CA ALA S 370 -7.28 -16.96 80.19
C ALA S 370 -8.48 -16.72 79.29
N ILE S 371 -9.49 -15.99 79.79
CA ILE S 371 -10.71 -15.70 79.04
C ILE S 371 -10.37 -14.90 77.78
N GLN S 372 -9.32 -14.08 77.82
CA GLN S 372 -8.96 -13.29 76.64
C GLN S 372 -8.45 -14.19 75.53
N SER S 373 -7.63 -15.19 75.87
CA SER S 373 -7.13 -16.11 74.85
C SER S 373 -8.25 -17.00 74.33
N LEU S 374 -9.17 -17.40 75.20
CA LEU S 374 -10.33 -18.18 74.76
C LEU S 374 -11.22 -17.38 73.82
N LYS S 375 -11.54 -16.12 74.18
CA LYS S 375 -12.32 -15.26 73.30
C LYS S 375 -11.58 -14.96 72.01
N ARG S 376 -10.24 -15.06 72.03
CA ARG S 376 -9.45 -14.92 70.82
C ARG S 376 -9.65 -16.11 69.89
N LEU S 377 -9.33 -17.32 70.37
CA LEU S 377 -9.14 -18.45 69.48
C LEU S 377 -10.42 -19.08 68.96
N VAL S 378 -11.59 -18.70 69.47
CA VAL S 378 -12.82 -19.36 69.04
C VAL S 378 -13.20 -18.93 67.62
N SER S 379 -12.95 -17.67 67.25
CA SER S 379 -13.24 -17.21 65.91
C SER S 379 -12.07 -17.54 64.99
N TYR S 380 -12.41 -17.83 63.73
CA TYR S 380 -11.46 -18.27 62.71
C TYR S 380 -10.67 -19.50 63.17
N SER S 381 -11.41 -20.57 63.41
CA SER S 381 -10.79 -21.84 63.78
C SER S 381 -11.58 -22.97 63.13
N THR S 382 -10.88 -23.81 62.38
CA THR S 382 -11.48 -24.97 61.73
C THR S 382 -10.89 -26.19 62.42
N ASN S 383 -11.46 -26.51 63.58
CA ASN S 383 -10.99 -27.63 64.39
C ASN S 383 -12.16 -27.94 65.31
N GLY S 384 -12.86 -29.04 65.03
CA GLY S 384 -14.10 -29.32 65.75
C GLY S 384 -13.92 -29.57 67.23
N THR S 385 -12.88 -30.32 67.59
CA THR S 385 -12.65 -30.62 69.00
C THR S 385 -12.28 -29.38 69.83
N LYS S 386 -11.24 -28.64 69.44
CA LYS S 386 -10.79 -27.52 70.27
C LYS S 386 -11.83 -26.41 70.30
N SER S 387 -12.43 -26.09 69.15
CA SER S 387 -13.44 -25.04 69.13
C SER S 387 -14.68 -25.45 69.91
N ALA S 388 -15.09 -26.72 69.81
CA ALA S 388 -16.23 -27.19 70.59
C ALA S 388 -15.93 -27.12 72.08
N LEU S 389 -14.71 -27.46 72.47
CA LEU S 389 -14.33 -27.41 73.88
C LEU S 389 -14.27 -25.97 74.37
N ALA S 390 -13.76 -25.06 73.55
CA ALA S 390 -13.70 -23.65 73.91
C ALA S 390 -15.11 -23.08 74.06
N LYS S 391 -16.02 -23.50 73.18
CA LYS S 391 -17.40 -23.03 73.27
C LYS S 391 -18.06 -23.56 74.53
N ARG S 392 -17.82 -24.83 74.86
CA ARG S 392 -18.38 -25.39 76.08
C ARG S 392 -17.81 -24.68 77.31
N ALA S 393 -16.52 -24.36 77.29
CA ALA S 393 -15.91 -23.63 78.40
C ALA S 393 -16.52 -22.24 78.56
N LEU S 394 -16.68 -21.51 77.46
CA LEU S 394 -17.22 -20.16 77.54
C LEU S 394 -18.68 -20.17 78.01
N ARG S 395 -19.50 -21.04 77.41
CA ARG S 395 -20.90 -21.13 77.78
C ARG S 395 -21.11 -21.66 79.19
N LEU S 396 -20.13 -22.36 79.77
CA LEU S 396 -20.25 -22.68 81.19
C LEU S 396 -20.00 -21.46 82.08
N LEU S 397 -19.15 -20.53 81.67
CA LEU S 397 -18.92 -19.36 82.51
C LEU S 397 -19.96 -18.27 82.30
N GLY S 398 -21.03 -18.55 81.56
CA GLY S 398 -22.07 -17.57 81.32
C GLY S 398 -21.72 -16.48 80.34
N GLU S 399 -20.63 -16.59 79.61
CA GLU S 399 -20.29 -15.59 78.61
C GLU S 399 -20.95 -15.92 77.28
N GLU S 400 -20.68 -15.07 76.29
CA GLU S 400 -21.21 -15.22 74.94
C GLU S 400 -20.05 -15.47 73.98
N VAL S 401 -20.25 -16.39 73.06
CA VAL S 401 -19.17 -16.70 72.11
C VAL S 401 -19.10 -15.60 71.05
N PRO S 402 -17.91 -15.17 70.67
CA PRO S 402 -17.79 -14.22 69.56
C PRO S 402 -18.04 -14.91 68.23
N ARG S 403 -18.26 -14.09 67.22
CA ARG S 403 -18.43 -14.54 65.87
C ARG S 403 -17.65 -13.59 64.98
N PRO S 404 -17.09 -14.09 63.87
CA PRO S 404 -16.31 -13.23 62.99
C PRO S 404 -17.14 -12.13 62.38
N ILE S 405 -16.45 -11.10 61.91
CA ILE S 405 -17.08 -9.96 61.26
C ILE S 405 -16.58 -9.96 59.83
N LEU S 406 -17.31 -10.53 58.99
CA LEU S 406 -16.97 -10.79 57.61
C LEU S 406 -17.55 -9.73 56.69
N PRO S 407 -16.91 -9.47 55.56
CA PRO S 407 -17.44 -8.47 54.63
C PRO S 407 -18.71 -8.94 53.98
N SER S 408 -19.65 -8.01 53.82
CA SER S 408 -20.88 -8.31 53.09
C SER S 408 -20.63 -8.02 51.62
N VAL S 409 -19.86 -8.92 51.01
CA VAL S 409 -19.49 -8.77 49.60
C VAL S 409 -20.68 -8.65 48.65
N PRO S 410 -21.69 -9.53 48.67
CA PRO S 410 -22.69 -9.48 47.59
C PRO S 410 -23.60 -8.27 47.63
N SER S 411 -23.45 -7.37 48.58
CA SER S 411 -24.11 -6.07 48.54
C SER S 411 -23.00 -5.04 48.67
N TRP S 412 -22.33 -4.77 47.56
CA TRP S 412 -21.28 -3.78 47.49
C TRP S 412 -21.59 -2.84 46.34
N LYS S 413 -20.83 -1.76 46.25
CA LYS S 413 -20.97 -0.88 45.11
C LYS S 413 -19.60 -0.69 44.49
N GLU S 414 -19.47 0.23 43.55
CA GLU S 414 -18.21 0.37 42.82
C GLU S 414 -17.11 0.93 43.71
N ALA S 415 -17.46 1.72 44.73
CA ALA S 415 -16.45 2.31 45.58
C ALA S 415 -15.74 1.24 46.39
N GLU S 416 -16.49 0.28 46.92
CA GLU S 416 -15.88 -0.77 47.72
C GLU S 416 -15.07 -1.70 46.84
N VAL S 417 -15.54 -1.95 45.63
CA VAL S 417 -14.76 -2.77 44.70
C VAL S 417 -13.44 -2.11 44.40
N GLN S 418 -13.44 -0.80 44.20
CA GLN S 418 -12.19 -0.14 43.86
C GLN S 418 -11.24 -0.09 45.04
N THR S 419 -11.75 0.14 46.25
CA THR S 419 -10.84 0.10 47.39
C THR S 419 -10.34 -1.32 47.65
N TRP S 420 -11.11 -2.35 47.29
CA TRP S 420 -10.61 -3.71 47.42
C TRP S 420 -9.48 -3.94 46.44
N LEU S 421 -9.60 -3.38 45.25
CA LEU S 421 -8.53 -3.51 44.26
C LEU S 421 -7.29 -2.75 44.70
N GLN S 422 -7.45 -1.64 45.43
CA GLN S 422 -6.30 -1.00 46.03
C GLN S 422 -5.67 -1.91 47.06
N GLN S 423 -6.49 -2.61 47.83
CA GLN S 423 -5.99 -3.41 48.94
C GLN S 423 -5.19 -4.61 48.46
N ILE S 424 -5.71 -5.35 47.47
CA ILE S 424 -5.00 -6.55 47.07
C ILE S 424 -3.78 -6.28 46.22
N GLY S 425 -3.61 -5.06 45.72
CA GLY S 425 -2.45 -4.74 44.92
C GLY S 425 -2.68 -4.70 43.43
N PHE S 426 -3.91 -4.90 42.97
CA PHE S 426 -4.19 -4.80 41.54
C PHE S 426 -4.66 -3.39 41.20
N SER S 427 -3.93 -2.38 41.67
CA SER S 427 -4.38 -1.00 41.51
C SER S 427 -4.28 -0.50 40.09
N LYS S 428 -3.64 -1.23 39.19
CA LYS S 428 -3.43 -0.75 37.84
C LYS S 428 -4.64 -1.05 36.97
N TYR S 429 -5.62 -1.77 37.50
CA TYR S 429 -6.82 -2.12 36.78
C TYR S 429 -8.05 -1.38 37.29
N CYS S 430 -7.87 -0.46 38.25
CA CYS S 430 -9.01 0.25 38.84
C CYS S 430 -9.76 1.09 37.84
N GLU S 431 -9.11 1.50 36.75
CA GLU S 431 -9.80 2.27 35.73
C GLU S 431 -10.82 1.41 34.99
N SER S 432 -10.40 0.24 34.52
CA SER S 432 -11.27 -0.62 33.73
C SER S 432 -12.47 -1.08 34.56
N PHE S 433 -12.22 -1.49 35.80
CA PHE S 433 -13.31 -1.91 36.68
C PHE S 433 -14.25 -0.77 37.02
N ARG S 434 -13.86 0.48 36.77
CA ARG S 434 -14.76 1.61 36.94
C ARG S 434 -15.58 1.89 35.70
N GLU S 435 -15.02 1.65 34.53
CA GLU S 435 -15.71 1.97 33.30
C GLU S 435 -16.85 1.01 33.06
N GLN S 436 -16.64 -0.27 33.36
CA GLN S 436 -17.65 -1.29 33.22
C GLN S 436 -18.63 -1.32 34.38
N GLN S 437 -18.37 -0.54 35.43
CA GLN S 437 -19.21 -0.45 36.63
C GLN S 437 -19.39 -1.80 37.31
N VAL S 438 -18.27 -2.48 37.54
CA VAL S 438 -18.31 -3.77 38.21
C VAL S 438 -18.61 -3.56 39.69
N ASP S 439 -19.61 -4.24 40.21
CA ASP S 439 -19.95 -4.18 41.62
C ASP S 439 -19.91 -5.59 42.20
N GLY S 440 -20.38 -5.72 43.44
CA GLY S 440 -20.16 -6.96 44.19
C GLY S 440 -20.82 -8.17 43.57
N ASP S 441 -22.06 -8.02 43.12
CA ASP S 441 -22.75 -9.13 42.47
C ASP S 441 -22.08 -9.49 41.16
N LEU S 442 -21.59 -8.51 40.43
CA LEU S 442 -20.88 -8.81 39.20
C LEU S 442 -19.46 -9.27 39.47
N LEU S 443 -18.89 -8.84 40.59
CA LEU S 443 -17.56 -9.29 40.95
C LEU S 443 -17.56 -10.78 41.28
N LEU S 444 -18.56 -11.24 42.01
CA LEU S 444 -18.57 -12.63 42.44
C LEU S 444 -18.92 -13.60 41.33
N ARG S 445 -19.23 -13.12 40.13
CA ARG S 445 -19.61 -13.98 39.02
C ARG S 445 -18.71 -13.78 37.82
N LEU S 446 -17.46 -13.39 38.05
CA LEU S 446 -16.53 -13.18 36.96
C LEU S 446 -15.97 -14.49 36.45
N THR S 447 -15.78 -14.57 35.15
CA THR S 447 -15.13 -15.70 34.50
C THR S 447 -13.87 -15.20 33.80
N GLU S 448 -13.18 -16.10 33.12
CA GLU S 448 -11.94 -15.71 32.46
C GLU S 448 -12.17 -14.95 31.17
N GLU S 449 -13.33 -15.10 30.54
CA GLU S 449 -13.58 -14.37 29.30
C GLU S 449 -13.81 -12.90 29.58
N GLU S 450 -14.52 -12.59 30.65
CA GLU S 450 -14.69 -11.18 31.00
C GLU S 450 -13.39 -10.54 31.44
N LEU S 451 -12.53 -11.31 32.09
CA LEU S 451 -11.24 -10.77 32.49
C LEU S 451 -10.36 -10.52 31.28
N GLN S 452 -10.28 -11.50 30.38
CA GLN S 452 -9.32 -11.42 29.30
C GLN S 452 -9.77 -10.45 28.23
N THR S 453 -11.04 -10.52 27.83
CA THR S 453 -11.47 -9.76 26.66
C THR S 453 -11.62 -8.28 26.96
N ASP S 454 -12.44 -7.93 27.94
CA ASP S 454 -12.82 -6.55 28.13
C ASP S 454 -12.26 -5.88 29.38
N LEU S 455 -11.82 -6.64 30.37
CA LEU S 455 -11.15 -5.99 31.49
C LEU S 455 -9.65 -5.86 31.28
N GLY S 456 -9.09 -6.54 30.30
CA GLY S 456 -7.73 -6.29 29.87
C GLY S 456 -6.65 -7.14 30.49
N MET S 457 -6.98 -8.10 31.35
CA MET S 457 -5.96 -8.97 31.93
C MET S 457 -5.57 -10.00 30.88
N LYS S 458 -4.54 -9.68 30.10
CA LYS S 458 -4.17 -10.55 28.99
C LYS S 458 -3.41 -11.78 29.45
N SER S 459 -2.42 -11.59 30.32
CA SER S 459 -1.51 -12.68 30.66
C SER S 459 -2.14 -13.63 31.66
N GLY S 460 -2.00 -14.93 31.39
CA GLY S 460 -2.60 -15.95 32.24
C GLY S 460 -2.08 -15.96 33.66
N ILE S 461 -0.83 -15.52 33.84
CA ILE S 461 -0.27 -15.42 35.19
C ILE S 461 -1.02 -14.38 36.00
N THR S 462 -1.34 -13.25 35.39
CA THR S 462 -2.04 -12.20 36.13
C THR S 462 -3.45 -12.63 36.47
N ARG S 463 -4.12 -13.33 35.56
CA ARG S 463 -5.44 -13.84 35.86
C ARG S 463 -5.38 -14.90 36.95
N LYS S 464 -4.32 -15.69 36.97
CA LYS S 464 -4.17 -16.70 38.02
C LYS S 464 -3.98 -16.04 39.38
N ARG S 465 -3.20 -14.96 39.44
CA ARG S 465 -3.05 -14.23 40.70
C ARG S 465 -4.36 -13.60 41.14
N PHE S 466 -5.10 -13.02 40.19
CA PHE S 466 -6.37 -12.41 40.51
C PHE S 466 -7.35 -13.43 41.06
N PHE S 467 -7.39 -14.61 40.46
CA PHE S 467 -8.32 -15.61 40.93
C PHE S 467 -7.91 -16.17 42.27
N ARG S 468 -6.60 -16.22 42.54
CA ARG S 468 -6.13 -16.59 43.88
C ARG S 468 -6.69 -15.63 44.92
N GLU S 469 -6.64 -14.33 44.63
CA GLU S 469 -7.11 -13.34 45.59
C GLU S 469 -8.63 -13.40 45.73
N LEU S 470 -9.32 -13.59 44.60
CA LEU S 470 -10.77 -13.67 44.61
C LEU S 470 -11.24 -14.85 45.42
N THR S 471 -10.65 -16.02 45.21
CA THR S 471 -11.07 -17.19 45.97
C THR S 471 -10.64 -17.10 47.41
N GLU S 472 -9.69 -16.23 47.74
CA GLU S 472 -9.44 -16.00 49.16
C GLU S 472 -10.53 -15.12 49.75
N LEU S 473 -11.02 -14.16 48.98
CA LEU S 473 -12.11 -13.32 49.46
C LEU S 473 -13.41 -14.09 49.59
N LYS S 474 -13.70 -14.97 48.64
CA LYS S 474 -15.00 -15.62 48.60
C LYS S 474 -15.19 -16.58 49.76
N THR S 475 -14.13 -17.14 50.29
CA THR S 475 -14.29 -18.02 51.44
C THR S 475 -14.52 -17.25 52.73
N PHE S 476 -14.29 -15.96 52.73
CA PHE S 476 -14.43 -15.15 53.93
C PHE S 476 -15.42 -14.03 53.73
N ALA S 477 -16.55 -14.32 53.10
CA ALA S 477 -17.58 -13.32 52.87
C ALA S 477 -18.77 -13.61 53.78
N ASN S 478 -19.75 -12.72 53.73
CA ASN S 478 -20.93 -12.82 54.58
C ASN S 478 -22.15 -12.91 53.67
N TYR S 479 -22.70 -14.11 53.51
CA TYR S 479 -23.78 -14.37 52.58
C TYR S 479 -25.14 -14.34 53.24
N SER S 480 -25.23 -13.75 54.44
CA SER S 480 -26.46 -13.87 55.22
C SER S 480 -27.63 -13.14 54.57
N THR S 481 -27.36 -12.08 53.81
CA THR S 481 -28.45 -11.34 53.20
C THR S 481 -29.07 -12.05 52.00
N CYS S 482 -28.50 -13.16 51.55
CA CYS S 482 -29.02 -13.85 50.38
C CYS S 482 -29.16 -15.35 50.55
N ASP S 483 -28.67 -15.93 51.63
CA ASP S 483 -28.68 -17.37 51.84
C ASP S 483 -29.65 -17.70 52.96
N ARG S 484 -30.81 -18.24 52.59
CA ARG S 484 -31.83 -18.53 53.58
C ARG S 484 -31.58 -19.86 54.28
N SER S 485 -31.32 -20.90 53.51
CA SER S 485 -31.21 -22.25 54.02
C SER S 485 -29.89 -22.53 54.72
N ASN S 486 -29.06 -21.50 54.92
CA ASN S 486 -27.75 -21.63 55.57
C ASN S 486 -26.87 -22.65 54.86
N LEU S 487 -26.69 -22.44 53.56
CA LEU S 487 -25.91 -23.36 52.77
C LEU S 487 -24.43 -23.24 53.05
N ALA S 488 -23.98 -22.06 53.47
CA ALA S 488 -22.57 -21.79 53.69
C ALA S 488 -21.99 -22.69 54.77
N ASP S 489 -22.72 -22.86 55.88
CA ASP S 489 -22.22 -23.74 56.92
C ASP S 489 -22.21 -25.19 56.47
N TRP S 490 -23.18 -25.59 55.64
CA TRP S 490 -23.19 -26.96 55.15
C TRP S 490 -21.99 -27.22 54.26
N LEU S 491 -21.59 -26.23 53.47
CA LEU S 491 -20.41 -26.40 52.65
C LEU S 491 -19.14 -26.33 53.47
N GLY S 492 -19.14 -25.50 54.52
CA GLY S 492 -17.94 -25.37 55.33
C GLY S 492 -17.70 -26.58 56.21
N SER S 493 -18.76 -27.30 56.57
CA SER S 493 -18.59 -28.50 57.37
C SER S 493 -17.87 -29.60 56.61
N LEU S 494 -18.05 -29.67 55.30
CA LEU S 494 -17.30 -30.62 54.49
C LEU S 494 -15.82 -30.26 54.49
N ASP S 495 -15.50 -29.08 54.03
CA ASP S 495 -14.14 -28.62 53.84
C ASP S 495 -14.19 -27.11 53.83
N PRO S 496 -13.32 -26.43 54.58
CA PRO S 496 -13.31 -24.96 54.55
C PRO S 496 -13.03 -24.37 53.19
N ARG S 497 -12.37 -25.10 52.30
CA ARG S 497 -12.12 -24.59 50.96
C ARG S 497 -13.36 -24.55 50.10
N PHE S 498 -14.46 -25.17 50.55
CA PHE S 498 -15.62 -25.35 49.71
C PHE S 498 -16.61 -24.20 49.83
N ARG S 499 -16.45 -23.37 50.87
CA ARG S 499 -17.38 -22.29 51.14
C ARG S 499 -17.41 -21.30 49.99
N GLN S 500 -16.31 -21.19 49.24
CA GLN S 500 -16.23 -20.32 48.09
C GLN S 500 -17.27 -20.61 47.04
N TYR S 501 -17.87 -21.78 47.03
CA TYR S 501 -18.83 -22.05 45.98
C TYR S 501 -20.24 -21.61 46.30
N THR S 502 -20.49 -21.10 47.51
CA THR S 502 -21.87 -20.96 47.95
C THR S 502 -22.68 -20.00 47.09
N TYR S 503 -22.05 -18.95 46.57
CA TYR S 503 -22.84 -17.99 45.82
C TYR S 503 -23.24 -18.56 44.48
N GLY S 504 -22.42 -19.42 43.90
CA GLY S 504 -22.82 -20.07 42.69
C GLY S 504 -23.96 -21.04 42.88
N LEU S 505 -24.15 -21.53 44.10
CA LEU S 505 -25.29 -22.38 44.34
C LEU S 505 -26.54 -21.57 44.64
N VAL S 506 -26.43 -20.33 45.08
CA VAL S 506 -27.64 -19.65 45.51
C VAL S 506 -28.22 -18.84 44.36
N SER S 507 -27.37 -18.10 43.64
CA SER S 507 -27.83 -17.35 42.48
C SER S 507 -28.46 -18.25 41.43
N CYS S 508 -27.97 -19.48 41.29
CA CYS S 508 -28.61 -20.40 40.38
C CYS S 508 -29.92 -20.93 40.93
N GLY S 509 -30.14 -20.86 42.23
CA GLY S 509 -31.44 -21.19 42.77
C GLY S 509 -31.50 -22.24 43.85
N LEU S 510 -30.43 -23.02 44.02
CA LEU S 510 -30.45 -24.16 44.91
C LEU S 510 -30.61 -23.74 46.37
N ASP S 511 -30.84 -24.74 47.21
CA ASP S 511 -30.90 -24.57 48.67
C ASP S 511 -30.69 -25.94 49.28
N ARG S 512 -30.68 -25.98 50.61
CA ARG S 512 -30.34 -27.21 51.32
C ARG S 512 -31.38 -28.30 51.12
N SER S 513 -32.64 -27.93 50.89
CA SER S 513 -33.68 -28.94 50.79
C SER S 513 -33.64 -29.65 49.44
N LEU S 514 -33.58 -28.88 48.35
CA LEU S 514 -33.66 -29.44 47.02
C LEU S 514 -32.29 -29.67 46.40
N LEU S 515 -31.25 -29.70 47.22
CA LEU S 515 -29.91 -29.94 46.71
C LEU S 515 -29.72 -31.38 46.29
N HIS S 516 -30.44 -32.30 46.92
CA HIS S 516 -30.12 -33.72 46.88
C HIS S 516 -30.43 -34.39 45.55
N ARG S 517 -30.83 -33.66 44.52
CA ARG S 517 -31.14 -34.28 43.25
C ARG S 517 -30.58 -33.46 42.10
N VAL S 518 -29.36 -32.98 42.26
CA VAL S 518 -28.70 -32.26 41.20
C VAL S 518 -27.71 -33.22 40.55
N SER S 519 -27.43 -33.02 39.28
CA SER S 519 -26.48 -33.86 38.56
C SER S 519 -25.14 -33.15 38.47
N GLU S 520 -24.12 -33.93 38.10
CA GLU S 520 -22.78 -33.37 37.94
C GLU S 520 -22.75 -32.37 36.80
N GLN S 521 -23.41 -32.70 35.69
CA GLN S 521 -23.41 -31.84 34.53
C GLN S 521 -24.13 -30.53 34.82
N GLN S 522 -24.99 -30.49 35.84
CA GLN S 522 -25.55 -29.22 36.25
C GLN S 522 -24.60 -28.46 37.15
N LEU S 523 -23.81 -29.17 37.94
CA LEU S 523 -22.80 -28.51 38.77
C LEU S 523 -21.67 -27.93 37.96
N LEU S 524 -21.44 -28.41 36.74
CA LEU S 524 -20.26 -27.94 36.04
C LEU S 524 -20.46 -26.55 35.46
N GLU S 525 -21.52 -26.32 34.69
CA GLU S 525 -21.64 -25.01 34.05
C GLU S 525 -22.61 -24.06 34.75
N ASP S 526 -23.53 -24.55 35.56
CA ASP S 526 -24.41 -23.61 36.24
C ASP S 526 -23.77 -23.07 37.51
N CYS S 527 -23.31 -23.95 38.39
CA CYS S 527 -22.69 -23.51 39.63
C CYS S 527 -21.24 -23.12 39.47
N GLY S 528 -20.67 -23.31 38.29
CA GLY S 528 -19.31 -22.87 38.04
C GLY S 528 -18.23 -23.60 38.80
N ILE S 529 -18.45 -24.86 39.15
CA ILE S 529 -17.43 -25.67 39.81
C ILE S 529 -16.59 -26.32 38.73
N HIS S 530 -15.29 -26.14 38.80
CA HIS S 530 -14.40 -26.60 37.73
C HIS S 530 -13.62 -27.86 38.10
N LEU S 531 -13.11 -27.95 39.32
CA LEU S 531 -12.36 -29.13 39.71
C LEU S 531 -13.26 -30.32 39.85
N GLY S 532 -12.91 -31.41 39.16
CA GLY S 532 -13.70 -32.63 39.22
C GLY S 532 -13.75 -33.23 40.60
N VAL S 533 -12.69 -33.06 41.38
CA VAL S 533 -12.64 -33.64 42.72
C VAL S 533 -13.67 -32.99 43.62
N HIS S 534 -13.82 -31.67 43.50
CA HIS S 534 -14.77 -30.97 44.33
C HIS S 534 -16.20 -31.30 43.93
N ARG S 535 -16.45 -31.44 42.62
CA ARG S 535 -17.75 -31.89 42.15
C ARG S 535 -18.10 -33.26 42.72
N ALA S 536 -17.13 -34.18 42.69
CA ALA S 536 -17.40 -35.53 43.16
C ALA S 536 -17.67 -35.55 44.67
N ARG S 537 -16.89 -34.81 45.44
CA ARG S 537 -17.07 -34.80 46.88
C ARG S 537 -18.40 -34.16 47.25
N ILE S 538 -18.78 -33.09 46.54
CA ILE S 538 -20.04 -32.43 46.82
C ILE S 538 -21.20 -33.33 46.43
N LEU S 539 -21.08 -34.04 45.31
CA LEU S 539 -22.13 -34.94 44.88
C LEU S 539 -22.36 -36.07 45.87
N THR S 540 -21.28 -36.71 46.33
CA THR S 540 -21.45 -37.81 47.26
C THR S 540 -21.98 -37.32 48.61
N ALA S 541 -21.53 -36.15 49.06
CA ALA S 541 -21.97 -35.68 50.36
C ALA S 541 -23.41 -35.18 50.31
N ALA S 542 -23.86 -34.70 49.16
CA ALA S 542 -25.24 -34.28 49.05
C ALA S 542 -26.14 -35.47 48.90
N ARG S 543 -25.72 -36.43 48.08
CA ARG S 543 -26.55 -37.56 47.73
C ARG S 543 -26.69 -38.50 48.92
N GLU S 544 -25.71 -38.48 49.82
CA GLU S 544 -25.83 -39.22 51.06
C GLU S 544 -26.93 -38.66 51.94
N MET S 545 -27.10 -37.35 51.97
CA MET S 545 -28.21 -36.73 52.68
C MET S 545 -29.39 -36.73 51.70
N LEU S 546 -29.98 -37.92 51.54
CA LEU S 546 -30.89 -38.14 50.41
C LEU S 546 -32.29 -37.59 50.67
N HIS S 547 -32.98 -38.14 51.67
CA HIS S 547 -34.38 -37.83 51.91
C HIS S 547 -34.61 -37.57 53.39
N SER S 548 -33.76 -36.69 53.95
CA SER S 548 -33.84 -36.37 55.37
C SER S 548 -35.19 -35.82 55.83
N PRO S 549 -35.89 -34.94 55.08
CA PRO S 549 -37.22 -34.63 55.61
C PRO S 549 -38.25 -35.69 55.23
N MET T 1 -23.90 -2.80 65.79
CA MET T 1 -23.16 -3.77 65.00
C MET T 1 -22.10 -3.06 64.19
N ALA T 2 -22.46 -1.93 63.60
CA ALA T 2 -21.52 -1.15 62.81
C ALA T 2 -20.35 -0.68 63.68
N VAL T 3 -19.17 -1.17 63.35
CA VAL T 3 -17.99 -0.84 64.13
C VAL T 3 -17.59 0.61 63.87
N GLN T 4 -17.16 1.30 64.93
CA GLN T 4 -16.68 2.66 64.83
C GLN T 4 -15.18 2.65 65.04
N LEU T 5 -14.46 3.37 64.20
CA LEU T 5 -13.01 3.49 64.32
C LEU T 5 -12.65 4.93 64.64
N VAL T 6 -11.68 5.13 65.52
CA VAL T 6 -11.18 6.44 65.87
C VAL T 6 -9.66 6.43 65.80
N GLU T 7 -9.09 7.44 65.17
CA GLU T 7 -7.65 7.52 65.02
C GLU T 7 -7.06 8.45 66.07
N SER T 8 -5.74 8.43 66.17
CA SER T 8 -5.00 9.30 67.07
C SER T 8 -3.55 9.32 66.62
N GLY T 9 -2.88 10.44 66.92
CA GLY T 9 -1.54 10.71 66.46
C GLY T 9 -1.51 11.93 65.58
N GLY T 10 -0.78 11.84 64.48
CA GLY T 10 -0.81 12.90 63.50
C GLY T 10 0.01 14.12 63.90
N GLY T 11 -0.32 15.24 63.29
CA GLY T 11 0.37 16.49 63.57
C GLY T 11 1.51 16.73 62.59
N LEU T 12 2.67 17.10 63.12
CA LEU T 12 3.77 17.51 62.27
C LEU T 12 5.10 17.12 62.90
N VAL T 13 6.07 16.83 62.05
CA VAL T 13 7.42 16.48 62.45
C VAL T 13 8.39 17.05 61.41
N GLN T 14 9.66 16.81 61.63
CA GLN T 14 10.73 17.25 60.74
C GLN T 14 11.09 16.12 59.79
N PRO T 15 11.66 16.44 58.63
CA PRO T 15 12.14 15.39 57.72
C PRO T 15 13.20 14.53 58.38
N GLY T 16 12.95 13.22 58.40
CA GLY T 16 13.73 12.32 59.22
C GLY T 16 13.14 12.32 60.61
N GLY T 17 12.77 11.16 61.12
CA GLY T 17 12.12 11.09 62.41
C GLY T 17 10.92 10.18 62.38
N SER T 18 10.54 9.66 63.53
CA SER T 18 9.51 8.64 63.63
C SER T 18 8.23 9.20 64.22
N LEU T 19 7.16 8.43 64.06
CA LEU T 19 5.85 8.76 64.61
C LEU T 19 5.06 7.47 64.70
N ARG T 20 4.04 7.45 65.56
CA ARG T 20 3.18 6.29 65.70
C ARG T 20 1.73 6.72 65.72
N LEU T 21 0.93 6.10 64.87
CA LEU T 21 -0.49 6.37 64.80
C LEU T 21 -1.26 5.20 65.39
N SER T 22 -2.38 5.50 66.01
CA SER T 22 -3.19 4.47 66.66
C SER T 22 -4.60 4.54 66.13
N CYS T 23 -5.25 3.38 66.05
CA CYS T 23 -6.63 3.29 65.61
C CYS T 23 -7.38 2.32 66.50
N ALA T 24 -8.41 2.81 67.17
CA ALA T 24 -9.15 2.03 68.14
C ALA T 24 -10.56 1.78 67.64
N ALA T 25 -11.04 0.56 67.88
CA ALA T 25 -12.32 0.08 67.36
C ALA T 25 -13.32 -0.10 68.51
N SER T 26 -14.54 -0.47 68.14
CA SER T 26 -15.62 -0.63 69.10
C SER T 26 -15.75 -2.05 69.61
N VAL T 27 -15.18 -3.02 68.91
CA VAL T 27 -15.27 -4.42 69.26
C VAL T 27 -13.86 -4.98 69.34
N SER T 28 -13.77 -6.29 69.56
CA SER T 28 -12.47 -6.93 69.55
C SER T 28 -11.90 -6.92 68.15
N ILE T 29 -10.64 -6.51 68.01
CA ILE T 29 -10.00 -6.52 66.71
C ILE T 29 -9.86 -7.94 66.20
N SER T 30 -9.66 -8.90 67.10
CA SER T 30 -9.38 -10.27 66.72
C SER T 30 -10.55 -10.94 66.01
N ARG T 31 -11.70 -10.28 65.91
CA ARG T 31 -12.83 -10.81 65.14
C ARG T 31 -12.82 -10.29 63.72
N ILE T 32 -12.17 -9.17 63.45
CA ILE T 32 -12.21 -8.54 62.15
C ILE T 32 -11.27 -9.28 61.21
N TYR T 33 -11.70 -9.47 59.98
CA TYR T 33 -10.92 -10.24 59.02
C TYR T 33 -9.65 -9.48 58.62
N VAL T 34 -9.80 -8.32 58.00
CA VAL T 34 -8.64 -7.52 57.61
C VAL T 34 -8.80 -6.11 58.15
N MET T 35 -7.67 -5.48 58.46
CA MET T 35 -7.63 -4.07 58.77
C MET T 35 -6.49 -3.43 58.00
N ALA T 36 -6.61 -2.14 57.74
CA ALA T 36 -5.68 -1.52 56.82
C ALA T 36 -5.57 -0.03 57.09
N TRP T 37 -4.46 0.54 56.66
CA TRP T 37 -4.22 1.97 56.76
C TRP T 37 -4.15 2.53 55.34
N TYR T 38 -4.74 3.71 55.15
CA TYR T 38 -4.79 4.32 53.83
C TYR T 38 -4.29 5.74 53.93
N ARG T 39 -3.86 6.27 52.78
CA ARG T 39 -3.17 7.55 52.73
C ARG T 39 -3.68 8.32 51.54
N GLN T 40 -4.17 9.54 51.77
CA GLN T 40 -4.61 10.39 50.68
C GLN T 40 -3.90 11.72 50.75
N ALA T 41 -3.09 11.98 49.75
CA ALA T 41 -2.37 13.22 49.58
C ALA T 41 -3.28 14.25 48.91
N PRO T 42 -3.08 15.54 49.21
CA PRO T 42 -3.90 16.56 48.54
C PRO T 42 -3.60 16.61 47.05
N GLY T 43 -4.66 16.56 46.27
CA GLY T 43 -4.54 16.57 44.82
C GLY T 43 -4.43 15.22 44.16
N LYS T 44 -4.54 14.13 44.92
CA LYS T 44 -4.52 12.79 44.35
C LYS T 44 -5.57 11.93 45.06
N GLN T 45 -5.64 10.67 44.66
CA GLN T 45 -6.60 9.73 45.20
C GLN T 45 -5.96 8.90 46.30
N ARG T 46 -6.77 8.10 46.98
CA ARG T 46 -6.29 7.30 48.09
C ARG T 46 -5.37 6.20 47.60
N GLU T 47 -4.63 5.62 48.55
CA GLU T 47 -3.82 4.46 48.29
C GLU T 47 -3.56 3.74 49.61
N VAL T 48 -3.17 2.52 49.50
CA VAL T 48 -2.95 1.69 50.67
C VAL T 48 -1.52 1.87 51.15
N VAL T 49 -1.29 1.73 52.45
CA VAL T 49 0.07 1.71 52.98
C VAL T 49 0.38 0.49 53.82
N ALA T 50 -0.61 -0.18 54.42
CA ALA T 50 -0.37 -1.42 55.15
C ALA T 50 -1.69 -2.14 55.36
N VAL T 51 -1.64 -3.47 55.34
CA VAL T 51 -2.79 -4.31 55.67
C VAL T 51 -2.33 -5.37 56.65
N ILE T 52 -3.31 -5.96 57.34
CA ILE T 52 -3.03 -7.03 58.28
C ILE T 52 -4.29 -7.87 58.46
N ARG T 53 -4.14 -9.19 58.43
CA ARG T 53 -5.26 -10.10 58.49
C ARG T 53 -5.45 -10.63 59.90
N TYR T 54 -6.40 -11.55 60.05
CA TYR T 54 -6.71 -12.12 61.36
C TYR T 54 -5.55 -12.95 61.89
N ASP T 55 -4.77 -13.56 61.00
CA ASP T 55 -3.64 -14.37 61.42
C ASP T 55 -2.35 -13.59 61.48
N GLY T 56 -2.41 -12.29 61.30
CA GLY T 56 -1.22 -11.46 61.42
C GLY T 56 -0.20 -11.63 60.32
N THR T 57 -0.63 -11.70 59.07
CA THR T 57 0.28 -11.63 57.93
C THR T 57 0.06 -10.29 57.26
N THR T 58 1.14 -9.57 57.02
CA THR T 58 1.06 -8.19 56.58
C THR T 58 1.70 -8.01 55.21
N ASN T 59 1.13 -7.11 54.43
CA ASN T 59 1.64 -6.77 53.12
C ASN T 59 1.87 -5.27 53.05
N TYR T 60 2.99 -4.88 52.48
CA TYR T 60 3.28 -3.47 52.30
C TYR T 60 3.54 -3.19 50.83
N PRO T 61 3.22 -2.00 50.36
CA PRO T 61 3.64 -1.62 49.00
C PRO T 61 5.13 -1.45 48.96
N ASP T 62 5.67 -1.47 47.74
CA ASP T 62 7.11 -1.34 47.56
C ASP T 62 7.62 0.04 47.94
N SER T 63 6.75 1.05 47.92
CA SER T 63 7.18 2.42 48.19
C SER T 63 7.67 2.59 49.62
N VAL T 64 7.08 1.88 50.57
CA VAL T 64 7.32 2.15 51.98
C VAL T 64 7.83 0.92 52.72
N LYS T 65 8.35 -0.06 51.99
CA LYS T 65 8.90 -1.25 52.63
C LYS T 65 10.12 -0.90 53.43
N GLY T 66 10.20 -1.44 54.65
CA GLY T 66 11.31 -1.16 55.53
C GLY T 66 11.15 0.08 56.37
N ARG T 67 10.27 1.00 56.00
CA ARG T 67 10.10 2.23 56.74
C ARG T 67 8.87 2.26 57.61
N PHE T 68 7.85 1.45 57.32
CA PHE T 68 6.64 1.41 58.12
C PHE T 68 6.47 0.03 58.74
N THR T 69 5.58 -0.04 59.73
CA THR T 69 5.31 -1.31 60.41
C THR T 69 3.96 -1.26 61.10
N ILE T 70 3.10 -2.22 60.80
CA ILE T 70 1.74 -2.27 61.34
C ILE T 70 1.63 -3.44 62.32
N SER T 71 0.95 -3.20 63.44
CA SER T 71 0.76 -4.29 64.38
C SER T 71 -0.56 -4.19 65.13
N ARG T 72 -1.09 -5.34 65.50
CA ARG T 72 -2.28 -5.45 66.33
C ARG T 72 -1.86 -5.43 67.78
N ASP T 73 -2.69 -4.83 68.64
CA ASP T 73 -2.48 -4.95 70.07
C ASP T 73 -3.74 -5.55 70.67
N ASN T 74 -3.60 -6.72 71.28
CA ASN T 74 -4.75 -7.43 71.77
C ASN T 74 -5.15 -7.04 73.18
N ALA T 75 -4.32 -6.29 73.89
CA ALA T 75 -4.68 -5.85 75.24
C ALA T 75 -5.86 -4.89 75.18
N LYS T 76 -5.71 -3.79 74.46
CA LYS T 76 -6.81 -2.89 74.15
C LYS T 76 -6.95 -2.87 72.64
N ASN T 77 -8.18 -2.85 72.16
CA ASN T 77 -8.45 -3.03 70.74
C ASN T 77 -7.91 -1.83 69.98
N THR T 78 -6.71 -2.00 69.43
CA THR T 78 -6.01 -0.89 68.79
C THR T 78 -4.96 -1.43 67.83
N VAL T 79 -4.98 -0.94 66.61
CA VAL T 79 -3.97 -1.25 65.62
C VAL T 79 -3.04 -0.05 65.48
N TYR T 80 -1.74 -0.33 65.50
CA TYR T 80 -0.71 0.70 65.46
C TYR T 80 0.00 0.71 64.11
N LEU T 81 0.38 1.90 63.68
CA LEU T 81 1.26 2.09 62.55
C LEU T 81 2.48 2.88 63.01
N GLN T 82 3.67 2.38 62.67
CA GLN T 82 4.92 2.97 63.09
C GLN T 82 5.66 3.44 61.85
N MET T 83 6.00 4.72 61.83
CA MET T 83 6.59 5.40 60.68
C MET T 83 7.99 5.85 61.10
N ASN T 84 9.02 5.18 60.59
CA ASN T 84 10.35 5.36 61.16
C ASN T 84 11.16 6.44 60.46
N SER T 85 11.41 6.28 59.18
CA SER T 85 12.23 7.23 58.42
C SER T 85 11.32 7.96 57.46
N LEU T 86 11.15 9.26 57.68
CA LEU T 86 10.16 10.02 56.95
C LEU T 86 10.80 10.86 55.86
N LYS T 87 10.06 11.06 54.79
CA LYS T 87 10.43 11.83 53.62
C LYS T 87 9.56 13.08 53.58
N PRO T 88 9.89 14.04 52.70
CA PRO T 88 8.98 15.20 52.58
C PRO T 88 7.68 14.86 51.90
N GLU T 89 7.65 13.89 50.99
CA GLU T 89 6.43 13.57 50.28
C GLU T 89 5.47 12.71 51.08
N ASP T 90 5.84 12.30 52.28
CA ASP T 90 4.96 11.46 53.10
C ASP T 90 4.09 12.32 54.01
N THR T 91 3.41 13.30 53.41
CA THR T 91 2.51 14.19 54.14
C THR T 91 1.15 14.13 53.49
N ALA T 92 0.14 13.79 54.28
CA ALA T 92 -1.18 13.49 53.74
C ALA T 92 -2.15 13.32 54.90
N VAL T 93 -3.39 13.01 54.57
CA VAL T 93 -4.36 12.58 55.58
C VAL T 93 -4.39 11.07 55.59
N TYR T 94 -4.39 10.49 56.78
CA TYR T 94 -4.34 9.05 56.94
C TYR T 94 -5.66 8.55 57.51
N TYR T 95 -6.11 7.40 57.01
CA TYR T 95 -7.37 6.82 57.44
C TYR T 95 -7.17 5.38 57.89
N CYS T 96 -7.99 4.98 58.84
CA CYS T 96 -8.08 3.63 59.33
C CYS T 96 -9.24 2.93 58.67
N ASN T 97 -9.07 1.66 58.31
CA ASN T 97 -10.08 0.94 57.57
C ASN T 97 -10.29 -0.43 58.18
N ALA T 98 -11.55 -0.75 58.49
CA ALA T 98 -11.98 -2.09 58.86
C ALA T 98 -12.23 -2.82 57.56
N ASN T 99 -13.03 -3.90 57.60
CA ASN T 99 -13.02 -4.99 56.61
C ASN T 99 -12.85 -4.53 55.17
N VAL T 100 -13.85 -3.88 54.59
CA VAL T 100 -13.60 -2.98 53.47
C VAL T 100 -14.41 -1.72 53.67
N GLU T 101 -15.69 -1.90 53.97
CA GLU T 101 -16.68 -0.83 53.90
C GLU T 101 -16.37 0.32 54.85
N THR T 102 -16.22 0.01 56.13
CA THR T 102 -16.20 1.06 57.14
C THR T 102 -14.87 1.81 57.14
N TRP T 103 -14.96 3.12 57.23
CA TRP T 103 -13.82 4.01 57.26
C TRP T 103 -13.71 4.71 58.59
N GLY T 104 -12.58 5.38 58.79
CA GLY T 104 -12.42 6.32 59.87
C GLY T 104 -12.68 7.73 59.40
N GLN T 105 -12.16 8.70 60.15
CA GLN T 105 -12.30 10.10 59.75
C GLN T 105 -10.99 10.73 59.32
N GLY T 106 -9.86 10.17 59.70
CA GLY T 106 -8.59 10.63 59.18
C GLY T 106 -7.86 11.54 60.16
N THR T 107 -6.55 11.64 59.96
CA THR T 107 -5.66 12.49 60.75
C THR T 107 -4.61 13.07 59.82
N GLN T 108 -4.35 14.36 59.95
CA GLN T 108 -3.43 15.05 59.06
C GLN T 108 -2.01 14.83 59.56
N VAL T 109 -1.07 14.62 58.63
CA VAL T 109 0.33 14.40 58.96
C VAL T 109 1.19 15.22 58.01
N THR T 110 2.09 16.03 58.58
CA THR T 110 2.93 16.93 57.81
C THR T 110 4.38 16.87 58.27
N VAL T 111 5.29 17.11 57.33
CA VAL T 111 6.73 16.99 57.56
C VAL T 111 7.45 18.24 57.05
N SER T 112 7.97 19.04 57.97
CA SER T 112 8.74 20.25 57.66
C SER T 112 9.39 20.74 58.94
N SER T 113 9.99 21.93 58.88
CA SER T 113 10.57 22.59 60.05
C SER T 113 9.58 22.80 61.18
N PRO U 324 39.42 -52.56 64.77
CA PRO U 324 40.86 -52.28 64.64
C PRO U 324 41.26 -51.89 63.22
N ASP U 325 42.40 -52.39 62.76
CA ASP U 325 42.89 -52.11 61.43
C ASP U 325 42.19 -52.95 60.37
N ASP U 326 41.59 -54.07 60.76
CA ASP U 326 40.81 -54.88 59.82
C ASP U 326 39.58 -54.13 59.37
N LEU U 327 38.98 -53.34 60.27
CA LEU U 327 37.79 -52.57 59.96
C LEU U 327 38.07 -51.49 58.93
N GLN U 328 39.30 -50.97 58.89
CA GLN U 328 39.67 -49.98 57.89
C GLN U 328 39.58 -50.50 56.47
N ARG U 329 39.77 -51.81 56.25
CA ARG U 329 39.56 -52.32 54.90
C ARG U 329 38.11 -52.25 54.46
N LEU U 330 37.15 -52.29 55.40
CA LEU U 330 35.74 -52.22 55.04
C LEU U 330 35.23 -50.78 54.97
N VAL U 331 36.12 -49.80 55.07
CA VAL U 331 35.73 -48.39 55.06
C VAL U 331 35.56 -47.80 53.66
N PRO U 332 36.40 -48.09 52.66
CA PRO U 332 36.08 -47.56 51.33
C PRO U 332 35.22 -48.46 50.47
N LEU U 333 35.04 -49.74 50.82
CA LEU U 333 34.25 -50.65 49.99
C LEU U 333 32.84 -50.11 49.70
N LEU U 334 32.28 -49.35 50.63
CA LEU U 334 30.95 -48.77 50.51
C LEU U 334 30.83 -47.85 49.31
N ASP U 335 31.95 -47.29 48.82
CA ASP U 335 31.95 -46.41 47.67
C ASP U 335 31.76 -47.14 46.34
N SER U 336 31.48 -48.44 46.38
CA SER U 336 31.38 -49.26 45.18
C SER U 336 30.18 -48.85 44.33
N ASN U 337 30.28 -49.14 43.03
CA ASN U 337 29.21 -48.81 42.10
C ASN U 337 28.07 -49.81 42.19
N ARG U 338 28.37 -51.08 42.41
CA ARG U 338 27.35 -52.12 42.41
C ARG U 338 26.65 -52.18 43.76
N LEU U 339 25.47 -52.80 43.76
CA LEU U 339 24.63 -52.82 44.95
C LEU U 339 25.06 -53.85 45.97
N GLU U 340 25.42 -55.06 45.51
CA GLU U 340 25.65 -56.19 46.42
C GLU U 340 26.82 -55.93 47.37
N ALA U 341 27.88 -55.28 46.87
CA ALA U 341 29.02 -54.94 47.72
C ALA U 341 28.59 -54.02 48.86
N GLN U 342 27.82 -52.99 48.54
CA GLN U 342 27.30 -52.07 49.53
C GLN U 342 26.41 -52.78 50.54
N CYS U 343 25.55 -53.68 50.05
CA CYS U 343 24.63 -54.42 50.91
C CYS U 343 25.38 -55.29 51.90
N ILE U 344 26.39 -56.05 51.43
CA ILE U 344 27.06 -56.95 52.35
C ILE U 344 27.95 -56.18 53.31
N GLY U 345 28.54 -55.06 52.86
CA GLY U 345 29.35 -54.27 53.76
C GLY U 345 28.50 -53.71 54.89
N ALA U 346 27.30 -53.24 54.55
CA ALA U 346 26.41 -52.68 55.56
C ALA U 346 25.94 -53.78 56.51
N PHE U 347 25.62 -54.96 55.97
CA PHE U 347 25.19 -56.07 56.84
C PHE U 347 26.28 -56.42 57.84
N TYR U 348 27.55 -56.55 57.38
CA TYR U 348 28.65 -56.85 58.29
C TYR U 348 28.81 -55.79 59.37
N LEU U 349 29.00 -54.53 58.96
CA LEU U 349 29.23 -53.47 59.95
C LEU U 349 28.08 -53.36 60.94
N CYS U 350 26.84 -53.40 60.46
CA CYS U 350 25.70 -53.31 61.37
C CYS U 350 25.64 -54.51 62.31
N ALA U 351 25.99 -55.70 61.82
CA ALA U 351 25.95 -56.89 62.65
C ALA U 351 27.01 -56.84 63.75
N GLU U 352 28.24 -56.41 63.42
CA GLU U 352 29.22 -56.32 64.49
C GLU U 352 28.96 -55.11 65.38
N ALA U 353 28.27 -54.09 64.89
CA ALA U 353 27.85 -53.01 65.78
C ALA U 353 26.87 -53.54 66.81
N ALA U 354 25.89 -54.32 66.36
CA ALA U 354 24.93 -54.95 67.28
C ALA U 354 25.64 -55.89 68.26
N ILE U 355 26.72 -56.55 67.82
CA ILE U 355 27.48 -57.40 68.72
C ILE U 355 28.24 -56.58 69.77
N LYS U 356 28.95 -55.54 69.34
CA LYS U 356 29.79 -54.71 70.21
C LYS U 356 29.01 -53.65 70.95
N SER U 357 27.70 -53.58 70.75
CA SER U 357 26.88 -52.54 71.35
C SER U 357 26.58 -52.78 72.84
N LEU U 358 26.36 -54.03 73.26
CA LEU U 358 25.99 -54.27 74.64
C LEU U 358 27.17 -54.06 75.59
N GLN U 359 28.39 -54.44 75.18
CA GLN U 359 29.55 -54.14 75.99
C GLN U 359 29.83 -52.64 76.03
N GLY U 360 30.85 -52.24 76.76
CA GLY U 360 31.21 -50.85 76.84
C GLY U 360 31.96 -50.35 75.63
N LYS U 361 32.58 -51.24 74.85
CA LYS U 361 33.41 -50.71 73.77
C LYS U 361 32.55 -50.38 72.54
N THR U 362 32.24 -49.09 72.47
CA THR U 362 31.61 -48.43 71.33
C THR U 362 32.52 -47.37 70.72
N LYS U 363 33.68 -47.15 71.33
CA LYS U 363 34.60 -46.08 70.96
C LYS U 363 35.45 -46.44 69.74
N VAL U 364 35.46 -47.72 69.36
CA VAL U 364 36.13 -48.12 68.12
C VAL U 364 35.48 -47.45 66.92
N PHE U 365 34.15 -47.37 66.88
CA PHE U 365 33.49 -46.66 65.79
C PHE U 365 33.85 -45.18 65.76
N SER U 366 34.14 -44.59 66.92
CA SER U 366 34.56 -43.20 66.97
C SER U 366 35.93 -43.03 66.30
N ASP U 367 36.97 -43.67 66.85
CA ASP U 367 38.32 -43.35 66.38
C ASP U 367 38.65 -43.96 65.02
N ILE U 368 37.86 -44.91 64.50
CA ILE U 368 38.10 -45.39 63.13
C ILE U 368 37.40 -44.55 62.08
N GLY U 369 36.50 -43.66 62.48
CA GLY U 369 35.86 -42.76 61.54
C GLY U 369 34.84 -43.38 60.61
N ALA U 370 34.29 -44.55 60.95
CA ALA U 370 33.24 -45.13 60.11
C ALA U 370 31.92 -44.39 60.28
N ILE U 371 31.71 -43.79 61.47
CA ILE U 371 30.48 -43.05 61.77
C ILE U 371 30.31 -41.89 60.79
N GLN U 372 31.41 -41.29 60.32
CA GLN U 372 31.31 -40.17 59.40
C GLN U 372 30.73 -40.63 58.06
N SER U 373 31.18 -41.78 57.56
CA SER U 373 30.66 -42.30 56.30
C SER U 373 29.21 -42.75 56.45
N LEU U 374 28.87 -43.31 57.61
CA LEU U 374 27.48 -43.69 57.86
C LEU U 374 26.57 -42.47 57.94
N LYS U 375 26.98 -41.43 58.68
CA LYS U 375 26.20 -40.19 58.71
C LYS U 375 26.15 -39.51 57.35
N ARG U 376 27.12 -39.80 56.49
CA ARG U 376 27.08 -39.31 55.12
C ARG U 376 25.98 -40.01 54.32
N LEU U 377 26.06 -41.33 54.20
CA LEU U 377 25.31 -42.05 53.18
C LEU U 377 23.83 -42.24 53.51
N VAL U 378 23.38 -41.93 54.72
CA VAL U 378 21.99 -42.18 55.07
C VAL U 378 21.06 -41.18 54.37
N SER U 379 21.49 -39.95 54.20
CA SER U 379 20.68 -38.95 53.51
C SER U 379 20.92 -39.05 52.01
N TYR U 380 19.86 -38.78 51.25
CA TYR U 380 19.83 -38.91 49.79
C TYR U 380 20.24 -40.31 49.36
N SER U 381 19.45 -41.30 49.78
CA SER U 381 19.67 -42.67 49.37
C SER U 381 18.33 -43.34 49.17
N THR U 382 18.12 -43.90 47.99
CA THR U 382 16.90 -44.62 47.66
C THR U 382 17.29 -46.08 47.52
N ASN U 383 17.40 -46.75 48.67
CA ASN U 383 17.81 -48.15 48.72
C ASN U 383 17.34 -48.64 50.09
N GLY U 384 16.26 -49.43 50.10
CA GLY U 384 15.63 -49.78 51.36
C GLY U 384 16.52 -50.61 52.28
N THR U 385 17.23 -51.59 51.71
CA THR U 385 18.09 -52.45 52.52
C THR U 385 19.26 -51.69 53.15
N LYS U 386 20.10 -51.00 52.34
CA LYS U 386 21.30 -50.38 52.89
C LYS U 386 20.93 -49.23 53.84
N SER U 387 19.94 -48.41 53.46
CA SER U 387 19.54 -47.31 54.32
C SER U 387 18.92 -47.81 55.61
N ALA U 388 18.10 -48.87 55.52
CA ALA U 388 17.53 -49.44 56.73
C ALA U 388 18.61 -50.00 57.65
N LEU U 389 19.62 -50.63 57.06
CA LEU U 389 20.71 -51.19 57.85
C LEU U 389 21.55 -50.08 58.48
N ALA U 390 21.79 -49.00 57.73
CA ALA U 390 22.54 -47.88 58.27
C ALA U 390 21.77 -47.22 59.41
N LYS U 391 20.45 -47.12 59.27
CA LYS U 391 19.64 -46.54 60.34
C LYS U 391 19.67 -47.42 61.58
N ARG U 392 19.57 -48.75 61.39
CA ARG U 392 19.64 -49.65 62.53
C ARG U 392 21.00 -49.57 63.20
N ALA U 393 22.07 -49.44 62.41
CA ALA U 393 23.41 -49.30 62.98
C ALA U 393 23.55 -48.01 63.79
N LEU U 394 23.06 -46.90 63.25
CA LEU U 394 23.18 -45.62 63.96
C LEU U 394 22.36 -45.61 65.23
N ARG U 395 21.09 -46.04 65.14
CA ARG U 395 20.23 -46.09 66.31
C ARG U 395 20.67 -47.08 67.36
N LEU U 396 21.47 -48.09 66.99
CA LEU U 396 22.08 -48.91 68.05
C LEU U 396 23.19 -48.19 68.79
N LEU U 397 23.94 -47.30 68.13
CA LEU U 397 24.99 -46.60 68.85
C LEU U 397 24.49 -45.37 69.61
N GLY U 398 23.17 -45.20 69.71
CA GLY U 398 22.61 -44.06 70.41
C GLY U 398 22.70 -42.73 69.71
N GLU U 399 23.07 -42.70 68.43
CA GLU U 399 23.11 -41.45 67.70
C GLU U 399 21.76 -41.13 67.07
N GLU U 400 21.70 -40.01 66.37
CA GLU U 400 20.50 -39.55 65.70
C GLU U 400 20.74 -39.57 64.20
N VAL U 401 19.74 -40.02 63.45
CA VAL U 401 19.91 -40.08 61.99
C VAL U 401 19.76 -38.68 61.41
N PRO U 402 20.59 -38.29 60.46
CA PRO U 402 20.38 -37.02 59.77
C PRO U 402 19.21 -37.09 58.82
N ARG U 403 18.78 -35.92 58.40
CA ARG U 403 17.72 -35.78 57.41
C ARG U 403 18.15 -34.68 56.46
N PRO U 404 17.76 -34.77 55.19
CA PRO U 404 18.16 -33.77 54.22
C PRO U 404 17.60 -32.40 54.55
N ILE U 405 18.21 -31.38 53.98
CA ILE U 405 17.77 -30.01 54.17
C ILE U 405 17.34 -29.51 52.79
N LEU U 406 16.12 -29.61 52.53
CA LEU U 406 15.52 -29.35 51.24
C LEU U 406 14.94 -27.95 51.18
N PRO U 407 14.88 -27.36 49.99
CA PRO U 407 14.32 -26.01 49.87
C PRO U 407 12.83 -26.01 50.12
N SER U 408 12.37 -24.97 50.82
CA SER U 408 10.94 -24.77 51.01
C SER U 408 10.39 -23.97 49.84
N VAL U 409 10.32 -24.66 48.71
CA VAL U 409 9.86 -24.03 47.47
C VAL U 409 8.48 -23.39 47.57
N PRO U 410 7.41 -24.05 48.06
CA PRO U 410 6.08 -23.44 47.93
C PRO U 410 5.86 -22.24 48.81
N SER U 411 6.83 -21.80 49.59
CA SER U 411 6.77 -20.51 50.26
C SER U 411 8.04 -19.78 49.87
N TRP U 412 8.01 -19.19 48.68
CA TRP U 412 9.11 -18.41 48.15
C TRP U 412 8.56 -17.07 47.73
N LYS U 413 9.47 -16.15 47.40
CA LYS U 413 9.03 -14.89 46.84
C LYS U 413 9.77 -14.67 45.53
N GLU U 414 9.66 -13.48 44.97
CA GLU U 414 10.25 -13.25 43.66
C GLU U 414 11.78 -13.23 43.70
N ALA U 415 12.35 -12.86 44.84
CA ALA U 415 13.81 -12.80 44.93
C ALA U 415 14.41 -14.18 44.83
N GLU U 416 13.81 -15.17 45.50
CA GLU U 416 14.34 -16.51 45.46
C GLU U 416 14.12 -17.14 44.10
N VAL U 417 12.99 -16.83 43.46
CA VAL U 417 12.76 -17.32 42.11
C VAL U 417 13.83 -16.79 41.16
N GLN U 418 14.17 -15.51 41.29
CA GLN U 418 15.16 -14.96 40.38
C GLN U 418 16.54 -15.51 40.64
N THR U 419 16.92 -15.69 41.90
CA THR U 419 18.22 -16.31 42.13
C THR U 419 18.25 -17.77 41.69
N TRP U 420 17.10 -18.46 41.72
CA TRP U 420 17.06 -19.81 41.19
C TRP U 420 17.28 -19.80 39.69
N LEU U 421 16.72 -18.80 39.02
CA LEU U 421 16.92 -18.68 37.58
C LEU U 421 18.36 -18.34 37.26
N GLN U 422 19.03 -17.59 38.14
CA GLN U 422 20.47 -17.41 37.96
C GLN U 422 21.20 -18.72 38.11
N GLN U 423 20.77 -19.55 39.05
CA GLN U 423 21.47 -20.78 39.36
C GLN U 423 21.37 -21.79 38.24
N ILE U 424 20.18 -22.00 37.70
CA ILE U 424 20.04 -23.04 36.68
C ILE U 424 20.58 -22.63 35.33
N GLY U 425 20.87 -21.35 35.11
CA GLY U 425 21.38 -20.92 33.85
C GLY U 425 20.40 -20.26 32.92
N PHE U 426 19.15 -20.09 33.34
CA PHE U 426 18.18 -19.40 32.50
C PHE U 426 18.13 -17.92 32.86
N SER U 427 19.29 -17.29 32.94
CA SER U 427 19.36 -15.91 33.42
C SER U 427 18.82 -14.91 32.42
N LYS U 428 18.53 -15.32 31.19
CA LYS U 428 18.09 -14.38 30.17
C LYS U 428 16.60 -14.14 30.26
N TYR U 429 15.92 -14.88 31.12
CA TYR U 429 14.49 -14.73 31.31
C TYR U 429 14.13 -14.09 32.63
N CYS U 430 15.11 -13.65 33.42
CA CYS U 430 14.85 -13.09 34.74
C CYS U 430 14.03 -11.82 34.67
N GLU U 431 14.05 -11.12 33.54
CA GLU U 431 13.23 -9.92 33.40
C GLU U 431 11.75 -10.26 33.35
N SER U 432 11.39 -11.21 32.48
CA SER U 432 9.99 -11.56 32.29
C SER U 432 9.40 -12.14 33.57
N PHE U 433 10.13 -13.04 34.23
CA PHE U 433 9.66 -13.60 35.49
C PHE U 433 9.55 -12.57 36.59
N ARG U 434 10.14 -11.39 36.43
CA ARG U 434 9.97 -10.30 37.38
C ARG U 434 8.76 -9.44 37.07
N GLU U 435 8.45 -9.28 35.79
CA GLU U 435 7.34 -8.41 35.41
C GLU U 435 6.01 -9.04 35.78
N GLN U 436 5.89 -10.35 35.59
CA GLN U 436 4.69 -11.08 35.93
C GLN U 436 4.61 -11.43 37.40
N GLN U 437 5.67 -11.16 38.16
CA GLN U 437 5.74 -11.43 39.60
C GLN U 437 5.50 -12.90 39.92
N VAL U 438 6.22 -13.77 39.22
CA VAL U 438 6.11 -15.20 39.46
C VAL U 438 6.81 -15.54 40.78
N ASP U 439 6.10 -16.23 41.66
CA ASP U 439 6.66 -16.67 42.92
C ASP U 439 6.52 -18.18 43.01
N GLY U 440 6.81 -18.73 44.20
CA GLY U 440 6.96 -20.18 44.34
C GLY U 440 5.69 -20.95 44.06
N ASP U 441 4.56 -20.45 44.57
CA ASP U 441 3.29 -21.11 44.31
C ASP U 441 2.92 -21.03 42.84
N LEU U 442 3.23 -19.91 42.20
CA LEU U 442 2.96 -19.81 40.77
C LEU U 442 4.01 -20.53 39.96
N LEU U 443 5.22 -20.66 40.48
CA LEU U 443 6.26 -21.40 39.79
C LEU U 443 5.91 -22.88 39.72
N LEU U 444 5.40 -23.44 40.80
CA LEU U 444 5.15 -24.88 40.82
C LEU U 444 3.91 -25.27 40.03
N ARG U 445 3.18 -24.33 39.46
CA ARG U 445 1.98 -24.63 38.72
C ARG U 445 2.04 -24.10 37.29
N LEU U 446 3.25 -24.00 36.73
CA LEU U 446 3.40 -23.51 35.38
C LEU U 446 3.07 -24.60 34.36
N THR U 447 2.46 -24.18 33.27
CA THR U 447 2.18 -25.05 32.14
C THR U 447 2.91 -24.49 30.92
N GLU U 448 2.72 -25.14 29.78
CA GLU U 448 3.40 -24.72 28.57
C GLU U 448 2.79 -23.48 27.94
N GLU U 449 1.50 -23.21 28.21
CA GLU U 449 0.88 -22.04 27.62
C GLU U 449 1.39 -20.76 28.28
N GLU U 450 1.58 -20.79 29.60
CA GLU U 450 2.14 -19.63 30.27
C GLU U 450 3.59 -19.41 29.88
N LEU U 451 4.32 -20.48 29.63
CA LEU U 451 5.71 -20.33 29.20
C LEU U 451 5.76 -19.75 27.80
N GLN U 452 4.98 -20.30 26.88
CA GLN U 452 5.12 -19.94 25.49
C GLN U 452 4.52 -18.57 25.21
N THR U 453 3.32 -18.29 25.72
CA THR U 453 2.62 -17.10 25.30
C THR U 453 3.20 -15.85 25.94
N ASP U 454 3.26 -15.80 27.26
CA ASP U 454 3.58 -14.55 27.94
C ASP U 454 4.93 -14.51 28.64
N LEU U 455 5.55 -15.65 28.91
CA LEU U 455 6.90 -15.59 29.43
C LEU U 455 7.96 -15.60 28.34
N GLY U 456 7.58 -15.91 27.10
CA GLY U 456 8.45 -15.71 25.96
C GLY U 456 9.30 -16.88 25.53
N MET U 457 9.20 -18.04 26.17
CA MET U 457 9.97 -19.20 25.74
C MET U 457 9.30 -19.77 24.50
N LYS U 458 9.75 -19.34 23.34
CA LYS U 458 9.09 -19.74 22.10
C LYS U 458 9.49 -21.15 21.68
N SER U 459 10.78 -21.45 21.70
CA SER U 459 11.27 -22.70 21.14
C SER U 459 11.01 -23.87 22.07
N GLY U 460 10.51 -24.97 21.50
CA GLY U 460 10.17 -26.14 22.30
C GLY U 460 11.36 -26.77 22.99
N ILE U 461 12.54 -26.63 22.42
CA ILE U 461 13.76 -27.14 23.05
C ILE U 461 14.02 -26.41 24.35
N THR U 462 13.85 -25.08 24.36
CA THR U 462 14.11 -24.33 25.58
C THR U 462 13.10 -24.66 26.65
N ARG U 463 11.84 -24.83 26.26
CA ARG U 463 10.83 -25.23 27.24
C ARG U 463 11.11 -26.64 27.77
N LYS U 464 11.64 -27.52 26.92
CA LYS U 464 11.98 -28.86 27.39
C LYS U 464 13.12 -28.82 28.39
N ARG U 465 14.12 -27.98 28.15
CA ARG U 465 15.20 -27.82 29.13
C ARG U 465 14.69 -27.23 30.44
N PHE U 466 13.81 -26.23 30.34
CA PHE U 466 13.26 -25.62 31.54
C PHE U 466 12.48 -26.64 32.36
N PHE U 467 11.68 -27.46 31.70
CA PHE U 467 10.90 -28.43 32.44
C PHE U 467 11.77 -29.52 33.02
N ARG U 468 12.88 -29.85 32.36
CA ARG U 468 13.85 -30.77 32.95
C ARG U 468 14.36 -30.23 34.27
N GLU U 469 14.69 -28.94 34.31
CA GLU U 469 15.23 -28.34 35.53
C GLU U 469 14.15 -28.25 36.60
N LEU U 470 12.93 -27.89 36.18
CA LEU U 470 11.83 -27.75 37.12
C LEU U 470 11.51 -29.08 37.76
N THR U 471 11.41 -30.15 36.97
CA THR U 471 11.12 -31.45 37.55
C THR U 471 12.28 -31.99 38.36
N GLU U 472 13.47 -31.46 38.15
CA GLU U 472 14.53 -31.84 39.08
C GLU U 472 14.37 -31.12 40.40
N LEU U 473 13.91 -29.88 40.36
CA LEU U 473 13.67 -29.14 41.60
C LEU U 473 12.50 -29.71 42.38
N LYS U 474 11.44 -30.10 41.69
CA LYS U 474 10.21 -30.51 42.36
C LYS U 474 10.37 -31.80 43.13
N THR U 475 11.28 -32.66 42.71
CA THR U 475 11.49 -33.89 43.47
C THR U 475 12.31 -33.67 44.72
N PHE U 476 12.95 -32.52 44.84
CA PHE U 476 13.80 -32.23 45.98
C PHE U 476 13.34 -31.00 46.72
N ALA U 477 12.04 -30.86 46.93
CA ALA U 477 11.50 -29.72 47.65
C ALA U 477 11.03 -30.16 49.02
N ASN U 478 10.58 -29.20 49.82
CA ASN U 478 10.13 -29.46 51.18
C ASN U 478 8.68 -29.02 51.29
N TYR U 479 7.76 -29.97 51.27
CA TYR U 479 6.33 -29.69 51.23
C TYR U 479 5.70 -29.73 52.61
N SER U 480 6.50 -29.66 53.68
CA SER U 480 5.98 -29.89 55.01
C SER U 480 5.01 -28.81 55.45
N THR U 481 5.15 -27.60 54.95
CA THR U 481 4.27 -26.53 55.36
C THR U 481 2.87 -26.63 54.74
N CYS U 482 2.65 -27.53 53.80
CA CYS U 482 1.36 -27.63 53.15
C CYS U 482 0.82 -29.04 53.04
N ASP U 483 1.60 -30.06 53.39
CA ASP U 483 1.19 -31.45 53.23
C ASP U 483 0.97 -32.05 54.61
N ARG U 484 -0.29 -32.23 54.98
CA ARG U 484 -0.60 -32.74 56.32
C ARG U 484 -0.50 -34.25 56.37
N SER U 485 -1.10 -34.94 55.41
CA SER U 485 -1.21 -36.39 55.43
C SER U 485 0.07 -37.10 55.03
N ASN U 486 1.16 -36.37 54.86
CA ASN U 486 2.46 -36.91 54.45
C ASN U 486 2.36 -37.68 53.14
N LEU U 487 1.84 -37.00 52.13
CA LEU U 487 1.65 -37.65 50.83
C LEU U 487 2.96 -37.85 50.11
N ALA U 488 3.95 -37.01 50.38
CA ALA U 488 5.21 -37.05 49.67
C ALA U 488 5.94 -38.37 49.90
N ASP U 489 5.96 -38.85 51.13
CA ASP U 489 6.60 -40.14 51.39
C ASP U 489 5.84 -41.28 50.75
N TRP U 490 4.51 -41.18 50.69
CA TRP U 490 3.73 -42.23 50.05
C TRP U 490 4.04 -42.30 48.57
N LEU U 491 4.25 -41.14 47.94
CA LEU U 491 4.60 -41.14 46.53
C LEU U 491 6.05 -41.57 46.32
N GLY U 492 6.93 -41.22 47.26
CA GLY U 492 8.32 -41.60 47.10
C GLY U 492 8.57 -43.07 47.32
N SER U 493 7.72 -43.71 48.13
CA SER U 493 7.88 -45.14 48.34
C SER U 493 7.60 -45.95 47.10
N LEU U 494 6.70 -45.47 46.23
CA LEU U 494 6.48 -46.13 44.96
C LEU U 494 7.70 -46.01 44.06
N ASP U 495 8.10 -44.79 43.78
CA ASP U 495 9.18 -44.50 42.85
C ASP U 495 9.68 -43.11 43.20
N PRO U 496 10.99 -42.91 43.32
CA PRO U 496 11.49 -41.56 43.62
C PRO U 496 11.15 -40.53 42.56
N ARG U 497 10.89 -40.94 41.33
CA ARG U 497 10.50 -39.99 40.29
C ARG U 497 9.10 -39.44 40.49
N PHE U 498 8.32 -40.02 41.39
CA PHE U 498 6.91 -39.69 41.50
C PHE U 498 6.66 -38.56 42.47
N ARG U 499 7.65 -38.24 43.30
CA ARG U 499 7.49 -37.23 44.33
C ARG U 499 7.17 -35.87 43.73
N GLN U 500 7.61 -35.64 42.49
CA GLN U 500 7.33 -34.40 41.79
C GLN U 500 5.86 -34.11 41.63
N TYR U 501 4.99 -35.09 41.77
CA TYR U 501 3.59 -34.80 41.56
C TYR U 501 2.88 -34.33 42.81
N THR U 502 3.55 -34.30 43.96
CA THR U 502 2.82 -34.15 45.22
C THR U 502 2.07 -32.83 45.32
N TYR U 503 2.62 -31.75 44.75
CA TYR U 503 1.96 -30.48 44.92
C TYR U 503 0.69 -30.42 44.09
N GLY U 504 0.68 -31.09 42.93
CA GLY U 504 -0.54 -31.15 42.17
C GLY U 504 -1.62 -31.95 42.87
N LEU U 505 -1.25 -32.84 43.76
CA LEU U 505 -2.28 -33.55 44.51
C LEU U 505 -2.76 -32.76 45.70
N VAL U 506 -1.99 -31.83 46.22
CA VAL U 506 -2.41 -31.19 47.46
C VAL U 506 -3.19 -29.93 47.17
N SER U 507 -2.70 -29.09 46.25
CA SER U 507 -3.43 -27.88 45.87
C SER U 507 -4.80 -28.21 45.30
N CYS U 508 -4.95 -29.35 44.63
CA CYS U 508 -6.28 -29.75 44.18
C CYS U 508 -7.13 -30.26 45.33
N GLY U 509 -6.53 -30.67 46.43
CA GLY U 509 -7.33 -30.99 47.60
C GLY U 509 -7.15 -32.37 48.19
N LEU U 510 -6.52 -33.28 47.47
CA LEU U 510 -6.44 -34.68 47.88
C LEU U 510 -5.60 -34.84 49.14
N ASP U 511 -5.64 -36.05 49.69
CA ASP U 511 -4.81 -36.45 50.83
C ASP U 511 -4.80 -37.97 50.85
N ARG U 512 -4.07 -38.52 51.81
CA ARG U 512 -3.84 -39.97 51.84
C ARG U 512 -5.13 -40.74 52.13
N SER U 513 -6.06 -40.13 52.87
CA SER U 513 -7.26 -40.87 53.24
C SER U 513 -8.23 -40.98 52.09
N LEU U 514 -8.53 -39.87 51.42
CA LEU U 514 -9.53 -39.84 50.38
C LEU U 514 -8.94 -40.02 49.00
N LEU U 515 -7.71 -40.51 48.90
CA LEU U 515 -7.08 -40.71 47.61
C LEU U 515 -7.68 -41.89 46.87
N HIS U 516 -8.20 -42.87 47.61
CA HIS U 516 -8.49 -44.19 47.07
C HIS U 516 -9.70 -44.23 46.16
N ARG U 517 -10.32 -43.11 45.83
CA ARG U 517 -11.49 -43.13 44.97
C ARG U 517 -11.43 -42.02 43.94
N VAL U 518 -10.26 -41.82 43.35
CA VAL U 518 -10.09 -40.85 42.31
C VAL U 518 -10.06 -41.61 40.99
N SER U 519 -10.49 -40.96 39.92
CA SER U 519 -10.50 -41.57 38.61
C SER U 519 -9.29 -41.09 37.81
N GLU U 520 -9.00 -41.79 36.72
CA GLU U 520 -7.89 -41.39 35.86
C GLU U 520 -8.17 -40.05 35.21
N GLN U 521 -9.40 -39.84 34.77
CA GLN U 521 -9.74 -38.59 34.10
C GLN U 521 -9.65 -37.41 35.05
N GLN U 522 -9.70 -37.65 36.36
CA GLN U 522 -9.45 -36.58 37.30
C GLN U 522 -7.96 -36.37 37.50
N LEU U 523 -7.17 -37.43 37.42
CA LEU U 523 -5.72 -37.31 37.50
C LEU U 523 -5.13 -36.62 36.30
N LEU U 524 -5.81 -36.61 35.16
CA LEU U 524 -5.15 -36.08 33.98
C LEU U 524 -5.13 -34.55 33.99
N GLU U 525 -6.27 -33.89 34.17
CA GLU U 525 -6.26 -32.44 34.06
C GLU U 525 -6.25 -31.71 35.38
N ASP U 526 -6.66 -32.35 36.48
CA ASP U 526 -6.59 -31.63 37.75
C ASP U 526 -5.21 -31.73 38.38
N CYS U 527 -4.69 -32.93 38.53
CA CYS U 527 -3.38 -33.10 39.14
C CYS U 527 -2.24 -32.89 38.15
N GLY U 528 -2.54 -32.68 36.87
CA GLY U 528 -1.51 -32.37 35.91
C GLY U 528 -0.54 -33.48 35.60
N ILE U 529 -0.95 -34.73 35.73
CA ILE U 529 -0.11 -35.86 35.39
C ILE U 529 -0.32 -36.16 33.91
N HIS U 530 0.76 -36.20 33.15
CA HIS U 530 0.65 -36.34 31.70
C HIS U 530 1.01 -37.72 31.19
N LEU U 531 2.04 -38.36 31.74
CA LEU U 531 2.40 -39.69 31.28
C LEU U 531 1.37 -40.71 31.71
N GLY U 532 0.86 -41.47 30.75
CA GLY U 532 -0.13 -42.49 31.04
C GLY U 532 0.39 -43.57 31.97
N VAL U 533 1.69 -43.88 31.87
CA VAL U 533 2.27 -44.93 32.68
C VAL U 533 2.24 -44.54 34.15
N HIS U 534 2.53 -43.27 34.45
CA HIS U 534 2.53 -42.82 35.83
C HIS U 534 1.12 -42.77 36.39
N ARG U 535 0.15 -42.36 35.56
CA ARG U 535 -1.25 -42.41 35.98
C ARG U 535 -1.67 -43.82 36.31
N ALA U 536 -1.30 -44.78 35.48
CA ALA U 536 -1.71 -46.15 35.71
C ALA U 536 -1.08 -46.73 36.97
N ARG U 537 0.21 -46.46 37.18
CA ARG U 537 0.88 -46.99 38.36
C ARG U 537 0.33 -46.37 39.63
N ILE U 538 0.03 -45.07 39.58
CA ILE U 538 -0.53 -44.40 40.75
C ILE U 538 -1.93 -44.91 41.02
N LEU U 539 -2.72 -45.13 39.98
CA LEU U 539 -4.08 -45.63 40.16
C LEU U 539 -4.09 -47.01 40.79
N THR U 540 -3.25 -47.92 40.28
CA THR U 540 -3.25 -49.27 40.84
C THR U 540 -2.72 -49.28 42.27
N ALA U 541 -1.70 -48.46 42.56
CA ALA U 541 -1.14 -48.47 43.90
C ALA U 541 -2.07 -47.80 44.90
N ALA U 542 -2.88 -46.85 44.45
CA ALA U 542 -3.82 -46.22 45.37
C ALA U 542 -5.01 -47.13 45.58
N ARG U 543 -5.49 -47.74 44.50
CA ARG U 543 -6.71 -48.51 44.54
C ARG U 543 -6.48 -49.81 45.30
N GLU U 544 -5.23 -50.28 45.33
CA GLU U 544 -4.89 -51.43 46.14
C GLU U 544 -5.02 -51.11 47.63
N MET U 545 -4.66 -49.90 48.04
CA MET U 545 -4.87 -49.46 49.42
C MET U 545 -6.30 -48.91 49.46
N LEU U 546 -7.26 -49.84 49.47
CA LEU U 546 -8.65 -49.49 49.20
C LEU U 546 -9.35 -48.89 50.41
N HIS U 547 -9.51 -49.68 51.48
CA HIS U 547 -10.31 -49.30 52.63
C HIS U 547 -9.55 -49.60 53.91
N SER U 548 -8.30 -49.15 53.95
CA SER U 548 -7.44 -49.40 55.11
C SER U 548 -8.01 -48.88 56.44
N PRO U 549 -8.63 -47.69 56.54
CA PRO U 549 -9.22 -47.43 57.85
C PRO U 549 -10.58 -48.11 58.02
N MET V 1 17.41 -24.04 63.51
CA MET V 1 17.21 -24.74 62.24
C MET V 1 17.81 -23.92 61.11
N ALA V 2 17.59 -22.61 61.16
CA ALA V 2 18.13 -21.72 60.13
C ALA V 2 19.65 -21.79 60.12
N VAL V 3 20.20 -22.27 59.02
CA VAL V 3 21.65 -22.42 58.91
C VAL V 3 22.30 -21.05 58.77
N GLN V 4 23.44 -20.89 59.42
CA GLN V 4 24.22 -19.66 59.32
C GLN V 4 25.48 -19.97 58.52
N LEU V 5 25.80 -19.08 57.59
CA LEU V 5 27.00 -19.21 56.78
C LEU V 5 27.94 -18.06 57.09
N VAL V 6 29.24 -18.36 57.16
CA VAL V 6 30.26 -17.35 57.38
C VAL V 6 31.36 -17.54 56.35
N GLU V 7 31.80 -16.45 55.74
CA GLU V 7 32.83 -16.51 54.72
C GLU V 7 34.18 -16.14 55.31
N SER V 8 35.22 -16.40 54.53
CA SER V 8 36.58 -16.03 54.91
C SER V 8 37.44 -16.04 53.66
N GLY V 9 38.50 -15.22 53.70
CA GLY V 9 39.35 -14.99 52.55
C GLY V 9 39.29 -13.52 52.13
N GLY V 10 39.21 -13.30 50.83
CA GLY V 10 39.00 -11.96 50.35
C GLY V 10 40.26 -11.11 50.38
N GLY V 11 40.05 -9.80 50.37
CA GLY V 11 41.17 -8.87 50.39
C GLY V 11 41.57 -8.44 49.00
N LEU V 12 42.87 -8.45 48.73
CA LEU V 12 43.37 -7.91 47.47
C LEU V 12 44.59 -8.68 47.02
N VAL V 13 44.75 -8.76 45.71
CA VAL V 13 45.88 -9.42 45.06
C VAL V 13 46.23 -8.64 43.80
N GLN V 14 47.24 -9.10 43.10
CA GLN V 14 47.70 -8.52 41.85
C GLN V 14 47.05 -9.25 40.67
N PRO V 15 46.96 -8.59 39.52
CA PRO V 15 46.45 -9.28 38.33
C PRO V 15 47.32 -10.46 37.96
N GLY V 16 46.70 -11.63 37.86
CA GLY V 16 47.44 -12.87 37.78
C GLY V 16 47.76 -13.31 39.18
N GLY V 17 47.36 -14.52 39.55
CA GLY V 17 47.57 -14.98 40.91
C GLY V 17 46.33 -15.64 41.47
N SER V 18 46.51 -16.50 42.45
CA SER V 18 45.44 -17.33 42.97
C SER V 18 44.99 -16.86 44.34
N LEU V 19 43.82 -17.36 44.75
CA LEU V 19 43.24 -17.08 46.05
C LEU V 19 42.25 -18.20 46.36
N ARG V 20 41.97 -18.40 47.63
CA ARG V 20 40.99 -19.39 48.04
C ARG V 20 40.05 -18.80 49.08
N LEU V 21 38.76 -18.95 48.83
CA LEU V 21 37.73 -18.47 49.73
C LEU V 21 37.08 -19.66 50.43
N SER V 22 36.67 -19.48 51.67
CA SER V 22 36.08 -20.54 52.45
C SER V 22 34.73 -20.09 52.97
N CYS V 23 33.80 -21.04 53.08
CA CYS V 23 32.48 -20.76 53.60
C CYS V 23 32.08 -21.88 54.55
N ALA V 24 31.84 -21.54 55.81
CA ALA V 24 31.55 -22.53 56.84
C ALA V 24 30.11 -22.38 57.31
N ALA V 25 29.47 -23.51 57.54
CA ALA V 25 28.05 -23.58 57.89
C ALA V 25 27.87 -24.04 59.32
N SER V 26 26.61 -24.06 59.75
CA SER V 26 26.28 -24.43 61.12
C SER V 26 25.96 -25.90 61.29
N VAL V 27 25.68 -26.61 60.20
CA VAL V 27 25.33 -28.01 60.22
C VAL V 27 26.25 -28.75 59.27
N SER V 28 25.99 -30.04 59.10
CA SER V 28 26.75 -30.81 58.13
C SER V 28 26.41 -30.34 56.72
N ILE V 29 27.43 -30.10 55.91
CA ILE V 29 27.18 -29.69 54.53
C ILE V 29 26.53 -30.83 53.76
N SER V 30 26.85 -32.06 54.11
CA SER V 30 26.37 -33.22 53.36
C SER V 30 24.86 -33.41 53.44
N ARG V 31 24.16 -32.61 54.24
CA ARG V 31 22.70 -32.64 54.27
C ARG V 31 22.09 -31.64 53.32
N ILE V 32 22.82 -30.60 52.95
CA ILE V 32 22.28 -29.52 52.14
C ILE V 32 22.23 -29.97 50.70
N TYR V 33 21.14 -29.63 50.01
CA TYR V 33 20.94 -30.08 48.64
C TYR V 33 21.94 -29.41 47.70
N VAL V 34 21.87 -28.09 47.57
CA VAL V 34 22.81 -27.37 46.72
C VAL V 34 23.47 -26.27 47.53
N MET V 35 24.72 -25.96 47.15
CA MET V 35 25.40 -24.78 47.65
C MET V 35 26.05 -24.07 46.49
N ALA V 36 26.25 -22.77 46.64
CA ALA V 36 26.66 -21.98 45.49
C ALA V 36 27.41 -20.74 45.94
N TRP V 37 28.20 -20.20 45.03
CA TRP V 37 28.93 -18.96 45.25
C TRP V 37 28.39 -17.92 44.28
N TYR V 38 28.24 -16.70 44.75
CA TYR V 38 27.67 -15.63 43.94
C TYR V 38 28.59 -14.43 43.98
N ARG V 39 28.47 -13.58 42.97
CA ARG V 39 29.41 -12.48 42.76
C ARG V 39 28.61 -11.25 42.37
N GLN V 40 28.80 -10.16 43.10
CA GLN V 40 28.13 -8.90 42.76
C GLN V 40 29.17 -7.81 42.63
N ALA V 41 29.31 -7.30 41.43
CA ALA V 41 30.19 -6.20 41.10
C ALA V 41 29.49 -4.88 41.40
N PRO V 42 30.24 -3.85 41.77
CA PRO V 42 29.61 -2.54 42.01
C PRO V 42 29.02 -1.98 40.73
N GLY V 43 27.76 -1.59 40.80
CA GLY V 43 27.05 -1.04 39.67
C GLY V 43 26.29 -2.05 38.83
N LYS V 44 26.27 -3.33 39.22
CA LYS V 44 25.51 -4.34 38.51
C LYS V 44 24.81 -5.24 39.53
N GLN V 45 24.10 -6.23 39.02
CA GLN V 45 23.36 -7.17 39.83
C GLN V 45 24.17 -8.44 40.05
N ARG V 46 23.65 -9.31 40.91
CA ARG V 46 24.36 -10.53 41.26
C ARG V 46 24.42 -11.48 40.08
N GLU V 47 25.31 -12.46 40.19
CA GLU V 47 25.38 -13.55 39.23
C GLU V 47 26.05 -14.73 39.90
N VAL V 48 25.88 -15.86 39.31
CA VAL V 48 26.41 -17.10 39.87
C VAL V 48 27.82 -17.31 39.34
N VAL V 49 28.66 -17.97 40.13
CA VAL V 49 29.99 -18.36 39.65
C VAL V 49 30.28 -19.84 39.83
N ALA V 50 29.63 -20.54 40.75
CA ALA V 50 29.79 -21.98 40.89
C ALA V 50 28.67 -22.54 41.73
N VAL V 51 28.24 -23.77 41.41
CA VAL V 51 27.26 -24.50 42.20
C VAL V 51 27.78 -25.91 42.42
N ILE V 52 27.22 -26.57 43.44
CA ILE V 52 27.59 -27.95 43.73
C ILE V 52 26.46 -28.61 44.49
N ARG V 53 26.11 -29.83 44.10
CA ARG V 53 24.98 -30.53 44.67
C ARG V 53 25.43 -31.52 45.72
N TYR V 54 24.49 -32.29 46.24
CA TYR V 54 24.78 -33.26 47.29
C TYR V 54 25.67 -34.38 46.77
N ASP V 55 25.56 -34.72 45.49
CA ASP V 55 26.36 -35.77 44.91
C ASP V 55 27.65 -35.26 44.30
N GLY V 56 27.96 -33.98 44.48
CA GLY V 56 29.20 -33.44 43.97
C GLY V 56 29.30 -33.32 42.47
N THR V 57 28.26 -32.85 41.81
CA THR V 57 28.33 -32.48 40.41
C THR V 57 28.24 -30.97 40.32
N THR V 58 29.18 -30.36 39.60
CA THR V 58 29.35 -28.93 39.63
C THR V 58 29.14 -28.34 38.23
N ASN V 59 28.58 -27.14 38.21
CA ASN V 59 28.36 -26.39 36.98
C ASN V 59 29.00 -25.03 37.10
N TYR V 60 29.66 -24.61 36.04
CA TYR V 60 30.27 -23.30 36.02
C TYR V 60 29.75 -22.52 34.82
N PRO V 61 29.65 -21.20 34.92
CA PRO V 61 29.34 -20.41 33.74
C PRO V 61 30.51 -20.43 32.78
N ASP V 62 30.23 -20.07 31.53
CA ASP V 62 31.26 -20.07 30.51
C ASP V 62 32.34 -19.03 30.75
N SER V 63 32.01 -17.97 31.50
CA SER V 63 32.95 -16.89 31.72
C SER V 63 34.18 -17.33 32.50
N VAL V 64 34.01 -18.27 33.43
CA VAL V 64 35.08 -18.57 34.38
C VAL V 64 35.45 -20.06 34.34
N LYS V 65 35.09 -20.75 33.26
CA LYS V 65 35.46 -22.16 33.15
C LYS V 65 36.97 -22.31 33.02
N GLY V 66 37.52 -23.27 33.76
CA GLY V 66 38.94 -23.50 33.76
C GLY V 66 39.71 -22.66 34.75
N ARG V 67 39.15 -21.56 35.23
CA ARG V 67 39.86 -20.68 36.14
C ARG V 67 39.42 -20.82 37.59
N PHE V 68 38.21 -21.31 37.85
CA PHE V 68 37.72 -21.47 39.21
C PHE V 68 37.47 -22.96 39.49
N THR V 69 37.31 -23.27 40.77
CA THR V 69 37.06 -24.66 41.18
C THR V 69 36.44 -24.68 42.56
N ILE V 70 35.29 -25.34 42.70
CA ILE V 70 34.54 -25.40 43.94
C ILE V 70 34.60 -26.82 44.50
N SER V 71 34.79 -26.93 45.82
CA SER V 71 34.80 -28.26 46.40
C SER V 71 34.25 -28.26 47.82
N ARG V 72 33.65 -29.39 48.19
CA ARG V 72 33.17 -29.65 49.54
C ARG V 72 34.32 -30.22 50.36
N ASP V 73 34.37 -29.89 51.64
CA ASP V 73 35.28 -30.56 52.55
C ASP V 73 34.46 -31.16 53.67
N ASN V 74 34.50 -32.47 53.78
CA ASN V 74 33.66 -33.17 54.74
C ASN V 74 34.28 -33.28 56.12
N ALA V 75 35.56 -32.96 56.27
CA ALA V 75 36.19 -33.02 57.59
C ALA V 75 35.59 -31.97 58.51
N LYS V 76 35.67 -30.72 58.11
CA LYS V 76 34.98 -29.62 58.76
C LYS V 76 34.04 -29.01 57.75
N ASN V 77 32.85 -28.64 58.18
CA ASN V 77 31.80 -28.23 57.26
C ASN V 77 32.19 -26.93 56.60
N THR V 78 32.73 -27.03 55.39
CA THR V 78 33.29 -25.87 54.70
C THR V 78 33.36 -26.16 53.21
N VAL V 79 32.84 -25.23 52.41
CA VAL V 79 32.95 -25.29 50.97
C VAL V 79 33.98 -24.27 50.53
N TYR V 80 34.89 -24.70 49.66
CA TYR V 80 36.00 -23.88 49.19
C TYR V 80 35.78 -23.47 47.74
N LEU V 81 36.24 -22.26 47.42
CA LEU V 81 36.34 -21.78 46.06
C LEU V 81 37.79 -21.40 45.79
N GLN V 82 38.33 -21.90 44.68
CA GLN V 82 39.73 -21.69 44.31
C GLN V 82 39.75 -20.89 43.01
N MET V 83 40.44 -19.75 43.05
CA MET V 83 40.48 -18.79 41.96
C MET V 83 41.92 -18.72 41.48
N ASN V 84 42.19 -19.28 40.30
CA ASN V 84 43.57 -19.52 39.92
C ASN V 84 44.17 -18.38 39.11
N SER V 85 43.59 -18.07 37.95
CA SER V 85 44.11 -17.03 37.09
C SER V 85 43.14 -15.86 37.10
N LEU V 86 43.58 -14.75 37.64
CA LEU V 86 42.68 -13.63 37.89
C LEU V 86 42.85 -12.54 36.85
N LYS V 87 41.76 -11.86 36.57
CA LYS V 87 41.66 -10.76 35.63
C LYS V 87 41.40 -9.48 36.41
N PRO V 88 41.50 -8.31 35.76
CA PRO V 88 41.14 -7.09 36.48
C PRO V 88 39.65 -6.95 36.75
N GLU V 89 38.80 -7.50 35.89
CA GLU V 89 37.36 -7.35 36.08
C GLU V 89 36.79 -8.33 37.10
N ASP V 90 37.60 -9.20 37.67
CA ASP V 90 37.10 -10.14 38.66
C ASP V 90 37.24 -9.58 40.06
N THR V 91 36.73 -8.37 40.27
CA THR V 91 36.76 -7.70 41.56
C THR V 91 35.35 -7.32 41.94
N ALA V 92 34.90 -7.81 43.10
CA ALA V 92 33.50 -7.69 43.49
C ALA V 92 33.35 -8.15 44.92
N VAL V 93 32.12 -8.14 45.42
CA VAL V 93 31.82 -8.78 46.69
C VAL V 93 31.27 -10.16 46.39
N TYR V 94 31.73 -11.15 47.15
CA TYR V 94 31.36 -12.52 46.94
C TYR V 94 30.51 -13.02 48.09
N TYR V 95 29.50 -13.82 47.77
CA TYR V 95 28.59 -14.35 48.77
C TYR V 95 28.49 -15.86 48.68
N CYS V 96 28.26 -16.47 49.83
CA CYS V 96 28.01 -17.89 49.96
C CYS V 96 26.51 -18.12 50.07
N ASN V 97 26.02 -19.17 49.43
CA ASN V 97 24.59 -19.41 49.37
C ASN V 97 24.30 -20.87 49.68
N ALA V 98 23.41 -21.09 50.63
CA ALA V 98 22.83 -22.40 50.91
C ALA V 98 21.67 -22.56 49.95
N ASN V 99 20.71 -23.45 50.27
CA ASN V 99 19.80 -24.07 49.31
C ASN V 99 19.28 -23.13 48.23
N VAL V 100 18.43 -22.18 48.57
CA VAL V 100 18.30 -20.97 47.76
C VAL V 100 18.23 -19.77 48.69
N GLU V 101 17.37 -19.88 49.69
CA GLU V 101 16.94 -18.73 50.50
C GLU V 101 18.10 -18.10 51.25
N THR V 102 18.82 -18.87 52.04
CA THR V 102 19.76 -18.29 52.98
C THR V 102 21.01 -17.80 52.30
N TRP V 103 21.46 -16.62 52.70
CA TRP V 103 22.63 -15.96 52.17
C TRP V 103 23.71 -15.84 53.24
N GLY V 104 24.89 -15.46 52.81
CA GLY V 104 25.94 -15.02 53.70
C GLY V 104 25.97 -13.52 53.80
N GLN V 105 27.11 -12.99 54.24
CA GLN V 105 27.26 -11.54 54.32
C GLN V 105 28.22 -10.97 53.30
N GLY V 106 29.11 -11.78 52.73
CA GLY V 106 29.94 -11.34 51.65
C GLY V 106 31.35 -10.98 52.10
N THR V 107 32.26 -10.98 51.13
CA THR V 107 33.67 -10.63 51.33
C THR V 107 34.13 -9.90 50.09
N GLN V 108 34.86 -8.81 50.28
CA GLN V 108 35.29 -7.96 49.18
C GLN V 108 36.57 -8.55 48.60
N VAL V 109 36.69 -8.51 47.27
CA VAL V 109 37.86 -9.03 46.58
C VAL V 109 38.26 -8.04 45.49
N THR V 110 39.54 -7.64 45.51
CA THR V 110 40.05 -6.63 44.58
C THR V 110 41.39 -7.07 44.00
N VAL V 111 41.64 -6.62 42.76
CA VAL V 111 42.80 -7.01 41.99
C VAL V 111 43.50 -5.77 41.41
N SER V 112 44.68 -5.46 41.94
CA SER V 112 45.51 -4.34 41.46
C SER V 112 46.88 -4.46 42.10
N SER V 113 47.71 -3.43 41.92
CA SER V 113 49.03 -3.35 42.55
C SER V 113 48.97 -3.45 44.07
N PRO W 324 47.41 -78.14 12.24
CA PRO W 324 48.53 -78.05 11.29
C PRO W 324 48.18 -77.21 10.06
N ASP W 325 48.62 -77.67 8.89
CA ASP W 325 48.36 -76.98 7.63
C ASP W 325 46.95 -77.24 7.12
N ASP W 326 46.32 -78.32 7.57
CA ASP W 326 44.93 -78.60 7.20
C ASP W 326 44.00 -77.57 7.80
N LEU W 327 44.32 -77.09 9.01
CA LEU W 327 43.51 -76.10 9.70
C LEU W 327 43.53 -74.77 8.98
N GLN W 328 44.61 -74.46 8.27
CA GLN W 328 44.69 -73.23 7.49
C GLN W 328 43.65 -73.16 6.39
N ARG W 329 43.22 -74.30 5.83
CA ARG W 329 42.15 -74.24 4.86
C ARG W 329 40.82 -73.80 5.47
N LEU W 330 40.60 -74.05 6.77
CA LEU W 330 39.36 -73.64 7.42
C LEU W 330 39.43 -72.23 7.97
N VAL W 331 40.50 -71.49 7.70
CA VAL W 331 40.69 -70.15 8.23
C VAL W 331 39.99 -69.06 7.41
N PRO W 332 39.97 -69.07 6.06
CA PRO W 332 39.19 -68.04 5.39
C PRO W 332 37.74 -68.41 5.12
N LEU W 333 37.35 -69.70 5.22
CA LEU W 333 35.97 -70.10 4.92
C LEU W 333 34.94 -69.30 5.72
N LEU W 334 35.31 -68.87 6.93
CA LEU W 334 34.42 -68.09 7.80
C LEU W 334 33.98 -66.78 7.16
N ASP W 335 34.77 -66.25 6.20
CA ASP W 335 34.42 -65.01 5.53
C ASP W 335 33.29 -65.16 4.52
N SER W 336 32.66 -66.33 4.44
CA SER W 336 31.63 -66.60 3.45
C SER W 336 30.39 -65.74 3.66
N ASN W 337 29.65 -65.54 2.58
CA ASN W 337 28.44 -64.73 2.64
C ASN W 337 27.27 -65.51 3.22
N ARG W 338 27.18 -66.80 2.93
CA ARG W 338 26.06 -67.61 3.37
C ARG W 338 26.25 -68.06 4.81
N LEU W 339 25.15 -68.48 5.43
CA LEU W 339 25.16 -68.80 6.85
C LEU W 339 25.69 -70.20 7.12
N GLU W 340 25.29 -71.19 6.30
CA GLU W 340 25.57 -72.59 6.61
C GLU W 340 27.07 -72.88 6.62
N ALA W 341 27.82 -72.25 5.71
CA ALA W 341 29.27 -72.42 5.69
C ALA W 341 29.90 -71.94 6.99
N GLN W 342 29.49 -70.77 7.45
CA GLN W 342 29.98 -70.22 8.71
C GLN W 342 29.60 -71.13 9.88
N CYS W 343 28.37 -71.64 9.88
CA CYS W 343 27.90 -72.51 10.96
C CYS W 343 28.71 -73.79 11.04
N ILE W 344 28.95 -74.45 9.89
CA ILE W 344 29.66 -75.72 9.96
C ILE W 344 31.13 -75.50 10.27
N GLY W 345 31.72 -74.39 9.79
CA GLY W 345 33.10 -74.12 10.12
C GLY W 345 33.27 -73.91 11.60
N ALA W 346 32.34 -73.18 12.21
CA ALA W 346 32.41 -72.92 13.64
C ALA W 346 32.20 -74.21 14.42
N PHE W 347 31.25 -75.05 13.98
CA PHE W 347 31.02 -76.33 14.66
C PHE W 347 32.28 -77.18 14.65
N TYR W 348 32.94 -77.31 13.48
CA TYR W 348 34.18 -78.09 13.39
C TYR W 348 35.26 -77.54 14.31
N LEU W 349 35.62 -76.25 14.15
CA LEU W 349 36.70 -75.69 14.95
C LEU W 349 36.41 -75.80 16.44
N CYS W 350 35.19 -75.48 16.86
CA CYS W 350 34.87 -75.57 18.28
C CYS W 350 34.93 -77.01 18.78
N ALA W 351 34.51 -77.97 17.95
CA ALA W 351 34.53 -79.38 18.34
C ALA W 351 35.96 -79.89 18.50
N GLU W 352 36.84 -79.55 17.56
CA GLU W 352 38.22 -80.00 17.75
C GLU W 352 38.94 -79.20 18.82
N ALA W 353 38.49 -77.97 19.11
CA ALA W 353 39.04 -77.27 20.25
C ALA W 353 38.68 -77.99 21.54
N ALA W 354 37.42 -78.39 21.67
CA ALA W 354 36.99 -79.18 22.82
C ALA W 354 37.74 -80.51 22.92
N ILE W 355 38.09 -81.10 21.77
CA ILE W 355 38.87 -82.33 21.79
C ILE W 355 40.31 -82.09 22.25
N LYS W 356 40.97 -81.07 21.70
CA LYS W 356 42.37 -80.77 21.97
C LYS W 356 42.57 -79.96 23.24
N SER W 357 41.49 -79.64 23.94
CA SER W 357 41.55 -78.79 25.12
C SER W 357 42.05 -79.52 26.36
N LEU W 358 41.69 -80.80 26.56
CA LEU W 358 42.10 -81.48 27.78
C LEU W 358 43.58 -81.80 27.77
N GLN W 359 44.15 -82.17 26.62
CA GLN W 359 45.58 -82.37 26.55
C GLN W 359 46.33 -81.05 26.70
N GLY W 360 47.66 -81.11 26.68
CA GLY W 360 48.46 -79.92 26.80
C GLY W 360 48.52 -79.12 25.52
N LYS W 361 48.24 -79.73 24.36
CA LYS W 361 48.46 -78.96 23.14
C LYS W 361 47.25 -78.07 22.83
N THR W 362 47.42 -76.81 23.25
CA THR W 362 46.53 -75.70 22.93
C THR W 362 47.25 -74.63 22.12
N LYS W 363 48.55 -74.82 21.89
CA LYS W 363 49.42 -73.84 21.24
C LYS W 363 49.26 -73.83 19.72
N VAL W 364 48.62 -74.86 19.17
CA VAL W 364 48.31 -74.86 17.74
C VAL W 364 47.38 -73.69 17.39
N PHE W 365 46.38 -73.42 18.23
CA PHE W 365 45.51 -72.26 17.98
C PHE W 365 46.28 -70.95 18.03
N SER W 366 47.35 -70.89 18.83
CA SER W 366 48.18 -69.70 18.88
C SER W 366 48.90 -69.48 17.55
N ASP W 367 49.78 -70.42 17.17
CA ASP W 367 50.64 -70.16 16.03
C ASP W 367 49.94 -70.25 14.68
N ILE W 368 48.72 -70.80 14.60
CA ILE W 368 47.99 -70.77 13.34
C ILE W 368 47.16 -69.51 13.18
N GLY W 369 47.00 -68.71 14.22
CA GLY W 369 46.31 -67.44 14.11
C GLY W 369 44.81 -67.51 13.94
N ALA W 370 44.18 -68.63 14.31
CA ALA W 370 42.72 -68.70 14.23
C ALA W 370 42.07 -67.89 15.35
N ILE W 371 42.77 -67.76 16.48
CA ILE W 371 42.26 -67.02 17.63
C ILE W 371 42.00 -65.57 17.27
N GLN W 372 42.77 -65.00 16.33
CA GLN W 372 42.57 -63.62 15.94
C GLN W 372 41.24 -63.44 15.22
N SER W 373 40.91 -64.38 14.32
CA SER W 373 39.63 -64.30 13.62
C SER W 373 38.47 -64.56 14.56
N LEU W 374 38.64 -65.47 15.51
CA LEU W 374 37.60 -65.71 16.51
C LEU W 374 37.38 -64.48 17.39
N LYS W 375 38.46 -63.87 17.90
CA LYS W 375 38.32 -62.64 18.68
C LYS W 375 37.76 -61.50 17.84
N ARG W 376 37.92 -61.57 16.51
CA ARG W 376 37.31 -60.61 15.61
C ARG W 376 35.79 -60.78 15.58
N LEU W 377 35.33 -61.96 15.17
CA LEU W 377 33.94 -62.13 14.75
C LEU W 377 32.93 -62.22 15.89
N VAL W 378 33.37 -62.32 17.14
CA VAL W 378 32.42 -62.49 18.23
C VAL W 378 31.67 -61.18 18.51
N SER W 379 32.34 -60.04 18.36
CA SER W 379 31.69 -58.75 18.57
C SER W 379 31.00 -58.32 17.28
N TYR W 380 29.87 -57.62 17.45
CA TYR W 380 29.00 -57.20 16.35
C TYR W 380 28.59 -58.38 15.47
N SER W 381 27.87 -59.32 16.10
CA SER W 381 27.34 -60.46 15.38
C SER W 381 25.98 -60.79 15.94
N THR W 382 24.98 -60.84 15.07
CA THR W 382 23.63 -61.20 15.47
C THR W 382 23.33 -62.55 14.81
N ASN W 383 23.82 -63.61 15.46
CA ASN W 383 23.67 -64.97 14.94
C ASN W 383 23.90 -65.86 16.17
N GLY W 384 22.82 -66.43 16.69
CA GLY W 384 22.93 -67.13 17.96
C GLY W 384 23.82 -68.38 17.91
N THR W 385 23.70 -69.15 16.83
CA THR W 385 24.50 -70.37 16.71
C THR W 385 26.00 -70.07 16.59
N LYS W 386 26.43 -69.26 15.60
CA LYS W 386 27.86 -69.08 15.38
C LYS W 386 28.50 -68.32 16.54
N SER W 387 27.82 -67.29 17.07
CA SER W 387 28.39 -66.55 18.18
C SER W 387 28.44 -67.40 19.43
N ALA W 388 27.42 -68.22 19.68
CA ALA W 388 27.44 -69.11 20.83
C ALA W 388 28.58 -70.11 20.70
N LEU W 389 28.81 -70.63 19.49
CA LEU W 389 29.88 -71.59 19.27
C LEU W 389 31.24 -70.94 19.44
N ALA W 390 31.39 -69.71 18.95
CA ALA W 390 32.64 -68.98 19.11
C ALA W 390 32.91 -68.70 20.58
N LYS W 391 31.87 -68.36 21.34
CA LYS W 391 32.04 -68.12 22.76
C LYS W 391 32.44 -69.39 23.48
N ARG W 392 31.82 -70.52 23.13
CA ARG W 392 32.18 -71.78 23.74
C ARG W 392 33.62 -72.15 23.40
N ALA W 393 34.03 -71.90 22.15
CA ALA W 393 35.42 -72.18 21.76
C ALA W 393 36.40 -71.32 22.55
N LEU W 394 36.13 -70.03 22.67
CA LEU W 394 37.05 -69.14 23.38
C LEU W 394 37.13 -69.49 24.86
N ARG W 395 35.97 -69.67 25.50
CA ARG W 395 35.94 -70.02 26.92
C ARG W 395 36.52 -71.39 27.22
N LEU W 396 36.58 -72.30 26.23
CA LEU W 396 37.34 -73.53 26.46
C LEU W 396 38.84 -73.30 26.46
N LEU W 397 39.35 -72.35 25.66
CA LEU W 397 40.79 -72.13 25.68
C LEU W 397 41.25 -71.22 26.81
N GLY W 398 40.36 -70.91 27.76
CA GLY W 398 40.71 -70.05 28.88
C GLY W 398 40.86 -68.58 28.56
N GLU W 399 40.44 -68.13 27.39
CA GLU W 399 40.51 -66.72 27.07
C GLU W 399 39.25 -66.00 27.53
N GLU W 400 39.20 -64.70 27.27
CA GLU W 400 38.08 -63.85 27.63
C GLU W 400 37.42 -63.34 26.36
N VAL W 401 36.09 -63.33 26.34
CA VAL W 401 35.40 -62.86 25.15
C VAL W 401 35.45 -61.33 25.09
N PRO W 402 35.67 -60.74 23.93
CA PRO W 402 35.59 -59.29 23.81
C PRO W 402 34.14 -58.83 23.83
N ARG W 403 33.99 -57.54 24.04
CA ARG W 403 32.70 -56.89 24.00
C ARG W 403 32.87 -55.58 23.25
N PRO W 404 31.84 -55.14 22.54
CA PRO W 404 31.96 -53.91 21.76
C PRO W 404 32.19 -52.70 22.64
N ILE W 405 32.69 -51.64 22.04
CA ILE W 405 32.94 -50.39 22.74
C ILE W 405 32.02 -49.37 22.09
N LEU W 406 30.92 -49.18 22.65
CA LEU W 406 29.83 -48.36 22.13
C LEU W 406 29.85 -46.98 22.74
N PRO W 407 29.34 -45.98 22.02
CA PRO W 407 29.32 -44.62 22.56
C PRO W 407 28.34 -44.50 23.70
N SER W 408 28.72 -43.75 24.71
CA SER W 408 27.83 -43.44 25.81
C SER W 408 27.04 -42.18 25.44
N VAL W 409 26.11 -42.37 24.51
CA VAL W 409 25.30 -41.27 24.02
C VAL W 409 24.54 -40.52 25.10
N PRO W 410 23.77 -41.15 25.99
CA PRO W 410 22.90 -40.36 26.88
C PRO W 410 23.62 -39.55 27.93
N SER W 411 24.94 -39.59 27.98
CA SER W 411 25.71 -38.65 28.78
C SER W 411 26.71 -38.01 27.83
N TRP W 412 26.24 -37.02 27.07
CA TRP W 412 27.06 -36.27 26.15
C TRP W 412 26.87 -34.80 26.45
N LYS W 413 27.69 -33.97 25.82
CA LYS W 413 27.48 -32.54 25.95
C LYS W 413 27.39 -31.96 24.55
N GLU W 414 27.41 -30.63 24.43
CA GLU W 414 27.22 -30.01 23.13
C GLU W 414 28.40 -30.24 22.20
N ALA W 415 29.59 -30.41 22.76
CA ALA W 415 30.77 -30.60 21.91
C ALA W 415 30.70 -31.92 21.17
N GLU W 416 30.27 -32.98 21.85
CA GLU W 416 30.19 -34.27 21.21
C GLU W 416 29.05 -34.31 20.21
N VAL W 417 27.95 -33.62 20.51
CA VAL W 417 26.86 -33.53 19.55
C VAL W 417 27.32 -32.83 18.28
N GLN W 418 28.10 -31.77 18.43
CA GLN W 418 28.54 -31.06 17.24
C GLN W 418 29.54 -31.86 16.43
N THR W 419 30.47 -32.56 17.09
CA THR W 419 31.35 -33.39 16.30
C THR W 419 30.63 -34.57 15.66
N TRP W 420 29.54 -35.04 16.27
CA TRP W 420 28.75 -36.08 15.62
C TRP W 420 28.09 -35.53 14.37
N LEU W 421 27.63 -34.29 14.43
CA LEU W 421 27.04 -33.68 13.26
C LEU W 421 28.07 -33.45 12.17
N GLN W 422 29.32 -33.20 12.55
CA GLN W 422 30.38 -33.16 11.54
C GLN W 422 30.56 -34.52 10.92
N GLN W 423 30.46 -35.57 11.73
CA GLN W 423 30.75 -36.91 11.26
C GLN W 423 29.70 -37.41 10.28
N ILE W 424 28.42 -37.23 10.60
CA ILE W 424 27.40 -37.78 9.71
C ILE W 424 27.20 -36.97 8.45
N GLY W 425 27.74 -35.76 8.37
CA GLY W 425 27.59 -34.97 7.19
C GLY W 425 26.56 -33.87 7.27
N PHE W 426 25.90 -33.70 8.40
CA PHE W 426 24.94 -32.60 8.54
C PHE W 426 25.61 -31.38 9.13
N SER W 427 26.75 -30.99 8.58
CA SER W 427 27.54 -29.93 9.18
C SER W 427 26.93 -28.56 8.99
N LYS W 428 25.89 -28.42 8.16
CA LYS W 428 25.32 -27.12 7.88
C LYS W 428 24.31 -26.73 8.95
N TYR W 429 24.02 -27.62 9.88
CA TYR W 429 23.09 -27.35 10.95
C TYR W 429 23.76 -27.21 12.30
N CYS W 430 25.10 -27.25 12.34
CA CYS W 430 25.82 -27.19 13.60
C CYS W 430 25.61 -25.88 14.34
N GLU W 431 25.24 -24.82 13.63
CA GLU W 431 24.96 -23.55 14.29
C GLU W 431 23.69 -23.63 15.12
N SER W 432 22.60 -24.11 14.51
CA SER W 432 21.32 -24.18 15.19
C SER W 432 21.37 -25.10 16.40
N PHE W 433 21.99 -26.27 16.25
CA PHE W 433 22.14 -27.19 17.36
C PHE W 433 23.01 -26.64 18.47
N ARG W 434 23.79 -25.59 18.21
CA ARG W 434 24.54 -24.92 19.25
C ARG W 434 23.76 -23.86 19.95
N GLU W 435 22.87 -23.18 19.24
CA GLU W 435 22.12 -22.08 19.84
C GLU W 435 21.10 -22.60 20.83
N GLN W 436 20.46 -23.71 20.49
CA GLN W 436 19.48 -24.33 21.36
C GLN W 436 20.11 -25.19 22.43
N GLN W 437 21.42 -25.39 22.39
CA GLN W 437 22.18 -26.18 23.36
C GLN W 437 21.67 -27.62 23.44
N VAL W 438 21.53 -28.25 22.28
CA VAL W 438 21.09 -29.65 22.25
C VAL W 438 22.22 -30.54 22.71
N ASP W 439 21.94 -31.40 23.68
CA ASP W 439 22.91 -32.36 24.17
C ASP W 439 22.33 -33.76 24.02
N GLY W 440 23.01 -34.74 24.60
CA GLY W 440 22.70 -36.14 24.31
C GLY W 440 21.31 -36.56 24.76
N ASP W 441 20.91 -36.15 25.96
CA ASP W 441 19.58 -36.46 26.43
C ASP W 441 18.52 -35.78 25.59
N LEU W 442 18.78 -34.57 25.14
CA LEU W 442 17.83 -33.89 24.29
C LEU W 442 17.92 -34.40 22.86
N LEU W 443 19.09 -34.89 22.46
CA LEU W 443 19.23 -35.46 21.13
C LEU W 443 18.42 -36.74 20.99
N LEU W 444 18.43 -37.58 22.01
CA LEU W 444 17.76 -38.86 21.88
C LEU W 444 16.26 -38.75 22.00
N ARG W 445 15.71 -37.57 22.23
CA ARG W 445 14.28 -37.39 22.39
C ARG W 445 13.73 -36.38 21.39
N LEU W 446 14.36 -36.26 20.23
CA LEU W 446 13.90 -35.33 19.23
C LEU W 446 12.71 -35.88 18.46
N THR W 447 11.78 -35.01 18.12
CA THR W 447 10.65 -35.34 17.28
C THR W 447 10.72 -34.47 16.03
N GLU W 448 9.72 -34.62 15.17
CA GLU W 448 9.73 -33.87 13.92
C GLU W 448 9.33 -32.42 14.10
N GLU W 449 8.60 -32.08 15.16
CA GLU W 449 8.21 -30.70 15.36
C GLU W 449 9.40 -29.85 15.79
N GLU W 450 10.26 -30.41 16.65
CA GLU W 450 11.46 -29.67 17.03
C GLU W 450 12.42 -29.53 15.86
N LEU W 451 12.47 -30.52 14.98
CA LEU W 451 13.33 -30.42 13.81
C LEU W 451 12.80 -29.37 12.86
N GLN W 452 11.51 -29.43 12.56
CA GLN W 452 10.96 -28.59 11.51
C GLN W 452 10.83 -27.14 11.95
N THR W 453 10.30 -26.92 13.16
CA THR W 453 9.95 -25.56 13.55
C THR W 453 11.18 -24.74 13.90
N ASP W 454 11.97 -25.19 14.86
CA ASP W 454 13.02 -24.36 15.42
C ASP W 454 14.44 -24.77 15.09
N LEU W 455 14.68 -26.00 14.66
CA LEU W 455 16.01 -26.34 14.20
C LEU W 455 16.20 -26.09 12.72
N GLY W 456 15.12 -25.86 11.96
CA GLY W 456 15.22 -25.37 10.61
C GLY W 456 15.22 -26.40 9.51
N MET W 457 15.09 -27.69 9.82
CA MET W 457 15.04 -28.70 8.76
C MET W 457 13.65 -28.68 8.15
N LYS W 458 13.50 -27.89 7.08
CA LYS W 458 12.18 -27.71 6.50
C LYS W 458 11.76 -28.90 5.65
N SER W 459 12.65 -29.37 4.79
CA SER W 459 12.27 -30.37 3.80
C SER W 459 12.18 -31.76 4.41
N GLY W 460 11.12 -32.47 4.09
CA GLY W 460 10.90 -33.80 4.65
C GLY W 460 11.95 -34.81 4.28
N ILE W 461 12.59 -34.62 3.13
CA ILE W 461 13.68 -35.51 2.73
C ILE W 461 14.85 -35.37 3.67
N THR W 462 15.19 -34.14 4.07
CA THR W 462 16.31 -33.93 4.95
C THR W 462 16.03 -34.49 6.34
N ARG W 463 14.80 -34.34 6.81
CA ARG W 463 14.44 -34.92 8.10
C ARG W 463 14.46 -36.44 8.02
N LYS W 464 14.08 -37.01 6.88
CA LYS W 464 14.14 -38.45 6.73
C LYS W 464 15.57 -38.96 6.76
N ARG W 465 16.49 -38.24 6.12
CA ARG W 465 17.90 -38.62 6.20
C ARG W 465 18.44 -38.50 7.61
N PHE W 466 18.07 -37.42 8.30
CA PHE W 466 18.52 -37.23 9.67
C PHE W 466 18.03 -38.36 10.57
N PHE W 467 16.78 -38.75 10.42
CA PHE W 467 16.25 -39.80 11.26
C PHE W 467 16.86 -41.14 10.92
N ARG W 468 17.23 -41.36 9.65
CA ARG W 468 17.97 -42.56 9.29
C ARG W 468 19.28 -42.64 10.07
N GLU W 469 19.98 -41.52 10.14
CA GLU W 469 21.28 -41.51 10.83
C GLU W 469 21.08 -41.66 12.33
N LEU W 470 20.06 -41.00 12.87
CA LEU W 470 19.78 -41.07 14.30
C LEU W 470 19.44 -42.49 14.71
N THR W 471 18.56 -43.15 13.95
CA THR W 471 18.20 -44.52 14.32
C THR W 471 19.34 -45.49 14.06
N GLU W 472 20.33 -45.09 13.25
CA GLU W 472 21.50 -45.94 13.19
C GLU W 472 22.36 -45.76 14.43
N LEU W 473 22.43 -44.54 14.95
CA LEU W 473 23.18 -44.29 16.17
C LEU W 473 22.53 -44.94 17.39
N LYS W 474 21.21 -44.88 17.46
CA LYS W 474 20.50 -45.32 18.65
C LYS W 474 20.61 -46.82 18.87
N THR W 475 20.76 -47.59 17.80
CA THR W 475 20.91 -49.02 17.97
C THR W 475 22.29 -49.41 18.43
N PHE W 476 23.26 -48.49 18.36
CA PHE W 476 24.63 -48.78 18.71
C PHE W 476 25.11 -47.86 19.81
N ALA W 477 24.29 -47.62 20.82
CA ALA W 477 24.68 -46.77 21.94
C ALA W 477 24.92 -47.63 23.17
N ASN W 478 25.36 -46.99 24.24
CA ASN W 478 25.67 -47.67 25.49
C ASN W 478 24.79 -47.08 26.58
N TYR W 479 23.75 -47.82 26.95
CA TYR W 479 22.75 -47.35 27.90
C TYR W 479 23.02 -47.81 29.31
N SER W 480 24.24 -48.26 29.60
CA SER W 480 24.50 -48.91 30.89
C SER W 480 24.38 -47.95 32.06
N THR W 481 24.63 -46.65 31.84
CA THR W 481 24.56 -45.71 32.94
C THR W 481 23.13 -45.36 33.33
N CYS W 482 22.13 -45.82 32.59
CA CYS W 482 20.75 -45.47 32.90
C CYS W 482 19.79 -46.64 32.88
N ASP W 483 20.21 -47.81 32.43
CA ASP W 483 19.34 -48.97 32.30
C ASP W 483 19.73 -50.01 33.33
N ARG W 484 18.92 -50.13 34.38
CA ARG W 484 19.24 -51.05 35.47
C ARG W 484 18.83 -52.48 35.13
N SER W 485 17.60 -52.66 34.67
CA SER W 485 17.02 -53.98 34.44
C SER W 485 17.53 -54.66 33.18
N ASN W 486 18.52 -54.07 32.51
CA ASN W 486 19.09 -54.61 31.27
C ASN W 486 18.02 -54.81 30.21
N LEU W 487 17.30 -53.74 29.92
CA LEU W 487 16.22 -53.81 28.95
C LEU W 487 16.75 -53.92 27.53
N ALA W 488 17.93 -53.39 27.28
CA ALA W 488 18.49 -53.34 25.93
C ALA W 488 18.71 -54.74 25.37
N ASP W 489 19.24 -55.65 26.18
CA ASP W 489 19.43 -57.01 25.71
C ASP W 489 18.10 -57.71 25.47
N TRP W 490 17.10 -57.41 26.30
CA TRP W 490 15.78 -58.02 26.09
C TRP W 490 15.18 -57.56 24.78
N LEU W 491 15.38 -56.30 24.43
CA LEU W 491 14.88 -55.82 23.15
C LEU W 491 15.72 -56.34 21.99
N GLY W 492 17.01 -56.51 22.19
CA GLY W 492 17.86 -56.99 21.12
C GLY W 492 17.65 -58.46 20.82
N SER W 493 17.23 -59.23 21.82
CA SER W 493 16.98 -60.65 21.60
C SER W 493 15.80 -60.86 20.67
N LEU W 494 14.81 -59.97 20.71
CA LEU W 494 13.70 -60.06 19.77
C LEU W 494 14.18 -59.80 18.35
N ASP W 495 14.75 -58.64 18.13
CA ASP W 495 15.15 -58.18 16.81
C ASP W 495 16.21 -57.10 17.04
N PRO W 496 17.34 -57.15 16.35
CA PRO W 496 18.35 -56.10 16.52
C PRO W 496 17.86 -54.71 16.17
N ARG W 497 16.84 -54.59 15.32
CA ARG W 497 16.30 -53.28 14.99
C ARG W 497 15.54 -52.65 16.14
N PHE W 498 15.24 -53.41 17.19
CA PHE W 498 14.35 -52.95 18.24
C PHE W 498 15.08 -52.24 19.36
N ARG W 499 16.41 -52.39 19.41
CA ARG W 499 17.21 -51.83 20.48
C ARG W 499 17.10 -50.32 20.51
N GLN W 500 16.83 -49.70 19.36
CA GLN W 500 16.67 -48.26 19.26
C GLN W 500 15.55 -47.73 20.14
N TYR W 501 14.62 -48.55 20.60
CA TYR W 501 13.55 -48.01 21.40
C TYR W 501 13.87 -47.94 22.87
N THR W 502 15.03 -48.44 23.31
CA THR W 502 15.21 -48.67 24.75
C THR W 502 15.16 -47.39 25.56
N TYR W 503 15.64 -46.28 25.01
CA TYR W 503 15.66 -45.07 25.82
C TYR W 503 14.27 -44.52 26.01
N GLY W 504 13.40 -44.70 25.03
CA GLY W 504 12.02 -44.31 25.22
C GLY W 504 11.31 -45.13 26.25
N LEU W 505 11.77 -46.35 26.51
CA LEU W 505 11.16 -47.12 27.57
C LEU W 505 11.74 -46.78 28.93
N VAL W 506 12.93 -46.23 29.01
CA VAL W 506 13.52 -46.05 30.34
C VAL W 506 13.20 -44.67 30.88
N SER W 507 13.35 -43.64 30.06
CA SER W 507 13.01 -42.29 30.47
C SER W 507 11.54 -42.17 30.87
N CYS W 508 10.66 -42.94 30.23
CA CYS W 508 9.27 -42.94 30.65
C CYS W 508 9.08 -43.71 31.95
N GLY W 509 10.00 -44.60 32.30
CA GLY W 509 9.93 -45.21 33.61
C GLY W 509 9.93 -46.72 33.66
N LEU W 510 9.68 -47.38 32.53
CA LEU W 510 9.48 -48.82 32.51
C LEU W 510 10.77 -49.57 32.86
N ASP W 511 10.62 -50.87 33.06
CA ASP W 511 11.73 -51.78 33.29
C ASP W 511 11.23 -53.19 32.99
N ARG W 512 12.13 -54.16 33.12
CA ARG W 512 11.81 -55.52 32.72
C ARG W 512 10.74 -56.16 33.59
N SER W 513 10.65 -55.75 34.85
CA SER W 513 9.70 -56.38 35.75
C SER W 513 8.27 -55.92 35.48
N LEU W 514 8.06 -54.61 35.39
CA LEU W 514 6.73 -54.05 35.27
C LEU W 514 6.36 -53.76 33.82
N LEU W 515 7.07 -54.36 32.87
CA LEU W 515 6.76 -54.15 31.47
C LEU W 515 5.49 -54.87 31.06
N HIS W 516 5.17 -55.97 31.73
CA HIS W 516 4.19 -56.93 31.25
C HIS W 516 2.76 -56.45 31.34
N ARG W 517 2.50 -55.20 31.71
CA ARG W 517 1.12 -54.74 31.81
C ARG W 517 0.99 -53.35 31.23
N VAL W 518 1.62 -53.11 30.10
CA VAL W 518 1.50 -51.85 29.41
C VAL W 518 0.53 -52.06 28.26
N SER W 519 -0.16 -51.00 27.87
CA SER W 519 -1.09 -51.07 26.76
C SER W 519 -0.45 -50.50 25.51
N GLU W 520 -1.08 -50.77 24.36
CA GLU W 520 -0.59 -50.25 23.10
C GLU W 520 -0.68 -48.74 23.07
N GLN W 521 -1.79 -48.19 23.57
CA GLN W 521 -1.98 -46.75 23.54
C GLN W 521 -0.99 -46.05 24.44
N GLN W 522 -0.39 -46.75 25.39
CA GLN W 522 0.71 -46.16 26.15
C GLN W 522 2.02 -46.26 25.40
N LEU W 523 2.20 -47.32 24.62
CA LEU W 523 3.38 -47.44 23.79
C LEU W 523 3.42 -46.44 22.65
N LEU W 524 2.27 -45.92 22.24
CA LEU W 524 2.30 -45.07 21.05
C LEU W 524 2.85 -43.68 21.36
N GLU W 525 2.30 -42.98 22.35
CA GLU W 525 2.75 -41.61 22.56
C GLU W 525 3.75 -41.44 23.69
N ASP W 526 3.82 -42.38 24.64
CA ASP W 526 4.83 -42.21 25.68
C ASP W 526 6.19 -42.72 25.25
N CYS W 527 6.25 -43.96 24.79
CA CYS W 527 7.52 -44.53 24.38
C CYS W 527 7.91 -44.14 22.96
N GLY W 528 7.05 -43.42 22.24
CA GLY W 528 7.40 -42.93 20.93
C GLY W 528 7.59 -43.97 19.86
N ILE W 529 6.91 -45.11 19.96
CA ILE W 529 6.97 -46.13 18.93
C ILE W 529 5.90 -45.82 17.91
N HIS W 530 6.27 -45.72 16.64
CA HIS W 530 5.35 -45.29 15.61
C HIS W 530 4.85 -46.42 14.73
N LEU W 531 5.71 -47.36 14.35
CA LEU W 531 5.28 -48.45 13.50
C LEU W 531 4.38 -49.40 14.27
N GLY W 532 3.20 -49.66 13.72
CA GLY W 532 2.27 -50.57 14.36
C GLY W 532 2.80 -51.98 14.49
N VAL W 533 3.61 -52.41 13.54
CA VAL W 533 4.15 -53.77 13.56
C VAL W 533 5.07 -53.95 14.76
N HIS W 534 5.88 -52.94 15.04
CA HIS W 534 6.80 -53.05 16.15
C HIS W 534 6.07 -53.00 17.48
N ARG W 535 5.02 -52.18 17.57
CA ARG W 535 4.17 -52.18 18.76
C ARG W 535 3.55 -53.54 18.99
N ALA W 536 3.04 -54.16 17.93
CA ALA W 536 2.38 -55.45 18.08
C ALA W 536 3.35 -56.53 18.50
N ARG W 537 4.53 -56.55 17.89
CA ARG W 537 5.52 -57.58 18.24
C ARG W 537 6.01 -57.41 19.67
N ILE W 538 6.20 -56.15 20.09
CA ILE W 538 6.65 -55.90 21.44
C ILE W 538 5.58 -56.26 22.44
N LEU W 539 4.33 -55.96 22.12
CA LEU W 539 3.23 -56.29 23.02
C LEU W 539 3.09 -57.80 23.20
N THR W 540 3.13 -58.55 22.11
CA THR W 540 2.97 -60.00 22.24
C THR W 540 4.16 -60.62 22.97
N ALA W 541 5.37 -60.13 22.70
CA ALA W 541 6.53 -60.72 23.34
C ALA W 541 6.62 -60.35 24.81
N ALA W 542 6.09 -59.20 25.19
CA ALA W 542 6.09 -58.82 26.59
C ALA W 542 4.99 -59.56 27.33
N ARG W 543 3.82 -59.65 26.71
CA ARG W 543 2.66 -60.20 27.36
C ARG W 543 2.79 -61.71 27.50
N GLU W 544 3.60 -62.32 26.63
CA GLU W 544 3.92 -63.73 26.79
C GLU W 544 4.74 -63.98 28.04
N MET W 545 5.67 -63.07 28.37
CA MET W 545 6.41 -63.16 29.62
C MET W 545 5.54 -62.47 30.68
N LEU W 546 4.50 -63.19 31.10
CA LEU W 546 3.42 -62.57 31.86
C LEU W 546 3.77 -62.37 33.32
N HIS W 547 3.96 -63.46 34.06
CA HIS W 547 4.12 -63.43 35.51
C HIS W 547 5.30 -64.30 35.90
N SER W 548 6.43 -64.08 35.24
CA SER W 548 7.63 -64.87 35.51
C SER W 548 8.12 -64.82 36.95
N PRO W 549 8.11 -63.67 37.67
CA PRO W 549 8.48 -63.84 39.08
C PRO W 549 7.31 -64.33 39.92
N MET X 1 39.98 -48.51 31.21
CA MET X 1 38.88 -48.65 30.27
C MET X 1 38.99 -47.56 29.20
N ALA X 2 39.31 -46.34 29.63
CA ALA X 2 39.45 -45.22 28.71
C ALA X 2 40.58 -45.50 27.73
N VAL X 3 40.22 -45.62 26.45
CA VAL X 3 41.21 -45.92 25.42
C VAL X 3 42.10 -44.71 25.19
N GLN X 4 43.38 -44.97 24.98
CA GLN X 4 44.34 -43.93 24.66
C GLN X 4 44.75 -44.08 23.20
N LEU X 5 44.78 -42.97 22.48
CA LEU X 5 45.19 -42.96 21.09
C LEU X 5 46.48 -42.16 20.96
N VAL X 6 47.40 -42.64 20.12
CA VAL X 6 48.64 -41.95 19.84
C VAL X 6 48.84 -41.90 18.34
N GLU X 7 49.21 -40.74 17.82
CA GLU X 7 49.41 -40.57 16.40
C GLU X 7 50.89 -40.65 16.06
N SER X 8 51.17 -40.73 14.76
CA SER X 8 52.54 -40.73 14.25
C SER X 8 52.48 -40.40 12.78
N GLY X 9 53.59 -39.82 12.30
CA GLY X 9 53.68 -39.30 10.95
C GLY X 9 53.92 -37.80 10.97
N GLY X 10 53.21 -37.09 10.10
CA GLY X 10 53.25 -35.65 10.15
C GLY X 10 54.52 -35.07 9.54
N GLY X 11 54.81 -33.83 9.93
CA GLY X 11 55.99 -33.15 9.43
C GLY X 11 55.67 -32.29 8.23
N LEU X 12 56.49 -32.39 7.19
CA LEU X 12 56.38 -31.50 6.05
C LEU X 12 56.78 -32.22 4.78
N VAL X 13 56.15 -31.83 3.69
CA VAL X 13 56.43 -32.33 2.35
C VAL X 13 56.26 -31.21 1.35
N GLN X 14 56.48 -31.51 0.10
CA GLN X 14 56.33 -30.59 -1.01
C GLN X 14 54.95 -30.71 -1.62
N PRO X 15 54.46 -29.67 -2.30
CA PRO X 15 53.17 -29.78 -2.99
C PRO X 15 53.23 -30.86 -4.06
N GLY X 16 52.31 -31.79 -3.98
CA GLY X 16 52.39 -33.01 -4.76
C GLY X 16 53.25 -33.99 -4.01
N GLY X 17 52.73 -35.18 -3.73
CA GLY X 17 53.49 -36.13 -2.94
C GLY X 17 52.63 -36.77 -1.87
N SER X 18 53.01 -37.95 -1.43
CA SER X 18 52.19 -38.75 -0.53
C SER X 18 52.77 -38.75 0.88
N LEU X 19 51.94 -39.21 1.82
CA LEU X 19 52.32 -39.35 3.22
C LEU X 19 51.35 -40.34 3.85
N ARG X 20 51.77 -40.96 4.93
CA ARG X 20 50.92 -41.88 5.66
C ARG X 20 50.98 -41.60 7.15
N LEU X 21 49.82 -41.45 7.76
CA LEU X 21 49.69 -41.21 9.18
C LEU X 21 49.16 -42.46 9.86
N SER X 22 49.62 -42.69 11.08
CA SER X 22 49.23 -43.88 11.82
C SER X 22 48.66 -43.46 13.16
N CYS X 23 47.68 -44.24 13.64
CA CYS X 23 47.07 -43.98 14.94
C CYS X 23 46.89 -45.31 15.66
N ALA X 24 47.53 -45.44 16.82
CA ALA X 24 47.54 -46.68 17.58
C ALA X 24 46.76 -46.51 18.87
N ALA X 25 46.01 -47.54 19.22
CA ALA X 25 45.09 -47.53 20.35
C ALA X 25 45.60 -48.46 21.45
N SER X 26 44.88 -48.46 22.57
CA SER X 26 45.25 -49.26 23.71
C SER X 26 44.59 -50.63 23.74
N VAL X 27 43.53 -50.83 22.96
CA VAL X 27 42.79 -52.07 22.93
C VAL X 27 42.71 -52.52 21.48
N SER X 28 41.98 -53.60 21.26
CA SER X 28 41.74 -54.05 19.89
C SER X 28 40.88 -53.05 19.17
N ILE X 29 41.29 -52.67 17.96
CA ILE X 29 40.47 -51.74 17.17
C ILE X 29 39.17 -52.40 16.78
N SER X 30 39.16 -53.72 16.57
CA SER X 30 37.99 -54.43 16.09
C SER X 30 36.83 -54.42 17.08
N ARG X 31 37.01 -53.88 18.28
CA ARG X 31 35.92 -53.70 19.22
C ARG X 31 35.26 -52.35 19.11
N ILE X 32 35.98 -51.37 18.58
CA ILE X 32 35.49 -50.00 18.54
C ILE X 32 34.49 -49.86 17.41
N TYR X 33 33.41 -49.13 17.66
CA TYR X 33 32.35 -48.99 16.67
C TYR X 33 32.82 -48.17 15.48
N VAL X 34 33.16 -46.91 15.68
CA VAL X 34 33.64 -46.07 14.61
C VAL X 34 34.97 -45.45 15.01
N MET X 35 35.81 -45.22 13.99
CA MET X 35 37.02 -44.42 14.18
C MET X 35 37.11 -43.42 13.04
N ALA X 36 37.80 -42.32 13.29
CA ALA X 36 37.74 -41.23 12.34
C ALA X 36 38.99 -40.37 12.45
N TRP X 37 39.28 -39.64 11.38
CA TRP X 37 40.38 -38.70 11.33
C TRP X 37 39.78 -37.31 11.16
N TYR X 38 40.35 -36.33 11.85
CA TYR X 38 39.84 -34.97 11.83
C TYR X 38 40.98 -34.02 11.52
N ARG X 39 40.62 -32.85 11.03
CA ARG X 39 41.60 -31.91 10.49
C ARG X 39 41.21 -30.52 10.95
N GLN X 40 42.13 -29.82 11.61
CA GLN X 40 41.87 -28.45 12.03
C GLN X 40 42.96 -27.54 11.50
N ALA X 41 42.59 -26.65 10.61
CA ALA X 41 43.45 -25.64 10.03
C ALA X 41 43.53 -24.44 10.97
N PRO X 42 44.66 -23.74 10.98
CA PRO X 42 44.77 -22.55 11.82
C PRO X 42 43.80 -21.47 11.36
N GLY X 43 43.03 -20.95 12.30
CA GLY X 43 42.06 -19.93 12.01
C GLY X 43 40.66 -20.43 11.66
N LYS X 44 40.42 -21.73 11.71
CA LYS X 44 39.10 -22.29 11.46
C LYS X 44 38.83 -23.40 12.47
N GLN X 45 37.66 -24.01 12.34
CA GLN X 45 37.22 -25.07 13.24
C GLN X 45 37.53 -26.43 12.62
N ARG X 46 37.30 -27.47 13.41
CA ARG X 46 37.62 -28.82 12.97
C ARG X 46 36.68 -29.27 11.87
N GLU X 47 37.08 -30.33 11.19
CA GLU X 47 36.22 -30.98 10.21
C GLU X 47 36.70 -32.41 10.03
N VAL X 48 35.85 -33.21 9.47
CA VAL X 48 36.13 -34.62 9.29
C VAL X 48 36.84 -34.82 7.96
N VAL X 49 37.69 -35.84 7.89
CA VAL X 49 38.29 -36.21 6.60
C VAL X 49 38.09 -37.68 6.25
N ALA X 50 37.88 -38.58 7.22
CA ALA X 50 37.58 -39.97 6.92
C ALA X 50 36.99 -40.63 8.15
N VAL X 51 36.06 -41.57 7.93
CA VAL X 51 35.52 -42.39 9.00
C VAL X 51 35.55 -43.85 8.54
N ILE X 52 35.45 -44.75 9.51
CA ILE X 52 35.42 -46.18 9.22
C ILE X 52 34.75 -46.90 10.37
N ARG X 53 33.84 -47.82 10.05
CA ARG X 53 33.05 -48.51 11.05
C ARG X 53 33.65 -49.88 11.35
N TYR X 54 32.95 -50.64 12.18
CA TYR X 54 33.42 -51.97 12.57
C TYR X 54 33.42 -52.93 11.40
N ASP X 55 32.52 -52.74 10.45
CA ASP X 55 32.43 -53.61 9.29
C ASP X 55 33.24 -53.09 8.12
N GLY X 56 34.02 -52.04 8.32
CA GLY X 56 34.87 -51.52 7.26
C GLY X 56 34.16 -50.87 6.10
N THR X 57 33.16 -50.05 6.37
CA THR X 57 32.58 -49.19 5.35
C THR X 57 32.99 -47.76 5.65
N THR X 58 33.51 -47.07 4.64
CA THR X 58 34.15 -45.78 4.84
C THR X 58 33.42 -44.70 4.06
N ASN X 59 33.40 -43.51 4.64
CA ASN X 59 32.81 -42.34 4.02
C ASN X 59 33.83 -41.23 3.98
N TYR X 60 33.89 -40.54 2.85
CA TYR X 60 34.79 -39.42 2.71
C TYR X 60 34.00 -38.19 2.32
N PRO X 61 34.44 -37.00 2.72
CA PRO X 61 33.82 -35.79 2.20
C PRO X 61 34.18 -35.61 0.74
N ASP X 62 33.39 -34.78 0.06
CA ASP X 62 33.60 -34.55 -1.36
C ASP X 62 34.92 -33.84 -1.64
N SER X 63 35.45 -33.10 -0.67
CA SER X 63 36.66 -32.33 -0.89
C SER X 63 37.87 -33.21 -1.17
N VAL X 64 37.95 -34.39 -0.56
CA VAL X 64 39.16 -35.18 -0.60
C VAL X 64 38.91 -36.57 -1.16
N LYS X 65 37.81 -36.76 -1.89
CA LYS X 65 37.54 -38.04 -2.49
C LYS X 65 38.55 -38.36 -3.57
N GLY X 66 39.05 -39.60 -3.56
CA GLY X 66 40.05 -40.01 -4.50
C GLY X 66 41.47 -39.73 -4.09
N ARG X 67 41.69 -38.81 -3.16
CA ARG X 67 43.03 -38.46 -2.75
C ARG X 67 43.46 -39.07 -1.42
N PHE X 68 42.51 -39.43 -0.56
CA PHE X 68 42.83 -40.02 0.73
C PHE X 68 42.29 -41.44 0.80
N THR X 69 42.78 -42.19 1.78
CA THR X 69 42.32 -43.57 1.97
C THR X 69 42.61 -44.02 3.40
N ILE X 70 41.58 -44.50 4.09
CA ILE X 70 41.69 -44.92 5.48
C ILE X 70 41.55 -46.44 5.57
N SER X 71 42.38 -47.06 6.40
CA SER X 71 42.26 -48.50 6.57
C SER X 71 42.62 -48.95 7.97
N ARG X 72 41.99 -50.04 8.39
CA ARG X 72 42.28 -50.71 9.66
C ARG X 72 43.40 -51.71 9.42
N ASP X 73 44.26 -51.89 10.41
CA ASP X 73 45.23 -52.98 10.37
C ASP X 73 45.01 -53.83 11.60
N ASN X 74 44.65 -55.08 11.40
CA ASN X 74 44.30 -55.95 12.50
C ASN X 74 45.49 -56.65 13.12
N ALA X 75 46.66 -56.61 12.48
CA ALA X 75 47.84 -57.25 13.05
C ALA X 75 48.27 -56.54 14.33
N LYS X 76 48.53 -55.25 14.22
CA LYS X 76 48.75 -54.39 15.38
C LYS X 76 47.69 -53.31 15.34
N ASN X 77 47.15 -52.97 16.50
CA ASN X 77 45.98 -52.10 16.57
C ASN X 77 46.38 -50.72 16.09
N THR X 78 46.08 -50.43 14.82
CA THR X 78 46.52 -49.20 14.20
C THR X 78 45.66 -48.91 12.98
N VAL X 79 45.13 -47.70 12.91
CA VAL X 79 44.40 -47.22 11.74
C VAL X 79 45.30 -46.27 10.97
N TYR X 80 45.35 -46.47 9.65
CA TYR X 80 46.20 -45.72 8.76
C TYR X 80 45.39 -44.76 7.91
N LEU X 81 45.98 -43.60 7.63
CA LEU X 81 45.47 -42.66 6.64
C LEU X 81 46.55 -42.43 5.60
N GLN X 82 46.18 -42.55 4.33
CA GLN X 82 47.10 -42.41 3.21
C GLN X 82 46.68 -41.21 2.39
N MET X 83 47.61 -40.27 2.22
CA MET X 83 47.37 -38.98 1.58
C MET X 83 48.22 -38.96 0.32
N ASN X 84 47.58 -39.07 -0.85
CA ASN X 84 48.34 -39.34 -2.07
C ASN X 84 48.74 -38.08 -2.81
N SER X 85 47.77 -37.28 -3.24
CA SER X 85 48.04 -36.08 -4.01
C SER X 85 47.72 -34.88 -3.14
N LEU X 86 48.73 -34.11 -2.79
CA LEU X 86 48.57 -33.06 -1.81
C LEU X 86 48.50 -31.70 -2.48
N LYS X 87 47.76 -30.81 -1.84
CA LYS X 87 47.55 -29.44 -2.25
C LYS X 87 48.22 -28.52 -1.26
N PRO X 88 48.34 -27.22 -1.55
CA PRO X 88 48.89 -26.31 -0.54
C PRO X 88 47.95 -26.08 0.62
N GLU X 89 46.65 -26.13 0.41
CA GLU X 89 45.70 -25.86 1.50
C GLU X 89 45.50 -27.05 2.42
N ASP X 90 46.13 -28.19 2.16
CA ASP X 90 45.98 -29.35 3.02
C ASP X 90 47.05 -29.38 4.10
N THR X 91 47.19 -28.26 4.81
CA THR X 91 48.16 -28.14 5.89
C THR X 91 47.43 -27.74 7.15
N ALA X 92 47.57 -28.55 8.20
CA ALA X 92 46.76 -28.38 9.40
C ALA X 92 47.29 -29.31 10.47
N VAL X 93 46.62 -29.31 11.63
CA VAL X 93 46.88 -30.33 12.63
C VAL X 93 45.82 -31.41 12.48
N TYR X 94 46.26 -32.66 12.55
CA TYR X 94 45.37 -33.78 12.35
C TYR X 94 45.20 -34.55 13.65
N TYR X 95 43.98 -35.02 13.89
CA TYR X 95 43.65 -35.74 15.11
C TYR X 95 43.01 -37.08 14.79
N CYS X 96 43.26 -38.04 15.67
CA CYS X 96 42.65 -39.35 15.64
C CYS X 96 41.50 -39.39 16.63
N ASN X 97 40.41 -40.03 16.24
CA ASN X 97 39.21 -40.03 17.06
C ASN X 97 38.65 -41.43 17.17
N ALA X 98 38.44 -41.88 18.41
CA ALA X 98 37.69 -43.09 18.72
C ALA X 98 36.23 -42.71 18.71
N ASN X 99 35.36 -43.50 19.37
CA ASN X 99 33.92 -43.57 19.11
C ASN X 99 33.27 -42.24 18.83
N VAL X 100 33.13 -41.37 19.82
CA VAL X 100 33.01 -39.94 19.54
C VAL X 100 33.88 -39.18 20.53
N GLU X 101 33.75 -39.54 21.80
CA GLU X 101 34.27 -38.72 22.90
C GLU X 101 35.78 -38.58 22.86
N THR X 102 36.49 -39.69 22.83
CA THR X 102 37.93 -39.65 23.05
C THR X 102 38.66 -39.12 21.84
N TRP X 103 39.63 -38.25 22.10
CA TRP X 103 40.47 -37.63 21.09
C TRP X 103 41.91 -38.07 21.24
N GLY X 104 42.71 -37.74 20.24
CA GLY X 104 44.14 -37.82 20.32
C GLY X 104 44.74 -36.48 20.68
N GLN X 105 46.03 -36.33 20.40
CA GLN X 105 46.68 -35.06 20.66
C GLN X 105 47.05 -34.29 19.40
N GLY X 106 47.13 -34.95 18.25
CA GLY X 106 47.31 -34.26 17.00
C GLY X 106 48.75 -34.30 16.52
N THR X 107 48.91 -34.08 15.21
CA THR X 107 50.21 -34.03 14.53
C THR X 107 50.12 -32.95 13.47
N GLN X 108 51.16 -32.13 13.38
CA GLN X 108 51.17 -31.01 12.44
C GLN X 108 51.62 -31.52 11.09
N VAL X 109 50.99 -31.00 10.03
CA VAL X 109 51.31 -31.39 8.67
C VAL X 109 51.36 -30.14 7.80
N THR X 110 52.48 -29.96 7.08
CA THR X 110 52.69 -28.77 6.27
C THR X 110 53.24 -29.14 4.89
N VAL X 111 52.90 -28.30 3.92
CA VAL X 111 53.23 -28.54 2.51
C VAL X 111 53.86 -27.29 1.89
N SER X 112 55.15 -27.37 1.60
CA SER X 112 55.90 -26.28 0.95
C SER X 112 57.26 -26.84 0.52
N SER X 113 58.15 -25.95 0.08
CA SER X 113 59.52 -26.29 -0.29
C SER X 113 60.28 -26.94 0.86
N PRO Y 324 15.52 -83.19 -36.91
CA PRO Y 324 15.87 -82.92 -38.31
C PRO Y 324 15.21 -81.65 -38.83
N ASP Y 325 14.75 -81.70 -40.09
CA ASP Y 325 14.10 -80.56 -40.71
C ASP Y 325 12.65 -80.39 -40.26
N ASP Y 326 12.04 -81.46 -39.74
CA ASP Y 326 10.70 -81.38 -39.18
C ASP Y 326 10.68 -80.51 -37.94
N LEU Y 327 11.75 -80.58 -37.15
CA LEU Y 327 11.88 -79.80 -35.93
C LEU Y 327 11.94 -78.31 -36.21
N GLN Y 328 12.49 -77.93 -37.36
CA GLN Y 328 12.54 -76.52 -37.76
C GLN Y 328 11.17 -75.89 -37.90
N ARG Y 329 10.14 -76.66 -38.27
CA ARG Y 329 8.81 -76.08 -38.30
C ARG Y 329 8.29 -75.71 -36.91
N LEU Y 330 8.76 -76.39 -35.86
CA LEU Y 330 8.32 -76.07 -34.50
C LEU Y 330 9.17 -75.00 -33.85
N VAL Y 331 10.08 -74.37 -34.59
CA VAL Y 331 11.00 -73.36 -34.05
C VAL Y 331 10.39 -71.96 -34.01
N PRO Y 332 9.64 -71.47 -35.00
CA PRO Y 332 9.02 -70.15 -34.80
C PRO Y 332 7.64 -70.18 -34.15
N LEU Y 333 6.97 -71.33 -34.09
CA LEU Y 333 5.62 -71.39 -33.52
C LEU Y 333 5.55 -70.80 -32.11
N LEU Y 334 6.64 -70.90 -31.35
CA LEU Y 334 6.72 -70.38 -29.98
C LEU Y 334 6.50 -68.87 -29.92
N ASP Y 335 6.74 -68.15 -31.02
CA ASP Y 335 6.55 -66.71 -31.07
C ASP Y 335 5.07 -66.30 -31.14
N SER Y 336 4.15 -67.25 -31.02
CA SER Y 336 2.73 -66.98 -31.16
C SER Y 336 2.21 -66.08 -30.04
N ASN Y 337 1.12 -65.38 -30.34
CA ASN Y 337 0.51 -64.48 -29.38
C ASN Y 337 -0.32 -65.24 -28.35
N ARG Y 338 -1.00 -66.29 -28.76
CA ARG Y 338 -1.89 -67.03 -27.88
C ARG Y 338 -1.10 -68.02 -27.02
N LEU Y 339 -1.75 -68.45 -25.94
CA LEU Y 339 -1.08 -69.28 -24.95
C LEU Y 339 -1.01 -70.75 -25.37
N GLU Y 340 -2.10 -71.29 -25.91
CA GLU Y 340 -2.20 -72.73 -26.16
C GLU Y 340 -1.17 -73.22 -27.16
N ALA Y 341 -0.88 -72.42 -28.19
CA ALA Y 341 0.15 -72.79 -29.16
C ALA Y 341 1.51 -72.93 -28.49
N GLN Y 342 1.86 -71.96 -27.64
CA GLN Y 342 3.12 -72.00 -26.90
C GLN Y 342 3.17 -73.21 -25.98
N CYS Y 343 2.05 -73.49 -25.29
CA CYS Y 343 1.98 -74.62 -24.37
C CYS Y 343 2.20 -75.95 -25.08
N ILE Y 344 1.52 -76.16 -26.21
CA ILE Y 344 1.64 -77.45 -26.86
C ILE Y 344 3.01 -77.59 -27.52
N GLY Y 345 3.57 -76.48 -28.04
CA GLY Y 345 4.90 -76.57 -28.62
C GLY Y 345 5.93 -76.95 -27.57
N ALA Y 346 5.81 -76.36 -26.39
CA ALA Y 346 6.74 -76.68 -25.31
C ALA Y 346 6.56 -78.11 -24.84
N PHE Y 347 5.30 -78.58 -24.73
CA PHE Y 347 5.07 -79.96 -24.34
C PHE Y 347 5.72 -80.92 -25.32
N TYR Y 348 5.52 -80.71 -26.63
CA TYR Y 348 6.14 -81.59 -27.63
C TYR Y 348 7.66 -81.58 -27.53
N LEU Y 349 8.28 -80.40 -27.62
CA LEU Y 349 9.75 -80.35 -27.60
C LEU Y 349 10.31 -80.95 -26.33
N CYS Y 350 9.74 -80.63 -25.17
CA CYS Y 350 10.23 -81.19 -23.93
C CYS Y 350 10.06 -82.71 -23.88
N ALA Y 351 8.94 -83.22 -24.42
CA ALA Y 351 8.70 -84.66 -24.42
C ALA Y 351 9.68 -85.40 -25.31
N GLU Y 352 9.96 -84.87 -26.52
CA GLU Y 352 10.94 -85.57 -27.33
C GLU Y 352 12.36 -85.34 -26.82
N ALA Y 353 12.60 -84.25 -26.08
CA ALA Y 353 13.90 -84.11 -25.44
C ALA Y 353 14.08 -85.20 -24.39
N ALA Y 354 13.05 -85.43 -23.58
CA ALA Y 354 13.10 -86.51 -22.60
C ALA Y 354 13.26 -87.87 -23.26
N ILE Y 355 12.68 -88.05 -24.46
CA ILE Y 355 12.85 -89.30 -25.20
C ILE Y 355 14.27 -89.46 -25.71
N LYS Y 356 14.83 -88.43 -26.35
CA LYS Y 356 16.15 -88.45 -26.97
C LYS Y 356 17.28 -88.22 -25.98
N SER Y 357 16.95 -88.02 -24.70
CA SER Y 357 17.95 -87.70 -23.69
C SER Y 357 18.76 -88.90 -23.23
N LEU Y 358 18.15 -90.09 -23.12
CA LEU Y 358 18.89 -91.22 -22.59
C LEU Y 358 19.90 -91.74 -23.62
N GLN Y 359 19.57 -91.74 -24.91
CA GLN Y 359 20.55 -92.12 -25.91
C GLN Y 359 21.66 -91.07 -26.00
N GLY Y 360 22.63 -91.32 -26.87
CA GLY Y 360 23.72 -90.40 -27.05
C GLY Y 360 23.34 -89.19 -27.89
N LYS Y 361 22.28 -89.28 -28.70
CA LYS Y 361 22.04 -88.16 -29.60
C LYS Y 361 21.27 -87.05 -28.89
N THR Y 362 22.06 -86.07 -28.43
CA THR Y 362 21.60 -84.80 -27.89
C THR Y 362 22.07 -83.63 -28.73
N LYS Y 363 22.86 -83.91 -29.78
CA LYS Y 363 23.50 -82.90 -30.61
C LYS Y 363 22.55 -82.30 -31.64
N VAL Y 364 21.39 -82.94 -31.86
CA VAL Y 364 20.37 -82.36 -32.72
C VAL Y 364 19.88 -81.03 -32.16
N PHE Y 365 19.68 -80.94 -30.84
CA PHE Y 365 19.29 -79.66 -30.24
C PHE Y 365 20.36 -78.59 -30.44
N SER Y 366 21.63 -78.99 -30.51
CA SER Y 366 22.70 -78.04 -30.76
C SER Y 366 22.59 -77.46 -32.17
N ASP Y 367 22.72 -78.31 -33.19
CA ASP Y 367 22.84 -77.77 -34.55
C ASP Y 367 21.52 -77.26 -35.13
N ILE Y 368 20.36 -77.55 -34.52
CA ILE Y 368 19.13 -76.93 -35.00
C ILE Y 368 18.84 -75.59 -34.34
N GLY Y 369 19.59 -75.22 -33.30
CA GLY Y 369 19.44 -73.92 -32.69
C GLY Y 369 18.19 -73.70 -31.87
N ALA Y 370 17.52 -74.76 -31.43
CA ALA Y 370 16.35 -74.58 -30.57
C ALA Y 370 16.75 -74.16 -29.16
N ILE Y 371 17.96 -74.56 -28.73
CA ILE Y 371 18.47 -74.23 -27.39
C ILE Y 371 18.56 -72.72 -27.22
N GLN Y 372 18.83 -71.98 -28.30
CA GLN Y 372 18.95 -70.53 -28.19
C GLN Y 372 17.60 -69.91 -27.84
N SER Y 373 16.53 -70.38 -28.49
CA SER Y 373 15.20 -69.86 -28.20
C SER Y 373 14.75 -70.27 -26.80
N LEU Y 374 15.09 -71.49 -26.38
CA LEU Y 374 14.77 -71.92 -25.02
C LEU Y 374 15.51 -71.08 -23.98
N LYS Y 375 16.82 -70.87 -24.16
CA LYS Y 375 17.58 -70.01 -23.25
C LYS Y 375 17.08 -68.58 -23.30
N ARG Y 376 16.46 -68.18 -24.40
CA ARG Y 376 15.83 -66.86 -24.49
C ARG Y 376 14.60 -66.79 -23.59
N LEU Y 377 13.61 -67.65 -23.84
CA LEU Y 377 12.27 -67.43 -23.31
C LEU Y 377 12.10 -67.79 -21.83
N VAL Y 378 13.09 -68.40 -21.20
CA VAL Y 378 12.92 -68.82 -19.81
C VAL Y 378 12.96 -67.61 -18.86
N SER Y 379 13.78 -66.62 -19.17
CA SER Y 379 13.84 -65.41 -18.36
C SER Y 379 12.76 -64.44 -18.79
N TYR Y 380 12.25 -63.69 -17.82
CA TYR Y 380 11.12 -62.76 -18.00
C TYR Y 380 9.92 -63.46 -18.62
N SER Y 381 9.39 -64.44 -17.89
CA SER Y 381 8.19 -65.14 -18.32
C SER Y 381 7.36 -65.46 -17.10
N THR Y 382 6.10 -65.02 -17.12
CA THR Y 382 5.17 -65.29 -16.04
C THR Y 382 4.12 -66.24 -16.61
N ASN Y 383 4.48 -67.52 -16.65
CA ASN Y 383 3.61 -68.55 -17.21
C ASN Y 383 4.14 -69.85 -16.62
N GLY Y 384 3.42 -70.42 -15.65
CA GLY Y 384 3.95 -71.56 -14.91
C GLY Y 384 4.16 -72.80 -15.75
N THR Y 385 3.21 -73.09 -16.65
CA THR Y 385 3.33 -74.28 -17.48
C THR Y 385 4.50 -74.20 -18.47
N LYS Y 386 4.55 -73.15 -19.32
CA LYS Y 386 5.59 -73.11 -20.36
C LYS Y 386 6.98 -72.95 -19.74
N SER Y 387 7.12 -72.09 -18.72
CA SER Y 387 8.41 -71.91 -18.09
C SER Y 387 8.85 -73.17 -17.37
N ALA Y 388 7.92 -73.85 -16.69
CA ALA Y 388 8.27 -75.10 -16.02
C ALA Y 388 8.71 -76.16 -17.04
N LEU Y 389 8.03 -76.21 -18.19
CA LEU Y 389 8.39 -77.16 -19.23
C LEU Y 389 9.75 -76.83 -19.83
N ALA Y 390 10.01 -75.54 -20.05
CA ALA Y 390 11.30 -75.13 -20.59
C ALA Y 390 12.41 -75.45 -19.61
N LYS Y 391 12.16 -75.27 -18.32
CA LYS Y 391 13.16 -75.61 -17.31
C LYS Y 391 13.42 -77.11 -17.27
N ARG Y 392 12.36 -77.91 -17.36
CA ARG Y 392 12.53 -79.36 -17.39
C ARG Y 392 13.31 -79.78 -18.63
N ALA Y 393 13.03 -79.15 -19.77
CA ALA Y 393 13.75 -79.46 -21.00
C ALA Y 393 15.23 -79.12 -20.87
N LEU Y 394 15.55 -77.94 -20.34
CA LEU Y 394 16.95 -77.53 -20.22
C LEU Y 394 17.70 -78.41 -19.24
N ARG Y 395 17.11 -78.65 -18.06
CA ARG Y 395 17.75 -79.49 -17.06
C ARG Y 395 17.87 -80.94 -17.48
N LEU Y 396 17.06 -81.41 -18.43
CA LEU Y 396 17.33 -82.74 -18.99
C LEU Y 396 18.55 -82.75 -19.90
N LEU Y 397 18.83 -81.67 -20.61
CA LEU Y 397 20.00 -81.69 -21.48
C LEU Y 397 21.30 -81.35 -20.74
N GLY Y 398 21.25 -81.28 -19.41
CA GLY Y 398 22.44 -80.96 -18.63
C GLY Y 398 22.88 -79.52 -18.66
N GLU Y 399 22.08 -78.61 -19.19
CA GLU Y 399 22.44 -77.20 -19.19
C GLU Y 399 22.00 -76.53 -17.90
N GLU Y 400 22.27 -75.22 -17.81
CA GLU Y 400 21.92 -74.42 -16.65
C GLU Y 400 20.89 -73.37 -17.08
N VAL Y 401 19.88 -73.17 -16.26
CA VAL Y 401 18.86 -72.18 -16.61
C VAL Y 401 19.40 -70.77 -16.38
N PRO Y 402 19.13 -69.84 -17.28
CA PRO Y 402 19.50 -68.45 -17.02
C PRO Y 402 18.58 -67.81 -16.00
N ARG Y 403 19.03 -66.68 -15.48
CA ARG Y 403 18.26 -65.88 -14.56
C ARG Y 403 18.43 -64.43 -14.98
N PRO Y 404 17.41 -63.60 -14.78
CA PRO Y 404 17.50 -62.20 -15.18
C PRO Y 404 18.58 -61.46 -14.42
N ILE Y 405 19.00 -60.35 -14.98
CA ILE Y 405 20.01 -59.49 -14.37
C ILE Y 405 19.31 -58.18 -14.07
N LEU Y 406 18.85 -58.04 -12.92
CA LEU Y 406 18.02 -56.95 -12.46
C LEU Y 406 18.86 -55.90 -11.74
N PRO Y 407 18.43 -54.65 -11.75
CA PRO Y 407 19.17 -53.60 -11.06
C PRO Y 407 19.10 -53.76 -9.56
N SER Y 408 20.22 -53.51 -8.90
CA SER Y 408 20.25 -53.50 -7.44
C SER Y 408 19.89 -52.10 -6.97
N VAL Y 409 18.61 -51.78 -7.13
CA VAL Y 409 18.09 -50.46 -6.75
C VAL Y 409 18.38 -50.06 -5.31
N PRO Y 410 18.08 -50.86 -4.28
CA PRO Y 410 18.18 -50.33 -2.91
C PRO Y 410 19.59 -50.09 -2.43
N SER Y 411 20.61 -50.35 -3.24
CA SER Y 411 21.95 -49.90 -2.94
C SER Y 411 22.41 -49.11 -4.16
N TRP Y 412 21.99 -47.86 -4.23
CA TRP Y 412 22.35 -46.94 -5.28
C TRP Y 412 22.88 -45.68 -4.65
N LYS Y 413 23.44 -44.81 -5.47
CA LYS Y 413 23.86 -43.51 -4.97
C LYS Y 413 23.23 -42.45 -5.84
N GLU Y 414 23.64 -41.19 -5.68
CA GLU Y 414 22.99 -40.11 -6.40
C GLU Y 414 23.29 -40.15 -7.89
N ALA Y 415 24.44 -40.70 -8.27
CA ALA Y 415 24.81 -40.73 -9.68
C ALA Y 415 23.88 -41.65 -10.45
N GLU Y 416 23.56 -42.82 -9.88
CA GLU Y 416 22.69 -43.75 -10.56
C GLU Y 416 21.26 -43.24 -10.60
N VAL Y 417 20.84 -42.56 -9.54
CA VAL Y 417 19.52 -41.95 -9.54
C VAL Y 417 19.41 -40.91 -10.65
N GLN Y 418 20.45 -40.10 -10.82
CA GLN Y 418 20.37 -39.08 -11.85
C GLN Y 418 20.41 -39.67 -13.24
N THR Y 419 21.23 -40.69 -13.47
CA THR Y 419 21.18 -41.30 -14.80
C THR Y 419 19.87 -42.03 -15.04
N TRP Y 420 19.21 -42.52 -14.00
CA TRP Y 420 17.89 -43.12 -14.19
C TRP Y 420 16.89 -42.04 -14.59
N LEU Y 421 17.02 -40.87 -14.01
CA LEU Y 421 16.13 -39.78 -14.38
C LEU Y 421 16.39 -39.32 -15.80
N GLN Y 422 17.64 -39.41 -16.26
CA GLN Y 422 17.90 -39.16 -17.68
C GLN Y 422 17.21 -40.21 -18.54
N GLN Y 423 17.22 -41.46 -18.07
CA GLN Y 423 16.72 -42.55 -18.88
C GLN Y 423 15.20 -42.48 -19.04
N ILE Y 424 14.47 -42.24 -17.96
CA ILE Y 424 13.01 -42.26 -18.08
C ILE Y 424 12.45 -41.03 -18.74
N GLY Y 425 13.23 -39.97 -18.88
CA GLY Y 425 12.74 -38.77 -19.52
C GLY Y 425 12.39 -37.65 -18.59
N PHE Y 426 12.58 -37.82 -17.29
CA PHE Y 426 12.31 -36.72 -16.37
C PHE Y 426 13.56 -35.92 -16.10
N SER Y 427 14.27 -35.53 -17.16
CA SER Y 427 15.56 -34.89 -17.01
C SER Y 427 15.47 -33.47 -16.48
N LYS Y 428 14.27 -32.89 -16.41
CA LYS Y 428 14.15 -31.51 -16.01
C LYS Y 428 14.10 -31.39 -14.49
N TYR Y 429 14.09 -32.51 -13.79
CA TYR Y 429 14.07 -32.53 -12.35
C TYR Y 429 15.38 -33.00 -11.74
N CYS Y 430 16.39 -33.26 -12.56
CA CYS Y 430 17.66 -33.78 -12.07
C CYS Y 430 18.36 -32.82 -11.12
N GLU Y 431 18.05 -31.53 -11.21
CA GLU Y 431 18.65 -30.57 -10.29
C GLU Y 431 18.11 -30.76 -8.87
N SER Y 432 16.79 -30.81 -8.73
CA SER Y 432 16.18 -30.92 -7.42
C SER Y 432 16.55 -32.23 -6.74
N PHE Y 433 16.52 -33.34 -7.48
CA PHE Y 433 16.93 -34.61 -6.92
C PHE Y 433 18.40 -34.65 -6.54
N ARG Y 434 19.21 -33.71 -7.02
CA ARG Y 434 20.59 -33.61 -6.59
C ARG Y 434 20.77 -32.76 -5.35
N GLU Y 435 19.93 -31.75 -5.18
CA GLU Y 435 20.07 -30.85 -4.05
C GLU Y 435 19.66 -31.55 -2.76
N GLN Y 436 18.61 -32.34 -2.82
CA GLN Y 436 18.13 -33.08 -1.68
C GLN Y 436 18.89 -34.37 -1.45
N GLN Y 437 19.80 -34.72 -2.36
CA GLN Y 437 20.63 -35.93 -2.28
C GLN Y 437 19.79 -37.20 -2.17
N VAL Y 438 18.82 -37.33 -3.07
CA VAL Y 438 17.98 -38.52 -3.09
C VAL Y 438 18.79 -39.69 -3.64
N ASP Y 439 18.80 -40.78 -2.92
CA ASP Y 439 19.47 -42.01 -3.35
C ASP Y 439 18.46 -43.13 -3.37
N GLY Y 440 18.96 -44.36 -3.57
CA GLY Y 440 18.08 -45.49 -3.86
C GLY Y 440 17.14 -45.83 -2.74
N ASP Y 441 17.63 -45.83 -1.50
CA ASP Y 441 16.77 -46.10 -0.36
C ASP Y 441 15.74 -45.00 -0.18
N LEU Y 442 16.12 -43.76 -0.45
CA LEU Y 442 15.15 -42.69 -0.35
C LEU Y 442 14.26 -42.63 -1.57
N LEU Y 443 14.75 -43.10 -2.71
CA LEU Y 443 13.93 -43.15 -3.91
C LEU Y 443 12.80 -44.15 -3.75
N LEU Y 444 13.08 -45.31 -3.17
CA LEU Y 444 12.05 -46.33 -3.08
C LEU Y 444 11.00 -46.05 -2.02
N ARG Y 445 11.14 -44.97 -1.26
CA ARG Y 445 10.20 -44.65 -0.20
C ARG Y 445 9.59 -43.27 -0.39
N LEU Y 446 9.47 -42.82 -1.64
CA LEU Y 446 8.88 -41.52 -1.91
C LEU Y 446 7.37 -41.58 -1.85
N THR Y 447 6.78 -40.51 -1.33
CA THR Y 447 5.35 -40.32 -1.31
C THR Y 447 5.01 -39.08 -2.12
N GLU Y 448 3.72 -38.73 -2.15
CA GLU Y 448 3.30 -37.59 -2.93
C GLU Y 448 3.61 -36.26 -2.26
N GLU Y 449 3.76 -36.24 -0.95
CA GLU Y 449 4.06 -34.99 -0.28
C GLU Y 449 5.49 -34.56 -0.53
N GLU Y 450 6.42 -35.51 -0.55
CA GLU Y 450 7.80 -35.16 -0.89
C GLU Y 450 7.93 -34.74 -2.34
N LEU Y 451 7.14 -35.33 -3.22
CA LEU Y 451 7.19 -34.93 -4.62
C LEU Y 451 6.62 -33.54 -4.79
N GLN Y 452 5.46 -33.28 -4.20
CA GLN Y 452 4.75 -32.04 -4.48
C GLN Y 452 5.40 -30.86 -3.77
N THR Y 453 5.75 -31.02 -2.50
CA THR Y 453 6.17 -29.86 -1.70
C THR Y 453 7.58 -29.43 -2.06
N ASP Y 454 8.55 -30.33 -1.94
CA ASP Y 454 9.95 -29.93 -2.02
C ASP Y 454 10.69 -30.40 -3.26
N LEU Y 455 10.20 -31.40 -3.97
CA LEU Y 455 10.84 -31.75 -5.22
C LEU Y 455 10.26 -30.99 -6.40
N GLY Y 456 9.10 -30.34 -6.23
CA GLY Y 456 8.61 -29.40 -7.21
C GLY Y 456 7.64 -29.93 -8.24
N MET Y 457 7.26 -31.21 -8.19
CA MET Y 457 6.29 -31.73 -9.14
C MET Y 457 4.91 -31.27 -8.71
N LYS Y 458 4.48 -30.14 -9.26
CA LYS Y 458 3.23 -29.55 -8.81
C LYS Y 458 2.02 -30.27 -9.41
N SER Y 459 2.05 -30.51 -10.72
CA SER Y 459 0.87 -31.00 -11.42
C SER Y 459 0.66 -32.48 -11.19
N GLY Y 460 -0.58 -32.87 -10.89
CA GLY Y 460 -0.89 -34.25 -10.59
C GLY Y 460 -0.65 -35.20 -11.74
N ILE Y 461 -0.74 -34.70 -12.97
CA ILE Y 461 -0.44 -35.52 -14.13
C ILE Y 461 1.03 -35.92 -14.14
N THR Y 462 1.91 -34.99 -13.82
CA THR Y 462 3.33 -35.31 -13.83
C THR Y 462 3.68 -36.30 -12.73
N ARG Y 463 3.07 -36.13 -11.56
CA ARG Y 463 3.30 -37.10 -10.49
C ARG Y 463 2.74 -38.46 -10.86
N LYS Y 464 1.63 -38.50 -11.58
CA LYS Y 464 1.08 -39.78 -12.01
C LYS Y 464 2.01 -40.47 -13.00
N ARG Y 465 2.61 -39.71 -13.92
CA ARG Y 465 3.58 -40.30 -14.83
C ARG Y 465 4.82 -40.79 -14.11
N PHE Y 466 5.29 -40.01 -13.14
CA PHE Y 466 6.46 -40.42 -12.36
C PHE Y 466 6.19 -41.70 -11.60
N PHE Y 467 5.02 -41.82 -11.01
CA PHE Y 467 4.72 -43.01 -10.25
C PHE Y 467 4.52 -44.21 -11.15
N ARG Y 468 4.03 -43.99 -12.37
CA ARG Y 468 3.97 -45.06 -13.35
C ARG Y 468 5.36 -45.63 -13.62
N GLU Y 469 6.33 -44.73 -13.80
CA GLU Y 469 7.70 -45.18 -14.10
C GLU Y 469 8.32 -45.85 -12.89
N LEU Y 470 8.07 -45.29 -11.70
CA LEU Y 470 8.63 -45.84 -10.48
C LEU Y 470 8.09 -47.24 -10.23
N THR Y 471 6.78 -47.44 -10.36
CA THR Y 471 6.24 -48.77 -10.14
C THR Y 471 6.62 -49.72 -11.25
N GLU Y 472 7.06 -49.22 -12.40
CA GLU Y 472 7.63 -50.15 -13.37
C GLU Y 472 9.03 -50.56 -12.94
N LEU Y 473 9.78 -49.65 -12.35
CA LEU Y 473 11.11 -49.99 -11.87
C LEU Y 473 11.06 -50.94 -10.68
N LYS Y 474 10.12 -50.72 -9.77
CA LYS Y 474 10.09 -51.47 -8.52
C LYS Y 474 9.77 -52.93 -8.73
N THR Y 475 9.02 -53.27 -9.77
CA THR Y 475 8.74 -54.66 -10.02
C THR Y 475 9.91 -55.39 -10.64
N PHE Y 476 10.91 -54.68 -11.12
CA PHE Y 476 12.04 -55.28 -11.78
C PHE Y 476 13.34 -54.92 -11.09
N ALA Y 477 13.36 -54.95 -9.77
CA ALA Y 477 14.56 -54.64 -9.01
C ALA Y 477 15.13 -55.91 -8.40
N ASN Y 478 16.27 -55.79 -7.76
CA ASN Y 478 16.97 -56.93 -7.16
C ASN Y 478 17.10 -56.67 -5.67
N TYR Y 479 16.27 -57.33 -4.88
CA TYR Y 479 16.19 -57.10 -3.45
C TYR Y 479 17.02 -58.08 -2.65
N SER Y 480 17.94 -58.79 -3.29
CA SER Y 480 18.62 -59.89 -2.63
C SER Y 480 19.51 -59.42 -1.49
N THR Y 481 20.03 -58.21 -1.57
CA THR Y 481 20.91 -57.73 -0.50
C THR Y 481 20.17 -57.35 0.77
N CYS Y 482 18.84 -57.33 0.76
CA CYS Y 482 18.09 -56.93 1.94
C CYS Y 482 16.94 -57.85 2.29
N ASP Y 483 16.61 -58.83 1.47
CA ASP Y 483 15.48 -59.70 1.67
C ASP Y 483 15.97 -61.09 2.00
N ARG Y 484 15.89 -61.48 3.27
CA ARG Y 484 16.41 -62.77 3.70
C ARG Y 484 15.42 -63.88 3.42
N SER Y 485 14.17 -63.70 3.82
CA SER Y 485 13.15 -64.74 3.75
C SER Y 485 12.61 -64.96 2.36
N ASN Y 486 13.19 -64.33 1.35
CA ASN Y 486 12.76 -64.45 -0.05
C ASN Y 486 11.28 -64.08 -0.21
N LEU Y 487 10.95 -62.87 0.25
CA LEU Y 487 9.57 -62.42 0.20
C LEU Y 487 9.14 -62.07 -1.22
N ALA Y 488 10.10 -61.67 -2.05
CA ALA Y 488 9.79 -61.21 -3.40
C ALA Y 488 9.17 -62.31 -4.24
N ASP Y 489 9.69 -63.53 -4.15
CA ASP Y 489 9.10 -64.62 -4.89
C ASP Y 489 7.72 -64.98 -4.36
N TRP Y 490 7.52 -64.86 -3.05
CA TRP Y 490 6.20 -65.14 -2.49
C TRP Y 490 5.17 -64.15 -2.99
N LEU Y 491 5.57 -62.89 -3.14
CA LEU Y 491 4.65 -61.90 -3.68
C LEU Y 491 4.47 -62.07 -5.18
N GLY Y 492 5.50 -62.49 -5.89
CA GLY Y 492 5.39 -62.67 -7.32
C GLY Y 492 4.56 -63.87 -7.70
N SER Y 493 4.52 -64.89 -6.84
CA SER Y 493 3.71 -66.06 -7.13
C SER Y 493 2.23 -65.75 -7.11
N LEU Y 494 1.80 -64.79 -6.27
CA LEU Y 494 0.42 -64.36 -6.30
C LEU Y 494 0.09 -63.66 -7.62
N ASP Y 495 0.81 -62.59 -7.90
CA ASP Y 495 0.54 -61.75 -9.05
C ASP Y 495 1.85 -61.01 -9.33
N PRO Y 496 2.30 -60.96 -10.59
CA PRO Y 496 3.52 -60.22 -10.89
C PRO Y 496 3.44 -58.74 -10.57
N ARG Y 497 2.25 -58.17 -10.52
CA ARG Y 497 2.12 -56.76 -10.17
C ARG Y 497 2.40 -56.50 -8.71
N PHE Y 498 2.48 -57.53 -7.88
CA PHE Y 498 2.54 -57.37 -6.44
C PHE Y 498 3.96 -57.24 -5.94
N ARG Y 499 4.94 -57.61 -6.77
CA ARG Y 499 6.34 -57.61 -6.36
C ARG Y 499 6.80 -56.21 -5.96
N GLN Y 500 6.18 -55.19 -6.53
CA GLN Y 500 6.49 -53.81 -6.20
C GLN Y 500 6.33 -53.47 -4.74
N TYR Y 501 5.58 -54.26 -3.98
CA TYR Y 501 5.41 -53.90 -2.59
C TYR Y 501 6.48 -54.42 -1.68
N THR Y 502 7.43 -55.22 -2.18
CA THR Y 502 8.28 -56.00 -1.28
C THR Y 502 9.14 -55.11 -0.38
N TYR Y 503 9.58 -53.97 -0.88
CA TYR Y 503 10.47 -53.17 -0.05
C TYR Y 503 9.71 -52.53 1.09
N GLY Y 504 8.43 -52.20 0.87
CA GLY Y 504 7.65 -51.69 1.97
C GLY Y 504 7.39 -52.73 3.03
N LEU Y 505 7.46 -54.00 2.68
CA LEU Y 505 7.31 -55.01 3.71
C LEU Y 505 8.60 -55.30 4.43
N VAL Y 506 9.76 -55.00 3.84
CA VAL Y 506 10.98 -55.42 4.49
C VAL Y 506 11.53 -54.31 5.38
N SER Y 507 11.56 -53.08 4.87
CA SER Y 507 11.99 -51.95 5.67
C SER Y 507 11.14 -51.76 6.92
N CYS Y 508 9.85 -52.10 6.84
CA CYS Y 508 9.03 -52.05 8.05
C CYS Y 508 9.33 -53.21 8.98
N GLY Y 509 9.92 -54.28 8.48
CA GLY Y 509 10.37 -55.33 9.38
C GLY Y 509 9.87 -56.73 9.13
N LEU Y 510 8.83 -56.87 8.31
CA LEU Y 510 8.16 -58.16 8.12
C LEU Y 510 9.08 -59.16 7.43
N ASP Y 511 8.62 -60.40 7.41
CA ASP Y 511 9.27 -61.50 6.70
C ASP Y 511 8.24 -62.60 6.51
N ARG Y 512 8.65 -63.67 5.85
CA ARG Y 512 7.70 -64.72 5.47
C ARG Y 512 7.16 -65.47 6.67
N SER Y 513 7.92 -65.55 7.76
CA SER Y 513 7.48 -66.32 8.90
C SER Y 513 6.41 -65.57 9.70
N LEU Y 514 6.67 -64.31 10.03
CA LEU Y 514 5.79 -63.55 10.89
C LEU Y 514 4.80 -62.70 10.11
N LEU Y 515 4.61 -63.01 8.83
CA LEU Y 515 3.68 -62.25 8.02
C LEU Y 515 2.24 -62.56 8.38
N HIS Y 516 1.98 -63.76 8.86
CA HIS Y 516 0.64 -64.32 8.94
C HIS Y 516 -0.24 -63.69 10.00
N ARG Y 517 0.20 -62.66 10.70
CA ARG Y 517 -0.62 -62.05 11.73
C ARG Y 517 -0.55 -60.55 11.66
N VAL Y 518 -0.61 -60.00 10.47
CA VAL Y 518 -0.65 -58.58 10.28
C VAL Y 518 -2.09 -58.19 9.99
N SER Y 519 -2.46 -56.98 10.35
CA SER Y 519 -3.81 -56.49 10.11
C SER Y 519 -3.81 -55.60 8.86
N GLU Y 520 -5.02 -55.33 8.37
CA GLU Y 520 -5.15 -54.45 7.21
C GLU Y 520 -4.72 -53.04 7.55
N GLN Y 521 -5.08 -52.56 8.73
CA GLN Y 521 -4.75 -51.21 9.11
C GLN Y 521 -3.25 -51.04 9.29
N GLN Y 522 -2.51 -52.13 9.49
CA GLN Y 522 -1.06 -52.03 9.49
C GLN Y 522 -0.53 -52.04 8.07
N LEU Y 523 -1.18 -52.76 7.15
CA LEU Y 523 -0.79 -52.73 5.76
C LEU Y 523 -1.05 -51.40 5.09
N LEU Y 524 -1.96 -50.59 5.62
CA LEU Y 524 -2.29 -49.38 4.87
C LEU Y 524 -1.23 -48.30 5.04
N GLU Y 525 -0.84 -47.95 6.25
CA GLU Y 525 0.09 -46.84 6.40
C GLU Y 525 1.53 -47.25 6.65
N ASP Y 526 1.78 -48.47 7.12
CA ASP Y 526 3.18 -48.86 7.30
C ASP Y 526 3.79 -49.38 6.01
N CYS Y 527 3.15 -50.35 5.38
CA CYS Y 527 3.69 -50.91 4.15
C CYS Y 527 3.34 -50.08 2.92
N GLY Y 528 2.55 -49.03 3.08
CA GLY Y 528 2.26 -48.14 1.97
C GLY Y 528 1.44 -48.72 0.85
N ILE Y 529 0.59 -49.70 1.13
CA ILE Y 529 -0.29 -50.27 0.12
C ILE Y 529 -1.56 -49.45 0.10
N HIS Y 530 -1.93 -48.94 -1.06
CA HIS Y 530 -3.06 -48.02 -1.16
C HIS Y 530 -4.32 -48.65 -1.74
N LEU Y 531 -4.20 -49.49 -2.75
CA LEU Y 531 -5.38 -50.12 -3.33
C LEU Y 531 -5.96 -51.15 -2.37
N GLY Y 532 -7.25 -51.00 -2.09
CA GLY Y 532 -7.93 -51.92 -1.19
C GLY Y 532 -7.94 -53.34 -1.71
N VAL Y 533 -8.00 -53.51 -3.03
CA VAL Y 533 -8.05 -54.84 -3.62
C VAL Y 533 -6.76 -55.58 -3.35
N HIS Y 534 -5.64 -54.89 -3.45
CA HIS Y 534 -4.35 -55.55 -3.22
C HIS Y 534 -4.17 -55.90 -1.75
N ARG Y 535 -4.62 -55.01 -0.87
CA ARG Y 535 -4.62 -55.32 0.56
C ARG Y 535 -5.43 -56.56 0.86
N ALA Y 536 -6.62 -56.66 0.26
CA ALA Y 536 -7.49 -57.80 0.56
C ALA Y 536 -6.89 -59.09 0.03
N ARG Y 537 -6.33 -59.06 -1.19
CA ARG Y 537 -5.77 -60.28 -1.75
C ARG Y 537 -4.54 -60.72 -0.97
N ILE Y 538 -3.72 -59.77 -0.53
CA ILE Y 538 -2.54 -60.10 0.25
C ILE Y 538 -2.94 -60.65 1.61
N LEU Y 539 -3.96 -60.06 2.23
CA LEU Y 539 -4.42 -60.54 3.52
C LEU Y 539 -4.94 -61.95 3.46
N THR Y 540 -5.79 -62.25 2.46
CA THR Y 540 -6.32 -63.60 2.38
C THR Y 540 -5.24 -64.61 2.04
N ALA Y 541 -4.29 -64.25 1.17
CA ALA Y 541 -3.27 -65.20 0.79
C ALA Y 541 -2.27 -65.42 1.90
N ALA Y 542 -2.06 -64.43 2.75
CA ALA Y 542 -1.15 -64.61 3.88
C ALA Y 542 -1.83 -65.40 4.98
N ARG Y 543 -3.09 -65.07 5.23
CA ARG Y 543 -3.83 -65.64 6.36
C ARG Y 543 -4.15 -67.09 6.08
N GLU Y 544 -4.24 -67.46 4.80
CA GLU Y 544 -4.40 -68.86 4.43
C GLU Y 544 -3.17 -69.67 4.79
N MET Y 545 -1.97 -69.10 4.63
CA MET Y 545 -0.74 -69.75 5.08
C MET Y 545 -0.59 -69.39 6.55
N LEU Y 546 -1.39 -70.05 7.38
CA LEU Y 546 -1.57 -69.58 8.76
C LEU Y 546 -0.43 -70.01 9.68
N HIS Y 547 -0.27 -71.31 9.88
CA HIS Y 547 0.66 -71.85 10.86
C HIS Y 547 1.47 -72.97 10.24
N SER Y 548 2.04 -72.69 9.06
CA SER Y 548 2.83 -73.69 8.35
C SER Y 548 4.01 -74.25 9.14
N PRO Y 549 4.80 -73.47 9.89
CA PRO Y 549 5.80 -74.21 10.68
C PRO Y 549 5.21 -74.78 11.96
N MET Z 1 30.74 -61.79 -12.37
CA MET Z 1 29.34 -61.39 -12.38
C MET Z 1 29.22 -60.01 -13.03
N ALA Z 2 30.12 -59.11 -12.65
CA ALA Z 2 30.12 -57.76 -13.20
C ALA Z 2 30.32 -57.80 -14.70
N VAL Z 3 29.29 -57.37 -15.44
CA VAL Z 3 29.35 -57.40 -16.89
C VAL Z 3 30.31 -56.33 -17.39
N GLN Z 4 31.08 -56.68 -18.42
CA GLN Z 4 31.99 -55.75 -19.07
C GLN Z 4 31.43 -55.39 -20.43
N LEU Z 5 31.44 -54.11 -20.76
CA LEU Z 5 30.99 -53.63 -22.05
C LEU Z 5 32.16 -53.04 -22.81
N VAL Z 6 32.20 -53.29 -24.12
CA VAL Z 6 33.24 -52.74 -24.99
C VAL Z 6 32.56 -52.16 -26.21
N GLU Z 7 32.96 -50.95 -26.59
CA GLU Z 7 32.38 -50.28 -27.73
C GLU Z 7 33.27 -50.44 -28.96
N SER Z 8 32.73 -50.06 -30.11
CA SER Z 8 33.47 -50.07 -31.36
C SER Z 8 32.72 -49.19 -32.36
N GLY Z 9 33.49 -48.65 -33.30
CA GLY Z 9 32.99 -47.67 -34.24
C GLY Z 9 33.72 -46.35 -34.07
N GLY Z 10 32.96 -45.27 -34.11
CA GLY Z 10 33.52 -43.97 -33.81
C GLY Z 10 34.34 -43.39 -34.95
N GLY Z 11 35.20 -42.46 -34.60
CA GLY Z 11 36.05 -41.82 -35.60
C GLY Z 11 35.45 -40.53 -36.10
N LEU Z 12 35.46 -40.35 -37.41
CA LEU Z 12 35.04 -39.08 -37.99
C LEU Z 12 34.40 -39.31 -39.34
N VAL Z 13 33.44 -38.44 -39.65
CA VAL Z 13 32.73 -38.44 -40.92
C VAL Z 13 32.44 -37.00 -41.33
N GLN Z 14 31.79 -36.84 -42.46
CA GLN Z 14 31.40 -35.55 -42.99
C GLN Z 14 29.98 -35.23 -42.59
N PRO Z 15 29.60 -33.96 -42.55
CA PRO Z 15 28.21 -33.59 -42.25
C PRO Z 15 27.27 -34.17 -43.30
N GLY Z 16 26.29 -34.93 -42.83
CA GLY Z 16 25.49 -35.75 -43.71
C GLY Z 16 26.22 -37.06 -43.91
N GLY Z 17 25.56 -38.18 -43.62
CA GLY Z 17 26.22 -39.46 -43.72
C GLY Z 17 25.95 -40.32 -42.51
N SER Z 18 26.07 -41.63 -42.66
CA SER Z 18 25.67 -42.58 -41.64
C SER Z 18 26.89 -43.21 -40.97
N LEU Z 19 26.63 -43.85 -39.84
CA LEU Z 19 27.64 -44.57 -39.09
C LEU Z 19 26.92 -45.57 -38.20
N ARG Z 20 27.63 -46.62 -37.80
CA ARG Z 20 27.05 -47.61 -36.90
C ARG Z 20 28.03 -47.93 -35.79
N LEU Z 21 27.55 -47.85 -34.55
CA LEU Z 21 28.34 -48.15 -33.37
C LEU Z 21 27.88 -49.49 -32.80
N SER Z 22 28.82 -50.22 -32.23
CA SER Z 22 28.52 -51.53 -31.68
C SER Z 22 28.98 -51.58 -30.23
N CYS Z 23 28.24 -52.33 -29.41
CA CYS Z 23 28.59 -52.50 -28.01
C CYS Z 23 28.40 -53.96 -27.63
N ALA Z 24 29.47 -54.61 -27.22
CA ALA Z 24 29.47 -56.03 -26.92
C ALA Z 24 29.67 -56.26 -25.42
N ALA Z 25 28.92 -57.22 -24.89
CA ALA Z 25 28.88 -57.51 -23.47
C ALA Z 25 29.54 -58.85 -23.17
N SER Z 26 29.62 -59.18 -21.89
CA SER Z 26 30.26 -60.40 -21.44
C SER Z 26 29.29 -61.56 -21.27
N VAL Z 27 28.00 -61.28 -21.21
CA VAL Z 27 26.98 -62.29 -21.01
C VAL Z 27 25.95 -62.15 -22.12
N SER Z 28 24.89 -62.93 -22.04
CA SER Z 28 23.80 -62.79 -22.99
C SER Z 28 23.09 -61.47 -22.76
N ILE Z 29 22.87 -60.73 -23.83
CA ILE Z 29 22.15 -59.47 -23.70
C ILE Z 29 20.71 -59.73 -23.28
N SER Z 30 20.13 -60.85 -23.70
CA SER Z 30 18.73 -61.14 -23.45
C SER Z 30 18.42 -61.33 -21.97
N ARG Z 31 19.41 -61.32 -21.09
CA ARG Z 31 19.17 -61.38 -19.66
C ARG Z 31 19.10 -59.99 -19.05
N ILE Z 32 19.69 -58.99 -19.69
CA ILE Z 32 19.78 -57.66 -19.13
C ILE Z 32 18.45 -56.95 -19.29
N TYR Z 33 18.03 -56.23 -18.26
CA TYR Z 33 16.73 -55.58 -18.28
C TYR Z 33 16.71 -54.44 -19.29
N VAL Z 34 17.52 -53.42 -19.10
CA VAL Z 34 17.59 -52.31 -20.04
C VAL Z 34 19.02 -52.09 -20.47
N MET Z 35 19.18 -51.61 -21.70
CA MET Z 35 20.46 -51.14 -22.19
C MET Z 35 20.26 -49.81 -22.89
N ALA Z 36 21.30 -49.00 -22.92
CA ALA Z 36 21.12 -47.62 -23.36
C ALA Z 36 22.42 -47.06 -23.91
N TRP Z 37 22.29 -46.03 -24.73
CA TRP Z 37 23.42 -45.31 -25.27
C TRP Z 37 23.38 -43.89 -24.73
N TYR Z 38 24.53 -43.36 -24.39
CA TYR Z 38 24.62 -42.03 -23.81
C TYR Z 38 25.64 -41.22 -24.57
N ARG Z 39 25.51 -39.90 -24.47
CA ARG Z 39 26.28 -38.98 -25.29
C ARG Z 39 26.72 -37.83 -24.42
N GLN Z 40 28.03 -37.56 -24.39
CA GLN Z 40 28.55 -36.44 -23.63
C GLN Z 40 29.41 -35.58 -24.54
N ALA Z 41 28.94 -34.37 -24.77
CA ALA Z 41 29.62 -33.36 -25.54
C ALA Z 41 30.63 -32.63 -24.66
N PRO Z 42 31.73 -32.16 -25.24
CA PRO Z 42 32.71 -31.41 -24.44
C PRO Z 42 32.10 -30.10 -23.94
N GLY Z 43 32.23 -29.87 -22.64
CA GLY Z 43 31.70 -28.69 -22.02
C GLY Z 43 30.29 -28.80 -21.49
N LYS Z 44 29.67 -29.98 -21.57
CA LYS Z 44 28.35 -30.19 -21.01
C LYS Z 44 28.31 -31.55 -20.32
N GLN Z 45 27.14 -31.89 -19.79
CA GLN Z 45 26.93 -33.14 -19.06
C GLN Z 45 26.35 -34.20 -19.99
N ARG Z 46 26.25 -35.41 -19.48
CA ARG Z 46 25.77 -36.53 -20.27
C ARG Z 46 24.28 -36.37 -20.58
N GLU Z 47 23.82 -37.14 -21.56
CA GLU Z 47 22.41 -37.23 -21.86
C GLU Z 47 22.16 -38.54 -22.58
N VAL Z 48 20.94 -38.93 -22.62
CA VAL Z 48 20.53 -40.19 -23.22
C VAL Z 48 20.27 -39.97 -24.70
N VAL Z 49 20.50 -41.00 -25.51
CA VAL Z 49 20.10 -40.94 -26.91
C VAL Z 49 19.24 -42.12 -27.34
N ALA Z 50 19.29 -43.27 -26.68
CA ALA Z 50 18.42 -44.38 -27.00
C ALA Z 50 18.42 -45.37 -25.84
N VAL Z 51 17.28 -46.01 -25.60
CA VAL Z 51 17.16 -47.09 -24.62
C VAL Z 51 16.42 -48.24 -25.28
N ILE Z 52 16.57 -49.42 -24.70
CA ILE Z 52 15.88 -50.61 -25.18
C ILE Z 52 15.76 -51.61 -24.04
N ARG Z 53 14.58 -52.19 -23.89
CA ARG Z 53 14.30 -53.10 -22.78
C ARG Z 53 14.43 -54.54 -23.22
N TYR Z 54 14.10 -55.45 -22.31
CA TYR Z 54 14.20 -56.88 -22.60
C TYR Z 54 13.21 -57.31 -23.66
N ASP Z 55 12.06 -56.65 -23.74
CA ASP Z 55 11.06 -56.99 -24.72
C ASP Z 55 11.19 -56.18 -26.00
N GLY Z 56 12.26 -55.41 -26.14
CA GLY Z 56 12.49 -54.67 -27.36
C GLY Z 56 11.54 -53.52 -27.63
N THR Z 57 11.23 -52.73 -26.62
CA THR Z 57 10.52 -51.46 -26.82
C THR Z 57 11.50 -50.34 -26.57
N THR Z 58 11.58 -49.41 -27.51
CA THR Z 58 12.63 -48.40 -27.51
C THR Z 58 12.03 -47.01 -27.38
N ASN Z 59 12.76 -46.13 -26.70
CA ASN Z 59 12.37 -44.74 -26.54
C ASN Z 59 13.52 -43.86 -27.00
N TYR Z 60 13.18 -42.82 -27.73
CA TYR Z 60 14.17 -41.87 -28.18
C TYR Z 60 13.79 -40.47 -27.72
N PRO Z 61 14.77 -39.62 -27.46
CA PRO Z 61 14.45 -38.22 -27.20
C PRO Z 61 13.95 -37.56 -28.47
N ASP Z 62 13.28 -36.42 -28.29
CA ASP Z 62 12.73 -35.70 -29.44
C ASP Z 62 13.81 -35.13 -30.35
N SER Z 63 15.01 -34.92 -29.82
CA SER Z 63 16.08 -34.30 -30.59
C SER Z 63 16.52 -35.18 -31.76
N VAL Z 64 16.49 -36.49 -31.61
CA VAL Z 64 17.10 -37.38 -32.57
C VAL Z 64 16.11 -38.39 -33.12
N LYS Z 65 14.82 -38.13 -32.97
CA LYS Z 65 13.82 -39.04 -33.51
C LYS Z 65 13.87 -39.06 -35.03
N GLY Z 66 13.81 -40.26 -35.59
CA GLY Z 66 13.89 -40.43 -37.02
C GLY Z 66 15.29 -40.54 -37.57
N ARG Z 67 16.30 -40.09 -36.83
CA ARG Z 67 17.66 -40.12 -37.33
C ARG Z 67 18.50 -41.24 -36.74
N PHE Z 68 18.14 -41.77 -35.57
CA PHE Z 68 18.89 -42.84 -34.95
C PHE Z 68 18.02 -44.09 -34.83
N THR Z 69 18.67 -45.22 -34.58
CA THR Z 69 17.95 -46.49 -34.43
C THR Z 69 18.80 -47.49 -33.66
N ILE Z 70 18.24 -48.03 -32.59
CA ILE Z 70 18.95 -48.96 -31.71
C ILE Z 70 18.36 -50.36 -31.87
N SER Z 71 19.22 -51.37 -31.91
CA SER Z 71 18.72 -52.73 -32.01
C SER Z 71 19.61 -53.73 -31.30
N ARG Z 72 18.99 -54.79 -30.80
CA ARG Z 72 19.67 -55.91 -30.20
C ARG Z 72 20.03 -56.90 -31.29
N ASP Z 73 21.17 -57.57 -31.15
CA ASP Z 73 21.49 -58.69 -32.02
C ASP Z 73 21.71 -59.91 -31.16
N ASN Z 74 20.88 -60.93 -31.33
CA ASN Z 74 20.93 -62.09 -30.46
C ASN Z 74 21.92 -63.14 -30.92
N ALA Z 75 22.46 -63.03 -32.14
CA ALA Z 75 23.44 -64.00 -32.61
C ALA Z 75 24.71 -63.91 -31.79
N LYS Z 76 25.32 -62.73 -31.78
CA LYS Z 76 26.44 -62.42 -30.89
C LYS Z 76 25.99 -61.26 -30.01
N ASN Z 77 26.35 -61.31 -28.74
CA ASN Z 77 25.81 -60.37 -27.77
C ASN Z 77 26.34 -58.98 -28.08
N THR Z 78 25.51 -58.19 -28.77
CA THR Z 78 25.93 -56.89 -29.26
C THR Z 78 24.70 -56.04 -29.55
N VAL Z 79 24.70 -54.83 -29.02
CA VAL Z 79 23.66 -53.85 -29.30
C VAL Z 79 24.25 -52.81 -30.27
N TYR Z 80 23.48 -52.50 -31.31
CA TYR Z 80 23.90 -51.59 -32.36
C TYR Z 80 23.15 -50.28 -32.27
N LEU Z 81 23.84 -49.20 -32.62
CA LEU Z 81 23.24 -47.89 -32.83
C LEU Z 81 23.55 -47.44 -34.24
N GLN Z 82 22.52 -47.01 -34.96
CA GLN Z 82 22.63 -46.60 -36.35
C GLN Z 82 22.29 -45.12 -36.44
N MET Z 83 23.22 -44.35 -36.97
CA MET Z 83 23.15 -42.89 -37.04
C MET Z 83 23.09 -42.51 -38.51
N ASN Z 84 21.93 -42.07 -38.97
CA ASN Z 84 21.72 -41.97 -40.41
C ASN Z 84 22.04 -40.59 -40.97
N SER Z 85 21.35 -39.55 -40.50
CA SER Z 85 21.55 -38.21 -40.99
C SER Z 85 22.22 -37.39 -39.90
N LEU Z 86 23.46 -36.98 -40.14
CA LEU Z 86 24.25 -36.37 -39.09
C LEU Z 86 24.31 -34.85 -39.26
N LYS Z 87 24.42 -34.18 -38.14
CA LYS Z 87 24.51 -32.74 -38.02
C LYS Z 87 25.91 -32.38 -37.53
N PRO Z 88 26.28 -31.10 -37.56
CA PRO Z 88 27.58 -30.74 -36.98
C PRO Z 88 27.61 -30.82 -35.47
N GLU Z 89 26.49 -30.61 -34.80
CA GLU Z 89 26.49 -30.63 -33.34
C GLU Z 89 26.42 -32.04 -32.76
N ASP Z 90 26.36 -33.06 -33.59
CA ASP Z 90 26.31 -34.44 -33.10
C ASP Z 90 27.70 -35.02 -33.01
N THR Z 91 28.60 -34.31 -32.34
CA THR Z 91 29.97 -34.74 -32.14
C THR Z 91 30.27 -34.75 -30.66
N ALA Z 92 30.68 -35.91 -30.14
CA ALA Z 92 30.78 -36.09 -28.70
C ALA Z 92 31.46 -37.43 -28.44
N VAL Z 93 31.60 -37.77 -27.16
CA VAL Z 93 31.99 -39.12 -26.78
C VAL Z 93 30.73 -39.90 -26.44
N TYR Z 94 30.65 -41.13 -26.93
CA TYR Z 94 29.48 -41.95 -26.74
C TYR Z 94 29.81 -43.12 -25.82
N TYR Z 95 28.86 -43.46 -24.95
CA TYR Z 95 29.03 -44.54 -24.00
C TYR Z 95 27.91 -45.55 -24.09
N CYS Z 96 28.25 -46.79 -23.80
CA CYS Z 96 27.30 -47.88 -23.70
C CYS Z 96 26.98 -48.13 -22.24
N ASN Z 97 25.72 -48.41 -21.95
CA ASN Z 97 25.28 -48.54 -20.57
C ASN Z 97 24.42 -49.78 -20.42
N ALA Z 98 24.79 -50.63 -19.45
CA ALA Z 98 23.97 -51.75 -19.00
C ALA Z 98 23.00 -51.18 -17.98
N ASN Z 99 22.44 -52.03 -17.10
CA ASN Z 99 21.19 -51.79 -16.38
C ASN Z 99 21.01 -50.36 -15.90
N VAL Z 100 21.77 -49.93 -14.91
CA VAL Z 100 22.03 -48.50 -14.73
C VAL Z 100 23.51 -48.31 -14.41
N GLU Z 101 23.99 -49.10 -13.46
CA GLU Z 101 25.28 -48.85 -12.82
C GLU Z 101 26.44 -48.93 -13.80
N THR Z 102 26.57 -50.03 -14.51
CA THR Z 102 27.78 -50.29 -15.25
C THR Z 102 27.85 -49.46 -16.51
N TRP Z 103 29.03 -48.90 -16.77
CA TRP Z 103 29.32 -48.07 -17.91
C TRP Z 103 30.32 -48.75 -18.83
N GLY Z 104 30.48 -48.18 -20.01
CA GLY Z 104 31.57 -48.49 -20.90
C GLY Z 104 32.70 -47.49 -20.73
N GLN Z 105 33.56 -47.43 -21.74
CA GLN Z 105 34.65 -46.47 -21.72
C GLN Z 105 34.50 -45.34 -22.72
N GLY Z 106 33.68 -45.53 -23.75
CA GLY Z 106 33.36 -44.44 -24.66
C GLY Z 106 34.16 -44.51 -25.94
N THR Z 107 33.63 -43.83 -26.96
CA THR Z 107 34.25 -43.72 -28.28
C THR Z 107 33.97 -42.32 -28.80
N GLN Z 108 34.99 -41.68 -29.37
CA GLN Z 108 34.87 -40.31 -29.82
C GLN Z 108 34.27 -40.32 -31.22
N VAL Z 109 33.39 -39.36 -31.50
CA VAL Z 109 32.73 -39.24 -32.79
C VAL Z 109 32.73 -37.77 -33.20
N THR Z 110 33.23 -37.50 -34.41
CA THR Z 110 33.37 -36.13 -34.91
C THR Z 110 32.88 -36.03 -36.35
N VAL Z 111 32.38 -34.84 -36.69
CA VAL Z 111 31.76 -34.57 -37.98
C VAL Z 111 32.33 -33.28 -38.58
N SER Z 112 33.11 -33.43 -39.65
CA SER Z 112 33.68 -32.31 -40.39
C SER Z 112 34.28 -32.85 -41.69
N SER Z 113 35.00 -31.99 -42.41
CA SER Z 113 35.72 -32.38 -43.63
C SER Z 113 36.70 -33.52 -43.40
N PRO AA 324 -37.37 -64.35 -54.66
CA PRO AA 324 -37.78 -63.61 -55.87
C PRO AA 324 -38.13 -62.16 -55.58
N ASP AA 325 -39.18 -61.67 -56.23
CA ASP AA 325 -39.63 -60.29 -56.04
C ASP AA 325 -40.41 -60.10 -54.76
N ASP AA 326 -40.96 -61.18 -54.20
CA ASP AA 326 -41.66 -61.12 -52.93
C ASP AA 326 -40.69 -60.80 -51.81
N LEU AA 327 -39.46 -61.31 -51.91
CA LEU AA 327 -38.43 -61.09 -50.91
C LEU AA 327 -38.01 -59.62 -50.85
N GLN AA 328 -38.10 -58.92 -51.98
CA GLN AA 328 -37.77 -57.50 -52.01
C GLN AA 328 -38.68 -56.67 -51.12
N ARG AA 329 -39.94 -57.08 -50.90
CA ARG AA 329 -40.77 -56.34 -49.96
C ARG AA 329 -40.27 -56.46 -48.53
N LEU AA 330 -39.57 -57.54 -48.17
CA LEU AA 330 -39.06 -57.70 -46.82
C LEU AA 330 -37.67 -57.09 -46.64
N VAL AA 331 -37.17 -56.38 -47.64
CA VAL AA 331 -35.83 -55.79 -47.61
C VAL AA 331 -35.77 -54.45 -46.90
N PRO AA 332 -36.72 -53.50 -47.06
CA PRO AA 332 -36.61 -52.29 -46.24
C PRO AA 332 -37.32 -52.37 -44.90
N LEU AA 333 -38.20 -53.34 -44.66
CA LEU AA 333 -38.93 -53.40 -43.39
C LEU AA 333 -38.01 -53.39 -42.18
N LEU AA 334 -36.80 -53.93 -42.32
CA LEU AA 334 -35.82 -53.99 -41.24
C LEU AA 334 -35.42 -52.60 -40.75
N ASP AA 335 -35.59 -51.57 -41.57
CA ASP AA 335 -35.26 -50.20 -41.17
C ASP AA 335 -36.28 -49.59 -40.21
N SER AA 336 -37.23 -50.37 -39.73
CA SER AA 336 -38.31 -49.87 -38.89
C SER AA 336 -37.78 -49.39 -37.53
N ASN AA 337 -38.52 -48.48 -36.92
CA ASN AA 337 -38.15 -47.93 -35.63
C ASN AA 337 -38.48 -48.89 -34.49
N ARG AA 338 -39.60 -49.60 -34.60
CA ARG AA 338 -40.04 -50.47 -33.53
C ARG AA 338 -39.31 -51.82 -33.59
N LEU AA 339 -39.37 -52.54 -32.46
CA LEU AA 339 -38.60 -53.77 -32.34
C LEU AA 339 -39.28 -54.96 -32.99
N GLU AA 340 -40.60 -55.08 -32.82
CA GLU AA 340 -41.32 -56.29 -33.23
C GLU AA 340 -41.24 -56.51 -34.74
N ALA AA 341 -41.31 -55.44 -35.52
CA ALA AA 341 -41.19 -55.55 -36.98
C ALA AA 341 -39.84 -56.13 -37.36
N GLN AA 342 -38.78 -55.62 -36.76
CA GLN AA 342 -37.43 -56.12 -37.01
C GLN AA 342 -37.31 -57.58 -36.60
N CYS AA 343 -37.87 -57.94 -35.44
CA CYS AA 343 -37.81 -59.31 -34.94
C CYS AA 343 -38.50 -60.29 -35.88
N ILE AA 344 -39.71 -59.95 -36.35
CA ILE AA 344 -40.43 -60.90 -37.19
C ILE AA 344 -39.79 -60.98 -38.57
N GLY AA 345 -39.26 -59.85 -39.07
CA GLY AA 345 -38.60 -59.89 -40.36
C GLY AA 345 -37.38 -60.79 -40.32
N ALA AA 346 -36.61 -60.69 -39.23
CA ALA AA 346 -35.43 -61.52 -39.09
C ALA AA 346 -35.80 -62.98 -38.93
N PHE AA 347 -36.86 -63.27 -38.15
CA PHE AA 347 -37.31 -64.65 -37.99
C PHE AA 347 -37.69 -65.25 -39.34
N TYR AA 348 -38.48 -64.53 -40.15
CA TYR AA 348 -38.87 -65.03 -41.46
C TYR AA 348 -37.65 -65.29 -42.35
N LEU AA 349 -36.81 -64.26 -42.57
CA LEU AA 349 -35.67 -64.44 -43.47
C LEU AA 349 -34.75 -65.56 -43.01
N CYS AA 350 -34.45 -65.62 -41.71
CA CYS AA 350 -33.58 -66.67 -41.22
C CYS AA 350 -34.22 -68.06 -41.39
N ALA AA 351 -35.54 -68.15 -41.19
CA ALA AA 351 -36.23 -69.43 -41.33
C ALA AA 351 -36.23 -69.92 -42.78
N GLU AA 352 -36.49 -69.02 -43.73
CA GLU AA 352 -36.43 -69.48 -45.11
C GLU AA 352 -35.00 -69.67 -45.58
N ALA AA 353 -34.03 -69.00 -44.96
CA ALA AA 353 -32.63 -69.30 -45.27
C ALA AA 353 -32.30 -70.72 -44.84
N ALA AA 354 -32.72 -71.09 -43.62
CA ALA AA 354 -32.53 -72.46 -43.15
C ALA AA 354 -33.25 -73.47 -44.03
N ILE AA 355 -34.40 -73.09 -44.59
CA ILE AA 355 -35.11 -73.99 -45.50
C ILE AA 355 -34.36 -74.14 -46.83
N LYS AA 356 -33.93 -73.03 -47.43
CA LYS AA 356 -33.28 -73.02 -48.74
C LYS AA 356 -31.80 -73.34 -48.67
N SER AA 357 -31.28 -73.59 -47.48
CA SER AA 357 -29.86 -73.83 -47.29
C SER AA 357 -29.40 -75.22 -47.71
N LEU AA 358 -30.22 -76.26 -47.48
CA LEU AA 358 -29.75 -77.60 -47.80
C LEU AA 358 -29.73 -77.85 -49.31
N GLN AA 359 -30.69 -77.31 -50.06
CA GLN AA 359 -30.63 -77.40 -51.51
C GLN AA 359 -29.47 -76.57 -52.06
N GLY AA 360 -29.30 -76.61 -53.37
CA GLY AA 360 -28.25 -75.85 -54.00
C GLY AA 360 -28.58 -74.38 -54.14
N LYS AA 361 -29.86 -74.00 -54.10
CA LYS AA 361 -30.14 -72.60 -54.37
C LYS AA 361 -29.95 -71.74 -53.12
N THR AA 362 -28.76 -71.14 -53.07
CA THR AA 362 -28.36 -70.12 -52.12
C THR AA 362 -28.06 -68.80 -52.79
N LYS AA 363 -28.13 -68.77 -54.13
CA LYS AA 363 -27.75 -67.63 -54.94
C LYS AA 363 -28.83 -66.56 -54.98
N VAL AA 364 -30.05 -66.89 -54.55
CA VAL AA 364 -31.09 -65.89 -54.43
C VAL AA 364 -30.70 -64.80 -53.43
N PHE AA 365 -30.09 -65.19 -52.30
CA PHE AA 365 -29.62 -64.19 -51.34
C PHE AA 365 -28.54 -63.29 -51.94
N SER AA 366 -27.75 -63.83 -52.87
CA SER AA 366 -26.75 -63.01 -53.55
C SER AA 366 -27.40 -61.94 -54.41
N ASP AA 367 -28.17 -62.34 -55.42
CA ASP AA 367 -28.63 -61.35 -56.40
C ASP AA 367 -29.76 -60.47 -55.88
N ILE AA 368 -30.41 -60.80 -54.76
CA ILE AA 368 -31.40 -59.89 -54.20
C ILE AA 368 -30.79 -58.86 -53.26
N GLY AA 369 -29.53 -59.02 -52.88
CA GLY AA 369 -28.85 -58.04 -52.06
C GLY AA 369 -29.28 -57.97 -50.61
N ALA AA 370 -29.91 -59.02 -50.07
CA ALA AA 370 -30.26 -58.99 -48.65
C ALA AA 370 -29.04 -59.22 -47.77
N ILE AA 371 -28.03 -59.92 -48.30
CA ILE AA 371 -26.81 -60.20 -47.56
C ILE AA 371 -26.10 -58.90 -47.17
N GLN AA 372 -26.23 -57.85 -47.99
CA GLN AA 372 -25.57 -56.58 -47.68
C GLN AA 372 -26.20 -55.95 -46.43
N SER AA 373 -27.52 -55.98 -46.35
CA SER AA 373 -28.20 -55.42 -45.17
C SER AA 373 -27.92 -56.26 -43.93
N LEU AA 374 -27.85 -57.58 -44.09
CA LEU AA 374 -27.51 -58.45 -42.97
C LEU AA 374 -26.08 -58.19 -42.49
N LYS AA 375 -25.11 -58.11 -43.40
CA LYS AA 375 -23.74 -57.79 -43.02
C LYS AA 375 -23.63 -56.38 -42.45
N ARG AA 376 -24.58 -55.51 -42.79
CA ARG AA 376 -24.65 -54.18 -42.18
C ARG AA 376 -25.06 -54.28 -40.71
N LEU AA 377 -26.25 -54.82 -40.45
CA LEU AA 377 -26.91 -54.63 -39.17
C LEU AA 377 -26.34 -55.50 -38.03
N VAL AA 378 -25.46 -56.45 -38.31
CA VAL AA 378 -24.98 -57.32 -37.25
C VAL AA 378 -24.01 -56.59 -36.33
N SER AA 379 -23.21 -55.67 -36.87
CA SER AA 379 -22.29 -54.90 -36.04
C SER AA 379 -23.00 -53.68 -35.48
N TYR AA 380 -22.61 -53.29 -34.27
CA TYR AA 380 -23.24 -52.22 -33.50
C TYR AA 380 -24.74 -52.45 -33.35
N SER AA 381 -25.08 -53.54 -32.68
CA SER AA 381 -26.47 -53.84 -32.39
C SER AA 381 -26.55 -54.47 -31.02
N THR AA 382 -27.36 -53.89 -30.14
CA THR AA 382 -27.58 -54.41 -28.80
C THR AA 382 -29.02 -54.91 -28.76
N ASN AA 383 -29.22 -56.11 -29.29
CA ASN AA 383 -30.53 -56.72 -29.37
C ASN AA 383 -30.26 -58.21 -29.54
N GLY AA 384 -30.47 -58.99 -28.48
CA GLY AA 384 -30.06 -60.38 -28.50
C GLY AA 384 -30.80 -61.23 -29.53
N THR AA 385 -32.12 -61.02 -29.65
CA THR AA 385 -32.89 -61.81 -30.60
C THR AA 385 -32.51 -61.53 -32.05
N LYS AA 386 -32.57 -60.26 -32.50
CA LYS AA 386 -32.35 -59.98 -33.92
C LYS AA 386 -30.90 -60.27 -34.31
N SER AA 387 -29.94 -59.89 -33.46
CA SER AA 387 -28.53 -60.15 -33.77
C SER AA 387 -28.24 -61.64 -33.77
N ALA AA 388 -28.82 -62.38 -32.83
CA ALA AA 388 -28.63 -63.83 -32.80
C ALA AA 388 -29.21 -64.46 -34.06
N LEU AA 389 -30.38 -63.98 -34.51
CA LEU AA 389 -31.01 -64.52 -35.71
C LEU AA 389 -30.20 -64.18 -36.94
N ALA AA 390 -29.66 -62.96 -37.00
CA ALA AA 390 -28.83 -62.56 -38.13
C ALA AA 390 -27.56 -63.39 -38.18
N LYS AA 391 -26.98 -63.68 -37.01
CA LYS AA 391 -25.78 -64.51 -36.96
C LYS AA 391 -26.09 -65.92 -37.41
N ARG AA 392 -27.22 -66.47 -36.98
CA ARG AA 392 -27.62 -67.81 -37.41
C ARG AA 392 -27.86 -67.84 -38.91
N ALA AA 393 -28.47 -66.79 -39.46
CA ALA AA 393 -28.70 -66.71 -40.90
C ALA AA 393 -27.38 -66.67 -41.67
N LEU AA 394 -26.45 -65.83 -41.23
CA LEU AA 394 -25.17 -65.71 -41.94
C LEU AA 394 -24.36 -67.00 -41.86
N ARG AA 395 -24.25 -67.57 -40.67
CA ARG AA 395 -23.51 -68.81 -40.50
C ARG AA 395 -24.16 -70.01 -41.19
N LEU AA 396 -25.46 -69.95 -41.48
CA LEU AA 396 -26.02 -70.99 -42.34
C LEU AA 396 -25.59 -70.84 -43.80
N LEU AA 397 -25.40 -69.62 -44.28
CA LEU AA 397 -24.99 -69.48 -45.68
C LEU AA 397 -23.47 -69.63 -45.87
N GLY AA 398 -22.75 -70.06 -44.84
CA GLY AA 398 -21.32 -70.25 -44.94
C GLY AA 398 -20.49 -68.98 -44.95
N GLU AA 399 -21.08 -67.83 -44.63
CA GLU AA 399 -20.31 -66.60 -44.58
C GLU AA 399 -19.70 -66.41 -43.19
N GLU AA 400 -19.00 -65.29 -43.02
CA GLU AA 400 -18.35 -64.94 -41.76
C GLU AA 400 -19.01 -63.68 -41.22
N VAL AA 401 -19.24 -63.65 -39.92
CA VAL AA 401 -19.88 -62.47 -39.33
C VAL AA 401 -18.86 -61.34 -39.21
N PRO AA 402 -19.22 -60.12 -39.52
CA PRO AA 402 -18.31 -59.00 -39.26
C PRO AA 402 -18.23 -58.67 -37.78
N ARG AA 403 -17.22 -57.90 -37.45
CA ARG AA 403 -17.02 -57.40 -36.11
C ARG AA 403 -16.62 -55.95 -36.23
N PRO AA 404 -16.98 -55.12 -35.25
CA PRO AA 404 -16.65 -53.70 -35.32
C PRO AA 404 -15.15 -53.46 -35.29
N ILE AA 405 -14.75 -52.29 -35.74
CA ILE AA 405 -13.36 -51.89 -35.73
C ILE AA 405 -13.26 -50.70 -34.81
N LEU AA 406 -12.93 -50.95 -33.62
CA LEU AA 406 -12.93 -50.00 -32.52
C LEU AA 406 -11.54 -49.44 -32.29
N PRO AA 407 -11.44 -48.23 -31.78
CA PRO AA 407 -10.13 -47.63 -31.51
C PRO AA 407 -9.42 -48.35 -30.38
N SER AA 408 -8.11 -48.53 -30.54
CA SER AA 408 -7.29 -49.07 -29.47
C SER AA 408 -6.82 -47.92 -28.60
N VAL AA 409 -7.76 -47.39 -27.84
CA VAL AA 409 -7.49 -46.25 -26.96
C VAL AA 409 -6.35 -46.47 -25.98
N PRO AA 410 -6.29 -47.55 -25.19
CA PRO AA 410 -5.29 -47.60 -24.12
C PRO AA 410 -3.86 -47.77 -24.61
N SER AA 411 -3.61 -47.84 -25.90
CA SER AA 411 -2.27 -47.75 -26.44
C SER AA 411 -2.32 -46.63 -27.48
N TRP AA 412 -2.25 -45.40 -26.99
CA TRP AA 412 -2.22 -44.21 -27.82
C TRP AA 412 -1.03 -43.38 -27.42
N LYS AA 413 -0.75 -42.34 -28.21
CA LYS AA 413 0.29 -41.41 -27.83
C LYS AA 413 -0.30 -40.02 -27.86
N GLU AA 414 0.54 -39.00 -27.73
CA GLU AA 414 0.02 -37.64 -27.63
C GLU AA 414 -0.57 -37.16 -28.94
N ALA AA 415 -0.09 -37.68 -30.07
CA ALA AA 415 -0.61 -37.22 -31.36
C ALA AA 415 -2.05 -37.64 -31.53
N GLU AA 416 -2.38 -38.87 -31.15
CA GLU AA 416 -3.75 -39.34 -31.30
C GLU AA 416 -4.68 -38.65 -30.32
N VAL AA 417 -4.17 -38.37 -29.12
CA VAL AA 417 -4.97 -37.62 -28.15
C VAL AA 417 -5.30 -36.24 -28.70
N GLN AA 418 -4.33 -35.58 -29.32
CA GLN AA 418 -4.60 -34.24 -29.82
C GLN AA 418 -5.53 -34.26 -31.00
N THR AA 419 -5.39 -35.23 -31.91
CA THR AA 419 -6.36 -35.27 -33.00
C THR AA 419 -7.75 -35.65 -32.50
N TRP AA 420 -7.84 -36.42 -31.40
CA TRP AA 420 -9.16 -36.69 -30.83
C TRP AA 420 -9.77 -35.42 -30.29
N LEU AA 421 -8.95 -34.57 -29.68
CA LEU AA 421 -9.45 -33.31 -29.17
C LEU AA 421 -9.86 -32.39 -30.30
N GLN AA 422 -9.20 -32.47 -31.46
CA GLN AA 422 -9.70 -31.75 -32.63
C GLN AA 422 -11.05 -32.28 -33.04
N GLN AA 423 -11.22 -33.60 -32.97
CA GLN AA 423 -12.44 -34.23 -33.47
C GLN AA 423 -13.65 -33.89 -32.63
N ILE AA 424 -13.52 -33.97 -31.31
CA ILE AA 424 -14.71 -33.73 -30.48
C ILE AA 424 -15.06 -32.26 -30.35
N GLY AA 425 -14.18 -31.36 -30.74
CA GLY AA 425 -14.49 -29.95 -30.66
C GLY AA 425 -13.86 -29.23 -29.50
N PHE AA 426 -13.07 -29.90 -28.68
CA PHE AA 426 -12.38 -29.21 -27.59
C PHE AA 426 -10.99 -28.76 -28.02
N SER AA 427 -10.91 -28.11 -29.17
CA SER AA 427 -9.61 -27.77 -29.75
C SER AA 427 -8.91 -26.65 -29.01
N LYS AA 428 -9.57 -25.98 -28.07
CA LYS AA 428 -8.96 -24.85 -27.40
C LYS AA 428 -8.13 -25.30 -26.22
N TYR AA 429 -8.14 -26.60 -25.92
CA TYR AA 429 -7.37 -27.16 -24.84
C TYR AA 429 -6.21 -28.00 -25.31
N CYS AA 430 -5.98 -28.08 -26.62
CA CYS AA 430 -4.92 -28.93 -27.16
C CYS AA 430 -3.55 -28.51 -26.69
N GLU AA 431 -3.37 -27.26 -26.30
CA GLU AA 431 -2.08 -26.81 -25.79
C GLU AA 431 -1.78 -27.45 -24.44
N SER AA 432 -2.73 -27.35 -23.50
CA SER AA 432 -2.52 -27.87 -22.15
C SER AA 432 -2.30 -29.37 -22.17
N PHE AA 433 -3.12 -30.10 -22.93
CA PHE AA 433 -2.95 -31.53 -23.04
C PHE AA 433 -1.64 -31.94 -23.69
N ARG AA 434 -0.96 -31.00 -24.37
CA ARG AA 434 0.37 -31.27 -24.91
C ARG AA 434 1.47 -31.00 -23.90
N GLU AA 435 1.28 -30.02 -23.04
CA GLU AA 435 2.33 -29.65 -22.10
C GLU AA 435 2.48 -30.71 -21.03
N GLN AA 436 1.36 -31.26 -20.56
CA GLN AA 436 1.37 -32.31 -19.56
C GLN AA 436 1.63 -33.68 -20.15
N GLN AA 437 1.69 -33.79 -21.48
CA GLN AA 437 1.95 -35.04 -22.19
C GLN AA 437 0.94 -36.12 -21.85
N VAL AA 438 -0.35 -35.75 -21.94
CA VAL AA 438 -1.41 -36.71 -21.67
C VAL AA 438 -1.50 -37.69 -22.83
N ASP AA 439 -1.48 -38.98 -22.53
CA ASP AA 439 -1.63 -40.02 -23.53
C ASP AA 439 -2.81 -40.90 -23.15
N GLY AA 440 -2.96 -42.01 -23.87
CA GLY AA 440 -4.19 -42.80 -23.76
C GLY AA 440 -4.41 -43.41 -22.39
N ASP AA 441 -3.35 -43.94 -21.79
CA ASP AA 441 -3.47 -44.49 -20.44
C ASP AA 441 -3.79 -43.41 -19.44
N LEU AA 442 -3.21 -42.23 -19.61
CA LEU AA 442 -3.52 -41.15 -18.70
C LEU AA 442 -4.84 -40.50 -19.04
N LEU AA 443 -5.25 -40.58 -20.29
CA LEU AA 443 -6.55 -40.05 -20.68
C LEU AA 443 -7.68 -40.86 -20.05
N LEU AA 444 -7.55 -42.17 -20.03
CA LEU AA 444 -8.64 -42.99 -19.54
C LEU AA 444 -8.75 -42.99 -18.03
N ARG AA 445 -7.86 -42.31 -17.32
CA ARG AA 445 -7.89 -42.28 -15.86
C ARG AA 445 -7.98 -40.86 -15.33
N LEU AA 446 -8.60 -39.96 -16.09
CA LEU AA 446 -8.72 -38.58 -15.66
C LEU AA 446 -9.86 -38.43 -14.66
N THR AA 447 -9.65 -37.57 -13.68
CA THR AA 447 -10.67 -37.20 -12.71
C THR AA 447 -10.94 -35.71 -12.85
N GLU AA 448 -11.81 -35.20 -11.98
CA GLU AA 448 -12.16 -33.79 -12.06
C GLU AA 448 -11.10 -32.88 -11.48
N GLU AA 449 -10.26 -33.39 -10.58
CA GLU AA 449 -9.23 -32.54 -10.01
C GLU AA 449 -8.13 -32.25 -11.03
N GLU AA 450 -7.77 -33.24 -11.83
CA GLU AA 450 -6.78 -33.00 -12.87
C GLU AA 450 -7.32 -32.09 -13.95
N LEU AA 451 -8.62 -32.18 -14.24
CA LEU AA 451 -9.21 -31.29 -15.21
C LEU AA 451 -9.25 -29.87 -14.70
N GLN AA 452 -9.72 -29.69 -13.48
CA GLN AA 452 -9.97 -28.35 -12.97
C GLN AA 452 -8.68 -27.63 -12.60
N THR AA 453 -7.78 -28.31 -11.91
CA THR AA 453 -6.62 -27.62 -11.35
C THR AA 453 -5.60 -27.29 -12.41
N ASP AA 454 -5.10 -28.30 -13.12
CA ASP AA 454 -3.94 -28.11 -13.98
C ASP AA 454 -4.22 -28.17 -15.48
N LEU AA 455 -5.33 -28.76 -15.90
CA LEU AA 455 -5.66 -28.68 -17.32
C LEU AA 455 -6.49 -27.46 -17.67
N GLY AA 456 -7.03 -26.76 -16.68
CA GLY AA 456 -7.62 -25.46 -16.89
C GLY AA 456 -9.11 -25.42 -17.17
N MET AA 457 -9.81 -26.55 -17.15
CA MET AA 457 -11.26 -26.53 -17.36
C MET AA 457 -11.91 -26.07 -16.06
N LYS AA 458 -12.14 -24.76 -15.96
CA LYS AA 458 -12.65 -24.21 -14.71
C LYS AA 458 -14.14 -24.46 -14.55
N SER AA 459 -14.92 -24.18 -15.59
CA SER AA 459 -16.37 -24.20 -15.47
C SER AA 459 -16.92 -25.61 -15.47
N GLY AA 460 -17.83 -25.90 -14.54
CA GLY AA 460 -18.39 -27.23 -14.41
C GLY AA 460 -19.17 -27.70 -15.62
N ILE AA 461 -19.73 -26.76 -16.38
CA ILE AA 461 -20.43 -27.11 -17.60
C ILE AA 461 -19.47 -27.69 -18.63
N THR AA 462 -18.29 -27.09 -18.75
CA THR AA 462 -17.32 -27.58 -19.73
C THR AA 462 -16.80 -28.94 -19.33
N ARG AA 463 -16.57 -29.16 -18.04
CA ARG AA 463 -16.14 -30.48 -17.59
C ARG AA 463 -17.23 -31.50 -17.80
N LYS AA 464 -18.49 -31.10 -17.65
CA LYS AA 464 -19.59 -32.03 -17.89
C LYS AA 464 -19.68 -32.42 -19.35
N ARG AA 465 -19.46 -31.46 -20.26
CA ARG AA 465 -19.42 -31.80 -21.68
C ARG AA 465 -18.25 -32.71 -22.02
N PHE AA 466 -17.09 -32.42 -21.44
CA PHE AA 466 -15.92 -33.26 -21.68
C PHE AA 466 -16.16 -34.67 -21.22
N PHE AA 467 -16.77 -34.84 -20.05
CA PHE AA 467 -16.99 -36.18 -19.55
C PHE AA 467 -18.05 -36.90 -20.35
N ARG AA 468 -19.02 -36.17 -20.90
CA ARG AA 468 -19.97 -36.77 -21.81
C ARG AA 468 -19.26 -37.38 -23.02
N GLU AA 469 -18.31 -36.64 -23.57
CA GLU AA 469 -17.59 -37.13 -24.75
C GLU AA 469 -16.67 -38.29 -24.39
N LEU AA 470 -16.02 -38.19 -23.22
CA LEU AA 470 -15.13 -39.24 -22.78
C LEU AA 470 -15.88 -40.54 -22.55
N THR AA 471 -17.02 -40.48 -21.86
CA THR AA 471 -17.77 -41.70 -21.63
C THR AA 471 -18.42 -42.21 -22.89
N GLU AA 472 -18.54 -41.38 -23.93
CA GLU AA 472 -18.97 -41.95 -25.20
C GLU AA 472 -17.82 -42.69 -25.85
N LEU AA 473 -16.60 -42.19 -25.70
CA LEU AA 473 -15.44 -42.88 -26.26
C LEU AA 473 -15.16 -44.18 -25.54
N LYS AA 474 -15.30 -44.19 -24.22
CA LYS AA 474 -14.89 -45.34 -23.43
C LYS AA 474 -15.77 -46.56 -23.68
N THR AA 475 -17.02 -46.35 -24.06
CA THR AA 475 -17.86 -47.50 -24.35
C THR AA 475 -17.56 -48.09 -25.71
N PHE AA 476 -16.82 -47.40 -26.55
CA PHE AA 476 -16.52 -47.87 -27.90
C PHE AA 476 -15.03 -47.99 -28.12
N ALA AA 477 -14.31 -48.53 -27.15
CA ALA AA 477 -12.87 -48.70 -27.28
C ALA AA 477 -12.55 -50.18 -27.46
N ASN AA 478 -11.28 -50.48 -27.67
CA ASN AA 478 -10.83 -51.84 -27.90
C ASN AA 478 -9.82 -52.19 -26.82
N TYR AA 479 -10.25 -52.97 -25.84
CA TYR AA 479 -9.44 -53.29 -24.68
C TYR AA 479 -8.72 -54.61 -24.81
N SER AA 480 -8.61 -55.15 -26.03
CA SER AA 480 -8.11 -56.51 -26.20
C SER AA 480 -6.65 -56.64 -25.81
N THR AA 481 -5.87 -55.57 -25.94
CA THR AA 481 -4.46 -55.68 -25.61
C THR AA 481 -4.19 -55.70 -24.11
N CYS AA 482 -5.20 -55.49 -23.28
CA CYS AA 482 -4.99 -55.46 -21.83
C CYS AA 482 -5.99 -56.27 -21.04
N ASP AA 483 -7.03 -56.80 -21.65
CA ASP AA 483 -8.09 -57.51 -20.95
C ASP AA 483 -8.01 -58.98 -21.32
N ARG AA 484 -7.51 -59.80 -20.40
CA ARG AA 484 -7.33 -61.22 -20.68
C ARG AA 484 -8.63 -61.99 -20.50
N SER AA 485 -9.29 -61.79 -19.36
CA SER AA 485 -10.46 -62.57 -18.99
C SER AA 485 -11.73 -62.17 -19.73
N ASN AA 486 -11.62 -61.29 -20.73
CA ASN AA 486 -12.75 -60.80 -21.51
C ASN AA 486 -13.83 -60.19 -20.62
N LEU AA 487 -13.41 -59.22 -19.82
CA LEU AA 487 -14.33 -58.58 -18.88
C LEU AA 487 -15.31 -57.67 -19.59
N ALA AA 488 -14.90 -57.12 -20.74
CA ALA AA 488 -15.71 -56.15 -21.45
C ALA AA 488 -17.03 -56.74 -21.91
N ASP AA 489 -17.00 -57.97 -22.44
CA ASP AA 489 -18.25 -58.60 -22.84
C ASP AA 489 -19.13 -58.93 -21.64
N TRP AA 490 -18.52 -59.28 -20.51
CA TRP AA 490 -19.32 -59.56 -19.32
C TRP AA 490 -20.02 -58.30 -18.84
N LEU AA 491 -19.36 -57.16 -18.94
CA LEU AA 491 -20.02 -55.92 -18.56
C LEU AA 491 -21.03 -55.48 -19.58
N GLY AA 492 -20.78 -55.75 -20.87
CA GLY AA 492 -21.72 -55.35 -21.89
C GLY AA 492 -22.98 -56.18 -21.90
N SER AA 493 -22.89 -57.44 -21.46
CA SER AA 493 -24.07 -58.28 -21.40
C SER AA 493 -25.08 -57.78 -20.38
N LEU AA 494 -24.61 -57.16 -19.30
CA LEU AA 494 -25.53 -56.56 -18.35
C LEU AA 494 -26.25 -55.38 -18.96
N ASP AA 495 -25.50 -54.40 -19.41
CA ASP AA 495 -26.02 -53.16 -19.93
C ASP AA 495 -24.94 -52.55 -20.80
N PRO AA 496 -25.26 -52.10 -22.02
CA PRO AA 496 -24.23 -51.48 -22.87
C PRO AA 496 -23.61 -50.25 -22.27
N ARG AA 497 -24.29 -49.56 -21.35
CA ARG AA 497 -23.71 -48.39 -20.72
C ARG AA 497 -22.59 -48.75 -19.74
N PHE AA 498 -22.45 -50.02 -19.40
CA PHE AA 498 -21.55 -50.42 -18.32
C PHE AA 498 -20.15 -50.71 -18.82
N ARG AA 499 -19.99 -50.87 -20.14
CA ARG AA 499 -18.70 -51.22 -20.71
C ARG AA 499 -17.65 -50.17 -20.43
N GLN AA 500 -18.08 -48.92 -20.24
CA GLN AA 500 -17.18 -47.84 -19.92
C GLN AA 500 -16.38 -48.06 -18.65
N TYR AA 501 -16.81 -48.96 -17.77
CA TYR AA 501 -16.05 -49.12 -16.54
C TYR AA 501 -14.92 -50.12 -16.66
N THR AA 502 -14.76 -50.79 -17.80
CA THR AA 502 -13.89 -51.96 -17.83
C THR AA 502 -12.44 -51.63 -17.51
N TYR AA 503 -11.96 -50.45 -17.93
CA TYR AA 503 -10.56 -50.16 -17.70
C TYR AA 503 -10.29 -49.89 -16.24
N GLY AA 504 -11.26 -49.33 -15.53
CA GLY AA 504 -11.08 -49.17 -14.10
C GLY AA 504 -11.06 -50.48 -13.37
N LEU AA 505 -11.64 -51.52 -13.94
CA LEU AA 505 -11.54 -52.82 -13.29
C LEU AA 505 -10.26 -53.54 -13.64
N VAL AA 506 -9.61 -53.21 -14.74
CA VAL AA 506 -8.46 -54.02 -15.11
C VAL AA 506 -7.18 -53.42 -14.57
N SER AA 507 -7.01 -52.10 -14.71
CA SER AA 507 -5.84 -51.43 -14.15
C SER AA 507 -5.74 -51.62 -12.64
N CYS AA 508 -6.88 -51.71 -11.95
CA CYS AA 508 -6.82 -52.00 -10.53
C CYS AA 508 -6.50 -53.46 -10.25
N GLY AA 509 -6.69 -54.35 -11.23
CA GLY AA 509 -6.22 -55.70 -11.06
C GLY AA 509 -7.24 -56.81 -11.23
N LEU AA 510 -8.52 -56.48 -11.21
CA LEU AA 510 -9.57 -57.49 -11.20
C LEU AA 510 -9.61 -58.28 -12.51
N ASP AA 511 -10.40 -59.34 -12.49
CA ASP AA 511 -10.67 -60.17 -13.65
C ASP AA 511 -11.95 -60.95 -13.37
N ARG AA 512 -12.38 -61.74 -14.36
CA ARG AA 512 -13.65 -62.42 -14.26
C ARG AA 512 -13.67 -63.48 -13.17
N SER AA 513 -12.52 -64.06 -12.86
CA SER AA 513 -12.51 -65.14 -11.89
C SER AA 513 -12.62 -64.62 -10.46
N LEU AA 514 -11.81 -63.63 -10.12
CA LEU AA 514 -11.75 -63.13 -8.75
C LEU AA 514 -12.63 -61.91 -8.54
N LEU AA 515 -13.58 -61.67 -9.43
CA LEU AA 515 -14.47 -60.54 -9.29
C LEU AA 515 -15.47 -60.75 -8.17
N HIS AA 516 -15.82 -61.99 -7.90
CA HIS AA 516 -17.00 -62.34 -7.12
C HIS AA 516 -16.86 -62.05 -5.64
N ARG AA 517 -15.78 -61.42 -5.17
CA ARG AA 517 -15.63 -61.15 -3.76
C ARG AA 517 -15.09 -59.75 -3.53
N VAL AA 518 -15.61 -58.80 -4.28
CA VAL AA 518 -15.24 -57.41 -4.10
C VAL AA 518 -16.36 -56.75 -3.33
N SER AA 519 -16.02 -55.71 -2.57
CA SER AA 519 -17.01 -54.98 -1.80
C SER AA 519 -17.38 -53.70 -2.53
N GLU AA 520 -18.48 -53.08 -2.09
CA GLU AA 520 -18.91 -51.83 -2.67
C GLU AA 520 -17.90 -50.73 -2.40
N GLN AA 521 -17.37 -50.68 -1.19
CA GLN AA 521 -16.43 -49.64 -0.83
C GLN AA 521 -15.14 -49.77 -1.61
N GLN AA 522 -14.85 -50.95 -2.16
CA GLN AA 522 -13.72 -51.07 -3.05
C GLN AA 522 -14.08 -50.62 -4.46
N LEU AA 523 -15.33 -50.82 -4.87
CA LEU AA 523 -15.79 -50.33 -6.16
C LEU AA 523 -15.88 -48.83 -6.21
N LEU AA 524 -16.01 -48.15 -5.08
CA LEU AA 524 -16.24 -46.72 -5.16
C LEU AA 524 -14.98 -45.95 -5.50
N GLU AA 525 -13.89 -46.15 -4.75
CA GLU AA 525 -12.72 -45.32 -5.01
C GLU AA 525 -11.63 -46.01 -5.82
N ASP AA 526 -11.60 -47.33 -5.88
CA ASP AA 526 -10.58 -47.96 -6.71
C ASP AA 526 -11.00 -48.03 -8.16
N CYS AA 527 -12.17 -48.59 -8.44
CA CYS AA 527 -12.63 -48.70 -9.81
C CYS AA 527 -13.28 -47.44 -10.33
N GLY AA 528 -13.43 -46.41 -9.49
CA GLY AA 528 -13.95 -45.14 -9.95
C GLY AA 528 -15.39 -45.13 -10.40
N ILE AA 529 -16.22 -46.01 -9.85
CA ILE AA 529 -17.64 -46.02 -10.16
C ILE AA 529 -18.33 -45.07 -9.20
N HIS AA 530 -19.08 -44.12 -9.73
CA HIS AA 530 -19.66 -43.07 -8.90
C HIS AA 530 -21.15 -43.25 -8.65
N LEU AA 531 -21.92 -43.65 -9.67
CA LEU AA 531 -23.35 -43.83 -9.48
C LEU AA 531 -23.62 -45.04 -8.61
N GLY AA 532 -24.40 -44.84 -7.55
CA GLY AA 532 -24.75 -45.92 -6.65
C GLY AA 532 -25.54 -47.02 -7.33
N VAL AA 533 -26.36 -46.67 -8.31
CA VAL AA 533 -27.18 -47.65 -8.99
C VAL AA 533 -26.32 -48.63 -9.76
N HIS AA 534 -25.27 -48.12 -10.42
CA HIS AA 534 -24.40 -48.98 -11.19
C HIS AA 534 -23.58 -49.88 -10.29
N ARG AA 535 -23.13 -49.35 -9.14
CA ARG AA 535 -22.45 -50.18 -8.15
C ARG AA 535 -23.34 -51.30 -7.68
N ALA AA 536 -24.60 -50.99 -7.38
CA ALA AA 536 -25.49 -52.01 -6.86
C ALA AA 536 -25.78 -53.08 -7.90
N ARG AA 537 -26.02 -52.68 -9.15
CA ARG AA 537 -26.31 -53.66 -10.19
C ARG AA 537 -25.11 -54.53 -10.47
N ILE AA 538 -23.91 -53.95 -10.46
CA ILE AA 538 -22.70 -54.72 -10.70
C ILE AA 538 -22.45 -55.68 -9.55
N LEU AA 539 -22.69 -55.23 -8.32
CA LEU AA 539 -22.48 -56.09 -7.16
C LEU AA 539 -23.42 -57.29 -7.17
N THR AA 540 -24.71 -57.06 -7.45
CA THR AA 540 -25.63 -58.18 -7.45
C THR AA 540 -25.36 -59.14 -8.60
N ALA AA 541 -24.98 -58.61 -9.77
CA ALA AA 541 -24.74 -59.48 -10.89
C ALA AA 541 -23.44 -60.26 -10.74
N ALA AA 542 -22.47 -59.70 -10.04
CA ALA AA 542 -21.23 -60.42 -9.82
C ALA AA 542 -21.42 -61.46 -8.73
N ARG AA 543 -22.12 -61.08 -7.67
CA ARG AA 543 -22.26 -61.92 -6.49
C ARG AA 543 -23.17 -63.09 -6.79
N GLU AA 544 -24.06 -62.93 -7.77
CA GLU AA 544 -24.88 -64.04 -8.23
C GLU AA 544 -24.03 -65.10 -8.92
N MET AA 545 -23.01 -64.69 -9.67
CA MET AA 545 -22.06 -65.63 -10.25
C MET AA 545 -21.00 -65.89 -9.18
N LEU AA 546 -21.39 -66.68 -8.19
CA LEU AA 546 -20.61 -66.76 -6.95
C LEU AA 546 -19.39 -67.66 -7.07
N HIS AA 547 -19.60 -68.95 -7.30
CA HIS AA 547 -18.55 -69.95 -7.27
C HIS AA 547 -18.65 -70.86 -8.48
N SER AA 548 -18.77 -70.24 -9.65
CA SER AA 548 -18.91 -70.99 -10.90
C SER AA 548 -17.78 -71.98 -11.18
N PRO AA 549 -16.49 -71.67 -10.95
CA PRO AA 549 -15.56 -72.78 -11.15
C PRO AA 549 -15.51 -73.71 -9.94
N MET BA 1 -5.10 -56.45 -41.35
CA MET BA 1 -6.04 -55.87 -40.40
C MET BA 1 -6.00 -54.36 -40.51
N ALA BA 2 -4.79 -53.80 -40.62
CA ALA BA 2 -4.64 -52.36 -40.75
C ALA BA 2 -5.32 -51.86 -42.00
N VAL BA 3 -6.35 -51.04 -41.82
CA VAL BA 3 -7.12 -50.53 -42.95
C VAL BA 3 -6.29 -49.50 -43.71
N GLN BA 4 -6.39 -49.54 -45.03
CA GLN BA 4 -5.73 -48.57 -45.89
C GLN BA 4 -6.78 -47.66 -46.49
N LEU BA 5 -6.50 -46.37 -46.47
CA LEU BA 5 -7.39 -45.38 -47.06
C LEU BA 5 -6.71 -44.72 -48.24
N VAL BA 6 -7.47 -44.47 -49.29
CA VAL BA 6 -6.97 -43.78 -50.48
C VAL BA 6 -7.95 -42.68 -50.86
N GLU BA 7 -7.43 -41.50 -51.13
CA GLU BA 7 -8.27 -40.37 -51.49
C GLU BA 7 -8.31 -40.19 -53.00
N SER BA 8 -9.23 -39.33 -53.43
CA SER BA 8 -9.35 -38.98 -54.84
C SER BA 8 -10.16 -37.69 -54.93
N GLY BA 9 -9.90 -36.95 -56.01
CA GLY BA 9 -10.46 -35.62 -56.20
C GLY BA 9 -9.35 -34.58 -56.25
N GLY BA 10 -9.59 -33.46 -55.58
CA GLY BA 10 -8.55 -32.47 -55.44
C GLY BA 10 -8.34 -31.64 -56.69
N GLY BA 11 -7.17 -31.03 -56.77
CA GLY BA 11 -6.84 -30.21 -57.92
C GLY BA 11 -7.13 -28.74 -57.64
N LEU BA 12 -7.78 -28.08 -58.60
CA LEU BA 12 -7.97 -26.65 -58.51
C LEU BA 12 -9.29 -26.25 -59.15
N VAL BA 13 -9.89 -25.20 -58.62
CA VAL BA 13 -11.13 -24.62 -59.11
C VAL BA 13 -11.06 -23.12 -58.93
N GLN BA 14 -12.12 -22.45 -59.33
CA GLN BA 14 -12.27 -21.01 -59.21
C GLN BA 14 -13.02 -20.66 -57.94
N PRO BA 15 -12.84 -19.45 -57.41
CA PRO BA 15 -13.62 -19.03 -56.25
C PRO BA 15 -15.11 -19.03 -56.56
N GLY BA 16 -15.87 -19.76 -55.74
CA GLY BA 16 -17.24 -20.06 -56.07
C GLY BA 16 -17.25 -21.29 -56.96
N GLY BA 17 -17.97 -22.32 -56.55
CA GLY BA 17 -17.97 -23.56 -57.30
C GLY BA 17 -17.81 -24.76 -56.41
N SER BA 18 -18.26 -25.92 -56.87
CA SER BA 18 -18.33 -27.12 -56.05
C SER BA 18 -17.25 -28.12 -56.46
N LEU BA 19 -17.05 -29.10 -55.58
CA LEU BA 19 -16.12 -30.18 -55.80
C LEU BA 19 -16.54 -31.33 -54.90
N ARG BA 20 -16.13 -32.55 -55.25
CA ARG BA 20 -16.42 -33.71 -54.43
C ARG BA 20 -15.17 -34.55 -54.28
N LEU BA 21 -14.84 -34.88 -53.04
CA LEU BA 21 -13.70 -35.72 -52.71
C LEU BA 21 -14.19 -37.09 -52.27
N SER BA 22 -13.43 -38.11 -52.59
CA SER BA 22 -13.80 -39.48 -52.26
C SER BA 22 -12.68 -40.13 -51.48
N CYS BA 23 -13.05 -41.00 -50.56
CA CYS BA 23 -12.07 -41.75 -49.76
C CYS BA 23 -12.52 -43.19 -49.66
N ALA BA 24 -11.70 -44.10 -50.16
CA ALA BA 24 -12.03 -45.52 -50.23
C ALA BA 24 -11.14 -46.31 -49.29
N ALA BA 25 -11.74 -47.29 -48.62
CA ALA BA 25 -11.11 -48.09 -47.59
C ALA BA 25 -10.91 -49.52 -48.07
N SER BA 26 -10.25 -50.31 -47.22
CA SER BA 26 -9.94 -51.69 -47.55
C SER BA 26 -10.99 -52.68 -47.05
N VAL BA 27 -11.84 -52.26 -46.13
CA VAL BA 27 -12.87 -53.11 -45.55
C VAL BA 27 -14.21 -52.41 -45.70
N SER BA 28 -15.24 -53.01 -45.14
CA SER BA 28 -16.54 -52.37 -45.13
C SER BA 28 -16.51 -51.15 -44.23
N ILE BA 29 -17.00 -50.01 -44.74
CA ILE BA 29 -17.05 -48.81 -43.93
C ILE BA 29 -18.00 -49.00 -42.76
N SER BA 30 -19.06 -49.78 -42.94
CA SER BA 30 -20.08 -49.95 -41.93
C SER BA 30 -19.60 -50.62 -40.67
N ARG BA 31 -18.35 -51.09 -40.64
CA ARG BA 31 -17.76 -51.65 -39.42
C ARG BA 31 -17.01 -50.60 -38.63
N ILE BA 32 -16.57 -49.54 -39.28
CA ILE BA 32 -15.73 -48.54 -38.65
C ILE BA 32 -16.60 -47.64 -37.78
N TYR BA 33 -16.09 -47.30 -36.60
CA TYR BA 33 -16.86 -46.51 -35.65
C TYR BA 33 -17.05 -45.08 -36.15
N VAL BA 34 -15.96 -44.34 -36.32
CA VAL BA 34 -16.05 -42.97 -36.82
C VAL BA 34 -15.11 -42.82 -38.01
N MET BA 35 -15.50 -41.95 -38.93
CA MET BA 35 -14.62 -41.52 -40.00
C MET BA 35 -14.70 -40.00 -40.12
N ALA BA 36 -13.64 -39.40 -40.63
CA ALA BA 36 -13.55 -37.95 -40.56
C ALA BA 36 -12.66 -37.43 -41.67
N TRP BA 37 -12.86 -36.16 -41.99
CA TRP BA 37 -12.04 -35.46 -42.97
C TRP BA 37 -11.30 -34.35 -42.24
N TYR BA 38 -10.03 -34.15 -42.61
CA TYR BA 38 -9.20 -33.17 -41.94
C TYR BA 38 -8.55 -32.29 -42.99
N ARG BA 39 -8.13 -31.10 -42.55
CA ARG BA 39 -7.69 -30.06 -43.46
C ARG BA 39 -6.46 -29.40 -42.85
N GLN BA 40 -5.36 -29.37 -43.60
CA GLN BA 40 -4.16 -28.70 -43.12
C GLN BA 40 -3.72 -27.69 -44.17
N ALA BA 41 -3.77 -26.43 -43.79
CA ALA BA 41 -3.32 -25.31 -44.59
C ALA BA 41 -1.82 -25.13 -44.42
N PRO BA 42 -1.13 -24.63 -45.45
CA PRO BA 42 0.30 -24.39 -45.31
C PRO BA 42 0.57 -23.30 -44.28
N GLY BA 43 1.45 -23.59 -43.34
CA GLY BA 43 1.79 -22.66 -42.29
C GLY BA 43 0.97 -22.77 -41.03
N LYS BA 44 0.05 -23.73 -40.94
CA LYS BA 44 -0.73 -23.94 -39.73
C LYS BA 44 -0.85 -25.43 -39.48
N GLN BA 45 -1.56 -25.79 -38.42
CA GLN BA 45 -1.76 -27.16 -38.00
C GLN BA 45 -3.08 -27.69 -38.54
N ARG BA 46 -3.30 -28.99 -38.35
CA ARG BA 46 -4.49 -29.64 -38.88
C ARG BA 46 -5.73 -29.17 -38.14
N GLU BA 47 -6.88 -29.43 -38.74
CA GLU BA 47 -8.16 -29.20 -38.09
C GLU BA 47 -9.19 -30.09 -38.75
N VAL BA 48 -10.28 -30.25 -38.08
CA VAL BA 48 -11.35 -31.13 -38.54
C VAL BA 48 -12.28 -30.33 -39.43
N VAL BA 49 -12.92 -31.00 -40.40
CA VAL BA 49 -13.96 -30.36 -41.18
C VAL BA 49 -15.26 -31.15 -41.21
N ALA BA 50 -15.25 -32.46 -40.99
CA ALA BA 50 -16.48 -33.24 -40.91
C ALA BA 50 -16.19 -34.58 -40.26
N VAL BA 51 -17.15 -35.08 -39.48
CA VAL BA 51 -17.07 -36.41 -38.91
C VAL BA 51 -18.40 -37.11 -39.16
N ILE BA 52 -18.37 -38.44 -39.07
CA ILE BA 52 -19.57 -39.24 -39.24
C ILE BA 52 -19.39 -40.57 -38.52
N ARG BA 53 -20.41 -41.00 -37.78
CA ARG BA 53 -20.32 -42.19 -36.97
C ARG BA 53 -20.96 -43.37 -37.69
N TYR BA 54 -21.04 -44.50 -36.98
CA TYR BA 54 -21.61 -45.71 -37.56
C TYR BA 54 -23.10 -45.56 -37.82
N ASP BA 55 -23.78 -44.76 -37.02
CA ASP BA 55 -25.21 -44.55 -37.18
C ASP BA 55 -25.53 -43.36 -38.06
N GLY BA 56 -24.52 -42.75 -38.67
CA GLY BA 56 -24.75 -41.64 -39.58
C GLY BA 56 -25.23 -40.36 -38.94
N THR BA 57 -24.63 -39.96 -37.83
CA THR BA 57 -24.85 -38.64 -37.27
C THR BA 57 -23.58 -37.84 -37.46
N THR BA 58 -23.71 -36.64 -38.02
CA THR BA 58 -22.57 -35.87 -38.47
C THR BA 58 -22.47 -34.56 -37.72
N ASN BA 59 -21.24 -34.13 -37.48
CA ASN BA 59 -20.96 -32.86 -36.83
C ASN BA 59 -20.04 -32.04 -37.71
N TYR BA 60 -20.34 -30.76 -37.83
CA TYR BA 60 -19.50 -29.87 -38.59
C TYR BA 60 -19.05 -28.72 -37.72
N PRO BA 61 -17.87 -28.16 -37.96
CA PRO BA 61 -17.49 -26.93 -37.27
C PRO BA 61 -18.33 -25.78 -37.78
N ASP BA 62 -18.35 -24.71 -36.99
CA ASP BA 62 -19.15 -23.54 -37.34
C ASP BA 62 -18.63 -22.83 -38.58
N SER BA 63 -17.34 -23.01 -38.90
CA SER BA 63 -16.74 -22.31 -40.02
C SER BA 63 -17.35 -22.73 -41.36
N VAL BA 64 -17.73 -23.99 -41.49
CA VAL BA 64 -18.11 -24.53 -42.79
C VAL BA 64 -19.51 -25.12 -42.78
N LYS BA 65 -20.33 -24.73 -41.81
CA LYS BA 65 -21.70 -25.22 -41.77
C LYS BA 65 -22.50 -24.67 -42.94
N GLY BA 66 -23.27 -25.56 -43.58
CA GLY BA 66 -24.05 -25.18 -44.72
C GLY BA 66 -23.32 -25.28 -46.04
N ARG BA 67 -21.99 -25.30 -46.03
CA ARG BA 67 -21.23 -25.32 -47.27
C ARG BA 67 -20.65 -26.70 -47.59
N PHE BA 68 -20.48 -27.57 -46.60
CA PHE BA 68 -19.93 -28.90 -46.83
C PHE BA 68 -20.97 -29.95 -46.46
N THR BA 69 -20.72 -31.18 -46.90
CA THR BA 69 -21.63 -32.29 -46.60
C THR BA 69 -20.90 -33.61 -46.77
N ILE BA 70 -20.93 -34.44 -45.73
CA ILE BA 70 -20.24 -35.73 -45.72
C ILE BA 70 -21.25 -36.86 -45.75
N SER BA 71 -20.96 -37.88 -46.54
CA SER BA 71 -21.87 -39.02 -46.58
C SER BA 71 -21.15 -40.34 -46.81
N ARG BA 72 -21.71 -41.41 -46.27
CA ARG BA 72 -21.26 -42.76 -46.49
C ARG BA 72 -21.93 -43.31 -47.74
N ASP BA 73 -21.21 -44.13 -48.49
CA ASP BA 73 -21.83 -44.87 -49.58
C ASP BA 73 -21.60 -46.35 -49.32
N ASN BA 74 -22.68 -47.09 -49.14
CA ASN BA 74 -22.57 -48.49 -48.77
C ASN BA 74 -22.44 -49.42 -49.96
N ALA BA 75 -22.65 -48.94 -51.18
CA ALA BA 75 -22.50 -49.80 -52.35
C ALA BA 75 -21.05 -50.20 -52.52
N LYS BA 76 -20.17 -49.21 -52.65
CA LYS BA 76 -18.73 -49.43 -52.61
C LYS BA 76 -18.19 -48.64 -51.45
N ASN BA 77 -17.23 -49.22 -50.73
CA ASN BA 77 -16.78 -48.64 -49.47
C ASN BA 77 -16.08 -47.32 -49.75
N THR BA 78 -16.82 -46.22 -49.58
CA THR BA 78 -16.32 -44.91 -49.94
C THR BA 78 -17.11 -43.85 -49.20
N VAL BA 79 -16.40 -42.94 -48.55
CA VAL BA 79 -17.01 -41.79 -47.91
C VAL BA 79 -16.74 -40.56 -48.78
N TYR BA 80 -17.77 -39.77 -49.00
CA TYR BA 80 -17.72 -38.61 -49.87
C TYR BA 80 -17.79 -37.33 -49.06
N LEU BA 81 -17.09 -36.31 -49.53
CA LEU BA 81 -17.21 -34.95 -49.04
C LEU BA 81 -17.58 -34.05 -50.20
N GLN BA 82 -18.61 -33.23 -50.00
CA GLN BA 82 -19.15 -32.34 -51.02
C GLN BA 82 -18.94 -30.91 -50.56
N MET BA 83 -18.26 -30.13 -51.39
CA MET BA 83 -17.85 -28.77 -51.08
C MET BA 83 -18.56 -27.85 -52.06
N ASN BA 84 -19.55 -27.11 -51.59
CA ASN BA 84 -20.46 -26.44 -52.51
C ASN BA 84 -20.04 -25.02 -52.85
N SER BA 85 -19.95 -24.16 -51.85
CA SER BA 85 -19.60 -22.76 -52.07
C SER BA 85 -18.21 -22.53 -51.50
N LEU BA 86 -17.26 -22.24 -52.37
CA LEU BA 86 -15.87 -22.19 -51.97
C LEU BA 86 -15.39 -20.75 -51.81
N LYS BA 87 -14.46 -20.56 -50.89
CA LYS BA 87 -13.83 -19.31 -50.57
C LYS BA 87 -12.38 -19.36 -51.01
N PRO BA 88 -11.67 -18.23 -51.00
CA PRO BA 88 -10.23 -18.32 -51.32
C PRO BA 88 -9.41 -18.96 -50.21
N GLU BA 89 -9.83 -18.85 -48.96
CA GLU BA 89 -9.03 -19.43 -47.88
C GLU BA 89 -9.26 -20.93 -47.70
N ASP BA 90 -10.12 -21.54 -48.49
CA ASP BA 90 -10.36 -22.97 -48.38
C ASP BA 90 -9.44 -23.75 -49.31
N THR BA 91 -8.15 -23.47 -49.23
CA THR BA 91 -7.15 -24.15 -50.04
C THR BA 91 -6.11 -24.76 -49.11
N ALA BA 92 -5.92 -26.07 -49.22
CA ALA BA 92 -5.11 -26.80 -48.25
C ALA BA 92 -4.92 -28.22 -48.75
N VAL BA 93 -4.23 -29.03 -47.97
CA VAL BA 93 -4.19 -30.46 -48.21
C VAL BA 93 -5.23 -31.12 -47.32
N TYR BA 94 -5.98 -32.05 -47.89
CA TYR BA 94 -7.07 -32.71 -47.18
C TYR BA 94 -6.72 -34.17 -46.94
N TYR BA 95 -7.08 -34.67 -45.77
CA TYR BA 95 -6.79 -36.04 -45.39
C TYR BA 95 -8.05 -36.76 -44.96
N CYS BA 96 -8.07 -38.06 -45.21
CA CYS BA 96 -9.11 -38.96 -44.77
C CYS BA 96 -8.64 -39.68 -43.52
N ASN BA 97 -9.54 -39.88 -42.57
CA ASN BA 97 -9.17 -40.45 -41.28
C ASN BA 97 -10.17 -41.52 -40.90
N ALA BA 98 -9.65 -42.71 -40.59
CA ALA BA 98 -10.41 -43.78 -39.96
C ALA BA 98 -10.39 -43.51 -38.47
N ASN BA 99 -10.64 -44.53 -37.64
CA ASN BA 99 -11.12 -44.40 -36.26
C ASN BA 99 -10.51 -43.26 -35.48
N VAL BA 100 -9.23 -43.33 -35.13
CA VAL BA 100 -8.44 -42.14 -34.87
C VAL BA 100 -7.08 -42.29 -35.51
N GLU BA 101 -6.45 -43.44 -35.28
CA GLU BA 101 -5.04 -43.65 -35.56
C GLU BA 101 -4.71 -43.52 -37.03
N THR BA 102 -5.39 -44.29 -37.88
CA THR BA 102 -4.96 -44.42 -39.26
C THR BA 102 -5.30 -43.18 -40.07
N TRP BA 103 -4.36 -42.76 -40.89
CA TRP BA 103 -4.48 -41.61 -41.75
C TRP BA 103 -4.45 -42.02 -43.21
N GLY BA 104 -4.77 -41.07 -44.07
CA GLY BA 104 -4.53 -41.19 -45.49
C GLY BA 104 -3.24 -40.51 -45.87
N GLN BA 105 -3.11 -40.19 -47.16
CA GLN BA 105 -1.93 -39.48 -47.63
C GLN BA 105 -2.22 -38.05 -48.05
N GLY BA 106 -3.45 -37.71 -48.34
CA GLY BA 106 -3.82 -36.33 -48.59
C GLY BA 106 -3.94 -36.02 -50.07
N THR BA 107 -4.66 -34.94 -50.36
CA THR BA 107 -4.88 -34.43 -51.71
C THR BA 107 -4.89 -32.91 -51.63
N GLN BA 108 -4.20 -32.27 -52.57
CA GLN BA 108 -4.07 -30.82 -52.55
C GLN BA 108 -5.29 -30.21 -53.21
N VAL BA 109 -5.78 -29.10 -52.66
CA VAL BA 109 -6.95 -28.41 -53.19
C VAL BA 109 -6.66 -26.92 -53.20
N THR BA 110 -6.85 -26.29 -54.36
CA THR BA 110 -6.55 -24.87 -54.53
C THR BA 110 -7.67 -24.15 -55.28
N VAL BA 111 -7.83 -22.87 -54.96
CA VAL BA 111 -8.92 -22.05 -55.48
C VAL BA 111 -8.37 -20.73 -56.04
N SER BA 112 -8.41 -20.57 -57.35
CA SER BA 112 -7.99 -19.35 -58.04
C SER BA 112 -8.43 -19.44 -59.50
N SER BA 113 -7.97 -18.49 -60.31
CA SER BA 113 -8.23 -18.49 -61.75
C SER BA 113 -7.75 -19.77 -62.44
N PRO CA 324 -80.84 -32.88 -30.12
CA PRO CA 324 -81.56 -31.69 -30.60
C PRO CA 324 -81.16 -30.42 -29.86
N ASP CA 325 -82.14 -29.57 -29.57
CA ASP CA 325 -81.91 -28.32 -28.85
C ASP CA 325 -81.73 -28.53 -27.36
N ASP CA 326 -82.22 -29.65 -26.83
CA ASP CA 326 -82.02 -29.97 -25.43
C ASP CA 326 -80.55 -30.24 -25.15
N LEU CA 327 -79.86 -30.85 -26.12
CA LEU CA 327 -78.44 -31.17 -25.98
C LEU CA 327 -77.59 -29.91 -25.90
N GLN CA 328 -78.03 -28.83 -26.53
CA GLN CA 328 -77.31 -27.56 -26.46
C GLN CA 328 -77.22 -27.01 -25.04
N ARG CA 329 -78.20 -27.29 -24.18
CA ARG CA 329 -78.06 -26.86 -22.79
C ARG CA 329 -76.93 -27.58 -22.07
N LEU CA 330 -76.57 -28.80 -22.48
CA LEU CA 330 -75.50 -29.53 -21.83
C LEU CA 330 -74.13 -29.24 -22.46
N VAL CA 331 -74.06 -28.27 -23.37
CA VAL CA 331 -72.82 -27.94 -24.07
C VAL CA 331 -71.92 -26.98 -23.29
N PRO CA 332 -72.40 -25.93 -22.61
CA PRO CA 332 -71.45 -25.14 -21.82
C PRO CA 332 -71.26 -25.62 -20.39
N LEU CA 333 -72.14 -26.49 -19.85
CA LEU CA 333 -72.01 -26.92 -18.46
C LEU CA 333 -70.64 -27.50 -18.14
N LEU CA 334 -69.99 -28.11 -19.14
CA LEU CA 334 -68.67 -28.71 -18.98
C LEU CA 334 -67.62 -27.69 -18.55
N ASP CA 335 -67.84 -26.40 -18.86
CA ASP CA 335 -66.90 -25.35 -18.48
C ASP CA 335 -66.92 -25.01 -17.00
N SER CA 336 -67.67 -25.77 -16.18
CA SER CA 336 -67.83 -25.48 -14.77
C SER CA 336 -66.52 -25.63 -14.01
N ASN CA 337 -66.43 -24.92 -12.88
CA ASN CA 337 -65.24 -24.97 -12.04
C ASN CA 337 -65.20 -26.23 -11.20
N ARG CA 338 -66.35 -26.68 -10.72
CA ARG CA 338 -66.40 -27.83 -9.82
C ARG CA 338 -66.35 -29.13 -10.61
N LEU CA 339 -66.02 -30.21 -9.90
CA LEU CA 339 -65.78 -31.49 -10.54
C LEU CA 339 -67.08 -32.24 -10.84
N GLU CA 340 -68.03 -32.23 -9.91
CA GLU CA 340 -69.22 -33.08 -10.01
C GLU CA 340 -70.08 -32.72 -11.22
N ALA CA 341 -70.19 -31.42 -11.53
CA ALA CA 341 -70.93 -30.99 -12.72
C ALA CA 341 -70.33 -31.57 -13.98
N GLN CA 342 -69.00 -31.48 -14.10
CA GLN CA 342 -68.29 -32.04 -15.24
C GLN CA 342 -68.48 -33.55 -15.32
N CYS CA 343 -68.39 -34.22 -14.18
CA CYS CA 343 -68.54 -35.68 -14.14
C CYS CA 343 -69.92 -36.12 -14.61
N ILE CA 344 -70.98 -35.47 -14.11
CA ILE CA 344 -72.32 -35.92 -14.48
C ILE CA 344 -72.63 -35.55 -15.92
N GLY CA 345 -72.11 -34.41 -16.41
CA GLY CA 345 -72.34 -34.04 -17.79
C GLY CA 345 -71.70 -35.06 -18.72
N ALA CA 346 -70.49 -35.49 -18.37
CA ALA CA 346 -69.79 -36.46 -19.20
C ALA CA 346 -70.49 -37.81 -19.15
N PHE CA 347 -70.96 -38.22 -17.96
CA PHE CA 347 -71.69 -39.48 -17.84
C PHE CA 347 -72.94 -39.47 -18.73
N TYR CA 348 -73.74 -38.39 -18.67
CA TYR CA 348 -74.93 -38.29 -19.52
C TYR CA 348 -74.58 -38.36 -21.00
N LEU CA 349 -73.71 -37.47 -21.48
CA LEU CA 349 -73.41 -37.44 -22.91
C LEU CA 349 -72.84 -38.77 -23.39
N CYS CA 350 -71.92 -39.37 -22.63
CA CYS CA 350 -71.35 -40.64 -23.03
C CYS CA 350 -72.41 -41.74 -23.04
N ALA CA 351 -73.34 -41.72 -22.08
CA ALA CA 351 -74.38 -42.74 -22.01
C ALA CA 351 -75.34 -42.64 -23.19
N GLU CA 352 -75.76 -41.42 -23.55
CA GLU CA 352 -76.63 -41.32 -24.70
C GLU CA 352 -75.87 -41.52 -26.00
N ALA CA 353 -74.56 -41.28 -26.02
CA ALA CA 353 -73.78 -41.64 -27.20
C ALA CA 353 -73.78 -43.14 -27.38
N ALA CA 354 -73.55 -43.88 -26.30
CA ALA CA 354 -73.62 -45.34 -26.34
C ALA CA 354 -75.00 -45.83 -26.76
N ILE CA 355 -76.06 -45.10 -26.36
CA ILE CA 355 -77.41 -45.48 -26.78
C ILE CA 355 -77.62 -45.23 -28.27
N LYS CA 356 -77.25 -44.05 -28.76
CA LYS CA 356 -77.47 -43.62 -30.15
C LYS CA 356 -76.42 -44.15 -31.11
N SER CA 357 -75.45 -44.92 -30.60
CA SER CA 357 -74.34 -45.40 -31.41
C SER CA 357 -74.72 -46.58 -32.31
N LEU CA 358 -75.56 -47.50 -31.84
CA LEU CA 358 -75.86 -48.68 -32.66
C LEU CA 358 -76.75 -48.32 -33.83
N GLN CA 359 -77.71 -47.41 -33.66
CA GLN CA 359 -78.50 -46.96 -34.80
C GLN CA 359 -77.64 -46.16 -35.78
N GLY CA 360 -78.24 -45.72 -36.87
CA GLY CA 360 -77.54 -44.94 -37.84
C GLY CA 360 -77.35 -43.49 -37.43
N LYS CA 361 -78.16 -42.99 -36.50
CA LYS CA 361 -78.05 -41.56 -36.24
C LYS CA 361 -76.91 -41.27 -35.24
N THR CA 362 -75.78 -40.90 -35.85
CA THR CA 362 -74.60 -40.39 -35.17
C THR CA 362 -74.29 -38.96 -35.59
N LYS CA 363 -75.07 -38.43 -36.53
CA LYS CA 363 -74.83 -37.12 -37.14
C LYS CA 363 -75.30 -35.97 -36.25
N VAL CA 364 -76.11 -36.27 -35.23
CA VAL CA 364 -76.48 -35.25 -34.26
C VAL CA 364 -75.25 -34.70 -33.54
N PHE CA 365 -74.30 -35.57 -33.17
CA PHE CA 365 -73.07 -35.08 -32.55
C PHE CA 365 -72.27 -34.19 -33.50
N SER CA 366 -72.38 -34.43 -34.80
CA SER CA 366 -71.70 -33.58 -35.77
C SER CA 366 -72.30 -32.17 -35.76
N ASP CA 367 -73.59 -32.05 -36.11
CA ASP CA 367 -74.12 -30.71 -36.34
C ASP CA 367 -74.40 -29.93 -35.06
N ILE CA 368 -74.39 -30.57 -33.89
CA ILE CA 368 -74.52 -29.81 -32.64
C ILE CA 368 -73.17 -29.32 -32.11
N GLY CA 369 -72.06 -29.79 -32.67
CA GLY CA 369 -70.76 -29.30 -32.29
C GLY CA 369 -70.26 -29.72 -30.91
N ALA CA 370 -70.80 -30.79 -30.33
CA ALA CA 370 -70.28 -31.26 -29.05
C ALA CA 370 -68.94 -31.97 -29.22
N ILE CA 371 -68.70 -32.55 -30.40
CA ILE CA 371 -67.46 -33.26 -30.69
C ILE CA 371 -66.27 -32.32 -30.59
N GLN CA 372 -66.46 -31.03 -30.89
CA GLN CA 372 -65.35 -30.09 -30.82
C GLN CA 372 -64.92 -29.89 -29.37
N SER CA 373 -65.88 -29.76 -28.44
CA SER CA 373 -65.55 -29.60 -27.03
C SER CA 373 -64.95 -30.88 -26.47
N LEU CA 374 -65.44 -32.04 -26.91
CA LEU CA 374 -64.86 -33.30 -26.47
C LEU CA 374 -63.42 -33.45 -26.97
N LYS CA 375 -63.17 -33.17 -28.26
CA LYS CA 375 -61.80 -33.21 -28.77
C LYS CA 375 -60.92 -32.16 -28.12
N ARG CA 376 -61.52 -31.10 -27.58
CA ARG CA 376 -60.78 -30.11 -26.81
C ARG CA 376 -60.32 -30.69 -25.48
N LEU CA 377 -61.27 -31.12 -24.65
CA LEU CA 377 -60.98 -31.35 -23.23
C LEU CA 377 -60.23 -32.64 -22.93
N VAL CA 378 -60.04 -33.53 -23.89
CA VAL CA 378 -59.40 -34.80 -23.60
C VAL CA 378 -57.90 -34.62 -23.38
N SER CA 379 -57.27 -33.70 -24.09
CA SER CA 379 -55.85 -33.42 -23.90
C SER CA 379 -55.67 -32.42 -22.77
N TYR CA 380 -54.57 -32.58 -22.04
CA TYR CA 380 -54.25 -31.80 -20.85
C TYR CA 380 -55.38 -31.85 -19.83
N SER CA 381 -55.65 -33.06 -19.35
CA SER CA 381 -56.64 -33.24 -18.31
C SER CA 381 -56.16 -34.34 -17.37
N THR CA 382 -56.09 -34.02 -16.08
CA THR CA 382 -55.70 -34.98 -15.06
C THR CA 382 -56.93 -35.24 -14.22
N ASN CA 383 -57.79 -36.11 -14.74
CA ASN CA 383 -59.05 -36.46 -14.08
C ASN CA 383 -59.46 -37.79 -14.70
N GLY CA 384 -59.30 -38.88 -13.94
CA GLY CA 384 -59.48 -40.20 -14.51
C GLY CA 384 -60.90 -40.48 -14.98
N THR CA 385 -61.90 -40.05 -14.20
CA THR CA 385 -63.29 -40.31 -14.57
C THR CA 385 -63.70 -39.55 -15.83
N LYS CA 386 -63.55 -38.22 -15.86
CA LYS CA 386 -64.06 -37.45 -17.00
C LYS CA 386 -63.28 -37.78 -18.26
N SER CA 387 -61.96 -37.88 -18.16
CA SER CA 387 -61.15 -38.20 -19.34
C SER CA 387 -61.45 -39.60 -19.84
N ALA CA 388 -61.61 -40.56 -18.93
CA ALA CA 388 -61.97 -41.93 -19.34
C ALA CA 388 -63.32 -41.94 -20.03
N LEU CA 389 -64.28 -41.17 -19.52
CA LEU CA 389 -65.61 -41.11 -20.13
C LEU CA 389 -65.56 -40.44 -21.50
N ALA CA 390 -64.76 -39.39 -21.62
CA ALA CA 390 -64.62 -38.70 -22.90
C ALA CA 390 -63.96 -39.64 -23.92
N LYS CA 391 -62.98 -40.42 -23.48
CA LYS CA 391 -62.34 -41.37 -24.38
C LYS CA 391 -63.31 -42.45 -24.82
N ARG CA 392 -64.12 -42.95 -23.89
CA ARG CA 392 -65.11 -43.96 -24.25
C ARG CA 392 -66.13 -43.38 -25.21
N ALA CA 393 -66.54 -42.12 -25.00
CA ALA CA 393 -67.47 -41.48 -25.92
C ALA CA 393 -66.89 -41.33 -27.31
N LEU CA 394 -65.65 -40.86 -27.40
CA LEU CA 394 -65.03 -40.66 -28.72
C LEU CA 394 -64.83 -41.99 -29.44
N ARG CA 395 -64.27 -42.99 -28.75
CA ARG CA 395 -64.04 -44.29 -29.36
C ARG CA 395 -65.34 -45.02 -29.71
N LEU CA 396 -66.46 -44.68 -29.09
CA LEU CA 396 -67.72 -45.23 -29.59
C LEU CA 396 -68.16 -44.60 -30.90
N LEU CA 397 -67.85 -43.31 -31.13
CA LEU CA 397 -68.26 -42.72 -32.40
C LEU CA 397 -67.28 -43.00 -33.53
N GLY CA 398 -66.30 -43.89 -33.32
CA GLY CA 398 -65.34 -44.22 -34.35
C GLY CA 398 -64.28 -43.17 -34.61
N GLU CA 399 -64.15 -42.16 -33.77
CA GLU CA 399 -63.11 -41.17 -33.95
C GLU CA 399 -61.82 -41.60 -33.27
N GLU CA 400 -60.80 -40.75 -33.37
CA GLU CA 400 -59.50 -40.99 -32.76
C GLU CA 400 -59.26 -39.95 -31.68
N VAL CA 401 -58.71 -40.39 -30.56
CA VAL CA 401 -58.46 -39.44 -29.47
C VAL CA 401 -57.23 -38.60 -29.80
N PRO CA 402 -57.24 -37.31 -29.53
CA PRO CA 402 -56.03 -36.51 -29.69
C PRO CA 402 -55.04 -36.78 -28.58
N ARG CA 403 -53.82 -36.34 -28.81
CA ARG CA 403 -52.76 -36.43 -27.83
C ARG CA 403 -52.01 -35.11 -27.87
N PRO CA 404 -51.47 -34.67 -26.74
CA PRO CA 404 -50.76 -33.39 -26.71
C PRO CA 404 -49.53 -33.40 -27.58
N ILE CA 405 -49.06 -32.22 -27.92
CA ILE CA 405 -47.86 -32.05 -28.72
C ILE CA 405 -46.86 -31.33 -27.84
N LEU CA 406 -46.05 -32.05 -27.22
CA LEU CA 406 -45.11 -31.61 -26.22
C LEU CA 406 -43.74 -31.38 -26.82
N PRO CA 407 -42.96 -30.47 -26.23
CA PRO CA 407 -41.61 -30.22 -26.75
C PRO CA 407 -40.69 -31.39 -26.51
N SER CA 408 -39.86 -31.68 -27.50
CA SER CA 408 -38.83 -32.70 -27.35
C SER CA 408 -37.59 -32.04 -26.76
N VAL CA 409 -37.71 -31.72 -25.47
CA VAL CA 409 -36.62 -31.04 -24.76
C VAL CA 409 -35.29 -31.78 -24.80
N PRO CA 410 -35.18 -33.08 -24.48
CA PRO CA 410 -33.84 -33.66 -24.34
C PRO CA 410 -33.08 -33.83 -25.64
N SER CA 411 -33.64 -33.45 -26.77
CA SER CA 411 -32.89 -33.34 -28.01
C SER CA 411 -33.11 -31.92 -28.51
N TRP CA 412 -32.36 -30.99 -27.94
CA TRP CA 412 -32.39 -29.59 -28.32
C TRP CA 412 -30.98 -29.15 -28.61
N LYS CA 413 -30.85 -27.95 -29.15
CA LYS CA 413 -29.52 -27.39 -29.33
C LYS CA 413 -29.50 -26.02 -28.70
N GLU CA 414 -28.44 -25.25 -28.91
CA GLU CA 414 -28.31 -23.97 -28.23
C GLU CA 414 -29.32 -22.95 -28.72
N ALA CA 415 -29.75 -23.06 -29.97
CA ALA CA 415 -30.70 -22.10 -30.50
C ALA CA 415 -32.04 -22.20 -29.81
N GLU CA 416 -32.51 -23.42 -29.57
CA GLU CA 416 -33.79 -23.61 -28.91
C GLU CA 416 -33.70 -23.21 -27.45
N VAL CA 417 -32.57 -23.48 -26.82
CA VAL CA 417 -32.39 -23.05 -25.44
C VAL CA 417 -32.46 -21.54 -25.34
N GLN CA 418 -31.83 -20.85 -26.29
CA GLN CA 418 -31.85 -19.39 -26.21
C GLN CA 418 -33.22 -18.82 -26.49
N THR CA 419 -33.94 -19.38 -27.46
CA THR CA 419 -35.29 -18.88 -27.66
C THR CA 419 -36.21 -19.21 -26.48
N TRP CA 420 -35.94 -20.31 -25.77
CA TRP CA 420 -36.72 -20.59 -24.57
C TRP CA 420 -36.44 -19.55 -23.50
N LEU CA 421 -35.19 -19.13 -23.40
CA LEU CA 421 -34.84 -18.09 -22.44
C LEU CA 421 -35.47 -16.76 -22.81
N GLN CA 422 -35.64 -16.50 -24.11
CA GLN CA 422 -36.40 -15.33 -24.52
C GLN CA 422 -37.84 -15.46 -24.08
N GLN CA 423 -38.39 -16.67 -24.19
CA GLN CA 423 -39.81 -16.87 -23.93
C GLN CA 423 -40.14 -16.72 -22.45
N ILE CA 424 -39.35 -17.31 -21.57
CA ILE CA 424 -39.70 -17.24 -20.15
C ILE CA 424 -39.40 -15.90 -19.52
N GLY CA 425 -38.63 -15.05 -20.19
CA GLY CA 425 -38.32 -13.75 -19.63
C GLY CA 425 -36.96 -13.61 -19.01
N PHE CA 426 -36.14 -14.65 -19.06
CA PHE CA 426 -34.78 -14.53 -18.54
C PHE CA 426 -33.81 -14.15 -19.64
N SER CA 427 -34.16 -13.13 -20.42
CA SER CA 427 -33.38 -12.79 -21.60
C SER CA 427 -32.05 -12.15 -21.27
N LYS CA 428 -31.80 -11.79 -20.01
CA LYS CA 428 -30.57 -11.10 -19.65
C LYS CA 428 -29.45 -12.08 -19.41
N TYR CA 429 -29.75 -13.37 -19.45
CA TYR CA 429 -28.75 -14.41 -19.25
C TYR CA 429 -28.42 -15.17 -20.52
N CYS CA 430 -28.99 -14.77 -21.66
CA CYS CA 430 -28.79 -15.49 -22.90
C CYS CA 430 -27.34 -15.48 -23.35
N GLU CA 431 -26.56 -14.50 -22.90
CA GLU CA 431 -25.14 -14.48 -23.25
C GLU CA 431 -24.39 -15.61 -22.57
N SER CA 432 -24.56 -15.75 -21.26
CA SER CA 432 -23.83 -16.75 -20.50
C SER CA 432 -24.19 -18.16 -20.96
N PHE CA 433 -25.49 -18.42 -21.16
CA PHE CA 433 -25.92 -19.72 -21.65
C PHE CA 433 -25.42 -20.02 -23.05
N ARG CA 434 -24.95 -19.01 -23.79
CA ARG CA 434 -24.34 -19.24 -25.08
C ARG CA 434 -22.86 -19.52 -24.99
N GLU CA 435 -22.18 -18.92 -24.02
CA GLU CA 435 -20.75 -19.09 -23.91
C GLU CA 435 -20.40 -20.48 -23.42
N GLN CA 436 -21.19 -21.01 -22.49
CA GLN CA 436 -20.99 -22.34 -21.97
C GLN CA 436 -21.58 -23.41 -22.86
N GLN CA 437 -22.32 -23.02 -23.91
CA GLN CA 437 -22.94 -23.93 -24.87
C GLN CA 437 -23.90 -24.91 -24.19
N VAL CA 438 -24.80 -24.35 -23.37
CA VAL CA 438 -25.79 -25.18 -22.69
C VAL CA 438 -26.84 -25.62 -23.70
N ASP CA 439 -27.10 -26.92 -23.76
CA ASP CA 439 -28.13 -27.47 -24.62
C ASP CA 439 -29.11 -28.26 -23.78
N GLY CA 440 -30.01 -28.98 -24.45
CA GLY CA 440 -31.15 -29.57 -23.75
C GLY CA 440 -30.77 -30.61 -22.72
N ASP CA 441 -29.83 -31.48 -23.07
CA ASP CA 441 -29.37 -32.47 -22.10
C ASP CA 441 -28.67 -31.83 -20.93
N LEU CA 442 -27.92 -30.77 -21.18
CA LEU CA 442 -27.28 -30.07 -20.08
C LEU CA 442 -28.24 -29.17 -19.36
N LEU CA 443 -29.28 -28.71 -20.04
CA LEU CA 443 -30.29 -27.89 -19.39
C LEU CA 443 -31.08 -28.71 -18.37
N LEU CA 444 -31.43 -29.94 -18.73
CA LEU CA 444 -32.27 -30.72 -17.84
C LEU CA 444 -31.52 -31.27 -16.63
N ARG CA 445 -30.22 -31.04 -16.54
CA ARG CA 445 -29.42 -31.56 -15.43
C ARG CA 445 -28.70 -30.45 -14.69
N LEU CA 446 -29.28 -29.25 -14.67
CA LEU CA 446 -28.67 -28.15 -13.96
C LEU CA 446 -28.92 -28.23 -12.48
N THR CA 447 -27.93 -27.84 -11.70
CA THR CA 447 -28.03 -27.72 -10.25
C THR CA 447 -27.80 -26.27 -9.87
N GLU CA 448 -27.81 -26.01 -8.56
CA GLU CA 448 -27.63 -24.64 -8.10
C GLU CA 448 -26.18 -24.18 -8.16
N GLU CA 449 -25.23 -25.10 -8.14
CA GLU CA 449 -23.84 -24.69 -8.19
C GLU CA 449 -23.46 -24.20 -9.58
N GLU CA 450 -23.98 -24.85 -10.62
CA GLU CA 450 -23.72 -24.37 -11.97
C GLU CA 450 -24.41 -23.04 -12.22
N LEU CA 451 -25.58 -22.84 -11.63
CA LEU CA 451 -26.27 -21.57 -11.80
C LEU CA 451 -25.51 -20.46 -11.09
N GLN CA 452 -25.14 -20.70 -9.85
CA GLN CA 452 -24.59 -19.63 -9.03
C GLN CA 452 -23.17 -19.29 -9.43
N THR CA 453 -22.33 -20.31 -9.63
CA THR CA 453 -20.90 -20.05 -9.81
C THR CA 453 -20.58 -19.49 -11.19
N ASP CA 454 -20.96 -20.22 -12.24
CA ASP CA 454 -20.49 -19.87 -13.57
C ASP CA 454 -21.55 -19.32 -14.52
N LEU CA 455 -22.83 -19.54 -14.25
CA LEU CA 455 -23.82 -18.89 -15.08
C LEU CA 455 -24.22 -17.52 -14.55
N GLY CA 456 -23.85 -17.18 -13.32
CA GLY CA 456 -23.97 -15.83 -12.84
C GLY CA 456 -25.23 -15.48 -12.08
N MET CA 457 -26.14 -16.42 -11.86
CA MET CA 457 -27.35 -16.11 -11.09
C MET CA 457 -26.98 -16.09 -9.62
N LYS CA 458 -26.64 -14.90 -9.13
CA LYS CA 458 -26.15 -14.80 -7.75
C LYS CA 458 -27.28 -14.88 -6.74
N SER CA 459 -28.35 -14.13 -6.96
CA SER CA 459 -29.38 -13.98 -5.95
C SER CA 459 -30.29 -15.21 -5.91
N GLY CA 460 -30.57 -15.67 -4.69
CA GLY CA 460 -31.38 -16.87 -4.52
C GLY CA 460 -32.80 -16.72 -5.02
N ILE CA 461 -33.32 -15.51 -5.02
CA ILE CA 461 -34.65 -15.26 -5.57
C ILE CA 461 -34.68 -15.54 -7.06
N THR CA 462 -33.64 -15.11 -7.78
CA THR CA 462 -33.62 -15.32 -9.22
C THR CA 462 -33.48 -16.80 -9.54
N ARG CA 463 -32.66 -17.52 -8.77
CA ARG CA 463 -32.55 -18.95 -8.99
C ARG CA 463 -33.86 -19.66 -8.66
N LYS CA 464 -34.59 -19.17 -7.66
CA LYS CA 464 -35.87 -19.76 -7.34
C LYS CA 464 -36.87 -19.56 -8.46
N ARG CA 465 -36.88 -18.37 -9.07
CA ARG CA 465 -37.76 -18.14 -10.22
C ARG CA 465 -37.37 -19.01 -11.41
N PHE CA 466 -36.07 -19.14 -11.65
CA PHE CA 466 -35.60 -19.98 -12.75
C PHE CA 466 -36.01 -21.42 -12.55
N PHE CA 467 -35.89 -21.92 -11.34
CA PHE CA 467 -36.25 -23.30 -11.10
C PHE CA 467 -37.74 -23.51 -11.17
N ARG CA 468 -38.53 -22.50 -10.81
CA ARG CA 468 -39.97 -22.56 -11.01
C ARG CA 468 -40.29 -22.77 -12.48
N GLU CA 469 -39.62 -22.01 -13.35
CA GLU CA 469 -39.91 -22.12 -14.78
C GLU CA 469 -39.42 -23.44 -15.33
N LEU CA 470 -38.25 -23.89 -14.87
CA LEU CA 470 -37.68 -25.15 -15.33
C LEU CA 470 -38.57 -26.31 -14.95
N THR CA 471 -39.04 -26.35 -13.71
CA THR CA 471 -39.90 -27.46 -13.30
C THR CA 471 -41.28 -27.35 -13.94
N GLU CA 472 -41.64 -26.18 -14.46
CA GLU CA 472 -42.86 -26.15 -15.25
C GLU CA 472 -42.62 -26.74 -16.62
N LEU CA 473 -41.43 -26.52 -17.18
CA LEU CA 473 -41.09 -27.10 -18.47
C LEU CA 473 -40.93 -28.62 -18.39
N LYS CA 474 -40.32 -29.10 -17.33
CA LYS CA 474 -39.97 -30.51 -17.23
C LYS CA 474 -41.19 -31.40 -17.12
N THR CA 475 -42.28 -30.90 -16.56
CA THR CA 475 -43.47 -31.71 -16.49
C THR CA 475 -44.21 -31.78 -17.80
N PHE CA 476 -43.87 -30.93 -18.77
CA PHE CA 476 -44.54 -30.89 -20.04
C PHE CA 476 -43.58 -31.13 -21.18
N ALA CA 477 -42.68 -32.10 -21.04
CA ALA CA 477 -41.72 -32.40 -22.09
C ALA CA 477 -42.10 -33.73 -22.73
N ASN CA 478 -41.35 -34.11 -23.76
CA ASN CA 478 -41.61 -35.33 -24.51
C ASN CA 478 -40.37 -36.20 -24.42
N TYR CA 479 -40.42 -37.23 -23.58
CA TYR CA 479 -39.27 -38.07 -23.30
C TYR CA 479 -39.26 -39.33 -24.13
N SER CA 480 -40.03 -39.38 -25.22
CA SER CA 480 -40.22 -40.62 -25.95
C SER CA 480 -38.95 -41.10 -26.62
N THR CA 481 -38.05 -40.19 -26.98
CA THR CA 481 -36.83 -40.61 -27.66
C THR CA 481 -35.81 -41.23 -26.72
N CYS CA 482 -36.04 -41.22 -25.41
CA CYS CA 482 -35.07 -41.76 -24.47
C CYS CA 482 -35.67 -42.67 -23.41
N ASP CA 483 -36.98 -42.77 -23.31
CA ASP CA 483 -37.65 -43.54 -22.28
C ASP CA 483 -38.30 -44.76 -22.91
N ARG CA 484 -37.69 -45.93 -22.71
CA ARG CA 484 -38.21 -47.14 -23.33
C ARG CA 484 -39.36 -47.73 -22.54
N SER CA 485 -39.17 -47.88 -21.23
CA SER CA 485 -40.11 -48.57 -20.37
C SER CA 485 -41.34 -47.74 -20.03
N ASN CA 486 -41.51 -46.58 -20.66
CA ASN CA 486 -42.64 -45.68 -20.41
C ASN CA 486 -42.75 -45.30 -18.94
N LEU CA 487 -41.65 -44.78 -18.40
CA LEU CA 487 -41.62 -44.42 -17.00
C LEU CA 487 -42.43 -43.17 -16.72
N ALA CA 488 -42.57 -42.29 -17.71
CA ALA CA 488 -43.24 -41.02 -17.51
C ALA CA 488 -44.70 -41.20 -17.14
N ASP CA 489 -45.39 -42.13 -17.81
CA ASP CA 489 -46.78 -42.38 -17.45
C ASP CA 489 -46.90 -43.00 -16.07
N TRP CA 490 -45.94 -43.85 -15.69
CA TRP CA 490 -45.98 -44.44 -14.36
C TRP CA 490 -45.82 -43.38 -13.29
N LEU CA 491 -44.97 -42.39 -13.55
CA LEU CA 491 -44.83 -41.30 -12.58
C LEU CA 491 -46.02 -40.37 -12.60
N GLY CA 492 -46.62 -40.17 -13.77
CA GLY CA 492 -47.76 -39.28 -13.85
C GLY CA 492 -49.01 -39.86 -13.24
N SER CA 493 -49.13 -41.19 -13.22
CA SER CA 493 -50.29 -41.81 -12.61
C SER CA 493 -50.32 -41.61 -11.11
N LEU CA 494 -49.15 -41.52 -10.46
CA LEU CA 494 -49.11 -41.19 -9.04
C LEU CA 494 -49.59 -39.77 -8.80
N ASP CA 495 -48.94 -38.81 -9.41
CA ASP CA 495 -49.19 -37.40 -9.19
C ASP CA 495 -48.64 -36.68 -10.41
N PRO CA 496 -49.40 -35.77 -11.01
CA PRO CA 496 -48.87 -35.02 -12.16
C PRO CA 496 -47.64 -34.20 -11.86
N ARG CA 497 -47.42 -33.83 -10.60
CA ARG CA 497 -46.22 -33.08 -10.25
C ARG CA 497 -44.96 -33.94 -10.31
N PHE CA 498 -45.09 -35.25 -10.42
CA PHE CA 498 -43.96 -36.15 -10.29
C PHE CA 498 -43.27 -36.41 -11.60
N ARG CA 499 -43.93 -36.08 -12.71
CA ARG CA 499 -43.40 -36.38 -14.04
C ARG CA 499 -42.08 -35.67 -14.26
N GLN CA 500 -41.87 -34.54 -13.59
CA GLN CA 500 -40.62 -33.80 -13.69
C GLN CA 500 -39.40 -34.60 -13.31
N TYR CA 501 -39.56 -35.69 -12.58
CA TYR CA 501 -38.36 -36.41 -12.17
C TYR CA 501 -37.90 -37.44 -13.19
N THR CA 502 -38.64 -37.64 -14.28
CA THR CA 502 -38.40 -38.83 -15.10
C THR CA 502 -37.02 -38.84 -15.73
N TYR CA 503 -36.48 -37.68 -16.08
CA TYR CA 503 -35.19 -37.70 -16.75
C TYR CA 503 -34.08 -38.05 -15.77
N GLY CA 504 -34.24 -37.67 -14.52
CA GLY CA 504 -33.26 -38.08 -13.53
C GLY CA 504 -33.29 -39.57 -13.28
N LEU CA 505 -34.41 -40.23 -13.56
CA LEU CA 505 -34.43 -41.66 -13.40
C LEU CA 505 -33.89 -42.37 -14.63
N VAL CA 506 -33.88 -41.74 -15.79
CA VAL CA 506 -33.50 -42.49 -16.97
C VAL CA 506 -32.02 -42.34 -17.25
N SER CA 507 -31.51 -41.11 -17.19
CA SER CA 507 -30.09 -40.88 -17.38
C SER CA 507 -29.25 -41.63 -16.36
N CYS CA 508 -29.76 -41.81 -15.14
CA CYS CA 508 -29.03 -42.63 -14.18
C CYS CA 508 -29.13 -44.11 -14.50
N GLY CA 509 -30.13 -44.52 -15.28
CA GLY CA 509 -30.15 -45.90 -15.75
C GLY CA 509 -31.39 -46.70 -15.46
N LEU CA 510 -32.25 -46.22 -14.55
CA LEU CA 510 -33.39 -47.00 -14.09
C LEU CA 510 -34.41 -47.22 -15.20
N ASP CA 511 -35.36 -48.09 -14.91
CA ASP CA 511 -36.51 -48.36 -15.77
C ASP CA 511 -37.58 -49.01 -14.92
N ARG CA 512 -38.73 -49.30 -15.54
CA ARG CA 512 -39.88 -49.77 -14.80
C ARG CA 512 -39.65 -51.15 -14.20
N SER CA 513 -38.82 -51.97 -14.82
CA SER CA 513 -38.64 -53.33 -14.33
C SER CA 513 -37.76 -53.37 -13.10
N LEU CA 514 -36.61 -52.71 -13.15
CA LEU CA 514 -35.64 -52.78 -12.07
C LEU CA 514 -35.76 -51.62 -11.09
N LEU CA 515 -36.90 -50.94 -11.11
CA LEU CA 515 -37.09 -49.83 -10.20
C LEU CA 515 -37.32 -50.30 -8.77
N HIS CA 516 -37.87 -51.50 -8.60
CA HIS CA 516 -38.44 -51.93 -7.35
C HIS CA 516 -37.42 -52.25 -6.28
N ARG CA 517 -36.13 -52.01 -6.49
CA ARG CA 517 -35.14 -52.32 -5.48
C ARG CA 517 -34.13 -51.21 -5.36
N VAL CA 518 -34.60 -49.97 -5.38
CA VAL CA 518 -33.74 -48.82 -5.20
C VAL CA 518 -33.93 -48.35 -3.76
N SER CA 519 -32.90 -47.74 -3.20
CA SER CA 519 -32.97 -47.22 -1.84
C SER CA 519 -33.21 -45.72 -1.88
N GLU CA 520 -33.58 -45.18 -0.73
CA GLU CA 520 -33.81 -43.74 -0.62
C GLU CA 520 -32.51 -42.97 -0.84
N GLN CA 521 -31.42 -43.47 -0.27
CA GLN CA 521 -30.15 -42.79 -0.38
C GLN CA 521 -29.64 -42.80 -1.80
N GLN CA 522 -30.13 -43.71 -2.64
CA GLN CA 522 -29.81 -43.64 -4.06
C GLN CA 522 -30.71 -42.64 -4.77
N LEU CA 523 -31.96 -42.50 -4.32
CA LEU CA 523 -32.84 -41.49 -4.89
C LEU CA 523 -32.42 -40.08 -4.55
N LEU CA 524 -31.66 -39.88 -3.49
CA LEU CA 524 -31.40 -38.50 -3.10
C LEU CA 524 -30.35 -37.85 -3.99
N GLU CA 525 -29.18 -38.47 -4.17
CA GLU CA 525 -28.14 -37.78 -4.93
C GLU CA 525 -28.01 -38.25 -6.37
N ASP CA 526 -28.48 -39.45 -6.71
CA ASP CA 526 -28.37 -39.84 -8.11
C ASP CA 526 -29.52 -39.30 -8.94
N CYS CA 527 -30.75 -39.54 -8.51
CA CYS CA 527 -31.90 -39.08 -9.26
C CYS CA 527 -32.24 -37.61 -8.97
N GLY CA 528 -31.55 -36.98 -8.03
CA GLY CA 528 -31.74 -35.58 -7.78
C GLY CA 528 -33.08 -35.19 -7.20
N ILE CA 529 -33.71 -36.08 -6.45
CA ILE CA 529 -34.97 -35.77 -5.77
C ILE CA 529 -34.64 -35.17 -4.42
N HIS CA 530 -35.16 -33.99 -4.14
CA HIS CA 530 -34.79 -33.27 -2.93
C HIS CA 530 -35.85 -33.31 -1.85
N LEU CA 531 -37.12 -33.19 -2.20
CA LEU CA 531 -38.16 -33.23 -1.19
C LEU CA 531 -38.31 -34.63 -0.62
N GLY CA 532 -38.24 -34.72 0.71
CA GLY CA 532 -38.39 -36.01 1.37
C GLY CA 532 -39.73 -36.65 1.14
N VAL CA 533 -40.77 -35.83 1.00
CA VAL CA 533 -42.13 -36.36 0.82
C VAL CA 533 -42.23 -37.08 -0.51
N HIS CA 534 -41.62 -36.51 -1.55
CA HIS CA 534 -41.69 -37.14 -2.86
C HIS CA 534 -40.87 -38.42 -2.90
N ARG CA 535 -39.72 -38.43 -2.23
CA ARG CA 535 -38.94 -39.66 -2.10
C ARG CA 535 -39.74 -40.74 -1.42
N ALA CA 536 -40.43 -40.40 -0.33
CA ALA CA 536 -41.18 -41.39 0.42
C ALA CA 536 -42.34 -41.94 -0.40
N ARG CA 537 -43.06 -41.06 -1.10
CA ARG CA 537 -44.20 -41.53 -1.87
C ARG CA 537 -43.75 -42.39 -3.04
N ILE CA 538 -42.63 -42.03 -3.67
CA ILE CA 538 -42.11 -42.81 -4.78
C ILE CA 538 -41.62 -44.16 -4.29
N LEU CA 539 -40.97 -44.18 -3.13
CA LEU CA 539 -40.47 -45.43 -2.58
C LEU CA 539 -41.60 -46.39 -2.25
N THR CA 540 -42.64 -45.90 -1.59
CA THR CA 540 -43.74 -46.79 -1.22
C THR CA 540 -44.49 -47.27 -2.46
N ALA CA 541 -44.67 -46.40 -3.45
CA ALA CA 541 -45.42 -46.81 -4.64
C ALA CA 541 -44.62 -47.75 -5.51
N ALA CA 542 -43.30 -47.65 -5.48
CA ALA CA 542 -42.48 -48.57 -6.25
C ALA CA 542 -42.38 -49.90 -5.54
N ARG CA 543 -42.21 -49.85 -4.23
CA ARG CA 543 -41.94 -51.05 -3.45
C ARG CA 543 -43.21 -51.88 -3.35
N GLU CA 544 -44.36 -51.23 -3.46
CA GLU CA 544 -45.63 -51.97 -3.52
C GLU CA 544 -45.73 -52.79 -4.80
N MET CA 545 -45.23 -52.27 -5.92
CA MET CA 545 -45.16 -53.04 -7.15
C MET CA 545 -43.85 -53.83 -7.08
N LEU CA 546 -43.87 -54.89 -6.27
CA LEU CA 546 -42.62 -55.54 -5.86
C LEU CA 546 -42.07 -56.48 -6.92
N HIS CA 547 -42.81 -57.55 -7.21
CA HIS CA 547 -42.34 -58.62 -8.07
C HIS CA 547 -43.41 -58.98 -9.09
N SER CA 548 -43.93 -57.95 -9.76
CA SER CA 548 -44.98 -58.15 -10.75
C SER CA 548 -44.62 -59.11 -11.89
N PRO CA 549 -43.39 -59.09 -12.47
CA PRO CA 549 -43.19 -60.16 -13.45
C PRO CA 549 -42.81 -61.48 -12.78
N MET DA 1 -46.33 -35.03 -39.24
CA MET DA 1 -46.32 -34.74 -37.80
C MET DA 1 -45.82 -33.32 -37.59
N ALA DA 2 -44.78 -32.93 -38.33
CA ALA DA 2 -44.23 -31.59 -38.21
C ALA DA 2 -45.28 -30.55 -38.60
N VAL DA 3 -45.68 -29.74 -37.63
CA VAL DA 3 -46.69 -28.73 -37.87
C VAL DA 3 -46.14 -27.62 -38.74
N GLN DA 4 -46.95 -27.13 -39.66
CA GLN DA 4 -46.60 -26.01 -40.52
C GLN DA 4 -47.40 -24.80 -40.08
N LEU DA 5 -46.74 -23.67 -39.98
CA LEU DA 5 -47.39 -22.41 -39.63
C LEU DA 5 -47.30 -21.45 -40.80
N VAL DA 6 -48.38 -20.71 -41.03
CA VAL DA 6 -48.42 -19.70 -42.08
C VAL DA 6 -48.99 -18.42 -41.49
N GLU DA 7 -48.35 -17.31 -41.78
CA GLU DA 7 -48.78 -16.02 -41.26
C GLU DA 7 -49.59 -15.27 -42.31
N SER DA 8 -50.23 -14.19 -41.86
CA SER DA 8 -50.97 -13.31 -42.74
C SER DA 8 -51.19 -11.99 -42.02
N GLY DA 9 -51.33 -10.93 -42.83
CA GLY DA 9 -51.41 -9.57 -42.33
C GLY DA 9 -50.23 -8.75 -42.85
N GLY DA 10 -49.65 -7.96 -41.97
CA GLY DA 10 -48.44 -7.25 -42.33
C GLY DA 10 -48.69 -6.04 -43.20
N GLY DA 11 -47.65 -5.62 -43.88
CA GLY DA 11 -47.74 -4.47 -44.76
C GLY DA 11 -47.30 -3.20 -44.07
N LEU DA 12 -48.09 -2.15 -44.22
CA LEU DA 12 -47.69 -0.84 -43.72
C LEU DA 12 -48.91 -0.05 -43.27
N VAL DA 13 -48.69 0.78 -42.26
CA VAL DA 13 -49.71 1.67 -41.71
C VAL DA 13 -49.03 2.98 -41.30
N GLN DA 14 -49.82 3.89 -40.78
CA GLN DA 14 -49.36 5.18 -40.29
C GLN DA 14 -49.10 5.11 -38.79
N PRO DA 15 -48.25 5.99 -38.27
CA PRO DA 15 -48.05 6.03 -36.82
C PRO DA 15 -49.34 6.36 -36.09
N GLY DA 16 -49.70 5.48 -35.16
CA GLY DA 16 -51.03 5.53 -34.58
C GLY DA 16 -51.96 4.74 -35.49
N GLY DA 17 -52.64 3.74 -34.95
CA GLY DA 17 -53.48 2.91 -35.77
C GLY DA 17 -53.29 1.44 -35.47
N SER DA 18 -54.29 0.62 -35.76
CA SER DA 18 -54.30 -0.78 -35.37
C SER DA 18 -54.07 -1.68 -36.56
N LEU DA 19 -53.76 -2.94 -36.26
CA LEU DA 19 -53.56 -3.98 -37.25
C LEU DA 19 -53.77 -5.32 -36.56
N ARG DA 20 -54.08 -6.34 -37.33
CA ARG DA 20 -54.25 -7.68 -36.79
C ARG DA 20 -53.52 -8.69 -37.65
N LEU DA 21 -52.69 -9.50 -37.03
CA LEU DA 21 -51.95 -10.55 -37.70
C LEU DA 21 -52.55 -11.90 -37.34
N SER DA 22 -52.50 -12.82 -38.30
CA SER DA 22 -53.07 -14.14 -38.10
C SER DA 22 -52.02 -15.19 -38.38
N CYS DA 23 -52.09 -16.30 -37.65
CA CYS DA 23 -51.17 -17.41 -37.85
C CYS DA 23 -51.96 -18.71 -37.79
N ALA DA 24 -51.93 -19.46 -38.88
CA ALA DA 24 -52.71 -20.68 -39.02
C ALA DA 24 -51.80 -21.89 -39.06
N ALA DA 25 -52.22 -22.95 -38.39
CA ALA DA 25 -51.43 -24.17 -38.21
C ALA DA 25 -52.04 -25.33 -38.99
N SER DA 26 -51.36 -26.46 -38.95
CA SER DA 26 -51.78 -27.64 -39.68
C SER DA 26 -52.65 -28.58 -38.86
N VAL DA 27 -52.63 -28.44 -37.55
CA VAL DA 27 -53.37 -29.29 -36.64
C VAL DA 27 -54.23 -28.41 -35.75
N SER DA 28 -54.90 -29.04 -34.79
CA SER DA 28 -55.65 -28.27 -33.82
C SER DA 28 -54.70 -27.50 -32.92
N ILE DA 29 -54.97 -26.21 -32.74
CA ILE DA 29 -54.13 -25.41 -31.85
C ILE DA 29 -54.27 -25.90 -30.42
N SER DA 30 -55.44 -26.40 -30.04
CA SER DA 30 -55.71 -26.79 -28.67
C SER DA 30 -54.87 -27.97 -28.20
N ARG DA 31 -54.08 -28.58 -29.08
CA ARG DA 31 -53.15 -29.63 -28.68
C ARG DA 31 -51.77 -29.09 -28.36
N ILE DA 32 -51.43 -27.92 -28.89
CA ILE DA 32 -50.10 -27.37 -28.75
C ILE DA 32 -49.96 -26.76 -27.36
N TYR DA 33 -48.80 -26.98 -26.74
CA TYR DA 33 -48.58 -26.51 -25.38
C TYR DA 33 -48.51 -24.99 -25.33
N VAL DA 34 -47.52 -24.40 -25.99
CA VAL DA 34 -47.39 -22.94 -26.02
C VAL DA 34 -47.30 -22.48 -27.46
N MET DA 35 -47.80 -21.28 -27.71
CA MET DA 35 -47.58 -20.59 -28.97
C MET DA 35 -47.18 -19.15 -28.68
N ALA DA 36 -46.45 -18.55 -29.61
CA ALA DA 36 -45.84 -17.27 -29.31
C ALA DA 36 -45.61 -16.48 -30.59
N TRP DA 37 -45.49 -15.17 -30.43
CA TRP DA 37 -45.17 -14.27 -31.53
C TRP DA 37 -43.82 -13.65 -31.23
N TYR DA 38 -43.00 -13.50 -32.26
CA TYR DA 38 -41.66 -12.98 -32.11
C TYR DA 38 -41.45 -11.86 -33.11
N ARG DA 39 -40.48 -11.00 -32.80
CA ARG DA 39 -40.29 -9.76 -33.54
C ARG DA 39 -38.79 -9.57 -33.74
N GLN DA 40 -38.36 -9.40 -34.99
CA GLN DA 40 -36.96 -9.13 -35.26
C GLN DA 40 -36.85 -7.87 -36.10
N ALA DA 41 -36.25 -6.86 -35.52
CA ALA DA 41 -35.97 -5.60 -36.16
C ALA DA 41 -34.68 -5.70 -36.96
N PRO DA 42 -34.56 -4.95 -38.05
CA PRO DA 42 -33.31 -4.98 -38.82
C PRO DA 42 -32.16 -4.41 -38.00
N GLY DA 43 -31.08 -5.17 -37.94
CA GLY DA 43 -29.92 -4.77 -37.19
C GLY DA 43 -29.87 -5.23 -35.75
N LYS DA 44 -30.84 -6.02 -35.31
CA LYS DA 44 -30.84 -6.57 -33.95
C LYS DA 44 -31.30 -8.01 -34.00
N GLN DA 45 -31.38 -8.63 -32.84
CA GLN DA 45 -31.77 -10.03 -32.71
C GLN DA 45 -33.25 -10.12 -32.37
N ARG DA 46 -33.76 -11.35 -32.36
CA ARG DA 46 -35.17 -11.58 -32.12
C ARG DA 46 -35.53 -11.25 -30.67
N GLU DA 47 -36.83 -11.12 -30.45
CA GLU DA 47 -37.35 -10.97 -29.10
C GLU DA 47 -38.82 -11.39 -29.11
N VAL DA 48 -39.31 -11.65 -27.95
CA VAL DA 48 -40.69 -12.11 -27.79
C VAL DA 48 -41.60 -10.92 -27.68
N VAL DA 49 -42.85 -11.06 -28.13
CA VAL DA 49 -43.86 -10.03 -27.90
C VAL DA 49 -45.12 -10.56 -27.25
N ALA DA 50 -45.45 -11.85 -27.37
CA ALA DA 50 -46.60 -12.42 -26.69
C ALA DA 50 -46.48 -13.94 -26.68
N VAL DA 51 -46.96 -14.56 -25.59
CA VAL DA 51 -47.05 -16.01 -25.51
C VAL DA 51 -48.43 -16.37 -25.00
N ILE DA 52 -48.81 -17.62 -25.22
CA ILE DA 52 -50.10 -18.12 -24.75
C ILE DA 52 -50.02 -19.64 -24.61
N ARG DA 53 -50.52 -20.17 -23.51
CA ARG DA 53 -50.43 -21.58 -23.22
C ARG DA 53 -51.71 -22.29 -23.58
N TYR DA 54 -51.78 -23.58 -23.26
CA TYR DA 54 -52.95 -24.39 -23.57
C TYR DA 54 -54.16 -23.94 -22.78
N ASP DA 55 -53.96 -23.42 -21.58
CA ASP DA 55 -55.05 -22.98 -20.74
C ASP DA 55 -55.37 -21.51 -20.93
N GLY DA 56 -54.73 -20.85 -21.90
CA GLY DA 56 -55.03 -19.47 -22.18
C GLY DA 56 -54.59 -18.47 -21.13
N THR DA 57 -53.39 -18.62 -20.61
CA THR DA 57 -52.77 -17.59 -19.78
C THR DA 57 -51.64 -16.96 -20.57
N THR DA 58 -51.63 -15.64 -20.64
CA THR DA 58 -50.76 -14.93 -21.55
C THR DA 58 -49.81 -14.02 -20.77
N ASN DA 59 -48.60 -13.89 -21.29
CA ASN DA 59 -47.59 -13.01 -20.72
C ASN DA 59 -47.10 -12.07 -21.79
N TYR DA 60 -46.93 -10.81 -21.42
CA TYR DA 60 -46.43 -9.82 -22.33
C TYR DA 60 -45.20 -9.16 -21.73
N PRO DA 61 -44.25 -8.73 -22.55
CA PRO DA 61 -43.15 -7.92 -22.02
C PRO DA 61 -43.66 -6.56 -21.61
N ASP DA 62 -42.87 -5.88 -20.78
CA ASP DA 62 -43.26 -4.57 -20.29
C ASP DA 62 -43.31 -3.52 -21.39
N SER DA 63 -42.59 -3.73 -22.48
CA SER DA 63 -42.51 -2.75 -23.55
C SER DA 63 -43.85 -2.54 -24.23
N VAL DA 64 -44.66 -3.58 -24.36
CA VAL DA 64 -45.85 -3.52 -25.19
C VAL DA 64 -47.11 -3.88 -24.40
N LYS DA 65 -47.06 -3.78 -23.08
CA LYS DA 65 -48.23 -4.05 -22.27
C LYS DA 65 -49.30 -3.00 -22.51
N GLY DA 66 -50.54 -3.45 -22.67
CA GLY DA 66 -51.63 -2.57 -22.93
C GLY DA 66 -51.85 -2.24 -24.40
N ARG DA 67 -50.85 -2.44 -25.24
CA ARG DA 67 -50.97 -2.11 -26.65
C ARG DA 67 -51.20 -3.32 -27.55
N PHE DA 68 -50.82 -4.51 -27.12
CA PHE DA 68 -50.99 -5.72 -27.92
C PHE DA 68 -51.93 -6.68 -27.20
N THR DA 69 -52.43 -7.66 -27.95
CA THR DA 69 -53.33 -8.66 -27.38
C THR DA 69 -53.34 -9.91 -28.25
N ILE DA 70 -53.07 -11.06 -27.65
CA ILE DA 70 -52.98 -12.33 -28.35
C ILE DA 70 -54.16 -13.22 -27.97
N SER DA 71 -54.74 -13.89 -28.95
CA SER DA 71 -55.84 -14.79 -28.63
C SER DA 71 -55.88 -16.00 -29.56
N ARG DA 72 -56.38 -17.11 -29.01
CA ARG DA 72 -56.63 -18.33 -29.76
C ARG DA 72 -58.02 -18.25 -30.36
N ASP DA 73 -58.19 -18.81 -31.55
CA ASP DA 73 -59.52 -18.99 -32.11
C ASP DA 73 -59.71 -20.47 -32.38
N ASN DA 74 -60.69 -21.06 -31.71
CA ASN DA 74 -60.88 -22.50 -31.80
C ASN DA 74 -61.76 -22.92 -32.97
N ALA DA 75 -62.45 -21.98 -33.62
CA ALA DA 75 -63.27 -22.33 -34.77
C ALA DA 75 -62.41 -22.83 -35.91
N LYS DA 76 -61.47 -22.01 -36.37
CA LYS DA 76 -60.45 -22.41 -37.31
C LYS DA 76 -59.12 -22.21 -36.62
N ASN DA 77 -58.19 -23.14 -36.83
CA ASN DA 77 -56.95 -23.17 -36.07
C ASN DA 77 -56.12 -21.96 -36.45
N THR DA 78 -56.20 -20.92 -35.62
CA THR DA 78 -55.57 -19.64 -35.92
C THR DA 78 -55.39 -18.85 -34.64
N VAL DA 79 -54.18 -18.36 -34.43
CA VAL DA 79 -53.87 -17.48 -33.32
C VAL DA 79 -53.72 -16.06 -33.87
N TYR DA 80 -54.37 -15.11 -33.21
CA TYR DA 80 -54.40 -13.73 -33.63
C TYR DA 80 -53.56 -12.85 -32.72
N LEU DA 81 -52.93 -11.84 -33.30
CA LEU DA 81 -52.27 -10.77 -32.58
C LEU DA 81 -52.89 -9.45 -33.00
N GLN DA 82 -53.27 -8.64 -32.02
CA GLN DA 82 -53.94 -7.37 -32.24
C GLN DA 82 -53.03 -6.26 -31.73
N MET DA 83 -52.70 -5.32 -32.61
CA MET DA 83 -51.75 -4.25 -32.36
C MET DA 83 -52.51 -2.95 -32.44
N ASN DA 84 -52.73 -2.31 -31.29
CA ASN DA 84 -53.70 -1.22 -31.25
C ASN DA 84 -53.08 0.15 -31.46
N SER DA 85 -52.15 0.54 -30.60
CA SER DA 85 -51.52 1.85 -30.68
C SER DA 85 -50.08 1.66 -31.11
N LEU DA 86 -49.74 2.12 -32.30
CA LEU DA 86 -48.45 1.82 -32.88
C LEU DA 86 -47.52 3.01 -32.77
N LYS DA 87 -46.24 2.70 -32.66
CA LYS DA 87 -45.14 3.63 -32.55
C LYS DA 87 -44.31 3.55 -33.82
N PRO DA 88 -43.36 4.48 -34.03
CA PRO DA 88 -42.49 4.33 -35.20
C PRO DA 88 -41.49 3.20 -35.06
N GLU DA 89 -41.06 2.87 -33.85
CA GLU DA 89 -40.06 1.83 -33.67
C GLU DA 89 -40.65 0.42 -33.71
N ASP DA 90 -41.96 0.29 -33.87
CA ASP DA 90 -42.57 -1.03 -33.94
C ASP DA 90 -42.67 -1.52 -35.38
N THR DA 91 -41.55 -1.47 -36.09
CA THR DA 91 -41.49 -1.92 -37.48
C THR DA 91 -40.40 -2.97 -37.59
N ALA DA 92 -40.78 -4.15 -38.07
CA ALA DA 92 -39.87 -5.30 -38.03
C ALA DA 92 -40.51 -6.43 -38.82
N VAL DA 93 -39.83 -7.57 -38.86
CA VAL DA 93 -40.43 -8.79 -39.36
C VAL DA 93 -40.95 -9.58 -38.18
N TYR DA 94 -42.16 -10.12 -38.31
CA TYR DA 94 -42.81 -10.84 -37.24
C TYR DA 94 -42.92 -12.31 -37.60
N TYR DA 95 -42.72 -13.17 -36.61
CA TYR DA 95 -42.76 -14.61 -36.80
C TYR DA 95 -43.73 -15.26 -35.82
N CYS DA 96 -44.33 -16.35 -36.27
CA CYS DA 96 -45.18 -17.19 -35.47
C CYS DA 96 -44.38 -18.40 -35.01
N ASN DA 97 -44.60 -18.81 -33.77
CA ASN DA 97 -43.82 -19.88 -33.18
C ASN DA 97 -44.72 -20.87 -32.48
N ALA DA 98 -44.57 -22.15 -32.83
CA ALA DA 98 -45.16 -23.26 -32.12
C ALA DA 98 -44.23 -23.58 -30.96
N ASN DA 99 -44.31 -24.80 -30.42
CA ASN DA 99 -43.86 -25.15 -29.07
C ASN DA 99 -42.56 -24.48 -28.65
N VAL DA 100 -41.43 -24.86 -29.22
CA VAL DA 100 -40.28 -23.98 -29.28
C VAL DA 100 -39.66 -24.06 -30.67
N GLU DA 101 -39.46 -25.30 -31.13
CA GLU DA 101 -38.62 -25.57 -32.28
C GLU DA 101 -39.15 -24.93 -33.56
N THR DA 102 -40.40 -25.21 -33.90
CA THR DA 102 -40.88 -24.87 -35.23
C THR DA 102 -41.16 -23.38 -35.35
N TRP DA 103 -40.75 -22.81 -36.47
CA TRP DA 103 -40.93 -21.40 -36.78
C TRP DA 103 -41.86 -21.23 -37.96
N GLY DA 104 -42.26 -19.99 -38.19
CA GLY DA 104 -42.90 -19.59 -39.42
C GLY DA 104 -41.90 -18.99 -40.39
N GLN DA 105 -42.42 -18.23 -41.35
CA GLN DA 105 -41.54 -17.56 -42.30
C GLN DA 105 -41.48 -16.06 -42.12
N GLY DA 106 -42.47 -15.46 -41.47
CA GLY DA 106 -42.40 -14.06 -41.13
C GLY DA 106 -43.20 -13.19 -42.07
N THR DA 107 -43.54 -11.99 -41.59
CA THR DA 107 -44.28 -10.98 -42.35
C THR DA 107 -43.72 -9.62 -41.96
N GLN DA 108 -43.49 -8.78 -42.95
CA GLN DA 108 -42.87 -7.48 -42.72
C GLN DA 108 -43.96 -6.50 -42.30
N VAL DA 109 -43.64 -5.63 -41.34
CA VAL DA 109 -44.57 -4.63 -40.83
C VAL DA 109 -43.84 -3.31 -40.70
N THR DA 110 -44.40 -2.25 -41.30
CA THR DA 110 -43.78 -0.93 -41.32
C THR DA 110 -44.80 0.15 -41.00
N VAL DA 111 -44.30 1.23 -40.40
CA VAL DA 111 -45.12 2.33 -39.91
C VAL DA 111 -44.55 3.67 -40.39
N SER DA 112 -45.26 4.33 -41.31
CA SER DA 112 -44.90 5.65 -41.82
C SER DA 112 -46.08 6.18 -42.63
N SER DA 113 -45.86 7.30 -43.32
CA SER DA 113 -46.85 7.89 -44.21
C SER DA 113 -47.32 6.93 -45.31
N PRO EA 324 -89.23 -7.06 22.45
CA PRO EA 324 -89.62 -5.68 22.80
C PRO EA 324 -88.47 -4.86 23.36
N ASP EA 325 -88.75 -4.05 24.37
CA ASP EA 325 -87.74 -3.21 25.01
C ASP EA 325 -86.85 -3.99 25.96
N ASP EA 326 -87.31 -5.15 26.43
CA ASP EA 326 -86.50 -6.01 27.28
C ASP EA 326 -85.33 -6.57 26.49
N LEU EA 327 -85.55 -6.86 25.21
CA LEU EA 327 -84.52 -7.40 24.34
C LEU EA 327 -83.39 -6.42 24.12
N GLN EA 328 -83.70 -5.12 24.15
CA GLN EA 328 -82.67 -4.09 24.01
C GLN EA 328 -81.62 -4.14 25.11
N ARG EA 329 -81.98 -4.59 26.32
CA ARG EA 329 -80.96 -4.73 27.34
C ARG EA 329 -79.95 -5.83 27.01
N LEU EA 330 -80.34 -6.84 26.22
CA LEU EA 330 -79.42 -7.92 25.86
C LEU EA 330 -78.63 -7.60 24.59
N VAL EA 331 -78.75 -6.39 24.07
CA VAL EA 331 -78.08 -5.99 22.82
C VAL EA 331 -76.64 -5.55 23.02
N PRO EA 332 -76.26 -4.77 24.05
CA PRO EA 332 -74.83 -4.49 24.19
C PRO EA 332 -74.06 -5.49 25.04
N LEU EA 333 -74.73 -6.36 25.83
CA LEU EA 333 -74.01 -7.30 26.69
C LEU EA 333 -73.00 -8.15 25.92
N LEU EA 334 -73.27 -8.43 24.64
CA LEU EA 334 -72.39 -9.23 23.79
C LEU EA 334 -71.01 -8.61 23.64
N ASP EA 335 -70.89 -7.28 23.83
CA ASP EA 335 -69.62 -6.59 23.72
C ASP EA 335 -68.69 -6.84 24.91
N SER EA 336 -69.06 -7.74 25.82
CA SER EA 336 -68.30 -7.98 27.03
C SER EA 336 -66.95 -8.60 26.73
N ASN EA 337 -66.00 -8.39 27.65
CA ASN EA 337 -64.66 -8.93 27.50
C ASN EA 337 -64.59 -10.41 27.85
N ARG EA 338 -65.36 -10.84 28.85
CA ARG EA 338 -65.31 -12.21 29.31
C ARG EA 338 -66.15 -13.11 28.43
N LEU EA 339 -65.88 -14.42 28.52
CA LEU EA 339 -66.51 -15.38 27.63
C LEU EA 339 -67.91 -15.76 28.08
N GLU EA 340 -68.11 -15.97 29.39
CA GLU EA 340 -69.36 -16.53 29.89
C GLU EA 340 -70.55 -15.63 29.61
N ALA EA 341 -70.36 -14.31 29.71
CA ALA EA 341 -71.42 -13.36 29.41
C ALA EA 341 -71.88 -13.50 27.96
N GLN EA 342 -70.91 -13.56 27.04
CA GLN EA 342 -71.21 -13.73 25.63
C GLN EA 342 -71.92 -15.05 25.38
N CYS EA 343 -71.45 -16.13 26.02
CA CYS EA 343 -72.05 -17.45 25.86
C CYS EA 343 -73.52 -17.47 26.30
N ILE EA 344 -73.80 -16.91 27.49
CA ILE EA 344 -75.18 -16.98 27.97
C ILE EA 344 -76.08 -16.06 27.18
N GLY EA 345 -75.56 -14.91 26.73
CA GLY EA 345 -76.37 -14.02 25.91
C GLY EA 345 -76.76 -14.69 24.61
N ALA EA 346 -75.80 -15.39 23.99
CA ALA EA 346 -76.07 -16.07 22.74
C ALA EA 346 -77.05 -17.22 22.96
N PHE EA 347 -76.89 -17.98 24.05
CA PHE EA 347 -77.82 -19.06 24.35
C PHE EA 347 -79.24 -18.54 24.48
N TYR EA 348 -79.44 -17.45 25.26
CA TYR EA 348 -80.77 -16.87 25.41
C TYR EA 348 -81.36 -16.43 24.08
N LEU EA 349 -80.66 -15.55 23.36
CA LEU EA 349 -81.20 -15.03 22.10
C LEU EA 349 -81.50 -16.15 21.12
N CYS EA 350 -80.59 -17.11 20.97
CA CYS EA 350 -80.84 -18.21 20.04
C CYS EA 350 -82.03 -19.06 20.48
N ALA EA 351 -82.18 -19.28 21.79
CA ALA EA 351 -83.29 -20.07 22.30
C ALA EA 351 -84.63 -19.39 22.06
N GLU EA 352 -84.72 -18.08 22.32
CA GLU EA 352 -85.99 -17.43 22.04
C GLU EA 352 -86.21 -17.23 20.54
N ALA EA 353 -85.13 -17.19 19.75
CA ALA EA 353 -85.32 -17.18 18.31
C ALA EA 353 -85.96 -18.49 17.86
N ALA EA 354 -85.44 -19.62 18.36
CA ALA EA 354 -86.03 -20.93 18.07
C ALA EA 354 -87.47 -21.01 18.54
N ILE EA 355 -87.80 -20.35 19.66
CA ILE EA 355 -89.18 -20.33 20.14
C ILE EA 355 -90.08 -19.51 19.23
N LYS EA 356 -89.65 -18.30 18.87
CA LYS EA 356 -90.44 -17.35 18.06
C LYS EA 356 -90.36 -17.63 16.57
N SER EA 357 -89.62 -18.66 16.16
CA SER EA 357 -89.41 -18.95 14.76
C SER EA 357 -90.60 -19.64 14.10
N LEU EA 358 -91.30 -20.54 14.79
CA LEU EA 358 -92.37 -21.26 14.14
C LEU EA 358 -93.59 -20.36 13.91
N GLN EA 359 -93.90 -19.45 14.84
CA GLN EA 359 -94.97 -18.49 14.58
C GLN EA 359 -94.58 -17.51 13.48
N GLY EA 360 -95.49 -16.62 13.14
CA GLY EA 360 -95.22 -15.64 12.13
C GLY EA 360 -94.35 -14.50 12.62
N LYS EA 361 -94.27 -14.27 13.93
CA LYS EA 361 -93.54 -13.07 14.35
C LYS EA 361 -92.03 -13.36 14.41
N THR EA 362 -91.37 -12.95 13.33
CA THR EA 362 -89.93 -12.92 13.17
C THR EA 362 -89.43 -11.49 12.96
N LYS EA 363 -90.36 -10.54 12.87
CA LYS EA 363 -90.06 -9.15 12.54
C LYS EA 363 -89.52 -8.36 13.73
N VAL EA 364 -89.67 -8.91 14.94
CA VAL EA 364 -89.05 -8.28 16.11
C VAL EA 364 -87.54 -8.24 15.97
N PHE EA 365 -86.91 -9.30 15.46
CA PHE EA 365 -85.47 -9.27 15.23
C PHE EA 365 -85.08 -8.22 14.21
N SER EA 366 -85.97 -7.92 13.25
CA SER EA 366 -85.70 -6.87 12.29
C SER EA 366 -85.65 -5.51 12.95
N ASP EA 367 -86.78 -5.08 13.54
CA ASP EA 367 -86.85 -3.70 13.99
C ASP EA 367 -86.07 -3.42 15.29
N ILE EA 368 -85.63 -4.45 16.02
CA ILE EA 368 -84.77 -4.21 17.18
C ILE EA 368 -83.30 -4.15 16.81
N GLY EA 369 -82.93 -4.54 15.59
CA GLY EA 369 -81.55 -4.43 15.14
C GLY EA 369 -80.57 -5.39 15.75
N ALA EA 370 -81.03 -6.51 16.31
CA ALA EA 370 -80.09 -7.51 16.83
C ALA EA 370 -79.42 -8.28 15.70
N ILE EA 371 -80.10 -8.40 14.56
CA ILE EA 371 -79.58 -9.12 13.40
C ILE EA 371 -78.28 -8.48 12.91
N GLN EA 372 -78.14 -7.15 13.07
CA GLN EA 372 -76.93 -6.48 12.61
C GLN EA 372 -75.73 -6.91 13.46
N SER EA 373 -75.91 -7.00 14.77
CA SER EA 373 -74.82 -7.44 15.65
C SER EA 373 -74.50 -8.91 15.41
N LEU EA 374 -75.51 -9.73 15.17
CA LEU EA 374 -75.27 -11.14 14.86
C LEU EA 374 -74.51 -11.30 13.54
N LYS EA 375 -74.94 -10.59 12.48
CA LYS EA 375 -74.21 -10.63 11.21
C LYS EA 375 -72.81 -10.04 11.35
N ARG EA 376 -72.60 -9.18 12.35
CA ARG EA 376 -71.27 -8.68 12.65
C ARG EA 376 -70.38 -9.78 13.23
N LEU EA 377 -70.78 -10.35 14.36
CA LEU EA 377 -69.87 -11.13 15.19
C LEU EA 377 -69.58 -12.54 14.66
N VAL EA 378 -70.29 -13.01 13.64
CA VAL EA 378 -70.08 -14.38 13.18
C VAL EA 378 -68.76 -14.52 12.43
N SER EA 379 -68.36 -13.49 11.69
CA SER EA 379 -67.09 -13.51 10.98
C SER EA 379 -65.97 -13.06 11.90
N TYR EA 380 -64.79 -13.64 11.71
CA TYR EA 380 -63.61 -13.43 12.55
C TYR EA 380 -63.92 -13.70 14.01
N SER EA 381 -64.28 -14.95 14.30
CA SER EA 381 -64.52 -15.37 15.66
C SER EA 381 -64.02 -16.78 15.82
N THR EA 382 -63.14 -16.99 16.81
CA THR EA 382 -62.62 -18.31 17.12
C THR EA 382 -63.18 -18.69 18.48
N ASN EA 383 -64.42 -19.17 18.45
CA ASN EA 383 -65.13 -19.54 19.68
C ASN EA 383 -66.24 -20.47 19.20
N GLY EA 384 -66.08 -21.77 19.44
CA GLY EA 384 -66.99 -22.75 18.87
C GLY EA 384 -68.42 -22.62 19.36
N THR EA 385 -68.58 -22.38 20.67
CA THR EA 385 -69.93 -22.28 21.23
C THR EA 385 -70.68 -21.05 20.72
N LYS EA 386 -70.12 -19.84 20.87
CA LYS EA 386 -70.87 -18.63 20.52
C LYS EA 386 -71.09 -18.56 19.01
N SER EA 387 -70.08 -18.89 18.21
CA SER EA 387 -70.24 -18.85 16.76
C SER EA 387 -71.22 -19.90 16.29
N ALA EA 388 -71.18 -21.10 16.88
CA ALA EA 388 -72.15 -22.13 16.52
C ALA EA 388 -73.57 -21.69 16.87
N LEU EA 389 -73.73 -21.04 18.01
CA LEU EA 389 -75.05 -20.57 18.43
C LEU EA 389 -75.54 -19.46 17.52
N ALA EA 390 -74.64 -18.55 17.14
CA ALA EA 390 -75.01 -17.47 16.23
C ALA EA 390 -75.39 -18.02 14.88
N LYS EA 391 -74.68 -19.05 14.41
CA LYS EA 391 -75.03 -19.67 13.13
C LYS EA 391 -76.39 -20.35 13.20
N ARG EA 392 -76.65 -21.05 14.30
CA ARG EA 392 -77.96 -21.68 14.47
C ARG EA 392 -79.06 -20.64 14.53
N ALA EA 393 -78.81 -19.51 15.21
CA ALA EA 393 -79.80 -18.45 15.26
C ALA EA 393 -80.08 -17.87 13.89
N LEU EA 394 -79.04 -17.58 13.11
CA LEU EA 394 -79.23 -16.99 11.78
C LEU EA 394 -79.93 -17.95 10.85
N ARG EA 395 -79.48 -19.21 10.80
CA ARG EA 395 -80.09 -20.20 9.94
C ARG EA 395 -81.52 -20.55 10.35
N LEU EA 396 -81.91 -20.32 11.60
CA LEU EA 396 -83.33 -20.45 11.93
C LEU EA 396 -84.17 -19.30 11.35
N LEU EA 397 -83.62 -18.09 11.25
CA LEU EA 397 -84.42 -17.01 10.70
C LEU EA 397 -84.40 -16.98 9.17
N GLY EA 398 -83.86 -18.01 8.52
CA GLY EA 398 -83.82 -18.06 7.08
C GLY EA 398 -82.80 -17.17 6.41
N GLU EA 399 -81.88 -16.57 7.18
CA GLU EA 399 -80.85 -15.74 6.57
C GLU EA 399 -79.64 -16.59 6.17
N GLU EA 400 -78.63 -15.92 5.63
CA GLU EA 400 -77.39 -16.56 5.18
C GLU EA 400 -76.26 -16.05 6.05
N VAL EA 401 -75.37 -16.95 6.44
CA VAL EA 401 -74.24 -16.54 7.28
C VAL EA 401 -73.21 -15.82 6.42
N PRO EA 402 -72.62 -14.74 6.90
CA PRO EA 402 -71.50 -14.13 6.17
C PRO EA 402 -70.25 -14.94 6.31
N ARG EA 403 -69.29 -14.63 5.45
CA ARG EA 403 -67.98 -15.23 5.47
C ARG EA 403 -66.97 -14.12 5.24
N PRO EA 404 -65.78 -14.22 5.81
CA PRO EA 404 -64.79 -13.17 5.66
C PRO EA 404 -64.34 -13.03 4.22
N ILE EA 405 -63.76 -11.88 3.90
CA ILE EA 405 -63.25 -11.59 2.58
C ILE EA 405 -61.75 -11.42 2.74
N LEU EA 406 -61.05 -12.43 2.54
CA LEU EA 406 -59.62 -12.53 2.78
C LEU EA 406 -58.84 -12.29 1.50
N PRO EA 407 -57.61 -11.80 1.62
CA PRO EA 407 -56.79 -11.57 0.42
C PRO EA 407 -56.37 -12.87 -0.22
N SER EA 408 -56.39 -12.88 -1.55
CA SER EA 408 -55.89 -14.02 -2.30
C SER EA 408 -54.39 -13.82 -2.52
N VAL EA 409 -53.66 -13.99 -1.43
CA VAL EA 409 -52.21 -13.81 -1.45
C VAL EA 409 -51.48 -14.65 -2.49
N PRO EA 410 -51.67 -15.98 -2.58
CA PRO EA 410 -50.79 -16.76 -3.45
C PRO EA 410 -50.99 -16.53 -4.94
N SER EA 411 -51.91 -15.67 -5.33
CA SER EA 411 -51.99 -15.21 -6.72
C SER EA 411 -51.94 -13.70 -6.66
N TRP EA 412 -50.73 -13.17 -6.52
CA TRP EA 412 -50.48 -11.74 -6.49
C TRP EA 412 -49.41 -11.43 -7.52
N LYS EA 413 -49.20 -10.15 -7.76
CA LYS EA 413 -48.10 -9.75 -8.63
C LYS EA 413 -47.25 -8.76 -7.89
N GLU EA 414 -46.31 -8.11 -8.57
CA GLU EA 414 -45.38 -7.23 -7.88
C GLU EA 414 -46.05 -5.96 -7.39
N ALA EA 415 -47.12 -5.52 -8.06
CA ALA EA 415 -47.79 -4.30 -7.66
C ALA EA 415 -48.46 -4.47 -6.30
N GLU EA 416 -49.10 -5.61 -6.08
CA GLU EA 416 -49.77 -5.84 -4.81
C GLU EA 416 -48.76 -6.04 -3.71
N VAL EA 417 -47.64 -6.70 -4.01
CA VAL EA 417 -46.59 -6.86 -3.02
C VAL EA 417 -46.06 -5.50 -2.60
N GLN EA 418 -45.87 -4.59 -3.55
CA GLN EA 418 -45.33 -3.29 -3.18
C GLN EA 418 -46.33 -2.47 -2.39
N THR EA 419 -47.61 -2.50 -2.77
CA THR EA 419 -48.57 -1.77 -1.94
C THR EA 419 -48.71 -2.40 -0.56
N TRP EA 420 -48.50 -3.70 -0.43
CA TRP EA 420 -48.52 -4.31 0.90
C TRP EA 420 -47.35 -3.80 1.73
N LEU EA 421 -46.21 -3.63 1.08
CA LEU EA 421 -45.05 -3.09 1.80
C LEU EA 421 -45.27 -1.65 2.19
N GLN EA 422 -46.03 -0.90 1.39
CA GLN EA 422 -46.42 0.44 1.82
C GLN EA 422 -47.32 0.35 3.04
N GLN EA 423 -48.21 -0.63 3.06
CA GLN EA 423 -49.20 -0.71 4.11
C GLN EA 423 -48.58 -1.07 5.45
N ILE EA 424 -47.70 -2.06 5.47
CA ILE EA 424 -47.16 -2.48 6.77
C ILE EA 424 -46.11 -1.53 7.32
N GLY EA 425 -45.60 -0.62 6.51
CA GLY EA 425 -44.62 0.31 6.99
C GLY EA 425 -43.19 0.01 6.60
N PHE EA 426 -42.95 -1.04 5.84
CA PHE EA 426 -41.60 -1.34 5.38
C PHE EA 426 -41.35 -0.70 4.02
N SER EA 427 -41.69 0.58 3.88
CA SER EA 427 -41.63 1.23 2.58
C SER EA 427 -40.21 1.49 2.10
N LYS EA 428 -39.21 1.30 2.95
CA LYS EA 428 -37.84 1.62 2.58
C LYS EA 428 -37.21 0.47 1.83
N TYR EA 429 -37.90 -0.65 1.73
CA TYR EA 429 -37.39 -1.82 1.03
C TYR EA 429 -38.12 -2.09 -0.28
N CYS EA 430 -39.04 -1.20 -0.67
CA CYS EA 430 -39.83 -1.42 -1.88
C CYS EA 430 -38.98 -1.45 -3.13
N GLU EA 431 -37.79 -0.85 -3.11
CA GLU EA 431 -36.92 -0.90 -4.27
C GLU EA 431 -36.36 -2.29 -4.47
N SER EA 432 -35.82 -2.89 -3.42
CA SER EA 432 -35.19 -4.21 -3.53
C SER EA 432 -36.21 -5.26 -3.93
N PHE EA 433 -37.39 -5.23 -3.30
CA PHE EA 433 -38.45 -6.18 -3.65
C PHE EA 433 -38.95 -5.98 -5.07
N ARG EA 434 -38.66 -4.86 -5.71
CA ARG EA 434 -38.98 -4.66 -7.11
C ARG EA 434 -37.92 -5.17 -8.04
N GLU EA 435 -36.65 -5.09 -7.63
CA GLU EA 435 -35.56 -5.50 -8.51
C GLU EA 435 -35.54 -7.01 -8.66
N GLN EA 436 -35.78 -7.72 -7.57
CA GLN EA 436 -35.80 -9.16 -7.58
C GLN EA 436 -37.13 -9.72 -8.09
N GLN EA 437 -38.13 -8.86 -8.32
CA GLN EA 437 -39.45 -9.24 -8.81
C GLN EA 437 -40.14 -10.25 -7.90
N VAL EA 438 -40.17 -9.93 -6.60
CA VAL EA 438 -40.83 -10.79 -5.64
C VAL EA 438 -42.33 -10.66 -5.80
N ASP EA 439 -43.01 -11.79 -5.95
CA ASP EA 439 -44.46 -11.81 -6.05
C ASP EA 439 -45.02 -12.71 -4.95
N GLY EA 440 -46.32 -13.00 -5.03
CA GLY EA 440 -47.01 -13.62 -3.90
C GLY EA 440 -46.51 -15.02 -3.60
N ASP EA 441 -46.29 -15.83 -4.63
CA ASP EA 441 -45.76 -17.17 -4.42
C ASP EA 441 -44.35 -17.12 -3.86
N LEU EA 442 -43.55 -16.17 -4.31
CA LEU EA 442 -42.21 -16.04 -3.76
C LEU EA 442 -42.22 -15.35 -2.41
N LEU EA 443 -43.22 -14.51 -2.17
CA LEU EA 443 -43.35 -13.87 -0.86
C LEU EA 443 -43.67 -14.89 0.22
N LEU EA 444 -44.55 -15.83 -0.07
CA LEU EA 444 -44.96 -16.76 0.96
C LEU EA 444 -43.92 -17.82 1.26
N ARG EA 445 -42.80 -17.84 0.55
CA ARG EA 445 -41.78 -18.85 0.75
C ARG EA 445 -40.44 -18.22 1.08
N LEU EA 446 -40.44 -17.06 1.70
CA LEU EA 446 -39.20 -16.39 2.06
C LEU EA 446 -38.60 -16.99 3.31
N THR EA 447 -37.28 -17.07 3.34
CA THR EA 447 -36.52 -17.50 4.49
C THR EA 447 -35.62 -16.35 4.93
N GLU EA 448 -34.81 -16.60 5.95
CA GLU EA 448 -33.95 -15.56 6.46
C GLU EA 448 -32.73 -15.32 5.59
N GLU EA 449 -32.31 -16.31 4.80
CA GLU EA 449 -31.14 -16.11 3.96
C GLU EA 449 -31.46 -15.19 2.80
N GLU EA 450 -32.65 -15.33 2.22
CA GLU EA 450 -33.03 -14.41 1.15
C GLU EA 450 -33.24 -13.01 1.68
N LEU EA 451 -33.73 -12.87 2.91
CA LEU EA 451 -33.89 -11.54 3.48
C LEU EA 451 -32.54 -10.90 3.75
N GLN EA 452 -31.65 -11.65 4.39
CA GLN EA 452 -30.41 -11.06 4.86
C GLN EA 452 -29.43 -10.81 3.72
N THR EA 453 -29.27 -11.78 2.83
CA THR EA 453 -28.20 -11.69 1.85
C THR EA 453 -28.53 -10.70 0.74
N ASP EA 454 -29.65 -10.90 0.05
CA ASP EA 454 -29.92 -10.16 -1.17
C ASP EA 454 -31.05 -9.16 -1.09
N LEU EA 455 -31.94 -9.26 -0.11
CA LEU EA 455 -32.93 -8.21 0.04
C LEU EA 455 -32.46 -7.11 0.97
N GLY EA 456 -31.38 -7.31 1.72
CA GLY EA 456 -30.73 -6.24 2.43
C GLY EA 456 -31.13 -6.02 3.87
N MET EA 457 -32.03 -6.83 4.42
CA MET EA 457 -32.41 -6.67 5.82
C MET EA 457 -31.31 -7.26 6.68
N LYS EA 458 -30.36 -6.42 7.08
CA LYS EA 458 -29.19 -6.90 7.80
C LYS EA 458 -29.51 -7.20 9.26
N SER EA 459 -30.18 -6.28 9.93
CA SER EA 459 -30.36 -6.37 11.37
C SER EA 459 -31.44 -7.37 11.74
N GLY EA 460 -31.14 -8.23 12.72
CA GLY EA 460 -32.08 -9.27 13.12
C GLY EA 460 -33.37 -8.74 13.67
N ILE EA 461 -33.36 -7.54 14.26
CA ILE EA 461 -34.57 -6.93 14.77
C ILE EA 461 -35.51 -6.61 13.62
N THR EA 462 -34.98 -6.10 12.51
CA THR EA 462 -35.83 -5.75 11.39
C THR EA 462 -36.42 -6.99 10.75
N ARG EA 463 -35.63 -8.06 10.65
CA ARG EA 463 -36.16 -9.31 10.13
C ARG EA 463 -37.21 -9.89 11.05
N LYS EA 464 -37.04 -9.72 12.36
CA LYS EA 464 -38.04 -10.19 13.30
C LYS EA 464 -39.35 -9.44 13.16
N ARG EA 465 -39.28 -8.12 12.94
CA ARG EA 465 -40.49 -7.35 12.71
C ARG EA 465 -41.16 -7.76 11.40
N PHE EA 466 -40.36 -7.97 10.36
CA PHE EA 466 -40.91 -8.39 9.08
C PHE EA 466 -41.62 -9.71 9.19
N PHE EA 467 -41.03 -10.66 9.91
CA PHE EA 467 -41.65 -11.96 10.02
C PHE EA 467 -42.90 -11.90 10.89
N ARG EA 468 -42.93 -11.00 11.86
CA ARG EA 468 -44.15 -10.78 12.62
C ARG EA 468 -45.29 -10.36 11.70
N GLU EA 469 -45.00 -9.44 10.78
CA GLU EA 469 -46.03 -8.95 9.88
C GLU EA 469 -46.44 -10.03 8.88
N LEU EA 470 -45.45 -10.77 8.39
CA LEU EA 470 -45.72 -11.83 7.43
C LEU EA 470 -46.59 -12.91 8.03
N THR EA 471 -46.27 -13.35 9.25
CA THR EA 471 -47.07 -14.39 9.87
C THR EA 471 -48.44 -13.85 10.30
N GLU EA 472 -48.59 -12.54 10.40
CA GLU EA 472 -49.94 -12.03 10.59
C GLU EA 472 -50.72 -12.09 9.29
N LEU EA 473 -50.05 -11.84 8.17
CA LEU EA 473 -50.72 -11.94 6.88
C LEU EA 473 -51.09 -13.37 6.52
N LYS EA 474 -50.19 -14.31 6.82
CA LYS EA 474 -50.37 -15.68 6.37
C LYS EA 474 -51.54 -16.36 7.05
N THR EA 475 -51.88 -15.95 8.27
CA THR EA 475 -53.03 -16.55 8.92
C THR EA 475 -54.34 -16.01 8.39
N PHE EA 476 -54.32 -14.93 7.64
CA PHE EA 476 -55.52 -14.30 7.13
C PHE EA 476 -55.51 -14.23 5.62
N ALA EA 477 -55.09 -15.29 4.96
CA ALA EA 477 -55.05 -15.32 3.51
C ALA EA 477 -56.15 -16.24 2.99
N ASN EA 478 -56.29 -16.30 1.68
CA ASN EA 478 -57.33 -17.09 1.04
C ASN EA 478 -56.65 -18.11 0.12
N TYR EA 479 -56.58 -19.36 0.57
CA TYR EA 479 -55.85 -20.40 -0.12
C TYR EA 479 -56.74 -21.24 -1.01
N SER EA 480 -57.95 -20.76 -1.33
CA SER EA 480 -58.92 -21.59 -2.01
C SER EA 480 -58.50 -21.96 -3.42
N THR EA 481 -57.71 -21.11 -4.07
CA THR EA 481 -57.31 -21.42 -5.43
C THR EA 481 -56.23 -22.49 -5.52
N CYS EA 482 -55.68 -22.94 -4.40
CA CYS EA 482 -54.62 -23.93 -4.45
C CYS EA 482 -54.80 -25.07 -3.46
N ASP EA 483 -55.77 -25.01 -2.56
CA ASP EA 483 -55.97 -26.02 -1.53
C ASP EA 483 -57.24 -26.79 -1.83
N ARG EA 484 -57.08 -28.02 -2.32
CA ARG EA 484 -58.23 -28.82 -2.69
C ARG EA 484 -58.86 -29.51 -1.50
N SER EA 485 -58.05 -30.16 -0.68
CA SER EA 485 -58.53 -30.98 0.42
C SER EA 485 -58.98 -30.18 1.63
N ASN EA 486 -59.05 -28.85 1.51
CA ASN EA 486 -59.45 -27.96 2.59
C ASN EA 486 -58.58 -28.15 3.83
N LEU EA 487 -57.28 -28.04 3.64
CA LEU EA 487 -56.35 -28.25 4.74
C LEU EA 487 -56.37 -27.10 5.72
N ALA EA 488 -56.72 -25.91 5.25
CA ALA EA 488 -56.67 -24.71 6.09
C ALA EA 488 -57.63 -24.81 7.26
N ASP EA 489 -58.84 -25.30 7.02
CA ASP EA 489 -59.78 -25.47 8.12
C ASP EA 489 -59.33 -26.55 9.09
N TRP EA 490 -58.68 -27.59 8.58
CA TRP EA 490 -58.19 -28.63 9.48
C TRP EA 490 -57.11 -28.10 10.38
N LEU EA 491 -56.26 -27.21 9.86
CA LEU EA 491 -55.23 -26.61 10.70
C LEU EA 491 -55.82 -25.57 11.64
N GLY EA 492 -56.86 -24.86 11.21
CA GLY EA 492 -57.45 -23.85 12.05
C GLY EA 492 -58.26 -24.43 13.19
N SER EA 493 -58.80 -25.63 13.00
CA SER EA 493 -59.55 -26.27 14.06
C SER EA 493 -58.67 -26.64 15.24
N LEU EA 494 -57.41 -26.98 14.99
CA LEU EA 494 -56.47 -27.22 16.09
C LEU EA 494 -56.21 -25.95 16.86
N ASP EA 495 -55.71 -24.94 16.19
CA ASP EA 495 -55.29 -23.69 16.80
C ASP EA 495 -55.30 -22.66 15.70
N PRO EA 496 -55.89 -21.48 15.92
CA PRO EA 496 -55.86 -20.43 14.89
C PRO EA 496 -54.48 -19.99 14.50
N ARG EA 497 -53.48 -20.15 15.36
CA ARG EA 497 -52.13 -19.77 15.00
C ARG EA 497 -51.51 -20.71 13.98
N PHE EA 498 -52.13 -21.86 13.72
CA PHE EA 498 -51.50 -22.90 12.92
C PHE EA 498 -51.81 -22.74 11.44
N ARG EA 499 -52.81 -21.92 11.11
CA ARG EA 499 -53.24 -21.76 9.73
C ARG EA 499 -52.12 -21.22 8.85
N GLN EA 500 -51.20 -20.47 9.46
CA GLN EA 500 -50.06 -19.94 8.74
C GLN EA 500 -49.20 -20.98 8.08
N TYR EA 501 -49.29 -22.24 8.49
CA TYR EA 501 -48.43 -23.23 7.88
C TYR EA 501 -49.00 -23.85 6.62
N THR EA 502 -50.23 -23.51 6.24
CA THR EA 502 -50.92 -24.32 5.24
C THR EA 502 -50.22 -24.29 3.89
N TYR EA 503 -49.60 -23.18 3.52
CA TYR EA 503 -49.01 -23.13 2.20
C TYR EA 503 -47.75 -23.98 2.14
N GLY EA 504 -47.03 -24.08 3.26
CA GLY EA 504 -45.90 -24.98 3.27
C GLY EA 504 -46.30 -26.43 3.17
N LEU EA 505 -47.53 -26.76 3.54
CA LEU EA 505 -47.96 -28.13 3.37
C LEU EA 505 -48.48 -28.39 1.98
N VAL EA 506 -48.90 -27.37 1.23
CA VAL EA 506 -49.53 -27.67 -0.04
C VAL EA 506 -48.51 -27.64 -1.16
N SER EA 507 -47.67 -26.61 -1.18
CA SER EA 507 -46.62 -26.53 -2.18
C SER EA 507 -45.67 -27.73 -2.12
N CYS EA 508 -45.45 -28.29 -0.93
CA CYS EA 508 -44.65 -29.49 -0.85
C CYS EA 508 -45.42 -30.71 -1.32
N GLY EA 509 -46.75 -30.66 -1.35
CA GLY EA 509 -47.51 -31.73 -1.97
C GLY EA 509 -48.56 -32.40 -1.13
N LEU EA 510 -48.54 -32.17 0.19
CA LEU EA 510 -49.41 -32.90 1.10
C LEU EA 510 -50.87 -32.54 0.89
N ASP EA 511 -51.75 -33.30 1.54
CA ASP EA 511 -53.18 -33.05 1.56
C ASP EA 511 -53.75 -33.81 2.76
N ARG EA 512 -55.05 -33.67 2.96
CA ARG EA 512 -55.68 -34.23 4.16
C ARG EA 512 -55.66 -35.75 4.17
N SER EA 513 -55.67 -36.38 3.00
CA SER EA 513 -55.73 -37.84 2.97
C SER EA 513 -54.40 -38.47 3.31
N LEU EA 514 -53.32 -38.01 2.67
CA LEU EA 514 -52.02 -38.63 2.84
C LEU EA 514 -51.16 -37.91 3.89
N LEU EA 515 -51.79 -37.12 4.75
CA LEU EA 515 -51.05 -36.42 5.78
C LEU EA 515 -50.59 -37.36 6.87
N HIS EA 516 -51.33 -38.44 7.10
CA HIS EA 516 -51.22 -39.24 8.31
C HIS EA 516 -49.96 -40.08 8.39
N ARG EA 517 -49.03 -39.95 7.45
CA ARG EA 517 -47.82 -40.77 7.51
C ARG EA 517 -46.60 -39.94 7.18
N VAL EA 518 -46.54 -38.74 7.72
CA VAL EA 518 -45.39 -37.89 7.54
C VAL EA 518 -44.57 -37.96 8.83
N SER EA 519 -43.27 -37.77 8.71
CA SER EA 519 -42.40 -37.80 9.86
C SER EA 519 -42.07 -36.38 10.29
N GLU EA 520 -41.52 -36.26 11.50
CA GLU EA 520 -41.13 -34.96 12.02
C GLU EA 520 -40.01 -34.36 11.19
N GLN EA 521 -39.04 -35.19 10.82
CA GLN EA 521 -37.89 -34.71 10.06
C GLN EA 521 -38.31 -34.26 8.68
N GLN EA 522 -39.47 -34.69 8.18
CA GLN EA 522 -39.99 -34.14 6.95
C GLN EA 522 -40.70 -32.83 7.20
N LEU EA 523 -41.35 -32.68 8.35
CA LEU EA 523 -41.99 -31.43 8.70
C LEU EA 523 -40.99 -30.32 8.97
N LEU EA 524 -39.75 -30.65 9.32
CA LEU EA 524 -38.85 -29.58 9.72
C LEU EA 524 -38.33 -28.79 8.52
N GLU EA 525 -37.76 -29.46 7.52
CA GLU EA 525 -37.16 -28.69 6.43
C GLU EA 525 -38.02 -28.60 5.19
N ASP EA 526 -38.98 -29.49 4.99
CA ASP EA 526 -39.81 -29.35 3.80
C ASP EA 526 -40.96 -28.36 4.03
N CYS EA 527 -41.73 -28.58 5.09
CA CYS EA 527 -42.85 -27.69 5.36
C CYS EA 527 -42.44 -26.43 6.10
N GLY EA 528 -41.17 -26.30 6.47
CA GLY EA 528 -40.69 -25.08 7.07
C GLY EA 528 -41.24 -24.75 8.44
N ILE EA 529 -41.62 -25.76 9.22
CA ILE EA 529 -42.08 -25.55 10.58
C ILE EA 529 -40.87 -25.56 11.49
N HIS EA 530 -40.70 -24.51 12.29
CA HIS EA 530 -39.50 -24.37 13.09
C HIS EA 530 -39.71 -24.66 14.56
N LEU EA 531 -40.83 -24.24 15.14
CA LEU EA 531 -41.06 -24.50 16.55
C LEU EA 531 -41.35 -25.97 16.78
N GLY EA 532 -40.60 -26.58 17.70
CA GLY EA 532 -40.79 -27.98 18.01
C GLY EA 532 -42.16 -28.29 18.58
N VAL EA 533 -42.74 -27.33 19.31
CA VAL EA 533 -44.04 -27.55 19.93
C VAL EA 533 -45.11 -27.69 18.86
N HIS EA 534 -45.02 -26.87 17.82
CA HIS EA 534 -46.02 -26.94 16.76
C HIS EA 534 -45.88 -28.21 15.95
N ARG EA 535 -44.64 -28.64 15.70
CA ARG EA 535 -44.40 -29.92 15.04
C ARG EA 535 -45.01 -31.05 15.84
N ALA EA 536 -44.81 -31.05 17.15
CA ALA EA 536 -45.31 -32.14 17.98
C ALA EA 536 -46.83 -32.17 18.01
N ARG EA 537 -47.46 -31.00 18.13
CA ARG EA 537 -48.91 -30.95 18.19
C ARG EA 537 -49.51 -31.37 16.86
N ILE EA 538 -48.89 -30.96 15.75
CA ILE EA 538 -49.38 -31.33 14.44
C ILE EA 538 -49.21 -32.82 14.22
N LEU EA 539 -48.09 -33.38 14.65
CA LEU EA 539 -47.84 -34.80 14.48
C LEU EA 539 -48.84 -35.63 15.25
N THR EA 540 -49.09 -35.28 16.51
CA THR EA 540 -50.04 -36.08 17.29
C THR EA 540 -51.46 -35.94 16.76
N ALA EA 541 -51.84 -34.75 16.31
CA ALA EA 541 -53.20 -34.56 15.83
C ALA EA 541 -53.41 -35.21 14.48
N ALA EA 542 -52.36 -35.31 13.68
CA ALA EA 542 -52.49 -35.98 12.40
C ALA EA 542 -52.49 -37.49 12.58
N ARG EA 543 -51.61 -37.96 13.45
CA ARG EA 543 -51.40 -39.39 13.62
C ARG EA 543 -52.58 -40.01 14.34
N GLU EA 544 -53.30 -39.20 15.12
CA GLU EA 544 -54.53 -39.66 15.73
C GLU EA 544 -55.61 -39.93 14.68
N MET EA 545 -55.67 -39.10 13.64
CA MET EA 545 -56.57 -39.35 12.51
C MET EA 545 -55.82 -40.29 11.57
N LEU EA 546 -55.75 -41.56 11.97
CA LEU EA 546 -54.81 -42.49 11.35
C LEU EA 546 -55.32 -43.03 10.02
N HIS EA 547 -56.41 -43.79 10.05
CA HIS EA 547 -56.90 -44.51 8.88
C HIS EA 547 -58.40 -44.29 8.73
N SER EA 548 -58.80 -43.02 8.78
CA SER EA 548 -60.22 -42.68 8.69
C SER EA 548 -60.91 -43.17 7.41
N PRO EA 549 -60.30 -43.12 6.21
CA PRO EA 549 -61.07 -43.76 5.13
C PRO EA 549 -60.87 -45.27 5.11
N MET FA 1 -68.88 -10.75 -6.71
CA MET FA 1 -67.98 -11.02 -5.60
C MET FA 1 -66.99 -9.87 -5.47
N ALA FA 2 -66.48 -9.40 -6.60
CA ALA FA 2 -65.54 -8.28 -6.59
C ALA FA 2 -66.19 -7.04 -6.01
N VAL FA 3 -65.67 -6.59 -4.87
CA VAL FA 3 -66.23 -5.43 -4.20
C VAL FA 3 -65.91 -4.17 -4.99
N GLN FA 4 -66.87 -3.26 -5.05
CA GLN FA 4 -66.69 -1.97 -5.69
C GLN FA 4 -66.65 -0.90 -4.62
N LEU FA 5 -65.69 0.00 -4.73
CA LEU FA 5 -65.56 1.11 -3.80
C LEU FA 5 -65.81 2.42 -4.54
N VAL FA 6 -66.51 3.34 -3.89
CA VAL FA 6 -66.77 4.66 -4.44
C VAL FA 6 -66.44 5.71 -3.39
N GLU FA 7 -65.72 6.75 -3.78
CA GLU FA 7 -65.33 7.79 -2.87
C GLU FA 7 -66.26 8.98 -2.98
N SER FA 8 -66.13 9.90 -2.03
CA SER FA 8 -66.89 11.15 -2.04
C SER FA 8 -66.20 12.12 -1.10
N GLY FA 9 -66.38 13.41 -1.39
CA GLY FA 9 -65.70 14.48 -0.70
C GLY FA 9 -64.82 15.25 -1.66
N GLY FA 10 -63.61 15.57 -1.22
CA GLY FA 10 -62.64 16.18 -2.10
C GLY FA 10 -62.90 17.65 -2.35
N GLY FA 11 -62.34 18.14 -3.45
CA GLY FA 11 -62.50 19.53 -3.81
C GLY FA 11 -61.35 20.37 -3.32
N LEU FA 12 -61.66 21.52 -2.71
CA LEU FA 12 -60.64 22.47 -2.34
C LEU FA 12 -61.05 23.20 -1.07
N VAL FA 13 -60.04 23.56 -0.29
CA VAL FA 13 -60.19 24.32 0.94
C VAL FA 13 -59.01 25.27 1.09
N GLN FA 14 -59.01 26.03 2.16
CA GLN FA 14 -57.96 26.96 2.50
C GLN FA 14 -56.96 26.30 3.44
N PRO FA 15 -55.72 26.79 3.48
CA PRO FA 15 -54.75 26.27 4.44
C PRO FA 15 -55.22 26.48 5.86
N GLY FA 16 -55.29 25.39 6.61
CA GLY FA 16 -55.96 25.41 7.89
C GLY FA 16 -57.43 25.17 7.64
N GLY FA 17 -57.99 24.15 8.28
CA GLY FA 17 -59.38 23.81 8.03
C GLY FA 17 -59.56 22.33 7.84
N SER FA 18 -60.77 21.83 8.08
CA SER FA 18 -61.04 20.41 8.10
C SER FA 18 -61.83 19.98 6.88
N LEU FA 19 -61.87 18.66 6.67
CA LEU FA 19 -62.62 18.04 5.58
C LEU FA 19 -62.85 16.60 5.97
N ARG FA 20 -63.87 15.98 5.38
CA ARG FA 20 -64.16 14.59 5.62
C ARG FA 20 -64.42 13.88 4.31
N LEU FA 21 -63.73 12.76 4.09
CA LEU FA 21 -63.89 11.95 2.91
C LEU FA 21 -64.61 10.67 3.28
N SER FA 22 -65.42 10.16 2.35
CA SER FA 22 -66.20 8.97 2.59
C SER FA 22 -65.91 7.95 1.51
N CYS FA 23 -65.95 6.68 1.87
CA CYS FA 23 -65.74 5.59 0.93
C CYS FA 23 -66.75 4.50 1.20
N ALA FA 24 -67.59 4.21 0.22
CA ALA FA 24 -68.68 3.25 0.36
C ALA FA 24 -68.42 2.03 -0.49
N ALA FA 25 -68.74 0.86 0.07
CA ALA FA 25 -68.46 -0.43 -0.54
C ALA FA 25 -69.75 -1.11 -0.96
N SER FA 26 -69.60 -2.27 -1.60
CA SER FA 26 -70.73 -3.02 -2.11
C SER FA 26 -71.26 -4.06 -1.14
N VAL FA 27 -70.47 -4.41 -0.14
CA VAL FA 27 -70.83 -5.43 0.83
C VAL FA 27 -70.69 -4.83 2.22
N SER FA 28 -70.89 -5.65 3.24
CA SER FA 28 -70.66 -5.20 4.60
C SER FA 28 -69.18 -4.97 4.81
N ILE FA 29 -68.83 -3.81 5.39
CA ILE FA 29 -67.43 -3.53 5.68
C ILE FA 29 -66.91 -4.49 6.73
N SER FA 30 -67.78 -4.92 7.66
CA SER FA 30 -67.35 -5.75 8.78
C SER FA 30 -66.86 -7.12 8.36
N ARG FA 31 -66.95 -7.48 7.07
CA ARG FA 31 -66.38 -8.72 6.58
C ARG FA 31 -64.97 -8.53 6.06
N ILE FA 32 -64.61 -7.32 5.68
CA ILE FA 32 -63.32 -7.06 5.05
C ILE FA 32 -62.25 -7.04 6.12
N TYR FA 33 -61.10 -7.64 5.80
CA TYR FA 33 -60.02 -7.73 6.78
C TYR FA 33 -59.41 -6.38 7.08
N VAL FA 34 -58.83 -5.73 6.08
CA VAL FA 34 -58.25 -4.41 6.26
C VAL FA 34 -58.81 -3.46 5.22
N MET FA 35 -58.91 -2.19 5.60
CA MET FA 35 -59.20 -1.13 4.66
C MET FA 35 -58.25 0.03 4.90
N ALA FA 36 -58.00 0.82 3.87
CA ALA FA 36 -56.94 1.79 3.97
C ALA FA 36 -57.19 2.94 3.02
N TRP FA 37 -56.56 4.07 3.33
CA TRP FA 37 -56.62 5.26 2.49
C TRP FA 37 -55.22 5.53 1.98
N TYR FA 38 -55.11 5.93 0.72
CA TYR FA 38 -53.83 6.15 0.10
C TYR FA 38 -53.82 7.51 -0.56
N ARG FA 39 -52.63 8.05 -0.77
CA ARG FA 39 -52.46 9.43 -1.21
C ARG FA 39 -51.37 9.47 -2.26
N GLN FA 40 -51.67 10.02 -3.42
CA GLN FA 40 -50.67 10.17 -4.47
C GLN FA 40 -50.62 11.61 -4.90
N ALA FA 41 -49.49 12.24 -4.66
CA ALA FA 41 -49.19 13.59 -5.05
C ALA FA 41 -48.68 13.61 -6.49
N PRO FA 42 -48.95 14.68 -7.23
CA PRO FA 42 -48.42 14.75 -8.60
C PRO FA 42 -46.91 14.81 -8.61
N GLY FA 43 -46.30 13.93 -9.39
CA GLY FA 43 -44.86 13.85 -9.49
C GLY FA 43 -44.20 12.88 -8.54
N LYS FA 44 -44.96 12.14 -7.75
CA LYS FA 44 -44.41 11.14 -6.85
C LYS FA 44 -45.29 9.89 -6.89
N GLN FA 45 -44.91 8.91 -6.09
CA GLN FA 45 -45.61 7.63 -6.02
C GLN FA 45 -46.59 7.64 -4.85
N ARG FA 46 -47.40 6.58 -4.77
CA ARG FA 46 -48.41 6.50 -3.74
C ARG FA 46 -47.78 6.31 -2.38
N GLU FA 47 -48.59 6.54 -1.35
CA GLU FA 47 -48.20 6.25 0.02
C GLU FA 47 -49.45 6.09 0.85
N VAL FA 48 -49.29 5.49 1.99
CA VAL FA 48 -50.40 5.20 2.87
C VAL FA 48 -50.63 6.39 3.78
N VAL FA 49 -51.87 6.60 4.21
CA VAL FA 49 -52.16 7.61 5.21
C VAL FA 49 -52.95 7.07 6.39
N ALA FA 50 -53.71 5.99 6.26
CA ALA FA 50 -54.40 5.38 7.39
C ALA FA 50 -54.82 3.97 7.01
N VAL FA 51 -54.80 3.06 7.99
CA VAL FA 51 -55.32 1.71 7.82
C VAL FA 51 -56.21 1.40 9.01
N ILE FA 52 -57.06 0.39 8.83
CA ILE FA 52 -57.94 -0.06 9.90
C ILE FA 52 -58.34 -1.51 9.64
N ARG FA 53 -58.29 -2.33 10.68
CA ARG FA 53 -58.55 -3.75 10.56
C ARG FA 53 -59.97 -4.08 10.96
N TYR FA 54 -60.28 -5.38 10.97
CA TYR FA 54 -61.62 -5.83 11.32
C TYR FA 54 -61.95 -5.54 12.77
N ASP FA 55 -60.95 -5.54 13.65
CA ASP FA 55 -61.17 -5.28 15.06
C ASP FA 55 -61.01 -3.81 15.40
N GLY FA 56 -60.84 -2.95 14.42
CA GLY FA 56 -60.75 -1.52 14.67
C GLY FA 56 -59.50 -1.06 15.37
N THR FA 57 -58.33 -1.57 14.98
CA THR FA 57 -57.06 -1.03 15.41
C THR FA 57 -56.42 -0.32 14.23
N THR FA 58 -56.01 0.92 14.44
CA THR FA 58 -55.59 1.78 13.36
C THR FA 58 -54.13 2.18 13.51
N ASN FA 59 -53.45 2.32 12.39
CA ASN FA 59 -52.07 2.77 12.35
C ASN FA 59 -51.96 3.96 11.43
N TYR FA 60 -51.20 4.96 11.86
CA TYR FA 60 -50.97 6.12 11.05
C TYR FA 60 -49.48 6.33 10.86
N PRO FA 61 -49.06 6.89 9.73
CA PRO FA 61 -47.66 7.27 9.58
C PRO FA 61 -47.35 8.44 10.50
N ASP FA 62 -46.07 8.65 10.75
CA ASP FA 62 -45.64 9.73 11.63
C ASP FA 62 -45.92 11.10 11.05
N SER FA 63 -46.04 11.21 9.73
CA SER FA 63 -46.24 12.50 9.08
C SER FA 63 -47.56 13.14 9.47
N VAL FA 64 -48.61 12.34 9.68
CA VAL FA 64 -49.95 12.87 9.82
C VAL FA 64 -50.59 12.45 11.13
N LYS FA 65 -49.79 12.04 12.10
CA LYS FA 65 -50.34 11.65 13.40
C LYS FA 65 -50.91 12.87 14.11
N GLY FA 66 -52.09 12.70 14.68
CA GLY FA 66 -52.78 13.77 15.36
C GLY FA 66 -53.64 14.63 14.47
N ARG FA 67 -53.41 14.61 13.16
CA ARG FA 67 -54.17 15.46 12.25
C ARG FA 67 -55.25 14.72 11.48
N PHE FA 68 -55.12 13.41 11.31
CA PHE FA 68 -56.12 12.63 10.59
C PHE FA 68 -56.77 11.62 11.53
N THR FA 69 -57.89 11.06 11.08
CA THR FA 69 -58.60 10.07 11.87
C THR FA 69 -59.52 9.25 10.98
N ILE FA 70 -59.38 7.93 11.03
CA ILE FA 70 -60.14 7.00 10.19
C ILE FA 70 -61.13 6.23 11.05
N SER FA 71 -62.35 6.06 10.55
CA SER FA 71 -63.31 5.27 11.30
C SER FA 71 -64.26 4.51 10.39
N ARG FA 72 -64.72 3.37 10.89
CA ARG FA 72 -65.75 2.56 10.24
C ARG FA 72 -67.11 3.05 10.68
N ASP FA 73 -68.09 3.00 9.79
CA ASP FA 73 -69.47 3.24 10.18
C ASP FA 73 -70.28 2.02 9.80
N ASN FA 74 -70.84 1.37 10.80
CA ASN FA 74 -71.53 0.11 10.57
C ASN FA 74 -72.99 0.28 10.17
N ALA FA 75 -73.56 1.49 10.30
CA ALA FA 75 -74.93 1.71 9.89
C ALA FA 75 -75.09 1.55 8.39
N LYS FA 76 -74.34 2.34 7.63
CA LYS FA 76 -74.22 2.17 6.20
C LYS FA 76 -72.76 1.90 5.90
N ASN FA 77 -72.49 0.99 4.97
CA ASN FA 77 -71.13 0.50 4.75
C ASN FA 77 -70.30 1.64 4.19
N THR FA 78 -69.54 2.28 5.07
CA THR FA 78 -68.78 3.48 4.69
C THR FA 78 -67.68 3.71 5.70
N VAL FA 79 -66.47 3.89 5.19
CA VAL FA 79 -65.32 4.26 6.00
C VAL FA 79 -65.03 5.74 5.78
N TYR FA 80 -64.82 6.46 6.88
CA TYR FA 80 -64.60 7.90 6.86
C TYR FA 80 -63.16 8.23 7.18
N LEU FA 81 -62.66 9.28 6.56
CA LEU FA 81 -61.39 9.90 6.90
C LEU FA 81 -61.64 11.35 7.25
N GLN FA 82 -61.11 11.79 8.37
CA GLN FA 82 -61.30 13.14 8.89
C GLN FA 82 -59.96 13.83 8.92
N MET FA 83 -59.87 14.97 8.24
CA MET FA 83 -58.64 15.72 8.03
C MET FA 83 -58.81 17.06 8.72
N ASN FA 84 -58.13 17.25 9.85
CA ASN FA 84 -58.47 18.37 10.72
C ASN FA 84 -57.64 19.62 10.43
N SER FA 85 -56.32 19.53 10.57
CA SER FA 85 -55.44 20.67 10.38
C SER FA 85 -54.65 20.43 9.11
N LEU FA 86 -54.89 21.25 8.10
CA LEU FA 86 -54.34 21.01 6.78
C LEU FA 86 -53.15 21.92 6.51
N LYS FA 87 -52.22 21.40 5.73
CA LYS FA 87 -51.01 22.07 5.30
C LYS FA 87 -51.10 22.34 3.80
N PRO FA 88 -50.19 23.13 3.25
CA PRO FA 88 -50.21 23.29 1.79
C PRO FA 88 -49.76 22.06 1.03
N GLU FA 89 -48.87 21.25 1.60
CA GLU FA 89 -48.38 20.08 0.89
C GLU FA 89 -49.34 18.89 0.94
N ASP FA 90 -50.47 19.02 1.63
CA ASP FA 90 -51.42 17.92 1.70
C ASP FA 90 -52.46 18.02 0.58
N THR FA 91 -51.99 18.17 -0.65
CA THR FA 91 -52.85 18.27 -1.81
C THR FA 91 -52.45 17.17 -2.80
N ALA FA 92 -53.41 16.32 -3.15
CA ALA FA 92 -53.10 15.13 -3.93
C ALA FA 92 -54.40 14.48 -4.34
N VAL FA 93 -54.29 13.35 -5.02
CA VAL FA 93 -55.45 12.50 -5.27
C VAL FA 93 -55.46 11.40 -4.22
N TYR FA 94 -56.64 11.15 -3.66
CA TYR FA 94 -56.79 10.18 -2.59
C TYR FA 94 -57.58 8.99 -3.09
N TYR FA 95 -57.17 7.79 -2.64
CA TYR FA 95 -57.81 6.55 -3.05
C TYR FA 95 -58.22 5.74 -1.84
N CYS FA 96 -59.30 5.00 -2.02
CA CYS FA 96 -59.80 4.04 -1.04
C CYS FA 96 -59.36 2.65 -1.44
N ASN FA 97 -58.98 1.85 -0.46
CA ASN FA 97 -58.41 0.53 -0.74
C ASN FA 97 -59.06 -0.50 0.16
N ALA FA 98 -59.58 -1.56 -0.46
CA ALA FA 98 -60.02 -2.76 0.24
C ALA FA 98 -58.79 -3.62 0.44
N ASN FA 99 -58.96 -4.93 0.65
CA ASN FA 99 -58.00 -5.82 1.31
C ASN FA 99 -56.55 -5.54 0.93
N VAL FA 100 -56.14 -5.85 -0.29
CA VAL FA 100 -54.99 -5.19 -0.88
C VAL FA 100 -55.32 -4.84 -2.33
N GLU FA 101 -55.84 -5.83 -3.05
CA GLU FA 101 -55.93 -5.78 -4.51
C GLU FA 101 -56.81 -4.64 -4.99
N THR FA 102 -58.05 -4.59 -4.52
CA THR FA 102 -59.03 -3.71 -5.13
C THR FA 102 -58.80 -2.26 -4.74
N TRP FA 103 -58.92 -1.38 -5.72
CA TRP FA 103 -58.73 0.04 -5.56
C TRP FA 103 -60.04 0.77 -5.82
N GLY FA 104 -60.03 2.06 -5.49
CA GLY FA 104 -61.07 2.97 -5.92
C GLY FA 104 -60.64 3.74 -7.15
N GLN FA 105 -61.29 4.86 -7.40
CA GLN FA 105 -60.92 5.69 -8.52
C GLN FA 105 -60.27 7.01 -8.13
N GLY FA 106 -60.45 7.45 -6.90
CA GLY FA 106 -59.73 8.61 -6.40
C GLY FA 106 -60.56 9.87 -6.43
N THR FA 107 -60.15 10.84 -5.61
CA THR FA 107 -60.77 12.16 -5.51
C THR FA 107 -59.66 13.18 -5.30
N GLN FA 108 -59.75 14.29 -6.01
CA GLN FA 108 -58.71 15.31 -5.96
C GLN FA 108 -58.96 16.21 -4.77
N VAL FA 109 -57.88 16.60 -4.08
CA VAL FA 109 -57.98 17.47 -2.91
C VAL FA 109 -56.89 18.52 -3.01
N THR FA 110 -57.30 19.80 -2.90
CA THR FA 110 -56.38 20.92 -3.04
C THR FA 110 -56.61 21.95 -1.94
N VAL FA 111 -55.51 22.64 -1.58
CA VAL FA 111 -55.50 23.59 -0.48
C VAL FA 111 -54.87 24.91 -0.92
N SER FA 112 -55.68 25.96 -1.03
CA SER FA 112 -55.24 27.31 -1.38
C SER FA 112 -56.40 28.27 -1.13
N SER FA 113 -56.23 29.52 -1.57
CA SER FA 113 -57.28 30.54 -1.49
C SER FA 113 -58.57 30.13 -2.20
#